data_7SU3
#
_entry.id   7SU3
#
_cell.length_a   1.00
_cell.length_b   1.00
_cell.length_c   1.00
_cell.angle_alpha   90.00
_cell.angle_beta   90.00
_cell.angle_gamma   90.00
#
_symmetry.space_group_name_H-M   'P 1'
#
loop_
_entity.id
_entity.type
_entity.pdbx_description
1 polymer 'DNA-dependent protein kinase catalytic subunit'
2 polymer 'X-ray repair cross-complementing protein 6'
3 polymer 'X-ray repair cross-complementing protein 5'
4 polymer "DNA (5'-D(*GP*CP*AP*TP*GP*CP*TP*CP*TP*AP*CP*TP*GP*CP*TP*TP*CP*GP*AP*TP*AP*TP*CP*G)-3')"
5 polymer "DNA (5'-D(*AP*AP*GP*CP*AP*GP*TP*AP*GP*AP*G)-3')"
6 non-polymer "ADENOSINE-5'-TRIPHOSPHATE"
7 non-polymer 'INOSITOL HEXAKISPHOSPHATE'
#
loop_
_entity_poly.entity_id
_entity_poly.type
_entity_poly.pdbx_seq_one_letter_code
_entity_poly.pdbx_strand_id
1 'polypeptide(L)'
;MAGSGAGVRCSLLRLQETLSAADRCGAALAGHQLIRGLGQECVLSSSPAVLALQTSLVFSRDFGLLVFVRKSLNSIEFRE
CREEILKFLCIFLEKMGQKIAPYSVEIKNTCTSVYTKDRAAKCKIPALDLLIKLLQTFRSSRLMDEFKIGELFSKFYGEL
ALKKKIPDTVLEKVYELLGLLGEVHPSEMINNAENLFRAFLGELKTQMTSAVREPKLPVLAGCLKGLSSLLCNFTKSMEE
DPQTSREIFNFVLKAIRPQIDLKRYAVPSAGLRLFALHASQFSTCLLDNYVSLFEVLLKWCAHTNVELKKAALSALESFL
KQVSNMVAKNAEMHKNKLQYFMEQFYGIIRNVDSNNKELSIAIRGYGLFAGPCKVINAKDVDFMYVELIQRCKQMFLTQT
DTGDDRVYQMPSFLQSVASVLLYLDTVPEVYTPVLEHLVVMQIDSFPQYSPKMQLVCCRAIVKVFLALAAKGPVLRNCIS
TVVHQGLIRICSKPVVLPKGPESESEDHRASGEVRTGKWKVPTYKDYVDLFRHLLSSDQMMDSILADEAFFSVNSSSESL
NHLLYDEFVKSVLKIVEKLDLTLEIQTVGEQENGDEAPGVWMIPTSDPAANLHPAKPKDFSAFINLVEFCREILPEKQAE
FFEPWVYSFSYELILQSTRLPLISGFYKLLSITVRNAKKIKYFEGVSPKSLKHSPEDPEKYSCFALFVKFGKEVAVKMKQ
YKDELLASCLTFLLSLPHNIIELDVRAYVPALQMAFKLGLSYTPLAEVGLNALEEWSIYIDRHVMQPYYKDILPCLDGYL
KTSALSDETKNNWEVSALSRAAQKGFNKVVLKHLKKTKNLSSNEAISLEEIRIRVVQMLGSLGGQINKNLLTVTSSDEMM
KSYVAWDREKRLSFAVPFREMKPVIFLDVFLPRVTELALTASDRQTKVAACELLHSMVMFMLGKATQMPEGGQGAPPMYQ
LYKRTFPVLLRLACDVDQVTRQLYEPLVMQLIHWFTNNKKFESQDTVALLEAILDGIVDPVDSTLRDFCGRCIREFLKWS
IKQITPQQQEKSPVNTKSLFKRLYSLALHPNAFKRLGASLAFNNIYREFREEESLVEQFVFEALVIYMESLALAHADEKS
LGTIQQCCDAIDHLCRIIEKKHVSLNKAKKRRLPRGFPPSASLCLLDLVKWLLAHCGRPQTECRHKSIELFYKFVPLLPG
NRSPNLWLKDVLKEEGVSFLINTFEGGGCGQPSGILAQPTLLYLRGPFSLQATLCWLDLLLAALECYNTFIGERTVGALQ
VLGTEAQSSLLKAVAFFLESIAMHDIIAAEKCFGTGAAGNRTSPQEGERYNYSKCTVVVRIMEFTTTLLNTSPEGWKLLK
KDLCNTHLMRVLVQTLCEPASIGFNIGDVQVMAHLPDVCVNLMKALKMSPYKDILETHLREKITAQSIEELCAVNLYGPD
AQVDRSRLAAVVSACKQLHRAGLLHNILPSQSTDLHHSVGTELLSLVYKGIAPGDERQCLPSLDLSCKQLASGLLELAFA
FGGLCERLVSLLLNPAVLSTASLGSSQGSVIHFSHGEYFYSLFSETINTELLKNLDLAVLELMQSSVDNTKMVSAVLNGM
LDQSFRERANQKHQGLKLATTILQHWKKCDSWWAKDSPLETKMAVLALLAKILQIDSSVSFNTSHGSFPEVFTTYISLLA
DTKLDLHLKGQAVTLLPFFTSLTGGSLEELRRVLEQLIVAHFPMQSREFPPGTPRFNNYVDCMKKFLDALELSQSPMLLE
LMTEVLCREQQHVMEELFQSSFRRIARRGSCVTQVGLLESVYEMFRKDDPRLSFTRQSFVDRSLLTLLWHCSLDALREFF
STIVVDAIDVLKSRFTKLNESTFDTQITKKMGYYKILDVMYSRLPKDDVHAKESKINQVFHGSCITEGNELTKTLIKLCY
DAFTENMAGENQLLERRRLYHCAAYNCAISVICCVFNELKFYQGFLFSEKPEKNLLIFENLIDLKRRYNFPVEVEVPMER
KKKYIEIRKEAREAANGDSDGPSYMSSLSYLADSTLSEEMSQFDFSTGVQSYSYSSQDPRPATGRFRRREQRDPTVHDDV
LELEMDELNRHECMAPLTALVKHMHRSLGPPQGEEDSVPRDLPSWMKFLHGKLGNPIVPLNIRLFLAKLVINTEEVFRPY
AKHWLSPLLQLAASENNGGEGIHYMVVEIVATILSWTGLATPTGVPKDEVLANRLLNFLMKHVFHPKRAVFRHNLEIIKT
LVECWKDCLSIPYRLIFEKFSGKDPNSKDNSVGIQLLGIVMANDLPPYDPQCGIQSSEYFQALVNNMSFVRYKEVYAAAA
EVLGLILRYVMERKNILEESLCELVAKQLKQHQNTMEDKFIVCLNKVTKSFPPLADRFMNAVFFLLPKFHGVLKTLCLEV
VLCRVEGMTELYFQLKSKDFVQVMRHRDDERQKVCLDIIYKMMPKLKPVELRELLNPVVEFVSHPSTTCREQMYNILMWI
HDNYRDPESETDNDSQEIFKLAKDVLIQGLIDENPGLQLIIRNFWSHETRLPSNTLDRLLALNSLYSPKIEVHFLSLATN
FLLEMTSMSPDYPNPMFEHPLSECEFQEYTIDSDWRFRSTVLTPMFVETQASQGTLQTRTQEGSLSARWPVAGQIRATQQ
QHDFTLTQTADGRSSFDWLTGSSTDPLVDHTSPSSDSLLFAHKRSERLQRAPLKSVGPDFGKKRLGLPGDEVDNKVKGAA
GRTDLLRLRRRFMRDQEKLSLMYARKGVAEQKREKEIKSELKMKQDAQVVLYRSYRHGDLPDIQIKHSSLITPLQAVAQR
DPIIAKQLFSSLFSGILKEMDKFKTLSEKNNITQKLLQDFNRFLNTTFSFFPPFVSCIQDISCQHAALLSLDPAAVSAGC
LASLQQPVGIRLLEEALLRLLPAELPAKRVRGKARLPPDVLRWVELAKLYRSIGEYDVLRGIFTSEIGTKQITQSALLAE
ARSDYSEAAKQYDEALNKQDWVDGEPTEAEKDFWELASLDCYNHLAEWKSLEYCSTASIDSENPPDLNKIWSEPFYQETY
LPYMIRSKLKLLLQGEADQSLLTFIDKAMHGELQKAILELHYSQELSLLYLLQDDVDRAKYYIQNGIQSFMQNYSSIDVL
LHQSRLTKLQSVQALTEIQEFISFISKQGNLSSQVPLKRLLNTWTNRYPDAKMDPMNIWDDIITNRCFFLSKIEEKLTPL
PEDNSMNVDQDGDPSDRMEVQEQEEDISSLIRSCKFSMKMKMIDSARKQNNFSLAMKLLKELHKESKTRDDWLVSWVQSY
CRLSHCRSRSQGCSEQVLTVLKTVSLLDENNVSSYLSKNILAFRDQNILLGTTYRIIANALSSEPACLAEIEEDKARRIL
ELSGSSSEDSEKVIAGLYQRAFQHLSEAVQAAEEEAQPPSWSCGPAAGVIDAYMTLADFCDQQLRKEEENASVIDSAELQ
AYPALVVEKMLKALKLNSNEARLKFPRLLQIIERYPEETLSLMTKEISSVPCWQFISWISHMVALLDKDQAVAVQHSVEE
ITDNYPQAIVYPFIISSESYSFKDTSTGHKNKEFVARIKSKLDQGGVIQDFINALDQLSNPELLFKDWSNDVRAELAKTP
VNKKNIEKMYERMYAALGDPKAPGLGAFRRKFIQTFGKEFDKHFGKGGSKLLRMKLSDFNDITNMLLLKMNKDSKPPGNL
KECSPWMSDFKVEFLRNELEIPGQYDGRGKPLPEYHVRIAGFDERVTVMASLRRPKRIIIRGHDEREHPFLVKGGEDLRQ
DQRVEQLFQVMNGILAQDSACSQRALQLRTYSVVPMTSRLGLIEWLENTVTLKDLLLNTMSQEEKAAYLSDPRAPPCEYK
DWLTKMSGKHDVGAYMLMYKGANRTETVTSFRKRESKVPADLLKRAFVRMSTSPEAFLALRSHFASSHALICISHWILGI
GDRHLNNFMVAMETGGVIGIDFGHAFGSATQFLPVPELMPFRLTRQFINLMLPMKETGLMYSIMVHALRAFRSDPGLLTN
TMDVFVKEPSFDWKNFEQKMLKKGGSWIQEINVAEKNWYPRQKICYAKRKLAGANPAVITCDELLLGHEKAPAFRDYVAV
ARGSKDHNIRAQEPESGLSEETQVKCLMDQATDPNILGRTWEGWEPWM
;
A
2 'polypeptide(L)'
;MSGWESYYKTEGDEEAEEEQEENLEASGDYKYSGRDSLIFLVDASKAMFESQSEDELTPFDMSIQCIQSVYISKIISSDR
DLLAVVFYGTEKDKNSVNFKNIYVLQELDNPGAKRILELDQFKGQQGQKRFQDMMGHGSDYSLSEVLWVCANLFSDVQFK
MSHKRIMLFTNEDNPHGNDSAKASRARTKAGDLRDTGIFLDLMHLKKPGGFDISLFYRDIISIAEDEDLRVHFEESSKLE
DLLRKVRAKETRKRALSRLKLKLNKDIVISVGIYNLVQKALKPPPIKLYRETNEPVKTKTRTFNTSTGGLLLPSDTKRSQ
IYGSRQIILEKEETEELKRFDDPGLMLMGFKPLVLLKKHHYLRPSLFVYPEESLVIGSSTLFSALLIKCLEKEVAALCRY
TPRRNIPPYFVALVPQEEELDDQKIQVTPPGFQLVFLPFADDKRKMPFTEKIMATPEQVGKMKAIVEKLRFTYRSDSFEN
PVLQQHFRNLEALALDLMEPEQAVDLTLPKVEAMNKRLGSLVDEFKELVYPPDYNPEGKVTKRKHDNEGSGSKRPKVEYS
EEELKTHISKGTLGKFTVPMLKEACRAYGLKSGLKKQELLEALTKHFQD
;
B
3 'polypeptide(L)'
;MVRSGNKAAVVLCMDVGFTMSNSIPGIESPFEQAKKVITMFVQRQVFAENKDEIALVLFGTDGTDNPLSGGDQYQNITVH
RHLMLPDFDLLEDIESKIQPGSQQADFLDALIVSMDVIQHETIGKKFEKRHIEIFTDLSSRFSKSQLDIIIHSLKKCDIS
LQFFLPFSLGKEDGSGDRGDGPFRLGGHGPSFPLKGITEQQKEGLEIVKMVMISLEGEDGLDEIYSFSESLRKLCVFKKI
ERHSIHWPCRLTIGSNLSIRIAAYKSILQERVKKTWTVVDAKTLKKEDIQKETVYCLNDDDETEVLKEDIIQGFRYGSDI
VPFSKVDEEQMKYKSEGKCFSVLGFCKSSQVQRRFFMGNQVLKVFAARDDEAAAVALSSLIHALDDLDMVAIVRYAYDKR
ANPQVGVAFPHIKHNYECLVYVQLPFMEDLRQYMFSSLKNSKKYAPTEAQLNAVDALIDSMSLAKKDEKTDTLEDLFPTT
KIPNPRFQRLFQCLLHRALHPREPLPPIQQHIWNMLNPPAEVTTKSQIPLSKIKTLFPLIEAKKKDQVTAQEIFQDNHED
GPTAKKLKTEQGGAHFSVSSLAEGSVTSVGSVNPAENFRVLVKQKKASFEEASNQLINHIEQFLDTNETPYFMKSIDCIR
AFREEAIKFSEEQRFNNFLKALQEKVEIKQLNHFWEIVVQDGITLITKEEASGSSVTAEEAKKFLAPKDKPSGDTAAVFE
EGGDVDDLLDMI
;
C
4 'polydeoxyribonucleotide'
;(DG)(DC)(DA)(DT)(DG)(DC)(DT)(DC)(DT)(DA)(DC)(DT)(DG)(DC)(DT)(DT)(DC)(DG)(DA)(DT)
(DA)(DT)(DC)(DG)
;
D,F
5 'polydeoxyribonucleotide' (DA)(DA)(DG)(DC)(DA)(DG)(DT)(DA)(DG)(DA)(DG)(DC)(DA)(DT)(DG)(DC) E,G
#
# COMPACT_ATOMS: atom_id res chain seq x y z
N GLY A 7 7.71 21.47 6.53
CA GLY A 7 6.62 21.74 5.60
C GLY A 7 5.33 22.00 6.35
N VAL A 8 4.62 20.92 6.65
CA VAL A 8 3.58 20.98 7.66
C VAL A 8 4.24 21.26 9.01
N ARG A 9 3.50 21.93 9.90
CA ARG A 9 3.81 22.62 11.16
C ARG A 9 4.49 23.96 10.91
N CYS A 10 5.16 24.11 9.78
CA CYS A 10 5.51 25.46 9.36
C CYS A 10 4.30 26.12 8.72
N SER A 11 3.59 25.36 7.89
CA SER A 11 2.35 25.86 7.30
C SER A 11 1.30 26.11 8.37
N LEU A 12 1.28 25.30 9.42
CA LEU A 12 0.29 25.49 10.47
C LEU A 12 0.64 26.67 11.36
N LEU A 13 1.92 26.91 11.63
CA LEU A 13 2.28 28.07 12.44
C LEU A 13 2.10 29.36 11.66
N ARG A 14 2.35 29.34 10.35
CA ARG A 14 2.06 30.52 9.57
C ARG A 14 0.56 30.71 9.38
N LEU A 15 -0.20 29.63 9.43
CA LEU A 15 -1.66 29.73 9.38
C LEU A 15 -2.21 30.36 10.65
N GLN A 16 -1.65 30.02 11.81
CA GLN A 16 -2.10 30.68 13.02
C GLN A 16 -1.59 32.11 13.10
N GLU A 17 -0.49 32.42 12.41
CA GLU A 17 -0.03 33.80 12.36
C GLU A 17 -0.90 34.66 11.45
N THR A 18 -1.48 34.07 10.41
CA THR A 18 -2.37 34.83 9.53
C THR A 18 -3.81 34.85 10.04
N LEU A 19 -3.94 35.09 11.34
CA LEU A 19 -5.22 35.16 12.03
C LEU A 19 -5.30 36.30 13.01
N SER A 20 -4.17 36.72 13.58
CA SER A 20 -4.08 37.92 14.39
C SER A 20 -3.52 39.08 13.60
N ALA A 21 -3.37 38.93 12.29
CA ALA A 21 -2.77 39.95 11.46
C ALA A 21 -3.69 41.14 11.31
N ALA A 22 -3.14 42.23 10.75
CA ALA A 22 -3.85 43.49 10.67
C ALA A 22 -4.58 43.71 9.35
N ASP A 23 -4.13 43.06 8.28
CA ASP A 23 -4.74 43.23 6.96
C ASP A 23 -5.66 42.04 6.68
N ARG A 24 -6.85 42.09 7.28
CA ARG A 24 -7.85 41.08 6.99
C ARG A 24 -8.38 41.27 5.58
N CYS A 25 -8.68 40.12 4.94
CA CYS A 25 -8.93 39.86 3.51
C CYS A 25 -7.64 39.90 2.71
N GLY A 26 -6.54 40.30 3.33
CA GLY A 26 -5.23 40.16 2.72
C GLY A 26 -4.47 39.08 3.44
N ALA A 27 -4.91 38.81 4.67
CA ALA A 27 -4.43 37.67 5.42
C ALA A 27 -5.12 36.38 5.03
N ALA A 28 -6.36 36.47 4.56
CA ALA A 28 -7.13 35.27 4.25
C ALA A 28 -6.65 34.60 2.97
N LEU A 29 -6.10 35.36 2.03
CA LEU A 29 -5.65 34.76 0.78
C LEU A 29 -4.37 33.95 1.01
N ALA A 30 -3.47 34.49 1.84
CA ALA A 30 -2.31 33.74 2.31
C ALA A 30 -2.74 32.54 3.14
N GLY A 31 -3.77 32.70 3.97
CA GLY A 31 -4.24 31.58 4.78
C GLY A 31 -4.83 30.47 3.94
N HIS A 32 -5.53 30.83 2.87
CA HIS A 32 -6.10 29.84 1.97
C HIS A 32 -5.00 29.11 1.22
N GLN A 33 -3.93 29.81 0.85
CA GLN A 33 -2.84 29.13 0.16
CA GLN A 33 -2.82 29.15 0.16
C GLN A 33 -2.08 28.19 1.10
N LEU A 34 -1.91 28.61 2.36
CA LEU A 34 -1.30 27.74 3.36
C LEU A 34 -2.12 26.48 3.58
N ILE A 35 -3.45 26.63 3.69
CA ILE A 35 -4.35 25.51 3.87
C ILE A 35 -4.29 24.55 2.69
N ARG A 36 -4.24 25.09 1.47
CA ARG A 36 -4.27 24.25 0.29
C ARG A 36 -2.99 23.44 0.15
N GLY A 37 -1.84 24.08 0.32
CA GLY A 37 -0.58 23.35 0.21
C GLY A 37 -0.41 22.34 1.32
N LEU A 38 -0.84 22.69 2.54
CA LEU A 38 -0.84 21.79 3.67
C LEU A 38 -1.67 20.55 3.41
N GLY A 39 -2.91 20.75 2.94
CA GLY A 39 -3.78 19.61 2.72
C GLY A 39 -3.32 18.75 1.57
N GLN A 40 -2.66 19.37 0.59
CA GLN A 40 -2.09 18.64 -0.53
C GLN A 40 -0.96 17.72 -0.06
N GLU A 41 -0.09 18.24 0.81
CA GLU A 41 0.97 17.42 1.41
C GLU A 41 0.41 16.30 2.27
N CYS A 42 -0.66 16.58 3.03
CA CYS A 42 -1.20 15.55 3.91
C CYS A 42 -1.90 14.45 3.13
N VAL A 43 -2.51 14.80 2.00
CA VAL A 43 -3.20 13.80 1.19
C VAL A 43 -2.19 12.94 0.42
N LEU A 44 -1.11 13.55 -0.05
CA LEU A 44 -0.21 12.81 -0.94
C LEU A 44 0.90 12.07 -0.20
N SER A 45 0.69 11.72 1.07
CA SER A 45 1.66 10.94 1.82
C SER A 45 1.19 9.50 1.93
N SER A 46 2.13 8.56 1.98
CA SER A 46 1.75 7.15 2.11
C SER A 46 2.66 6.38 3.04
N SER A 47 3.64 7.01 3.66
CA SER A 47 4.48 6.33 4.63
C SER A 47 3.83 6.47 5.99
N PRO A 48 3.47 5.36 6.65
CA PRO A 48 2.68 5.46 7.90
C PRO A 48 3.41 6.07 9.09
N ALA A 49 4.70 6.36 8.98
CA ALA A 49 5.38 7.09 10.04
C ALA A 49 5.09 8.58 9.95
N VAL A 50 5.19 9.15 8.76
CA VAL A 50 4.96 10.58 8.62
C VAL A 50 3.47 10.89 8.59
N LEU A 51 2.65 9.89 8.32
CA LEU A 51 1.22 10.10 8.26
C LEU A 51 0.65 10.32 9.65
N ALA A 52 1.20 9.63 10.64
CA ALA A 52 0.80 9.86 12.03
C ALA A 52 1.29 11.20 12.55
N LEU A 53 2.48 11.62 12.12
CA LEU A 53 2.95 12.96 12.45
C LEU A 53 2.04 14.02 11.87
N GLN A 54 1.67 13.88 10.59
CA GLN A 54 0.82 14.88 9.95
C GLN A 54 -0.59 14.87 10.51
N THR A 55 -1.10 13.69 10.89
CA THR A 55 -2.39 13.59 11.56
C THR A 55 -2.37 14.29 12.91
N SER A 56 -1.30 14.07 13.68
CA SER A 56 -1.23 14.69 14.99
C SER A 56 -0.96 16.19 14.90
N LEU A 57 -0.38 16.65 13.79
CA LEU A 57 -0.19 18.09 13.63
C LEU A 57 -1.47 18.76 13.17
N VAL A 58 -2.24 18.10 12.30
CA VAL A 58 -3.51 18.66 11.83
C VAL A 58 -4.51 18.74 12.97
N PHE A 59 -4.63 17.68 13.76
CA PHE A 59 -5.56 17.71 14.87
C PHE A 59 -4.91 18.14 16.17
N SER A 60 -3.88 18.97 16.09
CA SER A 60 -3.23 19.49 17.27
C SER A 60 -4.12 20.48 17.99
N ARG A 61 -3.76 20.80 19.23
CA ARG A 61 -4.59 21.70 20.01
C ARG A 61 -3.99 23.07 20.24
N ASP A 62 -2.69 23.23 20.04
CA ASP A 62 -2.11 24.57 20.07
C ASP A 62 -2.28 25.26 18.74
N PHE A 63 -1.66 24.72 17.70
CA PHE A 63 -1.95 25.05 16.33
C PHE A 63 -2.87 23.96 15.81
N GLY A 64 -3.14 23.93 14.53
CA GLY A 64 -4.03 22.89 14.06
C GLY A 64 -5.25 23.45 13.39
N LEU A 65 -5.86 22.65 12.51
CA LEU A 65 -6.93 23.15 11.68
C LEU A 65 -8.22 23.36 12.46
N LEU A 66 -8.44 22.55 13.49
CA LEU A 66 -9.66 22.71 14.27
C LEU A 66 -9.59 23.97 15.13
N VAL A 67 -8.44 24.27 15.73
CA VAL A 67 -8.35 25.50 16.47
C VAL A 67 -8.26 26.69 15.53
N PHE A 68 -7.84 26.48 14.27
CA PHE A 68 -7.92 27.57 13.31
C PHE A 68 -9.37 27.92 13.00
N VAL A 69 -10.21 26.93 12.72
CA VAL A 69 -11.58 27.24 12.35
C VAL A 69 -12.38 27.69 13.56
N ARG A 70 -11.92 27.35 14.77
N ARG A 70 -11.89 27.41 14.76
CA ARG A 70 -12.56 27.89 15.97
CA ARG A 70 -12.58 27.90 15.95
C ARG A 70 -12.21 29.35 16.16
C ARG A 70 -12.21 29.34 16.23
N LYS A 71 -10.93 29.70 16.09
CA LYS A 71 -10.52 31.07 16.34
C LYS A 71 -10.88 32.00 15.19
N SER A 72 -11.12 31.47 14.00
CA SER A 72 -11.53 32.25 12.83
C SER A 72 -13.01 32.12 12.57
N LEU A 73 -13.84 32.06 13.59
CA LEU A 73 -15.25 31.86 13.39
C LEU A 73 -16.06 33.11 13.63
N ASN A 74 -15.47 34.13 14.24
CA ASN A 74 -16.06 35.46 14.32
C ASN A 74 -15.54 36.36 13.21
N SER A 75 -15.54 35.87 11.97
CA SER A 75 -14.98 36.63 10.86
C SER A 75 -15.50 36.14 9.53
N ILE A 76 -15.92 37.06 8.67
CA ILE A 76 -16.48 36.71 7.38
C ILE A 76 -15.39 36.63 6.32
N GLU A 77 -14.23 37.26 6.55
CA GLU A 77 -13.13 37.16 5.60
C GLU A 77 -12.51 35.77 5.55
N PHE A 78 -12.71 34.97 6.60
CA PHE A 78 -12.09 33.67 6.69
C PHE A 78 -13.00 32.52 6.33
N ARG A 79 -14.15 32.78 5.71
CA ARG A 79 -15.06 31.67 5.46
C ARG A 79 -14.61 30.81 4.27
N GLU A 80 -13.80 31.36 3.37
CA GLU A 80 -13.23 30.50 2.35
C GLU A 80 -12.17 29.59 2.93
N CYS A 81 -11.45 30.08 3.95
CA CYS A 81 -10.50 29.23 4.66
C CYS A 81 -11.21 28.13 5.42
N ARG A 82 -12.33 28.45 6.07
CA ARG A 82 -13.08 27.43 6.80
C ARG A 82 -13.72 26.44 5.85
N GLU A 83 -14.18 26.90 4.70
CA GLU A 83 -14.74 26.00 3.71
C GLU A 83 -13.69 25.05 3.16
N GLU A 84 -12.48 25.55 2.92
CA GLU A 84 -11.45 24.67 2.38
C GLU A 84 -10.94 23.69 3.43
N ILE A 85 -10.93 24.08 4.70
CA ILE A 85 -10.55 23.15 5.75
C ILE A 85 -11.59 22.05 5.89
N LEU A 86 -12.87 22.40 5.83
CA LEU A 86 -13.89 21.38 5.99
C LEU A 86 -14.01 20.51 4.75
N LYS A 87 -13.56 21.00 3.59
CA LYS A 87 -13.49 20.14 2.43
C LYS A 87 -12.23 19.29 2.42
N PHE A 88 -11.16 19.72 3.10
CA PHE A 88 -9.99 18.88 3.25
C PHE A 88 -10.23 17.76 4.25
N LEU A 89 -11.00 18.03 5.30
CA LEU A 89 -11.14 17.04 6.36
C LEU A 89 -12.00 15.87 5.93
N CYS A 90 -12.93 16.06 4.99
CA CYS A 90 -13.67 14.93 4.45
C CYS A 90 -12.77 14.02 3.64
N ILE A 91 -11.86 14.60 2.87
CA ILE A 91 -10.94 13.80 2.08
C ILE A 91 -9.92 13.10 2.97
N PHE A 92 -9.49 13.78 4.02
CA PHE A 92 -8.57 13.17 4.97
C PHE A 92 -9.24 12.06 5.76
N LEU A 93 -10.55 12.18 6.01
CA LEU A 93 -11.29 11.10 6.65
C LEU A 93 -11.60 9.97 5.68
N GLU A 94 -11.61 10.25 4.38
CA GLU A 94 -11.69 9.17 3.41
C GLU A 94 -10.38 8.39 3.35
N LYS A 95 -9.26 9.10 3.30
CA LYS A 95 -7.94 8.50 3.21
C LYS A 95 -7.63 7.66 4.44
N MET A 96 -7.60 8.30 5.60
CA MET A 96 -7.41 7.60 6.86
C MET A 96 -8.76 7.34 7.48
N GLY A 97 -9.05 6.09 7.79
CA GLY A 97 -10.40 5.72 8.13
C GLY A 97 -10.63 5.76 9.62
N GLN A 98 -10.63 4.59 10.27
CA GLN A 98 -10.80 4.52 11.71
C GLN A 98 -9.55 4.87 12.49
N LYS A 99 -8.51 5.40 11.84
CA LYS A 99 -7.39 5.97 12.56
C LYS A 99 -7.66 7.39 13.00
N ILE A 100 -8.78 7.99 12.58
CA ILE A 100 -9.18 9.32 13.03
C ILE A 100 -9.88 9.23 14.38
N ALA A 101 -10.13 8.02 14.86
CA ALA A 101 -10.98 7.74 16.02
C ALA A 101 -10.65 8.49 17.32
N PRO A 102 -9.39 8.76 17.69
CA PRO A 102 -9.19 9.61 18.87
C PRO A 102 -9.53 11.07 18.65
N TYR A 103 -9.73 11.50 17.41
CA TYR A 103 -9.99 12.89 17.09
C TYR A 103 -11.40 13.17 16.63
N SER A 104 -12.27 12.17 16.60
CA SER A 104 -13.54 12.29 15.90
C SER A 104 -14.56 13.13 16.67
N VAL A 105 -14.50 13.12 17.99
CA VAL A 105 -15.45 13.88 18.79
C VAL A 105 -15.18 15.38 18.68
N GLU A 106 -13.92 15.76 18.59
CA GLU A 106 -13.59 17.17 18.40
C GLU A 106 -13.95 17.64 17.00
N ILE A 107 -13.82 16.76 16.00
CA ILE A 107 -14.28 17.06 14.65
C ILE A 107 -15.79 17.25 14.64
N LYS A 108 -16.51 16.43 15.40
CA LYS A 108 -17.95 16.57 15.47
C LYS A 108 -18.38 17.86 16.15
N ASN A 109 -17.66 18.26 17.20
CA ASN A 109 -18.00 19.52 17.86
C ASN A 109 -17.66 20.71 16.99
N THR A 110 -16.59 20.61 16.21
CA THR A 110 -16.26 21.65 15.25
C THR A 110 -17.30 21.76 14.14
N CYS A 111 -17.79 20.63 13.64
CA CYS A 111 -18.81 20.64 12.59
C CYS A 111 -20.10 21.27 13.08
N THR A 112 -20.55 20.87 14.27
CA THR A 112 -21.78 21.42 14.84
C THR A 112 -21.63 22.91 15.14
N SER A 113 -20.45 23.33 15.60
CA SER A 113 -20.19 24.75 15.85
C SER A 113 -20.19 25.56 14.56
N VAL A 114 -19.59 25.04 13.49
CA VAL A 114 -19.54 25.76 12.22
C VAL A 114 -20.92 25.85 11.60
N TYR A 115 -21.74 24.81 11.76
CA TYR A 115 -23.12 24.90 11.30
C TYR A 115 -23.89 25.96 12.06
N THR A 116 -23.77 25.99 13.38
CA THR A 116 -24.62 26.91 14.12
C THR A 116 -24.11 28.33 14.14
N LYS A 117 -22.87 28.59 13.76
CA LYS A 117 -22.37 29.96 13.81
C LYS A 117 -22.14 30.59 12.46
N ASP A 118 -21.68 29.83 11.47
CA ASP A 118 -21.43 30.41 10.16
C ASP A 118 -22.75 30.67 9.45
N ARG A 119 -22.69 31.55 8.48
CA ARG A 119 -23.85 32.11 7.81
C ARG A 119 -24.01 31.62 6.38
N ALA A 120 -22.91 31.40 5.66
CA ALA A 120 -22.97 31.02 4.26
C ALA A 120 -23.37 29.56 4.08
N ALA A 121 -24.12 29.27 3.02
CA ALA A 121 -24.40 27.90 2.66
C ALA A 121 -23.14 27.15 2.25
N LYS A 122 -22.16 27.87 1.71
CA LYS A 122 -20.91 27.26 1.30
C LYS A 122 -20.07 26.77 2.49
N CYS A 123 -20.42 27.15 3.72
CA CYS A 123 -19.77 26.62 4.91
C CYS A 123 -20.63 25.68 5.71
N LYS A 124 -21.95 25.83 5.66
CA LYS A 124 -22.83 24.91 6.35
C LYS A 124 -22.94 23.58 5.62
N ILE A 125 -22.76 23.59 4.30
CA ILE A 125 -22.84 22.34 3.54
C ILE A 125 -21.66 21.41 3.81
N PRO A 126 -20.38 21.86 3.76
CA PRO A 126 -19.31 20.89 4.08
C PRO A 126 -19.25 20.50 5.54
N ALA A 127 -19.77 21.31 6.45
CA ALA A 127 -19.86 20.90 7.85
C ALA A 127 -20.79 19.71 8.00
N LEU A 128 -21.90 19.72 7.27
CA LEU A 128 -22.83 18.59 7.32
C LEU A 128 -22.32 17.42 6.50
N ASP A 129 -21.54 17.67 5.45
CA ASP A 129 -20.89 16.59 4.71
C ASP A 129 -19.88 15.86 5.56
N LEU A 130 -19.06 16.61 6.30
CA LEU A 130 -18.11 16.00 7.22
C LEU A 130 -18.82 15.27 8.35
N LEU A 131 -19.93 15.82 8.83
CA LEU A 131 -20.67 15.15 9.90
C LEU A 131 -21.28 13.84 9.44
N ILE A 132 -21.90 13.82 8.25
CA ILE A 132 -22.51 12.62 7.72
C ILE A 132 -21.46 11.56 7.44
N LYS A 133 -20.31 11.97 6.89
CA LYS A 133 -19.24 11.00 6.62
C LYS A 133 -18.63 10.48 7.90
N LEU A 134 -18.60 11.30 8.94
CA LEU A 134 -18.13 10.88 10.24
C LEU A 134 -19.03 9.83 10.87
N LEU A 135 -20.35 10.02 10.76
CA LEU A 135 -21.29 9.05 11.30
C LEU A 135 -21.28 7.77 10.50
N GLN A 136 -21.04 7.85 9.20
CA GLN A 136 -20.94 6.63 8.42
C GLN A 136 -19.64 5.88 8.70
N THR A 137 -18.56 6.61 8.97
CA THR A 137 -17.27 5.98 9.24
C THR A 137 -17.24 5.32 10.61
N PHE A 138 -17.52 6.09 11.66
CA PHE A 138 -17.45 5.55 13.01
C PHE A 138 -18.80 5.00 13.46
N ARG A 139 -19.42 4.25 12.57
CA ARG A 139 -20.77 3.75 12.71
C ARG A 139 -20.86 2.68 13.79
N SER A 140 -20.11 1.61 13.60
CA SER A 140 -20.11 0.47 14.51
C SER A 140 -18.88 0.63 15.40
N SER A 141 -19.04 1.33 16.50
CA SER A 141 -17.92 1.63 17.37
C SER A 141 -18.45 1.94 18.76
N ARG A 142 -17.54 2.31 19.65
CA ARG A 142 -17.85 2.79 20.98
C ARG A 142 -17.84 4.29 21.06
N LEU A 143 -17.54 4.96 19.95
CA LEU A 143 -17.56 6.41 19.87
C LEU A 143 -18.96 6.96 19.70
N MET A 144 -19.95 6.12 19.45
CA MET A 144 -21.29 6.59 19.22
C MET A 144 -22.03 6.90 20.51
N ASP A 145 -21.44 6.65 21.66
CA ASP A 145 -21.93 7.24 22.88
C ASP A 145 -21.26 8.58 23.14
N GLU A 146 -20.03 8.74 22.65
CA GLU A 146 -19.32 10.00 22.81
C GLU A 146 -19.87 11.04 21.86
N PHE A 147 -20.38 10.61 20.71
CA PHE A 147 -21.27 11.44 19.92
C PHE A 147 -22.59 11.42 20.64
N LYS A 148 -23.01 12.56 21.18
CA LYS A 148 -24.31 12.60 21.83
C LYS A 148 -25.35 12.69 20.73
N ILE A 149 -25.79 11.50 20.28
CA ILE A 149 -26.67 11.41 19.11
C ILE A 149 -28.04 11.95 19.42
N GLY A 150 -28.51 11.76 20.66
CA GLY A 150 -29.80 12.28 21.03
C GLY A 150 -29.83 13.80 21.12
N GLU A 151 -28.70 14.40 21.46
CA GLU A 151 -28.62 15.85 21.48
C GLU A 151 -28.47 16.39 20.07
N LEU A 152 -27.84 15.62 19.20
CA LEU A 152 -27.69 16.00 17.81
C LEU A 152 -29.03 16.02 17.11
N PHE A 153 -29.93 15.12 17.52
CA PHE A 153 -31.28 15.11 16.97
C PHE A 153 -32.06 16.34 17.38
N SER A 154 -31.90 16.79 18.62
CA SER A 154 -32.60 18.00 19.03
C SER A 154 -32.02 19.22 18.32
N LYS A 155 -30.69 19.28 18.21
CA LYS A 155 -30.01 20.38 17.53
C LYS A 155 -30.45 20.51 16.08
N PHE A 156 -30.67 19.39 15.41
CA PHE A 156 -31.03 19.47 14.00
C PHE A 156 -32.51 19.25 13.73
N TYR A 157 -33.29 18.92 14.74
CA TYR A 157 -34.74 18.89 14.61
C TYR A 157 -35.33 20.24 14.96
N GLY A 158 -34.64 21.04 15.77
CA GLY A 158 -35.06 22.42 15.96
C GLY A 158 -34.96 23.25 14.69
N GLU A 159 -34.02 22.89 13.81
CA GLU A 159 -33.83 23.61 12.57
C GLU A 159 -35.00 23.45 11.62
N LEU A 160 -35.72 22.34 11.68
CA LEU A 160 -36.90 22.19 10.84
C LEU A 160 -38.04 23.10 11.31
N ALA A 161 -38.09 23.40 12.60
CA ALA A 161 -39.11 24.30 13.10
C ALA A 161 -38.75 25.75 12.84
N LEU A 162 -37.50 26.13 13.07
CA LEU A 162 -37.03 27.46 12.67
C LEU A 162 -36.38 27.43 11.30
N LYS A 163 -37.12 26.91 10.32
CA LYS A 163 -36.66 26.74 8.95
C LYS A 163 -36.90 28.02 8.14
N LYS A 164 -36.42 29.14 8.68
CA LYS A 164 -36.74 30.45 8.15
C LYS A 164 -35.76 30.75 7.02
N LYS A 165 -35.98 30.04 5.91
CA LYS A 165 -35.08 29.94 4.77
C LYS A 165 -33.68 29.48 5.20
N ILE A 166 -33.65 28.28 5.75
CA ILE A 166 -32.52 27.39 5.51
C ILE A 166 -32.53 27.03 4.04
N PRO A 167 -31.47 27.34 3.25
CA PRO A 167 -31.67 27.62 1.82
C PRO A 167 -32.27 26.54 0.94
N ASP A 168 -31.52 25.57 0.45
CA ASP A 168 -32.16 24.41 -0.15
C ASP A 168 -31.25 23.20 0.02
N THR A 169 -29.99 23.48 -0.27
CA THR A 169 -28.92 22.52 -0.28
C THR A 169 -28.29 22.37 1.08
N VAL A 170 -28.71 23.18 2.04
CA VAL A 170 -28.49 22.89 3.44
C VAL A 170 -29.60 22.03 4.00
N LEU A 171 -30.82 22.25 3.53
CA LEU A 171 -31.96 21.48 4.01
C LEU A 171 -31.87 20.04 3.53
N GLU A 172 -31.31 19.84 2.34
CA GLU A 172 -31.03 18.50 1.84
C GLU A 172 -30.12 17.73 2.78
N LYS A 173 -29.03 18.35 3.21
CA LYS A 173 -28.09 17.69 4.11
C LYS A 173 -28.69 17.49 5.49
N VAL A 174 -29.55 18.41 5.93
CA VAL A 174 -30.16 18.28 7.26
C VAL A 174 -31.13 17.11 7.29
N TYR A 175 -31.90 16.92 6.23
CA TYR A 175 -32.81 15.78 6.18
C TYR A 175 -32.06 14.45 6.04
N GLU A 176 -30.97 14.44 5.29
CA GLU A 176 -30.14 13.25 5.18
C GLU A 176 -29.46 12.90 6.51
N LEU A 177 -28.97 13.92 7.22
CA LEU A 177 -28.38 13.70 8.54
C LEU A 177 -29.38 13.19 9.54
N LEU A 178 -30.62 13.71 9.49
CA LEU A 178 -31.64 13.26 10.42
C LEU A 178 -32.02 11.82 10.18
N GLY A 179 -32.07 11.39 8.92
CA GLY A 179 -32.28 9.97 8.66
C GLY A 179 -31.10 9.10 9.06
N LEU A 180 -29.88 9.62 8.89
CA LEU A 180 -28.72 8.83 9.25
C LEU A 180 -28.58 8.67 10.75
N LEU A 181 -29.13 9.60 11.54
CA LEU A 181 -29.16 9.42 13.00
C LEU A 181 -30.06 8.28 13.40
N GLY A 182 -31.04 7.94 12.56
CA GLY A 182 -31.83 6.75 12.81
C GLY A 182 -31.20 5.50 12.29
N GLU A 183 -30.39 5.60 11.25
CA GLU A 183 -29.70 4.41 10.76
C GLU A 183 -28.59 3.98 11.71
N VAL A 184 -27.66 4.88 12.02
CA VAL A 184 -26.56 4.57 12.93
C VAL A 184 -27.03 4.97 14.33
N HIS A 185 -26.70 4.16 15.33
CA HIS A 185 -27.09 4.32 16.73
C HIS A 185 -28.59 4.52 16.91
N PRO A 186 -29.44 3.51 16.70
CA PRO A 186 -30.88 3.72 16.84
C PRO A 186 -31.38 3.64 18.26
N SER A 187 -30.51 3.41 19.24
CA SER A 187 -30.97 3.23 20.61
C SER A 187 -31.30 4.55 21.28
N GLU A 188 -30.56 5.61 20.95
CA GLU A 188 -30.91 6.95 21.39
C GLU A 188 -31.89 7.63 20.45
N MET A 189 -32.61 6.87 19.62
CA MET A 189 -33.49 7.42 18.61
C MET A 189 -34.81 6.68 18.56
N ILE A 190 -35.21 6.01 19.64
CA ILE A 190 -36.44 5.24 19.64
C ILE A 190 -37.65 6.13 19.84
N ASN A 191 -37.58 7.07 20.77
CA ASN A 191 -38.74 7.88 21.09
C ASN A 191 -38.83 9.16 20.28
N ASN A 192 -38.13 9.25 19.17
CA ASN A 192 -38.37 10.33 18.23
C ASN A 192 -38.22 9.85 16.79
N ALA A 193 -38.55 8.59 16.53
CA ALA A 193 -38.62 8.14 15.15
C ALA A 193 -39.95 8.50 14.50
N GLU A 194 -41.02 8.53 15.29
CA GLU A 194 -42.33 8.87 14.72
C GLU A 194 -42.42 10.34 14.37
N ASN A 195 -41.79 11.20 15.17
CA ASN A 195 -41.67 12.61 14.83
C ASN A 195 -40.92 12.80 13.53
N LEU A 196 -39.87 12.00 13.32
CA LEU A 196 -39.05 12.13 12.14
C LEU A 196 -39.77 11.62 10.91
N PHE A 197 -40.59 10.57 11.05
CA PHE A 197 -41.43 10.13 9.95
C PHE A 197 -42.44 11.19 9.58
N ARG A 198 -42.99 11.87 10.59
CA ARG A 198 -43.94 12.95 10.35
C ARG A 198 -43.29 14.11 9.60
N ALA A 199 -42.06 14.45 9.96
CA ALA A 199 -41.35 15.54 9.29
C ALA A 199 -41.00 15.19 7.85
N PHE A 200 -40.52 13.95 7.63
CA PHE A 200 -40.18 13.51 6.27
C PHE A 200 -41.41 13.48 5.37
N LEU A 201 -42.52 12.96 5.88
CA LEU A 201 -43.70 12.84 5.04
C LEU A 201 -44.38 14.19 4.84
N GLY A 202 -44.27 15.09 5.81
CA GLY A 202 -44.78 16.43 5.61
C GLY A 202 -44.00 17.20 4.57
N GLU A 203 -42.67 17.08 4.57
CA GLU A 203 -41.91 17.80 3.56
C GLU A 203 -42.06 17.17 2.18
N LEU A 204 -42.16 15.84 2.10
CA LEU A 204 -42.42 15.19 0.82
C LEU A 204 -43.78 15.56 0.25
N LYS A 205 -44.79 15.67 1.12
CA LYS A 205 -46.11 16.11 0.68
C LYS A 205 -46.09 17.55 0.19
N THR A 206 -45.43 18.43 0.95
CA THR A 206 -45.29 19.83 0.54
C THR A 206 -44.51 19.98 -0.76
N GLN A 207 -43.55 19.10 -1.02
CA GLN A 207 -42.71 19.25 -2.20
C GLN A 207 -43.26 18.59 -3.44
N MET A 208 -44.12 17.58 -3.30
CA MET A 208 -44.63 16.90 -4.47
C MET A 208 -46.09 17.18 -4.78
N THR A 209 -46.92 17.45 -3.78
CA THR A 209 -48.35 17.59 -3.99
C THR A 209 -48.81 19.04 -3.95
N SER A 210 -47.99 19.95 -4.43
CA SER A 210 -48.27 21.38 -4.32
C SER A 210 -48.43 21.98 -5.71
N ALA A 211 -49.62 22.47 -6.01
CA ALA A 211 -49.86 23.23 -7.24
C ALA A 211 -49.74 24.73 -6.98
N VAL A 212 -48.67 25.15 -6.32
CA VAL A 212 -48.48 26.58 -6.06
C VAL A 212 -47.11 27.01 -6.59
N ARG A 213 -46.15 26.09 -6.61
CA ARG A 213 -44.78 26.48 -6.90
C ARG A 213 -44.03 25.34 -7.57
N GLU A 214 -42.84 25.66 -8.04
CA GLU A 214 -41.96 24.64 -8.60
C GLU A 214 -41.32 23.84 -7.48
N PRO A 215 -41.22 22.52 -7.62
CA PRO A 215 -40.66 21.73 -6.52
C PRO A 215 -39.16 21.94 -6.37
N LYS A 216 -38.70 21.89 -5.13
CA LYS A 216 -37.29 22.04 -4.82
C LYS A 216 -36.67 20.66 -4.86
N LEU A 217 -35.94 20.37 -5.92
CA LEU A 217 -35.34 19.05 -6.08
C LEU A 217 -34.24 18.70 -5.09
N PRO A 218 -33.39 19.61 -4.58
CA PRO A 218 -32.49 19.23 -3.48
C PRO A 218 -33.21 18.72 -2.25
N VAL A 219 -34.31 19.34 -1.87
CA VAL A 219 -35.02 18.92 -0.67
C VAL A 219 -35.73 17.60 -0.92
N LEU A 220 -36.16 17.35 -2.15
CA LEU A 220 -36.75 16.06 -2.51
C LEU A 220 -35.74 14.92 -2.40
N ALA A 221 -34.56 15.11 -2.98
CA ALA A 221 -33.50 14.11 -2.88
C ALA A 221 -33.07 13.92 -1.43
N GLY A 222 -33.05 14.99 -0.65
CA GLY A 222 -32.65 14.88 0.75
C GLY A 222 -33.65 14.11 1.58
N CYS A 223 -34.94 14.37 1.39
CA CYS A 223 -35.95 13.64 2.15
C CYS A 223 -36.02 12.18 1.75
N LEU A 224 -35.82 11.87 0.48
CA LEU A 224 -35.85 10.46 0.11
C LEU A 224 -34.61 9.72 0.63
N LYS A 225 -33.45 10.38 0.65
CA LYS A 225 -32.28 9.79 1.28
C LYS A 225 -32.50 9.56 2.77
N GLY A 226 -33.04 10.55 3.46
CA GLY A 226 -33.24 10.43 4.90
C GLY A 226 -34.31 9.41 5.26
N LEU A 227 -35.35 9.31 4.43
CA LEU A 227 -36.39 8.31 4.67
C LEU A 227 -35.87 6.91 4.39
N SER A 228 -34.99 6.76 3.41
CA SER A 228 -34.38 5.46 3.17
C SER A 228 -33.44 5.06 4.28
N SER A 229 -32.78 6.02 4.93
CA SER A 229 -31.94 5.68 6.06
C SER A 229 -32.75 5.42 7.33
N LEU A 230 -33.88 6.09 7.49
CA LEU A 230 -34.69 5.85 8.67
C LEU A 230 -35.47 4.56 8.56
N LEU A 231 -35.79 4.11 7.35
CA LEU A 231 -36.50 2.84 7.23
C LEU A 231 -35.60 1.63 7.46
N CYS A 232 -34.30 1.81 7.67
CA CYS A 232 -33.51 0.80 8.35
C CYS A 232 -33.63 1.02 9.84
N ASN A 233 -33.82 -0.07 10.58
CA ASN A 233 -34.05 -0.17 12.02
C ASN A 233 -35.38 0.40 12.49
N PHE A 234 -36.19 0.99 11.62
CA PHE A 234 -37.48 1.55 12.03
C PHE A 234 -38.54 1.24 10.98
N THR A 235 -38.67 -0.05 10.64
CA THR A 235 -39.49 -0.49 9.52
C THR A 235 -40.96 -0.11 9.68
N LYS A 236 -41.56 0.27 8.56
CA LYS A 236 -42.94 0.73 8.48
C LYS A 236 -43.58 -0.09 7.38
N SER A 237 -44.05 -1.27 7.72
CA SER A 237 -44.46 -2.27 6.75
C SER A 237 -45.97 -2.20 6.53
N MET A 238 -46.45 -3.02 5.60
CA MET A 238 -47.85 -2.99 5.19
C MET A 238 -48.75 -3.84 6.06
N GLU A 239 -48.19 -4.54 7.05
CA GLU A 239 -49.00 -5.24 8.03
C GLU A 239 -49.09 -4.52 9.36
N GLU A 240 -48.06 -3.77 9.74
CA GLU A 240 -48.05 -3.12 11.04
C GLU A 240 -48.91 -1.85 11.03
N ASP A 241 -48.71 -1.00 10.04
CA ASP A 241 -49.54 0.17 9.82
C ASP A 241 -49.54 0.54 8.33
N PRO A 242 -50.63 0.24 7.63
CA PRO A 242 -50.60 0.37 6.18
C PRO A 242 -50.76 1.80 5.69
N GLN A 243 -51.05 2.76 6.56
CA GLN A 243 -51.19 4.13 6.08
C GLN A 243 -49.84 4.75 5.76
N THR A 244 -48.90 4.61 6.68
CA THR A 244 -47.57 5.19 6.50
C THR A 244 -46.85 4.54 5.34
N SER A 245 -46.98 3.22 5.21
CA SER A 245 -46.34 2.52 4.11
C SER A 245 -46.97 2.86 2.77
N ARG A 246 -48.28 3.09 2.74
CA ARG A 246 -48.90 3.46 1.47
C ARG A 246 -48.55 4.88 1.07
N GLU A 247 -48.39 5.77 2.04
CA GLU A 247 -47.95 7.13 1.72
C GLU A 247 -46.52 7.14 1.20
N ILE A 248 -45.64 6.35 1.83
CA ILE A 248 -44.25 6.28 1.39
C ILE A 248 -44.15 5.67 0.01
N PHE A 249 -44.98 4.66 -0.27
CA PHE A 249 -44.95 4.06 -1.60
C PHE A 249 -45.49 5.02 -2.65
N ASN A 250 -46.49 5.81 -2.31
CA ASN A 250 -47.03 6.76 -3.28
C ASN A 250 -46.02 7.85 -3.61
N PHE A 251 -45.26 8.29 -2.61
CA PHE A 251 -44.23 9.30 -2.90
C PHE A 251 -43.07 8.72 -3.69
N VAL A 252 -42.69 7.47 -3.41
CA VAL A 252 -41.64 6.82 -4.20
C VAL A 252 -42.08 6.61 -5.64
N LEU A 253 -43.33 6.21 -5.83
CA LEU A 253 -43.85 6.01 -7.17
C LEU A 253 -43.99 7.33 -7.93
N LYS A 254 -44.26 8.42 -7.23
CA LYS A 254 -44.21 9.72 -7.89
C LYS A 254 -42.78 10.13 -8.21
N ALA A 255 -41.82 9.73 -7.39
CA ALA A 255 -40.43 10.15 -7.58
C ALA A 255 -39.79 9.48 -8.78
N ILE A 256 -40.07 8.19 -8.99
CA ILE A 256 -39.39 7.42 -10.03
C ILE A 256 -40.07 7.50 -11.38
N ARG A 257 -41.12 8.29 -11.52
N ARG A 257 -41.12 8.30 -11.52
CA ARG A 257 -41.88 8.36 -12.76
CA ARG A 257 -41.87 8.36 -12.77
C ARG A 257 -41.06 9.08 -13.84
C ARG A 257 -41.06 9.08 -13.84
N PRO A 258 -41.04 8.56 -15.07
CA PRO A 258 -40.23 9.17 -16.13
C PRO A 258 -40.87 10.46 -16.66
N GLN A 259 -40.05 11.47 -16.83
CA GLN A 259 -40.45 12.76 -17.38
C GLN A 259 -39.61 13.01 -18.63
N ILE A 260 -40.28 13.20 -19.77
CA ILE A 260 -39.59 13.60 -20.98
C ILE A 260 -39.05 15.02 -20.80
N ASP A 261 -37.84 15.26 -21.34
CA ASP A 261 -37.02 16.45 -21.11
C ASP A 261 -36.70 16.56 -19.62
N LEU A 262 -35.91 15.59 -19.16
CA LEU A 262 -35.41 15.60 -17.81
C LEU A 262 -33.89 15.55 -17.82
N LYS A 263 -33.28 16.48 -17.11
CA LYS A 263 -31.92 16.38 -16.64
C LYS A 263 -32.00 16.22 -15.13
N ARG A 264 -30.85 16.21 -14.46
CA ARG A 264 -30.74 16.21 -13.00
C ARG A 264 -31.44 15.00 -12.39
N TYR A 265 -30.82 13.84 -12.59
CA TYR A 265 -31.35 12.57 -12.11
C TYR A 265 -30.91 12.25 -10.69
N ALA A 266 -31.30 13.12 -9.76
CA ALA A 266 -31.08 12.84 -8.34
C ALA A 266 -32.36 12.39 -7.65
N VAL A 267 -33.48 13.02 -7.97
CA VAL A 267 -34.76 12.55 -7.45
C VAL A 267 -35.14 11.16 -7.95
N PRO A 268 -35.04 10.83 -9.27
CA PRO A 268 -35.32 9.44 -9.64
C PRO A 268 -34.33 8.44 -9.09
N SER A 269 -33.06 8.81 -8.92
CA SER A 269 -32.09 7.90 -8.31
C SER A 269 -32.41 7.62 -6.85
N ALA A 270 -32.80 8.65 -6.10
CA ALA A 270 -33.12 8.44 -4.69
C ALA A 270 -34.38 7.62 -4.53
N GLY A 271 -35.34 7.80 -5.45
CA GLY A 271 -36.52 6.95 -5.44
C GLY A 271 -36.21 5.51 -5.75
N LEU A 272 -35.35 5.26 -6.74
CA LEU A 272 -35.00 3.89 -7.10
C LEU A 272 -34.17 3.23 -6.01
N ARG A 273 -33.34 3.98 -5.29
CA ARG A 273 -32.54 3.34 -4.25
C ARG A 273 -33.36 3.05 -3.01
N LEU A 274 -34.33 3.90 -2.67
CA LEU A 274 -35.24 3.56 -1.59
C LEU A 274 -36.10 2.36 -1.97
N PHE A 275 -36.48 2.25 -3.24
CA PHE A 275 -37.22 1.08 -3.69
C PHE A 275 -36.37 -0.18 -3.64
N ALA A 276 -35.11 -0.10 -4.08
CA ALA A 276 -34.22 -1.26 -4.06
C ALA A 276 -33.91 -1.72 -2.65
N LEU A 277 -33.88 -0.81 -1.69
CA LEU A 277 -33.63 -1.23 -0.32
C LEU A 277 -34.88 -1.79 0.34
N HIS A 278 -36.03 -1.17 0.13
CA HIS A 278 -37.16 -1.47 0.98
C HIS A 278 -38.40 -1.80 0.17
N ALA A 279 -38.26 -2.52 -0.93
CA ALA A 279 -39.45 -3.03 -1.61
C ALA A 279 -40.16 -4.11 -0.80
N SER A 280 -39.47 -4.72 0.16
CA SER A 280 -40.08 -5.70 1.03
C SER A 280 -41.11 -5.10 1.96
N GLN A 281 -41.00 -3.81 2.25
CA GLN A 281 -41.82 -3.23 3.31
C GLN A 281 -43.18 -2.81 2.81
N PHE A 282 -43.24 -2.26 1.60
CA PHE A 282 -44.50 -2.05 0.91
C PHE A 282 -44.66 -3.10 -0.18
N SER A 283 -45.54 -4.06 0.08
CA SER A 283 -45.72 -5.25 -0.75
C SER A 283 -47.13 -5.38 -1.31
N THR A 284 -48.16 -5.15 -0.50
CA THR A 284 -49.51 -5.13 -1.02
C THR A 284 -49.72 -3.94 -1.94
N CYS A 285 -49.00 -2.84 -1.71
CA CYS A 285 -48.91 -1.73 -2.65
C CYS A 285 -48.16 -2.09 -3.91
N LEU A 286 -47.39 -3.16 -3.86
CA LEU A 286 -46.51 -3.56 -4.93
C LEU A 286 -47.13 -4.57 -5.87
N LEU A 287 -48.08 -5.36 -5.38
CA LEU A 287 -48.79 -6.29 -6.27
C LEU A 287 -49.74 -5.57 -7.22
N ASP A 288 -50.46 -4.55 -6.74
CA ASP A 288 -51.55 -4.01 -7.56
C ASP A 288 -51.05 -2.96 -8.55
N ASN A 289 -49.87 -2.40 -8.34
CA ASN A 289 -49.31 -1.40 -9.26
C ASN A 289 -48.21 -2.00 -10.12
N TYR A 290 -48.38 -3.29 -10.44
CA TYR A 290 -47.28 -4.12 -10.94
C TYR A 290 -46.95 -3.85 -12.40
N VAL A 291 -47.95 -3.61 -13.25
CA VAL A 291 -47.68 -3.37 -14.66
C VAL A 291 -46.97 -2.03 -14.85
N SER A 292 -47.45 -1.01 -14.14
CA SER A 292 -46.85 0.31 -14.22
C SER A 292 -45.45 0.32 -13.64
N LEU A 293 -45.24 -0.36 -12.51
CA LEU A 293 -43.91 -0.45 -11.92
C LEU A 293 -42.96 -1.22 -12.83
N PHE A 294 -43.43 -2.28 -13.48
CA PHE A 294 -42.54 -3.04 -14.35
C PHE A 294 -42.15 -2.23 -15.57
N GLU A 295 -43.09 -1.47 -16.14
CA GLU A 295 -42.77 -0.68 -17.32
C GLU A 295 -41.85 0.48 -16.98
N VAL A 296 -42.07 1.13 -15.84
CA VAL A 296 -41.20 2.22 -15.41
C VAL A 296 -39.80 1.72 -15.11
N LEU A 297 -39.69 0.62 -14.36
CA LEU A 297 -38.39 0.09 -13.98
C LEU A 297 -37.66 -0.50 -15.18
N LEU A 298 -38.39 -0.99 -16.16
CA LEU A 298 -37.74 -1.50 -17.36
C LEU A 298 -37.31 -0.36 -18.27
N LYS A 299 -38.02 0.76 -18.27
CA LYS A 299 -37.57 1.88 -19.08
C LYS A 299 -36.36 2.58 -18.46
N TRP A 300 -36.30 2.64 -17.13
CA TRP A 300 -35.18 3.31 -16.48
C TRP A 300 -33.87 2.57 -16.62
N CYS A 301 -33.90 1.28 -16.94
CA CYS A 301 -32.68 0.48 -17.00
C CYS A 301 -31.89 0.69 -18.29
N ALA A 302 -32.48 1.31 -19.30
CA ALA A 302 -31.81 1.56 -20.56
C ALA A 302 -31.30 2.98 -20.69
N HIS A 303 -31.08 3.67 -19.58
CA HIS A 303 -30.66 5.06 -19.60
C HIS A 303 -29.17 5.18 -19.89
N THR A 304 -28.73 6.42 -20.08
CA THR A 304 -27.36 6.78 -20.43
C THR A 304 -26.45 6.91 -19.20
N ASN A 305 -26.99 7.44 -18.09
CA ASN A 305 -26.22 7.53 -16.85
C ASN A 305 -25.84 6.15 -16.34
N VAL A 306 -24.62 6.06 -15.81
CA VAL A 306 -24.22 4.81 -15.19
C VAL A 306 -24.94 4.63 -13.87
N GLU A 307 -25.07 5.70 -13.09
CA GLU A 307 -25.55 5.57 -11.72
C GLU A 307 -27.05 5.35 -11.66
N LEU A 308 -27.81 6.08 -12.48
CA LEU A 308 -29.24 5.88 -12.54
C LEU A 308 -29.59 4.51 -13.08
N LYS A 309 -28.81 4.02 -14.06
CA LYS A 309 -29.08 2.70 -14.62
C LYS A 309 -28.76 1.60 -13.61
N LYS A 310 -27.68 1.79 -12.84
CA LYS A 310 -27.32 0.82 -11.80
C LYS A 310 -28.38 0.77 -10.70
N ALA A 311 -28.88 1.94 -10.30
CA ALA A 311 -29.96 2.00 -9.31
C ALA A 311 -31.24 1.38 -9.84
N ALA A 312 -31.52 1.55 -11.13
CA ALA A 312 -32.72 0.98 -11.71
C ALA A 312 -32.63 -0.54 -11.82
N LEU A 313 -31.44 -1.06 -12.12
CA LEU A 313 -31.25 -2.52 -12.15
C LEU A 313 -31.46 -3.13 -10.78
N SER A 314 -30.94 -2.47 -9.74
CA SER A 314 -31.14 -2.95 -8.38
C SER A 314 -32.61 -2.91 -7.97
N ALA A 315 -33.29 -1.82 -8.30
CA ALA A 315 -34.71 -1.70 -7.96
C ALA A 315 -35.56 -2.70 -8.72
N LEU A 316 -35.17 -3.03 -9.95
CA LEU A 316 -35.94 -3.98 -10.73
C LEU A 316 -35.78 -5.39 -10.19
N GLU A 317 -34.57 -5.78 -9.80
CA GLU A 317 -34.41 -7.12 -9.25
C GLU A 317 -35.06 -7.24 -7.87
N SER A 318 -35.13 -6.14 -7.12
CA SER A 318 -35.84 -6.17 -5.85
C SER A 318 -37.35 -6.25 -6.08
N PHE A 319 -37.84 -5.57 -7.11
CA PHE A 319 -39.25 -5.64 -7.48
C PHE A 319 -39.65 -7.05 -7.88
N LEU A 320 -38.87 -7.67 -8.77
CA LEU A 320 -39.20 -9.01 -9.27
C LEU A 320 -39.09 -10.05 -8.16
N LYS A 321 -38.12 -9.90 -7.27
CA LYS A 321 -37.96 -10.81 -6.17
C LYS A 321 -39.15 -10.74 -5.21
N GLN A 322 -39.59 -9.52 -4.88
CA GLN A 322 -40.72 -9.39 -3.97
C GLN A 322 -42.02 -9.84 -4.62
N VAL A 323 -42.20 -9.57 -5.91
CA VAL A 323 -43.43 -9.96 -6.58
C VAL A 323 -43.52 -11.48 -6.72
N SER A 324 -42.41 -12.14 -7.04
CA SER A 324 -42.43 -13.60 -7.14
C SER A 324 -42.62 -14.24 -5.79
N ASN A 325 -42.04 -13.67 -4.72
CA ASN A 325 -42.28 -14.21 -3.40
C ASN A 325 -43.70 -13.95 -2.91
N MET A 326 -44.38 -12.94 -3.46
CA MET A 326 -45.77 -12.73 -3.09
C MET A 326 -46.72 -13.62 -3.88
N VAL A 327 -46.36 -13.92 -5.12
CA VAL A 327 -47.19 -14.81 -5.94
C VAL A 327 -47.04 -16.25 -5.47
N ALA A 328 -45.83 -16.64 -5.05
CA ALA A 328 -45.56 -18.02 -4.67
C ALA A 328 -46.19 -18.44 -3.36
N LYS A 329 -46.80 -17.53 -2.62
CA LYS A 329 -47.57 -17.90 -1.44
C LYS A 329 -49.03 -18.11 -1.76
N ASN A 330 -49.53 -17.48 -2.82
CA ASN A 330 -50.94 -17.55 -3.19
C ASN A 330 -51.02 -17.50 -4.71
N ALA A 331 -51.10 -18.67 -5.35
CA ALA A 331 -51.19 -18.71 -6.80
C ALA A 331 -52.58 -19.03 -7.31
N GLU A 332 -53.57 -19.16 -6.43
CA GLU A 332 -54.93 -19.34 -6.89
C GLU A 332 -55.63 -18.02 -7.21
N MET A 333 -54.95 -16.88 -7.03
CA MET A 333 -55.51 -15.62 -7.51
C MET A 333 -54.44 -14.71 -8.10
N HIS A 334 -53.25 -15.23 -8.43
CA HIS A 334 -52.21 -14.42 -9.03
C HIS A 334 -51.71 -15.04 -10.34
N LYS A 335 -52.53 -15.90 -10.93
CA LYS A 335 -52.22 -16.55 -12.19
C LYS A 335 -52.06 -15.55 -13.32
N ASN A 336 -52.83 -14.46 -13.29
CA ASN A 336 -52.79 -13.50 -14.38
C ASN A 336 -51.51 -12.68 -14.32
N LYS A 337 -51.07 -12.35 -13.11
CA LYS A 337 -49.81 -11.66 -12.93
C LYS A 337 -48.64 -12.54 -13.34
N LEU A 338 -48.68 -13.80 -12.93
CA LEU A 338 -47.68 -14.77 -13.34
C LEU A 338 -47.62 -14.93 -14.86
N GLN A 339 -48.79 -14.94 -15.51
CA GLN A 339 -48.83 -15.05 -16.97
C GLN A 339 -48.25 -13.82 -17.63
N TYR A 340 -48.57 -12.63 -17.12
CA TYR A 340 -48.03 -11.39 -17.68
C TYR A 340 -46.52 -11.33 -17.56
N PHE A 341 -45.98 -11.74 -16.41
CA PHE A 341 -44.55 -11.66 -16.21
C PHE A 341 -43.81 -12.70 -17.05
N MET A 342 -44.36 -13.91 -17.16
CA MET A 342 -43.72 -14.94 -17.97
C MET A 342 -43.74 -14.58 -19.45
N GLU A 343 -44.87 -14.04 -19.93
CA GLU A 343 -44.94 -13.67 -21.33
C GLU A 343 -44.09 -12.44 -21.63
N GLN A 344 -43.86 -11.58 -20.63
CA GLN A 344 -42.95 -10.47 -20.83
C GLN A 344 -41.50 -10.94 -20.91
N PHE A 345 -41.11 -11.88 -20.04
CA PHE A 345 -39.74 -12.38 -20.06
C PHE A 345 -39.46 -13.14 -21.34
N TYR A 346 -40.44 -13.90 -21.83
CA TYR A 346 -40.27 -14.59 -23.09
C TYR A 346 -40.22 -13.62 -24.26
N GLY A 347 -40.99 -12.53 -24.19
CA GLY A 347 -40.95 -11.54 -25.24
C GLY A 347 -39.60 -10.85 -25.33
N ILE A 348 -38.93 -10.67 -24.19
CA ILE A 348 -37.58 -10.12 -24.26
C ILE A 348 -36.58 -11.17 -24.74
N ILE A 349 -36.78 -12.43 -24.34
CA ILE A 349 -35.80 -13.47 -24.65
C ILE A 349 -35.81 -13.83 -26.14
N ARG A 350 -36.99 -13.90 -26.76
CA ARG A 350 -37.08 -14.31 -28.18
C ARG A 350 -36.48 -13.25 -29.10
N ASN A 351 -36.61 -11.99 -28.73
CA ASN A 351 -36.21 -10.84 -29.55
C ASN A 351 -34.70 -10.79 -29.72
N VAL A 352 -34.25 -10.42 -30.92
CA VAL A 352 -32.85 -10.00 -31.11
C VAL A 352 -32.83 -8.47 -31.03
N ASP A 353 -33.05 -7.97 -29.81
CA ASP A 353 -32.68 -6.63 -29.38
C ASP A 353 -32.23 -6.75 -27.93
N SER A 354 -31.30 -7.67 -27.70
CA SER A 354 -30.97 -8.09 -26.35
C SER A 354 -30.32 -6.95 -25.57
N ASN A 355 -29.23 -6.39 -26.11
CA ASN A 355 -28.28 -5.43 -25.54
C ASN A 355 -27.85 -5.77 -24.11
N ASN A 356 -27.92 -7.05 -23.77
CA ASN A 356 -27.25 -7.79 -22.70
C ASN A 356 -27.70 -7.43 -21.30
N LYS A 357 -28.23 -6.22 -21.12
CA LYS A 357 -28.80 -5.84 -19.85
C LYS A 357 -30.25 -6.27 -19.79
N GLU A 358 -30.98 -6.01 -20.87
CA GLU A 358 -32.36 -6.43 -20.97
C GLU A 358 -32.44 -7.95 -21.07
N LEU A 359 -31.49 -8.58 -21.74
CA LEU A 359 -31.46 -10.03 -21.82
C LEU A 359 -31.08 -10.64 -20.48
N SER A 360 -30.15 -10.02 -19.76
CA SER A 360 -29.76 -10.53 -18.45
C SER A 360 -30.91 -10.43 -17.45
N ILE A 361 -31.67 -9.34 -17.49
CA ILE A 361 -32.75 -9.23 -16.51
C ILE A 361 -33.94 -10.08 -16.91
N ALA A 362 -34.15 -10.32 -18.21
CA ALA A 362 -35.17 -11.26 -18.64
C ALA A 362 -34.85 -12.66 -18.16
N ILE A 363 -33.59 -13.08 -18.32
CA ILE A 363 -33.17 -14.42 -17.92
C ILE A 363 -33.23 -14.58 -16.42
N ARG A 364 -32.80 -13.55 -15.69
CA ARG A 364 -32.80 -13.59 -14.23
C ARG A 364 -34.21 -13.66 -13.67
N GLY A 365 -35.11 -12.80 -14.17
CA GLY A 365 -36.49 -12.89 -13.74
C GLY A 365 -37.19 -14.14 -14.22
N TYR A 366 -36.77 -14.67 -15.37
CA TYR A 366 -37.34 -15.90 -15.89
C TYR A 366 -37.04 -17.06 -14.98
N GLY A 367 -35.81 -17.14 -14.50
CA GLY A 367 -35.50 -18.14 -13.51
C GLY A 367 -36.05 -17.83 -12.13
N LEU A 368 -36.32 -16.55 -11.86
CA LEU A 368 -36.83 -16.17 -10.56
C LEU A 368 -38.27 -16.61 -10.38
N PHE A 369 -39.08 -16.53 -11.44
CA PHE A 369 -40.46 -16.99 -11.40
C PHE A 369 -40.51 -18.49 -11.69
N ALA A 370 -40.06 -19.28 -10.73
CA ALA A 370 -40.07 -20.74 -10.84
C ALA A 370 -40.79 -21.42 -9.70
N GLY A 371 -40.67 -20.90 -8.49
CA GLY A 371 -41.54 -21.25 -7.38
C GLY A 371 -43.02 -21.15 -7.68
N PRO A 372 -43.49 -20.00 -8.18
CA PRO A 372 -44.89 -19.90 -8.63
C PRO A 372 -45.24 -20.86 -9.76
N CYS A 373 -44.33 -21.12 -10.68
CA CYS A 373 -44.63 -22.10 -11.72
C CYS A 373 -44.62 -23.52 -11.18
N LYS A 374 -43.89 -23.77 -10.09
CA LYS A 374 -43.93 -25.08 -9.45
C LYS A 374 -45.24 -25.28 -8.68
N VAL A 375 -45.78 -24.21 -8.10
CA VAL A 375 -47.05 -24.39 -7.41
C VAL A 375 -48.26 -24.29 -8.35
N ILE A 376 -48.10 -23.70 -9.53
CA ILE A 376 -49.25 -23.49 -10.39
C ILE A 376 -49.43 -24.61 -11.40
N ASN A 377 -48.40 -25.35 -11.71
CA ASN A 377 -48.49 -26.40 -12.71
C ASN A 377 -47.92 -27.72 -12.22
N ALA A 378 -46.82 -27.67 -11.44
CA ALA A 378 -45.96 -28.74 -10.95
C ALA A 378 -45.15 -29.44 -12.04
N LYS A 379 -45.43 -29.15 -13.30
CA LYS A 379 -44.76 -29.79 -14.42
C LYS A 379 -43.94 -28.82 -15.26
N ASP A 380 -43.95 -27.55 -14.89
CA ASP A 380 -43.38 -26.48 -15.73
C ASP A 380 -41.92 -26.22 -15.41
N VAL A 381 -41.52 -26.45 -14.17
CA VAL A 381 -40.14 -26.25 -13.76
C VAL A 381 -39.27 -27.37 -14.30
N ASP A 382 -39.87 -28.41 -14.89
CA ASP A 382 -39.12 -29.41 -15.63
C ASP A 382 -38.82 -28.94 -17.05
N PHE A 383 -39.70 -28.16 -17.67
CA PHE A 383 -39.41 -27.64 -19.00
C PHE A 383 -38.44 -26.47 -18.94
N MET A 384 -38.62 -25.61 -17.93
CA MET A 384 -37.52 -24.78 -17.49
C MET A 384 -36.40 -25.68 -16.98
N TYR A 385 -35.15 -25.21 -17.14
CA TYR A 385 -33.89 -25.89 -16.87
C TYR A 385 -33.61 -26.98 -17.91
N VAL A 386 -34.58 -27.36 -18.73
CA VAL A 386 -34.23 -28.16 -19.87
C VAL A 386 -33.91 -27.14 -20.95
N GLU A 387 -34.84 -26.23 -21.22
CA GLU A 387 -34.53 -25.30 -22.30
C GLU A 387 -33.60 -24.19 -21.84
N LEU A 388 -33.48 -23.97 -20.54
CA LEU A 388 -32.49 -23.01 -20.04
C LEU A 388 -31.08 -23.56 -20.14
N ILE A 389 -30.90 -24.87 -19.90
CA ILE A 389 -29.60 -25.50 -20.13
C ILE A 389 -29.30 -25.61 -21.61
N GLN A 390 -30.32 -25.87 -22.44
CA GLN A 390 -30.09 -25.89 -23.88
C GLN A 390 -29.66 -24.51 -24.38
N ARG A 391 -30.21 -23.46 -23.78
CA ARG A 391 -29.84 -22.11 -24.16
CA ARG A 391 -29.83 -22.11 -24.17
C ARG A 391 -28.43 -21.76 -23.69
N CYS A 392 -28.06 -22.17 -22.47
CA CYS A 392 -26.71 -21.94 -21.97
C CYS A 392 -25.67 -22.66 -22.82
N LYS A 393 -25.98 -23.91 -23.18
CA LYS A 393 -25.11 -24.71 -24.03
C LYS A 393 -24.90 -24.05 -25.38
N GLN A 394 -25.99 -23.73 -26.08
CA GLN A 394 -25.92 -23.10 -27.39
C GLN A 394 -25.25 -21.74 -27.32
N MET A 395 -25.41 -21.03 -26.21
CA MET A 395 -24.87 -19.68 -26.12
C MET A 395 -23.36 -19.70 -25.93
N PHE A 396 -22.89 -20.35 -24.87
CA PHE A 396 -21.45 -20.25 -24.60
C PHE A 396 -20.84 -21.57 -24.15
N LEU A 397 -21.14 -22.67 -24.84
CA LEU A 397 -20.45 -23.89 -24.46
C LEU A 397 -19.78 -24.59 -25.62
N THR A 398 -20.51 -24.86 -26.69
CA THR A 398 -20.04 -25.74 -27.74
C THR A 398 -20.20 -25.12 -29.11
N GLN A 399 -21.20 -24.27 -29.28
CA GLN A 399 -21.15 -23.29 -30.35
C GLN A 399 -20.01 -22.34 -29.98
N THR A 400 -18.82 -22.58 -30.55
CA THR A 400 -17.60 -21.92 -30.14
C THR A 400 -17.53 -20.49 -30.72
N ASP A 401 -18.45 -19.67 -30.25
CA ASP A 401 -18.68 -18.33 -30.77
C ASP A 401 -17.89 -17.28 -30.00
N THR A 402 -16.76 -17.71 -29.43
CA THR A 402 -15.98 -16.91 -28.50
C THR A 402 -15.22 -15.80 -29.22
N GLY A 403 -14.76 -14.83 -28.44
CA GLY A 403 -14.08 -13.68 -28.95
C GLY A 403 -14.95 -12.46 -29.11
N ASP A 404 -16.06 -12.36 -28.38
CA ASP A 404 -17.01 -11.27 -28.52
C ASP A 404 -17.53 -10.96 -27.13
N ASP A 405 -18.66 -10.25 -27.07
CA ASP A 405 -19.29 -9.90 -25.80
C ASP A 405 -20.33 -10.97 -25.41
N ARG A 406 -19.87 -12.21 -25.35
CA ARG A 406 -20.71 -13.38 -25.13
C ARG A 406 -20.66 -13.89 -23.69
N VAL A 407 -19.58 -13.61 -22.97
CA VAL A 407 -19.32 -14.23 -21.69
C VAL A 407 -19.82 -13.31 -20.58
N TYR A 408 -20.31 -12.14 -20.94
CA TYR A 408 -20.67 -11.13 -19.95
C TYR A 408 -22.11 -11.25 -19.46
N GLN A 409 -22.85 -12.25 -19.91
CA GLN A 409 -24.16 -12.58 -19.35
C GLN A 409 -24.18 -13.98 -18.76
N MET A 410 -23.06 -14.67 -18.80
CA MET A 410 -22.92 -15.97 -18.14
C MET A 410 -23.19 -15.98 -16.62
N PRO A 411 -22.84 -14.94 -15.82
CA PRO A 411 -23.30 -14.96 -14.43
C PRO A 411 -24.80 -14.92 -14.26
N SER A 412 -25.48 -14.17 -15.13
CA SER A 412 -26.93 -14.09 -15.05
C SER A 412 -27.57 -15.41 -15.45
N PHE A 413 -27.05 -16.05 -16.49
CA PHE A 413 -27.55 -17.37 -16.88
C PHE A 413 -27.29 -18.42 -15.81
N LEU A 414 -26.14 -18.32 -15.14
CA LEU A 414 -25.80 -19.29 -14.10
C LEU A 414 -26.69 -19.10 -12.87
N GLN A 415 -26.97 -17.85 -12.51
CA GLN A 415 -27.87 -17.57 -11.40
C GLN A 415 -29.29 -18.02 -11.71
N SER A 416 -29.70 -17.91 -12.98
CA SER A 416 -31.02 -18.34 -13.37
C SER A 416 -31.16 -19.85 -13.29
N VAL A 417 -30.16 -20.60 -13.78
CA VAL A 417 -30.18 -22.06 -13.68
C VAL A 417 -30.12 -22.49 -12.22
N ALA A 418 -29.36 -21.75 -11.40
CA ALA A 418 -29.29 -22.03 -9.97
C ALA A 418 -30.62 -21.81 -9.29
N SER A 419 -31.40 -20.84 -9.77
CA SER A 419 -32.70 -20.58 -9.17
C SER A 419 -33.73 -21.62 -9.59
N VAL A 420 -33.74 -21.98 -10.88
CA VAL A 420 -34.69 -22.98 -11.37
C VAL A 420 -34.40 -24.36 -10.79
N LEU A 421 -33.13 -24.68 -10.54
CA LEU A 421 -32.74 -25.99 -10.04
C LEU A 421 -33.18 -26.25 -8.61
N LEU A 422 -33.43 -25.21 -7.81
CA LEU A 422 -33.92 -25.42 -6.45
C LEU A 422 -35.33 -26.00 -6.42
N TYR A 423 -36.21 -25.52 -7.29
CA TYR A 423 -37.60 -25.97 -7.26
C TYR A 423 -37.83 -27.22 -8.08
N LEU A 424 -36.78 -27.80 -8.63
CA LEU A 424 -36.89 -28.96 -9.49
C LEU A 424 -36.56 -30.21 -8.68
N ASP A 425 -37.55 -31.04 -8.42
CA ASP A 425 -37.31 -32.35 -7.84
C ASP A 425 -37.03 -33.33 -8.97
N THR A 426 -36.19 -34.33 -8.68
CA THR A 426 -35.77 -35.37 -9.63
C THR A 426 -35.12 -34.76 -10.88
N VAL A 427 -33.92 -34.23 -10.66
CA VAL A 427 -32.99 -33.74 -11.69
C VAL A 427 -32.80 -34.79 -12.78
N PRO A 428 -32.80 -34.40 -14.07
CA PRO A 428 -32.86 -35.41 -15.14
C PRO A 428 -31.64 -36.30 -15.31
N GLU A 429 -30.46 -35.87 -14.87
CA GLU A 429 -29.14 -36.52 -14.96
C GLU A 429 -28.65 -36.67 -16.40
N VAL A 430 -29.39 -36.19 -17.38
CA VAL A 430 -28.92 -36.15 -18.76
C VAL A 430 -28.19 -34.83 -19.01
N TYR A 431 -28.61 -33.77 -18.32
CA TYR A 431 -28.05 -32.44 -18.44
C TYR A 431 -27.05 -32.12 -17.34
N THR A 432 -26.79 -33.05 -16.44
CA THR A 432 -25.81 -32.77 -15.38
C THR A 432 -24.37 -32.58 -15.87
N PRO A 433 -23.81 -33.34 -16.83
CA PRO A 433 -22.47 -32.96 -17.31
C PRO A 433 -22.44 -31.65 -18.06
N VAL A 434 -23.56 -31.25 -18.69
CA VAL A 434 -23.62 -29.94 -19.31
C VAL A 434 -23.61 -28.84 -18.27
N LEU A 435 -24.34 -29.04 -17.17
CA LEU A 435 -24.38 -28.04 -16.10
C LEU A 435 -23.02 -27.91 -15.41
N GLU A 436 -22.36 -29.04 -15.18
CA GLU A 436 -21.04 -29.03 -14.58
C GLU A 436 -20.02 -28.38 -15.49
N HIS A 437 -20.12 -28.62 -16.79
CA HIS A 437 -19.19 -27.98 -17.72
CA HIS A 437 -19.19 -27.98 -17.72
C HIS A 437 -19.46 -26.49 -17.83
N LEU A 438 -20.71 -26.08 -17.69
CA LEU A 438 -21.05 -24.67 -17.69
C LEU A 438 -20.45 -23.95 -16.50
N VAL A 439 -20.56 -24.54 -15.31
CA VAL A 439 -20.00 -23.85 -14.15
C VAL A 439 -18.47 -23.89 -14.13
N VAL A 440 -17.84 -24.93 -14.69
CA VAL A 440 -16.38 -24.85 -14.77
C VAL A 440 -15.93 -23.91 -15.90
N MET A 441 -16.77 -23.66 -16.90
CA MET A 441 -16.44 -22.63 -17.89
C MET A 441 -16.60 -21.24 -17.29
N GLN A 442 -17.56 -21.08 -16.37
CA GLN A 442 -17.65 -19.84 -15.60
C GLN A 442 -16.43 -19.61 -14.74
N ILE A 443 -15.90 -20.68 -14.14
CA ILE A 443 -14.68 -20.55 -13.34
C ILE A 443 -13.48 -20.21 -14.22
N ASP A 444 -13.38 -20.83 -15.40
CA ASP A 444 -12.33 -20.49 -16.36
C ASP A 444 -12.41 -19.03 -16.78
N SER A 445 -13.59 -18.56 -17.14
CA SER A 445 -13.69 -17.21 -17.67
C SER A 445 -13.97 -16.17 -16.59
N PHE A 446 -13.27 -16.28 -15.45
CA PHE A 446 -13.34 -15.37 -14.32
C PHE A 446 -12.51 -14.08 -14.44
N PRO A 447 -11.24 -14.08 -14.88
CA PRO A 447 -10.52 -12.80 -14.91
C PRO A 447 -10.87 -11.93 -16.10
N GLN A 448 -11.72 -12.38 -17.00
CA GLN A 448 -12.15 -11.53 -18.10
C GLN A 448 -13.09 -10.43 -17.61
N TYR A 449 -13.70 -10.59 -16.45
CA TYR A 449 -14.56 -9.56 -15.93
C TYR A 449 -13.76 -8.47 -15.25
N SER A 450 -14.38 -7.31 -15.13
CA SER A 450 -13.88 -6.22 -14.32
C SER A 450 -14.11 -6.53 -12.85
N PRO A 451 -13.56 -5.73 -11.94
CA PRO A 451 -14.06 -5.76 -10.57
C PRO A 451 -15.51 -5.29 -10.53
N LYS A 452 -16.22 -5.70 -9.47
CA LYS A 452 -17.66 -5.58 -9.30
C LYS A 452 -18.44 -6.28 -10.42
N MET A 453 -17.83 -7.26 -11.07
CA MET A 453 -18.53 -8.20 -11.94
C MET A 453 -18.00 -9.57 -11.56
N GLN A 454 -16.78 -9.57 -11.03
CA GLN A 454 -16.23 -10.76 -10.41
C GLN A 454 -17.00 -11.14 -9.17
N LEU A 455 -17.54 -10.15 -8.45
CA LEU A 455 -18.44 -10.42 -7.35
C LEU A 455 -19.74 -11.07 -7.83
N VAL A 456 -20.20 -10.69 -9.02
CA VAL A 456 -21.44 -11.26 -9.54
C VAL A 456 -21.22 -12.68 -10.00
N CYS A 457 -20.09 -12.94 -10.67
CA CYS A 457 -19.68 -14.29 -11.03
C CYS A 457 -19.52 -15.18 -9.80
N CYS A 458 -18.98 -14.63 -8.71
CA CYS A 458 -18.80 -15.44 -7.51
C CYS A 458 -20.12 -15.72 -6.81
N ARG A 459 -21.03 -14.75 -6.79
CA ARG A 459 -22.36 -15.02 -6.25
C ARG A 459 -23.12 -16.03 -7.11
N ALA A 460 -22.85 -16.04 -8.42
CA ALA A 460 -23.44 -17.05 -9.30
C ALA A 460 -22.96 -18.45 -8.95
N ILE A 461 -21.65 -18.61 -8.78
CA ILE A 461 -21.08 -19.93 -8.49
C ILE A 461 -21.52 -20.41 -7.12
N VAL A 462 -21.63 -19.49 -6.16
CA VAL A 462 -22.07 -19.86 -4.82
C VAL A 462 -23.55 -20.26 -4.85
N LYS A 463 -24.34 -19.60 -5.69
CA LYS A 463 -25.75 -19.96 -5.79
C LYS A 463 -25.93 -21.32 -6.45
N VAL A 464 -25.07 -21.68 -7.42
CA VAL A 464 -25.17 -23.00 -8.04
C VAL A 464 -24.77 -24.09 -7.06
N PHE A 465 -23.68 -23.87 -6.33
CA PHE A 465 -23.21 -24.87 -5.37
C PHE A 465 -24.19 -25.04 -4.23
N LEU A 466 -24.80 -23.94 -3.79
CA LEU A 466 -25.78 -24.01 -2.72
C LEU A 466 -27.09 -24.58 -3.21
N ALA A 467 -27.39 -24.44 -4.50
CA ALA A 467 -28.60 -25.03 -5.05
C ALA A 467 -28.49 -26.53 -5.12
N LEU A 468 -27.39 -27.04 -5.63
CA LEU A 468 -27.27 -28.48 -5.75
C LEU A 468 -26.63 -29.13 -4.53
N ALA A 469 -26.27 -28.35 -3.51
CA ALA A 469 -25.87 -28.90 -2.23
C ALA A 469 -27.07 -29.27 -1.36
N ALA A 470 -28.26 -28.88 -1.76
CA ALA A 470 -29.49 -29.24 -1.06
C ALA A 470 -30.22 -30.38 -1.75
N LYS A 471 -29.63 -30.96 -2.78
CA LYS A 471 -30.27 -32.01 -3.55
C LYS A 471 -29.87 -33.40 -3.09
N GLY A 472 -29.58 -33.56 -1.81
CA GLY A 472 -29.16 -34.83 -1.29
C GLY A 472 -27.69 -35.07 -1.52
N PRO A 473 -27.20 -36.26 -1.19
CA PRO A 473 -25.84 -36.62 -1.55
C PRO A 473 -25.69 -37.26 -2.93
N VAL A 474 -26.72 -37.20 -3.78
CA VAL A 474 -26.53 -37.64 -5.16
C VAL A 474 -25.82 -36.56 -5.97
N LEU A 475 -26.14 -35.28 -5.72
CA LEU A 475 -25.51 -34.19 -6.43
C LEU A 475 -24.50 -33.44 -5.59
N ARG A 476 -24.49 -33.68 -4.28
CA ARG A 476 -23.42 -33.19 -3.43
C ARG A 476 -22.08 -33.80 -3.82
N ASN A 477 -22.12 -34.97 -4.46
CA ASN A 477 -20.95 -35.54 -5.12
C ASN A 477 -20.50 -34.69 -6.30
N CYS A 478 -21.38 -33.96 -6.96
CA CYS A 478 -20.95 -33.21 -8.13
C CYS A 478 -20.59 -31.76 -7.82
N ILE A 479 -20.49 -31.40 -6.54
CA ILE A 479 -19.68 -30.25 -6.16
C ILE A 479 -18.21 -30.59 -6.29
N SER A 480 -17.86 -31.84 -5.97
CA SER A 480 -16.47 -32.26 -5.87
C SER A 480 -15.80 -32.26 -7.23
N THR A 481 -16.45 -32.82 -8.23
CA THR A 481 -15.82 -32.87 -9.55
C THR A 481 -15.86 -31.53 -10.26
N VAL A 482 -16.74 -30.62 -9.88
CA VAL A 482 -16.70 -29.28 -10.46
C VAL A 482 -15.53 -28.50 -9.90
N VAL A 483 -15.35 -28.54 -8.57
CA VAL A 483 -14.22 -27.87 -7.93
C VAL A 483 -12.90 -28.49 -8.41
N HIS A 484 -12.90 -29.80 -8.63
CA HIS A 484 -11.72 -30.49 -9.13
C HIS A 484 -11.40 -30.10 -10.57
N GLN A 485 -12.41 -30.08 -11.45
CA GLN A 485 -12.16 -29.74 -12.84
C GLN A 485 -11.79 -28.29 -13.01
N GLY A 486 -12.38 -27.40 -12.22
CA GLY A 486 -11.99 -26.02 -12.26
C GLY A 486 -10.58 -25.78 -11.73
N LEU A 487 -10.19 -26.54 -10.72
CA LEU A 487 -8.84 -26.38 -10.18
C LEU A 487 -7.78 -26.90 -11.15
N ILE A 488 -8.08 -28.00 -11.85
CA ILE A 488 -7.18 -28.46 -12.90
C ILE A 488 -7.13 -27.47 -14.05
N ARG A 489 -8.26 -26.83 -14.35
CA ARG A 489 -8.29 -25.84 -15.42
C ARG A 489 -7.45 -24.61 -15.09
N ILE A 490 -7.54 -24.11 -13.87
CA ILE A 490 -6.74 -22.92 -13.54
C ILE A 490 -5.33 -23.28 -13.15
N CYS A 491 -5.02 -24.56 -12.97
CA CYS A 491 -3.66 -24.98 -12.66
C CYS A 491 -2.95 -25.58 -13.86
N SER A 492 -3.28 -25.14 -15.08
CA SER A 492 -2.58 -25.55 -16.29
C SER A 492 -2.38 -24.38 -17.21
N LYS A 493 -2.18 -23.22 -16.61
CA LYS A 493 -1.87 -21.99 -17.33
C LYS A 493 -0.36 -21.94 -17.60
N PRO A 494 0.15 -20.97 -18.35
CA PRO A 494 1.59 -20.70 -18.34
C PRO A 494 2.09 -20.35 -16.95
N VAL A 495 3.32 -20.75 -16.67
CA VAL A 495 3.95 -20.48 -15.39
C VAL A 495 4.50 -19.06 -15.39
N VAL A 496 4.40 -18.39 -14.25
CA VAL A 496 4.84 -17.01 -14.14
C VAL A 496 6.37 -16.92 -14.02
N TRP A 519 -7.86 -10.86 -23.80
CA TRP A 519 -6.82 -10.80 -24.82
C TRP A 519 -5.58 -11.56 -24.39
N LYS A 520 -4.91 -11.03 -23.36
CA LYS A 520 -3.68 -11.63 -22.87
C LYS A 520 -3.98 -12.72 -21.85
N VAL A 521 -2.99 -13.58 -21.63
CA VAL A 521 -3.22 -14.83 -20.92
C VAL A 521 -3.27 -14.60 -19.41
N PRO A 522 -4.24 -15.19 -18.72
CA PRO A 522 -4.23 -15.16 -17.25
C PRO A 522 -3.49 -16.34 -16.63
N THR A 523 -3.03 -16.10 -15.41
CA THR A 523 -2.29 -17.06 -14.59
C THR A 523 -3.11 -17.41 -13.36
N TYR A 524 -2.50 -18.15 -12.43
CA TYR A 524 -3.17 -18.54 -11.21
C TYR A 524 -3.47 -17.35 -10.29
N LYS A 525 -2.76 -16.24 -10.47
CA LYS A 525 -2.89 -15.10 -9.57
C LYS A 525 -4.24 -14.40 -9.69
N ASP A 526 -4.98 -14.66 -10.77
CA ASP A 526 -6.24 -14.00 -11.00
C ASP A 526 -7.42 -14.77 -10.46
N TYR A 527 -7.28 -16.08 -10.27
CA TYR A 527 -8.33 -16.89 -9.70
C TYR A 527 -8.25 -16.97 -8.19
N VAL A 528 -7.31 -16.25 -7.58
CA VAL A 528 -7.11 -16.35 -6.14
C VAL A 528 -8.24 -15.66 -5.39
N ASP A 529 -8.73 -14.53 -5.90
CA ASP A 529 -9.87 -13.90 -5.22
C ASP A 529 -11.16 -14.68 -5.45
N LEU A 530 -11.26 -15.41 -6.57
CA LEU A 530 -12.39 -16.31 -6.78
C LEU A 530 -12.41 -17.41 -5.74
N PHE A 531 -11.29 -18.12 -5.59
CA PHE A 531 -11.27 -19.20 -4.63
C PHE A 531 -11.14 -18.72 -3.20
N ARG A 532 -10.85 -17.44 -3.00
CA ARG A 532 -10.86 -16.89 -1.65
C ARG A 532 -12.26 -16.52 -1.22
N HIS A 533 -13.05 -15.97 -2.14
CA HIS A 533 -14.44 -15.66 -1.85
C HIS A 533 -15.28 -16.93 -1.78
N LEU A 534 -14.86 -17.97 -2.49
CA LEU A 534 -15.58 -19.23 -2.40
C LEU A 534 -15.44 -19.87 -1.03
N LEU A 535 -14.29 -19.74 -0.40
CA LEU A 535 -14.04 -20.40 0.87
C LEU A 535 -14.12 -19.46 2.08
N SER A 536 -14.41 -18.17 1.88
CA SER A 536 -14.60 -17.34 3.06
C SER A 536 -15.70 -16.30 2.92
N SER A 537 -16.59 -16.40 1.94
CA SER A 537 -17.60 -15.37 1.75
C SER A 537 -18.96 -15.98 1.46
N ASP A 538 -19.25 -17.15 2.02
CA ASP A 538 -20.63 -17.59 2.07
C ASP A 538 -21.43 -16.74 3.07
N GLN A 539 -20.77 -16.20 4.09
CA GLN A 539 -21.45 -15.40 5.11
C GLN A 539 -21.94 -14.09 4.52
N MET A 540 -21.13 -13.47 3.66
CA MET A 540 -21.55 -12.23 3.02
C MET A 540 -22.43 -12.49 1.80
N MET A 541 -22.81 -13.73 1.54
CA MET A 541 -23.70 -14.07 0.45
C MET A 541 -24.99 -14.73 0.93
N ASP A 542 -24.90 -15.83 1.70
CA ASP A 542 -26.07 -16.62 2.12
C ASP A 542 -27.00 -15.81 3.01
N SER A 543 -26.49 -14.85 3.77
CA SER A 543 -27.28 -14.01 4.65
C SER A 543 -28.21 -13.04 3.92
N ILE A 544 -28.22 -13.04 2.58
CA ILE A 544 -29.33 -12.47 1.81
C ILE A 544 -29.92 -13.47 0.83
N LEU A 545 -29.28 -14.61 0.60
CA LEU A 545 -29.66 -15.52 -0.48
C LEU A 545 -30.93 -16.31 -0.15
N ALA A 546 -32.05 -15.60 0.00
CA ALA A 546 -33.35 -16.13 0.44
C ALA A 546 -33.24 -16.98 1.71
N GLU A 558 -21.52 -21.00 6.66
CA GLU A 558 -20.48 -21.78 7.33
C GLU A 558 -20.68 -23.26 7.05
N SER A 559 -21.92 -23.66 6.75
CA SER A 559 -22.18 -25.04 6.39
C SER A 559 -21.86 -25.32 4.92
N LEU A 560 -21.70 -24.27 4.10
CA LEU A 560 -21.18 -24.40 2.74
C LEU A 560 -19.69 -24.06 2.64
N ASN A 561 -19.20 -23.13 3.48
CA ASN A 561 -17.76 -22.88 3.56
C ASN A 561 -17.01 -24.15 3.91
N HIS A 562 -17.55 -24.93 4.83
CA HIS A 562 -16.91 -26.16 5.27
C HIS A 562 -16.91 -27.21 4.17
N LEU A 563 -18.02 -27.31 3.43
CA LEU A 563 -18.12 -28.27 2.34
C LEU A 563 -17.16 -27.90 1.21
N LEU A 564 -17.08 -26.63 0.87
CA LEU A 564 -16.21 -26.20 -0.22
C LEU A 564 -14.76 -26.28 0.17
N TYR A 565 -14.43 -26.08 1.45
CA TYR A 565 -13.08 -26.28 1.93
C TYR A 565 -12.68 -27.75 1.84
N ASP A 566 -13.59 -28.66 2.20
CA ASP A 566 -13.28 -30.07 2.11
C ASP A 566 -13.13 -30.51 0.67
N GLU A 567 -13.94 -29.98 -0.23
CA GLU A 567 -13.78 -30.33 -1.63
C GLU A 567 -12.50 -29.73 -2.21
N PHE A 568 -12.06 -28.57 -1.71
CA PHE A 568 -10.79 -28.02 -2.16
C PHE A 568 -9.61 -28.87 -1.70
N VAL A 569 -9.61 -29.31 -0.44
CA VAL A 569 -8.48 -30.09 0.06
C VAL A 569 -8.47 -31.49 -0.58
N LYS A 570 -9.65 -32.07 -0.79
CA LYS A 570 -9.75 -33.34 -1.50
C LYS A 570 -9.27 -33.22 -2.92
N SER A 571 -9.61 -32.12 -3.60
CA SER A 571 -9.17 -31.95 -4.97
C SER A 571 -7.68 -31.66 -5.05
N VAL A 572 -7.11 -31.04 -4.02
CA VAL A 572 -5.68 -30.79 -3.98
C VAL A 572 -4.91 -32.11 -3.87
N LEU A 573 -5.28 -32.95 -2.90
CA LEU A 573 -4.50 -34.19 -2.76
C LEU A 573 -4.89 -35.24 -3.79
N LYS A 574 -6.05 -35.07 -4.42
CA LYS A 574 -6.40 -35.86 -5.60
C LYS A 574 -5.61 -35.46 -6.83
N ILE A 575 -5.35 -34.17 -7.02
CA ILE A 575 -4.47 -33.71 -8.08
C ILE A 575 -3.04 -34.16 -7.82
N VAL A 576 -2.62 -34.13 -6.55
CA VAL A 576 -1.26 -34.55 -6.19
C VAL A 576 -1.07 -36.03 -6.48
N GLU A 577 -2.05 -36.85 -6.12
CA GLU A 577 -1.85 -38.27 -6.37
C GLU A 577 -2.14 -38.70 -7.80
N LYS A 578 -2.14 -37.83 -8.80
CA LYS A 578 -2.40 -38.22 -10.18
C LYS A 578 -1.42 -37.62 -11.18
N LEU A 579 -0.75 -36.52 -10.86
CA LEU A 579 0.19 -35.91 -11.78
C LEU A 579 1.47 -36.72 -11.87
N ASP A 580 2.14 -36.64 -13.03
CA ASP A 580 3.34 -37.41 -13.30
C ASP A 580 4.55 -36.52 -13.09
N LEU A 581 5.32 -36.81 -12.05
CA LEU A 581 6.45 -36.00 -11.64
C LEU A 581 7.66 -36.93 -11.54
N THR A 582 8.37 -37.12 -12.65
CA THR A 582 9.45 -38.10 -12.74
C THR A 582 10.64 -37.50 -13.46
N LEU A 583 11.83 -37.74 -12.91
CA LEU A 583 13.04 -37.06 -13.32
C LEU A 583 13.80 -37.93 -14.32
N GLU A 584 14.11 -37.35 -15.49
CA GLU A 584 14.75 -38.06 -16.59
C GLU A 584 16.17 -37.53 -16.79
N ILE A 585 17.11 -38.45 -16.98
CA ILE A 585 18.50 -38.11 -17.24
C ILE A 585 18.61 -37.60 -18.67
N GLN A 586 18.88 -36.31 -18.84
CA GLN A 586 18.78 -35.68 -20.16
C GLN A 586 19.99 -36.02 -21.02
N ALA A 609 21.22 -33.90 -8.65
CA ALA A 609 20.54 -33.48 -9.86
C ALA A 609 21.53 -32.83 -10.82
N ALA A 610 22.06 -33.63 -11.74
CA ALA A 610 23.00 -33.11 -12.72
C ALA A 610 22.27 -32.34 -13.82
N ASN A 611 21.51 -33.07 -14.64
CA ASN A 611 20.64 -32.45 -15.63
C ASN A 611 19.33 -33.23 -15.71
N LEU A 612 18.77 -33.55 -14.55
CA LEU A 612 17.48 -34.24 -14.48
C LEU A 612 16.36 -33.37 -15.01
N HIS A 613 15.40 -34.00 -15.66
CA HIS A 613 14.36 -33.28 -16.39
C HIS A 613 13.04 -34.04 -16.33
N PRO A 614 11.90 -33.34 -16.42
CA PRO A 614 10.61 -34.01 -16.21
C PRO A 614 10.25 -34.95 -17.33
N ALA A 615 9.85 -36.18 -16.96
CA ALA A 615 9.27 -37.10 -17.91
C ALA A 615 7.94 -36.58 -18.44
N LYS A 616 7.17 -35.90 -17.58
CA LYS A 616 5.97 -35.18 -17.99
C LYS A 616 6.24 -33.70 -17.75
N PRO A 617 6.74 -32.99 -18.77
CA PRO A 617 7.05 -31.57 -18.59
C PRO A 617 5.85 -30.65 -18.59
N LYS A 618 4.64 -31.19 -18.73
CA LYS A 618 3.41 -30.44 -18.58
C LYS A 618 2.76 -30.67 -17.23
N ASP A 619 2.92 -31.87 -16.67
CA ASP A 619 2.41 -32.17 -15.35
C ASP A 619 3.22 -31.46 -14.26
N PHE A 620 4.50 -31.24 -14.52
CA PHE A 620 5.34 -30.57 -13.53
C PHE A 620 4.96 -29.11 -13.38
N SER A 621 4.69 -28.46 -14.51
CA SER A 621 4.26 -27.07 -14.48
C SER A 621 2.89 -26.93 -13.84
N ALA A 622 2.03 -27.94 -14.03
CA ALA A 622 0.74 -27.95 -13.36
C ALA A 622 0.89 -28.11 -11.87
N PHE A 623 1.84 -28.93 -11.43
CA PHE A 623 2.04 -29.11 -10.01
C PHE A 623 2.60 -27.86 -9.36
N ILE A 624 3.53 -27.17 -10.03
CA ILE A 624 4.09 -25.98 -9.40
C ILE A 624 3.11 -24.82 -9.46
N ASN A 625 2.26 -24.78 -10.48
CA ASN A 625 1.15 -23.84 -10.49
C ASN A 625 0.20 -24.11 -9.34
N LEU A 626 -0.02 -25.40 -9.04
CA LEU A 626 -0.87 -25.77 -7.93
C LEU A 626 -0.26 -25.35 -6.61
N VAL A 627 1.06 -25.44 -6.50
CA VAL A 627 1.72 -25.09 -5.24
C VAL A 627 1.63 -23.59 -4.98
N GLU A 628 2.03 -22.76 -5.94
CA GLU A 628 1.90 -21.31 -5.74
C GLU A 628 0.44 -20.86 -5.68
N PHE A 629 -0.49 -21.62 -6.23
CA PHE A 629 -1.89 -21.29 -6.03
C PHE A 629 -2.31 -21.58 -4.60
N CYS A 630 -1.99 -22.77 -4.12
CA CYS A 630 -2.46 -23.25 -2.83
C CYS A 630 -1.73 -22.58 -1.68
N ARG A 631 -0.63 -21.87 -1.96
CA ARG A 631 0.05 -21.09 -0.91
C ARG A 631 -0.76 -19.91 -0.40
N GLU A 632 -1.81 -19.50 -1.09
CA GLU A 632 -2.60 -18.34 -0.67
C GLU A 632 -4.08 -18.66 -0.58
N ILE A 633 -4.46 -19.93 -0.57
CA ILE A 633 -5.85 -20.29 -0.42
C ILE A 633 -6.01 -21.02 0.90
N LEU A 634 -5.05 -21.85 1.26
CA LEU A 634 -5.12 -22.53 2.54
C LEU A 634 -4.84 -21.71 3.80
N PRO A 635 -3.90 -20.73 3.85
CA PRO A 635 -3.66 -20.04 5.12
C PRO A 635 -4.82 -19.21 5.65
N GLU A 636 -5.77 -18.82 4.81
CA GLU A 636 -6.97 -18.15 5.32
C GLU A 636 -8.01 -19.18 5.70
N LYS A 637 -8.74 -18.90 6.78
CA LYS A 637 -9.87 -19.70 7.30
C LYS A 637 -9.43 -21.13 7.63
N GLN A 638 -8.55 -21.24 8.61
CA GLN A 638 -8.04 -22.53 9.07
C GLN A 638 -8.52 -22.87 10.48
N ALA A 639 -9.25 -21.96 11.12
CA ALA A 639 -9.43 -21.98 12.57
C ALA A 639 -10.27 -23.17 13.03
N GLU A 640 -11.04 -23.77 12.13
CA GLU A 640 -11.58 -25.10 12.41
C GLU A 640 -11.51 -26.04 11.22
N PHE A 641 -11.37 -25.54 10.00
CA PHE A 641 -11.65 -26.37 8.83
C PHE A 641 -10.50 -27.30 8.51
N PHE A 642 -9.29 -26.92 8.88
CA PHE A 642 -8.11 -27.73 8.58
C PHE A 642 -7.81 -28.76 9.66
N GLU A 643 -8.43 -28.66 10.84
CA GLU A 643 -8.03 -29.50 11.97
C GLU A 643 -8.30 -30.98 11.78
N PRO A 644 -9.41 -31.43 11.17
CA PRO A 644 -9.46 -32.85 10.77
C PRO A 644 -8.65 -33.18 9.54
N TRP A 645 -8.00 -32.22 8.89
CA TRP A 645 -7.23 -32.52 7.70
C TRP A 645 -5.75 -32.68 7.94
N VAL A 646 -5.25 -32.34 9.14
CA VAL A 646 -3.80 -32.15 9.35
C VAL A 646 -3.04 -33.46 9.17
N TYR A 647 -3.53 -34.54 9.78
CA TYR A 647 -2.79 -35.78 9.76
C TYR A 647 -2.77 -36.41 8.38
N SER A 648 -3.91 -36.43 7.71
CA SER A 648 -3.99 -37.09 6.40
C SER A 648 -3.21 -36.33 5.35
N PHE A 649 -3.34 -35.01 5.35
CA PHE A 649 -2.62 -34.16 4.42
C PHE A 649 -1.12 -34.28 4.62
N SER A 650 -0.68 -34.21 5.88
CA SER A 650 0.76 -34.26 6.14
C SER A 650 1.33 -35.63 5.85
N TYR A 651 0.56 -36.69 6.13
CA TYR A 651 1.01 -38.06 5.89
C TYR A 651 1.17 -38.33 4.39
N GLU A 652 0.19 -37.89 3.59
CA GLU A 652 0.28 -38.08 2.15
C GLU A 652 1.40 -37.25 1.55
N LEU A 653 1.61 -36.04 2.06
CA LEU A 653 2.67 -35.22 1.51
C LEU A 653 4.05 -35.74 1.89
N ILE A 654 4.20 -36.30 3.09
CA ILE A 654 5.49 -36.89 3.48
C ILE A 654 5.79 -38.15 2.66
N LEU A 655 4.78 -38.99 2.40
CA LEU A 655 5.05 -40.15 1.56
C LEU A 655 5.28 -39.79 0.10
N GLN A 656 4.67 -38.71 -0.38
CA GLN A 656 5.00 -38.28 -1.73
C GLN A 656 6.36 -37.59 -1.78
N SER A 657 6.82 -37.04 -0.66
CA SER A 657 8.08 -36.31 -0.63
C SER A 657 9.26 -37.24 -0.44
N THR A 658 9.03 -38.38 0.21
CA THR A 658 10.10 -39.35 0.40
C THR A 658 10.55 -39.98 -0.92
N ARG A 659 9.60 -40.27 -1.80
CA ARG A 659 9.97 -40.84 -3.09
C ARG A 659 10.24 -39.79 -4.17
N LEU A 660 9.94 -38.52 -3.92
CA LEU A 660 10.38 -37.42 -4.77
C LEU A 660 11.10 -36.41 -3.90
N PRO A 661 12.38 -36.66 -3.60
CA PRO A 661 13.08 -35.79 -2.64
C PRO A 661 13.42 -34.42 -3.17
N LEU A 662 13.94 -34.33 -4.39
CA LEU A 662 14.43 -33.06 -4.90
C LEU A 662 13.39 -32.39 -5.80
N ILE A 663 12.34 -31.91 -5.15
CA ILE A 663 11.12 -31.49 -5.82
C ILE A 663 10.89 -29.99 -5.71
N SER A 664 11.23 -29.38 -4.56
CA SER A 664 10.96 -28.00 -4.17
C SER A 664 9.48 -27.64 -4.19
N GLY A 665 8.59 -28.61 -4.11
CA GLY A 665 7.19 -28.30 -4.17
C GLY A 665 6.43 -28.96 -3.05
N PHE A 666 6.99 -30.02 -2.48
CA PHE A 666 6.33 -30.70 -1.39
C PHE A 666 6.70 -30.10 -0.05
N TYR A 667 7.86 -29.46 0.05
CA TYR A 667 8.21 -28.77 1.29
C TYR A 667 7.44 -27.48 1.45
N LYS A 668 7.05 -26.84 0.34
CA LYS A 668 6.18 -25.67 0.43
C LYS A 668 4.79 -26.04 0.93
N LEU A 669 4.24 -27.13 0.42
CA LEU A 669 2.94 -27.59 0.90
C LEU A 669 3.02 -28.11 2.33
N LEU A 670 4.15 -28.68 2.70
CA LEU A 670 4.32 -29.12 4.08
C LEU A 670 4.51 -27.95 5.03
N SER A 671 5.13 -26.88 4.56
CA SER A 671 5.24 -25.68 5.37
C SER A 671 3.88 -25.03 5.57
N ILE A 672 3.03 -25.07 4.53
CA ILE A 672 1.66 -24.59 4.66
C ILE A 672 0.89 -25.38 5.70
N THR A 673 0.95 -26.72 5.64
CA THR A 673 0.15 -27.48 6.58
C THR A 673 0.68 -27.38 8.01
N VAL A 674 1.98 -27.22 8.20
CA VAL A 674 2.44 -27.12 9.58
C VAL A 674 2.24 -25.71 10.13
N ARG A 675 2.20 -24.69 9.25
CA ARG A 675 1.83 -23.36 9.72
C ARG A 675 0.35 -23.29 10.08
N ASN A 676 -0.49 -23.96 9.30
CA ASN A 676 -1.91 -23.99 9.62
C ASN A 676 -2.18 -24.80 10.88
N ALA A 677 -1.36 -25.82 11.14
CA ALA A 677 -1.51 -26.57 12.38
C ALA A 677 -1.04 -25.75 13.58
N LYS A 678 0.01 -24.94 13.41
CA LYS A 678 0.44 -24.10 14.52
C LYS A 678 -0.51 -22.94 14.77
N LYS A 679 -1.24 -22.50 13.74
CA LYS A 679 -2.17 -21.39 13.95
C LYS A 679 -3.37 -21.77 14.78
N ILE A 680 -3.69 -23.05 14.89
CA ILE A 680 -4.88 -23.52 15.59
C ILE A 680 -4.51 -24.30 16.85
N LYS A 681 -3.23 -24.23 17.22
CA LYS A 681 -2.65 -24.85 18.42
C LYS A 681 -2.88 -26.35 18.41
N TYR A 682 -2.32 -27.01 17.40
CA TYR A 682 -2.55 -28.43 17.23
C TYR A 682 -1.68 -29.25 18.18
N PHE A 683 -0.44 -28.82 18.40
CA PHE A 683 0.50 -29.59 19.22
C PHE A 683 0.58 -28.95 20.60
N GLU A 684 -0.38 -29.27 21.46
CA GLU A 684 -0.41 -28.68 22.79
C GLU A 684 -0.27 -29.70 23.91
N GLY A 685 -0.94 -30.84 23.82
CA GLY A 685 -0.89 -31.82 24.88
C GLY A 685 0.32 -32.72 24.80
N VAL A 686 0.99 -32.70 23.64
CA VAL A 686 2.07 -33.61 23.31
C VAL A 686 3.29 -33.47 24.21
N ASP A 697 -6.59 -38.51 21.95
CA ASP A 697 -6.31 -38.14 20.57
C ASP A 697 -5.07 -38.85 20.06
N PRO A 698 -5.26 -40.04 19.48
CA PRO A 698 -4.12 -40.73 18.88
C PRO A 698 -3.70 -40.13 17.56
N GLU A 699 -4.52 -39.26 16.97
CA GLU A 699 -4.14 -38.67 15.70
C GLU A 699 -3.14 -37.54 15.90
N LYS A 700 -3.21 -36.85 17.04
CA LYS A 700 -2.29 -35.73 17.26
C LYS A 700 -0.89 -36.22 17.54
N TYR A 701 -0.74 -37.27 18.35
CA TYR A 701 0.59 -37.78 18.63
C TYR A 701 1.19 -38.49 17.43
N SER A 702 0.35 -39.09 16.59
CA SER A 702 0.85 -39.75 15.39
C SER A 702 1.39 -38.74 14.40
N CYS A 703 0.66 -37.64 14.20
CA CYS A 703 1.11 -36.56 13.32
C CYS A 703 2.34 -35.86 13.91
N PHE A 704 2.39 -35.77 15.24
CA PHE A 704 3.55 -35.22 15.94
C PHE A 704 4.80 -36.04 15.65
N ALA A 705 4.74 -37.35 15.92
CA ALA A 705 5.91 -38.21 15.74
C ALA A 705 6.28 -38.33 14.28
N LEU A 706 5.29 -38.24 13.40
CA LEU A 706 5.53 -38.19 11.97
C LEU A 706 6.37 -36.98 11.59
N PHE A 707 6.04 -35.82 12.15
CA PHE A 707 6.83 -34.63 11.84
C PHE A 707 8.18 -34.64 12.52
N VAL A 708 8.28 -35.26 13.69
CA VAL A 708 9.57 -35.42 14.38
C VAL A 708 10.54 -36.22 13.53
N LYS A 709 10.09 -37.33 12.93
CA LYS A 709 10.98 -38.11 12.09
C LYS A 709 11.25 -37.43 10.75
N PHE A 710 10.24 -36.79 10.17
CA PHE A 710 10.46 -36.20 8.86
C PHE A 710 11.33 -34.97 8.92
N GLY A 711 11.34 -34.25 10.04
CA GLY A 711 12.24 -33.12 10.18
C GLY A 711 13.70 -33.51 10.11
N LYS A 712 14.05 -34.61 10.76
CA LYS A 712 15.43 -35.09 10.71
C LYS A 712 15.77 -35.64 9.34
N GLU A 713 14.81 -36.28 8.67
CA GLU A 713 15.07 -36.78 7.32
C GLU A 713 15.30 -35.64 6.31
N VAL A 714 14.51 -34.56 6.42
CA VAL A 714 14.72 -33.47 5.47
C VAL A 714 15.98 -32.68 5.85
N ALA A 715 16.32 -32.65 7.15
CA ALA A 715 17.52 -31.98 7.58
C ALA A 715 18.77 -32.68 7.06
N VAL A 716 18.74 -34.01 6.98
CA VAL A 716 19.92 -34.67 6.43
C VAL A 716 19.94 -34.57 4.90
N LYS A 717 18.78 -34.67 4.25
CA LYS A 717 18.85 -34.67 2.79
C LYS A 717 19.01 -33.28 2.18
N MET A 718 18.86 -32.21 2.95
CA MET A 718 19.05 -30.88 2.38
C MET A 718 20.51 -30.46 2.24
N LYS A 719 21.44 -31.23 2.81
CA LYS A 719 22.86 -30.89 2.73
C LYS A 719 23.41 -31.06 1.32
N GLN A 720 22.73 -31.81 0.48
CA GLN A 720 23.09 -31.94 -0.92
C GLN A 720 22.45 -30.88 -1.79
N TYR A 721 21.49 -30.11 -1.26
CA TYR A 721 20.70 -29.22 -2.08
C TYR A 721 21.37 -27.85 -2.18
N LYS A 722 21.02 -27.10 -3.22
CA LYS A 722 21.76 -25.88 -3.51
C LYS A 722 20.93 -24.62 -3.34
N ASP A 723 19.90 -24.38 -4.15
CA ASP A 723 19.29 -23.04 -4.12
C ASP A 723 17.84 -23.03 -3.67
N GLU A 724 16.88 -23.48 -4.47
CA GLU A 724 15.51 -23.33 -4.00
C GLU A 724 15.01 -24.60 -3.34
N LEU A 725 15.60 -25.73 -3.66
CA LEU A 725 15.49 -26.89 -2.76
C LEU A 725 15.98 -26.55 -1.37
N LEU A 726 17.09 -25.82 -1.28
CA LEU A 726 17.62 -25.48 0.02
C LEU A 726 16.73 -24.48 0.73
N ALA A 727 16.22 -23.47 0.02
CA ALA A 727 15.31 -22.52 0.65
C ALA A 727 13.99 -23.15 1.03
N SER A 728 13.53 -24.15 0.28
CA SER A 728 12.27 -24.81 0.60
C SER A 728 12.41 -25.68 1.83
N CYS A 729 13.52 -26.39 1.95
CA CYS A 729 13.72 -27.23 3.12
C CYS A 729 13.99 -26.37 4.36
N LEU A 730 14.66 -25.24 4.18
CA LEU A 730 14.87 -24.30 5.28
C LEU A 730 13.57 -23.71 5.76
N THR A 731 12.68 -23.34 4.83
CA THR A 731 11.39 -22.78 5.19
C THR A 731 10.53 -23.82 5.90
N PHE A 732 10.60 -25.07 5.46
CA PHE A 732 9.83 -26.13 6.11
C PHE A 732 10.35 -26.38 7.51
N LEU A 733 11.68 -26.40 7.69
CA LEU A 733 12.25 -26.70 9.00
C LEU A 733 12.02 -25.58 9.98
N LEU A 734 12.03 -24.34 9.51
CA LEU A 734 11.76 -23.24 10.43
C LEU A 734 10.30 -22.94 10.56
N SER A 735 9.44 -23.65 9.84
CA SER A 735 8.02 -23.60 10.14
C SER A 735 7.62 -24.59 11.22
N LEU A 736 8.52 -25.48 11.63
CA LEU A 736 8.19 -26.52 12.59
C LEU A 736 7.89 -25.91 13.96
N PRO A 737 7.07 -26.56 14.78
CA PRO A 737 6.72 -25.98 16.08
C PRO A 737 7.89 -26.00 17.03
N HIS A 738 7.72 -25.34 18.18
CA HIS A 738 8.84 -25.24 19.10
C HIS A 738 9.08 -26.57 19.81
N ASN A 739 8.03 -27.28 20.19
CA ASN A 739 8.19 -28.50 20.95
C ASN A 739 8.65 -29.68 20.12
N ILE A 740 8.69 -29.53 18.80
CA ILE A 740 9.39 -30.49 17.96
C ILE A 740 10.87 -30.10 17.84
N ILE A 741 11.16 -28.81 17.81
CA ILE A 741 12.53 -28.31 17.83
C ILE A 741 13.16 -28.36 19.22
N GLU A 742 12.37 -28.22 20.28
CA GLU A 742 12.86 -28.14 21.66
C GLU A 742 13.61 -29.37 22.12
N LEU A 743 13.40 -30.50 21.46
CA LEU A 743 14.12 -31.71 21.79
C LEU A 743 15.39 -31.93 20.96
N ASP A 744 15.60 -31.19 19.87
CA ASP A 744 16.79 -31.37 19.06
C ASP A 744 17.34 -30.04 18.54
N VAL A 745 17.57 -29.08 19.46
CA VAL A 745 17.82 -27.68 19.07
C VAL A 745 19.13 -27.54 18.29
N ARG A 746 20.13 -28.32 18.64
CA ARG A 746 21.42 -28.23 17.96
C ARG A 746 21.37 -28.70 16.52
N ALA A 747 20.36 -29.47 16.14
CA ALA A 747 20.25 -29.88 14.76
C ALA A 747 19.59 -28.82 13.90
N TYR A 748 18.73 -28.01 14.50
CA TYR A 748 17.97 -27.02 13.75
C TYR A 748 18.61 -25.64 13.75
N VAL A 749 19.45 -25.34 14.73
CA VAL A 749 20.25 -24.10 14.77
C VAL A 749 21.09 -23.85 13.52
N PRO A 750 21.76 -24.82 12.87
CA PRO A 750 22.46 -24.47 11.62
C PRO A 750 21.52 -24.14 10.47
N ALA A 751 20.29 -24.64 10.50
CA ALA A 751 19.30 -24.20 9.52
C ALA A 751 18.91 -22.75 9.75
N LEU A 752 18.89 -22.32 11.01
CA LEU A 752 18.62 -20.92 11.30
C LEU A 752 19.78 -20.03 10.86
N GLN A 753 21.01 -20.47 11.06
CA GLN A 753 22.14 -19.71 10.57
C GLN A 753 22.16 -19.62 9.06
N MET A 754 21.78 -20.71 8.39
CA MET A 754 21.75 -20.69 6.93
C MET A 754 20.60 -19.85 6.41
N ALA A 755 19.48 -19.77 7.15
CA ALA A 755 18.41 -18.89 6.70
C ALA A 755 18.74 -17.44 6.93
N PHE A 756 19.45 -17.13 8.00
CA PHE A 756 19.88 -15.74 8.22
C PHE A 756 20.98 -15.33 7.28
N LYS A 757 21.73 -16.30 6.74
CA LYS A 757 22.74 -15.99 5.73
C LYS A 757 22.15 -15.90 4.33
N LEU A 758 21.21 -16.78 3.99
CA LEU A 758 20.57 -16.69 2.68
C LEU A 758 19.56 -15.57 2.62
N GLY A 759 19.15 -15.04 3.77
CA GLY A 759 18.20 -13.96 3.82
C GLY A 759 18.73 -12.62 3.38
N LEU A 760 20.04 -12.50 3.19
CA LEU A 760 20.60 -11.24 2.73
C LEU A 760 20.25 -10.96 1.28
N SER A 761 19.98 -12.01 0.51
CA SER A 761 19.57 -11.90 -0.87
C SER A 761 18.14 -12.36 -1.11
N TYR A 762 17.61 -13.21 -0.26
CA TYR A 762 16.23 -13.69 -0.35
C TYR A 762 15.48 -13.22 0.88
N THR A 763 14.70 -12.15 0.74
CA THR A 763 14.02 -11.58 1.90
C THR A 763 12.94 -12.45 2.54
N PRO A 764 12.15 -13.28 1.82
CA PRO A 764 11.25 -14.21 2.54
C PRO A 764 11.94 -15.16 3.49
N LEU A 765 13.19 -15.51 3.20
CA LEU A 765 13.90 -16.43 4.06
C LEU A 765 14.39 -15.73 5.32
N ALA A 766 14.71 -14.44 5.22
CA ALA A 766 14.98 -13.65 6.41
C ALA A 766 13.72 -13.47 7.25
N GLU A 767 12.57 -13.39 6.58
CA GLU A 767 11.31 -13.29 7.31
C GLU A 767 11.02 -14.57 8.10
N VAL A 768 11.23 -15.73 7.47
CA VAL A 768 10.94 -16.97 8.21
C VAL A 768 12.01 -17.22 9.26
N GLY A 769 13.22 -16.69 9.08
CA GLY A 769 14.23 -16.82 10.12
C GLY A 769 13.92 -15.96 11.34
N LEU A 770 13.43 -14.74 11.11
CA LEU A 770 13.08 -13.89 12.24
C LEU A 770 11.85 -14.42 12.97
N ASN A 771 10.91 -15.01 12.24
CA ASN A 771 9.75 -15.59 12.89
C ASN A 771 10.11 -16.84 13.68
N ALA A 772 11.02 -17.66 13.14
CA ALA A 772 11.53 -18.80 13.88
C ALA A 772 12.23 -18.37 15.15
N LEU A 773 13.08 -17.35 15.09
CA LEU A 773 13.83 -16.94 16.27
C LEU A 773 12.93 -16.29 17.31
N GLU A 774 11.91 -15.54 16.90
CA GLU A 774 11.02 -14.97 17.90
C GLU A 774 10.12 -16.03 18.51
N GLU A 775 9.87 -17.13 17.81
CA GLU A 775 9.08 -18.19 18.44
C GLU A 775 9.94 -19.01 19.38
N TRP A 776 11.20 -19.26 19.00
CA TRP A 776 12.09 -20.08 19.82
C TRP A 776 12.44 -19.36 21.11
N SER A 777 12.73 -18.06 21.03
CA SER A 777 13.14 -17.32 22.21
C SER A 777 12.00 -17.08 23.19
N ILE A 778 10.74 -17.23 22.77
CA ILE A 778 9.61 -17.13 23.67
C ILE A 778 9.23 -18.48 24.25
N TYR A 779 9.18 -19.53 23.43
CA TYR A 779 8.60 -20.77 23.91
C TYR A 779 9.62 -21.83 24.30
N ILE A 780 10.76 -21.91 23.63
CA ILE A 780 11.79 -22.87 24.02
C ILE A 780 12.47 -22.34 25.28
N ASP A 781 12.94 -23.26 26.13
CA ASP A 781 13.45 -22.91 27.45
C ASP A 781 14.72 -22.07 27.38
N ARG A 782 14.95 -21.31 28.44
CA ARG A 782 15.95 -20.26 28.40
C ARG A 782 17.36 -20.79 28.52
N HIS A 783 17.52 -22.02 29.00
CA HIS A 783 18.85 -22.58 29.20
C HIS A 783 19.25 -23.53 28.10
N VAL A 784 18.28 -24.11 27.40
CA VAL A 784 18.65 -24.82 26.19
C VAL A 784 18.90 -23.83 25.07
N MET A 785 18.23 -22.68 25.07
CA MET A 785 18.51 -21.65 24.08
C MET A 785 19.77 -20.86 24.34
N GLN A 786 20.28 -20.85 25.56
CA GLN A 786 21.37 -19.94 25.93
C GLN A 786 22.68 -20.18 25.20
N PRO A 787 23.25 -21.38 25.07
CA PRO A 787 24.55 -21.49 24.40
C PRO A 787 24.49 -21.39 22.87
N TYR A 788 23.36 -21.01 22.28
CA TYR A 788 23.24 -20.93 20.84
C TYR A 788 23.08 -19.52 20.33
N TYR A 789 23.05 -18.52 21.19
CA TYR A 789 22.99 -17.16 20.69
C TYR A 789 24.34 -16.68 20.18
N LYS A 790 25.42 -17.36 20.52
CA LYS A 790 26.75 -16.94 20.12
C LYS A 790 26.99 -17.11 18.63
N ASP A 791 26.16 -17.89 17.95
CA ASP A 791 26.23 -18.00 16.50
C ASP A 791 24.93 -17.71 15.79
N ILE A 792 23.81 -17.63 16.50
CA ILE A 792 22.57 -17.17 15.87
C ILE A 792 22.64 -15.67 15.62
N LEU A 793 22.99 -14.91 16.64
CA LEU A 793 22.98 -13.45 16.57
C LEU A 793 24.08 -12.76 15.77
N PRO A 794 25.31 -13.26 15.63
CA PRO A 794 26.28 -12.54 14.80
C PRO A 794 25.95 -12.48 13.32
N CYS A 795 25.10 -13.35 12.78
CA CYS A 795 24.76 -13.22 11.38
C CYS A 795 23.57 -12.31 11.14
N LEU A 796 23.05 -11.66 12.19
CA LEU A 796 22.11 -10.56 12.03
C LEU A 796 22.79 -9.25 11.69
N ASP A 797 24.12 -9.21 11.72
CA ASP A 797 24.84 -7.96 11.51
C ASP A 797 24.84 -7.51 10.05
N GLY A 798 24.51 -8.41 9.13
CA GLY A 798 24.43 -8.01 7.73
C GLY A 798 23.23 -7.16 7.43
N TYR A 799 22.17 -7.29 8.22
CA TYR A 799 20.96 -6.49 7.99
C TYR A 799 21.12 -5.08 8.53
N LEU A 800 21.99 -4.91 9.52
CA LEU A 800 22.27 -3.60 10.09
C LEU A 800 23.50 -3.01 9.40
N LYS A 801 23.35 -2.80 8.10
CA LYS A 801 24.37 -2.14 7.29
C LYS A 801 23.75 -1.04 6.47
N THR A 802 22.75 -0.35 7.03
CA THR A 802 22.11 0.76 6.37
C THR A 802 22.68 2.06 6.89
N SER A 803 22.93 3.00 5.99
CA SER A 803 23.39 4.33 6.38
C SER A 803 22.71 5.45 5.60
N ALA A 804 21.81 5.12 4.66
CA ALA A 804 20.96 6.07 3.93
C ALA A 804 21.77 7.11 3.17
N LEU A 805 22.81 6.66 2.47
CA LEU A 805 23.69 7.56 1.76
C LEU A 805 23.32 7.62 0.28
N SER A 806 23.57 6.53 -0.45
CA SER A 806 22.98 6.36 -1.76
C SER A 806 21.94 5.25 -1.75
N ASP A 807 21.91 4.47 -0.69
CA ASP A 807 20.79 3.60 -0.32
C ASP A 807 19.72 4.40 0.42
N GLU A 808 19.20 5.44 -0.24
CA GLU A 808 18.19 6.28 0.39
C GLU A 808 16.81 5.65 0.30
N THR A 809 16.46 5.08 -0.86
CA THR A 809 15.13 4.53 -1.20
C THR A 809 14.00 5.51 -0.89
N LYS A 810 14.25 6.80 -1.14
CA LYS A 810 13.25 7.84 -0.92
C LYS A 810 12.29 7.84 -2.10
N ASN A 811 11.10 7.29 -1.89
CA ASN A 811 10.05 7.24 -2.90
C ASN A 811 8.91 8.13 -2.43
N ASN A 812 8.96 9.40 -2.80
CA ASN A 812 7.92 10.35 -2.44
C ASN A 812 6.73 10.22 -3.38
N TRP A 813 5.83 11.19 -3.37
CA TRP A 813 4.75 11.20 -4.34
C TRP A 813 5.28 11.77 -5.66
N GLU A 814 5.19 10.97 -6.72
CA GLU A 814 5.58 11.41 -8.05
C GLU A 814 4.36 12.04 -8.72
N VAL A 815 4.43 12.23 -10.03
CA VAL A 815 3.29 12.77 -10.76
C VAL A 815 2.29 11.65 -11.02
N SER A 816 1.36 11.48 -10.09
CA SER A 816 0.30 10.51 -10.21
C SER A 816 -0.99 11.23 -10.60
N ALA A 817 -2.05 10.44 -10.81
CA ALA A 817 -3.36 11.03 -11.03
C ALA A 817 -4.01 11.48 -9.73
N LEU A 818 -3.36 11.27 -8.58
CA LEU A 818 -3.85 11.82 -7.33
C LEU A 818 -3.41 13.26 -7.16
N SER A 819 -2.15 13.56 -7.50
CA SER A 819 -1.59 14.88 -7.23
C SER A 819 -2.14 15.93 -8.20
N ARG A 820 -2.22 15.58 -9.48
CA ARG A 820 -2.71 16.53 -10.46
C ARG A 820 -4.21 16.75 -10.29
N ALA A 821 -4.93 15.76 -9.75
CA ALA A 821 -6.34 15.94 -9.46
C ALA A 821 -6.52 16.80 -8.22
N ALA A 822 -5.74 16.51 -7.17
CA ALA A 822 -5.82 17.24 -5.90
C ALA A 822 -5.22 18.64 -5.98
N GLN A 823 -4.57 18.98 -7.10
CA GLN A 823 -4.00 20.31 -7.23
C GLN A 823 -5.04 21.36 -7.55
N LYS A 824 -6.21 20.97 -8.04
CA LYS A 824 -7.26 21.95 -8.34
C LYS A 824 -8.30 22.11 -7.25
N GLY A 825 -8.24 21.29 -6.21
CA GLY A 825 -9.15 21.45 -5.09
C GLY A 825 -9.39 20.12 -4.39
N PHE A 826 -10.21 20.19 -3.36
CA PHE A 826 -10.59 19.02 -2.58
C PHE A 826 -12.04 18.67 -2.89
N ASN A 827 -12.23 17.80 -3.89
CA ASN A 827 -13.57 17.50 -4.39
C ASN A 827 -13.67 16.01 -4.67
N LYS A 828 -14.73 15.61 -5.37
CA LYS A 828 -15.12 14.19 -5.44
C LYS A 828 -14.18 13.35 -6.28
N VAL A 829 -13.42 13.97 -7.19
CA VAL A 829 -12.50 13.20 -8.00
C VAL A 829 -11.33 12.71 -7.15
N VAL A 830 -10.96 13.47 -6.12
CA VAL A 830 -9.90 13.03 -5.23
C VAL A 830 -10.40 11.89 -4.36
N LEU A 831 -11.68 11.93 -3.99
CA LEU A 831 -12.28 10.83 -3.25
C LEU A 831 -12.32 9.56 -4.08
N LYS A 832 -12.58 9.68 -5.38
CA LYS A 832 -12.56 8.53 -6.28
C LYS A 832 -11.15 7.97 -6.41
N HIS A 833 -10.15 8.85 -6.51
CA HIS A 833 -8.77 8.38 -6.61
C HIS A 833 -8.30 7.72 -5.32
N LEU A 834 -8.78 8.19 -4.16
CA LEU A 834 -8.38 7.57 -2.90
C LEU A 834 -9.06 6.22 -2.72
N LYS A 835 -10.35 6.12 -3.07
CA LYS A 835 -11.02 4.83 -3.03
C LYS A 835 -10.50 3.86 -4.10
N LYS A 836 -9.78 4.35 -5.11
CA LYS A 836 -9.05 3.44 -6.00
C LYS A 836 -7.70 3.03 -5.40
N THR A 837 -6.77 3.99 -5.26
CA THR A 837 -5.38 3.64 -4.96
C THR A 837 -5.20 3.25 -3.50
N LYS A 838 -5.84 3.97 -2.59
CA LYS A 838 -5.69 3.67 -1.17
C LYS A 838 -6.38 2.36 -0.81
N ASN A 839 -7.46 2.04 -1.49
CA ASN A 839 -8.22 0.82 -1.23
C ASN A 839 -8.03 -0.23 -2.32
N LEU A 840 -6.80 -0.35 -2.85
CA LEU A 840 -6.43 -1.56 -3.58
C LEU A 840 -6.44 -2.76 -2.66
N SER A 841 -5.54 -2.75 -1.65
CA SER A 841 -5.52 -3.65 -0.48
C SER A 841 -5.47 -5.13 -0.85
N SER A 842 -4.79 -5.48 -1.94
CA SER A 842 -4.70 -6.88 -2.33
C SER A 842 -3.71 -7.64 -1.45
N ASN A 843 -2.43 -7.26 -1.53
CA ASN A 843 -1.31 -7.80 -0.75
C ASN A 843 -0.05 -7.03 -1.17
N GLU A 844 1.01 -7.22 -0.40
CA GLU A 844 2.35 -6.74 -0.71
C GLU A 844 3.35 -7.51 0.15
N ALA A 845 4.45 -7.93 -0.45
CA ALA A 845 5.47 -8.70 0.25
C ALA A 845 6.24 -7.82 1.24
N ILE A 846 7.02 -8.47 2.09
CA ILE A 846 7.82 -7.75 3.08
C ILE A 846 9.13 -7.32 2.43
N SER A 847 9.55 -6.10 2.73
CA SER A 847 10.71 -5.49 2.10
C SER A 847 11.91 -5.58 3.02
N LEU A 848 13.04 -5.06 2.56
CA LEU A 848 14.24 -5.08 3.37
C LEU A 848 14.15 -4.09 4.52
N GLU A 849 13.46 -2.97 4.33
CA GLU A 849 13.37 -1.95 5.37
C GLU A 849 12.53 -2.41 6.54
N GLU A 850 11.46 -3.15 6.26
CA GLU A 850 10.65 -3.73 7.32
C GLU A 850 11.42 -4.83 8.04
N ILE A 851 12.30 -5.52 7.31
CA ILE A 851 13.14 -6.54 7.94
C ILE A 851 14.14 -5.92 8.88
N ARG A 852 14.74 -4.79 8.49
CA ARG A 852 15.69 -4.11 9.35
C ARG A 852 15.03 -3.57 10.61
N ILE A 853 13.81 -3.07 10.48
CA ILE A 853 13.05 -2.66 11.66
C ILE A 853 12.73 -3.85 12.55
N ARG A 854 12.40 -4.99 11.95
CA ARG A 854 12.11 -6.19 12.72
C ARG A 854 13.35 -6.77 13.36
N VAL A 855 14.52 -6.55 12.78
CA VAL A 855 15.77 -7.04 13.36
C VAL A 855 16.11 -6.21 14.58
N VAL A 856 15.92 -4.89 14.50
CA VAL A 856 16.12 -4.04 15.67
C VAL A 856 15.11 -4.38 16.76
N GLN A 857 13.86 -4.67 16.38
CA GLN A 857 12.86 -5.06 17.38
C GLN A 857 13.15 -6.43 17.98
N MET A 858 13.73 -7.33 17.19
CA MET A 858 14.17 -8.62 17.70
C MET A 858 15.30 -8.45 18.71
N LEU A 859 16.32 -7.67 18.36
CA LEU A 859 17.43 -7.44 19.28
C LEU A 859 17.00 -6.72 20.53
N GLY A 860 15.98 -5.87 20.43
CA GLY A 860 15.46 -5.24 21.62
C GLY A 860 14.64 -6.20 22.47
N SER A 861 13.96 -7.13 21.83
CA SER A 861 13.08 -8.04 22.55
C SER A 861 13.78 -9.29 23.08
N LEU A 862 15.02 -9.56 22.66
CA LEU A 862 15.76 -10.61 23.35
C LEU A 862 16.12 -10.18 24.77
N GLY A 863 16.42 -8.92 24.96
CA GLY A 863 16.77 -8.45 26.27
C GLY A 863 17.99 -7.59 26.19
N GLY A 864 18.81 -7.64 27.23
CA GLY A 864 20.05 -6.92 27.28
C GLY A 864 21.20 -7.88 27.50
N GLN A 865 20.90 -9.02 28.10
CA GLN A 865 21.91 -10.04 28.37
C GLN A 865 22.09 -10.99 27.19
N ILE A 866 21.00 -11.36 26.53
CA ILE A 866 21.10 -12.09 25.29
C ILE A 866 21.59 -11.18 24.18
N ASN A 867 21.35 -9.88 24.33
CA ASN A 867 21.45 -8.90 23.26
C ASN A 867 22.87 -8.75 22.74
N LYS A 868 23.84 -8.64 23.64
CA LYS A 868 25.20 -8.37 23.23
C LYS A 868 25.95 -9.63 22.85
N ASN A 869 25.30 -10.49 22.09
CA ASN A 869 25.94 -11.59 21.43
C ASN A 869 26.02 -11.36 19.94
N LEU A 870 25.44 -10.26 19.47
CA LEU A 870 25.71 -9.79 18.12
C LEU A 870 27.15 -9.34 18.01
N LEU A 871 27.67 -8.78 19.09
CA LEU A 871 29.06 -8.38 19.18
C LEU A 871 29.83 -9.52 19.82
N THR A 872 29.99 -10.59 19.06
CA THR A 872 30.66 -11.79 19.58
C THR A 872 32.16 -11.64 19.36
N VAL A 873 32.75 -10.85 20.25
CA VAL A 873 34.18 -10.80 20.46
C VAL A 873 34.47 -10.93 21.95
N THR A 874 33.61 -11.64 22.69
CA THR A 874 33.67 -11.57 24.15
C THR A 874 34.87 -12.31 24.73
N SER A 875 35.54 -13.15 23.96
CA SER A 875 36.82 -13.70 24.41
C SER A 875 37.93 -12.66 24.18
N SER A 876 38.92 -12.67 25.07
CA SER A 876 39.93 -11.62 25.02
C SER A 876 40.94 -11.88 23.91
N ASP A 877 41.17 -13.15 23.58
CA ASP A 877 42.08 -13.45 22.48
C ASP A 877 41.45 -13.08 21.14
N GLU A 878 40.15 -13.29 20.99
CA GLU A 878 39.50 -12.84 19.77
C GLU A 878 39.22 -11.34 19.80
N MET A 879 39.37 -10.70 20.96
CA MET A 879 39.45 -9.24 21.00
C MET A 879 40.75 -8.76 20.38
N MET A 880 41.88 -9.23 20.92
CA MET A 880 43.17 -8.68 20.54
C MET A 880 43.66 -9.22 19.21
N LYS A 881 43.07 -10.29 18.69
CA LYS A 881 43.43 -10.79 17.38
C LYS A 881 42.71 -10.07 16.25
N SER A 882 42.04 -8.97 16.55
CA SER A 882 41.36 -8.18 15.53
C SER A 882 41.88 -6.77 15.45
N TYR A 883 42.93 -6.44 16.21
CA TYR A 883 43.53 -5.12 16.20
C TYR A 883 44.83 -5.06 15.43
N VAL A 884 45.35 -6.17 14.99
CA VAL A 884 46.61 -6.16 14.26
C VAL A 884 46.30 -6.05 12.78
N ALA A 885 47.24 -5.47 12.04
CA ALA A 885 47.10 -5.42 10.60
C ALA A 885 47.25 -6.81 10.02
N TRP A 886 46.73 -6.98 8.80
CA TRP A 886 46.83 -8.27 8.14
C TRP A 886 48.27 -8.61 7.81
N ASP A 887 49.07 -7.59 7.53
CA ASP A 887 50.50 -7.73 7.39
C ASP A 887 51.15 -6.49 7.99
N ARG A 888 52.35 -6.66 8.56
CA ARG A 888 53.01 -5.54 9.25
C ARG A 888 53.41 -4.46 8.27
N GLU A 889 54.03 -4.84 7.16
CA GLU A 889 54.37 -3.86 6.15
C GLU A 889 53.19 -3.66 5.22
N LYS A 890 53.13 -2.49 4.61
CA LYS A 890 52.06 -2.13 3.69
C LYS A 890 52.44 -2.59 2.30
N ARG A 891 51.69 -3.54 1.78
CA ARG A 891 51.80 -3.98 0.40
C ARG A 891 50.73 -3.26 -0.39
N LEU A 892 50.69 -3.51 -1.70
CA LEU A 892 49.69 -2.95 -2.61
C LEU A 892 49.68 -1.43 -2.60
N SER A 893 50.83 -0.81 -2.82
CA SER A 893 50.85 0.64 -2.95
C SER A 893 50.28 1.02 -4.30
N PHE A 894 49.56 2.12 -4.36
CA PHE A 894 48.91 2.52 -5.60
C PHE A 894 49.12 4.01 -5.81
N ALA A 895 49.74 4.38 -6.91
CA ALA A 895 50.04 5.77 -7.23
C ALA A 895 48.90 6.32 -8.07
N VAL A 896 48.09 7.18 -7.47
CA VAL A 896 46.83 7.64 -8.06
C VAL A 896 47.12 8.70 -9.11
N PRO A 897 46.80 8.46 -10.38
CA PRO A 897 47.26 9.36 -11.45
C PRO A 897 46.49 10.66 -11.60
N PHE A 898 47.00 11.81 -11.15
CA PHE A 898 46.10 12.95 -11.25
C PHE A 898 46.30 13.81 -12.49
N ARG A 899 47.35 14.63 -12.56
CA ARG A 899 48.02 15.01 -13.81
C ARG A 899 49.48 15.20 -13.53
N GLU A 900 49.78 15.60 -12.29
CA GLU A 900 51.07 16.15 -11.97
C GLU A 900 51.65 15.63 -10.66
N MET A 901 50.92 14.80 -9.94
CA MET A 901 51.22 14.53 -8.54
C MET A 901 51.53 13.06 -8.28
N LYS A 902 50.63 12.15 -8.67
CA LYS A 902 50.66 10.75 -8.30
C LYS A 902 50.97 10.45 -6.82
N PRO A 903 50.06 10.76 -5.90
CA PRO A 903 50.26 10.35 -4.52
C PRO A 903 49.93 8.88 -4.35
N VAL A 904 50.41 8.31 -3.25
CA VAL A 904 50.36 6.88 -3.03
C VAL A 904 49.37 6.57 -1.91
N ILE A 905 48.34 5.79 -2.24
CA ILE A 905 47.43 5.23 -1.24
C ILE A 905 47.68 3.74 -1.19
N PHE A 906 47.57 3.16 -0.02
CA PHE A 906 47.81 1.73 0.16
C PHE A 906 46.46 1.02 0.25
N LEU A 907 46.25 0.04 -0.61
CA LEU A 907 44.96 -0.63 -0.63
C LEU A 907 44.82 -1.72 0.42
N ASP A 908 45.81 -1.89 1.29
CA ASP A 908 45.68 -2.84 2.38
C ASP A 908 44.63 -2.40 3.38
N VAL A 909 44.44 -1.09 3.54
CA VAL A 909 43.51 -0.59 4.54
C VAL A 909 42.06 -0.70 4.11
N PHE A 910 41.79 -0.97 2.84
CA PHE A 910 40.43 -1.16 2.37
C PHE A 910 40.00 -2.61 2.38
N LEU A 911 40.95 -3.54 2.41
CA LEU A 911 40.63 -4.97 2.31
C LEU A 911 39.74 -5.52 3.41
N PRO A 912 39.92 -5.23 4.71
CA PRO A 912 39.00 -5.82 5.70
C PRO A 912 37.59 -5.27 5.64
N ARG A 913 37.40 -4.05 5.18
CA ARG A 913 36.04 -3.53 5.09
C ARG A 913 35.36 -4.02 3.82
N VAL A 914 36.12 -4.09 2.73
CA VAL A 914 35.55 -4.49 1.46
C VAL A 914 35.19 -5.98 1.46
N THR A 915 35.97 -6.78 2.19
CA THR A 915 35.65 -8.21 2.23
C THR A 915 34.37 -8.49 2.99
N GLU A 916 34.17 -7.83 4.13
CA GLU A 916 32.94 -8.04 4.87
C GLU A 916 31.75 -7.34 4.23
N LEU A 917 32.02 -6.32 3.42
CA LEU A 917 30.94 -5.64 2.73
C LEU A 917 30.50 -6.42 1.50
N ALA A 918 31.41 -7.18 0.91
CA ALA A 918 31.08 -8.07 -0.20
C ALA A 918 30.44 -9.35 0.28
N LEU A 919 30.78 -9.80 1.49
CA LEU A 919 30.14 -11.00 2.02
C LEU A 919 28.75 -10.71 2.56
N THR A 920 28.62 -9.74 3.48
CA THR A 920 27.37 -9.52 4.20
C THR A 920 26.87 -8.11 3.96
N ALA A 921 25.95 -7.91 3.06
CA ALA A 921 25.62 -6.51 2.83
C ALA A 921 24.15 -6.17 2.95
N SER A 922 23.26 -7.02 2.41
CA SER A 922 21.81 -6.87 2.28
C SER A 922 21.37 -5.78 1.32
N ASP A 923 22.29 -4.94 0.87
CA ASP A 923 22.00 -3.90 -0.12
C ASP A 923 22.71 -4.32 -1.39
N ARG A 924 21.96 -4.53 -2.47
CA ARG A 924 22.55 -5.18 -3.63
C ARG A 924 23.51 -4.26 -4.36
N GLN A 925 23.30 -2.96 -4.30
CA GLN A 925 24.22 -2.06 -4.97
C GLN A 925 25.54 -1.96 -4.21
N THR A 926 25.48 -1.90 -2.88
CA THR A 926 26.69 -1.93 -2.06
C THR A 926 27.43 -3.25 -2.21
N LYS A 927 26.69 -4.36 -2.28
CA LYS A 927 27.31 -5.67 -2.42
C LYS A 927 27.98 -5.84 -3.77
N VAL A 928 27.33 -5.41 -4.86
CA VAL A 928 27.93 -5.55 -6.17
C VAL A 928 29.14 -4.65 -6.31
N ALA A 929 29.07 -3.42 -5.77
CA ALA A 929 30.21 -2.53 -5.82
C ALA A 929 31.39 -3.07 -5.02
N ALA A 930 31.12 -3.68 -3.87
CA ALA A 930 32.18 -4.25 -3.06
C ALA A 930 32.79 -5.47 -3.72
N CYS A 931 31.98 -6.26 -4.44
CA CYS A 931 32.51 -7.43 -5.13
C CYS A 931 33.38 -7.04 -6.31
N GLU A 932 32.99 -6.00 -7.05
CA GLU A 932 33.81 -5.50 -8.15
C GLU A 932 35.14 -4.93 -7.65
N LEU A 933 35.09 -4.15 -6.56
CA LEU A 933 36.31 -3.58 -6.03
C LEU A 933 37.24 -4.66 -5.49
N LEU A 934 36.69 -5.69 -4.85
CA LEU A 934 37.51 -6.77 -4.34
C LEU A 934 38.13 -7.57 -5.47
N HIS A 935 37.39 -7.75 -6.57
CA HIS A 935 37.93 -8.46 -7.74
C HIS A 935 39.11 -7.73 -8.33
N SER A 936 38.97 -6.41 -8.54
CA SER A 936 40.06 -5.65 -9.12
C SER A 936 41.22 -5.51 -8.14
N MET A 937 40.96 -5.57 -6.83
CA MET A 937 42.05 -5.52 -5.86
C MET A 937 42.80 -6.85 -5.77
N VAL A 938 42.11 -7.97 -6.00
CA VAL A 938 42.81 -9.24 -6.06
C VAL A 938 43.67 -9.31 -7.32
N MET A 939 43.17 -8.75 -8.43
CA MET A 939 43.99 -8.65 -9.64
C MET A 939 45.21 -7.76 -9.43
N PHE A 940 45.03 -6.66 -8.71
CA PHE A 940 46.16 -5.81 -8.33
C PHE A 940 47.13 -6.55 -7.42
N MET A 941 46.63 -7.42 -6.55
CA MET A 941 47.49 -8.22 -5.67
C MET A 941 48.29 -9.23 -6.45
N LEU A 942 47.70 -9.82 -7.49
CA LEU A 942 48.45 -10.78 -8.31
C LEU A 942 49.44 -10.08 -9.21
N GLY A 943 49.12 -8.86 -9.66
CA GLY A 943 50.07 -8.12 -10.47
C GLY A 943 51.25 -7.62 -9.67
N LYS A 944 50.98 -7.01 -8.52
CA LYS A 944 52.02 -6.46 -7.67
C LYS A 944 52.93 -7.54 -7.09
N ALA A 945 52.45 -8.79 -7.04
CA ALA A 945 53.28 -9.89 -6.56
C ALA A 945 54.38 -10.24 -7.55
N THR A 946 54.06 -10.26 -8.84
CA THR A 946 55.03 -10.61 -9.87
C THR A 946 55.62 -9.35 -10.50
N GLN A 947 56.30 -8.57 -9.67
CA GLN A 947 56.91 -7.35 -10.14
C GLN A 947 58.34 -7.62 -10.59
N MET A 948 58.94 -6.64 -11.25
CA MET A 948 60.13 -6.86 -12.08
C MET A 948 61.50 -7.06 -11.44
N PRO A 949 61.89 -6.49 -10.23
CA PRO A 949 63.31 -6.60 -9.84
C PRO A 949 63.81 -7.99 -9.47
N GLU A 950 63.27 -8.56 -8.39
CA GLU A 950 63.74 -9.81 -7.80
C GLU A 950 62.59 -10.39 -6.99
N GLY A 951 62.65 -11.69 -6.74
CA GLY A 951 61.61 -12.37 -5.99
C GLY A 951 61.62 -12.08 -4.50
N GLY A 952 62.76 -11.64 -3.96
CA GLY A 952 62.85 -11.39 -2.53
C GLY A 952 62.21 -10.09 -2.09
N GLN A 953 62.77 -8.96 -2.53
CA GLN A 953 62.30 -7.65 -2.10
C GLN A 953 61.69 -6.84 -3.22
N GLY A 954 62.14 -7.04 -4.47
CA GLY A 954 61.48 -6.45 -5.61
C GLY A 954 60.12 -7.06 -5.91
N ALA A 955 59.91 -8.30 -5.47
CA ALA A 955 58.58 -8.88 -5.36
C ALA A 955 58.19 -8.91 -3.89
N PRO A 956 57.12 -8.26 -3.47
CA PRO A 956 56.72 -8.34 -2.06
C PRO A 956 56.08 -9.68 -1.76
N PRO A 957 56.52 -10.36 -0.71
CA PRO A 957 55.87 -11.63 -0.33
C PRO A 957 54.56 -11.35 0.39
N MET A 958 53.46 -11.53 -0.32
CA MET A 958 52.12 -11.22 0.19
C MET A 958 51.38 -12.48 0.61
N TYR A 959 52.12 -13.39 1.24
CA TYR A 959 51.54 -14.57 1.84
C TYR A 959 50.56 -14.21 2.95
N GLN A 960 50.83 -13.14 3.70
CA GLN A 960 49.94 -12.75 4.79
C GLN A 960 48.64 -12.16 4.27
N LEU A 961 48.65 -11.62 3.06
CA LEU A 961 47.40 -11.13 2.49
C LEU A 961 46.63 -12.25 1.82
N TYR A 962 47.35 -13.19 1.20
CA TYR A 962 46.71 -14.33 0.58
C TYR A 962 46.00 -15.20 1.60
N LYS A 963 46.61 -15.34 2.78
CA LYS A 963 46.07 -16.20 3.83
C LYS A 963 44.72 -15.73 4.34
N ARG A 964 44.42 -14.44 4.25
CA ARG A 964 43.14 -13.90 4.65
CA ARG A 964 43.11 -13.96 4.64
C ARG A 964 42.23 -13.57 3.48
N THR A 965 42.76 -13.49 2.27
CA THR A 965 41.89 -13.20 1.15
C THR A 965 41.29 -14.46 0.54
N PHE A 966 41.98 -15.60 0.63
CA PHE A 966 41.48 -16.81 -0.03
C PHE A 966 40.18 -17.36 0.56
N PRO A 967 39.94 -17.40 1.88
CA PRO A 967 38.61 -17.85 2.34
C PRO A 967 37.47 -16.93 1.96
N VAL A 968 37.73 -15.64 1.79
CA VAL A 968 36.69 -14.73 1.30
C VAL A 968 36.31 -15.06 -0.11
N LEU A 969 37.28 -15.37 -0.97
CA LEU A 969 36.98 -15.70 -2.36
C LEU A 969 36.27 -17.04 -2.44
N LEU A 970 36.63 -17.98 -1.56
CA LEU A 970 35.95 -19.27 -1.52
C LEU A 970 34.49 -19.12 -1.11
N ARG A 971 34.21 -18.19 -0.20
CA ARG A 971 32.81 -17.99 0.17
C ARG A 971 32.05 -17.21 -0.88
N LEU A 972 32.72 -16.28 -1.58
CA LEU A 972 32.02 -15.50 -2.58
C LEU A 972 31.71 -16.31 -3.83
N ALA A 973 32.50 -17.34 -4.12
CA ALA A 973 32.23 -18.13 -5.30
C ALA A 973 31.06 -19.08 -5.13
N CYS A 974 30.60 -19.32 -3.91
CA CYS A 974 29.39 -20.09 -3.67
C CYS A 974 28.26 -19.21 -3.13
N ASP A 975 28.32 -17.91 -3.40
CA ASP A 975 27.33 -16.97 -2.90
C ASP A 975 26.03 -17.17 -3.64
N VAL A 976 24.92 -16.88 -2.96
CA VAL A 976 23.62 -17.15 -3.54
C VAL A 976 23.23 -16.08 -4.57
N ASP A 977 23.87 -14.92 -4.52
CA ASP A 977 23.64 -13.89 -5.52
C ASP A 977 24.17 -14.33 -6.87
N GLN A 978 23.44 -14.00 -7.92
CA GLN A 978 23.80 -14.49 -9.26
C GLN A 978 25.05 -13.79 -9.78
N VAL A 979 25.14 -12.49 -9.55
CA VAL A 979 26.22 -11.68 -10.12
C VAL A 979 27.56 -12.04 -9.48
N THR A 980 27.58 -12.16 -8.16
CA THR A 980 28.84 -12.46 -7.46
C THR A 980 29.29 -13.88 -7.73
N ARG A 981 28.35 -14.79 -7.97
CA ARG A 981 28.71 -16.16 -8.33
C ARG A 981 29.30 -16.21 -9.73
N GLN A 982 28.67 -15.51 -10.69
CA GLN A 982 29.24 -15.38 -12.03
C GLN A 982 30.58 -14.67 -12.03
N LEU A 983 30.84 -13.87 -11.02
CA LEU A 983 32.07 -13.12 -10.94
C LEU A 983 33.20 -13.88 -10.27
N TYR A 984 32.90 -14.69 -9.25
CA TYR A 984 33.94 -15.30 -8.46
C TYR A 984 34.06 -16.81 -8.62
N GLU A 985 33.10 -17.46 -9.27
CA GLU A 985 33.31 -18.86 -9.65
C GLU A 985 34.39 -19.03 -10.71
N PRO A 986 34.52 -18.17 -11.74
CA PRO A 986 35.71 -18.28 -12.59
C PRO A 986 37.00 -17.82 -11.94
N LEU A 987 36.95 -16.86 -11.00
CA LEU A 987 38.18 -16.31 -10.43
C LEU A 987 38.91 -17.34 -9.58
N VAL A 988 38.17 -18.14 -8.83
CA VAL A 988 38.79 -19.17 -8.01
C VAL A 988 39.45 -20.24 -8.88
N MET A 989 38.80 -20.62 -9.97
CA MET A 989 39.36 -21.64 -10.84
C MET A 989 40.56 -21.12 -11.60
N GLN A 990 40.50 -19.87 -12.06
CA GLN A 990 41.66 -19.24 -12.68
C GLN A 990 42.81 -19.11 -11.69
N LEU A 991 42.48 -18.90 -10.42
CA LEU A 991 43.49 -18.74 -9.41
C LEU A 991 44.15 -20.07 -9.09
N ILE A 992 43.40 -21.16 -9.15
CA ILE A 992 44.01 -22.48 -8.96
C ILE A 992 44.86 -22.87 -10.17
N HIS A 993 44.42 -22.50 -11.37
CA HIS A 993 45.21 -22.72 -12.58
C HIS A 993 46.52 -21.96 -12.52
N TRP A 994 46.52 -20.76 -11.95
CA TRP A 994 47.76 -20.01 -11.85
C TRP A 994 48.64 -20.54 -10.73
N PHE A 995 48.05 -20.92 -9.60
CA PHE A 995 48.90 -21.32 -8.49
C PHE A 995 49.34 -22.76 -8.55
N THR A 996 48.84 -23.54 -9.52
CA THR A 996 49.38 -24.85 -9.80
C THR A 996 50.12 -24.87 -11.13
N ASN A 997 50.69 -23.73 -11.51
CA ASN A 997 51.58 -23.59 -12.65
C ASN A 997 52.96 -24.09 -12.27
N ASN A 998 53.86 -24.09 -13.25
CA ASN A 998 55.24 -24.42 -12.97
C ASN A 998 55.96 -23.28 -12.27
N LYS A 999 55.48 -22.06 -12.47
CA LYS A 999 56.19 -20.89 -11.97
C LYS A 999 55.97 -20.69 -10.47
N LYS A 1000 54.85 -21.13 -9.95
CA LYS A 1000 54.52 -20.90 -8.54
C LYS A 1000 53.92 -22.13 -7.89
N PHE A 1001 54.57 -23.29 -8.01
CA PHE A 1001 54.05 -24.50 -7.39
C PHE A 1001 54.74 -24.87 -6.08
N GLU A 1002 56.00 -24.53 -5.92
CA GLU A 1002 56.70 -24.80 -4.67
C GLU A 1002 56.54 -23.68 -3.67
N SER A 1003 55.70 -22.70 -4.00
CA SER A 1003 55.53 -21.47 -3.25
C SER A 1003 54.89 -21.72 -1.89
N GLN A 1004 54.87 -20.72 -1.04
CA GLN A 1004 54.14 -20.85 0.20
C GLN A 1004 52.71 -20.38 0.03
N ASP A 1005 52.45 -19.63 -1.03
CA ASP A 1005 51.10 -19.19 -1.33
C ASP A 1005 50.20 -20.30 -1.85
N THR A 1006 50.74 -21.25 -2.61
CA THR A 1006 49.93 -22.39 -3.02
C THR A 1006 49.65 -23.32 -1.86
N VAL A 1007 50.54 -23.32 -0.86
CA VAL A 1007 50.23 -24.01 0.39
C VAL A 1007 49.12 -23.28 1.12
N ALA A 1008 49.11 -21.94 1.05
CA ALA A 1008 48.04 -21.18 1.69
C ALA A 1008 46.70 -21.42 1.01
N LEU A 1009 46.71 -21.52 -0.31
CA LEU A 1009 45.48 -21.78 -1.05
C LEU A 1009 44.95 -23.18 -0.78
N LEU A 1010 45.84 -24.18 -0.75
CA LEU A 1010 45.43 -25.53 -0.42
C LEU A 1010 44.90 -25.62 1.01
N GLU A 1011 45.54 -24.93 1.94
CA GLU A 1011 45.05 -24.92 3.31
C GLU A 1011 43.71 -24.21 3.43
N ALA A 1012 43.47 -23.19 2.60
CA ALA A 1012 42.18 -22.51 2.62
C ALA A 1012 41.08 -23.39 2.06
N ILE A 1013 41.37 -24.18 1.02
CA ILE A 1013 40.36 -25.10 0.49
C ILE A 1013 40.07 -26.22 1.49
N LEU A 1014 41.11 -26.80 2.08
CA LEU A 1014 40.87 -27.87 3.03
C LEU A 1014 40.35 -27.37 4.36
N ASP A 1015 40.39 -26.08 4.63
CA ASP A 1015 39.62 -25.56 5.75
C ASP A 1015 38.24 -25.11 5.31
N GLY A 1016 38.01 -24.97 4.01
CA GLY A 1016 36.67 -24.71 3.54
C GLY A 1016 35.77 -25.94 3.61
N ILE A 1017 36.34 -27.13 3.35
CA ILE A 1017 35.46 -28.32 3.30
C ILE A 1017 34.98 -28.73 4.69
N VAL A 1018 35.71 -28.39 5.74
CA VAL A 1018 35.36 -28.85 7.07
C VAL A 1018 34.45 -27.85 7.79
N ASP A 1019 33.83 -26.94 7.06
CA ASP A 1019 33.12 -25.82 7.65
C ASP A 1019 31.78 -26.27 8.21
N PRO A 1020 31.50 -26.08 9.50
CA PRO A 1020 30.26 -26.61 10.05
C PRO A 1020 29.04 -25.70 9.97
N VAL A 1021 28.91 -24.89 8.92
CA VAL A 1021 27.68 -24.13 8.73
C VAL A 1021 27.20 -24.31 7.30
N ASP A 1022 28.05 -23.94 6.36
CA ASP A 1022 27.64 -23.75 4.97
C ASP A 1022 27.89 -25.05 4.21
N SER A 1023 26.81 -25.71 3.79
CA SER A 1023 26.95 -26.89 2.96
C SER A 1023 27.35 -26.53 1.54
N THR A 1024 26.93 -25.36 1.07
CA THR A 1024 27.29 -24.90 -0.27
C THR A 1024 28.79 -24.66 -0.37
N LEU A 1025 29.40 -24.19 0.71
CA LEU A 1025 30.83 -23.95 0.72
C LEU A 1025 31.62 -25.26 0.68
N ARG A 1026 31.15 -26.28 1.41
CA ARG A 1026 31.79 -27.59 1.36
C ARG A 1026 31.68 -28.21 -0.03
N ASP A 1027 30.50 -28.08 -0.64
CA ASP A 1027 30.27 -28.61 -1.97
C ASP A 1027 31.13 -27.90 -3.01
N PHE A 1028 31.44 -26.62 -2.78
CA PHE A 1028 32.26 -25.93 -3.77
C PHE A 1028 33.75 -26.22 -3.57
N CYS A 1029 34.22 -26.29 -2.32
CA CYS A 1029 35.64 -26.58 -2.14
C CYS A 1029 35.99 -28.02 -2.46
N GLY A 1030 34.99 -28.91 -2.53
CA GLY A 1030 35.25 -30.22 -3.13
C GLY A 1030 35.65 -30.13 -4.59
N ARG A 1031 34.92 -29.31 -5.36
CA ARG A 1031 35.30 -29.05 -6.75
C ARG A 1031 36.62 -28.30 -6.83
N CYS A 1032 36.95 -27.55 -5.80
CA CYS A 1032 38.24 -26.88 -5.78
C CYS A 1032 39.40 -27.86 -5.59
N ILE A 1033 39.24 -28.88 -4.74
CA ILE A 1033 40.29 -29.90 -4.61
C ILE A 1033 40.41 -30.69 -5.91
N ARG A 1034 39.26 -31.01 -6.53
CA ARG A 1034 39.28 -31.70 -7.82
C ARG A 1034 40.01 -30.89 -8.88
N GLU A 1035 39.80 -29.58 -8.92
CA GLU A 1035 40.49 -28.73 -9.88
C GLU A 1035 41.97 -28.60 -9.55
N PHE A 1036 42.30 -28.63 -8.26
CA PHE A 1036 43.69 -28.59 -7.82
C PHE A 1036 44.45 -29.80 -8.32
N LEU A 1037 43.83 -30.98 -8.21
CA LEU A 1037 44.47 -32.20 -8.69
C LEU A 1037 44.58 -32.21 -10.20
N LYS A 1038 43.48 -31.88 -10.88
CA LYS A 1038 43.43 -31.90 -12.34
C LYS A 1038 44.41 -30.93 -12.98
N TRP A 1039 44.72 -29.82 -12.32
CA TRP A 1039 45.69 -28.89 -12.88
C TRP A 1039 47.05 -28.95 -12.19
N SER A 1040 47.23 -29.82 -11.19
CA SER A 1040 48.53 -29.99 -10.57
C SER A 1040 49.24 -31.23 -11.04
N ILE A 1041 48.52 -32.19 -11.60
CA ILE A 1041 49.16 -33.34 -12.23
C ILE A 1041 49.27 -33.16 -13.74
N LYS A 1042 48.89 -32.00 -14.26
CA LYS A 1042 48.98 -31.76 -15.69
C LYS A 1042 50.04 -30.72 -16.04
N GLN A 1043 49.99 -29.53 -15.45
CA GLN A 1043 50.84 -28.44 -15.92
C GLN A 1043 52.31 -28.63 -15.52
N ILE A 1044 52.57 -29.41 -14.48
CA ILE A 1044 53.92 -29.62 -14.02
C ILE A 1044 54.48 -30.92 -14.62
N THR A 1045 55.80 -31.13 -14.52
CA THR A 1045 56.60 -32.26 -14.98
C THR A 1045 56.57 -33.41 -13.98
N PRO A 1046 56.46 -34.66 -14.46
CA PRO A 1046 56.05 -35.78 -13.57
C PRO A 1046 57.08 -36.21 -12.53
N GLN A 1047 58.34 -35.82 -12.65
CA GLN A 1047 59.27 -36.21 -11.59
C GLN A 1047 59.29 -35.17 -10.47
N GLN A 1048 58.89 -33.95 -10.78
CA GLN A 1048 58.76 -32.89 -9.79
C GLN A 1048 57.48 -33.02 -8.98
N GLN A 1049 56.65 -34.02 -9.28
CA GLN A 1049 55.50 -34.35 -8.42
C GLN A 1049 55.96 -34.64 -7.00
N GLU A 1050 56.75 -35.70 -6.82
CA GLU A 1050 57.10 -36.14 -5.48
C GLU A 1050 58.31 -35.40 -4.91
N LYS A 1051 58.27 -34.08 -4.96
CA LYS A 1051 59.21 -33.25 -4.21
C LYS A 1051 58.57 -32.02 -3.59
N SER A 1052 57.27 -31.77 -3.78
CA SER A 1052 56.46 -30.64 -3.36
C SER A 1052 55.75 -30.94 -2.04
N PRO A 1053 55.49 -29.94 -1.20
CA PRO A 1053 54.71 -30.19 0.02
C PRO A 1053 53.23 -30.42 -0.22
N VAL A 1054 52.76 -30.22 -1.44
CA VAL A 1054 51.35 -30.30 -1.80
C VAL A 1054 51.07 -31.41 -2.80
N ASN A 1055 51.97 -32.39 -2.92
CA ASN A 1055 51.80 -33.48 -3.88
C ASN A 1055 50.67 -34.40 -3.45
N THR A 1056 50.31 -35.32 -4.35
CA THR A 1056 49.11 -36.12 -4.19
C THR A 1056 49.25 -37.11 -3.05
N LYS A 1057 50.47 -37.52 -2.74
CA LYS A 1057 50.69 -38.36 -1.57
C LYS A 1057 50.40 -37.60 -0.29
N SER A 1058 50.88 -36.37 -0.18
CA SER A 1058 50.64 -35.58 1.02
C SER A 1058 49.20 -35.12 1.09
N LEU A 1059 48.57 -34.89 -0.07
CA LEU A 1059 47.16 -34.58 -0.09
C LEU A 1059 46.34 -35.74 0.42
N PHE A 1060 46.67 -36.96 0.00
CA PHE A 1060 45.93 -38.12 0.47
C PHE A 1060 46.24 -38.42 1.94
N LYS A 1061 47.44 -38.08 2.39
CA LYS A 1061 47.76 -38.23 3.81
C LYS A 1061 46.92 -37.28 4.66
N ARG A 1062 46.76 -36.04 4.20
CA ARG A 1062 45.96 -35.10 4.98
C ARG A 1062 44.47 -35.46 4.88
N LEU A 1063 44.07 -36.09 3.77
CA LEU A 1063 42.70 -36.61 3.64
C LEU A 1063 42.44 -37.73 4.64
N TYR A 1064 43.41 -38.63 4.83
CA TYR A 1064 43.21 -39.72 5.80
C TYR A 1064 43.17 -39.18 7.21
N SER A 1065 44.01 -38.18 7.50
CA SER A 1065 43.98 -37.55 8.81
C SER A 1065 42.65 -36.89 9.09
N LEU A 1066 42.04 -36.28 8.06
CA LEU A 1066 40.68 -35.76 8.21
C LEU A 1066 39.68 -36.90 8.36
N ALA A 1067 39.92 -38.02 7.70
CA ALA A 1067 38.91 -39.08 7.64
C ALA A 1067 38.77 -39.81 8.97
N LEU A 1068 39.86 -39.98 9.70
CA LEU A 1068 39.74 -40.65 10.99
C LEU A 1068 39.64 -39.70 12.17
N HIS A 1069 39.29 -38.44 11.92
CA HIS A 1069 39.17 -37.46 12.99
C HIS A 1069 37.96 -37.78 13.85
N PRO A 1070 37.98 -37.42 15.15
CA PRO A 1070 36.77 -37.63 15.95
C PRO A 1070 35.65 -36.66 15.66
N ASN A 1071 35.95 -35.48 15.12
CA ASN A 1071 34.91 -34.49 14.84
C ASN A 1071 34.25 -34.79 13.50
N ALA A 1072 32.92 -34.72 13.48
CA ALA A 1072 32.14 -35.31 12.39
C ALA A 1072 32.26 -34.51 11.11
N PHE A 1073 32.50 -33.20 11.22
CA PHE A 1073 32.57 -32.39 10.02
C PHE A 1073 33.87 -32.60 9.26
N LYS A 1074 34.95 -32.98 9.95
CA LYS A 1074 36.20 -33.26 9.25
C LYS A 1074 36.12 -34.58 8.49
N ARG A 1075 35.44 -35.58 9.06
CA ARG A 1075 35.23 -36.83 8.35
C ARG A 1075 34.30 -36.63 7.17
N LEU A 1076 33.25 -35.83 7.35
CA LEU A 1076 32.35 -35.50 6.25
C LEU A 1076 33.09 -34.74 5.16
N GLY A 1077 34.05 -33.90 5.54
CA GLY A 1077 34.84 -33.20 4.55
C GLY A 1077 35.77 -34.10 3.76
N ALA A 1078 36.41 -35.07 4.43
CA ALA A 1078 37.26 -36.02 3.71
C ALA A 1078 36.45 -36.91 2.77
N SER A 1079 35.24 -37.27 3.19
CA SER A 1079 34.34 -38.04 2.33
C SER A 1079 33.95 -37.27 1.09
N LEU A 1080 33.60 -35.98 1.24
CA LEU A 1080 33.31 -35.14 0.09
C LEU A 1080 34.52 -34.96 -0.81
N ALA A 1081 35.71 -34.93 -0.20
CA ALA A 1081 36.94 -34.78 -0.96
C ALA A 1081 37.17 -35.98 -1.88
N PHE A 1082 37.02 -37.20 -1.35
CA PHE A 1082 37.20 -38.35 -2.23
C PHE A 1082 36.06 -38.47 -3.24
N ASN A 1083 34.82 -38.13 -2.82
CA ASN A 1083 33.69 -38.15 -3.74
C ASN A 1083 33.83 -37.18 -4.89
N ASN A 1084 34.68 -36.16 -4.76
CA ASN A 1084 34.97 -35.31 -5.90
C ASN A 1084 36.25 -35.66 -6.64
N ILE A 1085 37.21 -36.36 -6.04
CA ILE A 1085 38.47 -36.63 -6.73
C ILE A 1085 38.63 -38.09 -7.14
N TYR A 1086 37.57 -38.89 -7.06
CA TYR A 1086 37.71 -40.31 -7.41
C TYR A 1086 37.98 -40.55 -8.88
N ARG A 1087 37.57 -39.63 -9.77
CA ARG A 1087 37.86 -39.80 -11.20
C ARG A 1087 39.34 -39.64 -11.49
N GLU A 1088 39.93 -38.55 -11.03
CA GLU A 1088 41.35 -38.33 -11.26
C GLU A 1088 42.21 -39.27 -10.42
N PHE A 1089 41.63 -39.86 -9.37
CA PHE A 1089 42.33 -40.94 -8.67
C PHE A 1089 42.34 -42.21 -9.51
N ARG A 1090 41.20 -42.58 -10.08
CA ARG A 1090 41.12 -43.85 -10.78
C ARG A 1090 41.82 -43.80 -12.13
N GLU A 1091 42.07 -42.62 -12.68
CA GLU A 1091 42.74 -42.57 -13.97
C GLU A 1091 44.25 -42.37 -13.89
N GLU A 1092 44.87 -42.74 -12.77
CA GLU A 1092 46.33 -42.70 -12.65
C GLU A 1092 46.79 -43.97 -11.96
N GLU A 1093 47.61 -44.75 -12.64
CA GLU A 1093 47.80 -46.15 -12.26
C GLU A 1093 48.96 -46.39 -11.30
N SER A 1094 50.02 -45.58 -11.34
CA SER A 1094 51.07 -45.77 -10.36
C SER A 1094 50.70 -45.20 -9.00
N LEU A 1095 49.58 -44.49 -8.92
CA LEU A 1095 49.02 -43.95 -7.70
C LEU A 1095 47.89 -44.79 -7.14
N VAL A 1096 47.10 -45.44 -8.00
CA VAL A 1096 45.92 -46.13 -7.51
C VAL A 1096 46.29 -47.45 -6.85
N GLU A 1097 47.37 -48.09 -7.30
CA GLU A 1097 47.69 -49.43 -6.83
C GLU A 1097 48.16 -49.41 -5.39
N GLN A 1098 49.13 -48.55 -5.08
CA GLN A 1098 49.63 -48.42 -3.71
C GLN A 1098 48.63 -47.83 -2.74
N PHE A 1099 47.62 -47.12 -3.22
CA PHE A 1099 46.75 -46.36 -2.33
C PHE A 1099 45.34 -46.88 -2.18
N VAL A 1100 44.87 -47.78 -3.05
CA VAL A 1100 43.44 -48.10 -3.04
C VAL A 1100 43.08 -48.95 -1.84
N PHE A 1101 43.99 -49.82 -1.40
CA PHE A 1101 43.72 -50.64 -0.21
C PHE A 1101 43.79 -49.80 1.05
N GLU A 1102 44.81 -48.93 1.14
CA GLU A 1102 44.97 -48.03 2.27
C GLU A 1102 43.77 -47.10 2.40
N ALA A 1103 43.33 -46.54 1.27
CA ALA A 1103 42.19 -45.63 1.27
C ALA A 1103 40.88 -46.35 1.60
N LEU A 1104 40.72 -47.60 1.15
CA LEU A 1104 39.52 -48.34 1.47
C LEU A 1104 39.44 -48.67 2.95
N VAL A 1105 40.55 -49.06 3.56
CA VAL A 1105 40.51 -49.36 5.00
C VAL A 1105 40.31 -48.08 5.82
N ILE A 1106 40.85 -46.95 5.34
CA ILE A 1106 40.64 -45.67 6.01
C ILE A 1106 39.17 -45.28 5.96
N TYR A 1107 38.54 -45.41 4.79
CA TYR A 1107 37.16 -44.96 4.68
C TYR A 1107 36.19 -45.90 5.35
N MET A 1108 36.51 -47.20 5.40
CA MET A 1108 35.71 -48.12 6.18
C MET A 1108 35.80 -47.81 7.66
N GLU A 1109 36.98 -47.44 8.15
CA GLU A 1109 37.08 -47.07 9.56
C GLU A 1109 36.45 -45.72 9.85
N SER A 1110 36.41 -44.84 8.86
CA SER A 1110 35.68 -43.59 9.02
C SER A 1110 34.18 -43.83 9.08
N LEU A 1111 33.67 -44.76 8.26
CA LEU A 1111 32.24 -45.11 8.33
C LEU A 1111 31.91 -45.79 9.64
N ALA A 1112 32.84 -46.57 10.18
CA ALA A 1112 32.62 -47.15 11.51
C ALA A 1112 32.66 -46.09 12.59
N LEU A 1113 33.42 -45.02 12.37
CA LEU A 1113 33.39 -43.90 13.31
C LEU A 1113 32.11 -43.11 13.18
N ALA A 1114 31.47 -43.14 12.02
CA ALA A 1114 30.24 -42.41 11.75
C ALA A 1114 29.01 -43.07 12.33
N HIS A 1115 29.12 -44.04 13.23
CA HIS A 1115 27.95 -44.71 13.75
C HIS A 1115 27.38 -43.99 14.96
N ALA A 1116 28.23 -43.37 15.77
CA ALA A 1116 27.83 -42.80 17.04
C ALA A 1116 27.52 -41.31 16.95
N ASP A 1117 27.24 -40.81 15.75
CA ASP A 1117 26.99 -39.39 15.56
C ASP A 1117 25.50 -39.09 15.61
N GLU A 1118 25.12 -37.89 15.19
CA GLU A 1118 23.73 -37.48 15.13
C GLU A 1118 23.26 -37.60 13.68
N LYS A 1119 22.03 -38.06 13.51
CA LYS A 1119 21.62 -38.57 12.21
C LYS A 1119 20.93 -37.51 11.36
N SER A 1120 21.35 -36.25 11.46
CA SER A 1120 21.10 -35.26 10.42
C SER A 1120 22.37 -34.69 9.84
N LEU A 1121 23.54 -35.19 10.24
CA LEU A 1121 24.78 -34.70 9.68
C LEU A 1121 25.13 -35.40 8.38
N GLY A 1122 24.70 -36.64 8.21
CA GLY A 1122 24.84 -37.29 6.92
C GLY A 1122 26.26 -37.68 6.58
N THR A 1123 27.05 -38.01 7.60
CA THR A 1123 28.36 -38.57 7.38
C THR A 1123 28.28 -39.97 6.79
N ILE A 1124 27.25 -40.72 7.18
CA ILE A 1124 27.02 -42.06 6.64
C ILE A 1124 26.76 -42.00 5.15
N GLN A 1125 25.93 -41.05 4.71
CA GLN A 1125 25.52 -40.98 3.32
C GLN A 1125 26.68 -40.64 2.40
N GLN A 1126 27.64 -39.86 2.90
CA GLN A 1126 28.80 -39.52 2.07
C GLN A 1126 29.85 -40.60 2.13
N CYS A 1127 30.03 -41.20 3.31
CA CYS A 1127 31.11 -42.17 3.46
C CYS A 1127 30.82 -43.47 2.72
N CYS A 1128 29.56 -43.92 2.73
CA CYS A 1128 29.21 -45.12 1.95
C CYS A 1128 29.41 -44.89 0.46
N ASP A 1129 29.16 -43.68 -0.02
CA ASP A 1129 29.37 -43.39 -1.43
C ASP A 1129 30.85 -43.39 -1.78
N ALA A 1130 31.68 -42.88 -0.86
CA ALA A 1130 33.12 -42.94 -1.06
C ALA A 1130 33.62 -44.37 -1.13
N ILE A 1131 33.09 -45.22 -0.23
CA ILE A 1131 33.46 -46.63 -0.20
C ILE A 1131 33.03 -47.34 -1.48
N ASP A 1132 31.85 -46.97 -1.99
CA ASP A 1132 31.36 -47.56 -3.24
C ASP A 1132 32.22 -47.16 -4.43
N HIS A 1133 32.76 -45.94 -4.39
CA HIS A 1133 33.68 -45.55 -5.45
C HIS A 1133 34.98 -46.33 -5.40
N LEU A 1134 35.55 -46.52 -4.18
CA LEU A 1134 36.76 -47.35 -4.07
C LEU A 1134 36.50 -48.79 -4.50
N CYS A 1135 35.30 -49.28 -4.19
CA CYS A 1135 34.86 -50.60 -4.62
C CYS A 1135 34.92 -50.75 -6.12
N ARG A 1136 34.27 -49.83 -6.84
CA ARG A 1136 34.20 -49.94 -8.29
C ARG A 1136 35.56 -49.75 -8.95
N ILE A 1137 36.43 -48.96 -8.29
CA ILE A 1137 37.83 -48.86 -8.70
C ILE A 1137 38.51 -50.22 -8.62
N ILE A 1138 38.28 -50.94 -7.51
CA ILE A 1138 38.86 -52.27 -7.33
C ILE A 1138 38.30 -53.24 -8.35
N GLU A 1139 37.03 -53.06 -8.75
CA GLU A 1139 36.41 -53.92 -9.77
C GLU A 1139 37.08 -53.76 -11.12
N LYS A 1140 37.27 -52.51 -11.57
CA LYS A 1140 37.81 -52.32 -12.92
C LYS A 1140 39.28 -52.75 -13.04
N LYS A 1141 40.03 -52.77 -11.96
CA LYS A 1141 41.44 -53.14 -12.05
C LYS A 1141 41.76 -54.38 -11.22
N HIS A 1142 40.81 -55.32 -11.09
CA HIS A 1142 41.03 -56.41 -10.14
C HIS A 1142 42.04 -57.42 -10.65
N VAL A 1143 42.25 -57.49 -11.96
CA VAL A 1143 43.14 -58.49 -12.56
C VAL A 1143 44.58 -58.22 -12.17
N SER A 1144 44.90 -56.96 -11.87
CA SER A 1144 46.20 -56.58 -11.35
C SER A 1144 46.18 -56.33 -9.85
N LEU A 1145 45.02 -56.15 -9.26
CA LEU A 1145 44.88 -55.94 -7.83
C LEU A 1145 44.90 -57.23 -7.05
N ASN A 1146 45.08 -58.37 -7.72
CA ASN A 1146 45.37 -59.61 -7.03
C ASN A 1146 46.72 -60.19 -7.43
N LYS A 1147 47.67 -59.34 -7.76
CA LYS A 1147 49.08 -59.70 -7.72
C LYS A 1147 49.58 -59.49 -6.29
N ALA A 1148 50.89 -59.49 -6.11
CA ALA A 1148 51.48 -59.48 -4.77
C ALA A 1148 52.56 -58.41 -4.64
N LYS A 1149 52.24 -57.19 -5.03
CA LYS A 1149 53.20 -56.10 -4.93
C LYS A 1149 53.36 -55.65 -3.48
N LYS A 1150 54.25 -54.68 -3.28
CA LYS A 1150 54.42 -54.04 -1.97
C LYS A 1150 53.64 -52.72 -2.02
N ARG A 1151 52.42 -52.77 -1.53
CA ARG A 1151 51.58 -51.59 -1.49
C ARG A 1151 51.82 -50.80 -0.21
N ARG A 1152 51.22 -49.61 -0.14
CA ARG A 1152 51.28 -48.84 1.09
C ARG A 1152 50.36 -49.47 2.12
N LEU A 1153 50.95 -49.92 3.20
CA LEU A 1153 50.31 -50.82 4.15
C LEU A 1153 49.19 -50.12 4.90
N PRO A 1154 47.95 -50.60 4.83
CA PRO A 1154 46.85 -49.95 5.56
C PRO A 1154 47.02 -50.13 7.04
N ARG A 1155 46.48 -49.18 7.80
CA ARG A 1155 46.68 -49.17 9.24
C ARG A 1155 45.86 -50.26 9.91
N GLY A 1156 46.44 -50.88 10.92
CA GLY A 1156 45.81 -51.95 11.64
C GLY A 1156 46.13 -53.34 11.14
N PHE A 1157 46.68 -53.45 9.93
CA PHE A 1157 47.09 -54.75 9.42
C PHE A 1157 48.33 -55.23 10.18
N PRO A 1158 48.50 -56.54 10.33
CA PRO A 1158 49.82 -57.06 10.68
C PRO A 1158 50.78 -56.84 9.52
N PRO A 1159 52.07 -56.64 9.81
CA PRO A 1159 52.99 -56.19 8.76
C PRO A 1159 53.30 -57.28 7.75
N SER A 1160 53.38 -56.86 6.49
CA SER A 1160 53.73 -57.77 5.40
C SER A 1160 54.49 -56.98 4.34
N ALA A 1161 55.05 -57.70 3.38
CA ALA A 1161 55.68 -57.12 2.21
C ALA A 1161 54.91 -57.41 0.94
N SER A 1162 53.90 -58.25 1.02
CA SER A 1162 53.03 -58.56 -0.10
C SER A 1162 51.63 -58.08 0.24
N LEU A 1163 50.96 -57.49 -0.75
CA LEU A 1163 49.58 -57.06 -0.55
C LEU A 1163 48.76 -57.45 -1.76
N CYS A 1164 47.82 -58.37 -1.54
CA CYS A 1164 46.93 -58.91 -2.56
C CYS A 1164 45.51 -58.50 -2.24
N LEU A 1165 44.58 -58.90 -3.09
CA LEU A 1165 43.16 -58.74 -2.78
C LEU A 1165 42.71 -59.78 -1.76
N LEU A 1166 43.52 -60.82 -1.55
CA LEU A 1166 43.12 -61.99 -0.78
C LEU A 1166 43.06 -61.66 0.70
N ASP A 1167 44.10 -61.02 1.24
CA ASP A 1167 44.06 -60.70 2.66
C ASP A 1167 43.11 -59.53 2.94
N LEU A 1168 42.75 -58.77 1.91
CA LEU A 1168 41.69 -57.80 2.07
C LEU A 1168 40.32 -58.47 2.17
N VAL A 1169 40.10 -59.53 1.39
CA VAL A 1169 38.87 -60.31 1.53
C VAL A 1169 38.83 -60.98 2.90
N LYS A 1170 39.98 -61.44 3.37
CA LYS A 1170 40.08 -61.98 4.72
C LYS A 1170 39.83 -60.89 5.77
N TRP A 1171 40.22 -59.65 5.50
CA TRP A 1171 40.02 -58.57 6.45
C TRP A 1171 38.55 -58.19 6.55
N LEU A 1172 37.88 -58.10 5.39
CA LEU A 1172 36.45 -57.81 5.36
C LEU A 1172 35.66 -58.93 6.01
N LEU A 1173 36.07 -60.17 5.76
CA LEU A 1173 35.45 -61.32 6.42
C LEU A 1173 35.70 -61.31 7.92
N ALA A 1174 36.84 -60.78 8.34
CA ALA A 1174 37.12 -60.66 9.77
C ALA A 1174 36.25 -59.61 10.44
N HIS A 1175 35.91 -58.54 9.71
CA HIS A 1175 35.11 -57.45 10.26
C HIS A 1175 33.65 -57.52 9.90
N CYS A 1176 33.16 -58.69 9.51
CA CYS A 1176 31.73 -58.81 9.23
C CYS A 1176 30.88 -58.68 10.48
N GLY A 1177 31.37 -59.15 11.62
CA GLY A 1177 30.58 -59.10 12.82
C GLY A 1177 30.85 -57.91 13.71
N ARG A 1178 31.06 -56.76 13.13
CA ARG A 1178 31.34 -55.60 13.96
C ARG A 1178 30.05 -54.94 14.42
N PRO A 1179 30.06 -54.25 15.56
CA PRO A 1179 28.82 -53.66 16.07
C PRO A 1179 28.26 -52.53 15.23
N GLN A 1180 29.09 -51.69 14.65
CA GLN A 1180 28.65 -50.51 13.92
C GLN A 1180 27.96 -50.92 12.62
N THR A 1181 26.75 -50.40 12.41
CA THR A 1181 25.77 -51.02 11.52
C THR A 1181 26.17 -50.90 10.05
N GLU A 1182 26.30 -49.67 9.57
CA GLU A 1182 26.47 -49.45 8.14
C GLU A 1182 27.84 -49.91 7.66
N CYS A 1183 28.84 -49.83 8.54
CA CYS A 1183 30.15 -50.40 8.23
C CYS A 1183 30.07 -51.91 8.11
N ARG A 1184 29.28 -52.55 8.96
CA ARG A 1184 29.10 -54.00 8.90
C ARG A 1184 28.42 -54.42 7.60
N HIS A 1185 27.36 -53.71 7.22
CA HIS A 1185 26.66 -54.01 5.97
C HIS A 1185 27.55 -53.78 4.76
N LYS A 1186 28.37 -52.74 4.80
CA LYS A 1186 29.26 -52.45 3.69
C LYS A 1186 30.39 -53.47 3.63
N SER A 1187 30.84 -53.96 4.78
CA SER A 1187 31.88 -54.99 4.81
C SER A 1187 31.37 -56.30 4.22
N ILE A 1188 30.15 -56.68 4.59
CA ILE A 1188 29.51 -57.89 4.06
C ILE A 1188 29.31 -57.78 2.55
N GLU A 1189 28.80 -56.63 2.11
CA GLU A 1189 28.54 -56.42 0.68
C GLU A 1189 29.83 -56.43 -0.13
N LEU A 1190 30.90 -55.84 0.42
CA LEU A 1190 32.17 -55.84 -0.29
C LEU A 1190 32.78 -57.22 -0.34
N PHE A 1191 32.60 -58.03 0.71
CA PHE A 1191 33.11 -59.39 0.69
C PHE A 1191 32.41 -60.22 -0.38
N TYR A 1192 31.09 -60.11 -0.45
CA TYR A 1192 30.33 -60.83 -1.46
C TYR A 1192 30.55 -60.30 -2.86
N LYS A 1193 31.07 -59.09 -3.01
CA LYS A 1193 31.44 -58.60 -4.34
C LYS A 1193 32.89 -58.89 -4.69
N PHE A 1194 33.75 -59.13 -3.71
CA PHE A 1194 35.16 -59.38 -3.99
C PHE A 1194 35.50 -60.85 -4.16
N VAL A 1195 34.65 -61.77 -3.68
CA VAL A 1195 34.93 -63.21 -3.87
C VAL A 1195 35.00 -63.65 -5.34
N PRO A 1196 33.99 -63.44 -6.20
CA PRO A 1196 34.03 -64.11 -7.51
C PRO A 1196 35.12 -63.64 -8.47
N LEU A 1197 35.81 -62.55 -8.15
CA LEU A 1197 36.89 -62.06 -8.99
C LEU A 1197 38.23 -62.15 -8.25
N LEU A 1198 38.83 -63.34 -8.36
CA LEU A 1198 39.99 -63.81 -7.62
C LEU A 1198 40.72 -64.86 -8.45
N PRO A 1199 41.85 -65.45 -7.99
CA PRO A 1199 42.32 -66.70 -8.60
C PRO A 1199 41.30 -67.84 -8.54
N GLY A 1200 40.86 -68.29 -9.71
CA GLY A 1200 39.97 -69.42 -9.83
C GLY A 1200 38.49 -69.06 -9.94
N ASN A 1201 38.11 -67.86 -9.48
CA ASN A 1201 36.77 -67.29 -9.63
C ASN A 1201 35.71 -68.14 -8.94
N ARG A 1202 36.02 -68.63 -7.75
CA ARG A 1202 35.12 -69.50 -7.02
C ARG A 1202 33.94 -68.72 -6.47
N SER A 1203 32.83 -69.43 -6.26
CA SER A 1203 31.69 -68.88 -5.56
C SER A 1203 32.02 -68.76 -4.07
N PRO A 1204 31.27 -67.95 -3.31
CA PRO A 1204 31.49 -67.93 -1.86
C PRO A 1204 31.14 -69.24 -1.17
N ASN A 1205 30.28 -70.06 -1.77
CA ASN A 1205 29.98 -71.36 -1.20
C ASN A 1205 31.20 -72.27 -1.21
N LEU A 1206 32.01 -72.18 -2.26
CA LEU A 1206 33.23 -72.99 -2.33
C LEU A 1206 34.33 -72.40 -1.46
N TRP A 1207 34.56 -71.09 -1.60
CA TRP A 1207 35.69 -70.40 -0.98
C TRP A 1207 35.59 -70.47 0.54
N LEU A 1208 34.39 -70.23 1.08
CA LEU A 1208 34.25 -70.28 2.52
C LEU A 1208 34.26 -71.71 3.04
N LYS A 1209 33.85 -72.67 2.21
CA LYS A 1209 33.98 -74.08 2.58
C LYS A 1209 35.44 -74.47 2.78
N ASP A 1210 36.29 -74.05 1.84
CA ASP A 1210 37.72 -74.36 1.94
C ASP A 1210 38.37 -73.65 3.12
N VAL A 1211 38.13 -72.34 3.26
CA VAL A 1211 38.70 -71.56 4.36
C VAL A 1211 38.14 -72.06 5.70
N LEU A 1212 36.91 -72.55 5.70
CA LEU A 1212 36.28 -73.08 6.89
C LEU A 1212 36.92 -74.40 7.31
N LYS A 1213 37.27 -75.24 6.33
CA LYS A 1213 37.83 -76.55 6.64
C LYS A 1213 39.30 -76.45 7.02
N GLU A 1214 40.06 -75.55 6.38
CA GLU A 1214 41.47 -75.44 6.69
C GLU A 1214 41.77 -74.57 7.91
N GLU A 1215 40.73 -74.11 8.63
CA GLU A 1215 40.93 -73.29 9.82
C GLU A 1215 40.04 -73.67 10.99
N GLY A 1216 39.06 -74.55 10.81
CA GLY A 1216 38.17 -74.94 11.89
C GLY A 1216 36.82 -74.28 11.77
N VAL A 1217 35.82 -74.90 12.41
CA VAL A 1217 34.47 -74.36 12.30
C VAL A 1217 34.29 -73.15 13.19
N SER A 1218 34.88 -73.16 14.39
CA SER A 1218 34.67 -72.08 15.35
C SER A 1218 35.41 -70.80 14.98
N PHE A 1219 36.20 -70.82 13.91
CA PHE A 1219 36.75 -69.58 13.37
C PHE A 1219 35.64 -68.69 12.82
N LEU A 1220 34.72 -69.27 12.06
CA LEU A 1220 33.60 -68.52 11.50
C LEU A 1220 32.65 -68.02 12.60
N ILE A 1221 32.38 -68.86 13.59
CA ILE A 1221 31.57 -68.45 14.73
C ILE A 1221 32.29 -67.37 15.54
N ASN A 1222 33.62 -67.39 15.55
CA ASN A 1222 34.33 -66.34 16.26
C ASN A 1222 34.29 -65.04 15.47
N THR A 1223 34.24 -65.11 14.13
CA THR A 1223 34.06 -63.87 13.39
C THR A 1223 32.65 -63.32 13.54
N PHE A 1224 31.67 -64.21 13.72
CA PHE A 1224 30.29 -63.72 13.73
C PHE A 1224 29.89 -63.24 15.11
N GLU A 1225 30.03 -64.10 16.12
CA GLU A 1225 29.57 -63.74 17.46
C GLU A 1225 30.61 -62.90 18.20
N GLY A 1226 31.86 -62.96 17.78
CA GLY A 1226 32.88 -62.13 18.37
C GLY A 1226 32.90 -60.76 17.75
N GLY A 1227 32.46 -59.75 18.51
CA GLY A 1227 32.09 -58.48 17.92
C GLY A 1227 33.25 -57.61 17.52
N GLY A 1228 33.58 -57.60 16.23
CA GLY A 1228 34.70 -56.87 15.73
C GLY A 1228 36.02 -57.61 15.94
N CYS A 1229 37.05 -57.11 15.26
CA CYS A 1229 38.34 -57.79 15.23
C CYS A 1229 39.34 -57.22 16.21
N GLY A 1230 39.27 -55.93 16.52
CA GLY A 1230 40.21 -55.34 17.44
C GLY A 1230 39.90 -55.55 18.91
N GLN A 1231 38.82 -56.27 19.21
CA GLN A 1231 38.45 -56.60 20.57
C GLN A 1231 38.02 -58.05 20.61
N PRO A 1232 38.06 -58.70 21.81
CA PRO A 1232 37.34 -59.96 22.02
C PRO A 1232 35.93 -59.73 22.57
N SER A 1233 35.21 -58.77 21.99
CA SER A 1233 33.88 -58.42 22.46
C SER A 1233 32.86 -59.26 21.69
N GLY A 1234 31.58 -59.01 21.95
CA GLY A 1234 30.54 -59.72 21.25
C GLY A 1234 29.58 -60.48 22.14
N ILE A 1235 28.77 -61.35 21.53
CA ILE A 1235 27.83 -62.17 22.27
C ILE A 1235 28.40 -63.55 22.59
N LEU A 1236 29.64 -63.82 22.18
CA LEU A 1236 30.34 -64.98 22.72
C LEU A 1236 30.58 -64.82 24.21
N ALA A 1237 31.06 -63.65 24.62
CA ALA A 1237 31.31 -63.36 26.01
C ALA A 1237 30.09 -62.85 26.75
N GLN A 1238 29.07 -62.36 26.04
CA GLN A 1238 27.80 -61.98 26.65
C GLN A 1238 26.64 -62.54 25.84
N PRO A 1239 26.32 -63.83 26.02
CA PRO A 1239 25.08 -64.34 25.40
C PRO A 1239 23.83 -63.71 25.97
N THR A 1240 23.65 -63.77 27.26
CA THR A 1240 22.57 -63.05 27.92
C THR A 1240 23.02 -61.65 28.23
N LEU A 1241 22.17 -60.90 28.94
CA LEU A 1241 22.74 -59.71 29.54
C LEU A 1241 23.36 -60.08 30.87
N LEU A 1242 22.56 -60.14 31.94
CA LEU A 1242 22.84 -60.69 33.28
C LEU A 1242 24.16 -60.30 33.95
N TYR A 1243 25.01 -59.54 33.25
CA TYR A 1243 26.32 -59.07 33.64
C TYR A 1243 26.79 -58.11 32.57
N LEU A 1244 27.14 -56.90 32.97
CA LEU A 1244 27.78 -55.94 32.09
C LEU A 1244 28.84 -55.17 32.84
N ARG A 1245 29.09 -55.52 34.10
CA ARG A 1245 30.02 -54.85 35.01
C ARG A 1245 29.64 -53.37 35.20
N GLY A 1246 28.55 -53.19 35.93
CA GLY A 1246 28.16 -51.87 36.36
C GLY A 1246 26.74 -51.78 36.88
N PRO A 1247 26.23 -50.55 36.96
CA PRO A 1247 24.85 -50.33 37.41
C PRO A 1247 23.81 -50.40 36.30
N PHE A 1248 24.16 -51.04 35.16
CA PHE A 1248 23.33 -51.14 33.95
C PHE A 1248 23.03 -49.76 33.38
N SER A 1249 24.07 -49.13 32.83
CA SER A 1249 23.89 -47.88 32.12
C SER A 1249 23.31 -48.13 30.72
N LEU A 1250 22.79 -47.07 30.12
CA LEU A 1250 22.01 -47.22 28.90
C LEU A 1250 22.89 -47.35 27.66
N GLN A 1251 24.07 -46.75 27.67
CA GLN A 1251 25.00 -46.93 26.56
C GLN A 1251 25.54 -48.34 26.51
N ALA A 1252 25.53 -49.05 27.63
CA ALA A 1252 25.93 -50.45 27.63
C ALA A 1252 24.85 -51.32 27.00
N THR A 1253 23.58 -51.02 27.27
CA THR A 1253 22.48 -51.83 26.75
C THR A 1253 22.37 -51.70 25.24
N LEU A 1254 22.53 -50.49 24.71
CA LEU A 1254 22.57 -50.31 23.26
C LEU A 1254 23.75 -51.04 22.65
N CYS A 1255 24.87 -51.09 23.35
CA CYS A 1255 26.01 -51.83 22.85
C CYS A 1255 25.73 -53.32 22.81
N TRP A 1256 25.00 -53.85 23.77
CA TRP A 1256 24.69 -55.28 23.73
C TRP A 1256 23.62 -55.60 22.68
N LEU A 1257 22.57 -54.77 22.59
CA LEU A 1257 21.56 -54.97 21.56
C LEU A 1257 22.16 -54.82 20.17
N ASP A 1258 23.15 -53.96 20.04
CA ASP A 1258 23.83 -53.75 18.78
C ASP A 1258 24.77 -54.90 18.45
N LEU A 1259 25.33 -55.54 19.49
CA LEU A 1259 26.11 -56.76 19.26
C LEU A 1259 25.24 -57.93 18.85
N LEU A 1260 24.06 -58.03 19.46
CA LEU A 1260 23.07 -59.03 19.05
C LEU A 1260 22.64 -58.81 17.61
N LEU A 1261 22.44 -57.55 17.23
CA LEU A 1261 22.09 -57.23 15.85
C LEU A 1261 23.20 -57.59 14.88
N ALA A 1262 24.46 -57.37 15.29
CA ALA A 1262 25.60 -57.69 14.44
C ALA A 1262 25.70 -59.17 14.16
N ALA A 1263 25.62 -60.00 15.21
CA ALA A 1263 25.73 -61.44 15.02
C ALA A 1263 24.52 -61.99 14.27
N LEU A 1264 23.35 -61.42 14.54
CA LEU A 1264 22.13 -61.84 13.86
C LEU A 1264 22.17 -61.53 12.38
N GLU A 1265 22.67 -60.35 12.01
CA GLU A 1265 22.74 -59.99 10.60
C GLU A 1265 23.78 -60.82 9.88
N CYS A 1266 24.87 -61.17 10.57
CA CYS A 1266 25.88 -62.05 9.98
C CYS A 1266 25.33 -63.43 9.68
N TYR A 1267 24.67 -64.04 10.68
CA TYR A 1267 24.11 -65.37 10.52
C TYR A 1267 23.05 -65.40 9.43
N ASN A 1268 22.17 -64.38 9.42
CA ASN A 1268 21.08 -64.32 8.46
C ASN A 1268 21.60 -64.14 7.03
N THR A 1269 22.62 -63.30 6.86
CA THR A 1269 23.14 -63.08 5.51
C THR A 1269 23.86 -64.31 4.99
N PHE A 1270 24.66 -64.95 5.84
CA PHE A 1270 25.46 -66.07 5.35
C PHE A 1270 24.61 -67.31 5.15
N ILE A 1271 23.54 -67.49 5.92
CA ILE A 1271 22.67 -68.63 5.68
C ILE A 1271 21.76 -68.37 4.49
N GLY A 1272 21.21 -67.16 4.37
CA GLY A 1272 20.28 -66.87 3.30
C GLY A 1272 20.91 -66.78 1.92
N GLU A 1273 22.15 -66.33 1.84
CA GLU A 1273 22.82 -66.21 0.56
C GLU A 1273 23.57 -67.48 0.15
N ARG A 1274 23.24 -68.63 0.74
CA ARG A 1274 23.63 -69.97 0.31
C ARG A 1274 25.13 -70.22 0.35
N THR A 1275 25.90 -69.38 1.03
CA THR A 1275 27.33 -69.63 1.12
C THR A 1275 27.62 -70.72 2.13
N VAL A 1276 26.83 -70.76 3.19
CA VAL A 1276 27.00 -71.71 4.28
C VAL A 1276 25.62 -72.21 4.66
N GLY A 1277 25.45 -73.53 4.70
CA GLY A 1277 24.21 -74.12 5.15
C GLY A 1277 24.05 -73.93 6.65
N ALA A 1278 22.80 -73.85 7.09
CA ALA A 1278 22.51 -73.48 8.47
C ALA A 1278 22.82 -74.60 9.45
N LEU A 1279 22.92 -75.83 8.96
CA LEU A 1279 22.91 -76.98 9.85
C LEU A 1279 24.23 -77.13 10.58
N GLN A 1280 25.32 -76.73 9.93
CA GLN A 1280 26.67 -76.96 10.42
C GLN A 1280 27.16 -75.87 11.37
N VAL A 1281 26.45 -74.76 11.49
CA VAL A 1281 26.91 -73.66 12.32
C VAL A 1281 26.01 -73.51 13.54
N LEU A 1282 24.72 -73.75 13.36
CA LEU A 1282 23.79 -73.65 14.47
C LEU A 1282 23.63 -74.96 15.24
N GLY A 1283 24.14 -76.06 14.71
CA GLY A 1283 24.36 -77.23 15.53
C GLY A 1283 25.51 -77.01 16.49
N THR A 1284 25.61 -77.88 17.49
CA THR A 1284 26.48 -77.60 18.63
C THR A 1284 27.96 -77.91 18.39
N GLU A 1285 28.40 -78.12 17.15
CA GLU A 1285 29.74 -78.63 16.91
C GLU A 1285 30.85 -77.60 17.11
N ALA A 1286 30.53 -76.36 17.49
CA ALA A 1286 31.58 -75.43 17.88
C ALA A 1286 31.17 -74.50 19.03
N GLN A 1287 29.99 -74.69 19.61
CA GLN A 1287 29.49 -73.98 20.79
C GLN A 1287 29.38 -72.47 20.55
N SER A 1288 28.42 -72.13 19.67
CA SER A 1288 27.97 -70.76 19.51
C SER A 1288 27.08 -70.34 20.69
N SER A 1289 26.67 -69.08 20.69
CA SER A 1289 25.79 -68.56 21.74
C SER A 1289 24.66 -67.69 21.18
N LEU A 1290 24.45 -67.72 19.86
CA LEU A 1290 23.43 -66.89 19.23
C LEU A 1290 22.04 -67.23 19.70
N LEU A 1291 21.69 -68.52 19.67
CA LEU A 1291 20.34 -68.94 20.00
C LEU A 1291 20.04 -68.69 21.48
N LYS A 1292 21.06 -68.74 22.33
CA LYS A 1292 20.87 -68.35 23.71
C LYS A 1292 20.63 -66.85 23.84
N ALA A 1293 21.30 -66.04 23.01
CA ALA A 1293 21.07 -64.60 23.02
C ALA A 1293 19.66 -64.26 22.54
N VAL A 1294 19.25 -64.85 21.41
CA VAL A 1294 17.91 -64.68 20.85
C VAL A 1294 16.85 -65.11 21.86
N ALA A 1295 17.10 -66.24 22.53
CA ALA A 1295 16.18 -66.76 23.53
C ALA A 1295 16.04 -65.80 24.70
N PHE A 1296 17.16 -65.24 25.16
CA PHE A 1296 17.11 -64.29 26.26
C PHE A 1296 16.37 -63.02 25.87
N PHE A 1297 16.60 -62.54 24.64
CA PHE A 1297 15.98 -61.31 24.19
C PHE A 1297 14.48 -61.48 24.06
N LEU A 1298 14.03 -62.58 23.45
CA LEU A 1298 12.59 -62.81 23.33
C LEU A 1298 11.96 -63.14 24.67
N GLU A 1299 12.72 -63.70 25.60
CA GLU A 1299 12.18 -64.03 26.91
C GLU A 1299 11.93 -62.78 27.74
N SER A 1300 12.93 -61.91 27.87
CA SER A 1300 12.85 -60.94 28.93
C SER A 1300 13.11 -59.52 28.45
N ILE A 1301 13.37 -59.32 27.16
CA ILE A 1301 13.63 -57.95 26.71
C ILE A 1301 12.64 -57.51 25.64
N ALA A 1302 12.18 -58.45 24.79
CA ALA A 1302 11.53 -58.07 23.55
C ALA A 1302 10.14 -57.50 23.73
N MET A 1303 9.39 -58.01 24.70
CA MET A 1303 7.97 -57.74 24.75
C MET A 1303 7.67 -56.35 25.29
N HIS A 1304 8.20 -56.05 26.47
CA HIS A 1304 7.79 -54.88 27.21
C HIS A 1304 8.94 -54.08 27.77
N ASP A 1305 10.14 -54.66 27.83
CA ASP A 1305 11.21 -54.16 28.69
C ASP A 1305 11.79 -52.86 28.16
N ILE A 1306 11.05 -51.76 28.34
CA ILE A 1306 11.48 -50.49 27.78
C ILE A 1306 12.66 -49.92 28.55
N ILE A 1307 12.42 -49.36 29.73
CA ILE A 1307 13.45 -48.83 30.59
C ILE A 1307 13.12 -49.42 31.96
N ALA A 1308 11.90 -49.95 32.08
CA ALA A 1308 11.48 -50.60 33.32
C ALA A 1308 12.16 -51.96 33.48
N ALA A 1309 11.85 -52.91 32.61
CA ALA A 1309 12.37 -54.27 32.76
C ALA A 1309 13.67 -54.49 32.01
N GLU A 1310 14.42 -53.44 31.70
CA GLU A 1310 15.80 -53.58 31.27
C GLU A 1310 16.79 -53.13 32.34
N LYS A 1311 16.33 -52.43 33.37
CA LYS A 1311 17.18 -52.13 34.52
C LYS A 1311 17.32 -53.32 35.46
N CYS A 1312 16.51 -54.36 35.28
CA CYS A 1312 16.76 -55.63 35.95
C CYS A 1312 17.71 -56.48 35.12
N SER A 1323 15.05 -40.85 32.03
CA SER A 1323 14.55 -39.91 31.03
C SER A 1323 13.50 -40.59 30.18
N PRO A 1324 12.53 -39.82 29.67
CA PRO A 1324 11.63 -40.37 28.66
C PRO A 1324 12.20 -40.25 27.28
N GLN A 1325 13.13 -39.32 27.08
CA GLN A 1325 13.72 -39.12 25.76
C GLN A 1325 14.70 -40.24 25.42
N GLU A 1326 15.29 -40.86 26.44
CA GLU A 1326 16.18 -42.00 26.19
C GLU A 1326 15.39 -43.29 25.92
N GLY A 1327 14.09 -43.30 26.20
CA GLY A 1327 13.26 -44.45 25.89
C GLY A 1327 13.10 -44.70 24.39
N GLU A 1328 13.15 -43.63 23.60
CA GLU A 1328 12.99 -43.80 22.16
C GLU A 1328 14.27 -44.34 21.52
N ARG A 1329 15.43 -43.93 22.03
CA ARG A 1329 16.67 -44.45 21.48
C ARG A 1329 16.87 -45.90 21.86
N TYR A 1330 16.29 -46.31 22.98
CA TYR A 1330 16.22 -47.73 23.29
C TYR A 1330 15.25 -48.43 22.36
N ASN A 1331 14.06 -47.86 22.17
CA ASN A 1331 12.99 -48.58 21.48
C ASN A 1331 13.30 -48.77 20.00
N TYR A 1332 14.07 -47.85 19.41
CA TYR A 1332 14.50 -48.03 18.03
C TYR A 1332 15.40 -49.27 17.90
N SER A 1333 16.41 -49.37 18.75
CA SER A 1333 17.32 -50.51 18.73
C SER A 1333 16.66 -51.81 19.17
N LYS A 1334 15.61 -51.75 19.98
CA LYS A 1334 14.90 -52.98 20.33
C LYS A 1334 14.01 -53.45 19.18
N CYS A 1335 13.35 -52.52 18.51
CA CYS A 1335 12.43 -52.90 17.45
C CYS A 1335 13.17 -53.37 16.21
N THR A 1336 14.36 -52.82 15.94
CA THR A 1336 15.09 -53.30 14.78
C THR A 1336 15.61 -54.72 15.01
N VAL A 1337 15.92 -55.08 16.25
CA VAL A 1337 16.39 -56.44 16.44
C VAL A 1337 15.22 -57.41 16.57
N VAL A 1338 14.02 -56.93 16.90
CA VAL A 1338 12.83 -57.78 16.77
C VAL A 1338 12.58 -58.12 15.30
N VAL A 1339 12.61 -57.11 14.44
CA VAL A 1339 12.40 -57.33 12.99
C VAL A 1339 13.50 -58.21 12.42
N ARG A 1340 14.72 -58.07 12.91
CA ARG A 1340 15.80 -58.89 12.36
C ARG A 1340 15.75 -60.32 12.89
N ILE A 1341 15.22 -60.54 14.09
CA ILE A 1341 14.96 -61.89 14.57
C ILE A 1341 13.92 -62.57 13.68
N MET A 1342 12.88 -61.83 13.29
CA MET A 1342 11.83 -62.40 12.44
C MET A 1342 12.35 -62.74 11.05
N GLU A 1343 13.19 -61.87 10.48
CA GLU A 1343 13.77 -62.16 9.17
C GLU A 1343 14.74 -63.34 9.26
N PHE A 1344 15.48 -63.47 10.36
CA PHE A 1344 16.38 -64.61 10.53
C PHE A 1344 15.60 -65.92 10.66
N THR A 1345 14.47 -65.88 11.36
CA THR A 1345 13.62 -67.06 11.49
C THR A 1345 13.06 -67.49 10.14
N THR A 1346 12.58 -66.55 9.35
CA THR A 1346 12.08 -66.87 8.02
C THR A 1346 13.19 -67.41 7.11
N THR A 1347 14.41 -66.90 7.28
CA THR A 1347 15.55 -67.43 6.52
C THR A 1347 15.84 -68.87 6.92
N LEU A 1348 15.72 -69.20 8.21
CA LEU A 1348 15.91 -70.57 8.66
C LEU A 1348 14.84 -71.50 8.12
N LEU A 1349 13.58 -71.09 8.22
CA LEU A 1349 12.50 -72.01 7.85
C LEU A 1349 12.32 -72.10 6.34
N ASN A 1350 12.87 -71.16 5.56
CA ASN A 1350 12.82 -71.28 4.11
C ASN A 1350 14.07 -71.89 3.52
N THR A 1351 15.21 -71.74 4.18
CA THR A 1351 16.47 -72.16 3.59
C THR A 1351 16.81 -73.59 3.92
N SER A 1352 16.51 -74.05 5.14
CA SER A 1352 16.77 -75.41 5.58
C SER A 1352 15.45 -76.09 5.86
N PRO A 1353 14.84 -76.75 4.86
CA PRO A 1353 13.64 -77.54 5.13
C PRO A 1353 13.97 -78.96 5.57
N GLU A 1354 15.02 -79.10 6.37
CA GLU A 1354 15.37 -80.35 7.04
C GLU A 1354 15.75 -80.17 8.50
N GLY A 1355 16.13 -78.97 8.93
CA GLY A 1355 16.76 -78.80 10.22
C GLY A 1355 16.07 -77.84 11.16
N TRP A 1356 14.73 -77.86 11.17
CA TRP A 1356 13.95 -77.03 12.08
C TRP A 1356 14.00 -77.51 13.52
N LYS A 1357 14.68 -78.62 13.79
CA LYS A 1357 14.73 -79.20 15.12
C LYS A 1357 15.56 -78.38 16.09
N LEU A 1358 16.52 -77.60 15.56
CA LEU A 1358 17.42 -76.86 16.43
C LEU A 1358 16.75 -75.64 17.02
N LEU A 1359 15.85 -75.02 16.27
CA LEU A 1359 15.18 -73.80 16.69
C LEU A 1359 13.90 -74.07 17.50
N LYS A 1360 14.00 -75.03 18.41
CA LYS A 1360 12.83 -75.51 19.13
C LYS A 1360 12.79 -75.01 20.56
N LYS A 1361 13.85 -75.26 21.32
CA LYS A 1361 13.89 -74.87 22.72
C LYS A 1361 14.09 -73.38 22.91
N ASP A 1362 14.61 -72.67 21.90
CA ASP A 1362 14.89 -71.25 22.02
C ASP A 1362 14.07 -70.38 21.09
N LEU A 1363 14.13 -70.62 19.78
CA LEU A 1363 13.65 -69.62 18.84
C LEU A 1363 12.14 -69.70 18.62
N CYS A 1364 11.65 -70.79 18.02
CA CYS A 1364 10.25 -70.87 17.62
C CYS A 1364 9.43 -71.48 18.76
N ASN A 1365 9.01 -70.63 19.68
CA ASN A 1365 8.26 -71.07 20.83
C ASN A 1365 7.18 -70.04 21.12
N THR A 1366 6.60 -70.11 22.32
CA THR A 1366 5.52 -69.21 22.69
C THR A 1366 5.99 -67.76 22.83
N HIS A 1367 7.29 -67.53 23.04
CA HIS A 1367 7.77 -66.16 23.13
C HIS A 1367 7.83 -65.49 21.77
N LEU A 1368 8.32 -66.21 20.75
CA LEU A 1368 8.29 -65.70 19.40
C LEU A 1368 6.87 -65.51 18.90
N MET A 1369 5.97 -66.42 19.24
CA MET A 1369 4.60 -66.27 18.75
C MET A 1369 3.88 -65.15 19.48
N ARG A 1370 4.21 -64.90 20.76
CA ARG A 1370 3.61 -63.77 21.44
C ARG A 1370 4.13 -62.45 20.89
N VAL A 1371 5.43 -62.39 20.59
CA VAL A 1371 6.00 -61.20 19.95
C VAL A 1371 5.43 -61.01 18.55
N LEU A 1372 5.17 -62.11 17.83
CA LEU A 1372 4.65 -62.01 16.47
C LEU A 1372 3.20 -61.55 16.46
N VAL A 1373 2.36 -62.08 17.34
CA VAL A 1373 0.99 -61.61 17.36
C VAL A 1373 0.89 -60.21 17.95
N GLN A 1374 1.89 -59.81 18.74
CA GLN A 1374 1.84 -58.44 19.24
C GLN A 1374 2.30 -57.44 18.18
N THR A 1375 3.30 -57.78 17.39
CA THR A 1375 3.69 -56.88 16.31
C THR A 1375 2.73 -56.99 15.13
N LEU A 1376 1.88 -58.01 15.13
CA LEU A 1376 0.84 -58.11 14.13
C LEU A 1376 -0.35 -57.22 14.49
N CYS A 1377 -0.89 -57.37 15.70
CA CYS A 1377 -2.07 -56.61 16.03
C CYS A 1377 -1.76 -55.19 16.48
N GLU A 1378 -1.06 -55.03 17.61
CA GLU A 1378 -0.81 -53.70 18.16
C GLU A 1378 0.71 -53.52 18.30
N PRO A 1379 1.37 -53.04 17.24
CA PRO A 1379 2.84 -52.97 17.27
C PRO A 1379 3.39 -51.82 18.07
N ALA A 1380 2.55 -50.88 18.51
CA ALA A 1380 3.04 -49.79 19.35
C ALA A 1380 3.40 -50.28 20.74
N SER A 1381 2.77 -51.38 21.18
CA SER A 1381 2.98 -51.86 22.54
C SER A 1381 4.37 -52.46 22.72
N ILE A 1382 4.89 -53.10 21.68
CA ILE A 1382 6.28 -53.53 21.67
C ILE A 1382 7.21 -52.33 21.72
N GLY A 1383 6.85 -51.25 21.05
CA GLY A 1383 7.65 -50.05 21.07
C GLY A 1383 7.91 -49.46 19.70
N PHE A 1384 7.31 -50.01 18.65
CA PHE A 1384 7.40 -49.40 17.33
C PHE A 1384 6.72 -48.04 17.38
N ASN A 1385 7.33 -47.06 16.73
CA ASN A 1385 6.71 -45.76 16.62
C ASN A 1385 6.02 -45.67 15.28
N ILE A 1386 4.81 -45.09 15.28
CA ILE A 1386 4.09 -44.87 14.05
C ILE A 1386 4.51 -43.60 13.34
N GLY A 1387 5.42 -42.84 13.94
CA GLY A 1387 5.95 -41.68 13.26
C GLY A 1387 6.90 -42.04 12.14
N ASP A 1388 7.63 -43.13 12.30
CA ASP A 1388 8.33 -43.69 11.16
C ASP A 1388 7.32 -44.29 10.21
N VAL A 1389 7.63 -44.24 8.92
CA VAL A 1389 6.77 -44.82 7.92
C VAL A 1389 7.45 -45.99 7.19
N GLN A 1390 8.78 -46.04 7.16
CA GLN A 1390 9.44 -47.15 6.48
C GLN A 1390 9.36 -48.42 7.30
N VAL A 1391 9.53 -48.31 8.62
CA VAL A 1391 9.43 -49.49 9.48
C VAL A 1391 7.98 -49.96 9.56
N MET A 1392 7.04 -49.02 9.61
CA MET A 1392 5.65 -49.42 9.66
C MET A 1392 5.11 -49.87 8.30
N ALA A 1393 5.80 -49.55 7.21
CA ALA A 1393 5.44 -50.16 5.93
C ALA A 1393 6.15 -51.48 5.71
N HIS A 1394 7.25 -51.71 6.43
CA HIS A 1394 8.01 -52.95 6.30
C HIS A 1394 7.46 -54.04 7.18
N LEU A 1395 6.84 -53.68 8.31
CA LEU A 1395 6.23 -54.66 9.20
C LEU A 1395 5.18 -55.57 8.56
N PRO A 1396 4.32 -55.13 7.60
CA PRO A 1396 3.53 -56.11 6.84
C PRO A 1396 4.32 -57.18 6.14
N ASP A 1397 5.46 -56.84 5.54
CA ASP A 1397 6.19 -57.81 4.73
C ASP A 1397 6.87 -58.85 5.61
N VAL A 1398 7.46 -58.43 6.73
CA VAL A 1398 8.13 -59.40 7.60
C VAL A 1398 7.11 -60.24 8.34
N CYS A 1399 5.96 -59.66 8.70
CA CYS A 1399 4.95 -60.46 9.41
C CYS A 1399 4.29 -61.47 8.48
N VAL A 1400 4.02 -61.07 7.24
CA VAL A 1400 3.43 -61.99 6.27
C VAL A 1400 4.42 -63.07 5.87
N ASN A 1401 5.71 -62.72 5.74
CA ASN A 1401 6.70 -63.72 5.37
C ASN A 1401 6.96 -64.71 6.50
N LEU A 1402 6.90 -64.25 7.75
CA LEU A 1402 7.07 -65.18 8.86
C LEU A 1402 5.84 -66.08 9.02
N MET A 1403 4.64 -65.51 8.88
CA MET A 1403 3.43 -66.32 8.99
C MET A 1403 3.27 -67.25 7.81
N LYS A 1404 3.85 -66.90 6.67
CA LYS A 1404 3.82 -67.75 5.49
C LYS A 1404 4.89 -68.82 5.55
N ALA A 1405 6.01 -68.56 6.21
CA ALA A 1405 7.01 -69.59 6.39
C ALA A 1405 6.67 -70.51 7.54
N LEU A 1406 5.82 -70.06 8.47
CA LEU A 1406 5.35 -70.90 9.56
C LEU A 1406 4.19 -71.78 9.15
N LYS A 1407 3.88 -71.87 7.86
CA LYS A 1407 2.81 -72.73 7.38
C LYS A 1407 3.35 -74.06 6.89
N MET A 1408 4.56 -74.08 6.35
CA MET A 1408 5.22 -75.33 5.97
C MET A 1408 6.15 -75.81 7.07
N SER A 1409 5.60 -75.91 8.27
CA SER A 1409 6.39 -76.28 9.45
C SER A 1409 5.45 -76.92 10.46
N PRO A 1410 5.99 -77.72 11.39
CA PRO A 1410 5.14 -78.27 12.47
C PRO A 1410 4.73 -77.25 13.51
N TYR A 1411 5.22 -76.01 13.44
CA TYR A 1411 4.82 -74.95 14.33
C TYR A 1411 3.57 -74.22 13.86
N LYS A 1412 2.87 -74.78 12.87
CA LYS A 1412 1.65 -74.17 12.34
C LYS A 1412 0.55 -74.17 13.38
N ASP A 1413 0.49 -75.24 14.18
CA ASP A 1413 -0.60 -75.36 15.16
C ASP A 1413 -0.45 -74.36 16.29
N ILE A 1414 0.78 -74.15 16.78
CA ILE A 1414 0.98 -73.23 17.89
C ILE A 1414 0.78 -71.79 17.42
N LEU A 1415 1.06 -71.53 16.14
CA LEU A 1415 0.78 -70.23 15.56
C LEU A 1415 -0.72 -70.00 15.45
N GLU A 1416 -1.46 -71.03 15.02
CA GLU A 1416 -2.91 -70.88 14.88
C GLU A 1416 -3.58 -70.73 16.23
N THR A 1417 -3.05 -71.36 17.28
CA THR A 1417 -3.66 -71.15 18.59
C THR A 1417 -3.19 -69.83 19.22
N HIS A 1418 -2.06 -69.28 18.81
CA HIS A 1418 -1.72 -67.96 19.33
C HIS A 1418 -2.53 -66.87 18.64
N LEU A 1419 -2.83 -67.06 17.35
CA LEU A 1419 -3.66 -66.08 16.66
C LEU A 1419 -5.12 -66.26 17.04
N ARG A 1420 -5.52 -67.49 17.39
CA ARG A 1420 -6.89 -67.74 17.81
C ARG A 1420 -7.19 -67.19 19.19
N GLU A 1421 -6.18 -66.90 19.99
CA GLU A 1421 -6.43 -66.25 21.27
C GLU A 1421 -6.65 -64.76 21.09
N LYS A 1422 -5.92 -64.13 20.16
CA LYS A 1422 -5.90 -62.69 20.02
C LYS A 1422 -6.82 -62.18 18.91
N ILE A 1423 -7.16 -63.01 17.94
CA ILE A 1423 -8.08 -62.63 16.86
C ILE A 1423 -9.22 -63.63 16.84
N THR A 1424 -10.41 -63.20 17.26
CA THR A 1424 -11.57 -64.07 17.36
C THR A 1424 -12.72 -63.44 16.60
N ALA A 1425 -13.83 -64.18 16.51
CA ALA A 1425 -15.07 -63.58 16.02
C ALA A 1425 -15.76 -62.78 17.12
N GLN A 1426 -15.56 -63.17 18.38
CA GLN A 1426 -16.12 -62.44 19.49
C GLN A 1426 -15.50 -61.07 19.61
N SER A 1427 -14.22 -60.95 19.23
CA SER A 1427 -13.56 -59.65 19.22
C SER A 1427 -14.18 -58.73 18.18
N ILE A 1428 -14.47 -59.28 16.99
CA ILE A 1428 -15.04 -58.48 15.93
C ILE A 1428 -16.48 -58.07 16.28
N GLU A 1429 -17.21 -58.97 16.95
CA GLU A 1429 -18.55 -58.59 17.41
C GLU A 1429 -18.49 -57.55 18.52
N GLU A 1430 -17.43 -57.58 19.33
CA GLU A 1430 -17.33 -56.62 20.43
C GLU A 1430 -16.89 -55.26 19.94
N LEU A 1431 -16.03 -55.22 18.93
CA LEU A 1431 -15.60 -53.95 18.35
C LEU A 1431 -16.75 -53.21 17.71
N CYS A 1432 -17.56 -53.93 16.92
CA CYS A 1432 -18.62 -53.29 16.15
C CYS A 1432 -19.94 -53.18 16.92
N ALA A 1433 -20.05 -53.78 18.10
CA ALA A 1433 -21.22 -53.52 18.94
C ALA A 1433 -21.18 -52.11 19.53
N VAL A 1434 -19.98 -51.55 19.66
CA VAL A 1434 -19.82 -50.15 20.02
C VAL A 1434 -20.26 -49.28 18.83
N ASN A 1435 -20.67 -48.05 19.11
CA ASN A 1435 -20.88 -47.06 18.05
C ASN A 1435 -19.54 -46.73 17.42
N LEU A 1436 -19.51 -46.65 16.09
CA LEU A 1436 -18.29 -46.35 15.35
C LEU A 1436 -18.41 -45.11 14.47
N TYR A 1437 -19.47 -44.32 14.61
CA TYR A 1437 -19.63 -43.12 13.79
C TYR A 1437 -20.03 -41.95 14.68
N GLY A 1438 -19.12 -40.98 14.81
CA GLY A 1438 -19.36 -39.82 15.62
C GLY A 1438 -18.12 -38.97 15.78
N PRO A 1439 -18.16 -38.01 16.72
CA PRO A 1439 -17.04 -37.08 16.86
C PRO A 1439 -16.04 -37.47 17.94
N ASP A 1440 -16.34 -38.49 18.76
CA ASP A 1440 -15.40 -38.92 19.78
C ASP A 1440 -14.92 -40.35 19.58
N ALA A 1441 -15.38 -41.04 18.54
CA ALA A 1441 -14.90 -42.40 18.26
C ALA A 1441 -13.46 -42.29 17.76
N GLN A 1442 -12.54 -42.24 18.71
CA GLN A 1442 -11.11 -42.21 18.43
C GLN A 1442 -10.33 -43.09 19.39
N VAL A 1443 -10.93 -43.52 20.50
CA VAL A 1443 -10.33 -44.57 21.32
C VAL A 1443 -10.94 -45.92 20.96
N ASP A 1444 -12.18 -45.95 20.48
CA ASP A 1444 -12.81 -47.18 20.06
C ASP A 1444 -12.84 -47.37 18.55
N ARG A 1445 -12.42 -46.37 17.77
CA ARG A 1445 -12.27 -46.49 16.34
C ARG A 1445 -10.82 -46.71 15.92
N SER A 1446 -9.91 -46.73 16.89
CA SER A 1446 -8.51 -47.04 16.65
C SER A 1446 -8.22 -48.53 16.73
N ARG A 1447 -9.11 -49.31 17.33
CA ARG A 1447 -8.87 -50.74 17.51
C ARG A 1447 -9.50 -51.56 16.41
N LEU A 1448 -10.58 -51.06 15.82
CA LEU A 1448 -11.18 -51.72 14.68
C LEU A 1448 -10.26 -51.65 13.47
N ALA A 1449 -9.55 -50.53 13.29
CA ALA A 1449 -8.56 -50.43 12.22
C ALA A 1449 -7.39 -51.37 12.47
N ALA A 1450 -7.03 -51.59 13.72
CA ALA A 1450 -5.94 -52.52 14.02
C ALA A 1450 -6.32 -53.95 13.71
N VAL A 1451 -7.54 -54.38 14.07
CA VAL A 1451 -7.91 -55.76 13.77
C VAL A 1451 -8.22 -55.92 12.29
N VAL A 1452 -8.58 -54.83 11.60
CA VAL A 1452 -8.74 -54.88 10.15
C VAL A 1452 -7.40 -55.11 9.47
N SER A 1453 -6.36 -54.40 9.90
CA SER A 1453 -5.05 -54.61 9.31
C SER A 1453 -4.49 -55.98 9.68
N ALA A 1454 -4.81 -56.45 10.88
CA ALA A 1454 -4.40 -57.78 11.32
C ALA A 1454 -5.01 -58.85 10.43
N CYS A 1455 -6.31 -58.75 10.15
CA CYS A 1455 -6.96 -59.76 9.34
C CYS A 1455 -6.57 -59.66 7.87
N LYS A 1456 -6.25 -58.46 7.39
CA LYS A 1456 -5.68 -58.32 6.05
C LYS A 1456 -4.33 -59.01 5.95
N GLN A 1457 -3.52 -58.92 7.00
CA GLN A 1457 -2.23 -59.59 6.97
C GLN A 1457 -2.40 -61.10 7.09
N LEU A 1458 -3.41 -61.55 7.82
CA LEU A 1458 -3.74 -62.97 7.83
C LEU A 1458 -4.14 -63.45 6.44
N HIS A 1459 -4.98 -62.69 5.74
CA HIS A 1459 -5.42 -63.07 4.41
C HIS A 1459 -4.27 -63.06 3.42
N ARG A 1460 -3.29 -62.17 3.62
CA ARG A 1460 -2.10 -62.22 2.79
C ARG A 1460 -1.26 -63.44 3.11
N ALA A 1461 -1.21 -63.85 4.37
CA ALA A 1461 -0.53 -65.09 4.73
C ALA A 1461 -1.28 -66.33 4.28
N GLY A 1462 -2.54 -66.20 3.89
CA GLY A 1462 -3.27 -67.35 3.38
C GLY A 1462 -4.01 -68.13 4.43
N LEU A 1463 -4.20 -67.56 5.60
CA LEU A 1463 -4.84 -68.27 6.70
C LEU A 1463 -5.83 -67.40 7.44
N LEU A 1464 -6.60 -66.59 6.71
CA LEU A 1464 -7.71 -65.88 7.33
C LEU A 1464 -8.83 -66.84 7.67
N HIS A 1465 -8.99 -67.90 6.89
CA HIS A 1465 -10.06 -68.85 7.13
C HIS A 1465 -9.79 -69.72 8.36
N ASN A 1466 -8.52 -69.94 8.69
CA ASN A 1466 -8.22 -70.88 9.76
C ASN A 1466 -8.45 -70.26 11.13
N ILE A 1467 -8.26 -68.96 11.25
CA ILE A 1467 -8.45 -68.28 12.52
C ILE A 1467 -9.90 -67.85 12.68
N LEU A 1468 -10.52 -67.38 11.62
CA LEU A 1468 -11.91 -66.90 11.64
C LEU A 1468 -12.76 -67.79 10.73
N PRO A 1469 -13.09 -69.00 11.16
CA PRO A 1469 -13.71 -69.95 10.26
C PRO A 1469 -15.21 -69.74 10.15
N SER A 1470 -15.79 -70.40 9.15
CA SER A 1470 -17.18 -70.15 8.80
C SER A 1470 -18.11 -70.75 9.85
N GLN A 1471 -18.71 -69.89 10.67
CA GLN A 1471 -19.79 -70.28 11.56
C GLN A 1471 -21.15 -70.12 10.90
N SER A 1472 -21.21 -70.29 9.59
CA SER A 1472 -22.41 -70.13 8.78
C SER A 1472 -22.61 -71.39 7.95
N THR A 1473 -23.73 -71.43 7.22
CA THR A 1473 -24.24 -72.70 6.70
C THR A 1473 -23.50 -73.26 5.49
N ASP A 1474 -23.53 -72.57 4.34
CA ASP A 1474 -22.92 -73.15 3.14
C ASP A 1474 -21.82 -72.29 2.53
N LEU A 1475 -22.09 -71.04 2.16
CA LEU A 1475 -21.13 -70.27 1.39
C LEU A 1475 -20.92 -68.86 1.91
N HIS A 1476 -21.91 -68.23 2.51
CA HIS A 1476 -21.69 -66.93 3.13
C HIS A 1476 -20.87 -67.11 4.39
N HIS A 1477 -20.05 -66.13 4.68
CA HIS A 1477 -19.24 -66.16 5.89
C HIS A 1477 -20.00 -65.39 6.96
N SER A 1478 -20.14 -66.01 8.13
CA SER A 1478 -20.91 -65.40 9.22
C SER A 1478 -20.27 -64.13 9.74
N VAL A 1479 -18.96 -63.97 9.55
CA VAL A 1479 -18.29 -62.73 9.90
C VAL A 1479 -18.31 -61.75 8.73
N GLY A 1480 -18.19 -62.27 7.49
CA GLY A 1480 -18.16 -61.39 6.33
C GLY A 1480 -19.47 -60.68 6.07
N THR A 1481 -20.58 -61.42 6.14
CA THR A 1481 -21.88 -60.77 5.96
C THR A 1481 -22.25 -59.90 7.16
N GLU A 1482 -21.73 -60.21 8.35
CA GLU A 1482 -21.91 -59.29 9.48
C GLU A 1482 -21.16 -57.99 9.24
N LEU A 1483 -19.99 -58.06 8.62
CA LEU A 1483 -19.24 -56.85 8.31
C LEU A 1483 -19.94 -56.02 7.23
N LEU A 1484 -20.42 -56.69 6.18
CA LEU A 1484 -21.09 -55.99 5.10
C LEU A 1484 -22.38 -55.35 5.58
N SER A 1485 -23.11 -56.05 6.45
CA SER A 1485 -24.34 -55.51 7.01
C SER A 1485 -24.05 -54.36 7.94
N LEU A 1486 -22.91 -54.41 8.65
CA LEU A 1486 -22.49 -53.30 9.51
C LEU A 1486 -22.22 -52.04 8.71
N VAL A 1487 -21.40 -52.16 7.66
CA VAL A 1487 -21.03 -51.00 6.86
C VAL A 1487 -22.23 -50.44 6.12
N TYR A 1488 -23.11 -51.33 5.64
CA TYR A 1488 -24.31 -50.88 4.94
C TYR A 1488 -25.30 -50.21 5.88
N LYS A 1489 -25.52 -50.79 7.06
CA LYS A 1489 -26.53 -50.25 7.96
C LYS A 1489 -26.03 -49.06 8.76
N GLY A 1490 -24.73 -48.80 8.77
CA GLY A 1490 -24.23 -47.66 9.51
C GLY A 1490 -23.86 -46.45 8.67
N ILE A 1491 -24.69 -46.14 7.67
CA ILE A 1491 -24.55 -44.90 6.92
C ILE A 1491 -25.91 -44.21 6.94
N ALA A 1492 -26.91 -44.90 7.46
CA ALA A 1492 -28.27 -44.40 7.55
C ALA A 1492 -28.72 -44.40 9.00
N PRO A 1493 -29.58 -43.45 9.38
CA PRO A 1493 -30.21 -43.51 10.71
C PRO A 1493 -31.40 -44.46 10.69
N GLY A 1494 -31.54 -45.25 11.75
CA GLY A 1494 -32.64 -46.19 11.86
C GLY A 1494 -33.96 -45.51 12.15
N GLN A 1498 -29.95 -39.61 15.97
CA GLN A 1498 -29.99 -40.36 14.73
C GLN A 1498 -30.71 -39.57 13.64
N CYS A 1499 -30.01 -38.60 13.04
CA CYS A 1499 -30.60 -37.74 12.02
C CYS A 1499 -29.93 -37.90 10.66
N LEU A 1500 -28.62 -37.68 10.57
CA LEU A 1500 -27.82 -38.02 9.39
C LEU A 1500 -26.35 -38.17 9.77
N PRO A 1501 -25.81 -39.38 9.79
CA PRO A 1501 -24.39 -39.53 10.14
C PRO A 1501 -23.49 -39.03 9.03
N SER A 1502 -22.90 -37.86 9.24
CA SER A 1502 -21.93 -37.30 8.30
C SER A 1502 -20.57 -37.93 8.55
N LEU A 1503 -19.99 -38.48 7.49
CA LEU A 1503 -18.80 -39.31 7.63
C LEU A 1503 -17.57 -38.47 7.90
N ASP A 1504 -16.81 -38.85 8.91
CA ASP A 1504 -15.48 -38.27 9.09
C ASP A 1504 -14.53 -38.74 8.00
N LEU A 1505 -13.36 -38.14 7.98
CA LEU A 1505 -12.38 -38.42 6.94
C LEU A 1505 -11.76 -39.80 7.14
N SER A 1506 -11.74 -40.24 8.40
CA SER A 1506 -11.28 -41.57 8.77
C SER A 1506 -12.41 -42.56 8.93
N CYS A 1507 -13.64 -42.08 9.13
CA CYS A 1507 -14.81 -42.97 9.12
C CYS A 1507 -14.96 -43.64 7.76
N LYS A 1508 -14.74 -42.90 6.68
CA LYS A 1508 -14.83 -43.48 5.35
C LYS A 1508 -13.70 -44.45 5.08
N GLN A 1509 -12.50 -44.16 5.57
CA GLN A 1509 -11.37 -45.05 5.29
C GLN A 1509 -11.46 -46.33 6.12
N LEU A 1510 -12.00 -46.23 7.33
CA LEU A 1510 -12.30 -47.42 8.11
C LEU A 1510 -13.43 -48.23 7.46
N ALA A 1511 -14.40 -47.54 6.87
CA ALA A 1511 -15.48 -48.27 6.20
C ALA A 1511 -14.99 -48.98 4.96
N SER A 1512 -14.05 -48.38 4.22
CA SER A 1512 -13.49 -49.07 3.07
C SER A 1512 -12.60 -50.22 3.51
N GLY A 1513 -11.93 -50.10 4.65
CA GLY A 1513 -11.14 -51.22 5.16
C GLY A 1513 -12.00 -52.38 5.62
N LEU A 1514 -13.10 -52.06 6.32
CA LEU A 1514 -14.07 -53.08 6.72
C LEU A 1514 -14.70 -53.74 5.50
N LEU A 1515 -14.92 -52.97 4.45
CA LEU A 1515 -15.55 -53.51 3.26
C LEU A 1515 -14.59 -54.42 2.49
N GLU A 1516 -13.31 -54.05 2.44
CA GLU A 1516 -12.32 -54.91 1.81
C GLU A 1516 -12.13 -56.20 2.59
N LEU A 1517 -12.22 -56.13 3.92
CA LEU A 1517 -12.16 -57.34 4.73
C LEU A 1517 -13.38 -58.23 4.49
N ALA A 1518 -14.56 -57.62 4.39
CA ALA A 1518 -15.78 -58.39 4.16
C ALA A 1518 -15.74 -59.07 2.80
N PHE A 1519 -15.17 -58.40 1.80
CA PHE A 1519 -15.05 -59.04 0.50
C PHE A 1519 -13.91 -60.04 0.46
N ALA A 1520 -12.95 -59.90 1.37
CA ALA A 1520 -11.83 -60.83 1.45
C ALA A 1520 -12.22 -62.11 2.15
N PHE A 1521 -13.28 -62.08 2.97
CA PHE A 1521 -13.73 -63.29 3.63
C PHE A 1521 -14.28 -64.32 2.66
N GLY A 1522 -14.80 -63.88 1.53
CA GLY A 1522 -15.14 -64.82 0.48
C GLY A 1522 -16.62 -64.90 0.14
N GLY A 1523 -16.92 -65.21 -1.11
CA GLY A 1523 -18.30 -65.23 -1.54
C GLY A 1523 -18.80 -63.81 -1.69
N LEU A 1524 -19.99 -63.55 -1.15
CA LEU A 1524 -20.55 -62.23 -0.92
C LEU A 1524 -20.79 -61.39 -2.17
N CYS A 1525 -20.82 -61.99 -3.37
CA CYS A 1525 -21.21 -61.21 -4.53
C CYS A 1525 -22.72 -61.02 -4.55
N GLU A 1526 -23.47 -62.05 -4.19
CA GLU A 1526 -24.92 -62.02 -4.32
C GLU A 1526 -25.55 -61.06 -3.32
N ARG A 1527 -25.09 -61.10 -2.06
CA ARG A 1527 -25.64 -60.21 -1.06
C ARG A 1527 -25.25 -58.77 -1.34
N LEU A 1528 -24.06 -58.54 -1.89
CA LEU A 1528 -23.64 -57.18 -2.21
C LEU A 1528 -24.44 -56.63 -3.37
N VAL A 1529 -24.72 -57.45 -4.38
CA VAL A 1529 -25.56 -57.03 -5.49
C VAL A 1529 -26.99 -56.76 -5.00
N SER A 1530 -27.51 -57.61 -4.13
CA SER A 1530 -28.86 -57.40 -3.63
C SER A 1530 -28.94 -56.21 -2.67
N LEU A 1531 -27.82 -55.82 -2.07
CA LEU A 1531 -27.77 -54.57 -1.33
C LEU A 1531 -27.70 -53.37 -2.25
N LEU A 1532 -27.06 -53.54 -3.42
CA LEU A 1532 -27.01 -52.45 -4.38
C LEU A 1532 -28.39 -52.20 -4.97
N LEU A 1533 -29.13 -53.25 -5.29
CA LEU A 1533 -30.45 -53.14 -5.89
C LEU A 1533 -31.55 -53.21 -4.83
N ASN A 1534 -31.43 -52.39 -3.80
CA ASN A 1534 -32.39 -52.39 -2.72
C ASN A 1534 -33.15 -51.08 -2.74
N PRO A 1535 -34.46 -51.11 -2.86
CA PRO A 1535 -35.26 -49.87 -2.91
C PRO A 1535 -35.61 -49.31 -1.54
N ALA A 1536 -34.61 -49.15 -0.69
CA ALA A 1536 -34.81 -48.56 0.63
C ALA A 1536 -34.57 -47.06 0.57
N VAL A 1537 -35.45 -46.31 1.22
CA VAL A 1537 -35.51 -44.86 1.10
C VAL A 1537 -35.06 -44.23 2.41
N LEU A 1538 -34.25 -43.20 2.32
CA LEU A 1538 -33.74 -42.47 3.49
C LEU A 1538 -34.27 -41.05 3.47
N SER A 1539 -33.81 -40.24 4.43
CA SER A 1539 -34.17 -38.82 4.52
C SER A 1539 -33.19 -38.14 5.46
N THR A 1540 -32.65 -37.00 5.03
CA THR A 1540 -31.79 -36.22 5.93
C THR A 1540 -32.61 -35.39 6.92
N ALA A 1541 -33.41 -34.47 6.40
CA ALA A 1541 -34.10 -33.51 7.27
C ALA A 1541 -35.53 -33.26 6.82
N VAL A 1550 -38.17 -32.37 2.48
CA VAL A 1550 -37.63 -33.72 2.62
C VAL A 1550 -37.20 -34.29 1.26
N ILE A 1551 -36.02 -34.93 1.25
CA ILE A 1551 -35.43 -35.51 0.05
C ILE A 1551 -35.23 -37.00 0.31
N HIS A 1552 -35.08 -37.77 -0.77
CA HIS A 1552 -35.31 -39.22 -0.63
C HIS A 1552 -34.05 -40.07 -0.79
N PHE A 1553 -33.39 -40.07 -1.94
CA PHE A 1553 -32.09 -40.70 -2.23
C PHE A 1553 -31.93 -42.14 -1.72
N SER A 1554 -32.35 -43.11 -2.53
CA SER A 1554 -32.33 -44.53 -2.19
C SER A 1554 -31.05 -45.06 -1.55
N HIS A 1555 -31.20 -46.08 -0.69
CA HIS A 1555 -30.11 -46.55 0.17
C HIS A 1555 -29.00 -47.20 -0.63
N GLY A 1556 -29.36 -48.00 -1.63
CA GLY A 1556 -28.35 -48.65 -2.44
C GLY A 1556 -27.57 -47.68 -3.29
N GLU A 1557 -28.22 -46.59 -3.72
CA GLU A 1557 -27.53 -45.59 -4.52
C GLU A 1557 -26.53 -44.81 -3.70
N TYR A 1558 -26.88 -44.46 -2.47
CA TYR A 1558 -25.96 -43.74 -1.60
C TYR A 1558 -24.78 -44.62 -1.21
N PHE A 1559 -25.05 -45.91 -1.00
CA PHE A 1559 -24.00 -46.86 -0.67
C PHE A 1559 -23.03 -47.05 -1.82
N TYR A 1560 -23.56 -47.11 -3.05
CA TYR A 1560 -22.68 -47.20 -4.20
C TYR A 1560 -22.00 -45.88 -4.48
N SER A 1561 -22.59 -44.76 -4.07
CA SER A 1561 -21.97 -43.48 -4.35
C SER A 1561 -20.83 -43.19 -3.39
N LEU A 1562 -20.92 -43.74 -2.18
CA LEU A 1562 -19.88 -43.50 -1.19
C LEU A 1562 -18.61 -44.28 -1.51
N PHE A 1563 -18.74 -45.57 -1.80
CA PHE A 1563 -17.58 -46.43 -1.83
C PHE A 1563 -17.10 -46.73 -3.24
N SER A 1564 -17.94 -47.32 -4.08
CA SER A 1564 -17.86 -47.23 -5.54
C SER A 1564 -16.64 -47.85 -6.19
N GLU A 1565 -15.65 -48.18 -5.45
CA GLU A 1565 -14.36 -48.58 -6.01
C GLU A 1565 -13.86 -49.85 -5.37
N THR A 1566 -14.06 -50.03 -4.08
CA THR A 1566 -13.95 -51.36 -3.50
C THR A 1566 -15.03 -52.26 -4.08
N ILE A 1567 -16.23 -51.71 -4.23
CA ILE A 1567 -17.36 -52.45 -4.79
C ILE A 1567 -17.08 -52.83 -6.24
N ASN A 1568 -16.53 -51.89 -7.01
CA ASN A 1568 -16.25 -52.15 -8.40
C ASN A 1568 -15.06 -53.09 -8.56
N THR A 1569 -14.07 -52.99 -7.67
CA THR A 1569 -12.94 -53.92 -7.70
C THR A 1569 -13.42 -55.34 -7.39
N GLU A 1570 -14.36 -55.47 -6.44
CA GLU A 1570 -14.97 -56.77 -6.17
C GLU A 1570 -15.75 -57.28 -7.36
N LEU A 1571 -16.60 -56.42 -7.94
CA LEU A 1571 -17.50 -56.88 -8.99
C LEU A 1571 -16.75 -57.17 -10.28
N LEU A 1572 -15.56 -56.60 -10.42
CA LEU A 1572 -14.68 -57.03 -11.50
C LEU A 1572 -13.88 -58.26 -11.10
N LYS A 1573 -13.73 -58.53 -9.80
CA LYS A 1573 -13.03 -59.72 -9.37
C LYS A 1573 -13.87 -60.98 -9.59
N ASN A 1574 -15.17 -60.92 -9.32
CA ASN A 1574 -16.05 -62.05 -9.69
C ASN A 1574 -17.12 -61.54 -10.66
N LEU A 1575 -16.86 -61.77 -11.95
CA LEU A 1575 -17.51 -61.03 -13.04
C LEU A 1575 -18.86 -61.62 -13.43
N ASP A 1576 -18.87 -62.87 -13.87
CA ASP A 1576 -19.99 -63.41 -14.64
C ASP A 1576 -21.24 -63.55 -13.79
N LEU A 1577 -21.05 -63.91 -12.51
CA LEU A 1577 -22.16 -63.98 -11.58
C LEU A 1577 -22.70 -62.59 -11.27
N ALA A 1578 -21.83 -61.58 -11.21
CA ALA A 1578 -22.26 -60.22 -10.96
C ALA A 1578 -23.09 -59.69 -12.12
N VAL A 1579 -22.60 -59.84 -13.36
CA VAL A 1579 -23.32 -59.36 -14.54
C VAL A 1579 -24.61 -60.13 -14.74
N LEU A 1580 -24.62 -61.44 -14.49
CA LEU A 1580 -25.83 -62.22 -14.67
C LEU A 1580 -26.88 -61.87 -13.62
N GLU A 1581 -26.49 -61.79 -12.35
CA GLU A 1581 -27.44 -61.44 -11.30
C GLU A 1581 -27.80 -59.96 -11.33
N LEU A 1582 -27.03 -59.15 -12.05
CA LEU A 1582 -27.32 -57.73 -12.12
C LEU A 1582 -28.25 -57.44 -13.28
N MET A 1583 -28.09 -58.14 -14.39
CA MET A 1583 -29.01 -58.00 -15.51
C MET A 1583 -30.22 -58.92 -15.39
N GLN A 1584 -30.26 -59.76 -14.36
CA GLN A 1584 -31.49 -60.48 -14.04
C GLN A 1584 -32.55 -59.56 -13.48
N SER A 1585 -32.14 -58.46 -12.86
CA SER A 1585 -33.08 -57.55 -12.20
C SER A 1585 -33.08 -56.19 -12.88
N SER A 1586 -33.09 -56.20 -14.22
CA SER A 1586 -33.00 -54.95 -14.96
C SER A 1586 -34.31 -54.16 -14.89
N VAL A 1587 -35.46 -54.85 -14.89
CA VAL A 1587 -36.73 -54.15 -14.91
C VAL A 1587 -37.08 -53.60 -13.53
N ASP A 1588 -36.59 -54.26 -12.47
CA ASP A 1588 -36.95 -53.91 -11.10
C ASP A 1588 -36.39 -52.55 -10.70
N ASN A 1589 -35.08 -52.36 -10.87
CA ASN A 1589 -34.43 -51.08 -10.57
C ASN A 1589 -33.53 -50.74 -11.75
N THR A 1590 -34.11 -50.11 -12.78
CA THR A 1590 -33.39 -49.89 -14.03
C THR A 1590 -32.37 -48.75 -13.92
N LYS A 1591 -32.49 -47.88 -12.92
CA LYS A 1591 -31.53 -46.81 -12.76
C LYS A 1591 -30.27 -47.33 -12.10
N MET A 1592 -30.44 -48.20 -11.10
CA MET A 1592 -29.30 -48.68 -10.34
C MET A 1592 -28.45 -49.66 -11.12
N VAL A 1593 -29.07 -50.51 -11.93
CA VAL A 1593 -28.30 -51.46 -12.73
C VAL A 1593 -27.52 -50.73 -13.82
N SER A 1594 -28.09 -49.65 -14.35
CA SER A 1594 -27.36 -48.85 -15.33
C SER A 1594 -26.20 -48.11 -14.67
N ALA A 1595 -26.43 -47.59 -13.46
CA ALA A 1595 -25.37 -46.87 -12.74
C ALA A 1595 -24.22 -47.80 -12.38
N VAL A 1596 -24.53 -48.99 -11.87
CA VAL A 1596 -23.49 -49.93 -11.46
C VAL A 1596 -22.74 -50.47 -12.67
N LEU A 1597 -23.45 -50.77 -13.77
CA LEU A 1597 -22.76 -51.29 -14.94
C LEU A 1597 -21.90 -50.22 -15.61
N ASN A 1598 -22.34 -48.96 -15.58
CA ASN A 1598 -21.51 -47.88 -16.09
C ASN A 1598 -20.27 -47.68 -15.24
N GLY A 1599 -20.43 -47.74 -13.91
CA GLY A 1599 -19.29 -47.58 -13.03
C GLY A 1599 -18.27 -48.70 -13.18
N MET A 1600 -18.76 -49.94 -13.28
CA MET A 1600 -17.88 -51.08 -13.51
C MET A 1600 -17.15 -50.97 -14.84
N LEU A 1601 -17.85 -50.47 -15.86
CA LEU A 1601 -17.30 -50.47 -17.21
C LEU A 1601 -16.24 -49.38 -17.38
N ASP A 1602 -16.50 -48.18 -16.87
CA ASP A 1602 -15.45 -47.18 -16.96
C ASP A 1602 -14.41 -47.28 -15.85
N GLN A 1603 -14.64 -48.10 -14.83
CA GLN A 1603 -13.55 -48.38 -13.91
C GLN A 1603 -12.65 -49.47 -14.48
N SER A 1604 -13.21 -50.37 -15.29
CA SER A 1604 -12.39 -51.35 -15.99
C SER A 1604 -11.76 -50.78 -17.24
N PHE A 1605 -12.17 -49.59 -17.67
CA PHE A 1605 -11.42 -48.91 -18.72
C PHE A 1605 -10.09 -48.37 -18.19
N ARG A 1606 -10.11 -47.77 -17.00
CA ARG A 1606 -8.92 -47.12 -16.48
C ARG A 1606 -7.86 -48.12 -16.04
N GLU A 1607 -8.22 -49.38 -15.88
CA GLU A 1607 -7.26 -50.37 -15.40
C GLU A 1607 -6.72 -51.20 -16.56
N ARG A 1608 -6.74 -50.64 -17.76
CA ARG A 1608 -6.29 -51.33 -18.95
C ARG A 1608 -4.77 -51.34 -19.10
N ALA A 1609 -4.04 -50.67 -18.21
CA ALA A 1609 -2.59 -50.76 -18.22
C ALA A 1609 -2.09 -52.10 -17.66
N ASN A 1610 -2.91 -52.81 -16.90
CA ASN A 1610 -2.57 -54.13 -16.39
C ASN A 1610 -3.67 -55.16 -16.62
N GLN A 1611 -4.94 -54.75 -16.55
CA GLN A 1611 -6.08 -55.65 -16.65
C GLN A 1611 -6.87 -55.39 -17.93
N LYS A 1612 -6.13 -55.22 -19.04
CA LYS A 1612 -6.70 -55.04 -20.37
C LYS A 1612 -7.49 -56.26 -20.84
N HIS A 1613 -7.17 -57.45 -20.34
CA HIS A 1613 -7.96 -58.62 -20.66
C HIS A 1613 -9.32 -58.62 -19.94
N GLN A 1614 -9.45 -57.85 -18.86
CA GLN A 1614 -10.69 -57.85 -18.10
C GLN A 1614 -11.79 -57.04 -18.78
N GLY A 1615 -11.41 -55.98 -19.50
CA GLY A 1615 -12.41 -55.13 -20.13
C GLY A 1615 -13.13 -55.82 -21.29
N LEU A 1616 -12.39 -56.59 -22.07
CA LEU A 1616 -13.03 -57.32 -23.18
C LEU A 1616 -13.92 -58.43 -22.66
N LYS A 1617 -13.52 -59.08 -21.56
CA LYS A 1617 -14.36 -60.11 -20.95
C LYS A 1617 -15.65 -59.51 -20.41
N LEU A 1618 -15.55 -58.36 -19.74
CA LEU A 1618 -16.73 -57.71 -19.21
C LEU A 1618 -17.64 -57.21 -20.32
N ALA A 1619 -17.05 -56.71 -21.42
CA ALA A 1619 -17.86 -56.27 -22.55
C ALA A 1619 -18.59 -57.42 -23.23
N THR A 1620 -17.90 -58.56 -23.42
CA THR A 1620 -18.54 -59.73 -24.03
C THR A 1620 -19.66 -60.26 -23.15
N THR A 1621 -19.45 -60.30 -21.83
CA THR A 1621 -20.48 -60.84 -20.96
C THR A 1621 -21.63 -59.87 -20.79
N ILE A 1622 -21.37 -58.56 -20.86
CA ILE A 1622 -22.45 -57.61 -20.76
C ILE A 1622 -23.19 -57.47 -22.09
N LEU A 1623 -22.58 -57.94 -23.19
CA LEU A 1623 -23.30 -58.00 -24.45
C LEU A 1623 -24.10 -59.29 -24.57
N GLN A 1624 -23.63 -60.36 -23.91
CA GLN A 1624 -24.31 -61.64 -24.01
C GLN A 1624 -25.70 -61.61 -23.40
N HIS A 1625 -25.92 -60.70 -22.45
CA HIS A 1625 -27.22 -60.56 -21.81
C HIS A 1625 -28.00 -59.36 -22.32
N TRP A 1626 -27.78 -58.95 -23.57
CA TRP A 1626 -28.40 -57.72 -24.07
C TRP A 1626 -29.89 -57.88 -24.29
N LYS A 1627 -30.39 -59.12 -24.35
CA LYS A 1627 -31.83 -59.35 -24.33
C LYS A 1627 -32.46 -58.95 -23.01
N LYS A 1628 -31.69 -58.94 -21.92
CA LYS A 1628 -32.23 -58.62 -20.60
C LYS A 1628 -32.43 -57.14 -20.38
N CYS A 1629 -32.00 -56.30 -21.32
CA CYS A 1629 -32.23 -54.86 -21.25
C CYS A 1629 -33.04 -54.37 -22.45
N ASP A 1630 -33.82 -55.25 -23.08
CA ASP A 1630 -34.64 -54.88 -24.22
C ASP A 1630 -35.91 -54.15 -23.83
N SER A 1631 -36.20 -54.06 -22.54
CA SER A 1631 -37.33 -53.27 -22.06
C SER A 1631 -36.95 -51.81 -21.87
N TRP A 1632 -35.70 -51.46 -22.15
CA TRP A 1632 -35.18 -50.11 -21.96
C TRP A 1632 -35.36 -49.27 -23.22
N TRP A 1633 -34.93 -49.79 -24.36
CA TRP A 1633 -34.99 -49.06 -25.63
C TRP A 1633 -36.28 -49.39 -26.38
N ALA A 1634 -37.40 -49.32 -25.67
CA ALA A 1634 -38.67 -49.75 -26.22
C ALA A 1634 -39.54 -48.53 -26.45
N LYS A 1635 -40.70 -48.74 -27.05
CA LYS A 1635 -41.72 -47.71 -27.09
C LYS A 1635 -42.24 -47.44 -25.68
N ASP A 1636 -42.71 -46.21 -25.47
CA ASP A 1636 -43.28 -45.70 -24.22
C ASP A 1636 -42.33 -45.81 -23.03
N SER A 1637 -41.04 -45.91 -23.27
CA SER A 1637 -40.09 -45.97 -22.19
C SER A 1637 -39.71 -44.55 -21.77
N PRO A 1638 -39.34 -44.36 -20.51
CA PRO A 1638 -38.84 -43.05 -20.09
C PRO A 1638 -37.52 -42.73 -20.77
N LEU A 1639 -37.24 -41.43 -20.90
CA LEU A 1639 -36.09 -41.00 -21.67
C LEU A 1639 -34.78 -41.34 -20.98
N GLU A 1640 -34.81 -41.48 -19.65
CA GLU A 1640 -33.57 -41.71 -18.92
C GLU A 1640 -33.07 -43.13 -19.12
N THR A 1641 -33.96 -44.10 -19.35
CA THR A 1641 -33.49 -45.44 -19.64
C THR A 1641 -32.97 -45.53 -21.06
N LYS A 1642 -33.59 -44.76 -21.97
CA LYS A 1642 -33.09 -44.68 -23.35
C LYS A 1642 -31.73 -44.00 -23.41
N MET A 1643 -31.46 -43.07 -22.50
CA MET A 1643 -30.13 -42.48 -22.46
C MET A 1643 -29.13 -43.34 -21.71
N ALA A 1644 -29.61 -44.16 -20.77
CA ALA A 1644 -28.72 -45.08 -20.09
C ALA A 1644 -28.23 -46.18 -21.03
N VAL A 1645 -29.08 -46.59 -21.98
CA VAL A 1645 -28.64 -47.53 -23.01
C VAL A 1645 -27.53 -46.92 -23.85
N LEU A 1646 -27.66 -45.63 -24.19
CA LEU A 1646 -26.64 -44.98 -25.01
C LEU A 1646 -25.33 -44.83 -24.25
N ALA A 1647 -25.40 -44.55 -22.96
CA ALA A 1647 -24.18 -44.45 -22.16
C ALA A 1647 -23.51 -45.81 -21.99
N LEU A 1648 -24.31 -46.85 -21.77
CA LEU A 1648 -23.77 -48.20 -21.65
C LEU A 1648 -23.14 -48.65 -22.95
N LEU A 1649 -23.76 -48.32 -24.08
CA LEU A 1649 -23.21 -48.68 -25.38
C LEU A 1649 -21.94 -47.89 -25.68
N ALA A 1650 -21.88 -46.64 -25.24
CA ALA A 1650 -20.68 -45.83 -25.42
C ALA A 1650 -19.51 -46.42 -24.67
N LYS A 1651 -19.74 -46.87 -23.43
CA LYS A 1651 -18.65 -47.45 -22.64
C LYS A 1651 -18.23 -48.81 -23.19
N ILE A 1652 -19.19 -49.62 -23.66
CA ILE A 1652 -18.86 -50.90 -24.28
C ILE A 1652 -18.02 -50.68 -25.53
N LEU A 1653 -18.46 -49.77 -26.40
CA LEU A 1653 -17.80 -49.56 -27.68
C LEU A 1653 -16.47 -48.85 -27.50
N GLN A 1654 -16.31 -48.15 -26.37
CA GLN A 1654 -14.98 -47.64 -26.04
C GLN A 1654 -14.06 -48.77 -25.65
N ILE A 1655 -14.55 -49.73 -24.85
CA ILE A 1655 -13.69 -50.82 -24.39
C ILE A 1655 -13.64 -52.00 -25.36
N ASP A 1656 -14.56 -52.09 -26.32
CA ASP A 1656 -14.50 -53.18 -27.29
C ASP A 1656 -14.30 -52.66 -28.70
N SER A 1657 -13.91 -53.53 -29.62
CA SER A 1657 -13.69 -53.12 -31.00
C SER A 1657 -14.58 -53.85 -31.99
N SER A 1658 -14.54 -55.18 -32.01
CA SER A 1658 -15.14 -55.95 -33.09
C SER A 1658 -16.58 -56.30 -32.76
N VAL A 1659 -17.34 -55.28 -32.38
CA VAL A 1659 -18.76 -55.48 -32.12
C VAL A 1659 -19.56 -54.61 -33.08
N SER A 1660 -19.06 -53.41 -33.35
CA SER A 1660 -19.85 -52.36 -33.97
C SER A 1660 -19.61 -52.26 -35.45
N PHE A 1661 -18.58 -52.94 -35.95
CA PHE A 1661 -18.20 -52.71 -37.34
C PHE A 1661 -18.04 -53.98 -38.14
N ASN A 1662 -18.33 -55.12 -37.53
CA ASN A 1662 -18.30 -56.38 -38.26
C ASN A 1662 -19.73 -56.81 -38.59
N THR A 1663 -19.86 -57.80 -39.46
CA THR A 1663 -21.10 -58.52 -39.64
C THR A 1663 -21.06 -59.89 -39.00
N SER A 1664 -20.10 -60.12 -38.09
CA SER A 1664 -19.82 -61.44 -37.52
C SER A 1664 -19.89 -61.29 -36.02
N HIS A 1665 -19.38 -62.27 -35.26
CA HIS A 1665 -19.17 -62.33 -33.81
C HIS A 1665 -20.47 -62.49 -33.02
N GLY A 1666 -21.61 -62.47 -33.70
CA GLY A 1666 -22.85 -62.91 -33.09
C GLY A 1666 -23.74 -61.84 -32.49
N SER A 1667 -23.15 -60.96 -31.68
CA SER A 1667 -23.92 -59.98 -30.92
C SER A 1667 -24.31 -58.77 -31.75
N PHE A 1668 -23.81 -58.66 -33.00
CA PHE A 1668 -24.02 -57.50 -33.86
C PHE A 1668 -25.47 -57.14 -34.18
N PRO A 1669 -26.39 -58.06 -34.53
CA PRO A 1669 -27.75 -57.59 -34.85
C PRO A 1669 -28.47 -57.00 -33.64
N GLU A 1670 -28.15 -57.47 -32.44
CA GLU A 1670 -28.88 -57.04 -31.25
C GLU A 1670 -28.45 -55.65 -30.81
N VAL A 1671 -27.18 -55.30 -30.99
CA VAL A 1671 -26.73 -53.94 -30.75
C VAL A 1671 -27.13 -53.03 -31.91
N PHE A 1672 -27.14 -53.56 -33.13
CA PHE A 1672 -27.43 -52.71 -34.28
C PHE A 1672 -28.89 -52.30 -34.31
N THR A 1673 -29.81 -53.20 -33.98
CA THR A 1673 -31.21 -52.79 -33.95
C THR A 1673 -31.50 -51.88 -32.78
N THR A 1674 -30.72 -51.99 -31.68
CA THR A 1674 -30.84 -51.09 -30.56
C THR A 1674 -30.46 -49.68 -30.97
N TYR A 1675 -29.32 -49.55 -31.64
CA TYR A 1675 -28.81 -48.26 -32.09
C TYR A 1675 -29.74 -47.64 -33.13
N ILE A 1676 -30.20 -48.43 -34.10
CA ILE A 1676 -31.08 -47.94 -35.15
C ILE A 1676 -32.42 -47.48 -34.57
N SER A 1677 -33.01 -48.27 -33.67
CA SER A 1677 -34.29 -47.92 -33.10
C SER A 1677 -34.19 -46.77 -32.11
N LEU A 1678 -33.00 -46.52 -31.55
CA LEU A 1678 -32.85 -45.37 -30.67
C LEU A 1678 -32.64 -44.10 -31.45
N LEU A 1679 -31.99 -44.18 -32.62
CA LEU A 1679 -31.76 -42.94 -33.35
C LEU A 1679 -32.78 -42.74 -34.47
N ALA A 1680 -33.74 -43.64 -34.63
CA ALA A 1680 -34.76 -43.47 -35.65
C ALA A 1680 -36.15 -43.22 -35.07
N ASP A 1681 -36.25 -43.00 -33.77
CA ASP A 1681 -37.57 -42.92 -33.17
C ASP A 1681 -38.10 -41.49 -33.19
N THR A 1682 -39.37 -41.36 -32.82
CA THR A 1682 -40.04 -40.08 -32.72
C THR A 1682 -40.20 -39.61 -31.29
N LYS A 1683 -40.34 -40.54 -30.35
CA LYS A 1683 -40.65 -40.22 -28.97
C LYS A 1683 -39.47 -39.60 -28.22
N LEU A 1684 -38.27 -39.65 -28.77
CA LEU A 1684 -37.11 -38.98 -28.19
C LEU A 1684 -37.13 -37.53 -28.64
N ASP A 1685 -36.12 -36.76 -28.21
CA ASP A 1685 -36.02 -35.36 -28.59
C ASP A 1685 -34.74 -35.18 -29.40
N LEU A 1686 -34.64 -34.03 -30.07
CA LEU A 1686 -33.63 -33.88 -31.11
C LEU A 1686 -32.24 -33.74 -30.50
N HIS A 1687 -32.13 -33.06 -29.36
CA HIS A 1687 -30.84 -32.94 -28.69
C HIS A 1687 -30.52 -34.17 -27.86
N LEU A 1688 -31.52 -34.96 -27.48
CA LEU A 1688 -31.26 -36.26 -26.88
C LEU A 1688 -30.84 -37.26 -27.94
N LYS A 1689 -31.44 -37.17 -29.12
CA LYS A 1689 -31.04 -38.03 -30.23
C LYS A 1689 -29.72 -37.57 -30.83
N GLY A 1690 -29.30 -36.35 -30.55
CA GLY A 1690 -27.97 -35.92 -30.90
C GLY A 1690 -26.88 -36.60 -30.12
N GLN A 1691 -27.21 -37.16 -28.96
CA GLN A 1691 -26.26 -37.90 -28.15
C GLN A 1691 -26.20 -39.38 -28.51
N ALA A 1692 -27.00 -39.83 -29.48
CA ALA A 1692 -26.79 -41.09 -30.16
C ALA A 1692 -26.04 -40.90 -31.46
N VAL A 1693 -25.52 -39.69 -31.69
CA VAL A 1693 -24.74 -39.40 -32.89
C VAL A 1693 -23.25 -39.39 -32.58
N THR A 1694 -22.85 -39.12 -31.35
CA THR A 1694 -21.43 -39.07 -31.02
C THR A 1694 -20.74 -40.44 -31.05
N LEU A 1695 -21.49 -41.53 -31.15
CA LEU A 1695 -20.88 -42.85 -31.26
C LEU A 1695 -21.20 -43.51 -32.60
N LEU A 1696 -21.79 -42.77 -33.52
CA LEU A 1696 -21.76 -43.07 -34.94
C LEU A 1696 -20.36 -43.18 -35.56
N PRO A 1697 -19.26 -42.64 -34.96
CA PRO A 1697 -17.93 -43.08 -35.39
C PRO A 1697 -17.70 -44.58 -35.40
N PHE A 1698 -18.33 -45.32 -34.49
CA PHE A 1698 -18.09 -46.75 -34.42
C PHE A 1698 -18.80 -47.53 -35.52
N PHE A 1699 -19.65 -46.88 -36.32
CA PHE A 1699 -20.49 -47.57 -37.27
C PHE A 1699 -20.34 -47.09 -38.70
N THR A 1700 -19.54 -46.06 -38.97
CA THR A 1700 -19.33 -45.60 -40.34
C THR A 1700 -18.09 -46.25 -40.97
N SER A 1701 -17.94 -47.56 -40.75
CA SER A 1701 -16.90 -48.35 -41.37
C SER A 1701 -17.42 -49.68 -41.86
N LEU A 1702 -18.62 -50.07 -41.46
CA LEU A 1702 -19.21 -51.32 -41.88
C LEU A 1702 -19.71 -51.24 -43.31
N THR A 1703 -19.48 -52.31 -44.06
CA THR A 1703 -19.78 -52.40 -45.47
C THR A 1703 -21.30 -52.41 -45.67
N GLY A 1704 -21.72 -52.13 -46.90
CA GLY A 1704 -23.12 -51.92 -47.23
C GLY A 1704 -24.12 -53.03 -46.97
N GLY A 1705 -25.37 -52.75 -47.31
CA GLY A 1705 -26.48 -53.59 -46.88
C GLY A 1705 -27.03 -53.02 -45.59
N SER A 1706 -26.21 -53.02 -44.55
CA SER A 1706 -26.54 -52.36 -43.29
C SER A 1706 -26.13 -50.90 -43.29
N LEU A 1707 -25.06 -50.55 -44.02
CA LEU A 1707 -24.66 -49.16 -44.13
C LEU A 1707 -25.66 -48.36 -44.94
N GLU A 1708 -26.35 -49.03 -45.86
CA GLU A 1708 -27.52 -48.44 -46.51
C GLU A 1708 -28.62 -48.13 -45.49
N GLU A 1709 -28.82 -49.02 -44.52
CA GLU A 1709 -29.83 -48.78 -43.49
C GLU A 1709 -29.41 -47.64 -42.56
N LEU A 1710 -28.11 -47.52 -42.30
CA LEU A 1710 -27.61 -46.42 -41.48
C LEU A 1710 -27.76 -45.08 -42.19
N ARG A 1711 -27.47 -45.05 -43.50
CA ARG A 1711 -27.76 -43.86 -44.30
C ARG A 1711 -29.25 -43.56 -44.32
N ARG A 1712 -30.08 -44.61 -44.34
CA ARG A 1712 -31.53 -44.42 -44.43
C ARG A 1712 -32.08 -43.80 -43.16
N VAL A 1713 -31.62 -44.26 -41.99
CA VAL A 1713 -32.12 -43.68 -40.75
C VAL A 1713 -31.55 -42.29 -40.52
N LEU A 1714 -30.31 -42.03 -40.98
CA LEU A 1714 -29.76 -40.68 -40.86
C LEU A 1714 -30.50 -39.69 -41.77
N GLU A 1715 -30.84 -40.11 -42.98
CA GLU A 1715 -31.55 -39.24 -43.89
C GLU A 1715 -32.99 -39.03 -43.45
N GLN A 1716 -33.58 -40.02 -42.78
CA GLN A 1716 -34.90 -39.80 -42.21
C GLN A 1716 -34.84 -38.82 -41.05
N LEU A 1717 -33.79 -38.92 -40.22
CA LEU A 1717 -33.56 -37.96 -39.14
C LEU A 1717 -33.35 -36.55 -39.68
N ILE A 1718 -32.69 -36.41 -40.82
CA ILE A 1718 -32.48 -35.08 -41.37
C ILE A 1718 -33.79 -34.51 -41.93
N VAL A 1719 -34.50 -35.30 -42.74
CA VAL A 1719 -35.69 -34.73 -43.36
C VAL A 1719 -36.87 -34.62 -42.40
N ALA A 1720 -36.77 -35.24 -41.22
CA ALA A 1720 -37.86 -35.20 -40.25
C ALA A 1720 -37.51 -34.46 -38.98
N HIS A 1721 -36.29 -33.96 -38.85
CA HIS A 1721 -35.95 -33.16 -37.68
C HIS A 1721 -35.23 -31.86 -37.98
N PHE A 1722 -34.57 -31.78 -39.05
CA PHE A 1722 -33.84 -30.56 -39.31
C PHE A 1722 -34.75 -29.52 -39.96
N PRO A 1723 -34.42 -28.20 -39.82
CA PRO A 1723 -35.25 -27.14 -40.40
C PRO A 1723 -35.53 -27.26 -41.89
N MET A 1724 -36.57 -26.58 -42.36
CA MET A 1724 -36.97 -26.68 -43.75
C MET A 1724 -36.04 -25.92 -44.66
N GLN A 1725 -34.82 -26.45 -44.84
CA GLN A 1725 -33.86 -26.11 -45.88
C GLN A 1725 -33.31 -24.69 -45.85
N SER A 1726 -33.69 -23.85 -44.88
CA SER A 1726 -33.22 -22.48 -44.96
C SER A 1726 -32.93 -21.87 -43.60
N ARG A 1727 -32.50 -22.69 -42.63
CA ARG A 1727 -32.24 -22.39 -41.21
C ARG A 1727 -33.26 -21.45 -40.57
N GLU A 1728 -34.54 -21.62 -40.93
CA GLU A 1728 -35.59 -20.65 -40.65
C GLU A 1728 -35.97 -20.56 -39.18
N PHE A 1729 -35.42 -21.42 -38.32
CA PHE A 1729 -35.65 -21.30 -36.89
C PHE A 1729 -34.99 -20.03 -36.37
N PRO A 1730 -35.74 -19.13 -35.73
CA PRO A 1730 -35.13 -17.91 -35.21
C PRO A 1730 -34.18 -18.21 -34.07
N PRO A 1731 -33.04 -17.53 -34.00
CA PRO A 1731 -31.95 -17.97 -33.13
C PRO A 1731 -32.22 -17.64 -31.66
N GLY A 1732 -32.50 -18.69 -30.88
CA GLY A 1732 -32.72 -18.55 -29.46
C GLY A 1732 -33.91 -19.33 -28.97
N THR A 1733 -34.74 -19.76 -29.92
CA THR A 1733 -35.90 -20.58 -29.60
C THR A 1733 -35.45 -21.99 -29.24
N PRO A 1734 -36.31 -22.79 -28.59
CA PRO A 1734 -35.92 -24.18 -28.30
C PRO A 1734 -35.72 -25.08 -29.51
N ARG A 1735 -36.08 -24.63 -30.71
CA ARG A 1735 -35.86 -25.44 -31.90
C ARG A 1735 -34.46 -25.20 -32.45
N PHE A 1736 -34.04 -23.93 -32.50
CA PHE A 1736 -32.70 -23.57 -32.95
C PHE A 1736 -31.63 -24.16 -32.05
N ASN A 1737 -31.89 -24.20 -30.74
CA ASN A 1737 -30.93 -24.70 -29.77
C ASN A 1737 -30.62 -26.17 -30.02
N ASN A 1738 -31.67 -26.99 -30.12
CA ASN A 1738 -31.52 -28.42 -30.35
C ASN A 1738 -30.88 -28.70 -31.69
N TYR A 1739 -31.23 -27.89 -32.71
CA TYR A 1739 -30.63 -28.03 -34.04
C TYR A 1739 -29.12 -27.81 -34.00
N VAL A 1740 -28.68 -26.73 -33.38
CA VAL A 1740 -27.26 -26.40 -33.39
C VAL A 1740 -26.46 -27.41 -32.57
N ASP A 1741 -27.00 -27.83 -31.40
CA ASP A 1741 -26.24 -28.78 -30.59
C ASP A 1741 -26.27 -30.19 -31.17
N CYS A 1742 -27.24 -30.51 -32.03
CA CYS A 1742 -27.14 -31.79 -32.73
C CYS A 1742 -26.13 -31.72 -33.85
N MET A 1743 -26.12 -30.62 -34.61
CA MET A 1743 -25.22 -30.51 -35.76
C MET A 1743 -23.76 -30.41 -35.33
N LYS A 1744 -23.51 -29.90 -34.12
CA LYS A 1744 -22.13 -29.87 -33.65
C LYS A 1744 -21.61 -31.27 -33.35
N LYS A 1745 -22.44 -32.12 -32.74
CA LYS A 1745 -22.05 -33.50 -32.52
C LYS A 1745 -21.98 -34.28 -33.82
N PHE A 1746 -22.78 -33.89 -34.79
CA PHE A 1746 -22.73 -34.53 -36.10
C PHE A 1746 -21.41 -34.23 -36.79
N LEU A 1747 -20.98 -32.97 -36.76
CA LEU A 1747 -19.68 -32.59 -37.32
C LEU A 1747 -18.53 -33.20 -36.53
N ASP A 1748 -18.71 -33.39 -35.23
CA ASP A 1748 -17.70 -34.08 -34.43
C ASP A 1748 -17.54 -35.52 -34.89
N ALA A 1749 -18.66 -36.20 -35.15
CA ALA A 1749 -18.64 -37.56 -35.66
C ALA A 1749 -17.96 -37.63 -37.02
N LEU A 1750 -18.27 -36.67 -37.89
CA LEU A 1750 -17.68 -36.65 -39.22
C LEU A 1750 -16.17 -36.36 -39.17
N GLU A 1751 -15.74 -35.47 -38.28
CA GLU A 1751 -14.32 -35.15 -38.24
C GLU A 1751 -13.53 -36.19 -37.48
N LEU A 1752 -14.18 -37.01 -36.65
CA LEU A 1752 -13.42 -38.02 -35.93
C LEU A 1752 -13.37 -39.33 -36.69
N SER A 1753 -14.44 -39.69 -37.38
CA SER A 1753 -14.45 -40.86 -38.25
C SER A 1753 -14.76 -40.36 -39.65
N GLN A 1754 -13.72 -40.08 -40.42
CA GLN A 1754 -13.89 -39.52 -41.75
C GLN A 1754 -14.45 -40.57 -42.67
N SER A 1755 -15.62 -40.32 -43.22
CA SER A 1755 -16.28 -41.28 -44.08
C SER A 1755 -17.04 -40.52 -45.16
N PRO A 1756 -17.16 -41.10 -46.35
CA PRO A 1756 -18.02 -40.48 -47.36
C PRO A 1756 -19.50 -40.46 -47.02
N MET A 1757 -19.97 -41.35 -46.15
CA MET A 1757 -21.41 -41.41 -45.89
C MET A 1757 -21.85 -40.24 -45.04
N LEU A 1758 -20.94 -39.69 -44.23
CA LEU A 1758 -21.22 -38.50 -43.45
C LEU A 1758 -20.85 -37.21 -44.16
N LEU A 1759 -19.78 -37.26 -44.97
CA LEU A 1759 -19.32 -36.06 -45.68
C LEU A 1759 -20.32 -35.63 -46.74
N GLU A 1760 -20.86 -36.58 -47.48
CA GLU A 1760 -21.90 -36.30 -48.47
C GLU A 1760 -23.12 -35.69 -47.82
N LEU A 1761 -23.49 -36.19 -46.65
CA LEU A 1761 -24.71 -35.74 -45.99
C LEU A 1761 -24.55 -34.34 -45.40
N MET A 1762 -23.41 -34.09 -44.75
CA MET A 1762 -23.15 -32.76 -44.21
C MET A 1762 -22.86 -31.75 -45.29
N THR A 1763 -22.36 -32.18 -46.45
CA THR A 1763 -22.17 -31.26 -47.55
C THR A 1763 -23.50 -30.94 -48.22
N GLU A 1764 -24.42 -31.89 -48.23
CA GLU A 1764 -25.76 -31.59 -48.74
C GLU A 1764 -26.48 -30.60 -47.86
N VAL A 1765 -26.33 -30.71 -46.54
CA VAL A 1765 -27.03 -29.77 -45.67
C VAL A 1765 -26.28 -28.44 -45.58
N LEU A 1766 -24.98 -28.44 -45.85
CA LEU A 1766 -24.25 -27.18 -45.84
C LEU A 1766 -24.55 -26.38 -47.10
N CYS A 1767 -24.52 -27.04 -48.24
CA CYS A 1767 -24.61 -26.39 -49.55
C CYS A 1767 -26.02 -26.41 -50.11
N ARG A 1768 -27.01 -26.25 -49.25
CA ARG A 1768 -28.40 -26.25 -49.69
C ARG A 1768 -28.99 -24.85 -49.79
N GLU A 1769 -28.58 -23.93 -48.94
CA GLU A 1769 -29.06 -22.57 -48.97
C GLU A 1769 -27.89 -21.64 -49.25
N GLN A 1770 -28.14 -20.33 -49.19
CA GLN A 1770 -27.13 -19.35 -49.58
C GLN A 1770 -25.98 -19.31 -48.57
N GLN A 1771 -26.30 -19.26 -47.28
CA GLN A 1771 -25.26 -19.35 -46.26
C GLN A 1771 -25.86 -19.99 -45.03
N HIS A 1772 -25.30 -21.13 -44.61
CA HIS A 1772 -25.72 -21.77 -43.39
C HIS A 1772 -25.17 -21.00 -42.20
N VAL A 1773 -25.73 -21.30 -41.02
CA VAL A 1773 -25.39 -20.60 -39.78
C VAL A 1773 -23.93 -20.81 -39.42
N MET A 1774 -23.50 -22.07 -39.36
CA MET A 1774 -22.18 -22.41 -38.81
C MET A 1774 -21.17 -22.66 -39.93
N GLU A 1775 -20.80 -21.58 -40.60
CA GLU A 1775 -19.90 -21.69 -41.74
C GLU A 1775 -18.49 -22.07 -41.31
N GLU A 1776 -17.97 -21.35 -40.31
CA GLU A 1776 -16.63 -21.61 -39.82
C GLU A 1776 -16.51 -22.99 -39.17
N LEU A 1777 -17.62 -23.54 -38.69
CA LEU A 1777 -17.61 -24.89 -38.15
C LEU A 1777 -17.46 -25.93 -39.25
N PHE A 1778 -18.21 -25.78 -40.33
CA PHE A 1778 -18.11 -26.70 -41.47
C PHE A 1778 -16.73 -26.63 -42.11
N GLN A 1779 -16.19 -25.42 -42.23
CA GLN A 1779 -14.86 -25.25 -42.80
C GLN A 1779 -13.78 -25.83 -41.89
N SER A 1780 -13.95 -25.68 -40.57
CA SER A 1780 -12.98 -26.26 -39.65
C SER A 1780 -13.07 -27.78 -39.63
N SER A 1781 -14.28 -28.32 -39.78
CA SER A 1781 -14.44 -29.76 -39.83
C SER A 1781 -13.83 -30.32 -41.10
N PHE A 1782 -13.97 -29.61 -42.23
CA PHE A 1782 -13.39 -30.11 -43.47
C PHE A 1782 -11.87 -30.00 -43.46
N ARG A 1783 -11.36 -28.91 -42.86
CA ARG A 1783 -9.92 -28.75 -42.72
C ARG A 1783 -9.33 -29.80 -41.80
N ARG A 1784 -10.11 -30.26 -40.83
CA ARG A 1784 -9.63 -31.35 -39.98
C ARG A 1784 -9.87 -32.71 -40.62
N ILE A 1785 -10.76 -32.78 -41.61
CA ILE A 1785 -10.91 -34.01 -42.39
C ILE A 1785 -9.68 -34.26 -43.25
N ALA A 1786 -9.19 -33.22 -43.92
CA ALA A 1786 -8.21 -33.43 -44.98
C ALA A 1786 -6.87 -33.93 -44.44
N ARG A 1787 -6.28 -33.23 -43.49
CA ARG A 1787 -4.88 -33.48 -43.09
C ARG A 1787 -4.81 -34.58 -42.03
N ARG A 1788 -5.07 -35.82 -42.44
CA ARG A 1788 -5.14 -36.90 -41.46
C ARG A 1788 -4.19 -38.06 -41.75
N GLY A 1789 -3.23 -37.88 -42.65
CA GLY A 1789 -2.45 -39.00 -43.16
C GLY A 1789 -3.33 -39.89 -44.03
N SER A 1790 -2.82 -41.10 -44.27
CA SER A 1790 -3.52 -42.19 -44.98
C SER A 1790 -3.99 -41.73 -46.35
N CYS A 1791 -3.02 -41.58 -47.25
CA CYS A 1791 -3.18 -41.04 -48.60
C CYS A 1791 -4.19 -41.74 -49.52
N VAL A 1792 -4.76 -42.85 -49.08
CA VAL A 1792 -5.84 -43.49 -49.85
C VAL A 1792 -7.23 -42.97 -49.45
N THR A 1793 -7.49 -42.74 -48.16
CA THR A 1793 -8.85 -42.45 -47.75
C THR A 1793 -9.25 -41.00 -47.97
N GLN A 1794 -8.31 -40.15 -48.38
CA GLN A 1794 -8.66 -38.77 -48.73
C GLN A 1794 -9.30 -38.71 -50.11
N VAL A 1795 -8.80 -39.54 -51.02
CA VAL A 1795 -9.30 -39.55 -52.39
C VAL A 1795 -10.71 -40.11 -52.42
N GLY A 1796 -11.06 -40.96 -51.45
CA GLY A 1796 -12.44 -41.39 -51.31
C GLY A 1796 -13.37 -40.24 -51.00
N LEU A 1797 -12.95 -39.35 -50.10
CA LEU A 1797 -13.73 -38.16 -49.78
C LEU A 1797 -13.83 -37.23 -50.97
N LEU A 1798 -12.72 -37.06 -51.70
CA LEU A 1798 -12.70 -36.16 -52.85
C LEU A 1798 -13.62 -36.64 -53.96
N GLU A 1799 -13.58 -37.95 -54.25
CA GLU A 1799 -14.45 -38.50 -55.28
C GLU A 1799 -15.90 -38.50 -54.83
N SER A 1800 -16.14 -38.71 -53.53
CA SER A 1800 -17.52 -38.74 -53.03
C SER A 1800 -18.16 -37.37 -53.07
N VAL A 1801 -17.40 -36.31 -52.79
CA VAL A 1801 -17.98 -34.99 -52.83
C VAL A 1801 -17.91 -34.37 -54.22
N TYR A 1802 -17.04 -34.90 -55.10
CA TYR A 1802 -17.06 -34.47 -56.49
C TYR A 1802 -18.25 -35.06 -57.24
N GLU A 1803 -18.60 -36.31 -56.93
CA GLU A 1803 -19.76 -36.96 -57.54
C GLU A 1803 -21.07 -36.25 -57.19
N MET A 1804 -21.08 -35.45 -56.12
CA MET A 1804 -22.28 -34.68 -55.76
C MET A 1804 -22.62 -33.61 -56.79
N PHE A 1805 -21.61 -33.04 -57.45
CA PHE A 1805 -21.94 -32.04 -58.47
C PHE A 1805 -21.63 -32.52 -59.87
N ARG A 1806 -20.92 -33.64 -60.02
CA ARG A 1806 -20.65 -34.17 -61.35
C ARG A 1806 -21.91 -34.74 -61.99
N LYS A 1807 -22.69 -35.49 -61.22
CA LYS A 1807 -23.81 -36.25 -61.77
C LYS A 1807 -25.01 -35.33 -62.01
N ASP A 1808 -26.12 -35.90 -62.48
CA ASP A 1808 -27.18 -35.09 -63.05
C ASP A 1808 -28.01 -34.39 -61.97
N ASP A 1809 -28.84 -35.17 -61.24
CA ASP A 1809 -29.65 -34.90 -60.03
C ASP A 1809 -30.07 -33.45 -59.87
N PRO A 1810 -30.90 -32.93 -60.77
CA PRO A 1810 -30.97 -31.47 -60.98
C PRO A 1810 -31.66 -30.68 -59.86
N ARG A 1811 -30.91 -29.84 -59.14
CA ARG A 1811 -31.48 -29.09 -58.03
C ARG A 1811 -31.51 -27.59 -58.27
N LEU A 1812 -30.36 -26.95 -58.40
CA LEU A 1812 -30.22 -25.54 -58.78
C LEU A 1812 -28.79 -25.30 -59.23
N SER A 1813 -28.57 -24.07 -59.67
CA SER A 1813 -27.23 -23.60 -60.01
C SER A 1813 -26.37 -23.43 -58.78
N PHE A 1814 -26.88 -22.69 -57.80
CA PHE A 1814 -26.09 -22.38 -56.61
C PHE A 1814 -25.88 -23.61 -55.76
N THR A 1815 -26.84 -24.54 -55.77
CA THR A 1815 -26.68 -25.78 -55.02
C THR A 1815 -25.57 -26.65 -55.62
N ARG A 1816 -25.50 -26.73 -56.94
CA ARG A 1816 -24.47 -27.52 -57.59
C ARG A 1816 -23.12 -26.83 -57.53
N GLN A 1817 -23.08 -25.50 -57.55
CA GLN A 1817 -21.81 -24.82 -57.41
C GLN A 1817 -21.35 -24.73 -55.97
N SER A 1818 -22.24 -24.90 -55.01
CA SER A 1818 -21.77 -24.79 -53.65
C SER A 1818 -21.14 -26.08 -53.18
N PHE A 1819 -21.47 -27.20 -53.86
CA PHE A 1819 -20.80 -28.47 -53.63
C PHE A 1819 -19.30 -28.36 -53.86
N VAL A 1820 -18.89 -27.66 -54.92
CA VAL A 1820 -17.48 -27.42 -55.11
C VAL A 1820 -17.02 -26.27 -54.21
N ASP A 1821 -17.80 -25.19 -54.12
CA ASP A 1821 -17.32 -23.92 -53.60
C ASP A 1821 -17.07 -23.95 -52.10
N ARG A 1822 -18.05 -24.42 -51.33
CA ARG A 1822 -17.94 -24.37 -49.88
C ARG A 1822 -17.27 -25.60 -49.29
N SER A 1823 -17.19 -26.69 -50.02
CA SER A 1823 -16.66 -27.94 -49.49
C SER A 1823 -15.44 -28.44 -50.26
N LEU A 1824 -15.53 -28.59 -51.58
CA LEU A 1824 -14.52 -29.37 -52.28
C LEU A 1824 -13.24 -28.57 -52.43
N LEU A 1825 -13.35 -27.25 -52.59
CA LEU A 1825 -12.16 -26.41 -52.64
C LEU A 1825 -11.46 -26.35 -51.29
N THR A 1826 -12.23 -26.40 -50.22
CA THR A 1826 -11.66 -26.48 -48.87
C THR A 1826 -10.91 -27.79 -48.70
N LEU A 1827 -11.46 -28.88 -49.23
CA LEU A 1827 -10.77 -30.17 -49.16
C LEU A 1827 -9.51 -30.18 -50.03
N LEU A 1828 -9.60 -29.66 -51.25
CA LEU A 1828 -8.48 -29.67 -52.18
C LEU A 1828 -7.38 -28.72 -51.76
N TRP A 1829 -7.70 -27.70 -50.97
CA TRP A 1829 -6.71 -26.73 -50.55
C TRP A 1829 -5.92 -27.18 -49.33
N HIS A 1830 -6.33 -28.27 -48.67
CA HIS A 1830 -5.62 -28.74 -47.49
C HIS A 1830 -5.30 -30.22 -47.51
N CYS A 1831 -5.81 -30.99 -48.46
CA CYS A 1831 -5.38 -32.37 -48.61
C CYS A 1831 -3.92 -32.39 -49.06
N SER A 1832 -3.21 -33.45 -48.67
CA SER A 1832 -1.78 -33.51 -48.93
C SER A 1832 -1.51 -33.67 -50.42
N LEU A 1833 -0.26 -33.39 -50.82
CA LEU A 1833 0.06 -33.19 -52.22
C LEU A 1833 0.01 -34.49 -53.00
N ASP A 1834 0.19 -35.62 -52.32
CA ASP A 1834 0.20 -36.90 -53.01
C ASP A 1834 -1.20 -37.37 -53.37
N ALA A 1835 -2.18 -37.03 -52.54
CA ALA A 1835 -3.57 -37.42 -52.78
C ALA A 1835 -4.28 -36.47 -53.74
N LEU A 1836 -3.58 -35.49 -54.28
CA LEU A 1836 -4.19 -34.54 -55.20
C LEU A 1836 -3.92 -34.88 -56.66
N ARG A 1837 -2.93 -35.73 -56.93
CA ARG A 1837 -2.66 -36.17 -58.29
C ARG A 1837 -3.57 -37.30 -58.72
N GLU A 1838 -4.01 -38.13 -57.77
CA GLU A 1838 -4.94 -39.21 -58.09
C GLU A 1838 -6.31 -38.65 -58.45
N PHE A 1839 -6.78 -37.66 -57.68
CA PHE A 1839 -8.03 -37.01 -57.98
C PHE A 1839 -7.95 -36.25 -59.30
N PHE A 1840 -6.80 -35.60 -59.55
CA PHE A 1840 -6.57 -34.89 -60.79
C PHE A 1840 -6.62 -35.83 -61.98
N SER A 1841 -5.88 -36.95 -61.91
CA SER A 1841 -5.84 -37.91 -63.01
C SER A 1841 -7.19 -38.58 -63.22
N THR A 1842 -7.96 -38.73 -62.14
CA THR A 1842 -9.30 -39.25 -62.29
C THR A 1842 -10.24 -38.26 -62.97
N ILE A 1843 -10.04 -36.94 -62.80
CA ILE A 1843 -10.98 -35.97 -63.35
C ILE A 1843 -10.54 -35.30 -64.64
N VAL A 1844 -9.32 -35.55 -65.15
CA VAL A 1844 -8.81 -34.83 -66.35
C VAL A 1844 -9.73 -34.99 -67.55
N VAL A 1845 -10.08 -36.22 -67.89
CA VAL A 1845 -10.75 -36.51 -69.15
C VAL A 1845 -12.15 -35.93 -69.15
N ASP A 1846 -12.92 -36.19 -68.08
CA ASP A 1846 -14.27 -35.66 -68.01
C ASP A 1846 -14.27 -34.15 -67.84
N ALA A 1847 -13.24 -33.59 -67.20
CA ALA A 1847 -13.14 -32.14 -67.05
C ALA A 1847 -13.02 -31.46 -68.42
N ILE A 1848 -12.05 -31.90 -69.22
CA ILE A 1848 -11.82 -31.27 -70.51
C ILE A 1848 -12.95 -31.58 -71.49
N ASP A 1849 -13.59 -32.74 -71.33
CA ASP A 1849 -14.77 -33.07 -72.13
C ASP A 1849 -15.95 -32.15 -71.83
N VAL A 1850 -16.10 -31.71 -70.57
CA VAL A 1850 -17.12 -30.69 -70.30
C VAL A 1850 -16.67 -29.32 -70.78
N LEU A 1851 -15.38 -29.00 -70.60
CA LEU A 1851 -14.90 -27.67 -70.94
C LEU A 1851 -14.87 -27.41 -72.45
N LYS A 1852 -14.88 -28.44 -73.29
CA LYS A 1852 -14.90 -28.23 -74.74
C LYS A 1852 -16.29 -28.18 -75.33
N SER A 1853 -17.33 -28.35 -74.53
CA SER A 1853 -18.68 -28.49 -75.08
C SER A 1853 -19.24 -27.14 -75.52
N ARG A 1854 -20.34 -27.18 -76.24
CA ARG A 1854 -21.10 -25.99 -76.59
C ARG A 1854 -22.38 -25.96 -75.78
N PHE A 1855 -22.85 -24.76 -75.47
CA PHE A 1855 -24.00 -24.64 -74.59
C PHE A 1855 -25.28 -24.79 -75.41
N THR A 1856 -26.42 -24.54 -74.76
CA THR A 1856 -27.73 -24.63 -75.39
C THR A 1856 -28.55 -23.43 -74.94
N LYS A 1857 -28.51 -22.37 -75.74
CA LYS A 1857 -29.15 -21.12 -75.35
C LYS A 1857 -30.64 -21.11 -75.68
N LEU A 1858 -31.17 -22.20 -76.21
CA LEU A 1858 -32.61 -22.33 -76.34
C LEU A 1858 -33.26 -22.53 -74.98
N ASN A 1859 -32.71 -23.43 -74.17
CA ASN A 1859 -33.28 -23.79 -72.89
C ASN A 1859 -32.36 -23.27 -71.79
N GLU A 1860 -32.93 -22.46 -70.89
CA GLU A 1860 -32.11 -21.71 -69.94
C GLU A 1860 -31.62 -22.59 -68.81
N SER A 1861 -32.31 -23.71 -68.55
CA SER A 1861 -32.03 -24.50 -67.36
C SER A 1861 -30.77 -25.32 -67.53
N THR A 1862 -30.67 -26.07 -68.62
CA THR A 1862 -29.45 -26.83 -68.88
C THR A 1862 -28.29 -25.90 -69.21
N PHE A 1863 -28.61 -24.71 -69.74
CA PHE A 1863 -27.60 -23.67 -69.96
C PHE A 1863 -27.01 -23.21 -68.64
N ASP A 1864 -27.87 -23.04 -67.63
CA ASP A 1864 -27.41 -22.68 -66.29
C ASP A 1864 -26.57 -23.80 -65.69
N THR A 1865 -26.99 -25.05 -65.92
CA THR A 1865 -26.25 -26.18 -65.39
C THR A 1865 -24.88 -26.32 -66.06
N GLN A 1866 -24.80 -26.06 -67.36
CA GLN A 1866 -23.54 -26.14 -68.09
C GLN A 1866 -22.60 -25.02 -67.67
N ILE A 1867 -23.14 -23.82 -67.45
CA ILE A 1867 -22.35 -22.71 -66.94
C ILE A 1867 -21.80 -23.02 -65.56
N THR A 1868 -22.64 -23.57 -64.69
CA THR A 1868 -22.24 -23.90 -63.33
C THR A 1868 -21.20 -25.01 -63.30
N LYS A 1869 -21.36 -26.02 -64.17
CA LYS A 1869 -20.40 -27.11 -64.21
C LYS A 1869 -19.06 -26.64 -64.77
N LYS A 1870 -19.10 -25.80 -65.81
CA LYS A 1870 -17.86 -25.32 -66.41
C LYS A 1870 -17.11 -24.39 -65.46
N MET A 1871 -17.84 -23.58 -64.69
CA MET A 1871 -17.23 -22.74 -63.67
C MET A 1871 -16.64 -23.57 -62.53
N GLY A 1872 -17.34 -24.63 -62.12
CA GLY A 1872 -16.79 -25.48 -61.08
C GLY A 1872 -15.53 -26.21 -61.51
N TYR A 1873 -15.49 -26.65 -62.77
CA TYR A 1873 -14.30 -27.28 -63.32
C TYR A 1873 -13.14 -26.30 -63.40
N TYR A 1874 -13.43 -25.05 -63.75
CA TYR A 1874 -12.39 -24.02 -63.75
C TYR A 1874 -11.85 -23.77 -62.34
N LYS A 1875 -12.71 -23.84 -61.32
CA LYS A 1875 -12.25 -23.67 -59.95
C LYS A 1875 -11.37 -24.84 -59.49
N ILE A 1876 -11.75 -26.06 -59.88
CA ILE A 1876 -10.96 -27.23 -59.50
C ILE A 1876 -9.58 -27.17 -60.18
N LEU A 1877 -9.56 -26.81 -61.45
CA LEU A 1877 -8.30 -26.69 -62.17
C LEU A 1877 -7.44 -25.56 -61.63
N ASP A 1878 -8.07 -24.46 -61.20
CA ASP A 1878 -7.41 -23.36 -60.52
C ASP A 1878 -6.62 -23.86 -59.30
N VAL A 1879 -7.30 -24.54 -58.37
CA VAL A 1879 -6.62 -24.91 -57.12
C VAL A 1879 -5.56 -25.98 -57.38
N MET A 1880 -5.82 -26.88 -58.34
CA MET A 1880 -4.86 -27.94 -58.61
C MET A 1880 -3.61 -27.39 -59.28
N TYR A 1881 -3.76 -26.40 -60.16
CA TYR A 1881 -2.59 -25.74 -60.72
C TYR A 1881 -1.89 -24.87 -59.70
N SER A 1882 -2.63 -24.39 -58.69
CA SER A 1882 -2.01 -23.58 -57.65
C SER A 1882 -1.06 -24.40 -56.79
N ARG A 1883 -1.58 -25.44 -56.15
CA ARG A 1883 -0.73 -26.19 -55.22
C ARG A 1883 -0.23 -27.51 -55.81
N LEU A 1884 0.38 -27.43 -56.99
CA LEU A 1884 1.20 -28.55 -57.47
C LEU A 1884 2.48 -28.00 -58.08
N PRO A 1885 3.64 -28.61 -57.79
CA PRO A 1885 4.89 -28.14 -58.39
C PRO A 1885 4.93 -28.35 -59.90
N LYS A 1886 5.86 -27.67 -60.56
CA LYS A 1886 5.78 -27.51 -62.01
C LYS A 1886 6.18 -28.77 -62.78
N ASP A 1887 6.93 -29.67 -62.14
CA ASP A 1887 7.45 -30.84 -62.86
C ASP A 1887 6.35 -31.82 -63.23
N ASP A 1888 5.53 -32.22 -62.25
CA ASP A 1888 4.49 -33.21 -62.52
C ASP A 1888 3.23 -32.63 -63.14
N VAL A 1889 3.32 -31.45 -63.73
CA VAL A 1889 2.23 -30.91 -64.54
C VAL A 1889 2.75 -30.49 -65.91
N HIS A 1890 4.03 -30.09 -66.02
CA HIS A 1890 4.52 -29.63 -67.31
C HIS A 1890 5.60 -30.48 -67.94
N ALA A 1891 6.43 -31.19 -67.16
CA ALA A 1891 7.44 -32.07 -67.76
C ALA A 1891 6.74 -33.35 -68.24
N LYS A 1892 7.49 -34.29 -68.80
CA LYS A 1892 6.91 -35.55 -69.26
C LYS A 1892 6.57 -36.42 -68.05
N GLU A 1893 5.29 -36.44 -67.71
CA GLU A 1893 4.80 -37.09 -66.49
C GLU A 1893 3.45 -37.74 -66.75
N SER A 1894 2.97 -38.48 -65.75
CA SER A 1894 1.78 -39.30 -65.93
C SER A 1894 0.53 -38.46 -66.13
N LYS A 1895 0.51 -37.24 -65.57
CA LYS A 1895 -0.66 -36.38 -65.70
C LYS A 1895 -0.80 -35.84 -67.12
N ILE A 1896 0.30 -35.39 -67.72
CA ILE A 1896 0.24 -34.91 -69.10
C ILE A 1896 0.08 -36.09 -70.06
N ASN A 1897 0.59 -37.27 -69.68
CA ASN A 1897 0.32 -38.46 -70.48
C ASN A 1897 -1.16 -38.81 -70.49
N GLN A 1898 -1.84 -38.62 -69.35
CA GLN A 1898 -3.20 -39.09 -69.18
C GLN A 1898 -4.26 -38.22 -69.86
N VAL A 1899 -3.90 -37.08 -70.45
CA VAL A 1899 -4.87 -36.40 -71.32
C VAL A 1899 -4.87 -37.04 -72.71
N PHE A 1900 -3.73 -37.54 -73.16
CA PHE A 1900 -3.67 -38.35 -74.37
C PHE A 1900 -3.74 -39.83 -74.04
N HIS A 1901 -3.53 -40.64 -75.07
CA HIS A 1901 -3.72 -42.09 -75.00
C HIS A 1901 -2.45 -42.74 -74.45
N GLY A 1902 -2.53 -43.29 -73.24
CA GLY A 1902 -1.37 -43.92 -72.64
C GLY A 1902 -0.31 -42.90 -72.29
N SER A 1903 0.92 -43.18 -72.71
CA SER A 1903 2.01 -42.22 -72.59
C SER A 1903 2.19 -41.51 -73.93
N CYS A 1904 3.27 -40.75 -74.03
CA CYS A 1904 3.60 -39.99 -75.24
C CYS A 1904 5.10 -39.68 -75.19
N ILE A 1905 5.59 -39.09 -76.28
CA ILE A 1905 6.99 -38.71 -76.42
C ILE A 1905 7.17 -37.19 -76.37
N THR A 1906 6.07 -36.43 -76.39
CA THR A 1906 6.16 -34.97 -76.40
C THR A 1906 6.68 -34.42 -75.07
N GLU A 1907 7.19 -33.18 -75.13
CA GLU A 1907 7.88 -32.55 -74.01
C GLU A 1907 6.94 -32.07 -72.92
N GLY A 1908 5.62 -32.20 -73.10
CA GLY A 1908 4.68 -32.00 -72.03
C GLY A 1908 3.81 -30.77 -72.08
N ASN A 1909 3.35 -30.37 -73.26
CA ASN A 1909 2.56 -29.15 -73.40
C ASN A 1909 1.27 -29.41 -74.15
N GLU A 1910 0.72 -30.62 -74.01
CA GLU A 1910 -0.50 -30.95 -74.73
C GLU A 1910 -1.78 -30.73 -73.95
N LEU A 1911 -1.68 -30.52 -72.63
CA LEU A 1911 -2.77 -30.17 -71.72
C LEU A 1911 -2.86 -28.66 -71.53
N THR A 1912 -1.72 -28.02 -71.29
CA THR A 1912 -1.68 -26.61 -70.95
C THR A 1912 -2.22 -25.76 -72.08
N LYS A 1913 -2.00 -26.18 -73.32
CA LYS A 1913 -2.40 -25.36 -74.46
C LYS A 1913 -3.89 -25.48 -74.73
N THR A 1914 -4.42 -26.70 -74.66
CA THR A 1914 -5.85 -26.87 -74.83
C THR A 1914 -6.63 -26.37 -73.63
N LEU A 1915 -5.96 -26.15 -72.49
CA LEU A 1915 -6.67 -25.50 -71.39
C LEU A 1915 -6.56 -23.98 -71.44
N ILE A 1916 -5.43 -23.47 -71.91
CA ILE A 1916 -5.27 -22.02 -71.98
C ILE A 1916 -6.14 -21.44 -73.08
N LYS A 1917 -6.26 -22.15 -74.21
CA LYS A 1917 -7.18 -21.70 -75.24
C LYS A 1917 -8.63 -21.75 -74.77
N LEU A 1918 -8.97 -22.76 -73.95
CA LEU A 1918 -10.33 -22.85 -73.44
C LEU A 1918 -10.61 -21.76 -72.42
N CYS A 1919 -9.65 -21.49 -71.53
CA CYS A 1919 -9.80 -20.42 -70.56
C CYS A 1919 -9.91 -19.07 -71.25
N TYR A 1920 -9.07 -18.82 -72.25
CA TYR A 1920 -9.09 -17.54 -72.96
C TYR A 1920 -10.35 -17.38 -73.79
N ASP A 1921 -10.82 -18.45 -74.41
CA ASP A 1921 -12.09 -18.39 -75.13
C ASP A 1921 -13.26 -18.25 -74.17
N ALA A 1922 -13.05 -18.62 -72.90
CA ALA A 1922 -14.09 -18.40 -71.90
C ALA A 1922 -14.11 -16.94 -71.43
N PHE A 1923 -13.00 -16.44 -70.89
CA PHE A 1923 -13.00 -15.11 -70.29
C PHE A 1923 -12.86 -14.00 -71.31
N THR A 1924 -12.75 -14.32 -72.60
CA THR A 1924 -12.79 -13.30 -73.64
C THR A 1924 -13.95 -13.52 -74.60
N GLU A 1925 -15.12 -13.84 -74.08
CA GLU A 1925 -16.33 -13.83 -74.90
C GLU A 1925 -16.81 -12.40 -75.06
N ASN A 1926 -17.83 -12.23 -75.90
CA ASN A 1926 -18.41 -10.91 -76.15
C ASN A 1926 -19.88 -11.04 -76.51
N MET A 1927 -20.73 -10.49 -75.66
CA MET A 1927 -22.16 -10.50 -75.90
C MET A 1927 -22.65 -9.13 -76.37
N ALA A 1928 -23.62 -9.16 -77.27
CA ALA A 1928 -24.28 -7.95 -77.73
C ALA A 1928 -25.79 -8.04 -77.65
N GLY A 1929 -26.35 -9.19 -77.98
CA GLY A 1929 -27.78 -9.42 -77.83
C GLY A 1929 -28.05 -10.51 -76.82
N GLU A 1930 -26.99 -11.22 -76.44
CA GLU A 1930 -27.10 -12.29 -75.46
C GLU A 1930 -27.39 -11.72 -74.09
N ASN A 1931 -28.54 -12.09 -73.54
CA ASN A 1931 -29.04 -11.42 -72.35
C ASN A 1931 -29.68 -12.34 -71.32
N GLN A 1932 -29.45 -13.66 -71.40
CA GLN A 1932 -30.18 -14.56 -70.51
C GLN A 1932 -29.66 -14.51 -69.08
N LEU A 1933 -28.42 -14.94 -68.86
CA LEU A 1933 -27.89 -15.14 -67.51
C LEU A 1933 -26.56 -14.40 -67.41
N LEU A 1934 -26.61 -13.15 -66.98
CA LEU A 1934 -25.39 -12.36 -66.99
C LEU A 1934 -24.59 -12.59 -65.71
N GLU A 1935 -25.28 -12.86 -64.61
CA GLU A 1935 -24.61 -13.07 -63.34
C GLU A 1935 -23.82 -14.37 -63.33
N ARG A 1936 -24.47 -15.48 -63.70
CA ARG A 1936 -23.82 -16.79 -63.70
C ARG A 1936 -22.67 -16.81 -64.68
N ARG A 1937 -22.86 -16.21 -65.86
CA ARG A 1937 -21.81 -16.21 -66.87
C ARG A 1937 -20.67 -15.27 -66.49
N ARG A 1938 -20.97 -14.20 -65.74
CA ARG A 1938 -19.92 -13.30 -65.28
C ARG A 1938 -19.05 -13.96 -64.22
N LEU A 1939 -19.68 -14.72 -63.32
CA LEU A 1939 -18.91 -15.50 -62.35
C LEU A 1939 -18.10 -16.59 -63.05
N TYR A 1940 -18.64 -17.12 -64.14
CA TYR A 1940 -17.92 -18.10 -64.95
C TYR A 1940 -16.70 -17.48 -65.62
N HIS A 1941 -16.86 -16.25 -66.12
CA HIS A 1941 -15.74 -15.49 -66.69
C HIS A 1941 -14.65 -15.28 -65.65
N CYS A 1942 -15.05 -14.93 -64.43
CA CYS A 1942 -14.09 -14.68 -63.36
C CYS A 1942 -13.36 -15.97 -62.96
N ALA A 1943 -14.07 -17.10 -62.93
CA ALA A 1943 -13.42 -18.36 -62.61
C ALA A 1943 -12.46 -18.79 -63.70
N ALA A 1944 -12.81 -18.53 -64.96
CA ALA A 1944 -11.93 -18.84 -66.07
C ALA A 1944 -10.66 -18.00 -66.04
N TYR A 1945 -10.82 -16.70 -65.77
CA TYR A 1945 -9.66 -15.81 -65.67
C TYR A 1945 -8.76 -16.22 -64.51
N ASN A 1946 -9.35 -16.65 -63.40
CA ASN A 1946 -8.54 -17.05 -62.26
C ASN A 1946 -7.83 -18.36 -62.52
N CYS A 1947 -8.46 -19.27 -63.26
CA CYS A 1947 -7.80 -20.52 -63.63
C CYS A 1947 -6.68 -20.24 -64.61
N ALA A 1948 -6.85 -19.23 -65.46
CA ALA A 1948 -5.78 -18.81 -66.37
C ALA A 1948 -4.60 -18.24 -65.61
N ILE A 1949 -4.87 -17.43 -64.57
CA ILE A 1949 -3.82 -16.94 -63.68
C ILE A 1949 -3.05 -18.10 -63.06
N SER A 1950 -3.78 -19.06 -62.49
CA SER A 1950 -3.15 -20.15 -61.76
C SER A 1950 -2.45 -21.15 -62.66
N VAL A 1951 -2.83 -21.23 -63.94
CA VAL A 1951 -2.09 -22.08 -64.85
C VAL A 1951 -0.86 -21.37 -65.42
N ILE A 1952 -0.91 -20.05 -65.55
CA ILE A 1952 0.22 -19.34 -66.13
C ILE A 1952 1.29 -19.09 -65.07
N CYS A 1953 0.90 -18.96 -63.80
CA CYS A 1953 1.87 -18.78 -62.73
C CYS A 1953 2.66 -20.04 -62.41
N CYS A 1954 2.31 -21.19 -62.98
CA CYS A 1954 3.00 -22.43 -62.69
C CYS A 1954 3.95 -22.87 -63.81
N VAL A 1955 3.50 -22.86 -65.07
CA VAL A 1955 4.27 -23.46 -66.15
C VAL A 1955 5.05 -22.44 -66.98
N PHE A 1956 4.77 -21.16 -66.85
CA PHE A 1956 5.52 -20.14 -67.58
C PHE A 1956 6.35 -19.33 -66.59
N ASN A 1957 7.61 -19.14 -66.93
CA ASN A 1957 8.53 -18.43 -66.06
C ASN A 1957 9.52 -17.54 -66.80
N GLU A 1958 9.48 -17.48 -68.12
CA GLU A 1958 10.68 -17.02 -68.83
C GLU A 1958 10.75 -15.49 -68.92
N LEU A 1959 9.88 -14.87 -69.71
CA LEU A 1959 9.85 -13.42 -69.67
C LEU A 1959 8.46 -12.82 -69.55
N LYS A 1960 7.59 -13.10 -70.52
CA LYS A 1960 6.37 -12.32 -70.70
C LYS A 1960 5.28 -13.18 -71.34
N PHE A 1961 5.24 -14.46 -71.02
CA PHE A 1961 4.09 -15.27 -71.40
C PHE A 1961 2.83 -14.91 -70.62
N TYR A 1962 2.99 -14.17 -69.52
CA TYR A 1962 1.86 -13.61 -68.78
C TYR A 1962 1.05 -12.68 -69.67
N GLN A 1963 1.74 -11.92 -70.53
CA GLN A 1963 1.11 -10.89 -71.36
C GLN A 1963 0.20 -11.51 -72.40
N GLY A 1964 0.57 -12.68 -72.92
CA GLY A 1964 -0.12 -13.23 -74.07
C GLY A 1964 -1.56 -13.63 -73.80
N PHE A 1965 -1.91 -13.83 -72.53
CA PHE A 1965 -3.27 -14.24 -72.22
C PHE A 1965 -3.89 -13.40 -71.13
N LEU A 1966 -3.10 -12.83 -70.21
CA LEU A 1966 -3.72 -12.15 -69.09
C LEU A 1966 -4.01 -10.69 -69.37
N PHE A 1967 -3.24 -10.04 -70.22
CA PHE A 1967 -3.34 -8.59 -70.45
C PHE A 1967 -3.37 -8.27 -71.93
N SER A 1968 -4.24 -8.90 -72.71
CA SER A 1968 -4.30 -8.63 -74.14
C SER A 1968 -5.75 -8.65 -74.62
N GLU A 1969 -6.26 -7.49 -75.02
CA GLU A 1969 -7.58 -7.37 -75.59
C GLU A 1969 -7.48 -7.07 -77.09
N LYS A 1970 -8.63 -7.17 -77.78
CA LYS A 1970 -8.71 -6.93 -79.21
C LYS A 1970 -9.97 -6.13 -79.50
N PRO A 1971 -9.93 -4.80 -79.35
CA PRO A 1971 -11.15 -4.01 -79.55
C PRO A 1971 -11.60 -3.90 -80.99
N GLU A 1972 -10.69 -4.08 -81.94
CA GLU A 1972 -11.06 -4.14 -83.35
C GLU A 1972 -11.72 -5.45 -83.73
N LYS A 1973 -11.65 -6.46 -82.85
CA LYS A 1973 -12.42 -7.68 -82.98
C LYS A 1973 -13.41 -7.88 -81.83
N ASN A 1974 -13.45 -6.95 -80.87
CA ASN A 1974 -14.28 -6.99 -79.65
C ASN A 1974 -14.01 -8.27 -78.85
N LEU A 1975 -12.77 -8.39 -78.40
CA LEU A 1975 -12.29 -9.61 -77.74
C LEU A 1975 -11.63 -9.09 -76.46
N LEU A 1976 -12.42 -8.89 -75.42
CA LEU A 1976 -12.07 -8.08 -74.26
C LEU A 1976 -11.80 -8.92 -73.02
N ILE A 1977 -11.36 -8.25 -71.95
CA ILE A 1977 -11.12 -8.92 -70.68
C ILE A 1977 -11.94 -8.28 -69.56
N PHE A 1978 -11.66 -7.01 -69.26
CA PHE A 1978 -12.13 -6.44 -68.00
C PHE A 1978 -13.60 -6.05 -68.06
N GLU A 1979 -14.14 -5.81 -69.25
CA GLU A 1979 -15.58 -5.64 -69.36
C GLU A 1979 -16.30 -6.95 -69.13
N ASN A 1980 -15.67 -8.06 -69.48
CA ASN A 1980 -16.24 -9.38 -69.19
C ASN A 1980 -16.03 -9.77 -67.74
N LEU A 1981 -15.05 -9.19 -67.06
CA LEU A 1981 -14.86 -9.47 -65.64
C LEU A 1981 -15.81 -8.65 -64.78
N ILE A 1982 -15.66 -7.33 -64.79
CA ILE A 1982 -16.29 -6.49 -63.77
C ILE A 1982 -17.73 -6.16 -64.17
N ASP A 1983 -18.64 -6.26 -63.20
CA ASP A 1983 -20.04 -5.87 -63.39
C ASP A 1983 -20.10 -4.36 -63.59
N LEU A 1984 -20.52 -3.95 -64.78
CA LEU A 1984 -20.62 -2.52 -65.10
C LEU A 1984 -22.02 -1.98 -64.84
N LYS A 1985 -22.59 -2.31 -63.69
CA LYS A 1985 -23.88 -1.77 -63.31
C LYS A 1985 -24.02 -1.45 -61.83
N ARG A 1986 -23.14 -1.95 -60.97
CA ARG A 1986 -23.36 -1.88 -59.54
C ARG A 1986 -22.85 -0.57 -58.97
N ARG A 1987 -23.52 -0.09 -57.92
CA ARG A 1987 -23.15 1.13 -57.22
C ARG A 1987 -22.31 0.76 -56.01
N TYR A 1988 -21.06 1.23 -56.01
CA TYR A 1988 -20.11 0.99 -54.94
C TYR A 1988 -20.07 2.20 -54.01
N ASN A 1989 -19.82 1.93 -52.73
CA ASN A 1989 -20.08 2.95 -51.71
C ASN A 1989 -18.85 3.67 -51.21
N PHE A 1990 -17.79 2.93 -50.82
CA PHE A 1990 -16.56 3.43 -50.19
C PHE A 1990 -16.84 4.28 -48.96
N PRO A 1991 -17.22 3.71 -47.84
CA PRO A 1991 -17.55 4.54 -46.67
C PRO A 1991 -16.35 4.80 -45.78
N VAL A 1992 -16.20 6.04 -45.31
CA VAL A 1992 -15.10 6.39 -44.42
C VAL A 1992 -15.28 5.72 -43.08
N GLU A 1993 -16.49 5.80 -42.56
CA GLU A 1993 -16.87 5.23 -41.28
C GLU A 1993 -17.57 3.89 -41.48
N VAL A 1994 -17.44 3.03 -40.47
CA VAL A 1994 -17.90 1.65 -40.53
C VAL A 1994 -18.64 1.31 -39.24
N GLU A 1995 -19.61 0.42 -39.36
CA GLU A 1995 -20.29 -0.11 -38.17
C GLU A 1995 -19.47 -1.24 -37.56
N VAL A 1996 -19.26 -2.31 -38.31
CA VAL A 1996 -18.39 -3.41 -37.90
C VAL A 1996 -16.97 -3.04 -38.32
N PRO A 1997 -16.05 -2.85 -37.38
CA PRO A 1997 -14.65 -2.64 -37.74
C PRO A 1997 -13.97 -3.98 -37.98
N MET A 1998 -12.72 -3.89 -38.47
CA MET A 1998 -11.86 -5.05 -38.76
C MET A 1998 -12.54 -6.00 -39.76
N GLU A 1999 -12.70 -5.49 -40.97
CA GLU A 1999 -13.22 -6.32 -42.07
C GLU A 1999 -12.11 -7.10 -42.76
N ARG A 2000 -11.24 -7.74 -41.98
CA ARG A 2000 -10.05 -8.34 -42.55
C ARG A 2000 -10.32 -9.76 -43.00
N LYS A 2001 -9.41 -10.27 -43.82
CA LYS A 2001 -9.53 -11.62 -44.35
C LYS A 2001 -9.01 -12.64 -43.34
N GLU A 2082 -3.19 -9.72 -44.37
CA GLU A 2082 -4.16 -10.03 -45.41
C GLU A 2082 -4.88 -8.75 -45.85
N LEU A 2083 -5.52 -8.78 -47.00
CA LEU A 2083 -6.07 -7.57 -47.61
C LEU A 2083 -7.49 -7.34 -47.12
N GLU A 2084 -7.77 -6.11 -46.69
CA GLU A 2084 -9.06 -5.78 -46.08
C GLU A 2084 -10.16 -5.82 -47.11
N MET A 2085 -11.17 -6.64 -46.87
CA MET A 2085 -12.27 -6.81 -47.81
C MET A 2085 -13.33 -5.75 -47.53
N ASP A 2086 -13.63 -4.91 -48.51
CA ASP A 2086 -14.62 -3.86 -48.30
C ASP A 2086 -15.88 -4.09 -49.11
N GLU A 2087 -15.85 -3.84 -50.42
CA GLU A 2087 -16.92 -4.29 -51.29
C GLU A 2087 -16.32 -4.68 -52.64
N LEU A 2088 -15.35 -3.88 -53.05
CA LEU A 2088 -14.55 -4.11 -54.24
C LEU A 2088 -13.42 -5.08 -53.99
N ASN A 2089 -13.08 -5.32 -52.72
CA ASN A 2089 -11.95 -6.16 -52.39
C ASN A 2089 -12.37 -7.61 -52.14
N ARG A 2090 -13.63 -7.92 -52.42
CA ARG A 2090 -14.13 -9.29 -52.43
C ARG A 2090 -14.74 -9.61 -53.79
N HIS A 2091 -14.08 -9.15 -54.84
CA HIS A 2091 -14.50 -9.34 -56.22
C HIS A 2091 -14.12 -10.73 -56.76
N GLU A 2092 -13.45 -11.56 -55.95
CA GLU A 2092 -12.97 -12.93 -56.26
C GLU A 2092 -12.05 -12.99 -57.49
N CYS A 2093 -11.59 -11.84 -57.95
CA CYS A 2093 -10.58 -11.74 -58.99
C CYS A 2093 -9.53 -10.73 -58.61
N MET A 2094 -9.75 -9.95 -57.57
CA MET A 2094 -8.80 -8.95 -57.12
C MET A 2094 -7.65 -9.57 -56.34
N ALA A 2095 -7.93 -10.51 -55.45
CA ALA A 2095 -6.87 -11.18 -54.70
C ALA A 2095 -5.94 -12.05 -55.56
N PRO A 2096 -6.41 -12.83 -56.55
CA PRO A 2096 -5.41 -13.48 -57.42
C PRO A 2096 -4.71 -12.53 -58.38
N LEU A 2097 -5.34 -11.43 -58.78
CA LEU A 2097 -4.64 -10.42 -59.57
C LEU A 2097 -3.51 -9.80 -58.78
N THR A 2098 -3.76 -9.48 -57.51
CA THR A 2098 -2.70 -8.94 -56.67
C THR A 2098 -1.63 -9.99 -56.40
N ALA A 2099 -2.02 -11.26 -56.36
CA ALA A 2099 -1.05 -12.35 -56.26
C ALA A 2099 -0.14 -12.41 -57.48
N LEU A 2100 -0.71 -12.30 -58.68
CA LEU A 2100 0.15 -12.38 -59.87
C LEU A 2100 1.00 -11.14 -60.02
N VAL A 2101 0.49 -9.98 -59.62
CA VAL A 2101 1.28 -8.76 -59.78
C VAL A 2101 2.43 -8.73 -58.78
N LYS A 2102 2.19 -9.24 -57.57
CA LYS A 2102 3.32 -9.41 -56.65
C LYS A 2102 4.24 -10.55 -57.09
N HIS A 2103 3.74 -11.47 -57.91
CA HIS A 2103 4.60 -12.52 -58.45
C HIS A 2103 5.53 -11.98 -59.53
N MET A 2104 5.02 -11.13 -60.40
CA MET A 2104 5.80 -10.58 -61.50
C MET A 2104 6.84 -9.57 -61.06
N HIS A 2105 6.83 -9.14 -59.80
CA HIS A 2105 7.86 -8.25 -59.29
C HIS A 2105 9.10 -9.02 -58.85
N ARG A 2106 8.93 -10.28 -58.45
CA ARG A 2106 10.04 -11.11 -58.01
C ARG A 2106 10.32 -12.27 -58.97
N SER A 2107 10.02 -12.09 -60.26
CA SER A 2107 10.39 -13.09 -61.27
C SER A 2107 11.41 -12.49 -62.21
N LEU A 2108 11.13 -11.30 -62.72
CA LEU A 2108 12.09 -10.54 -63.49
C LEU A 2108 12.25 -9.15 -62.90
N PRO A 2119 13.58 4.17 -65.37
CA PRO A 2119 13.86 2.83 -65.90
C PRO A 2119 13.52 2.72 -67.38
N ARG A 2120 13.34 1.49 -67.86
CA ARG A 2120 12.47 1.28 -68.98
C ARG A 2120 11.08 1.64 -68.51
N ASP A 2121 10.36 2.43 -69.31
CA ASP A 2121 9.22 3.22 -68.84
C ASP A 2121 8.08 2.40 -68.25
N LEU A 2122 7.37 1.66 -69.09
CA LEU A 2122 6.32 0.79 -68.59
C LEU A 2122 6.21 -0.42 -69.51
N PRO A 2123 6.26 -1.63 -68.96
CA PRO A 2123 6.00 -2.81 -69.78
C PRO A 2123 4.57 -2.85 -70.26
N SER A 2124 4.31 -3.79 -71.18
CA SER A 2124 2.99 -3.89 -71.76
C SER A 2124 1.98 -4.41 -70.75
N TRP A 2125 2.43 -5.20 -69.77
CA TRP A 2125 1.54 -5.60 -68.69
C TRP A 2125 1.22 -4.45 -67.75
N MET A 2126 1.96 -3.35 -67.83
CA MET A 2126 1.53 -2.10 -67.21
C MET A 2126 0.98 -1.10 -68.20
N LYS A 2127 1.39 -1.14 -69.47
CA LYS A 2127 0.87 -0.18 -70.43
C LYS A 2127 -0.59 -0.46 -70.76
N PHE A 2128 -1.00 -1.72 -70.70
CA PHE A 2128 -2.41 -2.06 -70.87
C PHE A 2128 -3.24 -1.54 -69.71
N LEU A 2129 -2.71 -1.63 -68.49
CA LEU A 2129 -3.42 -1.12 -67.33
C LEU A 2129 -3.44 0.41 -67.33
N HIS A 2130 -2.35 1.03 -67.79
CA HIS A 2130 -2.26 2.48 -67.85
C HIS A 2130 -3.25 3.03 -68.86
N GLY A 2131 -3.35 2.38 -70.02
CA GLY A 2131 -4.35 2.79 -70.99
C GLY A 2131 -5.75 2.43 -70.56
N LYS A 2132 -5.88 1.51 -69.60
CA LYS A 2132 -7.20 1.20 -69.08
C LYS A 2132 -7.57 2.14 -67.93
N LEU A 2133 -6.58 2.61 -67.17
CA LEU A 2133 -6.87 3.43 -66.00
C LEU A 2133 -7.09 4.88 -66.38
N GLY A 2134 -6.21 5.44 -67.21
CA GLY A 2134 -6.22 6.87 -67.43
C GLY A 2134 -7.15 7.38 -68.50
N ASN A 2135 -8.37 6.87 -68.54
CA ASN A 2135 -9.31 7.36 -69.55
C ASN A 2135 -10.68 7.58 -68.92
N PRO A 2136 -11.31 8.73 -69.15
CA PRO A 2136 -12.69 8.92 -68.69
C PRO A 2136 -13.72 8.25 -69.56
N ILE A 2137 -13.31 7.54 -70.62
CA ILE A 2137 -14.24 6.82 -71.48
C ILE A 2137 -14.39 5.36 -71.10
N VAL A 2138 -13.54 4.84 -70.22
CA VAL A 2138 -13.67 3.49 -69.68
C VAL A 2138 -14.81 3.60 -68.67
N PRO A 2139 -15.61 2.54 -68.42
CA PRO A 2139 -16.55 2.56 -67.30
C PRO A 2139 -15.91 2.83 -65.94
N LEU A 2140 -16.71 3.24 -64.97
CA LEU A 2140 -16.17 3.69 -63.69
C LEU A 2140 -15.68 2.53 -62.84
N ASN A 2141 -16.39 1.40 -62.88
CA ASN A 2141 -16.08 0.28 -62.00
C ASN A 2141 -14.76 -0.36 -62.36
N ILE A 2142 -14.38 -0.31 -63.64
CA ILE A 2142 -13.06 -0.79 -64.06
C ILE A 2142 -11.97 0.13 -63.53
N ARG A 2143 -12.22 1.43 -63.56
CA ARG A 2143 -11.23 2.39 -63.07
C ARG A 2143 -11.05 2.25 -61.56
N LEU A 2144 -12.14 2.02 -60.83
CA LEU A 2144 -12.03 1.82 -59.39
C LEU A 2144 -11.38 0.49 -59.05
N PHE A 2145 -11.66 -0.55 -59.85
CA PHE A 2145 -11.02 -1.85 -59.67
C PHE A 2145 -9.51 -1.76 -59.88
N LEU A 2146 -9.08 -1.12 -60.97
CA LEU A 2146 -7.67 -0.98 -61.25
C LEU A 2146 -6.99 -0.08 -60.23
N ALA A 2147 -7.70 0.94 -59.76
CA ALA A 2147 -7.17 1.79 -58.70
C ALA A 2147 -6.94 1.00 -57.43
N LYS A 2148 -7.91 0.17 -57.03
CA LYS A 2148 -7.76 -0.64 -55.83
C LYS A 2148 -6.67 -1.69 -55.99
N LEU A 2149 -6.43 -2.16 -57.22
CA LEU A 2149 -5.32 -3.06 -57.48
C LEU A 2149 -3.98 -2.34 -57.26
N VAL A 2150 -3.86 -1.12 -57.78
CA VAL A 2150 -2.66 -0.31 -57.59
C VAL A 2150 -2.46 0.01 -56.12
N ILE A 2151 -3.56 0.19 -55.39
CA ILE A 2151 -3.50 0.43 -53.95
C ILE A 2151 -2.97 -0.80 -53.23
N ASN A 2152 -3.56 -1.96 -53.51
CA ASN A 2152 -3.27 -3.18 -52.75
C ASN A 2152 -1.84 -3.65 -52.98
N THR A 2153 -1.35 -3.50 -54.20
CA THR A 2153 0.06 -3.72 -54.44
C THR A 2153 0.68 -2.43 -54.98
N GLU A 2154 1.27 -1.66 -54.06
CA GLU A 2154 1.94 -0.43 -54.41
C GLU A 2154 3.45 -0.54 -54.29
N GLU A 2155 3.96 -1.70 -53.93
CA GLU A 2155 5.39 -1.94 -53.98
C GLU A 2155 5.86 -2.30 -55.37
N VAL A 2156 4.94 -2.40 -56.33
CA VAL A 2156 5.30 -2.69 -57.70
C VAL A 2156 5.10 -1.49 -58.61
N PHE A 2157 4.29 -0.50 -58.23
CA PHE A 2157 4.18 0.73 -58.98
C PHE A 2157 5.08 1.82 -58.40
N ARG A 2158 5.64 1.59 -57.21
CA ARG A 2158 6.57 2.55 -56.61
C ARG A 2158 7.87 2.72 -57.40
N PRO A 2159 8.42 1.72 -58.10
CA PRO A 2159 9.43 2.05 -59.11
C PRO A 2159 8.93 2.91 -60.24
N TYR A 2160 7.80 2.58 -60.84
CA TYR A 2160 7.31 3.35 -61.99
C TYR A 2160 6.31 4.41 -61.56
N ALA A 2161 6.67 5.22 -60.57
CA ALA A 2161 5.72 6.12 -59.96
C ALA A 2161 5.44 7.34 -60.82
N LYS A 2162 6.33 7.67 -61.76
CA LYS A 2162 6.15 8.85 -62.60
C LYS A 2162 4.98 8.68 -63.54
N HIS A 2163 4.78 7.46 -64.05
CA HIS A 2163 3.66 7.22 -64.96
C HIS A 2163 2.39 6.90 -64.20
N TRP A 2164 2.52 6.28 -63.03
CA TRP A 2164 1.37 5.78 -62.29
C TRP A 2164 0.82 6.79 -61.30
N LEU A 2165 1.17 8.05 -61.45
CA LEU A 2165 0.65 9.07 -60.55
C LEU A 2165 -0.31 10.02 -61.24
N SER A 2166 -0.21 10.23 -62.52
CA SER A 2166 -1.18 11.00 -63.28
C SER A 2166 -2.58 10.38 -63.36
N PRO A 2167 -2.77 9.04 -63.62
CA PRO A 2167 -4.15 8.54 -63.67
C PRO A 2167 -4.78 8.35 -62.29
N LEU A 2168 -3.97 8.05 -61.28
CA LEU A 2168 -4.50 7.95 -59.92
C LEU A 2168 -4.98 9.32 -59.42
N LEU A 2169 -4.19 10.35 -59.68
CA LEU A 2169 -4.61 11.71 -59.34
C LEU A 2169 -5.78 12.15 -60.20
N GLN A 2170 -5.85 11.63 -61.44
CA GLN A 2170 -7.00 11.92 -62.29
C GLN A 2170 -8.28 11.33 -61.71
N LEU A 2171 -8.17 10.13 -61.15
CA LEU A 2171 -9.34 9.51 -60.53
C LEU A 2171 -9.68 10.16 -59.20
N ALA A 2172 -8.68 10.58 -58.43
CA ALA A 2172 -8.94 11.23 -57.15
C ALA A 2172 -9.57 12.60 -57.33
N ALA A 2173 -8.98 13.43 -58.19
CA ALA A 2173 -9.54 14.74 -58.47
C ALA A 2173 -10.50 14.73 -59.64
N SER A 2174 -11.07 13.58 -59.97
CA SER A 2174 -12.05 13.49 -61.06
C SER A 2174 -13.42 13.89 -60.56
N GLU A 2175 -14.45 13.63 -61.35
CA GLU A 2175 -15.80 14.08 -61.04
C GLU A 2175 -16.67 12.98 -60.45
N ASN A 2176 -16.61 11.77 -60.98
CA ASN A 2176 -17.40 10.64 -60.50
C ASN A 2176 -16.46 9.63 -59.86
N ASN A 2177 -16.71 9.32 -58.59
CA ASN A 2177 -15.91 8.36 -57.87
C ASN A 2177 -16.73 7.42 -57.00
N GLY A 2178 -18.05 7.54 -57.00
CA GLY A 2178 -18.90 6.67 -56.23
C GLY A 2178 -19.41 7.24 -54.92
N GLY A 2179 -18.99 8.44 -54.55
CA GLY A 2179 -19.44 9.05 -53.31
C GLY A 2179 -19.38 10.56 -53.40
N GLU A 2180 -20.23 11.20 -52.60
CA GLU A 2180 -20.40 12.64 -52.65
C GLU A 2180 -19.58 13.36 -51.59
N GLY A 2181 -18.43 12.82 -51.22
CA GLY A 2181 -17.59 13.49 -50.27
C GLY A 2181 -16.15 13.05 -50.33
N ILE A 2182 -15.45 13.17 -49.22
CA ILE A 2182 -14.06 12.71 -49.14
C ILE A 2182 -14.13 11.27 -48.61
N HIS A 2183 -14.43 10.37 -49.52
CA HIS A 2183 -14.70 8.98 -49.15
C HIS A 2183 -13.41 8.19 -49.07
N TYR A 2184 -13.55 6.88 -48.85
CA TYR A 2184 -12.39 6.06 -48.57
C TYR A 2184 -11.54 5.85 -49.81
N MET A 2185 -12.15 5.86 -50.99
CA MET A 2185 -11.37 5.67 -52.21
C MET A 2185 -10.46 6.86 -52.46
N VAL A 2186 -10.98 8.08 -52.29
CA VAL A 2186 -10.12 9.25 -52.52
C VAL A 2186 -9.11 9.41 -51.39
N VAL A 2187 -9.48 9.05 -50.15
CA VAL A 2187 -8.53 9.06 -49.04
C VAL A 2187 -7.40 8.09 -49.30
N GLU A 2188 -7.74 6.95 -49.89
CA GLU A 2188 -6.77 5.89 -50.17
C GLU A 2188 -5.82 6.27 -51.30
N ILE A 2189 -6.37 6.85 -52.37
CA ILE A 2189 -5.57 7.29 -53.51
C ILE A 2189 -4.62 8.40 -53.09
N VAL A 2190 -5.13 9.41 -52.35
CA VAL A 2190 -4.25 10.53 -52.01
C VAL A 2190 -3.24 10.12 -50.94
N ALA A 2191 -3.55 9.11 -50.14
CA ALA A 2191 -2.55 8.63 -49.18
C ALA A 2191 -1.42 7.90 -49.88
N THR A 2192 -1.75 7.07 -50.88
CA THR A 2192 -0.71 6.37 -51.64
C THR A 2192 0.13 7.34 -52.47
N ILE A 2193 -0.51 8.34 -53.08
CA ILE A 2193 0.21 9.31 -53.90
C ILE A 2193 1.11 10.18 -53.02
N LEU A 2194 0.63 10.54 -51.83
CA LEU A 2194 1.46 11.29 -50.90
C LEU A 2194 2.61 10.46 -50.38
N SER A 2195 2.44 9.14 -50.32
CA SER A 2195 3.60 8.27 -50.12
C SER A 2195 4.53 8.31 -51.31
N TRP A 2196 4.03 8.58 -52.49
CA TRP A 2196 4.94 8.65 -53.62
C TRP A 2196 5.61 10.03 -53.76
N THR A 2197 5.69 10.83 -52.71
CA THR A 2197 6.40 12.09 -52.79
C THR A 2197 7.91 11.83 -52.75
N GLY A 2198 8.65 12.73 -53.40
CA GLY A 2198 10.06 12.50 -53.67
C GLY A 2198 10.33 11.60 -54.85
N LEU A 2199 9.31 10.99 -55.43
CA LEU A 2199 9.45 10.15 -56.60
C LEU A 2199 8.73 10.70 -57.81
N ALA A 2200 7.61 11.40 -57.61
CA ALA A 2200 6.91 12.05 -58.72
C ALA A 2200 6.11 13.21 -58.14
N THR A 2201 6.60 14.39 -58.31
CA THR A 2201 5.80 15.53 -57.91
C THR A 2201 5.03 16.06 -59.13
N PRO A 2202 3.76 16.46 -58.97
CA PRO A 2202 3.02 17.02 -60.11
C PRO A 2202 3.32 18.48 -60.43
N THR A 2203 4.62 18.83 -60.43
CA THR A 2203 5.08 20.14 -60.88
C THR A 2203 5.64 20.08 -62.29
N GLY A 2204 5.54 18.94 -62.96
CA GLY A 2204 6.12 18.78 -64.28
C GLY A 2204 5.22 19.22 -65.40
N VAL A 2205 3.96 18.76 -65.40
CA VAL A 2205 3.05 19.04 -66.50
C VAL A 2205 1.91 19.91 -65.97
N PRO A 2206 1.29 20.74 -66.81
CA PRO A 2206 0.17 21.56 -66.32
C PRO A 2206 -1.11 20.77 -66.10
N LYS A 2207 -1.26 19.60 -66.73
CA LYS A 2207 -2.44 18.77 -66.52
C LYS A 2207 -2.50 18.26 -65.08
N ASP A 2208 -1.39 17.72 -64.59
CA ASP A 2208 -1.33 17.27 -63.21
C ASP A 2208 -1.38 18.44 -62.25
N GLU A 2209 -0.94 19.63 -62.68
CA GLU A 2209 -1.02 20.82 -61.84
C GLU A 2209 -2.46 21.26 -61.64
N VAL A 2210 -3.27 21.28 -62.72
CA VAL A 2210 -4.65 21.68 -62.52
C VAL A 2210 -5.44 20.58 -61.84
N LEU A 2211 -5.00 19.32 -61.98
CA LEU A 2211 -5.60 18.25 -61.20
C LEU A 2211 -5.30 18.42 -59.71
N ALA A 2212 -4.07 18.81 -59.38
CA ALA A 2212 -3.70 18.99 -57.97
C ALA A 2212 -4.43 20.18 -57.36
N ASN A 2213 -4.63 21.24 -58.15
CA ASN A 2213 -5.39 22.37 -57.65
C ASN A 2213 -6.87 22.03 -57.46
N ARG A 2214 -7.45 21.26 -58.38
CA ARG A 2214 -8.83 20.83 -58.21
C ARG A 2214 -8.97 19.88 -57.04
N LEU A 2215 -7.93 19.07 -56.80
CA LEU A 2215 -7.92 18.17 -55.66
C LEU A 2215 -7.91 18.95 -54.35
N LEU A 2216 -7.07 19.99 -54.27
CA LEU A 2216 -7.00 20.78 -53.05
C LEU A 2216 -8.29 21.55 -52.80
N ASN A 2217 -8.91 22.08 -53.86
CA ASN A 2217 -10.17 22.80 -53.67
C ASN A 2217 -11.29 21.85 -53.28
N PHE A 2218 -11.27 20.61 -53.78
CA PHE A 2218 -12.28 19.63 -53.42
C PHE A 2218 -12.12 19.16 -51.97
N LEU A 2219 -10.88 18.84 -51.58
CA LEU A 2219 -10.58 18.49 -50.19
C LEU A 2219 -10.89 19.63 -49.23
N MET A 2220 -10.58 20.87 -49.58
CA MET A 2220 -10.88 21.96 -48.67
C MET A 2220 -12.35 22.34 -48.68
N LYS A 2221 -13.10 21.97 -49.71
CA LYS A 2221 -14.54 22.21 -49.66
C LYS A 2221 -15.23 21.18 -48.78
N HIS A 2222 -14.95 19.91 -48.98
CA HIS A 2222 -15.58 18.86 -48.20
C HIS A 2222 -14.61 18.44 -47.11
N VAL A 2223 -14.61 19.17 -46.00
CA VAL A 2223 -13.76 18.82 -44.87
C VAL A 2223 -14.62 18.24 -43.75
N PHE A 2224 -15.81 18.81 -43.55
CA PHE A 2224 -16.34 18.91 -42.19
C PHE A 2224 -16.74 17.59 -41.53
N HIS A 2225 -17.81 16.93 -41.99
CA HIS A 2225 -18.25 15.62 -41.51
C HIS A 2225 -18.34 15.47 -39.99
N PRO A 2226 -19.48 15.86 -39.37
CA PRO A 2226 -19.54 16.20 -37.93
C PRO A 2226 -18.88 15.29 -36.89
N LYS A 2227 -18.64 14.03 -37.23
CA LYS A 2227 -17.79 13.16 -36.41
C LYS A 2227 -16.37 13.70 -36.36
N ARG A 2228 -15.95 14.11 -35.17
CA ARG A 2228 -14.79 15.00 -35.03
C ARG A 2228 -13.47 14.31 -35.36
N ALA A 2229 -13.39 12.99 -35.20
CA ALA A 2229 -12.17 12.29 -35.59
C ALA A 2229 -12.01 12.26 -37.10
N VAL A 2230 -13.12 12.14 -37.83
CA VAL A 2230 -13.11 12.23 -39.28
C VAL A 2230 -12.73 13.63 -39.73
N PHE A 2231 -13.19 14.65 -38.99
CA PHE A 2231 -12.81 16.03 -39.28
C PHE A 2231 -11.32 16.24 -39.11
N ARG A 2232 -10.76 15.69 -38.03
CA ARG A 2232 -9.33 15.82 -37.81
C ARG A 2232 -8.53 15.00 -38.82
N HIS A 2233 -9.10 13.90 -39.30
CA HIS A 2233 -8.42 13.09 -40.31
C HIS A 2233 -8.37 13.81 -41.64
N ASN A 2234 -9.47 14.46 -42.03
CA ASN A 2234 -9.49 15.26 -43.24
C ASN A 2234 -8.51 16.41 -43.15
N LEU A 2235 -8.39 17.04 -41.98
CA LEU A 2235 -7.44 18.14 -41.84
C LEU A 2235 -5.99 17.63 -41.89
N GLU A 2236 -5.72 16.45 -41.33
CA GLU A 2236 -4.36 15.90 -41.43
C GLU A 2236 -4.04 15.48 -42.85
N ILE A 2237 -5.06 15.07 -43.61
CA ILE A 2237 -4.88 14.75 -45.03
C ILE A 2237 -4.52 16.00 -45.82
N ILE A 2238 -5.29 17.09 -45.63
CA ILE A 2238 -5.06 18.32 -46.39
C ILE A 2238 -3.73 18.95 -45.99
N LYS A 2239 -3.36 18.82 -44.72
CA LYS A 2239 -2.09 19.37 -44.26
C LYS A 2239 -0.92 18.60 -44.83
N THR A 2240 -1.00 17.27 -44.83
CA THR A 2240 0.08 16.49 -45.40
C THR A 2240 0.14 16.63 -46.91
N LEU A 2241 -1.00 16.92 -47.55
CA LEU A 2241 -1.03 17.17 -48.99
C LEU A 2241 -0.31 18.46 -49.34
N VAL A 2242 -0.62 19.55 -48.63
CA VAL A 2242 0.03 20.82 -48.94
C VAL A 2242 1.49 20.78 -48.49
N GLU A 2243 1.81 20.02 -47.45
CA GLU A 2243 3.19 19.90 -47.00
C GLU A 2243 4.02 19.12 -48.01
N CYS A 2244 3.44 18.07 -48.58
CA CYS A 2244 4.15 17.25 -49.54
C CYS A 2244 4.36 18.00 -50.85
N TRP A 2245 3.28 18.51 -51.45
CA TRP A 2245 3.47 19.17 -52.73
C TRP A 2245 3.88 20.62 -52.54
N LYS A 2246 2.98 21.45 -52.00
CA LYS A 2246 3.23 22.79 -51.46
C LYS A 2246 3.65 23.84 -52.48
N ASP A 2247 4.03 23.41 -53.69
CA ASP A 2247 4.62 24.29 -54.69
C ASP A 2247 3.64 24.56 -55.82
N CYS A 2248 3.12 23.53 -56.46
CA CYS A 2248 2.20 23.71 -57.58
C CYS A 2248 0.74 23.85 -57.13
N LEU A 2249 0.51 24.63 -56.09
CA LEU A 2249 -0.81 24.73 -55.49
C LEU A 2249 -1.21 26.18 -55.35
N SER A 2250 -2.45 26.45 -55.72
CA SER A 2250 -3.09 27.72 -55.40
C SER A 2250 -4.01 27.48 -54.22
N ILE A 2251 -3.71 28.13 -53.10
CA ILE A 2251 -4.58 28.01 -51.93
C ILE A 2251 -5.89 28.74 -52.20
N PRO A 2252 -7.03 28.10 -52.08
CA PRO A 2252 -8.30 28.77 -52.36
C PRO A 2252 -8.73 29.68 -51.21
N TYR A 2253 -8.13 30.88 -51.18
CA TYR A 2253 -8.35 31.82 -50.09
C TYR A 2253 -9.78 32.34 -50.04
N ARG A 2254 -10.47 32.33 -51.19
CA ARG A 2254 -11.86 32.75 -51.21
C ARG A 2254 -12.74 31.74 -50.49
N LEU A 2255 -12.40 30.46 -50.61
CA LEU A 2255 -13.14 29.43 -49.90
C LEU A 2255 -12.93 29.52 -48.41
N ILE A 2256 -11.69 29.76 -47.97
CA ILE A 2256 -11.41 29.89 -46.54
C ILE A 2256 -12.10 31.12 -45.96
N PHE A 2257 -12.14 32.21 -46.72
CA PHE A 2257 -12.86 33.41 -46.32
C PHE A 2257 -14.33 33.11 -46.12
N GLU A 2258 -14.92 32.37 -47.06
CA GLU A 2258 -16.32 31.96 -46.92
C GLU A 2258 -16.49 30.96 -45.79
N LYS A 2259 -15.42 30.27 -45.41
CA LYS A 2259 -15.52 29.26 -44.37
C LYS A 2259 -15.49 29.87 -42.98
N PHE A 2260 -14.79 30.99 -42.78
CA PHE A 2260 -14.81 31.63 -41.47
C PHE A 2260 -15.64 32.91 -41.38
N SER A 2261 -16.30 33.33 -42.45
CA SER A 2261 -16.93 34.66 -42.46
C SER A 2261 -18.40 34.63 -42.09
N GLY A 2262 -18.83 33.71 -41.23
CA GLY A 2262 -20.24 33.61 -40.87
C GLY A 2262 -20.57 34.44 -39.64
N LYS A 2263 -21.43 35.42 -39.82
CA LYS A 2263 -21.73 36.41 -38.78
C LYS A 2263 -22.89 35.91 -37.91
N ASP A 2264 -22.58 34.94 -37.06
CA ASP A 2264 -23.59 34.27 -36.24
C ASP A 2264 -22.97 33.79 -34.94
N PRO A 2265 -23.15 34.51 -33.85
CA PRO A 2265 -22.42 34.18 -32.62
C PRO A 2265 -23.01 33.04 -31.82
N ASN A 2266 -23.45 31.98 -32.49
CA ASN A 2266 -23.92 30.77 -31.81
C ASN A 2266 -23.49 29.51 -32.53
N SER A 2267 -22.59 29.60 -33.50
CA SER A 2267 -22.29 28.48 -34.37
C SER A 2267 -20.79 28.24 -34.38
N LYS A 2268 -20.42 26.95 -34.37
CA LYS A 2268 -19.05 26.53 -34.59
C LYS A 2268 -18.69 26.43 -36.06
N ASP A 2269 -19.43 27.11 -36.92
CA ASP A 2269 -19.21 27.02 -38.36
C ASP A 2269 -18.01 27.82 -38.80
N ASN A 2270 -17.59 28.79 -38.01
CA ASN A 2270 -16.37 29.53 -38.33
C ASN A 2270 -15.12 28.78 -37.93
N SER A 2271 -15.25 27.66 -37.23
CA SER A 2271 -14.09 26.91 -36.82
C SER A 2271 -13.38 26.26 -38.00
N VAL A 2272 -14.10 25.98 -39.09
CA VAL A 2272 -13.52 25.27 -40.21
C VAL A 2272 -12.56 26.18 -40.98
N GLY A 2273 -12.93 27.44 -41.16
CA GLY A 2273 -12.04 28.36 -41.82
C GLY A 2273 -10.82 28.67 -40.99
N ILE A 2274 -10.99 28.67 -39.67
CA ILE A 2274 -9.87 28.87 -38.77
C ILE A 2274 -8.93 27.66 -38.81
N GLN A 2275 -9.48 26.46 -38.97
CA GLN A 2275 -8.62 25.29 -39.05
C GLN A 2275 -7.87 25.23 -40.36
N LEU A 2276 -8.54 25.57 -41.47
CA LEU A 2276 -7.84 25.60 -42.76
C LEU A 2276 -6.79 26.70 -42.79
N LEU A 2277 -7.06 27.81 -42.13
CA LEU A 2277 -6.09 28.89 -42.05
C LEU A 2277 -4.91 28.49 -41.18
N GLY A 2278 -5.15 27.71 -40.12
CA GLY A 2278 -4.05 27.19 -39.34
C GLY A 2278 -3.20 26.20 -40.11
N ILE A 2279 -3.84 25.41 -40.98
CA ILE A 2279 -3.11 24.49 -41.85
C ILE A 2279 -2.19 25.26 -42.80
N VAL A 2280 -2.74 26.28 -43.47
CA VAL A 2280 -1.95 26.96 -44.50
C VAL A 2280 -0.90 27.85 -43.86
N MET A 2281 -1.13 28.30 -42.63
CA MET A 2281 -0.09 29.03 -41.91
C MET A 2281 0.93 28.11 -41.28
N ALA A 2282 0.62 26.82 -41.17
CA ALA A 2282 1.54 25.90 -40.52
C ALA A 2282 2.78 25.64 -41.36
N ASN A 2283 2.68 25.68 -42.68
CA ASN A 2283 3.88 25.35 -43.44
C ASN A 2283 4.79 26.54 -43.66
N ASP A 2284 4.44 27.38 -44.64
CA ASP A 2284 5.11 28.65 -44.85
C ASP A 2284 4.18 29.68 -45.50
N LEU A 2285 3.01 29.26 -45.96
CA LEU A 2285 2.35 29.95 -47.06
C LEU A 2285 1.72 31.26 -46.60
N PRO A 2286 1.65 32.27 -47.47
CA PRO A 2286 1.09 33.54 -47.06
C PRO A 2286 -0.41 33.45 -46.86
N PRO A 2287 -0.96 34.22 -45.94
CA PRO A 2287 -2.38 34.55 -46.01
C PRO A 2287 -2.59 35.64 -47.06
N TYR A 2288 -3.75 35.58 -47.69
CA TYR A 2288 -4.26 36.59 -48.60
C TYR A 2288 -3.29 36.91 -49.74
N ASP A 2289 -3.15 35.97 -50.65
CA ASP A 2289 -2.68 36.36 -51.95
C ASP A 2289 -3.76 37.24 -52.57
N PRO A 2290 -3.42 38.43 -53.07
CA PRO A 2290 -4.46 39.42 -53.39
C PRO A 2290 -5.30 39.12 -54.61
N GLN A 2291 -5.11 37.97 -55.27
CA GLN A 2291 -5.84 37.67 -56.50
C GLN A 2291 -7.31 37.40 -56.21
N CYS A 2292 -7.60 36.73 -55.08
CA CYS A 2292 -8.99 36.52 -54.68
C CYS A 2292 -9.64 37.84 -54.31
N GLY A 2293 -10.82 38.10 -54.87
CA GLY A 2293 -11.39 39.42 -54.82
C GLY A 2293 -12.07 39.71 -53.51
N ILE A 2294 -11.29 39.86 -52.45
CA ILE A 2294 -11.83 40.09 -51.11
C ILE A 2294 -11.40 41.42 -50.52
N GLN A 2295 -10.36 42.07 -51.05
CA GLN A 2295 -9.88 43.38 -50.60
C GLN A 2295 -9.47 43.34 -49.13
N SER A 2296 -8.22 42.88 -48.89
CA SER A 2296 -7.63 42.37 -47.65
C SER A 2296 -8.11 42.91 -46.33
N SER A 2297 -8.49 44.19 -46.29
CA SER A 2297 -9.14 44.75 -45.11
C SER A 2297 -10.38 43.95 -44.73
N GLU A 2298 -11.22 43.63 -45.71
CA GLU A 2298 -12.47 42.95 -45.42
C GLU A 2298 -12.22 41.49 -45.05
N TYR A 2299 -11.24 40.86 -45.70
CA TYR A 2299 -10.81 39.51 -45.38
C TYR A 2299 -10.36 39.40 -43.92
N PHE A 2300 -9.37 40.21 -43.56
CA PHE A 2300 -8.81 40.14 -42.23
C PHE A 2300 -9.79 40.64 -41.17
N GLN A 2301 -10.73 41.52 -41.53
CA GLN A 2301 -11.71 41.96 -40.55
C GLN A 2301 -12.70 40.86 -40.23
N ALA A 2302 -13.15 40.11 -41.25
CA ALA A 2302 -13.99 38.95 -40.95
C ALA A 2302 -13.22 37.84 -40.27
N LEU A 2303 -11.90 37.80 -40.43
CA LEU A 2303 -11.10 36.84 -39.70
C LEU A 2303 -10.98 37.21 -38.23
N VAL A 2304 -10.60 38.45 -37.94
CA VAL A 2304 -10.38 38.90 -36.58
C VAL A 2304 -11.70 39.12 -35.86
N ASN A 2305 -12.82 39.15 -36.58
CA ASN A 2305 -14.11 39.36 -35.96
C ASN A 2305 -14.58 38.14 -35.17
N ASN A 2306 -13.94 36.98 -35.36
CA ASN A 2306 -14.28 35.79 -34.59
C ASN A 2306 -13.82 35.87 -33.15
N MET A 2307 -12.97 36.84 -32.81
CA MET A 2307 -12.53 37.01 -31.43
C MET A 2307 -13.68 37.44 -30.53
N SER A 2308 -14.67 38.13 -31.08
CA SER A 2308 -15.81 38.55 -30.27
C SER A 2308 -16.84 37.45 -30.09
N PHE A 2309 -16.66 36.29 -30.73
CA PHE A 2309 -17.64 35.21 -30.66
C PHE A 2309 -17.35 34.33 -29.46
N VAL A 2310 -17.47 34.92 -28.28
CA VAL A 2310 -17.01 34.25 -27.07
C VAL A 2310 -18.06 33.33 -26.48
N ARG A 2311 -18.32 32.23 -27.17
CA ARG A 2311 -19.22 31.23 -26.62
C ARG A 2311 -18.54 29.88 -26.52
N TYR A 2312 -17.92 29.45 -27.62
CA TYR A 2312 -17.14 28.23 -27.66
C TYR A 2312 -15.68 28.61 -27.79
N LYS A 2313 -14.81 27.87 -27.08
CA LYS A 2313 -13.39 28.17 -27.05
C LYS A 2313 -12.77 28.00 -28.44
N GLU A 2314 -13.29 27.05 -29.21
CA GLU A 2314 -12.79 26.67 -30.51
C GLU A 2314 -13.04 27.72 -31.59
N VAL A 2315 -13.77 28.78 -31.27
CA VAL A 2315 -13.92 29.87 -32.21
C VAL A 2315 -12.97 31.00 -31.83
N TYR A 2316 -13.13 31.56 -30.63
CA TYR A 2316 -12.38 32.78 -30.32
C TYR A 2316 -10.92 32.49 -29.97
N ALA A 2317 -10.63 31.43 -29.21
CA ALA A 2317 -9.22 31.17 -28.89
C ALA A 2317 -8.47 30.62 -30.08
N ALA A 2318 -9.13 29.81 -30.92
CA ALA A 2318 -8.49 29.32 -32.14
C ALA A 2318 -8.28 30.45 -33.12
N ALA A 2319 -9.20 31.42 -33.18
CA ALA A 2319 -9.01 32.59 -34.02
C ALA A 2319 -7.87 33.45 -33.51
N ALA A 2320 -7.76 33.59 -32.19
CA ALA A 2320 -6.66 34.34 -31.59
C ALA A 2320 -5.31 33.71 -31.90
N GLU A 2321 -5.24 32.38 -31.87
CA GLU A 2321 -3.98 31.71 -32.16
C GLU A 2321 -3.60 31.81 -33.63
N VAL A 2322 -4.60 31.75 -34.52
CA VAL A 2322 -4.34 31.98 -35.94
C VAL A 2322 -3.84 33.40 -36.20
N LEU A 2323 -4.45 34.42 -35.56
CA LEU A 2323 -3.97 35.79 -35.73
C LEU A 2323 -2.58 35.97 -35.17
N GLY A 2324 -2.24 35.24 -34.10
CA GLY A 2324 -0.89 35.27 -33.59
C GLY A 2324 0.12 34.70 -34.58
N LEU A 2325 -0.23 33.59 -35.23
CA LEU A 2325 0.65 33.00 -36.23
C LEU A 2325 0.83 33.90 -37.44
N ILE A 2326 -0.27 34.49 -37.91
CA ILE A 2326 -0.23 35.39 -39.06
C ILE A 2326 0.62 36.63 -38.74
N LEU A 2327 0.49 37.15 -37.53
CA LEU A 2327 1.24 38.33 -37.16
C LEU A 2327 2.72 38.04 -37.01
N ARG A 2328 3.06 36.84 -36.51
CA ARG A 2328 4.46 36.44 -36.49
C ARG A 2328 5.01 36.28 -37.89
N TYR A 2329 4.18 35.81 -38.82
CA TYR A 2329 4.59 35.66 -40.21
C TYR A 2329 4.88 37.00 -40.86
N VAL A 2330 3.93 37.94 -40.77
CA VAL A 2330 4.08 39.25 -41.39
C VAL A 2330 5.17 40.09 -40.72
N MET A 2331 5.43 39.87 -39.43
CA MET A 2331 6.62 40.45 -38.83
C MET A 2331 7.88 39.78 -39.34
N GLU A 2332 7.82 38.49 -39.62
CA GLU A 2332 9.01 37.72 -39.96
C GLU A 2332 9.52 38.08 -41.34
N ARG A 2333 8.65 38.06 -42.34
CA ARG A 2333 8.95 38.63 -43.66
C ARG A 2333 8.15 39.91 -43.81
N LYS A 2334 8.84 41.05 -43.81
CA LYS A 2334 8.21 42.35 -43.55
C LYS A 2334 7.29 42.75 -44.69
N ASN A 2335 5.99 42.73 -44.40
CA ASN A 2335 4.96 43.24 -45.29
C ASN A 2335 4.43 44.55 -44.77
N ILE A 2336 3.82 45.33 -45.67
CA ILE A 2336 3.15 46.58 -45.30
C ILE A 2336 2.00 46.28 -44.35
N LEU A 2337 1.27 45.21 -44.60
CA LEU A 2337 0.04 44.79 -43.95
C LEU A 2337 0.24 44.34 -42.48
N GLU A 2338 1.43 44.55 -41.93
CA GLU A 2338 1.65 44.45 -40.49
C GLU A 2338 0.76 45.40 -39.72
N GLU A 2339 0.74 46.67 -40.13
CA GLU A 2339 0.21 47.74 -39.30
C GLU A 2339 -1.31 47.68 -39.22
N SER A 2340 -1.97 47.56 -40.37
CA SER A 2340 -3.42 47.53 -40.41
C SER A 2340 -4.00 46.27 -39.80
N LEU A 2341 -3.19 45.23 -39.64
CA LEU A 2341 -3.63 43.98 -39.04
C LEU A 2341 -3.38 43.96 -37.54
N CYS A 2342 -2.22 44.45 -37.09
CA CYS A 2342 -1.94 44.48 -35.66
C CYS A 2342 -2.81 45.50 -34.96
N GLU A 2343 -3.11 46.62 -35.63
CA GLU A 2343 -4.05 47.57 -35.05
C GLU A 2343 -5.47 47.02 -35.02
N LEU A 2344 -5.80 46.10 -35.93
CA LEU A 2344 -7.12 45.47 -35.94
C LEU A 2344 -7.27 44.48 -34.77
N VAL A 2345 -6.24 43.65 -34.58
CA VAL A 2345 -6.22 42.74 -33.44
C VAL A 2345 -6.20 43.50 -32.13
N ALA A 2346 -5.47 44.62 -32.07
CA ALA A 2346 -5.42 45.40 -30.85
C ALA A 2346 -6.74 46.11 -30.60
N LYS A 2347 -7.47 46.46 -31.66
CA LYS A 2347 -8.77 47.09 -31.48
C LYS A 2347 -9.79 46.10 -30.94
N GLN A 2348 -9.74 44.85 -31.41
CA GLN A 2348 -10.62 43.82 -30.85
C GLN A 2348 -10.27 43.51 -29.40
N LEU A 2349 -8.97 43.49 -29.08
CA LEU A 2349 -8.59 43.23 -27.70
C LEU A 2349 -8.91 44.43 -26.80
N LYS A 2350 -8.87 45.64 -27.35
CA LYS A 2350 -9.25 46.81 -26.59
C LYS A 2350 -10.73 46.80 -26.27
N GLN A 2351 -11.54 46.33 -27.21
CA GLN A 2351 -12.95 46.12 -26.94
C GLN A 2351 -13.16 45.02 -25.91
N HIS A 2352 -12.26 44.03 -25.87
CA HIS A 2352 -12.38 42.96 -24.88
C HIS A 2352 -12.00 43.41 -23.48
N GLN A 2353 -11.00 44.30 -23.34
CA GLN A 2353 -10.36 44.45 -22.03
C GLN A 2353 -11.20 45.19 -21.01
N ASN A 2354 -12.32 45.80 -21.42
CA ASN A 2354 -13.22 46.47 -20.49
C ASN A 2354 -14.48 45.69 -20.22
N THR A 2355 -15.01 44.95 -21.20
CA THR A 2355 -16.21 44.18 -20.94
C THR A 2355 -15.89 42.84 -20.27
N MET A 2356 -15.21 41.96 -20.97
CA MET A 2356 -14.89 40.63 -20.46
C MET A 2356 -13.37 40.51 -20.40
N GLU A 2357 -12.82 40.66 -19.20
CA GLU A 2357 -11.39 40.48 -19.04
C GLU A 2357 -11.00 39.01 -19.05
N ASP A 2358 -11.94 38.14 -18.68
CA ASP A 2358 -11.78 36.70 -18.79
C ASP A 2358 -11.52 36.26 -20.22
N LYS A 2359 -12.11 36.94 -21.19
CA LYS A 2359 -11.81 36.63 -22.58
C LYS A 2359 -10.65 37.45 -23.12
N PHE A 2360 -10.41 38.63 -22.55
CA PHE A 2360 -9.30 39.47 -22.97
C PHE A 2360 -7.97 38.79 -22.70
N ILE A 2361 -7.83 38.15 -21.54
CA ILE A 2361 -6.53 37.57 -21.25
C ILE A 2361 -6.34 36.24 -21.94
N VAL A 2362 -7.43 35.53 -22.28
CA VAL A 2362 -7.30 34.30 -23.04
C VAL A 2362 -6.90 34.61 -24.48
N CYS A 2363 -7.51 35.64 -25.07
CA CYS A 2363 -7.15 36.04 -26.41
C CYS A 2363 -5.75 36.64 -26.48
N LEU A 2364 -5.36 37.39 -25.45
CA LEU A 2364 -4.02 37.96 -25.46
C LEU A 2364 -2.95 36.90 -25.25
N ASN A 2365 -3.23 35.90 -24.40
CA ASN A 2365 -2.30 34.81 -24.21
C ASN A 2365 -2.12 33.99 -25.49
N LYS A 2366 -3.23 33.75 -26.21
CA LYS A 2366 -3.13 32.98 -27.44
C LYS A 2366 -2.42 33.76 -28.54
N VAL A 2367 -2.58 35.09 -28.58
CA VAL A 2367 -1.88 35.87 -29.60
C VAL A 2367 -0.40 35.97 -29.28
N THR A 2368 -0.05 36.26 -28.04
CA THR A 2368 1.35 36.42 -27.71
C THR A 2368 2.04 35.12 -27.32
N LYS A 2369 1.42 33.97 -27.58
CA LYS A 2369 2.23 32.76 -27.68
C LYS A 2369 3.14 32.81 -28.89
N SER A 2370 2.73 33.51 -29.93
CA SER A 2370 3.40 33.55 -31.22
C SER A 2370 3.90 34.92 -31.59
N PHE A 2371 3.15 35.99 -31.30
CA PHE A 2371 3.59 37.36 -31.57
C PHE A 2371 3.68 38.15 -30.27
N PRO A 2372 4.85 38.18 -29.64
CA PRO A 2372 5.01 38.92 -28.38
C PRO A 2372 4.99 40.44 -28.50
N PRO A 2373 5.39 41.10 -29.60
CA PRO A 2373 5.26 42.57 -29.63
C PRO A 2373 3.86 43.14 -29.56
N LEU A 2374 2.80 42.35 -29.55
CA LEU A 2374 1.48 42.91 -29.30
C LEU A 2374 1.25 43.16 -27.82
N ALA A 2375 1.92 42.42 -26.94
CA ALA A 2375 1.73 42.62 -25.52
C ALA A 2375 2.40 43.88 -25.00
N ASP A 2376 3.19 44.58 -25.82
CA ASP A 2376 3.83 45.81 -25.37
C ASP A 2376 2.81 46.93 -25.16
N ARG A 2377 1.80 47.00 -26.01
CA ARG A 2377 0.81 48.06 -25.84
C ARG A 2377 -0.27 47.71 -24.84
N PHE A 2378 -0.31 46.47 -24.35
CA PHE A 2378 -1.31 46.05 -23.39
C PHE A 2378 -0.73 45.78 -22.03
N MET A 2379 0.52 46.17 -21.78
CA MET A 2379 1.22 45.65 -20.61
C MET A 2379 0.73 46.27 -19.31
N ASN A 2380 0.43 47.57 -19.31
CA ASN A 2380 -0.09 48.16 -18.09
C ASN A 2380 -1.51 47.72 -17.81
N ALA A 2381 -2.25 47.34 -18.85
CA ALA A 2381 -3.57 46.78 -18.65
C ALA A 2381 -3.54 45.29 -18.33
N VAL A 2382 -2.40 44.63 -18.52
CA VAL A 2382 -2.22 43.29 -17.96
C VAL A 2382 -1.88 43.40 -16.50
N PHE A 2383 -1.02 44.35 -16.16
CA PHE A 2383 -0.61 44.56 -14.79
C PHE A 2383 -1.79 45.01 -13.94
N PHE A 2384 -2.66 45.86 -14.48
CA PHE A 2384 -3.87 46.28 -13.77
C PHE A 2384 -4.76 45.10 -13.43
N LEU A 2385 -4.93 44.18 -14.36
CA LEU A 2385 -5.85 43.08 -14.15
C LEU A 2385 -5.23 41.93 -13.37
N LEU A 2386 -3.91 41.89 -13.25
CA LEU A 2386 -3.22 40.81 -12.56
C LEU A 2386 -3.60 40.58 -11.10
N PRO A 2387 -3.78 41.59 -10.23
CA PRO A 2387 -4.23 41.28 -8.86
C PRO A 2387 -5.70 40.93 -8.73
N LYS A 2388 -6.45 40.74 -9.81
CA LYS A 2388 -7.87 40.43 -9.74
C LYS A 2388 -8.14 38.93 -9.88
N PHE A 2389 -7.52 38.29 -10.87
CA PHE A 2389 -7.73 36.88 -11.12
C PHE A 2389 -7.01 36.03 -10.09
N HIS A 2390 -7.62 34.91 -9.70
CA HIS A 2390 -6.97 33.93 -8.83
C HIS A 2390 -7.40 32.55 -9.33
N GLY A 2391 -6.62 32.00 -10.23
CA GLY A 2391 -6.97 30.74 -10.83
C GLY A 2391 -6.00 30.40 -11.93
N VAL A 2392 -6.53 29.93 -13.05
CA VAL A 2392 -5.71 29.71 -14.23
C VAL A 2392 -5.48 31.03 -14.94
N LEU A 2393 -6.32 32.02 -14.67
CA LEU A 2393 -6.27 33.27 -15.41
C LEU A 2393 -5.07 34.08 -14.97
N LYS A 2394 -4.67 33.94 -13.71
CA LYS A 2394 -3.46 34.62 -13.25
C LYS A 2394 -2.21 33.94 -13.82
N THR A 2395 -2.26 32.62 -14.03
CA THR A 2395 -1.20 31.94 -14.75
C THR A 2395 -1.08 32.46 -16.17
N LEU A 2396 -2.22 32.73 -16.82
CA LEU A 2396 -2.17 33.26 -18.17
C LEU A 2396 -1.66 34.70 -18.20
N CYS A 2397 -2.04 35.50 -17.20
CA CYS A 2397 -1.52 36.86 -17.05
C CYS A 2397 -0.01 36.87 -16.87
N LEU A 2398 0.50 35.95 -16.04
CA LEU A 2398 1.94 35.88 -15.82
C LEU A 2398 2.67 35.36 -17.03
N GLU A 2399 2.03 34.49 -17.82
CA GLU A 2399 2.67 34.03 -19.05
C GLU A 2399 2.75 35.15 -20.07
N VAL A 2400 1.76 36.05 -20.07
CA VAL A 2400 1.84 37.26 -20.89
C VAL A 2400 2.95 38.18 -20.41
N VAL A 2401 3.14 38.28 -19.09
CA VAL A 2401 4.24 39.07 -18.53
C VAL A 2401 5.59 38.50 -18.93
N LEU A 2402 5.70 37.15 -18.94
CA LEU A 2402 6.98 36.46 -19.15
C LEU A 2402 7.60 36.73 -20.51
N CYS A 2403 6.78 36.95 -21.55
CA CYS A 2403 7.28 37.24 -22.88
C CYS A 2403 8.04 38.57 -22.92
N ARG A 2404 7.51 39.58 -22.25
CA ARG A 2404 8.10 40.92 -22.29
C ARG A 2404 8.73 41.19 -20.94
N VAL A 2405 9.95 40.69 -20.75
CA VAL A 2405 10.66 40.89 -19.50
C VAL A 2405 11.97 41.60 -19.84
N GLU A 2406 12.49 41.33 -21.02
CA GLU A 2406 13.73 42.01 -21.41
C GLU A 2406 13.43 43.41 -21.91
N GLY A 2407 12.29 43.61 -22.54
CA GLY A 2407 11.90 44.91 -23.05
C GLY A 2407 11.13 45.75 -22.07
N MET A 2408 11.18 45.39 -20.79
CA MET A 2408 10.54 46.16 -19.74
C MET A 2408 11.60 46.78 -18.85
N THR A 2409 11.39 48.04 -18.46
CA THR A 2409 12.45 48.77 -17.78
C THR A 2409 12.48 48.48 -16.28
N GLU A 2410 11.40 48.77 -15.54
CA GLU A 2410 11.48 48.60 -14.09
C GLU A 2410 11.16 47.17 -13.69
N LEU A 2411 9.88 46.80 -13.80
CA LEU A 2411 9.29 45.46 -13.62
C LEU A 2411 9.39 44.93 -12.19
N TYR A 2412 10.33 45.41 -11.39
CA TYR A 2412 10.38 44.97 -10.02
C TYR A 2412 9.39 45.73 -9.18
N PHE A 2413 9.21 47.02 -9.47
CA PHE A 2413 8.25 47.80 -8.70
C PHE A 2413 6.83 47.40 -9.06
N GLN A 2414 6.62 47.00 -10.31
CA GLN A 2414 5.29 46.53 -10.70
C GLN A 2414 5.00 45.16 -10.11
N LEU A 2415 5.99 44.27 -10.12
CA LEU A 2415 5.77 42.97 -9.49
C LEU A 2415 5.67 43.09 -7.98
N LYS A 2416 6.33 44.07 -7.38
CA LYS A 2416 6.24 44.25 -5.94
C LYS A 2416 4.94 44.89 -5.52
N SER A 2417 4.39 45.80 -6.34
CA SER A 2417 3.04 46.29 -6.10
C SER A 2417 2.01 45.19 -6.24
N LYS A 2418 2.27 44.23 -7.12
CA LYS A 2418 1.27 43.21 -7.40
C LYS A 2418 1.51 41.94 -6.60
N ASP A 2419 2.31 42.02 -5.54
CA ASP A 2419 2.55 40.97 -4.55
C ASP A 2419 3.14 39.72 -5.19
N PHE A 2420 4.31 39.88 -5.79
CA PHE A 2420 4.93 38.77 -6.51
C PHE A 2420 5.48 37.72 -5.57
N VAL A 2421 5.93 38.15 -4.39
CA VAL A 2421 6.49 37.22 -3.43
C VAL A 2421 5.40 36.32 -2.88
N GLN A 2422 4.18 36.82 -2.77
CA GLN A 2422 3.09 36.00 -2.28
C GLN A 2422 2.39 35.21 -3.37
N VAL A 2423 2.57 35.55 -4.64
CA VAL A 2423 2.06 34.68 -5.68
C VAL A 2423 3.08 33.58 -5.99
N MET A 2424 4.34 33.78 -5.62
CA MET A 2424 5.29 32.68 -5.71
C MET A 2424 5.02 31.57 -4.71
N ARG A 2425 4.38 31.88 -3.61
CA ARG A 2425 4.10 30.87 -2.60
C ARG A 2425 2.76 30.21 -2.79
N HIS A 2426 2.01 30.60 -3.82
CA HIS A 2426 0.82 29.88 -4.23
C HIS A 2426 1.22 28.50 -4.73
N ARG A 2427 0.60 27.47 -4.17
CA ARG A 2427 0.97 26.10 -4.49
C ARG A 2427 0.30 25.71 -5.80
N ASP A 2428 1.03 25.92 -6.90
CA ASP A 2428 0.62 25.51 -8.22
C ASP A 2428 1.88 25.44 -9.07
N ASP A 2429 2.11 24.31 -9.72
CA ASP A 2429 3.42 24.08 -10.32
C ASP A 2429 3.60 24.86 -11.62
N GLU A 2430 2.55 25.04 -12.40
CA GLU A 2430 2.65 25.86 -13.60
C GLU A 2430 2.89 27.31 -13.24
N ARG A 2431 2.13 27.83 -12.26
CA ARG A 2431 2.27 29.21 -11.85
C ARG A 2431 3.62 29.46 -11.18
N GLN A 2432 4.10 28.50 -10.39
CA GLN A 2432 5.40 28.68 -9.75
C GLN A 2432 6.53 28.57 -10.76
N LYS A 2433 6.37 27.71 -11.77
CA LYS A 2433 7.38 27.62 -12.81
C LYS A 2433 7.45 28.90 -13.64
N VAL A 2434 6.29 29.51 -13.92
CA VAL A 2434 6.33 30.73 -14.71
C VAL A 2434 6.82 31.91 -13.86
N CYS A 2435 6.58 31.88 -12.54
CA CYS A 2435 7.11 32.91 -11.66
C CYS A 2435 8.63 32.83 -11.58
N LEU A 2436 9.17 31.62 -11.44
CA LEU A 2436 10.61 31.46 -11.36
C LEU A 2436 11.27 31.76 -12.70
N ASP A 2437 10.58 31.50 -13.81
CA ASP A 2437 11.10 31.87 -15.12
C ASP A 2437 11.13 33.38 -15.33
N ILE A 2438 10.13 34.09 -14.79
CA ILE A 2438 10.14 35.55 -14.83
C ILE A 2438 11.31 36.09 -14.04
N ILE A 2439 11.55 35.53 -12.85
CA ILE A 2439 12.70 35.94 -12.03
C ILE A 2439 14.01 35.69 -12.77
N TYR A 2440 14.14 34.53 -13.41
CA TYR A 2440 15.37 34.20 -14.12
C TYR A 2440 15.61 35.15 -15.28
N LYS A 2441 14.55 35.55 -15.98
CA LYS A 2441 14.76 36.47 -17.08
C LYS A 2441 15.02 37.89 -16.61
N MET A 2442 14.58 38.26 -15.41
CA MET A 2442 14.79 39.65 -14.98
C MET A 2442 15.93 39.82 -13.98
N MET A 2443 16.73 38.78 -13.72
CA MET A 2443 17.86 38.92 -12.82
C MET A 2443 19.03 39.79 -13.30
N PRO A 2444 19.46 39.78 -14.59
CA PRO A 2444 20.57 40.68 -14.95
C PRO A 2444 20.25 42.17 -14.98
N LYS A 2445 19.04 42.57 -14.58
CA LYS A 2445 18.70 43.97 -14.43
C LYS A 2445 18.22 44.29 -13.02
N LEU A 2446 18.64 43.54 -12.02
CA LEU A 2446 18.26 43.80 -10.63
C LEU A 2446 19.47 44.27 -9.85
N LYS A 2447 19.32 45.38 -9.15
CA LYS A 2447 20.32 45.78 -8.17
C LYS A 2447 20.27 44.81 -6.99
N PRO A 2448 21.37 44.67 -6.24
CA PRO A 2448 21.41 43.67 -5.16
C PRO A 2448 20.40 43.86 -4.06
N VAL A 2449 19.94 45.10 -3.83
CA VAL A 2449 19.05 45.34 -2.71
C VAL A 2449 17.66 44.78 -2.99
N GLU A 2450 17.29 44.59 -4.25
CA GLU A 2450 16.01 43.97 -4.54
C GLU A 2450 16.13 42.50 -4.89
N LEU A 2451 17.29 42.07 -5.39
CA LEU A 2451 17.55 40.65 -5.55
C LEU A 2451 17.58 39.94 -4.20
N ARG A 2452 18.04 40.63 -3.16
CA ARG A 2452 18.01 40.03 -1.83
C ARG A 2452 16.60 39.90 -1.29
N GLU A 2453 15.68 40.76 -1.72
CA GLU A 2453 14.29 40.58 -1.29
C GLU A 2453 13.63 39.46 -2.09
N LEU A 2454 14.00 39.30 -3.35
CA LEU A 2454 13.45 38.21 -4.13
C LEU A 2454 14.02 36.86 -3.73
N LEU A 2455 15.21 36.84 -3.15
CA LEU A 2455 15.92 35.58 -2.95
C LEU A 2455 15.33 34.76 -1.80
N ASN A 2456 14.75 35.41 -0.80
CA ASN A 2456 14.22 34.67 0.34
C ASN A 2456 13.01 33.77 0.02
N PRO A 2457 12.09 34.11 -0.89
CA PRO A 2457 11.14 33.08 -1.35
C PRO A 2457 11.67 32.15 -2.42
N VAL A 2458 12.78 32.48 -3.06
CA VAL A 2458 13.34 31.60 -4.08
C VAL A 2458 13.96 30.37 -3.44
N VAL A 2459 14.68 30.56 -2.33
CA VAL A 2459 15.34 29.45 -1.65
C VAL A 2459 14.39 28.61 -0.84
N GLU A 2460 13.09 28.87 -0.90
CA GLU A 2460 12.13 27.96 -0.30
C GLU A 2460 11.75 26.83 -1.22
N PHE A 2461 12.25 26.83 -2.44
CA PHE A 2461 11.96 25.76 -3.38
C PHE A 2461 12.90 24.59 -3.25
N VAL A 2462 13.65 24.45 -2.17
CA VAL A 2462 14.47 23.26 -2.00
C VAL A 2462 13.59 22.06 -1.68
N SER A 2463 12.54 22.29 -0.92
CA SER A 2463 11.61 21.26 -0.49
C SER A 2463 10.40 21.19 -1.41
N HIS A 2464 10.53 21.69 -2.62
CA HIS A 2464 9.40 21.60 -3.53
C HIS A 2464 9.35 20.22 -4.15
N PRO A 2465 8.16 19.66 -4.33
CA PRO A 2465 8.07 18.28 -4.84
C PRO A 2465 8.40 18.15 -6.31
N SER A 2466 8.20 19.19 -7.09
CA SER A 2466 8.43 19.12 -8.53
C SER A 2466 9.91 19.32 -8.81
N THR A 2467 10.48 18.48 -9.66
CA THR A 2467 11.85 18.69 -10.05
C THR A 2467 11.99 19.83 -11.04
N THR A 2468 10.88 20.26 -11.64
CA THR A 2468 10.94 21.35 -12.60
C THR A 2468 11.16 22.69 -11.90
N CYS A 2469 10.44 22.93 -10.81
CA CYS A 2469 10.65 24.15 -10.06
C CYS A 2469 11.99 24.15 -9.34
N ARG A 2470 12.42 23.00 -8.83
CA ARG A 2470 13.73 22.91 -8.20
C ARG A 2470 14.84 23.12 -9.21
N GLU A 2471 14.65 22.62 -10.42
CA GLU A 2471 15.65 22.81 -11.47
C GLU A 2471 15.74 24.27 -11.87
N GLN A 2472 14.60 24.96 -11.94
CA GLN A 2472 14.63 26.40 -12.23
C GLN A 2472 15.26 27.18 -11.09
N MET A 2473 15.02 26.77 -9.85
CA MET A 2473 15.67 27.43 -8.72
C MET A 2473 17.18 27.25 -8.76
N TYR A 2474 17.66 26.05 -9.11
CA TYR A 2474 19.10 25.83 -9.21
C TYR A 2474 19.69 26.61 -10.38
N ASN A 2475 18.91 26.82 -11.45
CA ASN A 2475 19.40 27.64 -12.55
C ASN A 2475 19.61 29.08 -12.12
N ILE A 2476 18.69 29.64 -11.34
CA ILE A 2476 18.90 31.05 -11.00
C ILE A 2476 19.96 31.18 -9.90
N LEU A 2477 20.13 30.16 -9.07
CA LEU A 2477 21.18 30.24 -8.06
C LEU A 2477 22.55 30.04 -8.67
N MET A 2478 22.65 29.24 -9.73
CA MET A 2478 23.90 29.11 -10.45
C MET A 2478 24.27 30.42 -11.12
N TRP A 2479 23.27 31.14 -11.65
CA TRP A 2479 23.55 32.46 -12.20
C TRP A 2479 24.05 33.42 -11.13
N ILE A 2480 23.44 33.38 -9.94
CA ILE A 2480 23.86 34.27 -8.86
C ILE A 2480 25.28 33.94 -8.42
N HIS A 2481 25.63 32.65 -8.36
CA HIS A 2481 26.99 32.27 -8.00
C HIS A 2481 28.00 32.72 -9.05
N ASP A 2482 27.64 32.62 -10.32
CA ASP A 2482 28.59 33.04 -11.35
C ASP A 2482 28.72 34.55 -11.43
N ASN A 2483 27.72 35.30 -10.97
CA ASN A 2483 27.73 36.75 -11.13
C ASN A 2483 27.81 37.50 -9.80
N TYR A 2484 28.13 36.85 -8.69
CA TYR A 2484 28.25 37.56 -7.43
C TYR A 2484 29.46 37.07 -6.63
N ARG A 2485 30.57 36.79 -7.31
CA ARG A 2485 31.81 36.35 -6.68
C ARG A 2485 32.76 37.51 -6.47
N ASP A 2486 32.24 38.65 -6.00
CA ASP A 2486 32.94 39.90 -5.72
C ASP A 2486 33.60 40.46 -6.96
N PRO A 2487 32.81 41.06 -7.86
CA PRO A 2487 33.39 41.60 -9.10
C PRO A 2487 34.27 42.81 -8.89
N GLU A 2488 34.18 43.48 -7.74
CA GLU A 2488 35.00 44.65 -7.47
C GLU A 2488 35.71 44.47 -6.13
N SER A 2489 36.30 45.56 -5.62
CA SER A 2489 37.19 45.51 -4.46
C SER A 2489 36.49 45.01 -3.21
N GLU A 2490 35.37 45.65 -2.86
CA GLU A 2490 34.56 45.17 -1.74
C GLU A 2490 33.12 45.56 -2.07
N THR A 2491 32.34 44.56 -2.48
CA THR A 2491 30.93 44.80 -2.68
C THR A 2491 30.23 44.97 -1.33
N ASP A 2492 28.99 45.47 -1.38
CA ASP A 2492 28.27 45.84 -0.17
C ASP A 2492 27.84 44.60 0.61
N ASN A 2493 27.14 44.83 1.72
CA ASN A 2493 26.67 43.73 2.54
C ASN A 2493 25.59 42.93 1.84
N ASP A 2494 24.82 43.58 0.96
CA ASP A 2494 23.74 42.92 0.25
C ASP A 2494 24.25 41.88 -0.73
N SER A 2495 25.26 42.23 -1.51
CA SER A 2495 25.87 41.28 -2.44
C SER A 2495 26.53 40.12 -1.74
N GLN A 2496 27.16 40.38 -0.59
CA GLN A 2496 27.82 39.30 0.14
C GLN A 2496 26.81 38.33 0.73
N GLU A 2497 25.70 38.85 1.27
CA GLU A 2497 24.66 37.97 1.80
C GLU A 2497 23.95 37.21 0.70
N ILE A 2498 23.82 37.81 -0.47
CA ILE A 2498 23.22 37.14 -1.62
C ILE A 2498 24.08 35.96 -2.04
N PHE A 2499 25.40 36.17 -2.11
CA PHE A 2499 26.30 35.08 -2.46
C PHE A 2499 26.30 33.99 -1.41
N LYS A 2500 26.21 34.37 -0.14
CA LYS A 2500 26.23 33.38 0.92
C LYS A 2500 24.99 32.50 0.90
N LEU A 2501 23.82 33.11 0.65
CA LEU A 2501 22.59 32.31 0.61
C LEU A 2501 22.54 31.41 -0.61
N ALA A 2502 22.99 31.91 -1.75
CA ALA A 2502 23.04 31.09 -2.95
C ALA A 2502 24.01 29.94 -2.81
N LYS A 2503 25.14 30.17 -2.14
CA LYS A 2503 26.12 29.11 -1.98
C LYS A 2503 25.63 28.05 -1.01
N ASP A 2504 24.90 28.44 0.03
CA ASP A 2504 24.31 27.46 0.95
C ASP A 2504 23.33 26.55 0.24
N VAL A 2505 22.45 27.12 -0.57
CA VAL A 2505 21.48 26.25 -1.24
C VAL A 2505 22.11 25.46 -2.38
N LEU A 2506 23.16 25.99 -3.01
CA LEU A 2506 23.84 25.24 -4.06
C LEU A 2506 24.64 24.08 -3.49
N ILE A 2507 25.19 24.25 -2.28
CA ILE A 2507 25.82 23.13 -1.59
C ILE A 2507 24.78 22.09 -1.25
N GLN A 2508 23.66 22.53 -0.66
CA GLN A 2508 22.58 21.63 -0.25
C GLN A 2508 21.93 20.91 -1.42
N GLY A 2509 22.08 21.40 -2.63
CA GLY A 2509 21.62 20.65 -3.78
C GLY A 2509 22.53 19.56 -4.25
N LEU A 2510 23.60 19.24 -3.54
CA LEU A 2510 24.42 18.08 -3.86
C LEU A 2510 23.91 16.80 -3.22
N ILE A 2511 22.86 16.87 -2.42
CA ILE A 2511 22.23 15.70 -1.83
C ILE A 2511 20.76 15.68 -2.23
N ASP A 2512 20.46 16.33 -3.36
CA ASP A 2512 19.09 16.44 -3.81
C ASP A 2512 18.54 15.09 -4.21
N GLU A 2513 17.28 14.83 -3.83
CA GLU A 2513 16.70 13.52 -4.04
C GLU A 2513 16.19 13.30 -5.45
N ASN A 2514 17.03 13.55 -6.44
CA ASN A 2514 16.69 13.29 -7.83
C ASN A 2514 17.96 12.99 -8.59
N PRO A 2515 18.08 11.82 -9.18
CA PRO A 2515 19.31 11.45 -9.86
C PRO A 2515 19.45 12.16 -11.19
N GLY A 2516 20.03 13.34 -11.16
CA GLY A 2516 20.15 14.12 -12.37
C GLY A 2516 20.06 15.59 -12.05
N LEU A 2517 19.25 15.93 -11.05
CA LEU A 2517 19.39 17.25 -10.46
C LEU A 2517 20.65 17.33 -9.63
N GLN A 2518 20.91 16.28 -8.86
CA GLN A 2518 22.17 16.14 -8.15
C GLN A 2518 23.35 16.07 -9.11
N LEU A 2519 23.14 15.47 -10.27
CA LEU A 2519 24.20 15.37 -11.25
C LEU A 2519 24.48 16.72 -11.93
N ILE A 2520 23.42 17.52 -12.14
CA ILE A 2520 23.59 18.87 -12.66
C ILE A 2520 24.38 19.73 -11.68
N ILE A 2521 24.01 19.65 -10.39
CA ILE A 2521 24.71 20.44 -9.37
C ILE A 2521 26.13 19.94 -9.16
N ARG A 2522 26.37 18.65 -9.35
CA ARG A 2522 27.70 18.11 -9.16
C ARG A 2522 28.62 18.49 -10.30
N ASN A 2523 28.12 18.50 -11.54
CA ASN A 2523 28.93 18.99 -12.64
C ASN A 2523 29.08 20.50 -12.62
N PHE A 2524 28.16 21.20 -11.96
CA PHE A 2524 28.34 22.62 -11.72
C PHE A 2524 29.52 22.88 -10.82
N TRP A 2525 29.62 22.11 -9.73
CA TRP A 2525 30.73 22.33 -8.80
C TRP A 2525 32.03 21.79 -9.35
N SER A 2526 32.00 20.70 -10.10
CA SER A 2526 33.22 20.09 -10.60
C SER A 2526 33.78 20.77 -11.83
N HIS A 2527 33.18 21.88 -12.24
CA HIS A 2527 33.71 22.69 -13.33
C HIS A 2527 35.00 23.36 -12.88
N GLU A 2528 35.84 23.70 -13.86
CA GLU A 2528 37.20 24.15 -13.58
C GLU A 2528 37.22 25.54 -12.98
N THR A 2529 36.20 26.34 -13.22
CA THR A 2529 36.19 27.71 -12.74
C THR A 2529 35.69 27.85 -11.31
N ARG A 2530 35.18 26.78 -10.71
CA ARG A 2530 34.63 26.85 -9.35
C ARG A 2530 35.46 26.04 -8.35
N LEU A 2531 35.64 24.76 -8.60
CA LEU A 2531 36.69 24.02 -7.93
C LEU A 2531 37.86 23.87 -8.87
N PRO A 2532 39.08 24.21 -8.46
CA PRO A 2532 40.22 24.21 -9.38
C PRO A 2532 40.60 22.83 -9.87
N SER A 2533 41.57 22.79 -10.78
CA SER A 2533 42.04 21.54 -11.33
C SER A 2533 43.30 21.03 -10.66
N ASN A 2534 44.11 21.92 -10.10
CA ASN A 2534 45.23 21.54 -9.27
C ASN A 2534 44.72 20.75 -8.07
N THR A 2535 45.33 19.60 -7.79
CA THR A 2535 44.77 18.73 -6.76
C THR A 2535 45.07 19.25 -5.37
N LEU A 2536 46.20 19.91 -5.20
CA LEU A 2536 46.52 20.49 -3.91
C LEU A 2536 45.63 21.68 -3.58
N ASP A 2537 45.16 22.39 -4.60
CA ASP A 2537 44.25 23.50 -4.33
C ASP A 2537 42.79 23.10 -4.41
N ARG A 2538 42.48 22.01 -5.09
CA ARG A 2538 41.13 21.45 -5.02
C ARG A 2538 40.86 20.85 -3.65
N LEU A 2539 41.87 20.23 -3.05
CA LEU A 2539 41.73 19.69 -1.70
C LEU A 2539 41.52 20.79 -0.67
N LEU A 2540 42.00 21.99 -0.94
CA LEU A 2540 41.74 23.12 -0.04
C LEU A 2540 40.41 23.77 -0.34
N ALA A 2541 40.01 23.85 -1.61
CA ALA A 2541 38.73 24.46 -1.94
C ALA A 2541 37.57 23.55 -1.61
N LEU A 2542 37.82 22.26 -1.39
CA LEU A 2542 36.77 21.32 -1.02
C LEU A 2542 36.19 21.63 0.35
N ASN A 2543 36.98 22.18 1.23
CA ASN A 2543 36.50 22.44 2.58
C ASN A 2543 35.65 23.70 2.68
N SER A 2544 35.54 24.46 1.60
CA SER A 2544 34.64 25.59 1.58
C SER A 2544 33.20 25.15 1.44
N LEU A 2545 32.97 24.04 0.76
CA LEU A 2545 31.62 23.58 0.52
C LEU A 2545 31.22 22.47 1.49
N TYR A 2546 31.24 22.80 2.78
CA TYR A 2546 30.93 21.80 3.78
C TYR A 2546 29.46 21.85 4.21
N SER A 2547 29.00 22.93 4.87
CA SER A 2547 27.59 23.10 5.25
C SER A 2547 26.95 21.97 6.05
N PRO A 2548 26.92 22.05 7.42
CA PRO A 2548 26.45 20.96 8.30
C PRO A 2548 25.21 20.13 7.94
N LYS A 2549 24.39 20.60 7.01
CA LYS A 2549 23.33 19.78 6.42
C LYS A 2549 23.89 18.52 5.81
N ILE A 2550 24.88 18.65 4.93
CA ILE A 2550 25.43 17.51 4.20
C ILE A 2550 26.68 17.02 4.94
N GLU A 2551 26.48 16.21 5.97
CA GLU A 2551 27.65 15.63 6.62
C GLU A 2551 27.76 14.14 6.40
N VAL A 2552 26.63 13.46 6.28
CA VAL A 2552 26.60 12.06 5.94
C VAL A 2552 27.14 11.86 4.52
N HIS A 2553 27.03 12.87 3.68
CA HIS A 2553 27.44 12.75 2.30
C HIS A 2553 28.72 13.47 1.97
N PHE A 2554 29.30 14.21 2.92
CA PHE A 2554 30.41 15.10 2.58
C PHE A 2554 31.66 14.34 2.20
N LEU A 2555 31.92 13.21 2.85
CA LEU A 2555 33.18 12.52 2.58
C LEU A 2555 33.13 11.83 1.22
N SER A 2556 31.99 11.26 0.86
CA SER A 2556 31.85 10.69 -0.47
C SER A 2556 31.82 11.76 -1.54
N LEU A 2557 31.25 12.93 -1.24
CA LEU A 2557 31.27 14.02 -2.21
C LEU A 2557 32.67 14.57 -2.42
N ALA A 2558 33.43 14.72 -1.34
CA ALA A 2558 34.80 15.22 -1.42
C ALA A 2558 35.68 14.25 -2.18
N THR A 2559 35.55 12.95 -1.91
CA THR A 2559 36.39 12.02 -2.63
C THR A 2559 35.92 11.81 -4.05
N ASN A 2560 34.65 12.10 -4.37
CA ASN A 2560 34.21 12.13 -5.76
C ASN A 2560 34.83 13.29 -6.51
N PHE A 2561 34.82 14.48 -5.91
CA PHE A 2561 35.42 15.65 -6.53
C PHE A 2561 36.93 15.49 -6.68
N LEU A 2562 37.55 14.74 -5.79
CA LEU A 2562 38.99 14.51 -5.89
C LEU A 2562 39.34 13.47 -6.92
N LEU A 2563 38.55 12.42 -7.06
CA LEU A 2563 38.88 11.42 -8.06
C LEU A 2563 38.28 11.73 -9.43
N GLU A 2564 37.58 12.86 -9.57
CA GLU A 2564 37.33 13.43 -10.91
C GLU A 2564 38.61 13.57 -11.72
N MET A 2565 39.68 14.08 -11.10
CA MET A 2565 40.85 14.48 -11.83
C MET A 2565 41.68 13.31 -12.33
N THR A 2566 41.44 12.11 -11.82
CA THR A 2566 42.10 10.95 -12.38
C THR A 2566 41.58 10.64 -13.77
N SER A 2567 40.34 10.96 -14.06
CA SER A 2567 39.74 10.64 -15.35
C SER A 2567 40.15 11.58 -16.46
N MET A 2568 41.12 12.47 -16.24
CA MET A 2568 41.71 13.31 -17.27
C MET A 2568 43.22 13.28 -17.17
N SER A 2569 43.77 12.17 -16.78
CA SER A 2569 45.19 11.95 -16.69
C SER A 2569 45.68 11.11 -17.85
N PRO A 2570 46.94 11.25 -18.26
CA PRO A 2570 47.47 10.41 -19.34
C PRO A 2570 47.91 9.03 -18.92
N ASP A 2571 47.56 8.57 -17.72
CA ASP A 2571 47.82 7.20 -17.31
C ASP A 2571 46.55 6.52 -16.84
N TYR A 2572 45.40 7.09 -17.13
CA TYR A 2572 44.12 6.60 -16.65
C TYR A 2572 43.52 5.46 -17.47
N PRO A 2573 43.49 5.48 -18.82
CA PRO A 2573 43.04 4.28 -19.51
C PRO A 2573 44.15 3.29 -19.80
N ASN A 2574 45.38 3.62 -19.43
CA ASN A 2574 46.47 2.69 -19.61
C ASN A 2574 46.33 1.52 -18.64
N PRO A 2575 46.66 0.30 -19.06
CA PRO A 2575 46.59 -0.83 -18.14
C PRO A 2575 47.69 -0.75 -17.09
N MET A 2576 47.35 -1.18 -15.88
CA MET A 2576 48.19 -0.92 -14.72
C MET A 2576 49.40 -1.84 -14.68
N PHE A 2577 49.30 -3.03 -15.25
CA PHE A 2577 50.43 -3.93 -15.44
C PHE A 2577 50.47 -4.31 -16.91
N GLU A 2578 51.63 -4.12 -17.54
CA GLU A 2578 51.69 -4.28 -18.99
C GLU A 2578 51.92 -5.73 -19.42
N HIS A 2579 52.18 -6.62 -18.47
CA HIS A 2579 52.49 -7.98 -18.85
C HIS A 2579 51.63 -8.98 -18.09
N PRO A 2580 50.94 -9.89 -18.76
CA PRO A 2580 50.15 -10.90 -18.06
C PRO A 2580 51.03 -11.92 -17.36
N LEU A 2581 50.38 -12.79 -16.59
CA LEU A 2581 51.12 -13.77 -15.80
C LEU A 2581 51.72 -14.84 -16.69
N SER A 2582 50.92 -15.40 -17.58
CA SER A 2582 51.37 -16.28 -18.65
C SER A 2582 50.67 -15.77 -19.90
N GLU A 2583 50.74 -16.54 -20.99
CA GLU A 2583 50.03 -16.17 -22.20
C GLU A 2583 48.80 -17.04 -22.37
N CYS A 2584 47.63 -16.41 -22.32
CA CYS A 2584 46.39 -17.01 -22.77
C CYS A 2584 45.54 -15.93 -23.38
N GLU A 2585 44.72 -16.32 -24.35
CA GLU A 2585 43.73 -15.42 -24.90
C GLU A 2585 42.57 -15.25 -23.92
N PHE A 2586 41.97 -14.06 -23.93
CA PHE A 2586 40.87 -13.71 -23.05
C PHE A 2586 39.66 -13.37 -23.92
N GLN A 2587 38.54 -14.03 -23.67
CA GLN A 2587 37.31 -13.78 -24.42
C GLN A 2587 36.63 -12.53 -23.88
N GLU A 2588 35.35 -12.36 -24.16
CA GLU A 2588 34.55 -11.30 -23.55
C GLU A 2588 33.44 -11.93 -22.73
N TYR A 2589 33.39 -11.58 -21.46
CA TYR A 2589 32.42 -12.12 -20.51
C TYR A 2589 31.42 -11.01 -20.20
N THR A 2590 30.19 -11.16 -20.67
CA THR A 2590 29.10 -10.28 -20.25
C THR A 2590 28.42 -10.93 -19.07
N ILE A 2591 28.06 -10.12 -18.08
CA ILE A 2591 27.51 -10.59 -16.82
C ILE A 2591 26.04 -10.22 -16.75
N ASP A 2592 25.19 -11.22 -16.51
CA ASP A 2592 23.75 -11.00 -16.46
C ASP A 2592 23.39 -10.45 -15.08
N SER A 2593 22.98 -9.17 -15.05
CA SER A 2593 22.56 -8.50 -13.81
C SER A 2593 21.23 -7.80 -14.07
N ASP A 2594 20.14 -8.57 -14.05
CA ASP A 2594 18.81 -8.00 -14.24
C ASP A 2594 17.93 -8.42 -13.08
N TRP A 2595 16.97 -7.57 -12.72
CA TRP A 2595 16.25 -7.78 -11.47
C TRP A 2595 15.08 -8.75 -11.58
N ARG A 2596 15.28 -9.83 -12.29
CA ARG A 2596 14.27 -10.86 -12.47
C ARG A 2596 14.75 -12.19 -11.93
N PHE A 2597 15.99 -12.55 -12.26
CA PHE A 2597 16.73 -13.58 -11.55
C PHE A 2597 17.82 -12.83 -10.80
N ARG A 2598 17.45 -12.26 -9.65
CA ARG A 2598 18.40 -11.52 -8.82
C ARG A 2598 19.37 -12.45 -8.16
N SER A 2599 18.88 -13.49 -7.55
CA SER A 2599 19.73 -14.49 -6.94
C SER A 2599 19.30 -15.84 -7.45
N THR A 2600 20.13 -16.85 -7.18
CA THR A 2600 19.89 -18.19 -7.69
C THR A 2600 18.76 -18.89 -6.97
N VAL A 2601 18.29 -18.34 -5.85
CA VAL A 2601 17.41 -19.07 -4.95
C VAL A 2601 15.94 -18.90 -5.34
N LEU A 2602 15.61 -17.92 -6.18
CA LEU A 2602 14.22 -17.64 -6.53
C LEU A 2602 13.85 -18.20 -7.91
N THR A 2603 14.11 -19.48 -8.08
CA THR A 2603 13.63 -20.26 -9.21
C THR A 2603 13.59 -21.70 -8.72
N PRO A 2604 12.43 -22.39 -8.79
CA PRO A 2604 12.30 -23.74 -8.20
C PRO A 2604 13.29 -24.76 -8.73
N MET A 2605 13.17 -25.06 -10.00
CA MET A 2605 14.08 -25.92 -10.72
C MET A 2605 13.97 -25.54 -12.18
N PHE A 2606 14.34 -26.48 -13.03
CA PHE A 2606 13.84 -26.57 -14.39
C PHE A 2606 12.37 -26.20 -14.53
N VAL A 2607 12.07 -25.52 -15.63
CA VAL A 2607 10.77 -25.04 -15.99
C VAL A 2607 10.57 -25.45 -17.45
N GLU A 2608 9.45 -25.08 -18.06
CA GLU A 2608 9.17 -25.51 -19.42
C GLU A 2608 10.01 -24.74 -20.45
N THR A 2609 11.34 -24.96 -20.44
CA THR A 2609 12.26 -24.32 -21.36
C THR A 2609 13.23 -25.29 -22.05
N GLN A 2610 13.15 -26.58 -21.75
CA GLN A 2610 14.04 -27.55 -22.38
C GLN A 2610 13.37 -28.91 -22.48
N ARG A 2653 23.90 22.74 -17.09
CA ARG A 2653 24.46 22.80 -18.43
C ARG A 2653 25.10 21.47 -18.81
N SER A 2654 25.32 20.61 -17.82
CA SER A 2654 25.93 19.30 -18.07
C SER A 2654 25.42 18.32 -17.03
N SER A 2655 24.75 17.27 -17.48
CA SER A 2655 24.27 16.19 -16.60
C SER A 2655 24.98 14.91 -17.02
N PHE A 2656 26.11 14.64 -16.38
CA PHE A 2656 27.02 13.59 -16.83
C PHE A 2656 27.79 13.07 -15.64
N ASP A 2657 27.84 11.75 -15.49
CA ASP A 2657 28.55 11.11 -14.40
C ASP A 2657 29.76 10.36 -14.92
N TRP A 2658 30.92 10.67 -14.37
CA TRP A 2658 32.19 10.05 -14.72
C TRP A 2658 32.35 8.65 -14.15
N LEU A 2659 31.34 8.13 -13.46
CA LEU A 2659 31.47 6.90 -12.71
C LEU A 2659 30.67 5.78 -13.35
N THR A 2660 29.38 5.97 -13.59
CA THR A 2660 28.55 4.95 -14.24
C THR A 2660 28.63 5.14 -15.75
N GLY A 2661 29.78 4.77 -16.29
CA GLY A 2661 30.00 5.02 -17.70
C GLY A 2661 30.22 6.50 -17.92
N SER A 2662 29.73 6.97 -19.06
CA SER A 2662 29.76 8.37 -19.43
C SER A 2662 28.36 8.88 -19.79
N SER A 2663 27.34 8.36 -19.12
CA SER A 2663 25.96 8.70 -19.43
C SER A 2663 25.44 9.84 -18.54
N SER A 2675 -0.24 26.43 -23.99
CA SER A 2675 0.10 25.04 -23.75
C SER A 2675 -0.28 24.23 -24.98
N ASP A 2676 -1.09 23.19 -24.80
CA ASP A 2676 -1.56 22.42 -25.93
C ASP A 2676 -2.56 23.23 -26.73
N SER A 2677 -2.35 23.28 -28.04
CA SER A 2677 -3.01 24.24 -28.91
C SER A 2677 -4.32 23.69 -29.45
N LEU A 2678 -5.17 24.62 -29.89
CA LEU A 2678 -6.49 24.28 -30.42
C LEU A 2678 -6.48 24.10 -31.93
N LEU A 2679 -5.44 24.54 -32.62
CA LEU A 2679 -5.34 24.26 -34.04
C LEU A 2679 -4.91 22.82 -34.25
N PHE A 2680 -5.67 22.08 -35.06
CA PHE A 2680 -5.41 20.65 -35.26
C PHE A 2680 -4.19 20.39 -36.14
N ALA A 2681 -3.66 21.40 -36.81
CA ALA A 2681 -2.41 21.24 -37.55
C ALA A 2681 -1.20 21.62 -36.69
N HIS A 2682 -1.12 21.03 -35.51
CA HIS A 2682 -0.01 21.29 -34.59
C HIS A 2682 0.16 20.10 -33.64
N ALA A 2719 5.50 12.23 -41.60
CA ALA A 2719 6.34 13.16 -42.32
C ALA A 2719 6.16 12.99 -43.83
N ALA A 2720 6.77 13.87 -44.63
CA ALA A 2720 6.59 13.86 -46.08
C ALA A 2720 7.48 12.77 -46.70
N GLY A 2721 7.07 11.53 -46.49
CA GLY A 2721 7.88 10.40 -46.90
C GLY A 2721 7.18 9.36 -47.74
N ARG A 2722 7.65 8.11 -47.65
CA ARG A 2722 7.19 7.04 -48.51
C ARG A 2722 6.75 5.79 -47.76
N THR A 2723 6.83 5.79 -46.43
CA THR A 2723 6.33 4.70 -45.63
C THR A 2723 5.43 5.25 -44.54
N ASP A 2724 5.75 6.45 -44.08
CA ASP A 2724 5.02 7.12 -43.01
C ASP A 2724 3.80 7.90 -43.52
N LEU A 2725 3.28 7.57 -44.70
CA LEU A 2725 2.04 8.17 -45.19
C LEU A 2725 1.10 7.11 -45.75
N LEU A 2726 1.25 5.86 -45.31
CA LEU A 2726 0.23 4.84 -45.47
C LEU A 2726 -0.63 4.67 -44.24
N ARG A 2727 -0.30 5.34 -43.13
CA ARG A 2727 -1.19 5.38 -41.97
C ARG A 2727 -2.27 6.45 -42.12
N LEU A 2728 -2.26 7.18 -43.23
CA LEU A 2728 -3.39 7.98 -43.68
C LEU A 2728 -4.47 7.14 -44.33
N ARG A 2729 -4.29 5.82 -44.40
CA ARG A 2729 -5.33 4.90 -44.85
C ARG A 2729 -6.01 4.34 -43.61
N ARG A 2730 -6.91 5.15 -43.07
CA ARG A 2730 -7.44 4.96 -41.71
C ARG A 2730 -8.96 4.85 -41.78
N ARG A 2731 -9.50 3.96 -40.96
CA ARG A 2731 -10.93 3.83 -40.79
C ARG A 2731 -11.32 4.32 -39.40
N PHE A 2732 -12.56 4.77 -39.27
CA PHE A 2732 -13.09 5.32 -38.02
C PHE A 2732 -14.44 4.69 -37.75
N MET A 2733 -14.54 3.89 -36.69
CA MET A 2733 -15.78 3.18 -36.42
C MET A 2733 -16.86 4.15 -35.93
N ARG A 2734 -18.01 4.17 -36.60
CA ARG A 2734 -19.11 5.05 -36.23
C ARG A 2734 -20.07 4.35 -35.28
N ASP A 2735 -19.51 3.68 -34.30
CA ASP A 2735 -20.25 2.93 -33.30
C ASP A 2735 -19.73 3.48 -31.99
N GLN A 2736 -20.28 4.62 -31.57
CA GLN A 2736 -19.81 5.30 -30.36
C GLN A 2736 -20.07 4.46 -29.12
N GLU A 2737 -21.12 3.65 -29.14
CA GLU A 2737 -21.38 2.71 -28.06
C GLU A 2737 -20.30 1.63 -27.99
N LYS A 2738 -19.96 1.03 -29.13
CA LYS A 2738 -18.90 0.03 -29.17
C LYS A 2738 -17.54 0.64 -28.87
N LEU A 2739 -17.33 1.90 -29.29
CA LEU A 2739 -16.06 2.57 -29.03
C LEU A 2739 -15.90 2.89 -27.55
N SER A 2740 -16.98 3.32 -26.89
CA SER A 2740 -16.91 3.55 -25.46
C SER A 2740 -16.78 2.25 -24.70
N LEU A 2741 -17.34 1.16 -25.23
CA LEU A 2741 -17.14 -0.14 -24.61
C LEU A 2741 -15.68 -0.59 -24.71
N MET A 2742 -15.07 -0.36 -25.86
CA MET A 2742 -13.67 -0.74 -26.05
C MET A 2742 -12.75 0.13 -25.19
N TYR A 2743 -13.11 1.40 -25.00
CA TYR A 2743 -12.29 2.25 -24.15
C TYR A 2743 -12.46 1.89 -22.68
N ALA A 2744 -13.66 1.50 -22.26
CA ALA A 2744 -13.84 1.05 -20.89
C ALA A 2744 -13.11 -0.27 -20.63
N ARG A 2745 -13.12 -1.18 -21.61
CA ARG A 2745 -12.39 -2.43 -21.46
C ARG A 2745 -10.88 -2.20 -21.47
N LYS A 2746 -10.44 -1.22 -22.27
CA LYS A 2746 -9.05 -0.77 -22.26
C LYS A 2746 -8.64 -0.27 -20.88
N GLY A 2747 -9.46 0.59 -20.28
CA GLY A 2747 -9.15 1.10 -18.96
C GLY A 2747 -9.18 0.03 -17.89
N VAL A 2748 -10.02 -0.99 -18.08
CA VAL A 2748 -9.96 -2.18 -17.23
C VAL A 2748 -8.60 -2.86 -17.35
N ALA A 2749 -8.07 -2.97 -18.56
CA ALA A 2749 -6.75 -3.58 -18.75
C ALA A 2749 -5.63 -2.73 -18.13
N GLU A 2750 -5.73 -1.41 -18.23
CA GLU A 2750 -4.74 -0.55 -17.58
C GLU A 2750 -4.83 -0.62 -16.06
N GLN A 2751 -6.04 -0.77 -15.53
CA GLN A 2751 -6.17 -0.91 -14.08
C GLN A 2751 -5.65 -2.26 -13.61
N LYS A 2752 -5.73 -3.28 -14.47
CA LYS A 2752 -5.16 -4.57 -14.11
C LYS A 2752 -3.65 -4.58 -14.24
N ARG A 2753 -3.09 -3.75 -15.12
CA ARG A 2753 -1.63 -3.74 -15.27
C ARG A 2753 -0.94 -2.79 -14.29
N GLU A 2754 -1.66 -1.77 -13.81
CA GLU A 2754 -1.10 -0.94 -12.74
C GLU A 2754 -0.84 -1.75 -11.48
N LYS A 2755 -1.72 -2.72 -11.19
CA LYS A 2755 -1.55 -3.62 -10.06
C LYS A 2755 -0.28 -4.46 -10.18
N GLU A 2756 0.18 -4.70 -11.41
CA GLU A 2756 1.46 -5.35 -11.62
C GLU A 2756 2.62 -4.38 -11.50
N ILE A 2757 2.49 -3.20 -12.12
CA ILE A 2757 3.63 -2.27 -12.26
C ILE A 2757 4.01 -1.68 -10.91
N LYS A 2758 3.02 -1.41 -10.06
CA LYS A 2758 3.32 -0.86 -8.74
C LYS A 2758 3.78 -1.92 -7.74
N SER A 2759 4.10 -3.13 -8.20
CA SER A 2759 4.91 -4.09 -7.47
C SER A 2759 6.22 -4.42 -8.18
N GLU A 2760 6.19 -4.50 -9.51
CA GLU A 2760 7.39 -4.77 -10.30
C GLU A 2760 8.33 -3.57 -10.37
N LEU A 2761 7.89 -2.39 -9.96
CA LEU A 2761 8.81 -1.27 -9.85
C LEU A 2761 9.38 -1.14 -8.44
N LYS A 2762 8.64 -1.61 -7.42
CA LYS A 2762 9.21 -1.68 -6.09
C LYS A 2762 10.12 -2.90 -5.93
N MET A 2763 10.05 -3.87 -6.85
CA MET A 2763 11.11 -4.89 -6.89
C MET A 2763 12.29 -4.44 -7.74
N LYS A 2764 12.03 -3.73 -8.84
CA LYS A 2764 13.12 -3.20 -9.67
C LYS A 2764 13.88 -2.08 -9.00
N GLN A 2765 13.48 -1.62 -7.82
CA GLN A 2765 14.28 -0.64 -7.10
C GLN A 2765 15.42 -1.24 -6.31
N ASP A 2766 15.25 -2.44 -5.75
CA ASP A 2766 16.24 -3.00 -4.85
C ASP A 2766 17.09 -4.10 -5.47
N ALA A 2767 16.98 -4.36 -6.77
CA ALA A 2767 17.88 -5.29 -7.45
C ALA A 2767 18.29 -4.75 -8.81
N GLN A 2768 18.24 -3.43 -9.00
CA GLN A 2768 18.76 -2.80 -10.20
C GLN A 2768 20.17 -2.33 -9.89
N VAL A 2769 21.15 -3.19 -10.14
CA VAL A 2769 22.55 -2.87 -9.91
C VAL A 2769 23.19 -2.52 -11.24
N VAL A 2770 24.21 -1.66 -11.17
CA VAL A 2770 25.00 -1.29 -12.34
C VAL A 2770 26.40 -1.85 -12.16
N LEU A 2771 27.04 -2.18 -13.28
CA LEU A 2771 28.38 -2.73 -13.29
C LEU A 2771 29.36 -1.69 -13.86
N TYR A 2772 30.53 -1.59 -13.23
CA TYR A 2772 31.48 -0.53 -13.53
C TYR A 2772 32.68 -0.99 -14.35
N ARG A 2773 33.10 -2.23 -14.19
CA ARG A 2773 34.29 -2.75 -14.85
C ARG A 2773 33.90 -3.38 -16.18
N SER A 2774 34.85 -4.12 -16.78
CA SER A 2774 34.71 -4.66 -18.12
C SER A 2774 34.58 -6.18 -18.15
N TYR A 2775 35.36 -6.89 -17.33
CA TYR A 2775 35.26 -8.33 -17.11
C TYR A 2775 35.46 -9.21 -18.33
N ARG A 2776 36.70 -9.36 -18.78
CA ARG A 2776 37.03 -10.38 -19.78
C ARG A 2776 37.62 -11.61 -19.11
N HIS A 2777 37.29 -12.80 -19.62
CA HIS A 2777 37.66 -14.03 -18.94
C HIS A 2777 38.57 -14.89 -19.81
N GLY A 2778 39.50 -15.59 -19.18
CA GLY A 2778 40.42 -16.48 -19.86
C GLY A 2778 40.66 -17.73 -19.04
N ASP A 2779 41.92 -18.18 -19.06
CA ASP A 2779 42.35 -19.34 -18.31
C ASP A 2779 43.09 -19.00 -17.03
N LEU A 2780 43.59 -17.77 -16.93
CA LEU A 2780 44.33 -17.25 -15.79
C LEU A 2780 43.71 -15.93 -15.40
N PRO A 2781 43.99 -15.42 -14.19
CA PRO A 2781 43.50 -14.09 -13.84
C PRO A 2781 44.13 -13.01 -14.71
N ASP A 2782 43.27 -12.16 -15.27
CA ASP A 2782 43.68 -11.18 -16.28
C ASP A 2782 44.15 -9.91 -15.58
N ILE A 2783 45.45 -9.83 -15.31
CA ILE A 2783 46.02 -8.67 -14.60
C ILE A 2783 46.41 -7.67 -15.68
N GLN A 2784 45.40 -7.08 -16.27
CA GLN A 2784 45.57 -6.01 -17.24
C GLN A 2784 44.45 -5.02 -17.06
N ILE A 2785 44.06 -4.84 -15.80
CA ILE A 2785 43.00 -3.89 -15.48
C ILE A 2785 43.51 -2.50 -15.81
N LYS A 2786 42.60 -1.64 -16.22
CA LYS A 2786 42.96 -0.25 -16.41
C LYS A 2786 43.06 0.44 -15.06
N HIS A 2787 43.51 1.69 -15.05
CA HIS A 2787 43.40 2.45 -13.82
C HIS A 2787 41.96 2.80 -13.54
N SER A 2788 41.12 2.87 -14.57
CA SER A 2788 39.71 3.12 -14.37
C SER A 2788 39.01 1.96 -13.68
N SER A 2789 39.45 0.74 -13.94
CA SER A 2789 38.81 -0.44 -13.37
C SER A 2789 39.14 -0.64 -11.90
N LEU A 2790 40.04 0.14 -11.34
CA LEU A 2790 40.24 0.21 -9.91
C LEU A 2790 39.68 1.47 -9.30
N ILE A 2791 39.75 2.60 -10.02
CA ILE A 2791 39.31 3.87 -9.46
C ILE A 2791 37.79 3.94 -9.42
N THR A 2792 37.11 3.50 -10.46
CA THR A 2792 35.67 3.68 -10.50
C THR A 2792 34.88 2.76 -9.58
N PRO A 2793 35.25 1.48 -9.33
CA PRO A 2793 34.58 0.79 -8.23
C PRO A 2793 34.96 1.30 -6.87
N LEU A 2794 36.13 1.90 -6.71
CA LEU A 2794 36.53 2.46 -5.42
C LEU A 2794 35.65 3.64 -5.04
N GLN A 2795 35.49 4.59 -5.96
CA GLN A 2795 34.58 5.70 -5.75
C GLN A 2795 33.14 5.24 -5.72
N ALA A 2796 32.83 4.18 -6.47
CA ALA A 2796 31.47 3.65 -6.47
C ALA A 2796 31.09 3.05 -5.12
N VAL A 2797 32.04 2.47 -4.40
CA VAL A 2797 31.66 1.94 -3.09
C VAL A 2797 31.83 3.01 -2.02
N ALA A 2798 32.70 4.01 -2.24
CA ALA A 2798 32.77 5.13 -1.32
C ALA A 2798 31.51 5.97 -1.35
N GLN A 2799 30.81 5.94 -2.47
CA GLN A 2799 29.53 6.63 -2.58
C GLN A 2799 28.43 5.97 -1.75
N ARG A 2800 28.54 4.68 -1.45
CA ARG A 2800 27.54 3.94 -0.69
C ARG A 2800 27.91 3.78 0.78
N ASP A 2801 29.06 3.25 1.05
CA ASP A 2801 29.46 2.99 2.42
C ASP A 2801 30.25 4.17 2.97
N PRO A 2802 29.89 4.70 4.13
CA PRO A 2802 30.60 5.86 4.65
C PRO A 2802 31.91 5.54 5.35
N ILE A 2803 32.10 4.31 5.84
CA ILE A 2803 33.36 3.92 6.45
C ILE A 2803 34.47 3.84 5.41
N ILE A 2804 34.14 3.28 4.24
CA ILE A 2804 35.12 3.17 3.18
C ILE A 2804 35.39 4.53 2.54
N ALA A 2805 34.45 5.46 2.65
CA ALA A 2805 34.69 6.83 2.22
C ALA A 2805 35.60 7.56 3.19
N LYS A 2806 35.44 7.30 4.50
CA LYS A 2806 36.35 7.82 5.50
C LYS A 2806 37.78 7.36 5.28
N GLN A 2807 37.97 6.06 5.03
CA GLN A 2807 39.30 5.54 4.76
C GLN A 2807 39.88 6.09 3.47
N LEU A 2808 39.04 6.26 2.44
CA LEU A 2808 39.55 6.75 1.17
C LEU A 2808 39.92 8.23 1.26
N PHE A 2809 39.16 9.01 2.02
CA PHE A 2809 39.50 10.42 2.17
C PHE A 2809 40.74 10.60 3.01
N SER A 2810 40.92 9.79 4.04
CA SER A 2810 42.13 9.85 4.84
C SER A 2810 43.35 9.51 4.02
N SER A 2811 43.26 8.46 3.19
CA SER A 2811 44.35 8.07 2.32
C SER A 2811 44.68 9.14 1.30
N LEU A 2812 43.66 9.75 0.68
CA LEU A 2812 43.90 10.76 -0.33
C LEU A 2812 44.47 12.04 0.26
N PHE A 2813 43.95 12.47 1.41
CA PHE A 2813 44.43 13.68 2.06
C PHE A 2813 45.88 13.53 2.51
N SER A 2814 46.20 12.40 3.13
CA SER A 2814 47.57 12.17 3.58
C SER A 2814 48.53 12.03 2.41
N GLY A 2815 48.09 11.38 1.33
CA GLY A 2815 48.95 11.24 0.16
C GLY A 2815 49.21 12.56 -0.54
N ILE A 2816 48.19 13.41 -0.63
CA ILE A 2816 48.34 14.67 -1.33
C ILE A 2816 49.17 15.65 -0.51
N LEU A 2817 49.02 15.64 0.81
CA LEU A 2817 49.93 16.49 1.60
C LEU A 2817 51.34 15.91 1.65
N LYS A 2818 51.50 14.61 1.47
CA LYS A 2818 52.85 14.05 1.35
C LYS A 2818 53.50 14.47 0.05
N GLU A 2819 52.74 14.46 -1.05
CA GLU A 2819 53.31 14.91 -2.32
C GLU A 2819 53.28 16.43 -2.48
N MET A 2820 52.84 17.17 -1.46
CA MET A 2820 52.97 18.62 -1.46
C MET A 2820 54.41 19.08 -1.20
N ASP A 2821 55.24 18.20 -0.65
CA ASP A 2821 56.58 18.59 -0.19
C ASP A 2821 57.51 18.96 -1.33
N LYS A 2822 57.37 18.33 -2.51
CA LYS A 2822 58.31 18.67 -3.57
C LYS A 2822 57.94 19.96 -4.28
N PHE A 2823 56.65 20.29 -4.34
CA PHE A 2823 56.25 21.57 -4.92
C PHE A 2823 56.57 22.71 -3.96
N LYS A 2824 55.89 22.71 -2.83
CA LYS A 2824 55.85 23.86 -1.94
C LYS A 2824 57.08 23.90 -1.04
N THR A 2825 57.51 25.11 -0.66
CA THR A 2825 58.78 25.16 0.05
C THR A 2825 58.67 25.21 1.58
N LEU A 2826 58.42 26.38 2.14
CA LEU A 2826 58.10 26.47 3.56
C LEU A 2826 57.17 27.63 3.83
N SER A 2827 57.25 28.64 2.96
CA SER A 2827 56.48 29.86 3.15
C SER A 2827 55.04 29.67 2.76
N GLU A 2828 54.77 28.71 1.88
CA GLU A 2828 53.43 28.42 1.44
C GLU A 2828 52.85 27.18 2.10
N LYS A 2829 53.70 26.25 2.56
CA LYS A 2829 53.21 25.10 3.30
C LYS A 2829 52.57 25.50 4.61
N ASN A 2830 53.14 26.50 5.28
CA ASN A 2830 52.63 26.90 6.59
C ASN A 2830 51.29 27.59 6.47
N ASN A 2831 51.09 28.40 5.43
CA ASN A 2831 49.77 28.98 5.31
C ASN A 2831 48.82 28.15 4.44
N ILE A 2832 49.25 26.98 3.98
CA ILE A 2832 48.28 25.93 3.66
C ILE A 2832 47.77 25.27 4.92
N THR A 2833 48.66 24.89 5.82
CA THR A 2833 48.22 24.16 7.01
C THR A 2833 47.49 25.06 8.01
N GLN A 2834 47.77 26.37 7.99
CA GLN A 2834 46.98 27.28 8.81
C GLN A 2834 45.54 27.36 8.31
N LYS A 2835 45.36 27.34 6.99
CA LYS A 2835 44.02 27.34 6.42
C LYS A 2835 43.32 26.03 6.68
N LEU A 2836 44.05 24.92 6.65
CA LEU A 2836 43.44 23.62 6.96
C LEU A 2836 43.04 23.53 8.43
N LEU A 2837 43.85 24.11 9.32
CA LEU A 2837 43.49 24.14 10.73
C LEU A 2837 42.24 24.98 10.97
N GLN A 2838 42.13 26.13 10.29
CA GLN A 2838 40.95 26.96 10.40
C GLN A 2838 39.71 26.24 9.88
N ASP A 2839 39.87 25.51 8.76
CA ASP A 2839 38.75 24.77 8.18
C ASP A 2839 38.28 23.65 9.09
N PHE A 2840 39.21 22.93 9.71
CA PHE A 2840 38.81 21.79 10.51
C PHE A 2840 38.23 22.23 11.85
N ASN A 2841 38.73 23.35 12.39
CA ASN A 2841 38.10 23.95 13.55
C ASN A 2841 36.68 24.41 13.24
N ARG A 2842 36.46 24.90 12.02
CA ARG A 2842 35.11 25.28 11.61
C ARG A 2842 34.20 24.06 11.51
N PHE A 2843 34.73 22.94 11.01
CA PHE A 2843 33.95 21.69 10.91
C PHE A 2843 33.50 21.24 12.28
N LEU A 2844 34.45 21.08 13.18
CA LEU A 2844 34.17 20.60 14.52
C LEU A 2844 33.41 21.59 15.37
N ASN A 2845 33.40 22.87 15.02
CA ASN A 2845 32.64 23.81 15.81
C ASN A 2845 31.24 24.06 15.28
N THR A 2846 30.93 23.73 14.04
CA THR A 2846 29.57 23.91 13.55
C THR A 2846 28.82 22.62 13.22
N THR A 2847 29.41 21.45 13.42
CA THR A 2847 28.64 20.23 13.18
C THR A 2847 27.58 20.03 14.26
N PHE A 2848 26.37 19.66 13.86
CA PHE A 2848 25.34 19.29 14.82
C PHE A 2848 24.99 17.83 14.78
N SER A 2849 25.18 17.18 13.65
CA SER A 2849 24.94 15.77 13.46
C SER A 2849 26.30 15.12 13.57
N PHE A 2850 26.72 14.75 14.78
CA PHE A 2850 28.09 14.32 14.96
C PHE A 2850 28.32 12.96 14.33
N PHE A 2851 28.42 12.95 13.00
CA PHE A 2851 28.50 11.74 12.21
C PHE A 2851 29.83 11.07 12.50
N PRO A 2852 29.83 9.83 12.95
CA PRO A 2852 31.04 9.20 13.43
C PRO A 2852 32.12 9.02 12.37
N PRO A 2853 31.82 8.67 11.09
CA PRO A 2853 32.90 8.67 10.11
C PRO A 2853 33.48 10.03 9.84
N PHE A 2854 32.67 11.08 9.89
CA PHE A 2854 33.16 12.42 9.58
C PHE A 2854 34.06 12.94 10.70
N VAL A 2855 33.61 12.76 11.94
CA VAL A 2855 34.37 13.24 13.09
C VAL A 2855 35.67 12.45 13.23
N SER A 2856 35.59 11.13 13.09
CA SER A 2856 36.81 10.35 13.24
C SER A 2856 37.73 10.51 12.03
N CYS A 2857 37.20 10.90 10.88
CA CYS A 2857 38.05 11.18 9.74
C CYS A 2857 38.86 12.44 9.94
N ILE A 2858 38.21 13.52 10.37
CA ILE A 2858 38.99 14.75 10.52
C ILE A 2858 39.75 14.82 11.82
N GLN A 2859 39.54 13.89 12.74
CA GLN A 2859 40.47 13.73 13.85
C GLN A 2859 41.48 12.64 13.61
N ASP A 2860 41.37 11.87 12.54
CA ASP A 2860 42.39 10.92 12.15
C ASP A 2860 43.40 11.53 11.21
N ILE A 2861 42.98 12.43 10.32
CA ILE A 2861 43.95 13.08 9.46
C ILE A 2861 44.67 14.22 10.15
N SER A 2862 44.26 14.58 11.35
CA SER A 2862 44.96 15.59 12.12
C SER A 2862 46.10 15.02 12.93
N CYS A 2863 46.02 13.75 13.31
CA CYS A 2863 47.10 13.14 14.07
C CYS A 2863 48.33 12.96 13.21
N GLN A 2864 48.12 12.68 11.91
CA GLN A 2864 49.21 12.30 11.03
C GLN A 2864 50.11 13.47 10.70
N HIS A 2865 49.59 14.70 10.75
CA HIS A 2865 50.34 15.88 10.35
C HIS A 2865 50.52 16.78 11.55
N ALA A 2866 51.76 17.19 11.81
CA ALA A 2866 52.06 17.86 13.06
C ALA A 2866 51.61 19.31 13.06
N ALA A 2867 51.40 19.89 11.88
CA ALA A 2867 50.88 21.25 11.83
C ALA A 2867 49.39 21.33 12.12
N LEU A 2868 48.70 20.19 12.18
CA LEU A 2868 47.28 20.15 12.50
C LEU A 2868 47.00 19.64 13.89
N LEU A 2869 48.04 19.30 14.66
CA LEU A 2869 47.89 18.79 16.02
C LEU A 2869 47.42 19.85 17.00
N SER A 2870 47.41 21.12 16.61
CA SER A 2870 46.95 22.21 17.45
C SER A 2870 45.51 22.56 17.16
N LEU A 2871 44.67 21.53 16.94
CA LEU A 2871 43.34 21.70 16.40
C LEU A 2871 42.42 22.54 17.26
N ASP A 2872 41.88 21.96 18.31
CA ASP A 2872 41.06 22.62 19.32
C ASP A 2872 40.86 21.57 20.39
N PRO A 2873 41.18 21.84 21.65
CA PRO A 2873 40.95 20.81 22.66
C PRO A 2873 39.50 20.60 23.01
N ALA A 2874 38.70 21.65 23.07
CA ALA A 2874 37.33 21.49 23.56
C ALA A 2874 36.39 21.03 22.46
N ALA A 2875 36.67 21.43 21.22
CA ALA A 2875 35.88 20.95 20.09
C ALA A 2875 36.12 19.48 19.85
N VAL A 2876 37.37 19.03 19.98
CA VAL A 2876 37.71 17.62 19.81
C VAL A 2876 37.03 16.79 20.88
N SER A 2877 37.08 17.26 22.12
CA SER A 2877 36.50 16.55 23.24
C SER A 2877 34.99 16.46 23.09
N ALA A 2878 34.33 17.56 22.74
CA ALA A 2878 32.87 17.54 22.56
C ALA A 2878 32.46 16.68 21.38
N GLY A 2879 33.25 16.71 20.29
CA GLY A 2879 32.91 15.94 19.11
C GLY A 2879 33.00 14.44 19.34
N CYS A 2880 34.11 13.98 19.91
CA CYS A 2880 34.16 12.54 20.07
C CYS A 2880 33.49 12.06 21.34
N LEU A 2881 33.01 12.96 22.20
CA LEU A 2881 32.06 12.53 23.21
C LEU A 2881 30.67 12.34 22.63
N ALA A 2882 30.27 13.21 21.70
CA ALA A 2882 28.94 13.07 21.13
C ALA A 2882 28.85 11.96 20.09
N SER A 2883 29.95 11.59 19.46
CA SER A 2883 29.90 10.55 18.44
C SER A 2883 30.45 9.21 18.91
N LEU A 2884 30.73 9.06 20.20
CA LEU A 2884 31.27 7.83 20.82
C LEU A 2884 32.58 7.39 20.20
N GLN A 2885 33.37 8.33 19.71
CA GLN A 2885 34.63 8.05 19.02
C GLN A 2885 35.81 8.42 19.88
N GLN A 2886 35.73 8.13 21.18
CA GLN A 2886 36.74 8.60 22.12
C GLN A 2886 38.17 8.12 21.89
N PRO A 2887 38.47 6.91 21.36
CA PRO A 2887 39.89 6.60 21.07
C PRO A 2887 40.58 7.53 20.08
N VAL A 2888 39.88 8.05 19.09
CA VAL A 2888 40.49 8.93 18.10
C VAL A 2888 40.90 10.24 18.75
N GLY A 2889 40.02 10.80 19.58
CA GLY A 2889 40.33 12.02 20.26
C GLY A 2889 41.40 11.84 21.31
N ILE A 2890 41.46 10.67 21.94
CA ILE A 2890 42.50 10.40 22.93
C ILE A 2890 43.86 10.34 22.24
N ARG A 2891 43.92 9.72 21.07
CA ARG A 2891 45.18 9.67 20.34
C ARG A 2891 45.59 11.04 19.83
N LEU A 2892 44.62 11.87 19.42
CA LEU A 2892 44.95 13.21 18.96
C LEU A 2892 45.43 14.10 20.08
N LEU A 2893 44.76 14.03 21.23
CA LEU A 2893 45.16 14.86 22.36
C LEU A 2893 46.49 14.42 22.92
N GLU A 2894 46.76 13.12 22.98
CA GLU A 2894 48.04 12.64 23.49
C GLU A 2894 49.19 12.99 22.57
N GLU A 2895 48.96 12.91 21.25
CA GLU A 2895 49.99 13.34 20.32
C GLU A 2895 50.19 14.84 20.36
N ALA A 2896 49.18 15.60 20.76
CA ALA A 2896 49.35 17.04 20.95
C ALA A 2896 50.11 17.34 22.23
N LEU A 2897 49.88 16.55 23.29
CA LEU A 2897 50.64 16.73 24.53
C LEU A 2897 52.07 16.26 24.38
N LEU A 2898 52.40 15.52 23.33
CA LEU A 2898 53.78 15.29 22.94
C LEU A 2898 54.38 16.52 22.26
N ARG A 2899 55.40 16.32 21.43
CA ARG A 2899 56.01 17.34 20.56
C ARG A 2899 56.68 18.50 21.32
N PRO A 2917 55.66 25.13 31.23
CA PRO A 2917 54.21 25.33 31.37
C PRO A 2917 53.41 24.09 30.94
N PRO A 2918 52.55 23.60 31.82
CA PRO A 2918 51.68 22.47 31.45
C PRO A 2918 50.43 22.93 30.73
N ASP A 2919 50.02 22.15 29.73
CA ASP A 2919 48.86 22.49 28.89
C ASP A 2919 47.63 21.89 29.54
N VAL A 2920 47.10 22.62 30.54
CA VAL A 2920 46.06 22.13 31.42
C VAL A 2920 44.74 21.96 30.67
N LEU A 2921 44.55 22.74 29.59
CA LEU A 2921 43.37 22.59 28.75
C LEU A 2921 43.33 21.21 28.10
N ARG A 2922 44.45 20.81 27.50
CA ARG A 2922 44.49 19.51 26.84
C ARG A 2922 44.49 18.38 27.85
N TRP A 2923 45.12 18.56 29.00
CA TRP A 2923 45.08 17.52 30.03
C TRP A 2923 43.68 17.31 30.56
N VAL A 2924 42.92 18.38 30.72
CA VAL A 2924 41.57 18.26 31.26
C VAL A 2924 40.62 17.68 30.21
N GLU A 2925 40.79 18.05 28.94
CA GLU A 2925 39.92 17.46 27.91
C GLU A 2925 40.27 15.99 27.66
N LEU A 2926 41.55 15.64 27.78
CA LEU A 2926 41.93 14.24 27.68
C LEU A 2926 41.41 13.43 28.85
N ALA A 2927 41.37 14.02 30.04
CA ALA A 2927 40.81 13.32 31.18
C ALA A 2927 39.30 13.19 31.07
N LYS A 2928 38.65 14.19 30.47
CA LYS A 2928 37.22 14.09 30.22
C LYS A 2928 36.91 13.03 29.17
N LEU A 2929 37.82 12.82 28.22
CA LEU A 2929 37.65 11.73 27.26
C LEU A 2929 37.86 10.37 27.92
N TYR A 2930 38.85 10.28 28.81
CA TYR A 2930 39.14 9.00 29.45
C TYR A 2930 38.06 8.62 30.43
N ARG A 2931 37.45 9.60 31.09
CA ARG A 2931 36.45 9.31 32.12
C ARG A 2931 35.17 8.72 31.55
N SER A 2932 34.87 8.98 30.28
CA SER A 2932 33.61 8.55 29.71
C SER A 2932 33.64 7.14 29.15
N ILE A 2933 34.82 6.57 28.92
CA ILE A 2933 34.93 5.18 28.54
C ILE A 2933 35.27 4.30 29.74
N GLY A 2934 35.07 4.79 30.94
CA GLY A 2934 35.56 4.12 32.13
C GLY A 2934 36.94 4.63 32.49
N GLU A 2935 37.92 3.74 32.52
CA GLU A 2935 39.35 4.07 32.44
C GLU A 2935 39.83 5.02 33.52
N TYR A 2936 39.38 4.78 34.76
CA TYR A 2936 39.91 5.53 35.89
C TYR A 2936 41.31 5.08 36.24
N ASP A 2937 41.70 3.89 35.80
CA ASP A 2937 43.08 3.43 35.90
C ASP A 2937 44.04 4.41 35.24
N VAL A 2938 43.70 4.89 34.05
CA VAL A 2938 44.51 5.88 33.39
C VAL A 2938 44.36 7.23 34.07
N LEU A 2939 43.18 7.49 34.65
CA LEU A 2939 42.88 8.81 35.20
C LEU A 2939 43.63 9.09 36.48
N ARG A 2940 44.06 8.06 37.20
CA ARG A 2940 44.84 8.27 38.41
C ARG A 2940 46.15 9.00 38.13
N GLY A 2941 46.83 8.63 37.05
CA GLY A 2941 48.14 9.17 36.76
C GLY A 2941 48.15 10.41 35.91
N ILE A 2942 47.02 11.12 35.85
CA ILE A 2942 46.93 12.39 35.15
C ILE A 2942 46.89 13.54 36.12
N PHE A 2943 46.03 13.46 37.12
CA PHE A 2943 45.85 14.55 38.07
C PHE A 2943 46.77 14.39 39.28
N THR A 2944 48.06 14.39 38.98
CA THR A 2944 49.06 14.65 39.99
C THR A 2944 49.25 16.17 40.07
N SER A 2945 50.18 16.62 40.90
CA SER A 2945 50.33 18.05 41.15
C SER A 2945 51.40 18.70 40.29
N GLU A 2946 51.77 18.11 39.16
CA GLU A 2946 52.73 18.74 38.27
C GLU A 2946 52.07 19.41 37.08
N ILE A 2947 50.79 19.14 36.82
CA ILE A 2947 50.10 19.86 35.75
C ILE A 2947 49.36 21.08 36.29
N GLY A 2948 49.35 21.28 37.59
CA GLY A 2948 48.77 22.47 38.17
C GLY A 2948 47.40 22.27 38.74
N THR A 2949 46.78 21.11 38.53
CA THR A 2949 45.42 20.87 39.01
C THR A 2949 45.42 20.76 40.53
N LYS A 2950 44.22 20.81 41.10
CA LYS A 2950 44.11 20.81 42.55
C LYS A 2950 44.16 19.37 43.07
N GLN A 2951 43.89 19.21 44.36
CA GLN A 2951 43.82 17.89 44.96
C GLN A 2951 42.38 17.39 45.05
N ILE A 2952 41.43 18.32 45.04
CA ILE A 2952 40.02 17.99 45.17
C ILE A 2952 39.54 17.20 43.95
N THR A 2953 40.13 17.45 42.78
CA THR A 2953 39.75 16.72 41.58
C THR A 2953 40.25 15.29 41.63
N GLN A 2954 41.43 15.07 42.20
CA GLN A 2954 41.95 13.73 42.34
C GLN A 2954 41.17 12.94 43.39
N SER A 2955 40.79 13.60 44.49
CA SER A 2955 40.03 12.90 45.52
C SER A 2955 38.62 12.55 45.04
N ALA A 2956 38.00 13.46 44.28
CA ALA A 2956 36.69 13.17 43.75
C ALA A 2956 36.74 12.09 42.68
N LEU A 2957 37.82 12.04 41.89
CA LEU A 2957 37.93 10.96 40.91
C LEU A 2957 38.22 9.62 41.58
N LEU A 2958 39.00 9.63 42.65
CA LEU A 2958 39.27 8.38 43.37
C LEU A 2958 38.01 7.89 44.05
N ALA A 2959 37.13 8.79 44.48
CA ALA A 2959 35.86 8.36 45.03
C ALA A 2959 34.95 7.85 43.93
N GLU A 2960 35.02 8.45 42.76
CA GLU A 2960 34.14 8.06 41.66
C GLU A 2960 34.58 6.75 41.02
N ALA A 2961 35.85 6.38 41.19
CA ALA A 2961 36.34 5.13 40.61
C ALA A 2961 35.75 3.92 41.32
N ARG A 2962 35.48 4.02 42.62
CA ARG A 2962 34.87 2.93 43.35
C ARG A 2962 33.36 3.01 43.37
N SER A 2963 32.77 3.80 42.47
CA SER A 2963 31.33 3.99 42.31
C SER A 2963 30.69 4.50 43.59
N ASP A 2964 31.19 5.64 44.05
CA ASP A 2964 30.79 6.27 45.28
C ASP A 2964 30.39 7.69 44.91
N TYR A 2965 29.45 7.79 43.97
CA TYR A 2965 29.16 9.05 43.29
C TYR A 2965 28.64 10.12 44.22
N SER A 2966 27.98 9.75 45.32
CA SER A 2966 27.43 10.76 46.21
C SER A 2966 28.55 11.48 46.96
N GLU A 2967 29.55 10.73 47.40
CA GLU A 2967 30.74 11.35 47.98
C GLU A 2967 31.59 12.03 46.92
N ALA A 2968 31.43 11.68 45.65
CA ALA A 2968 32.12 12.40 44.61
C ALA A 2968 31.44 13.72 44.32
N ALA A 2969 30.11 13.73 44.23
CA ALA A 2969 29.39 14.98 43.98
C ALA A 2969 29.45 15.89 45.19
N LYS A 2970 29.55 15.32 46.39
CA LYS A 2970 29.63 16.05 47.64
C LYS A 2970 30.85 16.96 47.69
N GLN A 2971 31.93 16.57 47.05
CA GLN A 2971 33.10 17.42 46.98
C GLN A 2971 33.34 18.06 45.63
N TYR A 2972 32.68 17.59 44.58
CA TYR A 2972 32.66 18.34 43.32
C TYR A 2972 31.93 19.67 43.49
N ASP A 2973 30.71 19.63 44.03
CA ASP A 2973 29.98 20.89 44.20
C ASP A 2973 30.58 21.74 45.31
N GLU A 2974 31.26 21.10 46.26
CA GLU A 2974 32.02 21.85 47.26
C GLU A 2974 33.16 22.63 46.62
N ALA A 2975 33.88 22.03 45.67
CA ALA A 2975 34.93 22.77 44.99
C ALA A 2975 34.37 23.80 44.03
N LEU A 2976 33.13 23.63 43.58
CA LEU A 2976 32.58 24.60 42.64
C LEU A 2976 32.17 25.92 43.29
N ASN A 2977 32.11 26.00 44.62
CA ASN A 2977 31.90 27.28 45.31
C ASN A 2977 32.95 27.41 46.42
N LYS A 2978 34.12 27.90 46.04
CA LYS A 2978 35.25 28.05 46.93
C LYS A 2978 36.21 29.00 46.23
N GLN A 2979 36.53 30.13 46.88
CA GLN A 2979 37.19 31.25 46.21
C GLN A 2979 38.46 31.70 46.92
N ASP A 2980 39.04 30.85 47.75
CA ASP A 2980 40.17 31.19 48.62
C ASP A 2980 41.31 30.22 48.41
N TRP A 2981 41.70 30.04 47.15
CA TRP A 2981 42.68 29.06 46.77
C TRP A 2981 44.07 29.59 47.07
N VAL A 2982 44.83 28.84 47.87
CA VAL A 2982 46.06 29.34 48.47
C VAL A 2982 47.26 28.99 47.60
N ASP A 2983 47.01 28.57 46.36
CA ASP A 2983 48.08 28.27 45.41
C ASP A 2983 47.69 28.70 44.01
N GLY A 2984 46.82 29.70 43.89
CA GLY A 2984 46.30 30.10 42.61
C GLY A 2984 44.85 29.67 42.40
N GLU A 2985 44.02 30.60 41.98
CA GLU A 2985 42.63 30.29 41.68
C GLU A 2985 42.57 29.44 40.42
N PRO A 2986 41.77 28.36 40.39
CA PRO A 2986 41.85 27.38 39.31
C PRO A 2986 41.46 27.92 37.94
N THR A 2987 42.02 27.31 36.90
CA THR A 2987 41.69 27.70 35.55
C THR A 2987 40.27 27.27 35.20
N GLU A 2988 39.78 27.74 34.06
CA GLU A 2988 38.36 27.62 33.77
C GLU A 2988 37.99 26.21 33.33
N ALA A 2989 38.89 25.54 32.62
CA ALA A 2989 38.59 24.19 32.12
C ALA A 2989 38.48 23.18 33.25
N GLU A 2990 39.21 23.41 34.35
CA GLU A 2990 39.07 22.54 35.51
C GLU A 2990 37.71 22.72 36.19
N LYS A 2991 37.21 23.95 36.25
CA LYS A 2991 35.90 24.20 36.81
C LYS A 2991 34.80 23.64 35.91
N ASP A 2992 35.00 23.69 34.59
CA ASP A 2992 34.07 23.04 33.68
C ASP A 2992 34.08 21.53 33.85
N PHE A 2993 35.25 20.96 34.15
CA PHE A 2993 35.33 19.54 34.44
C PHE A 2993 34.58 19.18 35.70
N TRP A 2994 34.68 20.02 36.74
CA TRP A 2994 33.94 19.76 37.97
C TRP A 2994 32.44 19.85 37.74
N GLU A 2995 32.02 20.82 36.93
CA GLU A 2995 30.61 20.98 36.60
C GLU A 2995 30.07 19.77 35.87
N LEU A 2996 30.80 19.30 34.86
CA LEU A 2996 30.35 18.18 34.06
C LEU A 2996 30.36 16.89 34.86
N ALA A 2997 31.37 16.70 35.70
CA ALA A 2997 31.44 15.47 36.47
C ALA A 2997 30.42 15.45 37.60
N SER A 2998 30.07 16.61 38.16
CA SER A 2998 29.03 16.63 39.17
C SER A 2998 27.66 16.36 38.55
N LEU A 2999 27.41 16.87 37.35
CA LEU A 2999 26.20 16.51 36.62
C LEU A 2999 26.15 15.01 36.35
N ASP A 3000 27.29 14.43 35.96
CA ASP A 3000 27.37 12.99 35.75
C ASP A 3000 27.09 12.20 37.01
N CYS A 3001 27.54 12.70 38.16
CA CYS A 3001 27.29 11.99 39.42
C CYS A 3001 25.83 12.03 39.80
N TYR A 3002 25.18 13.18 39.58
CA TYR A 3002 23.75 13.27 39.88
C TYR A 3002 22.93 12.43 38.93
N ASN A 3003 23.39 12.31 37.68
CA ASN A 3003 22.75 11.39 36.74
C ASN A 3003 22.96 9.95 37.16
N HIS A 3004 24.14 9.65 37.70
CA HIS A 3004 24.45 8.29 38.10
C HIS A 3004 23.70 7.86 39.33
N LEU A 3005 23.31 8.77 40.21
CA LEU A 3005 22.62 8.22 41.36
C LEU A 3005 21.17 7.95 41.02
N ALA A 3006 20.27 8.91 41.26
CA ALA A 3006 18.99 9.01 40.57
C ALA A 3006 18.48 10.42 40.75
N GLU A 3007 19.30 11.29 41.34
CA GLU A 3007 18.81 12.50 41.98
C GLU A 3007 18.36 13.47 40.91
N TRP A 3008 17.06 13.44 40.60
CA TRP A 3008 16.57 14.19 39.46
C TRP A 3008 16.32 15.65 39.79
N LYS A 3009 16.08 15.97 41.06
CA LYS A 3009 15.88 17.36 41.43
C LYS A 3009 17.19 18.13 41.40
N SER A 3010 18.25 17.53 41.97
CA SER A 3010 19.57 18.13 41.93
C SER A 3010 20.12 18.17 40.52
N LEU A 3011 19.74 17.20 39.68
CA LEU A 3011 20.20 17.19 38.31
C LEU A 3011 19.57 18.32 37.50
N GLU A 3012 18.27 18.57 37.68
CA GLU A 3012 17.65 19.63 36.91
C GLU A 3012 18.06 21.00 37.45
N TYR A 3013 18.31 21.10 38.75
CA TYR A 3013 18.77 22.37 39.30
C TYR A 3013 20.18 22.67 38.87
N CYS A 3014 21.04 21.66 38.82
CA CYS A 3014 22.43 21.89 38.46
C CYS A 3014 22.59 22.13 36.97
N SER A 3015 21.74 21.51 36.15
CA SER A 3015 21.81 21.76 34.72
C SER A 3015 21.14 23.06 34.34
N THR A 3016 20.14 23.50 35.10
CA THR A 3016 19.34 24.66 34.77
C THR A 3016 19.94 25.96 35.31
N ALA A 3017 20.38 25.98 36.57
CA ALA A 3017 20.81 27.24 37.17
C ALA A 3017 22.25 27.60 36.83
N SER A 3018 22.62 27.51 35.57
CA SER A 3018 23.90 28.02 35.09
C SER A 3018 23.74 28.67 33.72
N ILE A 3019 22.52 28.70 33.19
CA ILE A 3019 22.22 29.34 31.92
C ILE A 3019 21.42 30.62 32.12
N ASP A 3020 20.95 30.86 33.33
CA ASP A 3020 20.09 31.99 33.65
C ASP A 3020 20.66 32.68 34.88
N SER A 3021 20.47 34.00 34.93
CA SER A 3021 20.99 34.81 36.01
C SER A 3021 20.00 34.99 37.15
N GLU A 3022 18.73 35.19 36.83
CA GLU A 3022 17.74 35.48 37.85
C GLU A 3022 17.11 34.17 38.33
N ASN A 3023 16.12 34.31 39.21
CA ASN A 3023 15.47 33.13 39.80
C ASN A 3023 14.45 32.46 38.88
N PRO A 3024 13.66 33.17 38.06
CA PRO A 3024 13.00 32.48 36.94
C PRO A 3024 14.02 32.05 35.91
N PRO A 3025 14.08 30.77 35.58
CA PRO A 3025 15.07 30.32 34.59
C PRO A 3025 14.51 30.31 33.17
N ASP A 3026 15.20 30.96 32.24
CA ASP A 3026 14.75 31.01 30.85
C ASP A 3026 15.46 29.91 30.08
N LEU A 3027 14.74 28.82 29.80
CA LEU A 3027 15.34 27.64 29.22
C LEU A 3027 15.74 27.85 27.78
N ASN A 3028 15.20 28.86 27.12
CA ASN A 3028 15.52 29.06 25.72
C ASN A 3028 16.84 29.80 25.51
N LYS A 3029 17.54 30.17 26.58
CA LYS A 3029 18.89 30.65 26.46
C LYS A 3029 19.90 29.52 26.29
N ILE A 3030 19.43 28.27 26.34
CA ILE A 3030 20.30 27.10 26.19
C ILE A 3030 20.82 26.93 24.78
N TRP A 3031 20.28 27.65 23.80
CA TRP A 3031 20.65 27.48 22.40
C TRP A 3031 21.75 28.44 21.95
N SER A 3032 22.06 29.46 22.74
CA SER A 3032 23.26 30.27 22.56
C SER A 3032 24.28 29.85 23.62
N GLU A 3033 25.52 30.30 23.42
CA GLU A 3033 26.72 29.74 24.05
C GLU A 3033 26.75 28.24 23.77
N PRO A 3034 27.26 27.82 22.59
CA PRO A 3034 27.26 26.40 22.18
C PRO A 3034 27.84 25.37 23.15
N PHE A 3035 28.55 25.82 24.19
CA PHE A 3035 28.86 24.99 25.36
C PHE A 3035 27.61 24.37 25.95
N TYR A 3036 26.50 25.13 25.96
CA TYR A 3036 25.29 24.72 26.66
C TYR A 3036 24.62 23.53 25.99
N GLN A 3037 24.75 23.39 24.68
CA GLN A 3037 24.11 22.29 23.97
C GLN A 3037 24.76 20.94 24.30
N GLU A 3038 26.09 20.89 24.29
CA GLU A 3038 26.71 19.61 24.64
C GLU A 3038 26.86 19.41 26.13
N THR A 3039 26.65 20.44 26.94
CA THR A 3039 26.86 20.30 28.37
C THR A 3039 25.55 20.15 29.15
N TYR A 3040 24.64 21.11 29.04
CA TYR A 3040 23.48 21.14 29.91
C TYR A 3040 22.24 20.53 29.29
N LEU A 3041 22.17 20.45 27.97
CA LEU A 3041 20.93 20.02 27.31
C LEU A 3041 20.55 18.56 27.55
N PRO A 3042 21.44 17.54 27.44
CA PRO A 3042 20.98 16.18 27.71
C PRO A 3042 20.56 15.94 29.14
N TYR A 3043 21.24 16.59 30.09
CA TYR A 3043 20.86 16.44 31.48
C TYR A 3043 19.59 17.21 31.80
N MET A 3044 19.37 18.35 31.13
CA MET A 3044 18.12 19.10 31.29
C MET A 3044 16.92 18.29 30.83
N ILE A 3045 17.00 17.77 29.61
CA ILE A 3045 15.92 16.98 29.04
C ILE A 3045 15.70 15.71 29.86
N ARG A 3046 16.79 15.06 30.26
CA ARG A 3046 16.68 13.79 30.98
C ARG A 3046 16.10 13.96 32.36
N SER A 3047 16.54 14.97 33.11
CA SER A 3047 16.05 15.19 34.47
C SER A 3047 14.58 15.61 34.47
N LYS A 3048 14.21 16.55 33.59
CA LYS A 3048 12.81 16.97 33.55
C LYS A 3048 11.90 15.85 33.06
N LEU A 3049 12.39 15.02 32.14
CA LEU A 3049 11.56 13.94 31.63
C LEU A 3049 11.40 12.83 32.65
N LYS A 3050 12.43 12.56 33.46
CA LYS A 3050 12.27 11.56 34.52
C LYS A 3050 11.30 12.04 35.58
N LEU A 3051 11.37 13.32 35.95
CA LEU A 3051 10.41 13.86 36.91
C LEU A 3051 8.99 13.84 36.38
N LEU A 3052 8.81 14.06 35.08
CA LEU A 3052 7.50 13.92 34.48
C LEU A 3052 7.05 12.48 34.48
N LEU A 3053 7.97 11.55 34.23
CA LEU A 3053 7.60 10.15 34.10
C LEU A 3053 7.24 9.51 35.43
N GLN A 3054 7.70 10.08 36.54
CA GLN A 3054 7.25 9.57 37.84
C GLN A 3054 6.53 10.67 38.60
N GLY A 3055 5.25 10.84 38.28
CA GLY A 3055 4.46 11.77 39.06
C GLY A 3055 4.31 13.17 38.52
N GLU A 3056 5.22 14.05 38.92
CA GLU A 3056 5.10 15.51 38.94
C GLU A 3056 4.58 16.09 37.63
N ALA A 3057 3.79 17.16 37.77
CA ALA A 3057 3.03 17.71 36.65
C ALA A 3057 3.56 19.06 36.18
N ASP A 3058 4.83 19.35 36.42
CA ASP A 3058 5.40 20.61 35.96
C ASP A 3058 5.59 20.58 34.47
N GLN A 3059 4.78 21.36 33.75
CA GLN A 3059 4.78 21.34 32.29
C GLN A 3059 5.69 22.44 31.75
N SER A 3060 6.98 22.31 32.08
CA SER A 3060 7.99 23.26 31.64
C SER A 3060 8.90 22.71 30.55
N LEU A 3061 8.93 21.41 30.35
CA LEU A 3061 9.70 20.82 29.26
C LEU A 3061 8.95 20.82 27.95
N LEU A 3062 7.62 20.66 28.00
CA LEU A 3062 6.82 20.65 26.79
C LEU A 3062 6.80 22.03 26.13
N THR A 3063 6.83 23.08 26.94
CA THR A 3063 6.88 24.43 26.39
C THR A 3063 8.19 24.68 25.69
N PHE A 3064 9.29 24.24 26.29
CA PHE A 3064 10.61 24.36 25.69
C PHE A 3064 10.70 23.56 24.40
N ILE A 3065 10.12 22.36 24.39
CA ILE A 3065 10.21 21.50 23.22
C ILE A 3065 9.41 22.09 22.06
N ASP A 3066 8.20 22.55 22.33
CA ASP A 3066 7.37 23.13 21.28
C ASP A 3066 7.93 24.47 20.80
N LYS A 3067 8.58 25.23 21.68
CA LYS A 3067 9.23 26.45 21.24
C LYS A 3067 10.48 26.16 20.42
N ALA A 3068 11.16 25.06 20.71
CA ALA A 3068 12.38 24.71 19.99
C ALA A 3068 12.08 24.07 18.66
N MET A 3069 10.87 23.53 18.47
CA MET A 3069 10.52 22.97 17.19
C MET A 3069 10.27 24.02 16.11
N HIS A 3070 10.25 25.30 16.46
CA HIS A 3070 10.04 26.35 15.46
C HIS A 3070 11.29 26.57 14.62
N GLY A 3071 12.46 26.42 15.22
CA GLY A 3071 13.69 26.59 14.47
C GLY A 3071 13.96 25.40 13.58
N GLU A 3072 14.61 25.66 12.45
CA GLU A 3072 14.93 24.62 11.49
C GLU A 3072 16.18 23.84 11.88
N LEU A 3073 17.01 24.38 12.77
CA LEU A 3073 18.18 23.69 13.27
C LEU A 3073 17.92 22.97 14.59
N GLN A 3074 17.23 23.61 15.51
CA GLN A 3074 16.96 23.02 16.82
C GLN A 3074 16.03 21.82 16.70
N LYS A 3075 15.12 21.85 15.74
CA LYS A 3075 14.29 20.69 15.46
C LYS A 3075 15.11 19.52 14.94
N ALA A 3076 16.12 19.81 14.11
CA ALA A 3076 16.98 18.75 13.59
C ALA A 3076 17.82 18.14 14.71
N ILE A 3077 18.34 18.98 15.60
CA ILE A 3077 19.11 18.51 16.75
C ILE A 3077 18.24 17.64 17.65
N LEU A 3078 17.01 18.08 17.92
CA LEU A 3078 16.18 17.37 18.88
C LEU A 3078 15.66 16.06 18.32
N GLU A 3079 15.18 16.06 17.08
CA GLU A 3079 14.64 14.82 16.54
C GLU A 3079 15.72 13.92 15.95
N LEU A 3080 16.96 14.38 15.88
CA LEU A 3080 18.06 13.50 15.53
C LEU A 3080 18.71 12.88 16.74
N HIS A 3081 18.92 13.63 17.81
CA HIS A 3081 19.63 13.08 18.94
C HIS A 3081 18.74 12.55 20.04
N TYR A 3082 17.57 13.13 20.27
CA TYR A 3082 16.82 12.58 21.40
C TYR A 3082 15.77 11.58 20.96
N SER A 3083 14.64 12.04 20.43
CA SER A 3083 13.61 11.27 19.73
C SER A 3083 12.97 10.11 20.50
N GLN A 3084 13.64 9.59 21.51
CA GLN A 3084 13.11 8.64 22.47
C GLN A 3084 12.64 9.36 23.71
N GLU A 3085 13.44 10.34 24.13
CA GLU A 3085 12.99 11.39 25.02
C GLU A 3085 11.73 12.04 24.49
N LEU A 3086 11.73 12.38 23.20
CA LEU A 3086 10.57 13.00 22.56
C LEU A 3086 9.40 12.05 22.45
N SER A 3087 9.67 10.78 22.16
CA SER A 3087 8.58 9.80 22.10
C SER A 3087 7.92 9.62 23.45
N LEU A 3088 8.70 9.58 24.52
CA LEU A 3088 8.12 9.47 25.85
C LEU A 3088 7.38 10.73 26.26
N LEU A 3089 7.91 11.90 25.88
CA LEU A 3089 7.26 13.15 26.21
C LEU A 3089 5.92 13.29 25.52
N TYR A 3090 5.84 12.88 24.25
CA TYR A 3090 4.55 12.94 23.58
C TYR A 3090 3.63 11.81 23.99
N LEU A 3091 4.17 10.72 24.54
CA LEU A 3091 3.31 9.72 25.15
C LEU A 3091 2.70 10.22 26.45
N LEU A 3092 3.37 11.14 27.13
CA LEU A 3092 2.84 11.66 28.38
C LEU A 3092 1.58 12.51 28.20
N GLN A 3093 1.34 13.08 27.02
CA GLN A 3093 0.12 13.84 26.77
C GLN A 3093 -0.88 13.12 25.89
N ASP A 3094 -0.81 11.78 25.85
CA ASP A 3094 -1.73 10.91 25.09
C ASP A 3094 -1.71 11.21 23.59
N ASP A 3095 -0.53 11.49 23.06
CA ASP A 3095 -0.36 11.76 21.64
C ASP A 3095 0.44 10.60 21.07
N VAL A 3096 -0.27 9.54 20.69
CA VAL A 3096 0.37 8.27 20.36
C VAL A 3096 0.75 8.27 18.89
N ASP A 3097 0.34 9.31 18.17
CA ASP A 3097 0.69 9.48 16.77
C ASP A 3097 2.07 10.09 16.59
N ARG A 3098 2.31 11.21 17.28
CA ARG A 3098 3.62 11.83 17.22
C ARG A 3098 4.66 10.98 17.92
N ALA A 3099 4.25 10.19 18.92
CA ALA A 3099 5.16 9.26 19.55
C ALA A 3099 5.51 8.11 18.60
N LYS A 3100 4.58 7.72 17.73
CA LYS A 3100 4.86 6.72 16.71
C LYS A 3100 5.91 7.22 15.75
N TYR A 3101 5.73 8.46 15.28
CA TYR A 3101 6.71 9.05 14.36
C TYR A 3101 8.08 9.17 15.02
N TYR A 3102 8.11 9.57 16.29
CA TYR A 3102 9.40 9.80 16.91
C TYR A 3102 10.11 8.51 17.27
N ILE A 3103 9.38 7.44 17.58
CA ILE A 3103 10.07 6.19 17.88
C ILE A 3103 10.55 5.51 16.60
N GLN A 3104 9.84 5.70 15.48
CA GLN A 3104 10.34 5.16 14.22
C GLN A 3104 11.56 5.94 13.75
N ASN A 3105 11.56 7.25 13.96
CA ASN A 3105 12.75 8.06 13.69
C ASN A 3105 13.91 7.65 14.57
N GLY A 3106 13.63 7.28 15.82
CA GLY A 3106 14.69 6.88 16.71
C GLY A 3106 15.31 5.54 16.34
N ILE A 3107 14.50 4.62 15.83
CA ILE A 3107 15.02 3.33 15.37
C ILE A 3107 15.87 3.51 14.11
N GLN A 3108 15.42 4.33 13.15
CA GLN A 3108 16.23 4.58 11.95
C GLN A 3108 17.53 5.28 12.30
N SER A 3109 17.48 6.21 13.25
CA SER A 3109 18.66 6.91 13.70
C SER A 3109 19.62 5.98 14.42
N PHE A 3110 19.08 4.99 15.15
CA PHE A 3110 19.93 3.98 15.75
C PHE A 3110 20.68 3.19 14.70
N MET A 3111 19.98 2.73 13.67
CA MET A 3111 20.61 1.87 12.67
C MET A 3111 21.68 2.62 11.90
N GLN A 3112 21.39 3.87 11.50
CA GLN A 3112 22.35 4.66 10.77
C GLN A 3112 23.55 5.01 11.64
N ASN A 3113 23.32 5.26 12.93
CA ASN A 3113 24.44 5.63 13.76
C ASN A 3113 25.24 4.43 14.21
N TYR A 3114 24.61 3.27 14.30
CA TYR A 3114 25.31 2.08 14.73
C TYR A 3114 26.18 1.53 13.63
N SER A 3115 25.66 1.46 12.41
CA SER A 3115 26.43 0.84 11.35
C SER A 3115 27.50 1.75 10.77
N SER A 3116 27.67 2.96 11.30
CA SER A 3116 28.72 3.85 10.86
C SER A 3116 29.85 3.95 11.87
N ILE A 3117 29.75 3.25 12.96
CA ILE A 3117 30.86 3.11 13.90
C ILE A 3117 31.76 2.01 13.38
N ASP A 3118 33.07 2.25 13.39
CA ASP A 3118 34.00 1.30 12.81
C ASP A 3118 34.06 0.05 13.68
N VAL A 3119 34.32 -1.09 13.05
CA VAL A 3119 33.93 -2.38 13.59
C VAL A 3119 34.78 -2.75 14.80
N LEU A 3120 36.00 -2.21 14.88
CA LEU A 3120 36.86 -2.48 16.00
C LEU A 3120 36.74 -1.45 17.11
N LEU A 3121 35.71 -0.62 17.06
CA LEU A 3121 35.33 0.22 18.19
C LEU A 3121 34.30 -0.50 19.05
N HIS A 3122 34.71 -1.63 19.62
CA HIS A 3122 33.89 -2.25 20.63
CA HIS A 3122 33.92 -2.27 20.65
C HIS A 3122 33.88 -1.38 21.89
N GLN A 3123 32.78 -1.48 22.62
CA GLN A 3123 32.30 -0.72 23.78
C GLN A 3123 31.80 0.65 23.37
N SER A 3124 32.06 1.06 22.14
CA SER A 3124 31.30 2.10 21.50
C SER A 3124 30.05 1.51 20.88
N ARG A 3125 30.20 0.38 20.20
CA ARG A 3125 29.07 -0.35 19.70
C ARG A 3125 28.29 -1.04 20.81
N LEU A 3126 28.94 -1.34 21.93
CA LEU A 3126 28.19 -1.89 23.06
C LEU A 3126 27.27 -0.85 23.68
N THR A 3127 27.77 0.38 23.86
CA THR A 3127 26.88 1.41 24.39
C THR A 3127 25.87 1.89 23.37
N LYS A 3128 26.15 1.72 22.08
CA LYS A 3128 25.10 1.99 21.09
C LYS A 3128 24.06 0.89 21.07
N LEU A 3129 24.44 -0.34 21.43
CA LEU A 3129 23.50 -1.44 21.47
C LEU A 3129 22.73 -1.52 22.79
N GLN A 3130 23.24 -0.91 23.84
CA GLN A 3130 22.56 -0.93 25.13
C GLN A 3130 21.25 -0.17 25.13
N SER A 3131 21.01 0.66 24.14
CA SER A 3131 19.85 1.53 24.11
C SER A 3131 18.73 1.01 23.24
N VAL A 3132 18.85 -0.19 22.68
CA VAL A 3132 17.81 -0.62 21.75
C VAL A 3132 16.64 -1.19 22.50
N GLN A 3133 16.85 -1.64 23.74
CA GLN A 3133 15.76 -2.27 24.47
C GLN A 3133 14.71 -1.26 24.87
N ALA A 3134 15.13 -0.06 25.27
CA ALA A 3134 14.17 0.98 25.64
C ALA A 3134 13.37 1.45 24.43
N LEU A 3135 14.01 1.54 23.26
CA LEU A 3135 13.30 1.88 22.03
C LEU A 3135 12.25 0.84 21.70
N THR A 3136 12.61 -0.44 21.81
CA THR A 3136 11.60 -1.44 21.47
C THR A 3136 10.56 -1.62 22.56
N GLU A 3137 10.83 -1.25 23.80
CA GLU A 3137 9.76 -1.27 24.79
C GLU A 3137 8.76 -0.16 24.54
N ILE A 3138 9.23 0.99 24.08
CA ILE A 3138 8.31 2.06 23.71
C ILE A 3138 7.47 1.67 22.51
N GLN A 3139 8.09 1.05 21.51
CA GLN A 3139 7.36 0.53 20.36
C GLN A 3139 6.36 -0.56 20.75
N GLU A 3140 6.73 -1.43 21.69
CA GLU A 3140 5.84 -2.50 22.12
C GLU A 3140 4.67 -1.97 22.93
N PHE A 3141 4.90 -0.94 23.73
CA PHE A 3141 3.79 -0.33 24.47
C PHE A 3141 2.82 0.35 23.54
N ILE A 3142 3.34 1.07 22.53
CA ILE A 3142 2.47 1.70 21.54
C ILE A 3142 1.66 0.65 20.79
N SER A 3143 2.31 -0.46 20.42
CA SER A 3143 1.59 -1.53 19.72
C SER A 3143 0.62 -2.26 20.63
N PHE A 3144 0.87 -2.27 21.94
CA PHE A 3144 -0.06 -2.92 22.85
C PHE A 3144 -1.29 -2.07 23.07
N ILE A 3145 -1.10 -0.77 23.35
CA ILE A 3145 -2.23 0.07 23.72
C ILE A 3145 -3.06 0.51 22.53
N SER A 3146 -2.61 0.22 21.31
CA SER A 3146 -3.33 0.60 20.10
C SER A 3146 -4.42 -0.40 19.74
N LYS A 3147 -4.16 -1.69 19.92
CA LYS A 3147 -5.18 -2.71 19.69
C LYS A 3147 -6.21 -2.69 20.80
N GLN A 3148 -7.48 -2.75 20.41
CA GLN A 3148 -8.57 -2.64 21.38
C GLN A 3148 -8.88 -3.96 22.09
N GLY A 3149 -8.52 -5.09 21.50
CA GLY A 3149 -8.65 -6.36 22.19
C GLY A 3149 -7.72 -6.51 23.37
N ASN A 3150 -6.62 -5.77 23.39
CA ASN A 3150 -5.68 -5.86 24.51
C ASN A 3150 -6.27 -5.23 25.77
N LEU A 3151 -7.12 -4.22 25.60
CA LEU A 3151 -7.74 -3.58 26.74
C LEU A 3151 -9.01 -4.28 27.20
N SER A 3152 -9.35 -5.42 26.61
CA SER A 3152 -10.61 -6.08 26.92
C SER A 3152 -10.49 -6.89 28.19
N SER A 3153 -9.66 -7.91 28.18
CA SER A 3153 -9.47 -8.83 29.30
C SER A 3153 -8.13 -8.55 29.99
N GLN A 3154 -7.74 -9.42 30.91
CA GLN A 3154 -6.43 -9.34 31.53
C GLN A 3154 -5.49 -10.43 31.02
N VAL A 3155 -5.92 -11.21 30.03
CA VAL A 3155 -5.02 -12.18 29.40
C VAL A 3155 -3.83 -11.54 28.67
N PRO A 3156 -4.01 -10.54 27.78
CA PRO A 3156 -2.80 -9.99 27.14
C PRO A 3156 -1.96 -9.16 28.08
N LEU A 3157 -2.55 -8.57 29.11
CA LEU A 3157 -1.76 -7.89 30.12
C LEU A 3157 -0.92 -8.89 30.91
N LYS A 3158 -1.49 -10.04 31.25
CA LYS A 3158 -0.72 -11.05 31.99
C LYS A 3158 0.41 -11.60 31.13
N ARG A 3159 0.18 -11.71 29.83
CA ARG A 3159 1.24 -12.15 28.94
C ARG A 3159 2.33 -11.09 28.80
N LEU A 3160 1.95 -9.81 28.77
CA LEU A 3160 2.93 -8.73 28.70
C LEU A 3160 3.77 -8.64 29.97
N LEU A 3161 3.15 -8.81 31.14
CA LEU A 3161 3.90 -8.83 32.39
C LEU A 3161 4.81 -10.05 32.45
N ASN A 3162 4.36 -11.18 31.90
CA ASN A 3162 5.13 -12.40 31.89
C ASN A 3162 6.35 -12.28 31.00
N THR A 3163 6.30 -11.49 29.93
CA THR A 3163 7.50 -11.27 29.14
C THR A 3163 8.36 -10.12 29.65
N TRP A 3164 7.77 -9.12 30.30
CA TRP A 3164 8.59 -8.03 30.82
C TRP A 3164 9.38 -8.47 32.04
N THR A 3165 8.88 -9.43 32.81
CA THR A 3165 9.63 -9.84 33.99
C THR A 3165 10.70 -10.89 33.64
N ASN A 3166 10.88 -11.19 32.36
CA ASN A 3166 11.98 -12.03 31.92
C ASN A 3166 12.91 -11.29 30.98
N ARG A 3167 12.74 -10.00 30.80
CA ARG A 3167 13.52 -9.25 29.82
C ARG A 3167 14.23 -8.10 30.54
N TYR A 3168 15.50 -8.30 30.83
CA TYR A 3168 16.26 -7.35 31.62
C TYR A 3168 17.59 -7.07 30.93
N PRO A 3169 18.20 -5.92 31.22
CA PRO A 3169 19.63 -5.79 30.98
C PRO A 3169 20.38 -6.67 31.97
N ASP A 3170 21.61 -7.01 31.64
CA ASP A 3170 22.32 -7.90 32.55
C ASP A 3170 22.90 -7.16 33.73
N ALA A 3171 22.80 -7.78 34.88
CA ALA A 3171 23.55 -7.35 36.05
C ALA A 3171 25.04 -7.48 35.77
N LYS A 3172 25.81 -6.57 36.37
CA LYS A 3172 27.27 -6.45 36.33
C LYS A 3172 27.76 -5.90 34.98
N MET A 3173 26.90 -5.79 33.99
CA MET A 3173 27.43 -5.30 32.73
C MET A 3173 26.72 -4.07 32.19
N ASP A 3174 25.42 -4.02 32.27
CA ASP A 3174 24.73 -2.82 31.82
C ASP A 3174 24.61 -1.82 32.97
N PRO A 3175 24.98 -0.56 32.76
CA PRO A 3175 25.07 0.39 33.87
C PRO A 3175 23.73 0.80 34.44
N MET A 3176 23.72 1.71 35.40
CA MET A 3176 22.46 2.00 36.06
C MET A 3176 21.60 2.98 35.29
N ASN A 3177 22.16 3.73 34.36
CA ASN A 3177 21.34 4.57 33.49
C ASN A 3177 20.53 3.76 32.50
N ILE A 3178 20.98 2.56 32.13
CA ILE A 3178 20.21 1.68 31.27
C ILE A 3178 19.08 1.06 32.05
N TRP A 3179 19.39 0.61 33.27
CA TRP A 3179 18.40 0.01 34.15
C TRP A 3179 17.32 1.01 34.54
N ASP A 3180 17.72 2.26 34.80
CA ASP A 3180 16.75 3.27 35.20
C ASP A 3180 15.81 3.60 34.07
N ASP A 3181 16.34 3.64 32.84
CA ASP A 3181 15.50 3.84 31.66
C ASP A 3181 14.47 2.74 31.55
N ILE A 3182 14.91 1.48 31.62
CA ILE A 3182 14.00 0.35 31.44
C ILE A 3182 12.93 0.34 32.52
N ILE A 3183 13.33 0.55 33.78
CA ILE A 3183 12.39 0.39 34.88
C ILE A 3183 11.45 1.59 35.01
N THR A 3184 11.95 2.81 34.82
CA THR A 3184 11.07 3.98 34.89
C THR A 3184 10.09 4.02 33.72
N ASN A 3185 10.56 3.67 32.51
CA ASN A 3185 9.66 3.55 31.38
C ASN A 3185 8.60 2.50 31.61
N ARG A 3186 9.00 1.35 32.18
CA ARG A 3186 8.04 0.26 32.38
C ARG A 3186 7.01 0.61 33.44
N CYS A 3187 7.42 1.31 34.50
CA CYS A 3187 6.48 1.73 35.53
C CYS A 3187 5.48 2.74 34.98
N PHE A 3188 5.95 3.68 34.14
CA PHE A 3188 5.03 4.63 33.54
C PHE A 3188 4.06 3.95 32.57
N PHE A 3189 4.55 2.98 31.81
CA PHE A 3189 3.68 2.23 30.90
C PHE A 3189 2.61 1.45 31.67
N LEU A 3190 2.99 0.88 32.82
CA LEU A 3190 2.01 0.13 33.60
C LEU A 3190 0.98 1.05 34.23
N SER A 3191 1.39 2.24 34.65
CA SER A 3191 0.42 3.19 35.17
C SER A 3191 -0.54 3.68 34.07
N LYS A 3192 -0.03 3.83 32.84
CA LYS A 3192 -0.90 4.27 31.74
C LYS A 3192 -1.88 3.19 31.33
N ILE A 3193 -1.43 1.94 31.23
CA ILE A 3193 -2.30 0.83 30.87
C ILE A 3193 -3.31 0.58 31.97
N GLU A 3194 -2.93 0.82 33.23
CA GLU A 3194 -3.86 0.70 34.34
C GLU A 3194 -4.95 1.76 34.27
N GLU A 3195 -4.57 3.03 34.08
CA GLU A 3195 -5.60 4.07 34.03
C GLU A 3195 -6.43 4.02 32.75
N LYS A 3196 -5.96 3.33 31.71
CA LYS A 3196 -6.79 3.08 30.54
C LYS A 3196 -7.67 1.86 30.68
N LEU A 3197 -7.30 0.91 31.53
CA LEU A 3197 -7.96 -0.37 31.62
C LEU A 3197 -9.16 -0.30 32.57
N THR A 3198 -10.19 -1.07 32.24
CA THR A 3198 -11.44 -1.08 33.01
C THR A 3198 -11.65 -2.42 33.72
N ASP A 3226 -8.15 -8.79 39.55
CA ASP A 3226 -7.04 -8.31 40.37
C ASP A 3226 -5.92 -7.75 39.50
N ILE A 3227 -6.28 -6.81 38.61
CA ILE A 3227 -5.30 -6.24 37.69
C ILE A 3227 -4.28 -5.40 38.43
N SER A 3228 -4.73 -4.61 39.40
CA SER A 3228 -3.86 -3.68 40.09
C SER A 3228 -2.85 -4.40 40.97
N SER A 3229 -3.22 -5.53 41.57
CA SER A 3229 -2.26 -6.27 42.37
C SER A 3229 -1.24 -6.97 41.47
N LEU A 3230 -1.66 -7.35 40.26
CA LEU A 3230 -0.72 -7.93 39.30
C LEU A 3230 0.31 -6.91 38.86
N ILE A 3231 -0.11 -5.68 38.55
CA ILE A 3231 0.86 -4.70 38.11
C ILE A 3231 1.70 -4.21 39.29
N ARG A 3232 1.16 -4.27 40.52
CA ARG A 3232 1.96 -3.87 41.66
C ARG A 3232 3.01 -4.92 42.00
N SER A 3233 2.68 -6.19 41.83
CA SER A 3233 3.65 -7.24 42.06
C SER A 3233 4.74 -7.22 41.00
N CYS A 3234 4.38 -6.90 39.76
CA CYS A 3234 5.39 -6.78 38.71
C CYS A 3234 6.33 -5.61 38.96
N LYS A 3235 5.78 -4.47 39.37
CA LYS A 3235 6.63 -3.31 39.69
C LYS A 3235 7.55 -3.59 40.85
N PHE A 3236 7.07 -4.32 41.86
CA PHE A 3236 7.91 -4.73 42.98
C PHE A 3236 9.07 -5.62 42.52
N SER A 3237 8.77 -6.61 41.68
CA SER A 3237 9.81 -7.55 41.27
C SER A 3237 10.86 -6.89 40.38
N MET A 3238 10.44 -5.96 39.53
CA MET A 3238 11.39 -5.26 38.68
C MET A 3238 12.29 -4.35 39.50
N LYS A 3239 11.74 -3.69 40.51
CA LYS A 3239 12.57 -2.85 41.36
C LYS A 3239 13.54 -3.68 42.20
N MET A 3240 13.12 -4.89 42.59
CA MET A 3240 14.01 -5.76 43.35
C MET A 3240 15.17 -6.24 42.49
N LYS A 3241 14.90 -6.53 41.22
CA LYS A 3241 16.00 -6.95 40.35
C LYS A 3241 16.95 -5.80 40.05
N MET A 3242 16.42 -4.58 39.95
CA MET A 3242 17.29 -3.42 39.80
C MET A 3242 18.17 -3.22 41.02
N ILE A 3243 17.64 -3.46 42.22
CA ILE A 3243 18.42 -3.35 43.45
C ILE A 3243 19.54 -4.39 43.48
N ASP A 3244 19.26 -5.61 43.00
CA ASP A 3244 20.31 -6.64 42.93
C ASP A 3244 21.42 -6.24 41.96
N SER A 3245 21.07 -5.67 40.82
CA SER A 3245 22.10 -5.22 39.88
C SER A 3245 22.89 -4.04 40.42
N ALA A 3246 22.24 -3.14 41.15
CA ALA A 3246 22.95 -2.01 41.73
C ALA A 3246 23.90 -2.46 42.83
N ARG A 3247 23.54 -3.53 43.53
CA ARG A 3247 24.45 -4.09 44.53
C ARG A 3247 25.62 -4.79 43.89
N LYS A 3248 25.38 -5.50 42.78
CA LYS A 3248 26.48 -6.17 42.09
C LYS A 3248 27.45 -5.21 41.44
N GLN A 3249 26.99 -4.03 41.05
CA GLN A 3249 27.87 -3.04 40.45
C GLN A 3249 28.44 -2.04 41.45
N ASN A 3250 28.29 -2.30 42.75
CA ASN A 3250 28.78 -1.46 43.85
C ASN A 3250 28.20 -0.06 43.79
N ASN A 3251 26.89 0.01 43.62
CA ASN A 3251 26.16 1.26 43.59
C ASN A 3251 25.29 1.38 44.82
N PHE A 3252 25.89 1.13 45.99
CA PHE A 3252 25.15 1.00 47.24
C PHE A 3252 24.37 2.25 47.61
N SER A 3253 24.85 3.42 47.19
CA SER A 3253 24.12 4.65 47.48
C SER A 3253 22.85 4.76 46.64
N LEU A 3254 22.82 4.15 45.47
CA LEU A 3254 21.57 4.10 44.72
C LEU A 3254 20.68 2.97 45.18
N ALA A 3255 21.27 1.80 45.43
CA ALA A 3255 20.51 0.64 45.91
C ALA A 3255 19.87 0.91 47.25
N MET A 3256 20.52 1.72 48.08
CA MET A 3256 19.96 2.08 49.37
C MET A 3256 18.71 2.92 49.22
N LYS A 3257 18.70 3.84 48.25
CA LYS A 3257 17.50 4.65 48.01
C LYS A 3257 16.38 3.82 47.40
N LEU A 3258 16.72 2.98 46.42
CA LEU A 3258 15.71 2.17 45.74
C LEU A 3258 15.12 1.11 46.67
N LEU A 3259 15.87 0.72 47.69
CA LEU A 3259 15.40 -0.25 48.67
C LEU A 3259 14.74 0.44 49.85
N LYS A 3260 15.13 1.69 50.12
CA LYS A 3260 14.50 2.49 51.14
C LYS A 3260 13.06 2.80 50.76
N GLU A 3261 12.82 3.06 49.47
CA GLU A 3261 11.44 3.35 49.08
C GLU A 3261 10.61 2.10 48.79
N LEU A 3262 11.13 0.91 49.07
CA LEU A 3262 10.34 -0.32 49.03
C LEU A 3262 10.14 -0.94 50.40
N HIS A 3263 10.47 -0.23 51.48
CA HIS A 3263 10.26 -0.79 52.81
C HIS A 3263 8.78 -0.84 53.15
N LYS A 3264 7.99 0.09 52.61
CA LYS A 3264 6.57 0.15 52.91
C LYS A 3264 5.84 -1.02 52.28
N GLU A 3265 6.01 -1.22 50.97
CA GLU A 3265 5.28 -2.25 50.25
C GLU A 3265 5.72 -3.66 50.62
N SER A 3266 6.91 -3.81 51.20
CA SER A 3266 7.43 -5.12 51.54
C SER A 3266 6.64 -5.77 52.67
N LYS A 3267 6.04 -4.95 53.54
CA LYS A 3267 5.29 -5.46 54.67
C LYS A 3267 3.89 -5.91 54.29
N THR A 3268 3.45 -5.63 53.06
CA THR A 3268 2.12 -6.02 52.61
C THR A 3268 2.01 -7.54 52.43
N ARG A 3269 3.13 -8.22 52.20
CA ARG A 3269 3.13 -9.66 52.06
C ARG A 3269 4.29 -10.22 52.87
N ASP A 3270 4.35 -11.54 52.98
CA ASP A 3270 5.47 -12.13 53.69
C ASP A 3270 6.63 -12.45 52.76
N ASP A 3271 6.32 -12.81 51.51
CA ASP A 3271 7.34 -13.00 50.48
C ASP A 3271 8.12 -11.73 50.25
N TRP A 3272 7.42 -10.61 50.15
CA TRP A 3272 8.08 -9.34 49.88
C TRP A 3272 8.92 -8.92 51.06
N LEU A 3273 8.49 -9.25 52.28
CA LEU A 3273 9.28 -8.89 53.46
C LEU A 3273 10.54 -9.73 53.55
N VAL A 3274 10.46 -11.02 53.24
CA VAL A 3274 11.64 -11.87 53.26
C VAL A 3274 12.63 -11.45 52.18
N SER A 3275 12.13 -11.19 50.97
CA SER A 3275 13.00 -10.78 49.88
C SER A 3275 13.60 -9.40 50.15
N TRP A 3276 12.85 -8.52 50.80
CA TRP A 3276 13.36 -7.21 51.16
C TRP A 3276 14.47 -7.30 52.18
N VAL A 3277 14.26 -8.06 53.26
CA VAL A 3277 15.28 -8.08 54.31
C VAL A 3277 16.51 -8.85 53.84
N GLN A 3278 16.34 -9.79 52.90
CA GLN A 3278 17.51 -10.45 52.36
C GLN A 3278 18.28 -9.53 51.43
N SER A 3279 17.57 -8.70 50.66
CA SER A 3279 18.23 -7.68 49.86
C SER A 3279 18.95 -6.67 50.72
N TYR A 3280 18.35 -6.28 51.84
CA TYR A 3280 18.99 -5.31 52.74
C TYR A 3280 20.23 -5.90 53.38
N CYS A 3281 20.13 -7.14 53.86
CA CYS A 3281 21.25 -7.74 54.56
C CYS A 3281 22.40 -8.05 53.61
N ARG A 3282 22.08 -8.46 52.39
CA ARG A 3282 23.13 -8.70 51.41
C ARG A 3282 23.77 -7.41 50.96
N LEU A 3283 22.98 -6.33 50.84
CA LEU A 3283 23.51 -5.02 50.50
C LEU A 3283 24.42 -4.48 51.60
N SER A 3284 24.06 -4.75 52.85
CA SER A 3284 24.87 -4.29 53.97
C SER A 3284 26.15 -5.10 54.09
N HIS A 3285 26.12 -6.36 53.68
CA HIS A 3285 27.35 -7.15 53.65
C HIS A 3285 28.29 -6.67 52.56
N CYS A 3286 27.75 -6.35 51.38
CA CYS A 3286 28.57 -5.78 50.33
C CYS A 3286 29.01 -4.36 50.64
N ARG A 3287 28.27 -3.65 51.48
CA ARG A 3287 28.64 -2.28 51.84
C ARG A 3287 29.75 -2.26 52.87
N SER A 3288 29.86 -3.29 53.69
CA SER A 3288 30.83 -3.31 54.78
C SER A 3288 32.09 -4.06 54.36
N ARG A 3289 32.73 -3.55 53.31
CA ARG A 3289 34.06 -4.00 52.95
C ARG A 3289 35.04 -2.84 52.92
N SER A 3290 34.65 -1.71 52.33
CA SER A 3290 35.55 -0.55 52.30
C SER A 3290 35.65 0.09 53.67
N GLN A 3291 34.59 0.02 54.46
CA GLN A 3291 34.60 0.58 55.80
C GLN A 3291 35.49 -0.23 56.72
N GLY A 3292 36.32 0.46 57.50
CA GLY A 3292 37.15 -0.19 58.48
C GLY A 3292 36.35 -0.62 59.69
N CYS A 3293 37.08 -1.08 60.70
CA CYS A 3293 36.45 -1.42 61.96
C CYS A 3293 35.92 -0.16 62.63
N SER A 3294 34.88 -0.34 63.45
CA SER A 3294 33.99 0.67 64.03
C SER A 3294 33.20 1.45 62.97
N GLU A 3295 33.22 0.98 61.72
CA GLU A 3295 32.27 1.36 60.68
C GLU A 3295 31.81 0.16 59.87
N GLN A 3296 32.48 -0.98 59.99
CA GLN A 3296 32.01 -2.22 59.40
C GLN A 3296 30.99 -2.87 60.32
N VAL A 3297 31.29 -2.87 61.62
CA VAL A 3297 30.41 -3.48 62.63
C VAL A 3297 29.12 -2.69 62.76
N LEU A 3298 29.17 -1.37 62.57
CA LEU A 3298 27.95 -0.55 62.60
C LEU A 3298 27.04 -0.90 61.43
N THR A 3299 27.63 -1.06 60.25
CA THR A 3299 26.86 -1.30 59.05
C THR A 3299 26.22 -2.68 59.09
N VAL A 3300 26.88 -3.65 59.72
CA VAL A 3300 26.30 -4.98 59.74
C VAL A 3300 25.44 -5.21 60.98
N LEU A 3301 25.57 -4.37 62.01
CA LEU A 3301 24.84 -4.58 63.26
C LEU A 3301 23.36 -4.23 63.13
N LYS A 3302 22.98 -3.43 62.13
CA LYS A 3302 21.56 -3.12 62.01
C LYS A 3302 20.77 -4.25 61.36
N THR A 3303 21.45 -5.27 60.83
CA THR A 3303 20.79 -6.32 60.07
C THR A 3303 20.53 -7.59 60.87
N VAL A 3304 21.01 -7.64 62.12
CA VAL A 3304 20.63 -8.72 63.02
C VAL A 3304 19.36 -8.36 63.78
N SER A 3305 19.02 -7.07 63.86
CA SER A 3305 17.87 -6.59 64.62
C SER A 3305 16.53 -6.95 63.99
N LEU A 3306 16.53 -7.52 62.79
CA LEU A 3306 15.27 -7.82 62.12
C LEU A 3306 15.32 -9.16 61.41
N LEU A 3307 16.19 -10.06 61.84
CA LEU A 3307 16.30 -11.36 61.18
C LEU A 3307 15.96 -12.51 62.11
N ASP A 3308 16.17 -12.37 63.42
CA ASP A 3308 15.60 -13.28 64.41
C ASP A 3308 14.19 -12.87 64.81
N GLU A 3309 13.62 -11.92 64.08
CA GLU A 3309 12.24 -11.47 64.15
C GLU A 3309 11.33 -12.45 63.45
N ASN A 3310 10.20 -11.96 62.95
CA ASN A 3310 9.14 -12.79 62.39
C ASN A 3310 9.48 -13.36 61.02
N ASN A 3311 8.45 -13.75 60.26
CA ASN A 3311 8.36 -14.40 58.92
C ASN A 3311 8.55 -15.90 59.03
N VAL A 3312 8.85 -16.43 60.21
CA VAL A 3312 8.94 -17.88 60.38
C VAL A 3312 7.57 -18.52 60.33
N SER A 3313 6.52 -17.71 60.53
CA SER A 3313 5.14 -18.14 60.54
C SER A 3313 4.71 -18.60 59.17
N SER A 3314 4.83 -19.91 58.94
CA SER A 3314 4.36 -20.67 57.78
C SER A 3314 5.05 -20.31 56.47
N TYR A 3315 6.05 -19.42 56.47
CA TYR A 3315 6.76 -19.09 55.24
C TYR A 3315 8.21 -19.54 55.28
N LEU A 3316 8.95 -19.23 56.34
CA LEU A 3316 10.28 -19.82 56.51
C LEU A 3316 10.22 -21.30 56.84
N SER A 3317 9.04 -21.85 57.12
CA SER A 3317 8.86 -23.30 57.17
C SER A 3317 8.43 -23.90 55.83
N LYS A 3318 7.76 -23.13 54.96
CA LYS A 3318 7.37 -23.70 53.67
C LYS A 3318 8.52 -23.61 52.67
N ASN A 3319 9.30 -22.53 52.72
CA ASN A 3319 10.38 -22.36 51.77
C ASN A 3319 11.67 -22.81 52.41
N ILE A 3320 12.35 -23.76 51.77
CA ILE A 3320 13.60 -24.30 52.31
C ILE A 3320 14.73 -23.46 51.76
N LEU A 3321 14.52 -22.88 50.57
CA LEU A 3321 15.55 -22.02 49.98
C LEU A 3321 15.62 -20.68 50.71
N ALA A 3322 14.47 -20.14 51.10
CA ALA A 3322 14.49 -18.90 51.89
C ALA A 3322 15.09 -19.15 53.27
N PHE A 3323 14.88 -20.34 53.82
CA PHE A 3323 15.52 -20.70 55.08
C PHE A 3323 17.03 -20.82 54.92
N ARG A 3324 17.48 -21.40 53.80
CA ARG A 3324 18.91 -21.53 53.55
C ARG A 3324 19.58 -20.19 53.37
N ASP A 3325 18.95 -19.30 52.60
CA ASP A 3325 19.48 -17.97 52.39
C ASP A 3325 19.46 -17.16 53.67
N GLN A 3326 18.41 -17.34 54.48
CA GLN A 3326 18.30 -16.67 55.77
C GLN A 3326 19.43 -17.06 56.70
N ASN A 3327 19.69 -18.37 56.79
CA ASN A 3327 20.71 -18.86 57.71
C ASN A 3327 22.11 -18.48 57.23
N ILE A 3328 22.37 -18.53 55.92
CA ILE A 3328 23.70 -18.19 55.44
C ILE A 3328 23.93 -16.69 55.52
N LEU A 3329 22.86 -15.88 55.44
CA LEU A 3329 23.00 -14.45 55.62
C LEU A 3329 23.31 -14.09 57.06
N LEU A 3330 22.63 -14.74 58.01
CA LEU A 3330 22.89 -14.43 59.41
C LEU A 3330 24.23 -15.00 59.88
N GLY A 3331 24.66 -16.10 59.29
CA GLY A 3331 25.99 -16.62 59.57
C GLY A 3331 27.09 -15.70 59.07
N THR A 3332 26.91 -15.13 57.88
CA THR A 3332 27.90 -14.16 57.41
C THR A 3332 27.84 -12.88 58.23
N THR A 3333 26.66 -12.50 58.74
CA THR A 3333 26.52 -11.35 59.65
C THR A 3333 27.37 -11.53 60.91
N TYR A 3334 27.22 -12.68 61.57
CA TYR A 3334 27.99 -12.92 62.79
C TYR A 3334 29.47 -13.10 62.50
N ARG A 3335 29.79 -13.66 61.33
CA ARG A 3335 31.19 -13.78 60.92
C ARG A 3335 31.84 -12.43 60.70
N ILE A 3336 31.09 -11.48 60.14
CA ILE A 3336 31.62 -10.14 59.89
C ILE A 3336 31.84 -9.41 61.21
N ILE A 3337 30.90 -9.55 62.15
CA ILE A 3337 31.06 -8.93 63.47
C ILE A 3337 32.26 -9.52 64.20
N ALA A 3338 32.40 -10.85 64.16
CA ALA A 3338 33.48 -11.51 64.91
C ALA A 3338 34.83 -11.26 64.28
N ASN A 3339 34.88 -11.01 62.97
CA ASN A 3339 36.16 -10.69 62.35
C ASN A 3339 36.46 -9.20 62.39
N ALA A 3340 35.44 -8.37 62.64
CA ALA A 3340 35.66 -6.96 62.94
C ALA A 3340 36.17 -6.76 64.35
N LEU A 3341 35.76 -7.62 65.27
CA LEU A 3341 36.19 -7.51 66.66
C LEU A 3341 37.44 -8.30 66.96
N SER A 3342 38.22 -8.68 65.94
CA SER A 3342 39.36 -9.56 66.18
C SER A 3342 40.68 -8.97 65.72
N SER A 3343 40.69 -8.18 64.65
CA SER A 3343 41.94 -7.52 64.28
C SER A 3343 42.20 -6.32 65.17
N GLU A 3344 41.15 -5.59 65.55
CA GLU A 3344 41.24 -4.48 66.50
C GLU A 3344 40.18 -4.67 67.57
N PRO A 3345 40.47 -5.49 68.60
CA PRO A 3345 39.48 -5.68 69.67
C PRO A 3345 39.60 -4.65 70.77
N ALA A 3346 39.90 -3.41 70.38
CA ALA A 3346 39.84 -2.25 71.25
C ALA A 3346 38.75 -1.30 70.78
N CYS A 3347 37.84 -1.81 69.95
CA CYS A 3347 36.80 -1.03 69.32
C CYS A 3347 35.40 -1.41 69.80
N LEU A 3348 35.30 -2.27 70.82
CA LEU A 3348 34.00 -2.81 71.21
C LEU A 3348 33.16 -1.78 71.95
N ALA A 3349 33.73 -1.15 72.97
CA ALA A 3349 33.08 -0.03 73.64
C ALA A 3349 33.45 1.31 73.03
N GLU A 3350 34.27 1.30 71.97
CA GLU A 3350 34.65 2.51 71.27
C GLU A 3350 33.67 2.88 70.16
N ILE A 3351 32.45 2.36 70.22
CA ILE A 3351 31.41 2.76 69.28
C ILE A 3351 30.27 3.47 70.02
N GLU A 3352 29.59 2.74 70.91
CA GLU A 3352 28.38 3.19 71.58
C GLU A 3352 28.05 2.17 72.66
N GLU A 3353 27.36 2.63 73.70
CA GLU A 3353 27.12 1.75 74.85
C GLU A 3353 25.91 0.84 74.63
N ASP A 3354 24.84 1.40 74.07
CA ASP A 3354 23.67 0.60 73.69
C ASP A 3354 24.08 -0.47 72.68
N LYS A 3355 24.91 -0.09 71.71
CA LYS A 3355 25.33 -1.03 70.69
C LYS A 3355 26.36 -2.01 71.22
N ALA A 3356 27.21 -1.59 72.16
CA ALA A 3356 28.17 -2.51 72.77
C ALA A 3356 27.46 -3.53 73.63
N ARG A 3357 26.43 -3.10 74.37
CA ARG A 3357 25.62 -4.04 75.12
C ARG A 3357 24.85 -4.95 74.19
N ARG A 3358 24.47 -4.45 73.01
CA ARG A 3358 23.85 -5.27 71.99
C ARG A 3358 24.81 -6.37 71.51
N ILE A 3359 26.09 -6.04 71.36
CA ILE A 3359 27.09 -7.04 71.00
C ILE A 3359 27.22 -8.10 72.08
N LEU A 3360 27.34 -7.65 73.34
CA LEU A 3360 27.55 -8.62 74.43
C LEU A 3360 26.33 -9.48 74.68
N GLU A 3361 25.12 -8.98 74.39
CA GLU A 3361 23.93 -9.79 74.62
C GLU A 3361 23.65 -10.70 73.43
N LEU A 3362 24.24 -10.40 72.28
CA LEU A 3362 24.07 -11.24 71.10
C LEU A 3362 24.90 -12.51 71.18
N SER A 3363 26.03 -12.44 71.87
CA SER A 3363 26.94 -13.58 71.90
C SER A 3363 26.48 -14.63 72.90
N GLY A 3364 25.81 -14.22 73.96
CA GLY A 3364 25.35 -15.13 74.98
C GLY A 3364 26.30 -15.29 76.14
N SER A 3365 27.61 -15.24 75.88
CA SER A 3365 28.58 -15.18 76.96
C SER A 3365 28.55 -13.80 77.59
N SER A 3366 28.91 -13.74 78.88
CA SER A 3366 28.71 -12.54 79.67
C SER A 3366 29.90 -12.28 80.59
N SER A 3367 30.08 -10.99 80.93
CA SER A 3367 31.03 -10.48 81.91
C SER A 3367 32.48 -10.71 81.50
N GLU A 3368 32.77 -10.66 80.21
CA GLU A 3368 34.14 -10.63 79.75
C GLU A 3368 34.43 -9.31 79.04
N ASP A 3369 35.71 -9.08 78.77
CA ASP A 3369 36.15 -7.93 77.97
C ASP A 3369 36.32 -8.32 76.51
N SER A 3370 37.20 -9.30 76.22
CA SER A 3370 37.44 -9.74 74.85
C SER A 3370 37.66 -11.25 74.73
N GLU A 3371 37.40 -12.03 75.76
CA GLU A 3371 37.88 -13.40 75.81
C GLU A 3371 36.89 -14.43 75.33
N LYS A 3372 35.59 -14.17 75.46
CA LYS A 3372 34.59 -15.15 75.06
C LYS A 3372 33.48 -14.58 74.19
N VAL A 3373 33.37 -13.26 74.05
CA VAL A 3373 32.35 -12.68 73.19
C VAL A 3373 32.65 -12.99 71.72
N ILE A 3374 33.94 -13.02 71.36
CA ILE A 3374 34.32 -13.34 69.99
C ILE A 3374 34.14 -14.81 69.72
N ALA A 3375 34.43 -15.66 70.71
CA ALA A 3375 34.20 -17.09 70.56
C ALA A 3375 32.71 -17.43 70.49
N GLY A 3376 31.88 -16.65 71.19
CA GLY A 3376 30.46 -16.92 71.13
C GLY A 3376 29.83 -16.47 69.83
N LEU A 3377 30.31 -15.34 69.29
CA LEU A 3377 29.88 -14.91 67.96
C LEU A 3377 30.36 -15.88 66.89
N TYR A 3378 31.54 -16.45 67.07
CA TYR A 3378 32.02 -17.49 66.18
C TYR A 3378 31.15 -18.73 66.25
N GLN A 3379 30.73 -19.11 67.45
CA GLN A 3379 29.84 -20.25 67.58
C GLN A 3379 28.48 -19.98 66.98
N ARG A 3380 28.02 -18.73 67.03
CA ARG A 3380 26.75 -18.36 66.40
C ARG A 3380 26.85 -18.45 64.88
N ALA A 3381 27.97 -17.97 64.32
CA ALA A 3381 28.18 -18.06 62.87
C ALA A 3381 28.26 -19.50 62.41
N PHE A 3382 28.97 -20.34 63.16
CA PHE A 3382 29.11 -21.75 62.80
C PHE A 3382 27.78 -22.48 62.92
N GLN A 3383 26.99 -22.11 63.93
CA GLN A 3383 25.66 -22.70 64.10
C GLN A 3383 24.76 -22.38 62.92
N HIS A 3384 24.73 -21.12 62.50
CA HIS A 3384 23.88 -20.72 61.38
C HIS A 3384 24.34 -21.32 60.06
N LEU A 3385 25.66 -21.45 59.86
CA LEU A 3385 26.16 -22.04 58.62
C LEU A 3385 25.90 -23.54 58.58
N SER A 3386 25.96 -24.22 59.73
CA SER A 3386 25.64 -25.63 59.76
C SER A 3386 24.16 -25.87 59.49
N GLU A 3387 23.30 -25.01 60.03
CA GLU A 3387 21.88 -25.05 59.69
C GLU A 3387 21.66 -24.79 58.20
N ALA A 3388 22.49 -23.93 57.61
CA ALA A 3388 22.38 -23.66 56.18
C ALA A 3388 22.76 -24.88 55.36
N VAL A 3389 23.76 -25.64 55.79
CA VAL A 3389 24.16 -26.84 55.04
C VAL A 3389 23.10 -27.93 55.18
N GLN A 3390 22.53 -28.08 56.39
CA GLN A 3390 21.47 -29.06 56.59
C GLN A 3390 20.22 -28.70 55.79
N ALA A 3391 19.89 -27.41 55.69
CA ALA A 3391 18.78 -26.99 54.85
C ALA A 3391 19.18 -26.91 53.38
N ALA A 3392 20.47 -27.04 53.08
CA ALA A 3392 20.98 -26.96 51.72
C ALA A 3392 21.07 -28.30 51.03
N GLU A 3393 21.14 -29.39 51.80
CA GLU A 3393 21.26 -30.72 51.21
C GLU A 3393 20.04 -31.16 50.39
N GLU A 3394 18.91 -30.47 50.52
CA GLU A 3394 17.78 -30.71 49.64
C GLU A 3394 17.65 -29.56 48.67
N ALA A 3406 23.45 -28.34 40.20
CA ALA A 3406 23.66 -27.96 41.58
C ALA A 3406 23.42 -26.46 41.78
N ALA A 3407 24.51 -25.71 41.92
CA ALA A 3407 24.59 -24.24 41.95
C ALA A 3407 23.93 -23.57 43.15
N GLY A 3408 23.29 -24.32 44.04
CA GLY A 3408 22.72 -23.71 45.22
C GLY A 3408 23.34 -24.24 46.49
N VAL A 3409 23.74 -25.51 46.43
CA VAL A 3409 24.34 -26.17 47.59
C VAL A 3409 25.86 -25.99 47.59
N ILE A 3410 26.46 -25.74 46.43
CA ILE A 3410 27.91 -25.51 46.30
C ILE A 3410 28.33 -24.30 47.12
N ASP A 3411 27.50 -23.27 47.14
CA ASP A 3411 27.87 -22.03 47.80
C ASP A 3411 27.80 -22.15 49.32
N ALA A 3412 26.78 -22.83 49.84
CA ALA A 3412 26.69 -23.04 51.29
C ALA A 3412 27.78 -24.00 51.78
N TYR A 3413 28.06 -25.05 50.98
CA TYR A 3413 29.19 -25.93 51.20
C TYR A 3413 30.49 -25.16 51.30
N MET A 3414 30.74 -24.28 50.34
CA MET A 3414 32.02 -23.61 50.26
C MET A 3414 32.15 -22.54 51.34
N THR A 3415 31.06 -21.86 51.69
CA THR A 3415 31.16 -20.85 52.74
C THR A 3415 31.36 -21.49 54.10
N LEU A 3416 30.71 -22.63 54.37
CA LEU A 3416 30.97 -23.33 55.62
C LEU A 3416 32.40 -23.88 55.67
N ALA A 3417 32.87 -24.46 54.57
CA ALA A 3417 34.23 -25.01 54.58
C ALA A 3417 35.27 -23.89 54.61
N ASP A 3418 34.95 -22.73 54.06
CA ASP A 3418 35.88 -21.62 54.08
C ASP A 3418 35.96 -21.03 55.47
N PHE A 3419 34.82 -20.90 56.14
CA PHE A 3419 34.82 -20.41 57.52
C PHE A 3419 35.54 -21.39 58.44
N CYS A 3420 35.33 -22.69 58.25
CA CYS A 3420 35.95 -23.66 59.15
C CYS A 3420 37.44 -23.79 58.88
N ASP A 3421 37.86 -23.65 57.62
CA ASP A 3421 39.29 -23.65 57.31
C ASP A 3421 39.97 -22.38 57.81
N GLN A 3422 39.26 -21.25 57.80
CA GLN A 3422 39.82 -20.03 58.38
C GLN A 3422 39.94 -20.16 59.89
N GLN A 3423 38.97 -20.82 60.53
CA GLN A 3423 39.04 -21.04 61.97
C GLN A 3423 40.15 -22.03 62.33
N LEU A 3424 40.42 -22.98 61.44
CA LEU A 3424 41.54 -23.89 61.69
C LEU A 3424 42.86 -23.18 61.47
N ARG A 3425 42.90 -22.23 60.53
CA ARG A 3425 44.14 -21.52 60.25
C ARG A 3425 44.42 -20.44 61.27
N LYS A 3426 43.40 -19.99 62.01
CA LYS A 3426 43.62 -18.87 62.93
C LYS A 3426 44.43 -19.27 64.15
N GLU A 3427 44.48 -20.57 64.48
CA GLU A 3427 45.10 -21.03 65.72
C GLU A 3427 46.54 -21.48 65.54
N GLU A 3428 47.08 -21.39 64.33
CA GLU A 3428 48.44 -21.84 64.07
C GLU A 3428 49.49 -20.99 64.80
N GLU A 3429 49.14 -19.75 65.17
CA GLU A 3429 50.08 -18.83 65.82
C GLU A 3429 49.65 -18.49 67.24
N ASN A 3430 48.67 -19.21 67.79
CA ASN A 3430 48.29 -19.08 69.19
C ASN A 3430 48.57 -20.41 69.87
N ALA A 3431 49.10 -20.33 71.09
CA ALA A 3431 49.51 -21.50 71.85
C ALA A 3431 48.42 -21.80 72.87
N SER A 3432 47.47 -22.64 72.48
CA SER A 3432 46.34 -22.96 73.33
C SER A 3432 45.84 -24.35 73.01
N VAL A 3433 45.30 -24.99 74.04
CA VAL A 3433 44.75 -26.33 73.91
C VAL A 3433 43.23 -26.34 74.12
N ILE A 3434 42.71 -25.37 74.87
CA ILE A 3434 41.27 -25.17 74.94
C ILE A 3434 40.73 -24.81 73.57
N ASP A 3435 41.45 -23.93 72.87
CA ASP A 3435 41.02 -23.48 71.55
C ASP A 3435 41.14 -24.62 70.54
N SER A 3436 42.21 -25.40 70.64
CA SER A 3436 42.35 -26.57 69.75
C SER A 3436 41.29 -27.62 70.04
N ALA A 3437 40.86 -27.71 71.31
CA ALA A 3437 39.84 -28.68 71.69
C ALA A 3437 38.45 -28.22 71.26
N GLU A 3438 38.24 -26.93 71.07
CA GLU A 3438 36.97 -26.50 70.51
C GLU A 3438 37.01 -26.32 69.00
N LEU A 3439 38.19 -26.41 68.37
CA LEU A 3439 38.26 -26.45 66.91
C LEU A 3439 38.51 -27.84 66.33
N GLN A 3440 38.70 -28.86 67.17
CA GLN A 3440 38.96 -30.21 66.66
C GLN A 3440 37.77 -30.84 65.93
N ALA A 3441 36.56 -30.34 66.11
CA ALA A 3441 35.42 -30.87 65.36
C ALA A 3441 35.36 -30.35 63.92
N TYR A 3442 36.20 -29.38 63.58
CA TYR A 3442 36.19 -28.70 62.29
C TYR A 3442 36.85 -29.41 61.09
N PRO A 3443 38.03 -30.09 61.19
CA PRO A 3443 38.65 -30.65 59.97
C PRO A 3443 37.83 -31.65 59.19
N ALA A 3444 36.98 -32.44 59.85
CA ALA A 3444 36.10 -33.33 59.13
C ALA A 3444 35.08 -32.56 58.31
N LEU A 3445 34.55 -31.48 58.88
CA LEU A 3445 33.56 -30.66 58.21
C LEU A 3445 34.20 -29.67 57.25
N VAL A 3446 35.52 -29.63 57.20
CA VAL A 3446 36.23 -28.97 56.11
C VAL A 3446 36.35 -29.96 54.96
N VAL A 3447 36.94 -31.12 55.24
CA VAL A 3447 37.34 -32.06 54.20
C VAL A 3447 36.14 -32.65 53.49
N GLU A 3448 35.15 -33.13 54.26
CA GLU A 3448 33.99 -33.77 53.66
C GLU A 3448 33.18 -32.80 52.84
N LYS A 3449 32.95 -31.59 53.36
CA LYS A 3449 32.16 -30.60 52.64
C LYS A 3449 32.87 -30.07 51.41
N MET A 3450 34.20 -29.94 51.46
CA MET A 3450 34.93 -29.48 50.29
C MET A 3450 34.98 -30.54 49.20
N LEU A 3451 35.11 -31.82 49.57
CA LEU A 3451 35.08 -32.86 48.54
C LEU A 3451 33.66 -33.07 48.01
N LYS A 3452 32.65 -32.85 48.85
CA LYS A 3452 31.28 -32.95 48.37
C LYS A 3452 30.88 -31.76 47.53
N ALA A 3453 31.63 -30.65 47.63
CA ALA A 3453 31.47 -29.57 46.67
C ALA A 3453 32.20 -29.88 45.38
N LEU A 3454 33.39 -30.47 45.48
CA LEU A 3454 34.19 -30.81 44.31
C LEU A 3454 33.52 -31.86 43.45
N LYS A 3455 32.75 -32.76 44.06
CA LYS A 3455 31.96 -33.73 43.30
C LYS A 3455 30.86 -33.08 42.46
N LEU A 3456 30.46 -31.85 42.76
CA LEU A 3456 29.47 -31.14 41.96
C LEU A 3456 30.13 -30.12 41.02
N ASN A 3457 31.33 -30.43 40.52
CA ASN A 3457 32.01 -29.72 39.43
C ASN A 3457 32.26 -28.24 39.79
N SER A 3458 33.10 -28.04 40.80
CA SER A 3458 33.37 -26.71 41.35
C SER A 3458 34.83 -26.35 41.18
N ASN A 3459 35.10 -25.19 40.59
CA ASN A 3459 36.48 -24.72 40.47
C ASN A 3459 37.02 -24.26 41.81
N GLU A 3460 36.16 -23.70 42.65
CA GLU A 3460 36.60 -23.11 43.90
C GLU A 3460 37.00 -24.17 44.92
N ALA A 3461 36.48 -25.39 44.78
CA ALA A 3461 36.96 -26.49 45.59
C ALA A 3461 38.17 -27.15 44.96
N ARG A 3462 38.32 -27.04 43.64
CA ARG A 3462 39.45 -27.65 42.97
C ARG A 3462 40.72 -26.85 43.18
N LEU A 3463 40.61 -25.55 43.40
CA LEU A 3463 41.80 -24.78 43.73
C LEU A 3463 42.18 -24.87 45.19
N LYS A 3464 41.31 -25.44 46.02
CA LYS A 3464 41.58 -25.62 47.44
C LYS A 3464 41.92 -27.06 47.79
N PHE A 3465 42.40 -27.83 46.83
CA PHE A 3465 42.79 -29.20 47.08
C PHE A 3465 44.14 -29.37 47.80
N PRO A 3466 45.19 -28.55 47.58
CA PRO A 3466 46.36 -28.67 48.45
C PRO A 3466 46.12 -28.36 49.91
N ARG A 3467 45.07 -27.60 50.25
CA ARG A 3467 44.68 -27.49 51.65
C ARG A 3467 44.21 -28.83 52.19
N LEU A 3468 43.51 -29.62 51.37
CA LEU A 3468 43.11 -30.97 51.76
C LEU A 3468 44.31 -31.87 51.94
N LEU A 3469 45.28 -31.78 51.03
CA LEU A 3469 46.46 -32.62 51.16
C LEU A 3469 47.40 -32.15 52.27
N GLN A 3470 47.24 -30.93 52.73
CA GLN A 3470 48.03 -30.40 53.82
C GLN A 3470 47.39 -30.65 55.18
N ILE A 3471 46.07 -30.75 55.21
CA ILE A 3471 45.37 -30.86 56.49
C ILE A 3471 45.47 -32.25 57.10
N ILE A 3472 45.93 -33.25 56.34
CA ILE A 3472 46.10 -34.58 56.89
C ILE A 3472 47.41 -34.67 57.66
N GLU A 3473 48.40 -33.89 57.24
CA GLU A 3473 49.65 -33.78 57.98
C GLU A 3473 49.47 -33.13 59.35
N ARG A 3474 48.37 -32.41 59.53
CA ARG A 3474 48.06 -31.72 60.78
C ARG A 3474 46.99 -32.42 61.59
N TYR A 3475 46.03 -33.08 60.94
CA TYR A 3475 44.95 -33.79 61.62
C TYR A 3475 44.78 -35.15 60.96
N PRO A 3476 45.68 -36.11 61.25
CA PRO A 3476 45.65 -37.38 60.51
C PRO A 3476 44.62 -38.36 61.02
N GLU A 3477 44.32 -38.37 62.33
CA GLU A 3477 43.56 -39.48 62.87
C GLU A 3477 42.05 -39.28 62.85
N GLU A 3478 41.56 -38.03 62.75
CA GLU A 3478 40.14 -37.86 62.51
C GLU A 3478 39.82 -37.70 61.03
N THR A 3479 40.76 -37.18 60.24
CA THR A 3479 40.62 -37.07 58.79
C THR A 3479 41.82 -37.75 58.16
N LEU A 3480 41.74 -39.06 57.96
CA LEU A 3480 42.44 -39.64 56.82
C LEU A 3480 41.52 -40.65 56.16
N SER A 3481 40.76 -41.40 56.96
CA SER A 3481 39.86 -42.39 56.39
C SER A 3481 38.61 -41.72 55.85
N LEU A 3482 38.21 -40.60 56.45
CA LEU A 3482 37.15 -39.80 55.88
C LEU A 3482 37.56 -39.24 54.52
N MET A 3483 38.80 -38.75 54.41
CA MET A 3483 39.26 -38.23 53.13
C MET A 3483 39.44 -39.36 52.11
N THR A 3484 39.82 -40.54 52.60
CA THR A 3484 39.97 -41.71 51.75
C THR A 3484 38.64 -42.16 51.16
N LYS A 3485 37.60 -42.20 51.99
CA LYS A 3485 36.31 -42.63 51.46
C LYS A 3485 35.56 -41.51 50.76
N GLU A 3486 35.95 -40.25 50.99
CA GLU A 3486 35.20 -39.16 50.39
C GLU A 3486 35.81 -38.73 49.05
N ILE A 3487 37.07 -39.10 48.80
CA ILE A 3487 37.61 -38.92 47.45
C ILE A 3487 36.95 -39.86 46.46
N SER A 3488 36.56 -41.07 46.90
CA SER A 3488 36.27 -42.15 45.95
C SER A 3488 35.00 -41.90 45.13
N SER A 3489 34.13 -41.00 45.57
CA SER A 3489 32.93 -40.68 44.83
C SER A 3489 33.12 -39.50 43.87
N VAL A 3490 34.21 -38.77 44.03
CA VAL A 3490 34.56 -37.63 43.16
C VAL A 3490 34.95 -38.19 41.80
N PRO A 3491 34.51 -37.58 40.70
CA PRO A 3491 34.83 -38.09 39.38
C PRO A 3491 36.32 -38.10 39.05
N CYS A 3492 36.65 -38.76 37.96
CA CYS A 3492 37.98 -39.33 37.74
C CYS A 3492 39.01 -38.27 37.39
N TRP A 3493 38.55 -37.11 37.01
CA TRP A 3493 39.38 -36.18 36.26
C TRP A 3493 39.64 -34.87 36.97
N GLN A 3494 39.16 -34.66 38.17
CA GLN A 3494 39.36 -33.41 38.86
C GLN A 3494 40.65 -33.36 39.65
N PHE A 3495 41.57 -34.27 39.36
CA PHE A 3495 42.86 -34.27 40.00
C PHE A 3495 44.02 -34.25 39.02
N ILE A 3496 43.75 -34.20 37.72
CA ILE A 3496 44.78 -34.24 36.71
C ILE A 3496 45.63 -32.98 36.74
N SER A 3497 45.06 -31.87 37.22
CA SER A 3497 45.87 -30.69 37.46
C SER A 3497 46.76 -30.87 38.69
N TRP A 3498 46.31 -31.64 39.67
CA TRP A 3498 47.05 -31.81 40.91
C TRP A 3498 47.81 -33.13 40.94
N ILE A 3499 48.20 -33.62 39.78
CA ILE A 3499 48.73 -34.96 39.66
C ILE A 3499 50.25 -34.98 39.85
N SER A 3500 50.85 -33.84 40.16
CA SER A 3500 52.22 -33.79 40.64
C SER A 3500 52.31 -33.64 42.15
N HIS A 3501 51.22 -33.26 42.81
CA HIS A 3501 51.17 -33.37 44.26
C HIS A 3501 50.96 -34.81 44.69
N MET A 3502 50.11 -35.51 43.95
CA MET A 3502 49.65 -36.84 44.36
C MET A 3502 50.74 -37.89 44.19
N VAL A 3503 51.39 -37.91 43.02
CA VAL A 3503 52.41 -38.93 42.80
C VAL A 3503 53.69 -38.63 43.55
N ALA A 3504 53.83 -37.45 44.13
CA ALA A 3504 54.98 -37.17 44.98
C ALA A 3504 54.64 -37.40 46.45
N LEU A 3505 53.37 -37.28 46.81
CA LEU A 3505 52.91 -37.68 48.12
C LEU A 3505 52.74 -39.20 48.24
N LEU A 3506 52.79 -39.92 47.12
CA LEU A 3506 52.67 -41.37 47.08
C LEU A 3506 53.81 -42.15 47.81
N ASP A 3507 54.79 -41.53 48.48
CA ASP A 3507 55.71 -42.23 49.36
C ASP A 3507 55.50 -41.97 50.84
N LYS A 3508 54.91 -40.83 51.21
CA LYS A 3508 54.81 -40.45 52.61
C LYS A 3508 53.81 -41.33 53.33
N ASP A 3509 53.70 -41.10 54.64
CA ASP A 3509 52.76 -41.88 55.43
C ASP A 3509 51.40 -41.19 55.50
N GLN A 3510 50.94 -40.76 54.33
CA GLN A 3510 49.56 -40.33 54.11
C GLN A 3510 49.08 -40.79 52.75
N ALA A 3511 49.82 -41.65 52.08
CA ALA A 3511 49.49 -42.09 50.73
C ALA A 3511 48.52 -43.26 50.75
N VAL A 3512 47.42 -43.11 51.47
CA VAL A 3512 46.33 -44.07 51.40
C VAL A 3512 45.05 -43.43 50.89
N ALA A 3513 44.94 -42.10 50.96
CA ALA A 3513 43.76 -41.35 50.54
C ALA A 3513 43.86 -40.90 49.11
N VAL A 3514 44.99 -41.18 48.48
CA VAL A 3514 45.34 -40.72 47.15
C VAL A 3514 45.40 -41.89 46.17
N GLN A 3515 45.52 -43.11 46.70
CA GLN A 3515 45.86 -44.29 45.90
C GLN A 3515 44.75 -44.70 44.96
N HIS A 3516 43.49 -44.57 45.38
CA HIS A 3516 42.38 -44.91 44.49
C HIS A 3516 42.35 -43.98 43.29
N SER A 3517 42.60 -42.70 43.51
CA SER A 3517 42.61 -41.74 42.40
C SER A 3517 43.81 -41.93 41.49
N VAL A 3518 44.98 -42.25 42.07
CA VAL A 3518 46.16 -42.48 41.23
C VAL A 3518 46.00 -43.74 40.39
N GLU A 3519 45.47 -44.81 40.98
CA GLU A 3519 45.30 -46.05 40.23
C GLU A 3519 44.20 -45.93 39.19
N GLU A 3520 43.19 -45.09 39.44
CA GLU A 3520 42.16 -45.01 38.43
C GLU A 3520 42.52 -44.01 37.33
N ILE A 3521 43.35 -43.01 37.62
CA ILE A 3521 43.88 -42.17 36.55
C ILE A 3521 44.82 -42.99 35.69
N THR A 3522 45.58 -43.88 36.32
CA THR A 3522 46.39 -44.86 35.59
C THR A 3522 45.53 -45.78 34.74
N ASP A 3523 44.33 -46.12 35.23
CA ASP A 3523 43.37 -46.89 34.43
C ASP A 3523 42.89 -46.09 33.21
N ASN A 3524 42.25 -44.95 33.47
CA ASN A 3524 41.49 -44.25 32.43
C ASN A 3524 42.39 -43.48 31.48
N TYR A 3525 43.39 -42.77 32.01
CA TYR A 3525 44.22 -41.87 31.22
C TYR A 3525 45.68 -42.20 31.50
N PRO A 3526 46.22 -43.25 30.89
CA PRO A 3526 47.62 -43.59 31.15
C PRO A 3526 48.57 -42.83 30.26
N GLN A 3527 48.34 -41.54 30.10
CA GLN A 3527 49.21 -40.64 29.37
C GLN A 3527 49.37 -39.32 30.08
N ALA A 3528 48.60 -39.07 31.13
CA ALA A 3528 48.72 -37.90 31.97
C ALA A 3528 49.71 -38.11 33.11
N ILE A 3529 49.79 -39.32 33.65
CA ILE A 3529 50.42 -39.56 34.94
C ILE A 3529 51.80 -40.15 34.73
N VAL A 3530 52.16 -40.41 33.48
CA VAL A 3530 53.35 -41.22 33.20
C VAL A 3530 54.62 -40.43 33.49
N TYR A 3531 54.79 -39.27 32.85
CA TYR A 3531 55.98 -38.47 33.07
C TYR A 3531 56.13 -37.95 34.51
N PRO A 3532 55.07 -37.53 35.23
CA PRO A 3532 55.26 -37.29 36.66
C PRO A 3532 55.63 -38.53 37.45
N PHE A 3533 55.18 -39.72 37.04
CA PHE A 3533 55.61 -40.93 37.72
C PHE A 3533 57.06 -41.23 37.44
N ILE A 3534 57.52 -40.99 36.21
CA ILE A 3534 58.89 -41.32 35.85
C ILE A 3534 59.87 -40.35 36.51
N ILE A 3535 59.46 -39.09 36.69
CA ILE A 3535 60.32 -38.19 37.46
C ILE A 3535 60.21 -38.46 38.96
N SER A 3536 59.04 -38.86 39.46
CA SER A 3536 58.87 -38.97 40.90
C SER A 3536 59.46 -40.26 41.42
N SER A 3537 59.59 -41.27 40.57
CA SER A 3537 60.02 -42.59 41.02
C SER A 3537 61.51 -42.68 41.32
N GLU A 3538 62.26 -41.60 41.17
CA GLU A 3538 63.69 -41.63 41.45
C GLU A 3538 64.03 -41.27 42.90
N SER A 3539 63.04 -40.98 43.75
CA SER A 3539 63.32 -40.69 45.15
C SER A 3539 62.07 -41.03 45.97
N TYR A 3540 62.08 -42.17 46.60
CA TYR A 3540 60.88 -42.52 47.34
C TYR A 3540 61.12 -42.86 48.81
N SER A 3541 62.15 -43.63 49.16
CA SER A 3541 62.62 -43.85 50.55
C SER A 3541 61.50 -44.36 51.46
N PHE A 3542 61.11 -45.60 51.20
CA PHE A 3542 59.81 -46.11 51.63
C PHE A 3542 59.67 -46.35 53.14
N LYS A 3543 60.76 -46.35 53.93
CA LYS A 3543 60.78 -46.43 55.40
C LYS A 3543 60.03 -47.65 55.94
N ASP A 3544 60.73 -48.79 55.90
CA ASP A 3544 60.23 -50.11 56.28
C ASP A 3544 59.50 -50.12 57.62
N THR A 3545 58.18 -50.27 57.53
CA THR A 3545 57.27 -50.47 58.65
C THR A 3545 56.25 -51.49 58.21
N SER A 3546 55.21 -51.67 59.04
CA SER A 3546 54.08 -52.50 58.62
C SER A 3546 53.22 -51.82 57.57
N THR A 3547 53.35 -50.51 57.41
CA THR A 3547 52.60 -49.73 56.43
C THR A 3547 53.28 -49.68 55.07
N GLY A 3548 54.60 -49.48 55.05
CA GLY A 3548 55.33 -49.08 53.85
C GLY A 3548 55.40 -50.13 52.76
N HIS A 3549 55.21 -51.40 53.11
CA HIS A 3549 55.26 -52.47 52.09
C HIS A 3549 54.08 -52.35 51.14
N LYS A 3550 52.93 -51.91 51.66
CA LYS A 3550 51.76 -51.64 50.83
C LYS A 3550 52.05 -50.54 49.83
N ASN A 3551 52.75 -49.49 50.25
CA ASN A 3551 53.07 -48.40 49.35
C ASN A 3551 54.11 -48.82 48.32
N LYS A 3552 55.08 -49.66 48.72
CA LYS A 3552 56.05 -50.20 47.76
C LYS A 3552 55.35 -51.01 46.68
N GLU A 3553 54.42 -51.87 47.09
CA GLU A 3553 53.70 -52.70 46.13
C GLU A 3553 52.74 -51.87 45.29
N PHE A 3554 52.20 -50.78 45.85
CA PHE A 3554 51.34 -49.91 45.05
C PHE A 3554 52.12 -49.19 43.96
N VAL A 3555 53.31 -48.67 44.31
CA VAL A 3555 54.16 -48.00 43.32
C VAL A 3555 54.60 -49.00 42.26
N ALA A 3556 54.89 -50.24 42.66
CA ALA A 3556 55.30 -51.26 41.71
C ALA A 3556 54.15 -51.65 40.78
N ARG A 3557 52.93 -51.69 41.31
CA ARG A 3557 51.78 -52.02 40.47
C ARG A 3557 51.43 -50.88 39.53
N ILE A 3558 51.62 -49.63 39.97
CA ILE A 3558 51.44 -48.48 39.09
C ILE A 3558 52.45 -48.50 37.96
N LYS A 3559 53.70 -48.88 38.28
CA LYS A 3559 54.72 -49.04 37.25
C LYS A 3559 54.37 -50.17 36.29
N SER A 3560 53.75 -51.24 36.80
CA SER A 3560 53.31 -52.33 35.93
C SER A 3560 52.15 -51.91 35.03
N LYS A 3561 51.28 -51.05 35.55
CA LYS A 3561 50.13 -50.58 34.76
C LYS A 3561 50.53 -49.55 33.72
N LEU A 3562 51.64 -48.86 33.93
CA LEU A 3562 52.13 -47.90 32.95
C LEU A 3562 53.25 -48.50 32.11
N ASP A 3563 53.62 -47.77 31.06
CA ASP A 3563 54.79 -47.89 30.20
C ASP A 3563 54.80 -49.07 29.24
N GLN A 3564 53.95 -50.08 29.47
CA GLN A 3564 53.24 -50.90 28.47
C GLN A 3564 53.90 -51.10 27.13
N GLY A 3565 55.14 -51.60 27.12
CA GLY A 3565 55.89 -51.76 25.90
C GLY A 3565 57.12 -50.87 25.80
N GLY A 3566 57.36 -50.03 26.79
CA GLY A 3566 58.58 -49.25 26.84
C GLY A 3566 58.67 -48.15 25.81
N VAL A 3567 57.55 -47.76 25.21
CA VAL A 3567 57.59 -46.76 24.15
C VAL A 3567 57.82 -45.37 24.73
N ILE A 3568 57.32 -45.11 25.94
CA ILE A 3568 57.58 -43.83 26.60
C ILE A 3568 59.03 -43.77 27.06
N GLN A 3569 59.54 -44.87 27.64
CA GLN A 3569 60.93 -44.93 28.07
C GLN A 3569 61.88 -44.89 26.88
N ASP A 3570 61.45 -45.41 25.73
CA ASP A 3570 62.22 -45.28 24.50
C ASP A 3570 62.25 -43.84 24.03
N PHE A 3571 61.12 -43.13 24.11
CA PHE A 3571 61.06 -41.72 23.73
C PHE A 3571 61.94 -40.87 24.63
N ILE A 3572 61.93 -41.15 25.93
CA ILE A 3572 62.82 -40.48 26.89
C ILE A 3572 64.27 -40.73 26.54
N ASN A 3573 64.62 -41.99 26.27
CA ASN A 3573 66.01 -42.34 26.00
C ASN A 3573 66.44 -41.89 24.61
N ALA A 3574 65.48 -41.58 23.74
CA ALA A 3574 65.78 -41.05 22.42
C ALA A 3574 65.89 -39.54 22.43
N LEU A 3575 65.24 -38.88 23.39
CA LEU A 3575 65.46 -37.46 23.59
C LEU A 3575 66.73 -37.19 24.37
N ASP A 3576 67.16 -38.15 25.18
CA ASP A 3576 68.40 -37.99 25.92
C ASP A 3576 69.63 -38.04 25.04
N GLN A 3577 69.49 -38.48 23.79
CA GLN A 3577 70.62 -38.54 22.88
C GLN A 3577 70.94 -37.19 22.24
N LEU A 3578 69.96 -36.31 22.11
CA LEU A 3578 70.22 -34.99 21.55
C LEU A 3578 70.56 -33.97 22.63
N SER A 3579 71.55 -34.32 23.43
CA SER A 3579 72.23 -33.36 24.28
C SER A 3579 73.69 -33.34 23.86
N ASN A 3580 74.32 -32.19 24.02
CA ASN A 3580 75.75 -32.12 23.83
C ASN A 3580 76.40 -32.92 24.95
N PRO A 3581 77.28 -33.89 24.65
CA PRO A 3581 77.89 -34.67 25.73
C PRO A 3581 78.88 -33.88 26.56
N GLU A 3582 79.36 -32.76 26.03
CA GLU A 3582 80.29 -31.90 26.76
C GLU A 3582 79.60 -31.24 27.96
N LEU A 3583 78.34 -30.84 27.80
CA LEU A 3583 77.58 -30.32 28.91
C LEU A 3583 77.32 -31.38 29.97
N LEU A 3584 77.02 -32.61 29.55
CA LEU A 3584 76.77 -33.70 30.49
C LEU A 3584 78.03 -34.04 31.27
N PHE A 3585 79.19 -33.96 30.60
CA PHE A 3585 80.49 -34.12 31.25
C PHE A 3585 80.72 -33.02 32.29
N LYS A 3586 80.36 -31.79 31.94
CA LYS A 3586 80.49 -30.66 32.86
C LYS A 3586 79.64 -30.84 34.11
N ASP A 3587 78.38 -31.27 33.93
CA ASP A 3587 77.52 -31.52 35.08
C ASP A 3587 78.01 -32.70 35.91
N TRP A 3588 78.55 -33.74 35.25
CA TRP A 3588 79.09 -34.89 35.97
C TRP A 3588 80.28 -34.50 36.82
N SER A 3589 81.15 -33.65 36.28
CA SER A 3589 82.32 -33.20 37.02
C SER A 3589 81.93 -32.31 38.19
N ASN A 3590 80.94 -31.44 37.99
CA ASN A 3590 80.47 -30.59 39.09
C ASN A 3590 79.83 -31.41 40.21
N ASP A 3591 79.02 -32.42 39.84
CA ASP A 3591 78.35 -33.20 40.88
C ASP A 3591 79.32 -34.14 41.59
N VAL A 3592 80.33 -34.64 40.85
CA VAL A 3592 81.38 -35.42 41.49
C VAL A 3592 82.19 -34.55 42.45
N ARG A 3593 82.46 -33.30 42.06
CA ARG A 3593 83.20 -32.40 42.94
C ARG A 3593 82.41 -32.04 44.18
N ALA A 3594 81.09 -31.89 44.04
CA ALA A 3594 80.23 -31.69 45.21
C ALA A 3594 80.18 -32.94 46.08
N GLU A 3595 80.33 -34.12 45.48
CA GLU A 3595 80.37 -35.35 46.26
C GLU A 3595 81.67 -35.49 47.04
N LEU A 3596 82.79 -35.14 46.41
CA LEU A 3596 84.08 -35.32 47.08
C LEU A 3596 84.43 -34.17 48.02
N ALA A 3597 83.77 -33.02 47.88
CA ALA A 3597 84.05 -31.90 48.78
C ALA A 3597 83.42 -32.06 50.16
N LYS A 3598 82.83 -33.22 50.48
CA LYS A 3598 82.35 -33.51 51.81
C LYS A 3598 83.05 -34.76 52.33
N THR A 3599 83.71 -34.62 53.48
CA THR A 3599 84.14 -35.76 54.28
C THR A 3599 82.90 -36.38 54.91
N PRO A 3600 82.86 -37.73 55.10
CA PRO A 3600 83.72 -38.91 55.05
C PRO A 3600 83.61 -39.73 53.78
N VAL A 3601 83.74 -39.09 52.61
CA VAL A 3601 83.36 -39.54 51.27
C VAL A 3601 83.65 -41.02 50.99
N ASN A 3602 82.63 -41.73 50.53
CA ASN A 3602 82.66 -43.18 50.42
C ASN A 3602 82.38 -43.65 49.00
N LYS A 3603 82.72 -44.91 48.75
CA LYS A 3603 82.40 -45.59 47.50
C LYS A 3603 81.01 -46.21 47.52
N LYS A 3604 80.23 -46.02 48.59
CA LYS A 3604 78.84 -46.44 48.66
C LYS A 3604 77.94 -45.59 47.76
N ASN A 3605 78.39 -44.39 47.39
CA ASN A 3605 77.63 -43.51 46.53
C ASN A 3605 78.49 -42.85 45.44
N ILE A 3606 79.68 -43.37 45.15
CA ILE A 3606 80.43 -42.92 43.98
C ILE A 3606 80.24 -43.90 42.83
N GLU A 3607 79.96 -45.17 43.14
CA GLU A 3607 79.52 -46.13 42.13
C GLU A 3607 78.27 -45.66 41.42
N LYS A 3608 77.33 -45.07 42.16
CA LYS A 3608 76.07 -44.62 41.58
C LYS A 3608 76.25 -43.42 40.68
N MET A 3609 77.35 -42.69 40.83
CA MET A 3609 77.63 -41.67 39.83
C MET A 3609 78.46 -42.20 38.67
N TYR A 3610 79.35 -43.17 38.92
CA TYR A 3610 80.17 -43.65 37.81
C TYR A 3610 79.38 -44.54 36.85
N GLU A 3611 78.37 -45.25 37.37
CA GLU A 3611 77.60 -46.16 36.53
C GLU A 3611 76.83 -45.42 35.44
N ARG A 3612 76.27 -44.25 35.74
CA ARG A 3612 75.46 -43.56 34.75
C ARG A 3612 76.33 -42.86 33.73
N MET A 3613 77.48 -42.36 34.16
CA MET A 3613 78.38 -41.70 33.21
C MET A 3613 79.10 -42.73 32.36
N TYR A 3614 79.21 -43.98 32.84
CA TYR A 3614 79.72 -45.03 31.97
C TYR A 3614 78.63 -45.58 31.07
N ALA A 3615 77.38 -45.55 31.51
CA ALA A 3615 76.29 -45.99 30.64
C ALA A 3615 76.02 -44.97 29.55
N ALA A 3616 76.32 -43.69 29.82
CA ALA A 3616 76.07 -42.61 28.87
C ALA A 3616 77.31 -42.30 28.03
N LEU A 3617 78.40 -41.90 28.70
CA LEU A 3617 79.61 -41.46 28.02
C LEU A 3617 80.76 -42.45 28.17
N GLY A 3618 80.44 -43.72 28.44
CA GLY A 3618 81.43 -44.79 28.45
C GLY A 3618 81.19 -45.82 27.37
N ASP A 3619 80.52 -46.93 27.72
CA ASP A 3619 80.33 -48.14 26.91
C ASP A 3619 79.64 -47.86 25.58
N PRO A 3620 80.27 -48.18 24.45
CA PRO A 3620 79.67 -47.87 23.15
C PRO A 3620 78.46 -48.71 22.79
N LYS A 3621 78.42 -49.98 23.20
CA LYS A 3621 77.25 -50.83 22.96
C LYS A 3621 76.12 -50.41 23.92
N ALA A 3622 75.41 -49.37 23.50
CA ALA A 3622 74.50 -48.60 24.34
C ALA A 3622 73.07 -49.08 24.14
N PRO A 3623 72.10 -48.56 24.90
CA PRO A 3623 70.70 -48.74 24.48
C PRO A 3623 70.36 -48.09 23.16
N GLY A 3624 71.05 -47.02 22.78
CA GLY A 3624 70.82 -46.36 21.52
C GLY A 3624 71.60 -45.08 21.40
N LEU A 3625 72.09 -44.77 20.20
CA LEU A 3625 72.87 -43.57 19.90
C LEU A 3625 72.90 -43.41 18.38
N GLY A 3626 73.58 -42.37 17.92
CA GLY A 3626 73.70 -42.13 16.50
C GLY A 3626 75.03 -41.61 16.03
N ALA A 3627 75.03 -40.89 14.91
CA ALA A 3627 76.24 -40.42 14.25
C ALA A 3627 76.84 -39.18 14.88
N PHE A 3628 76.55 -38.93 16.15
CA PHE A 3628 77.20 -37.90 16.94
C PHE A 3628 77.87 -38.49 18.18
N ARG A 3629 77.17 -39.39 18.87
CA ARG A 3629 77.71 -39.97 20.10
C ARG A 3629 78.85 -40.94 19.81
N ARG A 3630 78.77 -41.69 18.70
CA ARG A 3630 79.87 -42.59 18.39
C ARG A 3630 81.11 -41.82 17.97
N LYS A 3631 80.92 -40.67 17.32
CA LYS A 3631 82.04 -39.79 16.99
C LYS A 3631 82.62 -39.18 18.25
N PHE A 3632 81.78 -38.94 19.25
CA PHE A 3632 82.27 -38.51 20.56
C PHE A 3632 83.08 -39.62 21.23
N ILE A 3633 82.50 -40.82 21.31
CA ILE A 3633 83.02 -41.86 22.18
C ILE A 3633 84.30 -42.46 21.60
N GLN A 3634 84.32 -42.75 20.29
CA GLN A 3634 85.53 -43.31 19.69
C GLN A 3634 86.69 -42.27 19.56
N THR A 3635 86.55 -41.03 20.06
CA THR A 3635 87.67 -40.13 20.26
C THR A 3635 87.86 -39.67 21.70
N PHE A 3636 86.96 -39.99 22.64
CA PHE A 3636 87.19 -39.60 24.04
C PHE A 3636 86.99 -40.66 25.11
N GLY A 3637 86.44 -41.83 24.80
CA GLY A 3637 86.29 -42.84 25.83
C GLY A 3637 87.59 -43.51 26.19
N LYS A 3638 88.53 -43.55 25.24
CA LYS A 3638 89.87 -44.03 25.50
C LYS A 3638 90.67 -43.11 26.40
N GLU A 3639 90.24 -41.87 26.58
CA GLU A 3639 90.79 -40.97 27.59
C GLU A 3639 90.06 -41.06 28.92
N PHE A 3640 89.26 -42.10 29.15
CA PHE A 3640 88.58 -42.32 30.42
C PHE A 3640 89.05 -43.57 31.11
N ASP A 3641 89.38 -44.61 30.35
CA ASP A 3641 89.77 -45.89 30.93
C ASP A 3641 91.23 -45.92 31.32
N LYS A 3642 92.01 -44.89 31.01
CA LYS A 3642 93.37 -44.79 31.51
C LYS A 3642 93.57 -43.55 32.35
N HIS A 3643 92.86 -42.46 32.03
CA HIS A 3643 92.95 -41.25 32.83
C HIS A 3643 92.16 -41.33 34.13
N PHE A 3644 91.09 -42.12 34.18
CA PHE A 3644 90.56 -42.54 35.46
C PHE A 3644 90.74 -44.04 35.66
N GLY A 3645 90.17 -44.86 34.79
CA GLY A 3645 90.41 -46.28 34.85
C GLY A 3645 89.36 -46.99 35.67
N LYS A 3646 88.42 -47.68 35.00
CA LYS A 3646 87.53 -48.71 35.56
C LYS A 3646 86.49 -48.16 36.52
N GLY A 3647 86.61 -46.91 36.94
CA GLY A 3647 85.69 -46.33 37.90
C GLY A 3647 86.07 -46.68 39.33
N GLY A 3648 85.32 -47.59 39.94
CA GLY A 3648 85.40 -47.84 41.37
C GLY A 3648 86.53 -48.74 41.81
N SER A 3649 87.69 -48.64 41.14
CA SER A 3649 88.91 -49.27 41.58
C SER A 3649 90.14 -48.38 41.45
N LYS A 3650 90.02 -47.21 40.81
CA LYS A 3650 91.16 -46.32 40.64
C LYS A 3650 90.88 -44.86 40.94
N LEU A 3651 89.64 -44.39 40.83
CA LEU A 3651 89.33 -42.98 41.02
C LEU A 3651 89.13 -42.63 42.50
N LEU A 3652 89.03 -43.62 43.37
CA LEU A 3652 88.55 -43.43 44.74
C LEU A 3652 89.54 -42.72 45.66
N ARG A 3653 90.63 -42.16 45.14
CA ARG A 3653 91.49 -41.33 45.96
C ARG A 3653 90.88 -39.95 46.08
N MET A 3654 91.23 -39.24 47.17
CA MET A 3654 90.58 -37.98 47.50
C MET A 3654 90.88 -36.90 46.47
N LYS A 3655 92.18 -36.58 46.28
CA LYS A 3655 92.83 -35.87 45.18
C LYS A 3655 92.00 -34.81 44.47
N LEU A 3656 91.34 -33.94 45.25
CA LEU A 3656 90.48 -32.93 44.64
C LEU A 3656 91.32 -31.90 43.90
N SER A 3657 92.56 -31.69 44.33
CA SER A 3657 93.48 -30.90 43.52
C SER A 3657 93.87 -31.62 42.25
N ASP A 3658 93.98 -32.95 42.29
CA ASP A 3658 94.50 -33.71 41.16
C ASP A 3658 93.40 -34.25 40.26
N PHE A 3659 92.21 -34.52 40.81
CA PHE A 3659 91.07 -34.84 39.95
C PHE A 3659 90.66 -33.64 39.13
N ASN A 3660 90.70 -32.44 39.74
CA ASN A 3660 90.38 -31.23 39.01
C ASN A 3660 91.41 -30.97 37.92
N ASP A 3661 92.69 -31.31 38.17
CA ASP A 3661 93.74 -31.17 37.17
C ASP A 3661 93.44 -31.94 35.91
N ILE A 3662 93.14 -33.24 36.05
CA ILE A 3662 92.98 -34.10 34.89
C ILE A 3662 91.62 -33.84 34.23
N THR A 3663 90.62 -33.47 35.02
CA THR A 3663 89.31 -33.16 34.48
C THR A 3663 89.35 -31.87 33.65
N ASN A 3664 90.07 -30.86 34.13
CA ASN A 3664 90.26 -29.65 33.34
C ASN A 3664 91.13 -29.92 32.12
N MET A 3665 92.13 -30.80 32.25
CA MET A 3665 93.02 -31.08 31.12
C MET A 3665 92.30 -31.81 30.00
N LEU A 3666 91.27 -32.60 30.34
CA LEU A 3666 90.40 -33.16 29.31
C LEU A 3666 89.32 -32.19 28.85
N LEU A 3667 88.82 -31.32 29.72
CA LEU A 3667 87.77 -30.38 29.32
C LEU A 3667 88.30 -29.33 28.36
N LEU A 3668 89.56 -28.94 28.49
CA LEU A 3668 90.13 -27.94 27.59
C LEU A 3668 90.31 -28.47 26.17
N LYS A 3669 90.28 -29.79 25.97
CA LYS A 3669 90.19 -30.35 24.63
C LYS A 3669 88.76 -30.73 24.26
N MET A 3670 87.91 -30.98 25.26
CA MET A 3670 86.51 -31.31 24.98
C MET A 3670 85.71 -30.09 24.56
N ASN A 3671 86.13 -28.87 24.91
CA ASN A 3671 85.44 -27.70 24.38
C ASN A 3671 86.06 -27.19 23.08
N LYS A 3672 86.72 -28.07 22.31
CA LYS A 3672 87.33 -27.69 21.04
C LYS A 3672 87.11 -28.72 19.94
N ASP A 3673 86.11 -29.59 20.08
CA ASP A 3673 85.76 -30.56 19.05
C ASP A 3673 84.27 -30.64 18.79
N SER A 3674 83.45 -30.03 19.63
CA SER A 3674 82.00 -30.10 19.48
C SER A 3674 81.54 -29.34 18.26
N LYS A 3675 80.61 -29.95 17.52
CA LYS A 3675 79.98 -29.30 16.40
C LYS A 3675 78.49 -29.21 16.65
N PRO A 3676 77.82 -28.19 16.11
CA PRO A 3676 76.37 -28.17 16.15
C PRO A 3676 75.79 -29.29 15.31
N PRO A 3677 75.08 -30.24 15.92
CA PRO A 3677 74.66 -31.43 15.19
C PRO A 3677 73.55 -31.12 14.19
N GLY A 3678 73.66 -31.72 13.02
CA GLY A 3678 72.81 -31.36 11.90
C GLY A 3678 71.44 -31.99 11.95
N ASN A 3679 71.02 -32.61 10.85
CA ASN A 3679 69.71 -33.23 10.79
C ASN A 3679 69.63 -34.45 11.69
N LEU A 3680 68.40 -34.90 11.92
CA LEU A 3680 68.08 -35.97 12.87
C LEU A 3680 68.54 -37.34 12.41
N LYS A 3681 69.05 -37.48 11.19
CA LYS A 3681 69.64 -38.75 10.77
C LYS A 3681 70.97 -39.00 11.45
N GLU A 3682 71.60 -37.96 11.98
CA GLU A 3682 72.84 -38.12 12.73
C GLU A 3682 72.66 -37.88 14.22
N CYS A 3683 71.50 -37.38 14.65
CA CYS A 3683 71.34 -36.95 16.03
C CYS A 3683 70.69 -38.03 16.90
N SER A 3684 69.60 -38.64 16.42
CA SER A 3684 68.94 -39.71 17.16
C SER A 3684 68.20 -40.61 16.17
N PRO A 3685 68.76 -41.76 15.81
CA PRO A 3685 68.12 -42.59 14.77
C PRO A 3685 67.03 -43.50 15.32
N TRP A 3686 66.20 -42.93 16.15
CA TRP A 3686 64.90 -43.45 16.52
C TRP A 3686 63.82 -42.47 16.16
N MET A 3687 64.06 -41.19 16.42
CA MET A 3687 63.11 -40.14 16.12
C MET A 3687 63.02 -39.89 14.63
N SER A 3688 64.09 -40.12 13.89
CA SER A 3688 64.04 -39.95 12.44
C SER A 3688 63.14 -40.99 11.81
N ASP A 3689 63.46 -42.26 12.02
CA ASP A 3689 62.60 -43.36 11.58
C ASP A 3689 61.70 -43.84 12.71
N PHE A 3690 60.96 -42.90 13.30
CA PHE A 3690 60.04 -43.20 14.40
C PHE A 3690 58.99 -44.23 13.99
N LYS A 3691 58.17 -43.90 12.98
CA LYS A 3691 57.31 -44.85 12.28
C LYS A 3691 56.28 -45.51 13.22
N VAL A 3692 55.24 -44.71 13.53
CA VAL A 3692 54.13 -44.94 14.47
C VAL A 3692 53.51 -46.35 14.44
N GLU A 3693 53.67 -47.06 13.33
CA GLU A 3693 52.88 -48.22 12.98
C GLU A 3693 53.44 -49.55 13.50
N PHE A 3694 54.19 -49.56 14.63
CA PHE A 3694 54.93 -50.72 15.15
C PHE A 3694 54.07 -51.98 15.26
N LEU A 3695 53.12 -51.95 16.19
CA LEU A 3695 51.78 -52.39 15.86
C LEU A 3695 50.82 -51.26 16.16
N ARG A 3696 50.80 -50.83 17.45
CA ARG A 3696 49.81 -49.84 17.88
C ARG A 3696 50.29 -48.90 18.98
N ASN A 3697 51.60 -48.75 19.20
CA ASN A 3697 52.11 -48.01 20.36
C ASN A 3697 51.93 -46.50 20.16
N GLU A 3698 50.80 -45.99 20.65
CA GLU A 3698 50.41 -44.61 20.42
C GLU A 3698 50.97 -43.70 21.51
N LEU A 3699 51.71 -42.68 21.08
CA LEU A 3699 52.24 -41.65 21.97
C LEU A 3699 51.52 -40.34 21.71
N GLU A 3700 50.92 -39.78 22.74
CA GLU A 3700 50.44 -38.41 22.61
C GLU A 3700 51.63 -37.45 22.65
N ILE A 3701 51.40 -36.24 22.16
CA ILE A 3701 52.38 -35.18 22.32
C ILE A 3701 52.15 -34.62 23.72
N PRO A 3702 53.18 -34.46 24.55
CA PRO A 3702 52.95 -34.11 25.95
C PRO A 3702 52.46 -32.68 26.11
N GLY A 3703 52.10 -32.35 27.34
CA GLY A 3703 51.65 -31.01 27.68
C GLY A 3703 50.16 -30.85 27.75
N GLN A 3704 49.42 -31.85 27.28
CA GLN A 3704 47.97 -31.77 27.27
C GLN A 3704 47.42 -32.19 28.62
N TYR A 3705 46.11 -32.46 28.69
CA TYR A 3705 45.37 -32.70 29.94
C TYR A 3705 45.48 -31.52 30.89
N ASP A 3706 44.88 -30.39 30.55
CA ASP A 3706 44.89 -29.20 31.42
C ASP A 3706 44.21 -29.43 32.76
N GLY A 3707 43.29 -30.39 32.85
CA GLY A 3707 42.68 -30.71 34.13
C GLY A 3707 41.58 -29.77 34.57
N ARG A 3708 40.76 -29.28 33.65
CA ARG A 3708 39.64 -28.43 33.99
C ARG A 3708 38.30 -29.00 33.54
N GLY A 3709 38.30 -30.15 32.89
CA GLY A 3709 37.04 -30.77 32.51
C GLY A 3709 37.24 -32.24 32.25
N LYS A 3710 36.22 -32.86 31.70
CA LYS A 3710 36.33 -34.21 31.20
C LYS A 3710 37.33 -34.21 30.05
N PRO A 3711 38.36 -35.07 30.07
CA PRO A 3711 39.47 -34.92 29.13
C PRO A 3711 39.15 -35.20 27.67
N LEU A 3712 38.35 -36.25 27.38
CA LEU A 3712 38.06 -36.74 26.02
C LEU A 3712 39.34 -37.02 25.24
N PRO A 3713 40.06 -38.11 25.53
CA PRO A 3713 41.41 -38.28 24.98
C PRO A 3713 41.48 -38.61 23.50
N GLU A 3714 40.37 -38.59 22.76
CA GLU A 3714 40.44 -38.84 21.34
C GLU A 3714 40.89 -37.61 20.56
N TYR A 3715 40.57 -36.42 21.08
CA TYR A 3715 40.91 -35.17 20.40
C TYR A 3715 42.37 -34.78 20.56
N HIS A 3716 43.09 -35.43 21.47
CA HIS A 3716 44.49 -35.10 21.68
C HIS A 3716 45.34 -35.58 20.53
N VAL A 3717 46.18 -34.68 20.01
CA VAL A 3717 47.03 -35.02 18.89
C VAL A 3717 48.14 -35.95 19.36
N ARG A 3718 48.45 -36.97 18.55
CA ARG A 3718 49.42 -37.99 18.88
C ARG A 3718 50.59 -37.92 17.93
N ILE A 3719 51.74 -38.43 18.38
CA ILE A 3719 52.96 -38.34 17.57
C ILE A 3719 52.87 -39.28 16.38
N ALA A 3720 53.08 -38.73 15.19
CA ALA A 3720 53.14 -39.52 13.97
C ALA A 3720 54.34 -39.11 13.12
N GLY A 3721 55.53 -39.07 13.72
CA GLY A 3721 56.72 -38.67 13.02
C GLY A 3721 57.40 -37.49 13.68
N PHE A 3722 58.60 -37.22 13.21
CA PHE A 3722 59.38 -36.08 13.64
C PHE A 3722 59.89 -35.35 12.42
N ASP A 3723 60.32 -34.12 12.62
CA ASP A 3723 60.92 -33.41 11.51
C ASP A 3723 62.42 -33.65 11.48
N GLU A 3724 63.01 -33.41 10.31
CA GLU A 3724 64.42 -33.63 10.08
C GLU A 3724 65.24 -32.37 10.25
N ARG A 3725 64.79 -31.45 11.08
CA ARG A 3725 65.51 -30.20 11.36
C ARG A 3725 65.59 -30.03 12.86
N VAL A 3726 66.78 -29.65 13.34
CA VAL A 3726 66.95 -29.19 14.71
C VAL A 3726 67.99 -28.08 14.74
N THR A 3727 67.58 -26.91 15.23
CA THR A 3727 68.46 -25.77 15.42
C THR A 3727 68.85 -25.67 16.88
N VAL A 3728 70.14 -25.43 17.14
CA VAL A 3728 70.71 -25.42 18.48
C VAL A 3728 70.98 -23.97 18.84
N MET A 3729 70.33 -23.48 19.89
CA MET A 3729 70.46 -22.10 20.34
C MET A 3729 71.52 -21.99 21.42
N ALA A 3730 72.43 -21.02 21.25
CA ALA A 3730 73.71 -21.03 21.97
C ALA A 3730 73.60 -20.70 23.45
N SER A 3731 73.21 -19.46 23.78
CA SER A 3731 72.68 -19.03 25.07
C SER A 3731 73.41 -19.46 26.34
N LEU A 3732 74.72 -19.78 26.24
CA LEU A 3732 75.63 -20.30 27.27
C LEU A 3732 75.27 -21.71 27.73
N ARG A 3733 74.13 -22.21 27.29
CA ARG A 3733 73.63 -23.55 27.60
C ARG A 3733 72.75 -23.86 26.41
N ARG A 3734 72.86 -25.07 25.86
CA ARG A 3734 72.32 -25.25 24.51
C ARG A 3734 71.14 -26.23 24.46
N PRO A 3735 69.91 -25.72 24.40
CA PRO A 3735 68.76 -26.59 24.11
C PRO A 3735 68.49 -26.65 22.62
N LYS A 3736 67.61 -27.57 22.26
CA LYS A 3736 67.38 -27.94 20.87
C LYS A 3736 65.92 -27.73 20.51
N ARG A 3737 65.67 -27.05 19.40
CA ARG A 3737 64.31 -26.85 18.91
C ARG A 3737 63.98 -27.94 17.91
N ILE A 3738 63.06 -28.82 18.28
CA ILE A 3738 62.61 -29.90 17.43
C ILE A 3738 61.18 -29.62 17.01
N ILE A 3739 60.62 -30.53 16.23
CA ILE A 3739 59.25 -30.43 15.74
C ILE A 3739 58.65 -31.82 15.83
N ILE A 3740 57.51 -31.93 16.51
CA ILE A 3740 56.78 -33.18 16.61
C ILE A 3740 55.62 -33.13 15.63
N ARG A 3741 55.76 -33.82 14.51
CA ARG A 3741 54.70 -33.91 13.50
C ARG A 3741 53.55 -34.72 14.06
N GLY A 3742 52.41 -34.08 14.27
CA GLY A 3742 51.27 -34.78 14.81
C GLY A 3742 50.58 -35.63 13.77
N HIS A 3743 49.52 -36.31 14.21
CA HIS A 3743 48.82 -37.15 13.25
C HIS A 3743 47.88 -36.35 12.37
N ASP A 3744 47.59 -35.09 12.71
CA ASP A 3744 46.73 -34.26 11.89
C ASP A 3744 47.49 -33.47 10.84
N GLU A 3745 48.70 -33.93 10.50
CA GLU A 3745 49.59 -33.31 9.51
C GLU A 3745 49.85 -31.84 9.85
N ARG A 3746 50.34 -31.63 11.07
CA ARG A 3746 50.66 -30.29 11.57
C ARG A 3746 52.03 -30.36 12.23
N GLU A 3747 52.66 -29.19 12.37
CA GLU A 3747 53.93 -29.07 13.03
C GLU A 3747 53.70 -28.56 14.44
N HIS A 3748 54.26 -29.25 15.42
CA HIS A 3748 54.18 -28.84 16.81
C HIS A 3748 55.59 -28.68 17.34
N PRO A 3749 56.14 -27.49 17.37
CA PRO A 3749 57.52 -27.32 17.82
C PRO A 3749 57.65 -27.40 19.32
N PHE A 3750 58.66 -28.11 19.79
CA PHE A 3750 58.95 -28.22 21.21
C PHE A 3750 60.41 -27.92 21.43
N LEU A 3751 60.73 -27.47 22.64
CA LEU A 3751 62.09 -27.20 23.05
C LEU A 3751 62.53 -28.30 23.99
N VAL A 3752 63.57 -29.03 23.60
CA VAL A 3752 64.12 -30.09 24.43
C VAL A 3752 65.41 -29.57 25.02
N LYS A 3753 65.40 -29.39 26.34
CA LYS A 3753 66.59 -28.99 27.07
C LYS A 3753 67.02 -30.14 27.96
N GLY A 3754 68.31 -30.43 27.96
CA GLY A 3754 68.90 -31.37 28.88
C GLY A 3754 69.96 -30.68 29.70
N GLY A 3755 70.15 -31.16 30.92
CA GLY A 3755 71.13 -30.52 31.77
C GLY A 3755 70.59 -30.13 33.13
N GLU A 3756 69.32 -29.75 33.23
CA GLU A 3756 68.77 -29.27 34.48
C GLU A 3756 67.46 -29.96 34.80
N ASP A 3757 67.14 -30.03 36.08
CA ASP A 3757 65.83 -30.46 36.51
C ASP A 3757 64.82 -29.39 36.17
N LEU A 3758 63.66 -29.83 35.68
CA LEU A 3758 62.67 -28.92 35.12
C LEU A 3758 61.38 -28.93 35.92
N ARG A 3759 61.41 -29.46 37.14
CA ARG A 3759 60.20 -29.45 37.95
C ARG A 3759 59.92 -28.07 38.50
N GLN A 3760 60.93 -27.22 38.57
CA GLN A 3760 60.75 -25.90 39.14
C GLN A 3760 59.98 -24.99 38.18
N ASP A 3761 60.30 -25.07 36.88
CA ASP A 3761 59.46 -24.45 35.85
C ASP A 3761 58.03 -24.94 35.90
N GLN A 3762 57.85 -26.24 36.15
CA GLN A 3762 56.51 -26.79 36.16
C GLN A 3762 55.71 -26.31 37.36
N ARG A 3763 56.35 -26.21 38.52
CA ARG A 3763 55.63 -25.71 39.69
C ARG A 3763 55.39 -24.21 39.62
N VAL A 3764 56.28 -23.47 38.94
CA VAL A 3764 56.01 -22.05 38.72
C VAL A 3764 54.81 -21.87 37.80
N GLU A 3765 54.73 -22.67 36.73
CA GLU A 3765 53.59 -22.56 35.82
C GLU A 3765 52.30 -23.04 36.48
N GLN A 3766 52.41 -24.00 37.40
CA GLN A 3766 51.23 -24.39 38.19
C GLN A 3766 50.80 -23.27 39.11
N LEU A 3767 51.75 -22.52 39.66
CA LEU A 3767 51.40 -21.37 40.49
C LEU A 3767 50.77 -20.27 39.65
N PHE A 3768 51.22 -20.11 38.40
CA PHE A 3768 50.59 -19.13 37.51
C PHE A 3768 49.19 -19.57 37.13
N GLN A 3769 48.96 -20.86 37.02
CA GLN A 3769 47.62 -21.34 36.71
C GLN A 3769 46.67 -21.12 37.89
N VAL A 3770 47.18 -21.30 39.11
CA VAL A 3770 46.41 -20.94 40.30
C VAL A 3770 46.17 -19.44 40.36
N MET A 3771 47.17 -18.65 39.95
CA MET A 3771 47.06 -17.19 39.97
C MET A 3771 45.98 -16.68 39.03
N ASN A 3772 45.97 -17.13 37.79
CA ASN A 3772 44.94 -16.65 36.89
C ASN A 3772 43.65 -17.45 37.02
N GLY A 3773 43.58 -18.41 37.94
CA GLY A 3773 42.28 -18.82 38.43
C GLY A 3773 41.79 -18.02 39.62
N ILE A 3774 42.71 -17.38 40.34
CA ILE A 3774 42.35 -16.49 41.44
C ILE A 3774 41.81 -15.18 40.90
N LEU A 3775 42.47 -14.64 39.86
CA LEU A 3775 42.05 -13.37 39.27
C LEU A 3775 40.73 -13.49 38.57
N ALA A 3776 40.39 -14.68 38.06
CA ALA A 3776 39.16 -14.84 37.30
C ALA A 3776 37.92 -14.78 38.17
N GLN A 3777 38.05 -15.04 39.46
CA GLN A 3777 36.91 -14.94 40.37
C GLN A 3777 36.84 -13.60 41.08
N ASP A 3778 37.88 -12.78 40.98
CA ASP A 3778 37.85 -11.44 41.54
C ASP A 3778 37.25 -10.48 40.53
N SER A 3779 36.35 -9.61 40.98
CA SER A 3779 35.46 -8.89 40.07
C SER A 3779 36.19 -7.76 39.33
N ALA A 3780 37.08 -7.06 40.02
CA ALA A 3780 37.80 -5.96 39.37
C ALA A 3780 38.82 -6.46 38.37
N CYS A 3781 39.33 -7.68 38.56
CA CYS A 3781 40.23 -8.27 37.60
C CYS A 3781 39.49 -9.03 36.51
N SER A 3782 38.31 -9.55 36.81
CA SER A 3782 37.47 -10.14 35.78
C SER A 3782 36.78 -9.10 34.92
N GLN A 3783 36.75 -7.84 35.34
CA GLN A 3783 36.33 -6.78 34.44
C GLN A 3783 37.39 -6.51 33.38
N ARG A 3784 38.63 -6.29 33.81
CA ARG A 3784 39.73 -6.00 32.91
C ARG A 3784 40.25 -7.22 32.18
N ALA A 3785 39.79 -8.42 32.56
CA ALA A 3785 40.21 -9.70 32.01
C ALA A 3785 41.73 -9.88 32.10
N LEU A 3786 42.20 -9.90 33.33
CA LEU A 3786 43.62 -10.10 33.61
C LEU A 3786 43.88 -11.59 33.72
N GLN A 3787 44.77 -12.10 32.85
CA GLN A 3787 45.17 -13.49 32.88
C GLN A 3787 46.63 -13.57 32.51
N LEU A 3788 47.33 -14.54 33.07
CA LEU A 3788 48.74 -14.79 32.79
C LEU A 3788 48.86 -15.84 31.69
N ARG A 3789 49.70 -15.57 30.71
CA ARG A 3789 49.93 -16.51 29.61
C ARG A 3789 50.88 -17.60 30.03
N THR A 3790 50.37 -18.82 30.17
CA THR A 3790 51.16 -19.96 30.61
C THR A 3790 51.35 -20.92 29.47
N TYR A 3791 52.51 -21.57 29.41
CA TYR A 3791 52.75 -22.66 28.48
C TYR A 3791 52.94 -23.94 29.27
N SER A 3792 53.07 -25.05 28.55
CA SER A 3792 53.14 -26.36 29.18
C SER A 3792 54.58 -26.83 29.24
N VAL A 3793 55.02 -27.15 30.45
CA VAL A 3793 56.35 -27.69 30.71
C VAL A 3793 56.18 -29.13 31.16
N VAL A 3794 56.83 -30.04 30.46
CA VAL A 3794 56.75 -31.46 30.76
C VAL A 3794 58.12 -31.95 31.15
N PRO A 3795 58.41 -32.03 32.43
CA PRO A 3795 59.66 -32.66 32.84
C PRO A 3795 59.55 -34.17 32.74
N MET A 3796 60.47 -34.81 32.01
CA MET A 3796 60.40 -36.25 31.83
C MET A 3796 61.24 -37.00 32.86
N THR A 3797 62.54 -36.81 32.82
CA THR A 3797 63.42 -37.20 33.91
C THR A 3797 64.16 -35.97 34.39
N SER A 3798 65.09 -36.18 35.30
CA SER A 3798 66.05 -35.11 35.55
C SER A 3798 67.00 -35.06 34.38
N ARG A 3799 67.50 -33.85 34.09
CA ARG A 3799 68.36 -33.55 32.95
C ARG A 3799 67.67 -33.82 31.61
N LEU A 3800 66.33 -33.74 31.57
CA LEU A 3800 65.56 -33.91 30.34
C LEU A 3800 64.16 -33.35 30.54
N GLY A 3801 63.75 -32.42 29.69
CA GLY A 3801 62.39 -31.90 29.73
C GLY A 3801 61.99 -31.33 28.41
N LEU A 3802 60.68 -31.12 28.25
CA LEU A 3802 60.11 -30.52 27.06
C LEU A 3802 59.39 -29.23 27.41
N ILE A 3803 59.76 -28.16 26.72
CA ILE A 3803 59.07 -26.89 26.79
C ILE A 3803 58.24 -26.75 25.54
N GLU A 3804 57.00 -26.33 25.69
CA GLU A 3804 56.21 -25.95 24.53
C GLU A 3804 56.75 -24.68 23.93
N TRP A 3805 56.97 -24.69 22.62
CA TRP A 3805 57.43 -23.52 21.90
C TRP A 3805 56.21 -22.80 21.35
N LEU A 3806 55.97 -21.59 21.86
CA LEU A 3806 54.87 -20.77 21.38
C LEU A 3806 55.23 -20.19 20.02
N GLU A 3807 54.22 -20.11 19.15
CA GLU A 3807 54.45 -19.66 17.79
C GLU A 3807 54.03 -18.21 17.63
N ASN A 3808 54.52 -17.60 16.54
CA ASN A 3808 54.44 -16.19 16.16
C ASN A 3808 54.60 -15.22 17.32
N THR A 3809 55.54 -15.51 18.20
CA THR A 3809 56.02 -14.56 19.19
C THR A 3809 57.44 -14.18 18.80
N VAL A 3810 57.91 -13.04 19.31
CA VAL A 3810 59.32 -12.71 19.24
C VAL A 3810 59.75 -12.40 20.66
N THR A 3811 61.05 -12.46 20.91
CA THR A 3811 61.53 -11.99 22.19
C THR A 3811 61.47 -10.47 22.23
N LEU A 3812 61.55 -9.93 23.43
CA LEU A 3812 61.46 -8.49 23.58
C LEU A 3812 62.69 -7.81 23.00
N LYS A 3813 63.86 -8.41 23.15
CA LYS A 3813 65.05 -7.81 22.57
C LYS A 3813 65.03 -7.88 21.05
N ASP A 3814 64.39 -8.90 20.48
CA ASP A 3814 64.27 -8.94 19.03
C ASP A 3814 63.25 -7.93 18.53
N LEU A 3815 62.17 -7.73 19.28
CA LEU A 3815 61.22 -6.67 18.94
C LEU A 3815 61.84 -5.29 19.02
N LEU A 3816 62.75 -5.08 19.98
CA LEU A 3816 63.39 -3.79 20.11
C LEU A 3816 64.57 -3.61 19.16
N LEU A 3817 65.18 -4.69 18.68
CA LEU A 3817 66.27 -4.54 17.72
C LEU A 3817 65.79 -4.49 16.28
N ASN A 3818 64.65 -5.12 15.98
CA ASN A 3818 64.08 -5.01 14.65
C ASN A 3818 63.41 -3.66 14.43
N THR A 3819 63.08 -2.95 15.50
CA THR A 3819 62.45 -1.66 15.36
C THR A 3819 63.47 -0.60 14.92
N MET A 3820 64.72 -0.75 15.37
CA MET A 3820 65.74 0.25 15.14
C MET A 3820 66.10 0.33 13.68
N SER A 3821 66.49 1.52 13.25
CA SER A 3821 66.98 1.74 11.91
C SER A 3821 68.46 1.35 11.83
N GLN A 3822 69.05 1.55 10.65
CA GLN A 3822 70.37 1.01 10.38
C GLN A 3822 71.45 1.74 11.17
N GLU A 3823 71.26 3.04 11.41
CA GLU A 3823 72.24 3.78 12.17
C GLU A 3823 72.08 3.52 13.66
N GLU A 3824 70.85 3.26 14.09
CA GLU A 3824 70.59 3.04 15.50
C GLU A 3824 71.13 1.69 15.96
N LYS A 3825 70.90 0.64 15.16
CA LYS A 3825 71.41 -0.69 15.51
C LYS A 3825 72.92 -0.73 15.43
N ALA A 3826 73.51 -0.03 14.44
CA ALA A 3826 74.96 0.02 14.32
C ALA A 3826 75.58 0.78 15.48
N ALA A 3827 75.02 1.94 15.82
CA ALA A 3827 75.54 2.74 16.91
C ALA A 3827 75.19 2.19 18.28
N TYR A 3828 74.34 1.16 18.36
CA TYR A 3828 74.12 0.48 19.63
C TYR A 3828 74.98 -0.76 19.80
N LEU A 3829 75.23 -1.51 18.73
CA LEU A 3829 76.07 -2.69 18.85
C LEU A 3829 77.55 -2.37 18.67
N SER A 3830 77.88 -1.23 18.08
CA SER A 3830 79.27 -0.91 17.76
C SER A 3830 79.43 0.61 17.83
N ASP A 3831 79.81 1.11 18.99
CA ASP A 3831 80.15 2.49 19.29
C ASP A 3831 80.85 2.44 20.64
N PRO A 3832 82.02 3.07 20.78
CA PRO A 3832 82.61 3.22 22.12
C PRO A 3832 81.74 4.00 23.08
N ARG A 3833 80.91 4.91 22.58
CA ARG A 3833 79.97 5.64 23.40
C ARG A 3833 78.60 4.98 23.48
N ALA A 3834 78.43 3.78 22.93
CA ALA A 3834 77.19 3.05 23.14
C ALA A 3834 77.12 2.54 24.58
N PRO A 3835 75.92 2.37 25.12
CA PRO A 3835 75.77 1.86 26.49
C PRO A 3835 76.34 0.46 26.73
N PRO A 3836 76.35 -0.50 25.77
CA PRO A 3836 76.99 -1.79 26.10
C PRO A 3836 78.48 -1.73 26.36
N CYS A 3837 79.18 -0.76 25.77
CA CYS A 3837 80.61 -0.61 26.04
C CYS A 3837 80.89 0.39 27.14
N GLU A 3838 80.11 1.48 27.17
CA GLU A 3838 80.32 2.54 28.15
C GLU A 3838 80.12 2.05 29.57
N TYR A 3839 79.26 1.04 29.76
CA TYR A 3839 79.08 0.47 31.08
C TYR A 3839 80.33 -0.25 31.54
N LYS A 3840 80.98 -1.00 30.64
CA LYS A 3840 82.22 -1.68 30.99
C LYS A 3840 83.35 -0.68 31.25
N ASP A 3841 83.42 0.38 30.44
CA ASP A 3841 84.44 1.40 30.65
C ASP A 3841 84.22 2.14 31.96
N TRP A 3842 82.97 2.42 32.30
CA TRP A 3842 82.67 3.13 33.54
C TRP A 3842 82.89 2.22 34.75
N LEU A 3843 82.66 0.92 34.60
CA LEU A 3843 82.99 -0.02 35.67
C LEU A 3843 84.49 -0.06 35.91
N THR A 3844 85.29 -0.07 34.84
CA THR A 3844 86.74 -0.10 35.01
C THR A 3844 87.26 1.23 35.58
N LYS A 3845 86.61 2.34 35.23
CA LYS A 3845 87.04 3.62 35.80
C LYS A 3845 86.56 3.77 37.24
N MET A 3846 85.58 2.99 37.68
CA MET A 3846 85.20 3.01 39.09
C MET A 3846 85.83 1.90 39.91
N SER A 3847 86.43 0.90 39.27
CA SER A 3847 87.04 -0.21 39.99
C SER A 3847 88.52 -0.38 39.69
N GLY A 3848 88.89 -0.39 38.40
CA GLY A 3848 90.24 -0.74 37.98
C GLY A 3848 90.36 -2.17 37.49
N LYS A 3849 89.34 -2.99 37.68
CA LYS A 3849 89.35 -4.39 37.31
C LYS A 3849 88.42 -4.63 36.13
N HIS A 3850 88.68 -5.72 35.41
CA HIS A 3850 87.93 -6.04 34.20
C HIS A 3850 86.90 -7.14 34.39
N ASP A 3851 86.98 -7.90 35.47
CA ASP A 3851 86.20 -9.12 35.65
C ASP A 3851 84.90 -8.81 36.40
N VAL A 3852 84.27 -9.85 36.95
CA VAL A 3852 83.07 -9.78 37.77
C VAL A 3852 83.38 -9.07 39.08
N GLY A 3853 84.67 -9.01 39.45
CA GLY A 3853 85.10 -8.26 40.62
C GLY A 3853 84.99 -6.75 40.47
N ALA A 3854 84.85 -6.27 39.23
CA ALA A 3854 84.66 -4.84 38.99
C ALA A 3854 83.37 -4.35 39.61
N TYR A 3855 82.34 -5.21 39.66
CA TYR A 3855 81.09 -4.87 40.32
C TYR A 3855 81.30 -4.67 41.81
N MET A 3856 81.84 -5.67 42.50
CA MET A 3856 82.01 -5.62 43.94
C MET A 3856 83.01 -4.56 44.38
N LEU A 3857 83.85 -4.08 43.47
CA LEU A 3857 84.66 -2.90 43.81
C LEU A 3857 84.02 -1.59 43.42
N MET A 3858 82.98 -1.58 42.58
CA MET A 3858 82.25 -0.31 42.38
C MET A 3858 81.03 -0.17 43.26
N TYR A 3859 80.62 -1.23 43.98
CA TYR A 3859 79.55 -1.02 44.94
C TYR A 3859 80.01 -0.14 46.09
N LYS A 3860 81.02 -0.58 46.85
CA LYS A 3860 81.51 0.23 47.96
C LYS A 3860 82.24 1.47 47.49
N GLY A 3861 82.73 1.47 46.25
CA GLY A 3861 83.57 2.54 45.76
C GLY A 3861 82.86 3.76 45.24
N ALA A 3862 81.55 3.70 45.02
CA ALA A 3862 80.81 4.78 44.38
C ALA A 3862 79.66 5.24 45.25
N ASN A 3863 79.43 6.54 45.25
CA ASN A 3863 78.32 7.16 45.96
C ASN A 3863 77.05 7.12 45.11
N ARG A 3864 76.07 7.95 45.47
CA ARG A 3864 74.83 7.97 44.70
C ARG A 3864 74.99 8.73 43.40
N THR A 3865 75.57 9.93 43.45
CA THR A 3865 75.43 10.88 42.35
C THR A 3865 76.26 10.48 41.14
N GLU A 3866 77.47 9.95 41.36
CA GLU A 3866 78.29 9.46 40.27
C GLU A 3866 77.68 8.26 39.56
N THR A 3867 76.80 7.53 40.22
CA THR A 3867 76.08 6.43 39.61
C THR A 3867 74.80 6.89 38.92
N VAL A 3868 74.06 7.79 39.55
CA VAL A 3868 72.78 8.22 39.02
C VAL A 3868 72.97 9.09 37.79
N THR A 3869 73.94 10.01 37.80
CA THR A 3869 74.10 10.85 36.62
C THR A 3869 74.76 10.09 35.48
N SER A 3870 75.56 9.07 35.79
CA SER A 3870 76.12 8.27 34.70
C SER A 3870 75.09 7.31 34.15
N PHE A 3871 74.14 6.88 34.98
CA PHE A 3871 73.06 6.05 34.46
C PHE A 3871 72.13 6.86 33.57
N ARG A 3872 71.87 8.12 33.94
CA ARG A 3872 71.05 8.97 33.08
C ARG A 3872 71.75 9.29 31.78
N LYS A 3873 73.07 9.55 31.83
CA LYS A 3873 73.83 9.81 30.63
C LYS A 3873 73.98 8.56 29.77
N ARG A 3874 73.95 7.38 30.39
CA ARG A 3874 73.96 6.14 29.63
C ARG A 3874 72.62 5.88 28.98
N GLU A 3875 71.55 6.14 29.72
CA GLU A 3875 70.20 5.82 29.33
C GLU A 3875 69.66 6.79 28.31
N SER A 3876 70.25 7.97 28.21
CA SER A 3876 69.87 8.95 27.20
C SER A 3876 70.53 8.68 25.85
N LYS A 3877 71.23 7.57 25.68
CA LYS A 3877 71.91 7.28 24.44
C LYS A 3877 71.12 6.37 23.50
N VAL A 3878 70.28 5.50 24.04
CA VAL A 3878 69.47 4.60 23.23
C VAL A 3878 68.32 5.41 22.64
N PRO A 3879 67.72 5.01 21.52
CA PRO A 3879 66.54 5.72 21.02
C PRO A 3879 65.36 5.56 21.97
N ALA A 3880 64.53 6.59 22.04
CA ALA A 3880 63.59 6.70 23.15
C ALA A 3880 62.34 5.86 22.94
N ASP A 3881 61.62 6.10 21.84
CA ASP A 3881 60.32 5.47 21.59
C ASP A 3881 60.51 4.32 20.62
N LEU A 3882 60.97 3.19 21.14
CA LEU A 3882 61.09 1.98 20.33
C LEU A 3882 59.80 1.17 20.33
N LEU A 3883 59.21 0.98 21.51
CA LEU A 3883 58.00 0.17 21.62
C LEU A 3883 56.82 0.86 20.99
N LYS A 3884 56.74 2.19 21.12
CA LYS A 3884 55.71 2.96 20.44
C LYS A 3884 55.83 2.81 18.93
N ARG A 3885 57.07 2.80 18.43
CA ARG A 3885 57.31 2.61 17.01
C ARG A 3885 56.89 1.22 16.54
N ALA A 3886 57.16 0.19 17.36
CA ALA A 3886 56.73 -1.16 17.02
C ALA A 3886 55.22 -1.30 17.00
N PHE A 3887 54.54 -0.66 17.95
CA PHE A 3887 53.10 -0.78 18.03
C PHE A 3887 52.39 0.06 17.00
N VAL A 3888 53.01 1.16 16.56
CA VAL A 3888 52.42 1.92 15.46
C VAL A 3888 52.63 1.16 14.16
N ARG A 3889 53.77 0.48 14.02
CA ARG A 3889 54.00 -0.30 12.82
C ARG A 3889 53.13 -1.54 12.74
N MET A 3890 52.67 -2.09 13.86
CA MET A 3890 51.89 -3.31 13.83
C MET A 3890 50.39 -3.11 13.92
N SER A 3891 49.90 -1.90 14.09
CA SER A 3891 48.48 -1.64 14.31
C SER A 3891 47.86 -0.87 13.14
N THR A 3892 46.55 -1.03 12.99
CA THR A 3892 45.84 -0.46 11.85
C THR A 3892 45.58 1.04 12.02
N SER A 3893 44.98 1.41 13.14
CA SER A 3893 44.41 2.73 13.36
C SER A 3893 44.78 3.22 14.75
N PRO A 3894 44.43 4.47 15.09
CA PRO A 3894 44.51 4.89 16.50
C PRO A 3894 43.74 4.03 17.49
N GLU A 3895 42.56 3.50 17.13
CA GLU A 3895 41.86 2.57 18.00
C GLU A 3895 42.71 1.34 18.29
N ALA A 3896 43.34 0.81 17.25
CA ALA A 3896 44.15 -0.38 17.41
C ALA A 3896 45.43 -0.08 18.17
N PHE A 3897 45.99 1.12 18.01
CA PHE A 3897 47.19 1.46 18.76
C PHE A 3897 46.91 1.58 20.24
N LEU A 3898 45.81 2.26 20.60
CA LEU A 3898 45.41 2.30 22.00
C LEU A 3898 45.08 0.94 22.58
N ALA A 3899 44.43 0.07 21.84
CA ALA A 3899 44.12 -1.25 22.36
C ALA A 3899 45.37 -2.10 22.55
N LEU A 3900 46.31 -2.04 21.61
CA LEU A 3900 47.53 -2.83 21.74
C LEU A 3900 48.43 -2.30 22.84
N ARG A 3901 48.47 -0.98 23.01
CA ARG A 3901 49.31 -0.43 24.07
C ARG A 3901 48.71 -0.69 25.44
N SER A 3902 47.38 -0.63 25.57
CA SER A 3902 46.76 -0.94 26.84
C SER A 3902 46.92 -2.40 27.19
N HIS A 3903 46.82 -3.29 26.19
CA HIS A 3903 46.99 -4.70 26.48
C HIS A 3903 48.43 -5.06 26.82
N PHE A 3904 49.40 -4.43 26.16
CA PHE A 3904 50.80 -4.66 26.50
C PHE A 3904 51.10 -4.17 27.90
N ALA A 3905 50.68 -2.95 28.24
CA ALA A 3905 51.00 -2.40 29.54
C ALA A 3905 50.27 -3.13 30.65
N SER A 3906 49.04 -3.58 30.38
CA SER A 3906 48.28 -4.31 31.38
C SER A 3906 48.86 -5.70 31.62
N SER A 3907 49.27 -6.41 30.56
CA SER A 3907 49.81 -7.74 30.74
C SER A 3907 51.18 -7.70 31.38
N HIS A 3908 52.01 -6.73 30.99
CA HIS A 3908 53.32 -6.61 31.62
C HIS A 3908 53.20 -6.16 33.07
N ALA A 3909 52.23 -5.32 33.39
CA ALA A 3909 52.01 -4.93 34.77
C ALA A 3909 51.45 -6.06 35.60
N LEU A 3910 50.75 -7.01 34.96
CA LEU A 3910 50.32 -8.18 35.71
C LEU A 3910 51.47 -9.14 35.97
N ILE A 3911 52.34 -9.35 34.97
CA ILE A 3911 53.44 -10.28 35.19
C ILE A 3911 54.53 -9.68 36.06
N CYS A 3912 54.57 -8.36 36.23
CA CYS A 3912 55.50 -7.76 37.18
C CYS A 3912 55.15 -8.14 38.61
N ILE A 3913 53.88 -7.97 38.98
CA ILE A 3913 53.47 -8.33 40.32
C ILE A 3913 53.43 -9.84 40.48
N SER A 3914 53.22 -10.58 39.38
CA SER A 3914 53.16 -12.04 39.48
C SER A 3914 54.54 -12.63 39.64
N HIS A 3915 55.54 -12.05 38.98
CA HIS A 3915 56.89 -12.52 39.22
C HIS A 3915 57.43 -12.02 40.54
N TRP A 3916 56.91 -10.93 41.09
CA TRP A 3916 57.43 -10.51 42.39
C TRP A 3916 56.87 -11.33 43.54
N ILE A 3917 55.59 -11.75 43.45
CA ILE A 3917 54.96 -12.55 44.51
C ILE A 3917 55.74 -13.83 44.77
N LEU A 3918 56.25 -14.46 43.73
CA LEU A 3918 57.09 -15.64 43.85
C LEU A 3918 58.44 -15.34 43.21
N GLY A 3919 59.30 -14.67 43.96
CA GLY A 3919 60.30 -13.77 43.40
C GLY A 3919 61.28 -14.27 42.36
N ILE A 3920 61.00 -13.94 41.11
CA ILE A 3920 61.72 -14.43 39.94
C ILE A 3920 62.72 -13.36 39.53
N GLY A 3921 63.94 -13.79 39.21
CA GLY A 3921 64.94 -12.91 38.65
C GLY A 3921 65.32 -13.28 37.24
N ASP A 3922 66.47 -12.79 36.79
CA ASP A 3922 67.00 -12.98 35.43
C ASP A 3922 66.01 -12.51 34.37
N ARG A 3923 65.42 -11.34 34.60
CA ARG A 3923 64.42 -10.78 33.70
C ARG A 3923 65.10 -9.81 32.75
N HIS A 3924 65.95 -10.34 31.89
CA HIS A 3924 66.49 -9.55 30.80
C HIS A 3924 65.56 -9.70 29.60
N LEU A 3925 65.89 -9.00 28.51
CA LEU A 3925 64.96 -8.84 27.41
C LEU A 3925 64.81 -10.09 26.56
N ASN A 3926 65.69 -11.07 26.71
CA ASN A 3926 65.49 -12.34 26.05
C ASN A 3926 64.70 -13.32 26.88
N ASN A 3927 64.19 -12.89 28.04
CA ASN A 3927 63.29 -13.70 28.84
C ASN A 3927 61.86 -13.17 28.83
N PHE A 3928 61.57 -12.20 27.97
CA PHE A 3928 60.20 -11.74 27.75
C PHE A 3928 59.84 -12.02 26.29
N MET A 3929 58.66 -12.53 26.08
CA MET A 3929 58.16 -12.78 24.74
C MET A 3929 56.86 -12.04 24.54
N VAL A 3930 56.70 -11.45 23.37
CA VAL A 3930 55.51 -10.69 23.04
C VAL A 3930 54.77 -11.39 21.90
N ALA A 3931 53.49 -11.61 22.09
CA ALA A 3931 52.67 -12.26 21.06
C ALA A 3931 52.44 -11.28 19.93
N MET A 3932 52.90 -11.62 18.74
CA MET A 3932 52.86 -10.64 17.66
C MET A 3932 51.49 -10.53 17.01
N GLU A 3933 50.53 -11.36 17.40
CA GLU A 3933 49.17 -11.21 16.92
C GLU A 3933 48.25 -10.54 17.93
N THR A 3934 48.61 -10.53 19.21
CA THR A 3934 47.77 -9.91 20.23
C THR A 3934 48.44 -8.77 20.97
N GLY A 3935 49.76 -8.66 20.93
CA GLY A 3935 50.46 -7.62 21.65
C GLY A 3935 50.81 -7.94 23.08
N GLY A 3936 50.24 -9.00 23.65
CA GLY A 3936 50.47 -9.32 25.04
C GLY A 3936 51.85 -9.89 25.31
N VAL A 3937 52.26 -9.80 26.57
CA VAL A 3937 53.60 -10.20 26.99
C VAL A 3937 53.53 -11.56 27.67
N ILE A 3938 54.47 -12.42 27.33
CA ILE A 3938 54.62 -13.73 27.97
C ILE A 3938 55.99 -13.76 28.61
N GLY A 3939 56.05 -14.12 29.89
CA GLY A 3939 57.31 -14.27 30.59
C GLY A 3939 57.70 -15.74 30.59
N ILE A 3940 58.99 -16.00 30.39
CA ILE A 3940 59.49 -17.36 30.27
C ILE A 3940 60.63 -17.53 31.26
N ASP A 3941 61.27 -18.69 31.14
CA ASP A 3941 62.45 -19.07 31.90
C ASP A 3941 62.40 -18.77 33.39
N PHE A 3942 61.72 -19.62 34.13
CA PHE A 3942 61.67 -19.45 35.58
C PHE A 3942 62.74 -20.32 36.26
N GLY A 3943 63.99 -19.98 35.94
CA GLY A 3943 65.15 -20.66 36.48
C GLY A 3943 65.55 -20.18 37.85
N HIS A 3944 65.48 -18.87 38.07
CA HIS A 3944 65.78 -18.28 39.38
C HIS A 3944 64.48 -18.02 40.15
N ALA A 3945 63.72 -19.09 40.35
CA ALA A 3945 62.27 -19.01 40.59
C ALA A 3945 61.87 -18.32 41.86
N PHE A 3946 62.29 -18.83 43.00
CA PHE A 3946 62.10 -18.08 44.22
C PHE A 3946 63.36 -17.25 44.38
N GLY A 3947 63.46 -16.50 45.47
CA GLY A 3947 64.49 -15.48 45.50
C GLY A 3947 65.89 -16.05 45.54
N SER A 3948 66.52 -16.06 44.38
CA SER A 3948 67.82 -16.68 44.23
C SER A 3948 68.77 -15.91 43.34
N ALA A 3949 68.29 -14.94 42.57
CA ALA A 3949 69.21 -14.11 41.82
C ALA A 3949 69.90 -13.10 42.71
N THR A 3950 69.35 -12.84 43.88
CA THR A 3950 70.03 -12.07 44.90
C THR A 3950 70.53 -12.93 46.06
N GLN A 3951 70.63 -14.24 45.86
CA GLN A 3951 71.37 -15.08 46.79
C GLN A 3951 72.56 -15.77 46.10
N PHE A 3952 72.29 -16.58 45.09
CA PHE A 3952 73.34 -17.43 44.52
C PHE A 3952 73.89 -16.87 43.23
N LEU A 3953 74.34 -15.62 43.23
CA LEU A 3953 74.92 -15.04 42.04
C LEU A 3953 76.10 -14.17 42.44
N PRO A 3954 77.13 -14.07 41.58
CA PRO A 3954 78.28 -13.23 41.91
C PRO A 3954 77.98 -11.74 41.85
N VAL A 3955 76.91 -11.34 41.18
CA VAL A 3955 76.38 -10.00 41.28
C VAL A 3955 74.89 -10.11 41.61
N PRO A 3956 74.39 -9.42 42.61
CA PRO A 3956 72.99 -9.60 42.99
C PRO A 3956 72.07 -8.71 42.16
N GLU A 3957 70.84 -9.17 42.03
CA GLU A 3957 69.80 -8.46 41.29
C GLU A 3957 68.85 -7.86 42.31
N LEU A 3958 68.88 -6.53 42.42
CA LEU A 3958 68.16 -5.84 43.48
C LEU A 3958 66.79 -5.32 43.04
N MET A 3959 66.45 -5.46 41.76
CA MET A 3959 65.17 -4.95 41.33
C MET A 3959 64.12 -6.05 41.44
N PRO A 3960 62.89 -5.71 41.74
CA PRO A 3960 61.87 -6.74 41.88
C PRO A 3960 61.33 -7.23 40.55
N PHE A 3961 61.28 -6.35 39.56
CA PHE A 3961 60.89 -6.74 38.20
C PHE A 3961 61.52 -5.79 37.20
N ARG A 3962 61.05 -5.84 35.97
CA ARG A 3962 61.63 -5.12 34.84
C ARG A 3962 60.74 -3.94 34.51
N LEU A 3963 61.19 -2.73 34.85
CA LEU A 3963 60.46 -1.51 34.54
C LEU A 3963 61.42 -0.45 34.01
N THR A 3964 62.19 -0.78 32.98
CA THR A 3964 63.21 0.14 32.50
C THR A 3964 62.58 1.22 31.63
N ARG A 3965 63.42 1.94 30.88
CA ARG A 3965 62.98 3.17 30.25
C ARG A 3965 62.06 2.92 29.06
N GLN A 3966 62.30 1.82 28.34
CA GLN A 3966 61.53 1.57 27.14
C GLN A 3966 60.10 1.15 27.45
N PHE A 3967 59.82 0.71 28.67
CA PHE A 3967 58.45 0.47 29.08
C PHE A 3967 57.75 1.77 29.44
N ILE A 3968 58.37 2.58 30.29
CA ILE A 3968 57.71 3.78 30.78
C ILE A 3968 57.72 4.93 29.79
N ASN A 3969 58.42 4.81 28.66
CA ASN A 3969 58.20 5.74 27.57
C ASN A 3969 57.15 5.27 26.58
N LEU A 3970 56.64 4.06 26.73
CA LEU A 3970 55.49 3.66 25.94
C LEU A 3970 54.24 4.37 26.41
N MET A 3971 54.17 4.67 27.70
CA MET A 3971 53.00 5.27 28.31
C MET A 3971 52.95 6.78 28.15
N LEU A 3972 53.91 7.39 27.45
CA LEU A 3972 53.95 8.84 27.31
C LEU A 3972 52.76 9.34 26.48
N PRO A 3973 52.27 10.56 26.75
CA PRO A 3973 52.67 11.62 27.67
C PRO A 3973 52.40 11.35 29.14
N MET A 3974 51.68 10.29 29.44
CA MET A 3974 51.42 9.92 30.82
C MET A 3974 52.56 9.07 31.34
N LYS A 3975 52.45 8.62 32.58
CA LYS A 3975 53.57 7.94 33.22
C LYS A 3975 53.18 6.56 33.72
N GLU A 3976 54.04 5.95 34.54
CA GLU A 3976 53.76 4.64 35.09
C GLU A 3976 52.74 4.68 36.20
N THR A 3977 52.41 5.86 36.74
CA THR A 3977 51.50 5.94 37.87
C THR A 3977 50.05 5.82 37.47
N GLY A 3978 49.74 5.51 36.22
CA GLY A 3978 48.39 5.34 35.80
C GLY A 3978 48.00 3.89 35.64
N LEU A 3979 48.04 3.41 34.41
CA LEU A 3979 47.44 2.12 34.10
C LEU A 3979 48.26 0.97 34.69
N MET A 3980 49.59 1.03 34.55
CA MET A 3980 50.44 -0.04 35.07
C MET A 3980 50.34 -0.14 36.59
N TYR A 3981 50.34 1.02 37.26
CA TYR A 3981 50.15 1.06 38.70
C TYR A 3981 48.80 0.52 39.12
N SER A 3982 47.73 0.89 38.42
CA SER A 3982 46.39 0.49 38.84
C SER A 3982 46.15 -0.99 38.62
N ILE A 3983 46.70 -1.54 37.53
CA ILE A 3983 46.61 -2.99 37.31
C ILE A 3983 47.40 -3.73 38.37
N MET A 3984 48.55 -3.18 38.77
CA MET A 3984 49.34 -3.82 39.83
C MET A 3984 48.61 -3.81 41.16
N VAL A 3985 47.90 -2.71 41.47
CA VAL A 3985 47.13 -2.63 42.70
C VAL A 3985 46.01 -3.65 42.70
N HIS A 3986 45.27 -3.76 41.59
CA HIS A 3986 44.16 -4.71 41.51
C HIS A 3986 44.64 -6.15 41.60
N ALA A 3987 45.74 -6.47 40.94
CA ALA A 3987 46.26 -7.83 40.98
C ALA A 3987 46.80 -8.18 42.35
N LEU A 3988 47.55 -7.27 42.97
CA LEU A 3988 48.09 -7.54 44.30
C LEU A 3988 46.98 -7.60 45.34
N ARG A 3989 45.89 -6.86 45.14
CA ARG A 3989 44.77 -6.93 46.06
C ARG A 3989 44.01 -8.24 45.92
N ALA A 3990 43.91 -8.77 44.71
CA ALA A 3990 43.29 -10.08 44.54
C ALA A 3990 44.17 -11.19 45.11
N PHE A 3991 45.49 -11.03 45.03
CA PHE A 3991 46.38 -12.04 45.60
C PHE A 3991 46.33 -12.00 47.11
N ARG A 3992 46.29 -10.81 47.69
CA ARG A 3992 46.23 -10.68 49.14
C ARG A 3992 44.82 -10.77 49.68
N SER A 3993 43.81 -10.99 48.83
CA SER A 3993 42.47 -11.22 49.32
C SER A 3993 42.37 -12.56 50.02
N ASP A 3994 42.75 -13.64 49.34
CA ASP A 3994 42.85 -14.96 49.93
C ASP A 3994 44.32 -15.34 49.89
N PRO A 3995 45.07 -15.07 50.96
CA PRO A 3995 46.49 -15.44 50.98
C PRO A 3995 46.77 -16.93 51.05
N GLY A 3996 45.74 -17.76 51.25
CA GLY A 3996 45.99 -19.16 51.51
C GLY A 3996 46.38 -19.95 50.28
N LEU A 3997 45.83 -19.61 49.11
CA LEU A 3997 45.89 -20.50 47.95
C LEU A 3997 47.29 -20.65 47.39
N LEU A 3998 48.00 -19.53 47.25
CA LEU A 3998 49.34 -19.59 46.67
C LEU A 3998 50.32 -20.24 47.64
N THR A 3999 50.18 -19.98 48.93
CA THR A 3999 51.08 -20.58 49.90
C THR A 3999 50.67 -21.98 50.33
N ASN A 4000 49.50 -22.46 49.92
CA ASN A 4000 49.19 -23.87 50.06
C ASN A 4000 49.56 -24.69 48.84
N THR A 4001 49.57 -24.08 47.66
CA THR A 4001 50.03 -24.77 46.46
C THR A 4001 51.54 -25.06 46.50
N MET A 4002 52.30 -24.33 47.30
CA MET A 4002 53.75 -24.47 47.35
C MET A 4002 54.21 -25.62 48.24
N ASP A 4003 53.31 -26.48 48.73
CA ASP A 4003 53.72 -27.61 49.56
C ASP A 4003 54.55 -28.62 48.80
N VAL A 4004 54.37 -28.69 47.47
CA VAL A 4004 55.13 -29.61 46.64
C VAL A 4004 56.60 -29.22 46.62
N PHE A 4005 56.90 -27.94 46.84
CA PHE A 4005 58.28 -27.48 46.90
C PHE A 4005 59.03 -28.03 48.10
N VAL A 4006 58.35 -28.32 49.20
CA VAL A 4006 59.04 -28.84 50.37
C VAL A 4006 58.81 -30.36 50.48
N LYS A 4007 57.76 -30.88 49.85
CA LYS A 4007 57.51 -32.30 49.93
C LYS A 4007 58.42 -33.08 49.00
N GLU A 4008 58.46 -32.71 47.73
CA GLU A 4008 59.35 -33.31 46.74
C GLU A 4008 60.27 -32.21 46.25
N PRO A 4009 61.38 -31.97 46.94
CA PRO A 4009 62.26 -30.88 46.52
C PRO A 4009 63.04 -31.26 45.28
N SER A 4010 63.32 -30.25 44.46
CA SER A 4010 63.99 -30.47 43.18
C SER A 4010 65.48 -30.72 43.40
N PHE A 4011 66.23 -30.88 42.33
CA PHE A 4011 67.67 -31.08 42.51
C PHE A 4011 68.37 -29.77 42.82
N ASP A 4012 67.97 -28.69 42.14
CA ASP A 4012 68.61 -27.40 42.35
C ASP A 4012 68.23 -26.78 43.69
N TRP A 4013 67.15 -27.21 44.32
CA TRP A 4013 66.84 -26.72 45.66
C TRP A 4013 67.60 -27.47 46.74
N LYS A 4014 67.85 -28.77 46.58
CA LYS A 4014 68.77 -29.44 47.50
C LYS A 4014 70.21 -28.97 47.28
N ASN A 4015 70.58 -28.68 46.03
CA ASN A 4015 71.92 -28.14 45.77
C ASN A 4015 72.07 -26.73 46.34
N PHE A 4016 71.03 -25.91 46.24
CA PHE A 4016 71.06 -24.61 46.90
C PHE A 4016 71.02 -24.76 48.43
N GLU A 4017 70.41 -25.84 48.94
CA GLU A 4017 70.44 -26.10 50.37
C GLU A 4017 71.85 -26.46 50.84
N GLN A 4018 72.61 -27.21 50.04
CA GLN A 4018 73.97 -27.55 50.43
C GLN A 4018 74.91 -26.36 50.28
N LYS A 4019 74.74 -25.58 49.21
CA LYS A 4019 75.53 -24.36 49.05
C LYS A 4019 75.14 -23.28 50.04
N MET A 4020 73.97 -23.38 50.65
CA MET A 4020 73.58 -22.48 51.73
C MET A 4020 74.06 -22.99 53.08
N LEU A 4021 74.12 -24.32 53.25
CA LEU A 4021 74.63 -24.90 54.49
C LEU A 4021 76.14 -24.86 54.58
N LYS A 4022 76.82 -24.59 53.47
CA LYS A 4022 78.28 -24.51 53.49
C LYS A 4022 78.77 -23.36 54.37
N LYS A 4023 78.34 -22.13 54.08
CA LYS A 4023 78.98 -20.96 54.68
C LYS A 4023 78.50 -20.73 56.11
N GLY A 4024 77.21 -20.46 56.29
CA GLY A 4024 76.71 -20.13 57.62
C GLY A 4024 76.87 -18.67 57.96
N GLY A 4025 75.82 -18.05 58.48
CA GLY A 4025 75.86 -16.65 58.83
C GLY A 4025 75.11 -16.31 60.11
N SER A 4026 74.23 -15.31 60.03
CA SER A 4026 73.47 -14.87 61.19
C SER A 4026 72.27 -15.76 61.47
N TRP A 4027 71.69 -16.36 60.45
CA TRP A 4027 70.41 -17.05 60.60
C TRP A 4027 70.56 -18.42 61.25
N ILE A 4028 71.78 -18.92 61.39
CA ILE A 4028 71.99 -20.27 61.89
C ILE A 4028 71.65 -20.35 63.37
N GLN A 4029 71.88 -19.28 64.11
CA GLN A 4029 71.41 -19.15 65.47
C GLN A 4029 69.98 -18.63 65.55
N GLU A 4030 69.19 -18.74 64.48
CA GLU A 4030 67.78 -18.38 64.52
C GLU A 4030 66.84 -19.44 63.94
N ILE A 4031 67.27 -20.23 62.95
CA ILE A 4031 66.42 -21.24 62.34
C ILE A 4031 67.04 -22.61 62.55
N ASN A 4032 66.19 -23.63 62.63
CA ASN A 4032 66.62 -24.98 62.97
C ASN A 4032 67.00 -25.73 61.70
N VAL A 4033 68.27 -26.16 61.63
CA VAL A 4033 68.77 -26.88 60.47
C VAL A 4033 68.55 -28.38 60.57
N ALA A 4034 68.32 -28.91 61.78
CA ALA A 4034 68.02 -30.32 61.96
C ALA A 4034 66.54 -30.61 62.01
N GLU A 4035 65.71 -29.61 61.68
CA GLU A 4035 64.26 -29.77 61.79
C GLU A 4035 63.69 -30.56 60.60
N LYS A 4036 63.91 -30.06 59.40
CA LYS A 4036 63.22 -30.58 58.22
C LYS A 4036 64.12 -30.37 57.01
N ASN A 4037 63.53 -30.38 55.82
CA ASN A 4037 64.24 -29.90 54.64
C ASN A 4037 64.49 -28.40 54.71
N TRP A 4038 63.60 -27.67 55.38
CA TRP A 4038 63.74 -26.34 55.98
C TRP A 4038 64.06 -25.19 55.03
N TYR A 4039 64.50 -25.49 53.82
CA TYR A 4039 64.83 -24.48 52.83
C TYR A 4039 63.59 -24.06 52.04
N PRO A 4040 62.75 -24.96 51.49
CA PRO A 4040 61.51 -24.48 50.89
C PRO A 4040 60.51 -24.00 51.91
N ARG A 4041 60.64 -24.43 53.16
CA ARG A 4041 59.83 -23.82 54.22
C ARG A 4041 60.22 -22.35 54.41
N GLN A 4042 61.52 -22.03 54.25
CA GLN A 4042 61.95 -20.65 54.35
C GLN A 4042 61.53 -19.83 53.13
N LYS A 4043 61.54 -20.44 51.95
CA LYS A 4043 61.06 -19.74 50.76
C LYS A 4043 59.56 -19.46 50.83
N ILE A 4044 58.80 -20.42 51.36
CA ILE A 4044 57.37 -20.18 51.59
C ILE A 4044 57.16 -19.14 52.68
N CYS A 4045 58.07 -19.06 53.65
CA CYS A 4045 57.97 -18.04 54.69
C CYS A 4045 58.17 -16.65 54.09
N TYR A 4046 59.15 -16.50 53.21
CA TYR A 4046 59.35 -15.23 52.50
C TYR A 4046 58.16 -14.86 51.64
N ALA A 4047 57.63 -15.81 50.87
CA ALA A 4047 56.53 -15.53 49.95
C ALA A 4047 55.26 -15.16 50.69
N LYS A 4048 54.94 -15.91 51.74
CA LYS A 4048 53.80 -15.59 52.58
C LYS A 4048 54.00 -14.29 53.32
N ARG A 4049 55.25 -13.95 53.66
CA ARG A 4049 55.54 -12.74 54.41
C ARG A 4049 55.39 -11.51 53.54
N LYS A 4050 55.76 -11.60 52.26
CA LYS A 4050 55.56 -10.46 51.38
C LYS A 4050 54.13 -10.38 50.86
N LEU A 4051 53.40 -11.48 50.91
CA LEU A 4051 52.00 -11.39 50.55
C LEU A 4051 51.12 -11.14 51.77
N ALA A 4052 51.72 -10.99 52.96
CA ALA A 4052 51.00 -10.51 54.13
C ALA A 4052 51.15 -9.01 54.33
N GLY A 4053 51.88 -8.35 53.45
CA GLY A 4053 52.11 -6.92 53.56
C GLY A 4053 53.49 -6.65 54.08
N ALA A 4054 54.43 -6.36 53.19
CA ALA A 4054 55.81 -6.22 53.60
C ALA A 4054 56.53 -5.27 52.65
N ASN A 4055 57.47 -4.53 53.21
CA ASN A 4055 58.31 -3.64 52.44
C ASN A 4055 59.18 -4.47 51.51
N PRO A 4056 59.16 -4.19 50.20
CA PRO A 4056 60.03 -4.94 49.28
C PRO A 4056 61.49 -4.60 49.44
N ALA A 4057 61.79 -3.46 50.08
CA ALA A 4057 63.15 -3.17 50.46
C ALA A 4057 63.63 -4.15 51.53
N VAL A 4058 62.71 -4.59 52.40
CA VAL A 4058 63.08 -5.45 53.52
C VAL A 4058 63.35 -6.88 53.06
N ILE A 4059 62.49 -7.41 52.18
CA ILE A 4059 62.67 -8.76 51.66
C ILE A 4059 63.96 -8.88 50.86
N THR A 4060 64.32 -7.83 50.13
CA THR A 4060 65.52 -7.88 49.33
C THR A 4060 66.78 -7.85 50.19
N CYS A 4061 66.80 -7.00 51.22
CA CYS A 4061 68.00 -6.98 52.06
C CYS A 4061 68.06 -8.21 52.96
N ASP A 4062 66.90 -8.80 53.28
CA ASP A 4062 66.90 -10.08 53.98
C ASP A 4062 67.48 -11.19 53.11
N GLU A 4063 67.21 -11.15 51.80
CA GLU A 4063 67.81 -12.14 50.92
C GLU A 4063 69.31 -11.90 50.74
N LEU A 4064 69.74 -10.64 50.74
CA LEU A 4064 71.17 -10.36 50.69
C LEU A 4064 71.85 -10.78 52.00
N LEU A 4065 71.13 -10.66 53.12
CA LEU A 4065 71.62 -11.14 54.40
C LEU A 4065 71.73 -12.64 54.40
N LEU A 4066 70.80 -13.30 53.74
CA LEU A 4066 70.75 -14.75 53.77
C LEU A 4066 71.75 -15.37 52.83
N GLY A 4067 72.11 -14.68 51.75
CA GLY A 4067 73.02 -15.29 50.78
C GLY A 4067 74.38 -14.64 50.67
N HIS A 4068 74.47 -13.34 50.93
CA HIS A 4068 75.68 -12.58 50.67
C HIS A 4068 76.36 -12.09 51.93
N GLU A 4069 76.42 -12.92 52.97
CA GLU A 4069 77.24 -12.57 54.11
C GLU A 4069 78.72 -12.79 53.83
N LYS A 4070 79.54 -12.01 54.53
CA LYS A 4070 81.01 -11.95 54.44
C LYS A 4070 81.51 -11.50 53.08
N ALA A 4071 80.64 -10.93 52.25
CA ALA A 4071 81.10 -10.22 51.09
C ALA A 4071 81.69 -8.89 51.54
N PRO A 4072 82.67 -8.35 50.80
CA PRO A 4072 83.24 -7.05 51.20
C PRO A 4072 82.25 -5.92 51.10
N ALA A 4073 81.27 -6.01 50.21
CA ALA A 4073 80.37 -4.91 49.90
C ALA A 4073 78.94 -5.17 50.36
N PHE A 4074 78.76 -5.97 51.42
CA PHE A 4074 77.42 -6.32 51.88
C PHE A 4074 76.69 -5.12 52.46
N ARG A 4075 77.41 -4.28 53.19
CA ARG A 4075 76.81 -3.06 53.74
C ARG A 4075 76.35 -2.12 52.62
N ASP A 4076 77.13 -2.05 51.54
CA ASP A 4076 76.71 -1.24 50.41
C ASP A 4076 75.56 -1.89 49.66
N TYR A 4077 75.50 -3.22 49.64
CA TYR A 4077 74.37 -3.92 49.05
C TYR A 4077 73.06 -3.56 49.75
N VAL A 4078 73.10 -3.55 51.08
CA VAL A 4078 71.89 -3.19 51.83
C VAL A 4078 71.62 -1.69 51.71
N ALA A 4079 72.65 -0.86 51.70
CA ALA A 4079 72.43 0.58 51.62
C ALA A 4079 72.04 1.04 50.22
N VAL A 4080 72.20 0.19 49.20
CA VAL A 4080 71.59 0.46 47.90
C VAL A 4080 70.18 -0.09 47.85
N ALA A 4081 69.99 -1.35 48.26
CA ALA A 4081 68.69 -1.99 48.14
C ALA A 4081 67.67 -1.51 49.15
N ARG A 4082 68.05 -0.64 50.09
CA ARG A 4082 67.11 -0.10 51.05
C ARG A 4082 66.70 1.34 50.78
N GLY A 4083 67.45 2.05 49.94
CA GLY A 4083 67.03 3.39 49.55
C GLY A 4083 67.94 4.52 50.02
N SER A 4084 67.37 5.71 50.17
CA SER A 4084 68.14 6.86 50.61
C SER A 4084 67.38 7.82 51.50
N LYS A 4085 66.14 7.50 51.91
CA LYS A 4085 65.38 8.11 53.00
C LYS A 4085 64.88 9.52 52.71
N ASP A 4086 65.35 10.15 51.65
CA ASP A 4086 64.80 11.45 51.29
C ASP A 4086 64.51 11.48 49.80
N HIS A 4087 65.16 10.57 49.08
CA HIS A 4087 65.03 10.49 47.63
C HIS A 4087 64.33 9.22 47.21
N ASN A 4088 63.68 8.53 48.15
CA ASN A 4088 62.95 7.32 47.84
C ASN A 4088 61.69 7.30 48.69
N ILE A 4089 60.79 6.38 48.38
CA ILE A 4089 59.63 6.15 49.21
C ILE A 4089 59.71 4.78 49.87
N ARG A 4090 60.58 3.90 49.41
CA ARG A 4090 60.72 2.59 50.02
C ARG A 4090 61.47 2.62 51.34
N ALA A 4091 62.00 3.78 51.75
CA ALA A 4091 62.73 3.89 52.99
C ALA A 4091 61.93 4.52 54.10
N GLN A 4092 61.08 5.51 53.82
CA GLN A 4092 60.20 6.04 54.86
C GLN A 4092 58.86 5.32 54.93
N GLU A 4093 58.91 3.99 54.99
CA GLU A 4093 57.74 3.16 55.18
C GLU A 4093 58.06 2.13 56.26
N PRO A 4094 57.04 1.64 56.98
CA PRO A 4094 57.30 0.64 58.02
C PRO A 4094 57.80 -0.67 57.44
N GLU A 4095 58.44 -1.46 58.30
CA GLU A 4095 59.07 -2.71 57.89
C GLU A 4095 58.05 -3.74 57.43
N SER A 4096 56.84 -3.69 57.97
CA SER A 4096 55.76 -4.58 57.60
C SER A 4096 54.45 -3.90 57.98
N GLY A 4097 53.37 -4.67 57.96
CA GLY A 4097 52.04 -4.13 58.16
C GLY A 4097 51.59 -3.22 57.05
N LEU A 4098 52.18 -3.38 55.86
CA LEU A 4098 52.07 -2.38 54.83
C LEU A 4098 50.74 -2.51 54.11
N SER A 4099 50.33 -1.44 53.45
CA SER A 4099 49.03 -1.40 52.81
C SER A 4099 49.14 -1.77 51.34
N GLU A 4100 47.97 -1.88 50.73
CA GLU A 4100 47.81 -2.44 49.40
C GLU A 4100 48.43 -1.52 48.33
N GLU A 4101 48.05 -0.25 48.35
CA GLU A 4101 48.57 0.71 47.38
C GLU A 4101 49.98 1.16 47.75
N THR A 4102 50.27 1.18 49.05
CA THR A 4102 51.58 1.63 49.51
C THR A 4102 52.65 0.63 49.14
N GLN A 4103 52.32 -0.66 49.13
CA GLN A 4103 53.29 -1.69 48.79
C GLN A 4103 53.77 -1.58 47.36
N VAL A 4104 52.84 -1.41 46.41
CA VAL A 4104 53.25 -1.23 45.02
C VAL A 4104 53.82 0.15 44.80
N LYS A 4105 53.46 1.12 45.66
CA LYS A 4105 54.05 2.45 45.52
C LYS A 4105 55.52 2.45 45.93
N CYS A 4106 55.89 1.65 46.91
CA CYS A 4106 57.30 1.52 47.25
C CYS A 4106 57.98 0.39 46.51
N LEU A 4107 57.22 -0.38 45.74
CA LEU A 4107 57.75 -1.47 44.93
C LEU A 4107 58.01 -1.08 43.49
N MET A 4108 57.33 -0.04 42.98
CA MET A 4108 57.71 0.57 41.72
C MET A 4108 58.89 1.51 41.90
N ASP A 4109 59.02 2.12 43.07
CA ASP A 4109 60.17 2.95 43.39
C ASP A 4109 61.48 2.17 43.29
N GLN A 4110 61.47 0.93 43.78
CA GLN A 4110 62.69 0.12 43.76
C GLN A 4110 63.04 -0.30 42.34
N ALA A 4111 62.03 -0.62 41.52
CA ALA A 4111 62.28 -1.20 40.22
C ALA A 4111 62.77 -0.19 39.20
N THR A 4112 62.40 1.09 39.35
CA THR A 4112 62.95 2.15 38.51
C THR A 4112 63.66 3.15 39.40
N ASP A 4113 64.88 2.82 39.74
CA ASP A 4113 65.73 3.60 40.61
C ASP A 4113 67.13 3.69 39.99
N PRO A 4114 67.63 4.88 39.72
CA PRO A 4114 68.89 4.98 38.97
C PRO A 4114 70.08 4.56 39.80
N ASN A 4115 69.98 4.64 41.12
CA ASN A 4115 71.01 4.11 41.99
C ASN A 4115 71.12 2.60 41.88
N ILE A 4116 69.98 1.89 41.91
CA ILE A 4116 70.00 0.44 41.73
C ILE A 4116 70.33 0.07 40.29
N LEU A 4117 69.66 0.71 39.33
CA LEU A 4117 69.81 0.35 37.92
C LEU A 4117 71.19 0.71 37.37
N GLY A 4118 71.93 1.60 38.03
CA GLY A 4118 73.28 1.87 37.58
C GLY A 4118 74.30 0.82 37.97
N ARG A 4119 73.95 -0.09 38.88
CA ARG A 4119 74.84 -1.17 39.30
C ARG A 4119 74.06 -2.49 39.18
N THR A 4120 73.99 -3.00 37.96
CA THR A 4120 73.30 -4.25 37.66
C THR A 4120 74.14 -4.95 36.60
N TRP A 4121 73.95 -6.27 36.49
CA TRP A 4121 74.72 -7.09 35.56
C TRP A 4121 74.56 -6.61 34.12
N GLU A 4122 75.66 -6.65 33.37
CA GLU A 4122 75.75 -6.03 32.06
C GLU A 4122 74.84 -6.70 31.05
N GLY A 4123 74.57 -7.99 31.22
CA GLY A 4123 73.71 -8.69 30.29
C GLY A 4123 72.25 -8.38 30.45
N TRP A 4124 71.85 -7.90 31.63
CA TRP A 4124 70.48 -7.52 31.90
C TRP A 4124 70.03 -6.34 31.04
N GLU A 4125 70.96 -5.46 30.67
CA GLU A 4125 70.79 -4.20 29.95
C GLU A 4125 69.77 -3.30 30.63
N PRO A 4126 70.13 -2.66 31.75
CA PRO A 4126 69.16 -1.81 32.45
C PRO A 4126 68.92 -0.47 31.79
N TRP A 4127 69.62 -0.13 30.71
CA TRP A 4127 69.30 1.10 30.01
C TRP A 4127 68.11 0.91 29.07
N MET A 4128 68.02 -0.24 28.41
CA MET A 4128 66.87 -0.57 27.60
C MET A 4128 65.66 -0.82 28.49
N LYS B 31 -21.51 47.97 -15.63
CA LYS B 31 -22.50 46.92 -15.41
C LYS B 31 -23.55 47.40 -14.44
N TYR B 32 -24.10 46.47 -13.66
CA TYR B 32 -25.08 46.77 -12.61
C TYR B 32 -24.53 46.61 -11.22
N SER B 33 -23.83 45.51 -10.95
CA SER B 33 -23.25 45.29 -9.64
C SER B 33 -21.96 46.07 -9.43
N GLY B 34 -21.46 46.71 -10.48
CA GLY B 34 -20.25 47.50 -10.42
C GLY B 34 -20.38 48.70 -9.51
N ARG B 35 -19.41 48.87 -8.64
CA ARG B 35 -19.41 50.00 -7.72
C ARG B 35 -18.76 51.19 -8.36
N ASP B 36 -18.96 52.34 -7.75
CA ASP B 36 -18.30 53.57 -8.16
C ASP B 36 -17.13 53.81 -7.21
N SER B 37 -15.94 53.97 -7.76
CA SER B 37 -14.74 54.20 -6.98
C SER B 37 -14.26 55.62 -7.20
N LEU B 38 -13.67 56.21 -6.16
CA LEU B 38 -13.25 57.60 -6.23
C LEU B 38 -12.07 57.80 -5.30
N ILE B 39 -10.98 58.37 -5.81
CA ILE B 39 -9.80 58.67 -5.02
C ILE B 39 -9.68 60.17 -4.91
N PHE B 40 -9.61 60.67 -3.67
CA PHE B 40 -9.37 62.08 -3.41
C PHE B 40 -7.87 62.29 -3.30
N LEU B 41 -7.33 63.14 -4.16
CA LEU B 41 -5.91 63.41 -4.19
C LEU B 41 -5.69 64.86 -3.81
N VAL B 42 -5.01 65.09 -2.69
CA VAL B 42 -4.89 66.42 -2.10
C VAL B 42 -3.42 66.84 -2.14
N ASP B 43 -3.16 68.02 -2.68
CA ASP B 43 -1.80 68.54 -2.81
C ASP B 43 -1.38 69.24 -1.53
N ALA B 44 -1.15 68.43 -0.51
CA ALA B 44 -0.71 68.92 0.79
C ALA B 44 0.81 69.08 0.79
N SER B 45 1.27 69.96 -0.09
CA SER B 45 2.71 70.18 -0.17
C SER B 45 3.15 71.39 0.62
N LYS B 46 2.94 72.59 0.08
CA LYS B 46 3.46 73.78 0.75
C LYS B 46 2.49 74.95 0.75
N ALA B 47 1.73 75.13 -0.33
CA ALA B 47 1.05 76.38 -0.60
C ALA B 47 -0.44 76.36 -0.29
N MET B 48 -0.87 75.52 0.65
CA MET B 48 -2.25 75.52 1.09
C MET B 48 -2.34 75.75 2.59
N PHE B 49 -1.31 76.33 3.16
CA PHE B 49 -1.24 76.44 4.61
C PHE B 49 -0.92 77.86 5.06
N GLU B 50 -0.85 78.82 4.15
CA GLU B 50 -0.61 80.22 4.47
C GLU B 50 -1.56 81.12 3.67
N SER B 51 -2.86 80.83 3.80
CA SER B 51 -3.90 81.54 3.05
C SER B 51 -3.86 83.04 3.33
N GLN B 52 -4.08 83.83 2.27
CA GLN B 52 -3.73 85.24 2.25
C GLN B 52 -4.83 86.14 2.83
N SER B 53 -5.79 85.59 3.55
CA SER B 53 -6.81 86.51 4.05
C SER B 53 -6.94 86.51 5.58
N GLU B 54 -6.91 85.33 6.21
CA GLU B 54 -6.97 85.05 7.65
C GLU B 54 -8.35 85.31 8.25
N ASP B 55 -9.24 85.97 7.51
CA ASP B 55 -10.67 85.91 7.76
C ASP B 55 -11.35 85.07 6.69
N GLU B 56 -10.61 84.15 6.11
CA GLU B 56 -11.11 83.20 5.12
C GLU B 56 -10.48 81.84 5.38
N LEU B 57 -10.58 80.95 4.40
CA LEU B 57 -10.44 79.54 4.65
C LEU B 57 -9.34 79.01 3.75
N THR B 58 -8.37 78.31 4.35
CA THR B 58 -7.23 77.85 3.60
C THR B 58 -7.62 76.69 2.67
N PRO B 59 -6.96 76.57 1.51
CA PRO B 59 -7.33 75.51 0.56
C PRO B 59 -7.18 74.09 1.06
N PHE B 60 -6.26 73.81 2.00
CA PHE B 60 -6.25 72.50 2.64
C PHE B 60 -7.54 72.24 3.41
N ASP B 61 -8.01 73.25 4.15
CA ASP B 61 -9.28 73.09 4.85
C ASP B 61 -10.45 73.03 3.89
N MET B 62 -10.33 73.67 2.73
CA MET B 62 -11.40 73.62 1.74
C MET B 62 -11.53 72.24 1.14
N SER B 63 -10.39 71.63 0.81
CA SER B 63 -10.40 70.26 0.30
C SER B 63 -10.84 69.28 1.38
N ILE B 64 -10.46 69.51 2.65
CA ILE B 64 -10.84 68.57 3.70
C ILE B 64 -12.35 68.64 3.97
N GLN B 65 -12.92 69.84 4.02
CA GLN B 65 -14.37 70.00 4.15
C GLN B 65 -15.10 69.38 2.95
N CYS B 66 -14.53 69.50 1.75
CA CYS B 66 -15.17 68.93 0.55
C CYS B 66 -15.18 67.40 0.60
N ILE B 67 -14.05 66.80 0.96
CA ILE B 67 -13.95 65.35 1.07
C ILE B 67 -14.86 64.81 2.16
N GLN B 68 -14.96 65.53 3.27
CA GLN B 68 -15.82 65.10 4.37
C GLN B 68 -17.30 65.23 4.01
N SER B 69 -17.66 66.25 3.23
CA SER B 69 -19.04 66.37 2.80
C SER B 69 -19.40 65.28 1.80
N VAL B 70 -18.43 64.87 0.96
CA VAL B 70 -18.70 63.76 0.04
C VAL B 70 -18.85 62.45 0.79
N TYR B 71 -18.07 62.26 1.86
CA TYR B 71 -18.21 61.06 2.68
C TYR B 71 -19.56 61.01 3.37
N ILE B 72 -20.01 62.14 3.93
CA ILE B 72 -21.28 62.15 4.65
C ILE B 72 -22.45 62.00 3.68
N SER B 73 -22.32 62.57 2.49
CA SER B 73 -23.34 62.39 1.46
C SER B 73 -23.41 60.94 0.98
N LYS B 74 -22.27 60.34 0.69
CA LYS B 74 -22.27 59.00 0.11
C LYS B 74 -22.46 57.91 1.13
N ILE B 75 -22.38 58.20 2.43
CA ILE B 75 -22.58 57.14 3.41
C ILE B 75 -24.04 56.74 3.56
N ILE B 76 -24.96 57.53 3.04
CA ILE B 76 -26.37 57.19 3.11
C ILE B 76 -27.02 57.40 1.76
N SER B 77 -26.31 58.06 0.84
CA SER B 77 -26.79 58.10 -0.53
C SER B 77 -26.56 56.76 -1.21
N SER B 78 -25.30 56.37 -1.37
CA SER B 78 -24.95 55.07 -1.96
C SER B 78 -23.73 54.54 -1.22
N ASP B 79 -23.95 53.79 -0.15
CA ASP B 79 -22.89 53.35 0.73
C ASP B 79 -22.20 52.09 0.26
N ARG B 80 -22.49 51.63 -0.94
CA ARG B 80 -21.75 50.52 -1.52
C ARG B 80 -20.59 50.98 -2.37
N ASP B 81 -20.48 52.28 -2.62
CA ASP B 81 -19.38 52.83 -3.37
C ASP B 81 -18.11 52.82 -2.53
N LEU B 82 -16.98 52.97 -3.22
CA LEU B 82 -15.65 52.85 -2.63
C LEU B 82 -14.97 54.20 -2.71
N LEU B 83 -14.32 54.60 -1.63
CA LEU B 83 -13.64 55.88 -1.58
C LEU B 83 -12.28 55.72 -0.95
N ALA B 84 -11.38 56.65 -1.26
CA ALA B 84 -10.04 56.66 -0.68
C ALA B 84 -9.50 58.06 -0.72
N VAL B 85 -8.62 58.37 0.22
CA VAL B 85 -7.93 59.66 0.24
C VAL B 85 -6.43 59.40 0.35
N VAL B 86 -5.65 60.07 -0.50
CA VAL B 86 -4.20 59.91 -0.57
C VAL B 86 -3.58 61.29 -0.46
N PHE B 87 -2.48 61.39 0.29
CA PHE B 87 -1.79 62.66 0.45
C PHE B 87 -0.40 62.56 -0.16
N TYR B 88 -0.09 63.47 -1.08
CA TYR B 88 1.22 63.58 -1.69
C TYR B 88 1.78 64.96 -1.43
N GLY B 89 3.08 65.11 -1.64
CA GLY B 89 3.77 66.28 -1.15
C GLY B 89 3.98 66.26 0.35
N THR B 90 3.89 65.09 0.97
CA THR B 90 4.03 64.91 2.42
C THR B 90 5.26 64.08 2.68
N GLU B 91 5.93 64.31 3.80
CA GLU B 91 7.24 63.68 4.03
C GLU B 91 7.12 62.18 4.27
N LYS B 92 6.36 61.77 5.28
CA LYS B 92 6.18 60.35 5.58
C LYS B 92 5.30 59.69 4.51
N ASP B 93 5.55 58.39 4.26
CA ASP B 93 4.87 57.61 3.23
C ASP B 93 4.25 56.34 3.83
N LYS B 94 3.08 55.96 3.31
CA LYS B 94 2.46 54.70 3.71
C LYS B 94 1.78 54.00 2.54
N ASN B 95 2.44 53.93 1.40
CA ASN B 95 1.91 53.17 0.29
C ASN B 95 2.49 51.76 0.27
N SER B 96 2.08 50.97 -0.71
CA SER B 96 2.46 49.56 -0.78
C SER B 96 3.82 49.37 -1.42
N VAL B 97 4.14 50.19 -2.43
CA VAL B 97 5.45 50.16 -3.07
C VAL B 97 6.55 50.87 -2.29
N ASN B 98 6.21 51.49 -1.15
CA ASN B 98 7.12 52.28 -0.32
C ASN B 98 7.77 53.40 -1.12
N PHE B 99 7.00 54.04 -1.99
CA PHE B 99 7.55 55.14 -2.77
C PHE B 99 7.78 56.37 -1.89
N LYS B 100 8.48 57.33 -2.46
CA LYS B 100 8.86 58.53 -1.72
C LYS B 100 7.71 59.51 -1.74
N ASN B 101 7.24 59.86 -0.53
CA ASN B 101 6.38 61.03 -0.29
C ASN B 101 4.96 60.87 -0.82
N ILE B 102 4.38 59.69 -0.60
CA ILE B 102 2.97 59.41 -0.89
C ILE B 102 2.36 58.80 0.36
N TYR B 103 1.36 59.46 0.94
CA TYR B 103 0.71 58.91 2.13
C TYR B 103 -0.72 58.52 1.79
N VAL B 104 -1.02 57.22 1.92
CA VAL B 104 -2.34 56.69 1.68
C VAL B 104 -3.01 56.57 3.05
N LEU B 105 -3.89 57.52 3.35
CA LEU B 105 -4.56 57.51 4.65
C LEU B 105 -5.56 56.36 4.73
N GLN B 106 -6.32 56.15 3.66
CA GLN B 106 -7.32 55.09 3.64
C GLN B 106 -7.27 54.37 2.30
N GLU B 107 -7.56 53.07 2.33
CA GLU B 107 -7.66 52.27 1.12
C GLU B 107 -8.98 52.57 0.41
N LEU B 108 -9.25 51.85 -0.66
CA LEU B 108 -10.58 51.89 -1.25
C LEU B 108 -11.48 50.95 -0.46
N ASP B 109 -12.52 51.49 0.16
CA ASP B 109 -13.41 50.73 1.00
C ASP B 109 -14.71 51.50 1.13
N ASN B 110 -15.72 50.83 1.66
CA ASN B 110 -17.02 51.47 1.83
C ASN B 110 -16.96 52.53 2.94
N PRO B 111 -17.73 53.61 2.82
CA PRO B 111 -17.64 54.68 3.82
C PRO B 111 -18.12 54.25 5.18
N GLY B 112 -17.53 54.84 6.21
CA GLY B 112 -17.82 54.45 7.57
C GLY B 112 -17.81 55.67 8.46
N ALA B 113 -18.17 55.47 9.71
CA ALA B 113 -18.14 56.56 10.67
C ALA B 113 -16.71 56.86 11.11
N LYS B 114 -15.91 55.82 11.29
CA LYS B 114 -14.54 56.02 11.74
C LYS B 114 -13.69 56.65 10.66
N ARG B 115 -14.01 56.43 9.39
CA ARG B 115 -13.25 57.06 8.33
C ARG B 115 -13.56 58.54 8.19
N ILE B 116 -14.69 59.00 8.72
CA ILE B 116 -14.93 60.43 8.78
C ILE B 116 -14.36 61.01 10.08
N LEU B 117 -14.33 60.21 11.14
CA LEU B 117 -13.74 60.70 12.39
C LEU B 117 -12.22 60.81 12.30
N GLU B 118 -11.60 59.99 11.44
CA GLU B 118 -10.16 60.12 11.20
C GLU B 118 -9.85 61.36 10.38
N LEU B 119 -10.75 61.73 9.49
CA LEU B 119 -10.55 62.92 8.66
C LEU B 119 -10.95 64.19 9.40
N ASP B 120 -11.67 64.06 10.51
CA ASP B 120 -12.05 65.21 11.33
C ASP B 120 -10.82 65.92 11.89
N GLN B 121 -9.73 65.19 12.13
CA GLN B 121 -8.57 65.75 12.82
C GLN B 121 -7.87 66.85 12.03
N PHE B 122 -7.94 66.84 10.70
CA PHE B 122 -7.24 67.82 9.89
C PHE B 122 -8.14 69.00 9.51
N LYS B 123 -9.03 69.41 10.38
CA LYS B 123 -9.98 70.47 10.10
C LYS B 123 -9.58 71.77 10.78
N GLY B 124 -9.97 72.89 10.17
CA GLY B 124 -9.76 74.19 10.75
C GLY B 124 -8.29 74.61 10.80
N GLN B 125 -8.06 75.75 11.45
CA GLN B 125 -6.70 76.26 11.61
C GLN B 125 -5.87 75.40 12.54
N GLN B 126 -6.50 74.57 13.38
CA GLN B 126 -5.78 73.67 14.27
C GLN B 126 -5.41 72.37 13.57
N GLY B 127 -6.20 71.96 12.58
CA GLY B 127 -5.95 70.68 11.94
C GLY B 127 -4.68 70.65 11.14
N GLN B 128 -4.24 71.82 10.65
CA GLN B 128 -2.92 71.95 10.05
C GLN B 128 -1.84 71.55 11.02
N LYS B 129 -1.93 72.01 12.26
CA LYS B 129 -0.92 71.70 13.26
C LYS B 129 -1.00 70.24 13.69
N ARG B 130 -2.23 69.71 13.76
CA ARG B 130 -2.40 68.28 14.04
C ARG B 130 -1.88 67.41 12.90
N PHE B 131 -1.84 67.95 11.69
CA PHE B 131 -1.48 67.30 10.44
C PHE B 131 0.03 67.29 10.23
N GLN B 132 0.71 68.38 10.63
CA GLN B 132 2.15 68.50 10.41
C GLN B 132 2.93 67.46 11.19
N ASP B 133 2.56 67.23 12.45
CA ASP B 133 3.40 66.43 13.32
C ASP B 133 3.35 64.95 13.01
N MET B 134 2.38 64.50 12.22
CA MET B 134 2.28 63.09 11.88
C MET B 134 2.22 62.80 10.39
N MET B 135 2.24 63.83 9.54
CA MET B 135 2.21 63.60 8.10
C MET B 135 3.49 64.00 7.41
N GLY B 136 3.86 65.27 7.50
CA GLY B 136 4.89 65.84 6.66
C GLY B 136 4.34 66.97 5.82
N HIS B 137 5.23 67.58 5.04
CA HIS B 137 4.95 68.86 4.40
C HIS B 137 6.07 69.17 3.43
N GLY B 138 5.73 69.94 2.39
CA GLY B 138 6.68 70.61 1.51
C GLY B 138 7.71 69.75 0.81
N SER B 139 7.46 68.45 0.73
CA SER B 139 8.49 67.57 0.22
C SER B 139 8.54 67.63 -1.31
N ASP B 140 9.66 67.17 -1.85
CA ASP B 140 9.71 66.88 -3.26
C ASP B 140 8.85 65.65 -3.56
N TYR B 141 8.36 65.56 -4.78
CA TYR B 141 7.52 64.44 -5.15
C TYR B 141 7.65 64.20 -6.64
N SER B 142 6.90 63.23 -7.11
CA SER B 142 6.78 62.95 -8.53
C SER B 142 5.34 62.57 -8.84
N LEU B 143 4.72 63.34 -9.73
CA LEU B 143 3.33 63.13 -10.09
C LEU B 143 3.12 61.79 -10.76
N SER B 144 4.16 61.27 -11.41
CA SER B 144 4.11 59.92 -11.93
C SER B 144 3.96 58.90 -10.82
N GLU B 145 4.65 59.09 -9.70
CA GLU B 145 4.50 58.10 -8.64
C GLU B 145 3.20 58.27 -7.88
N VAL B 146 2.64 59.49 -7.84
CA VAL B 146 1.35 59.56 -7.15
C VAL B 146 0.25 58.97 -8.04
N LEU B 147 0.32 59.15 -9.36
CA LEU B 147 -0.62 58.48 -10.23
C LEU B 147 -0.39 56.98 -10.26
N TRP B 148 0.84 56.55 -10.03
CA TRP B 148 1.15 55.13 -9.88
C TRP B 148 0.50 54.53 -8.64
N VAL B 149 0.53 55.25 -7.52
CA VAL B 149 -0.07 54.75 -6.29
C VAL B 149 -1.60 54.72 -6.40
N CYS B 150 -2.17 55.70 -7.11
CA CYS B 150 -3.61 55.68 -7.35
C CYS B 150 -4.02 54.54 -8.28
N ALA B 151 -3.20 54.24 -9.29
CA ALA B 151 -3.47 53.08 -10.13
C ALA B 151 -3.35 51.77 -9.35
N ASN B 152 -2.44 51.71 -8.39
CA ASN B 152 -2.32 50.49 -7.60
C ASN B 152 -3.49 50.34 -6.64
N LEU B 153 -4.03 51.47 -6.17
CA LEU B 153 -5.22 51.43 -5.34
C LEU B 153 -6.41 50.90 -6.12
N PHE B 154 -6.54 51.33 -7.37
CA PHE B 154 -7.61 50.80 -8.21
C PHE B 154 -7.37 49.35 -8.59
N SER B 155 -6.12 48.93 -8.67
CA SER B 155 -5.83 47.54 -9.01
C SER B 155 -6.12 46.59 -7.87
N ASP B 156 -5.87 46.97 -6.63
CA ASP B 156 -6.03 46.05 -5.51
C ASP B 156 -7.48 45.81 -5.09
N VAL B 157 -8.46 46.23 -5.88
CA VAL B 157 -9.87 46.13 -5.53
C VAL B 157 -10.44 44.84 -6.09
N GLN B 158 -11.05 44.04 -5.23
CA GLN B 158 -11.55 42.75 -5.66
C GLN B 158 -12.97 42.81 -6.19
N PHE B 159 -13.72 43.86 -5.90
CA PHE B 159 -15.03 44.06 -6.47
C PHE B 159 -14.92 44.50 -7.91
N LYS B 160 -16.04 44.59 -8.59
CA LYS B 160 -16.07 45.13 -9.94
C LYS B 160 -16.46 46.60 -9.86
N MET B 161 -15.79 47.43 -10.65
CA MET B 161 -15.96 48.86 -10.58
C MET B 161 -16.56 49.38 -11.86
N SER B 162 -17.54 50.27 -11.74
CA SER B 162 -18.13 50.88 -12.92
C SER B 162 -17.30 52.06 -13.41
N HIS B 163 -17.22 53.11 -12.62
CA HIS B 163 -16.36 54.23 -12.95
C HIS B 163 -15.22 54.29 -11.94
N LYS B 164 -14.05 54.69 -12.41
CA LYS B 164 -12.90 54.90 -11.56
C LYS B 164 -12.43 56.32 -11.80
N ARG B 165 -12.42 57.12 -10.73
CA ARG B 165 -12.15 58.54 -10.83
C ARG B 165 -11.14 58.96 -9.78
N ILE B 166 -10.38 60.00 -10.09
CA ILE B 166 -9.40 60.57 -9.18
C ILE B 166 -9.66 62.06 -9.10
N MET B 167 -10.15 62.53 -7.96
CA MET B 167 -10.32 63.96 -7.76
C MET B 167 -9.03 64.54 -7.24
N LEU B 168 -8.50 65.53 -7.96
CA LEU B 168 -7.21 66.13 -7.65
C LEU B 168 -7.45 67.49 -7.01
N PHE B 169 -7.14 67.62 -5.74
CA PHE B 169 -7.22 68.89 -5.04
C PHE B 169 -5.84 69.54 -5.10
N THR B 170 -5.69 70.52 -5.98
CA THR B 170 -4.40 71.15 -6.16
C THR B 170 -4.64 72.64 -6.39
N ASN B 171 -3.63 73.44 -6.04
CA ASN B 171 -3.72 74.89 -6.26
C ASN B 171 -2.61 75.35 -7.18
N GLU B 172 -1.49 74.64 -7.23
CA GLU B 172 -0.43 75.01 -8.15
C GLU B 172 -0.74 74.40 -9.51
N ASP B 173 -0.81 75.26 -10.53
CA ASP B 173 -0.70 74.78 -11.89
C ASP B 173 0.78 74.69 -12.25
N ASN B 174 1.04 73.92 -13.31
CA ASN B 174 2.38 73.52 -13.71
C ASN B 174 3.23 72.97 -12.56
N PRO B 175 2.94 71.76 -12.09
CA PRO B 175 3.88 71.12 -11.18
C PRO B 175 5.12 70.69 -11.95
N HIS B 176 6.20 70.47 -11.20
CA HIS B 176 7.50 70.09 -11.73
C HIS B 176 7.99 71.10 -12.77
N GLY B 177 7.78 72.39 -12.47
CA GLY B 177 8.12 73.45 -13.39
C GLY B 177 9.61 73.61 -13.64
N ASN B 178 10.45 73.07 -12.76
CA ASN B 178 11.87 73.13 -12.98
C ASN B 178 12.35 72.04 -13.92
N ASP B 179 11.49 71.10 -14.29
CA ASP B 179 11.92 69.90 -15.00
C ASP B 179 10.97 69.59 -16.15
N SER B 180 11.43 68.72 -17.05
CA SER B 180 10.59 68.23 -18.13
C SER B 180 10.58 66.71 -18.23
N ALA B 181 11.56 66.02 -17.66
CA ALA B 181 11.49 64.57 -17.57
C ALA B 181 10.33 64.15 -16.69
N LYS B 182 10.16 64.85 -15.56
CA LYS B 182 9.00 64.64 -14.70
C LYS B 182 7.70 64.97 -15.42
N ALA B 183 7.72 66.04 -16.25
CA ALA B 183 6.51 66.45 -16.96
C ALA B 183 6.09 65.42 -18.00
N SER B 184 7.04 64.91 -18.78
CA SER B 184 6.69 63.96 -19.82
C SER B 184 6.37 62.60 -19.21
N ARG B 185 7.03 62.24 -18.10
CA ARG B 185 6.68 61.01 -17.43
C ARG B 185 5.28 61.09 -16.83
N ALA B 186 4.88 62.28 -16.37
CA ALA B 186 3.54 62.44 -15.84
C ALA B 186 2.48 62.35 -16.93
N ARG B 187 2.76 62.93 -18.11
CA ARG B 187 1.82 62.80 -19.21
C ARG B 187 1.73 61.38 -19.72
N THR B 188 2.85 60.65 -19.69
CA THR B 188 2.83 59.24 -20.05
C THR B 188 2.01 58.42 -19.08
N LYS B 189 2.21 58.63 -17.77
CA LYS B 189 1.49 57.82 -16.78
C LYS B 189 0.02 58.20 -16.73
N ALA B 190 -0.34 59.40 -17.16
CA ALA B 190 -1.76 59.71 -17.35
C ALA B 190 -2.34 58.97 -18.54
N GLY B 191 -1.56 58.82 -19.62
CA GLY B 191 -2.01 57.96 -20.71
C GLY B 191 -2.18 56.52 -20.27
N ASP B 192 -1.27 56.04 -19.42
CA ASP B 192 -1.39 54.73 -18.79
C ASP B 192 -2.66 54.60 -17.96
N LEU B 193 -3.03 55.68 -17.25
CA LEU B 193 -4.26 55.68 -16.46
C LEU B 193 -5.49 55.65 -17.34
N ARG B 194 -5.50 56.46 -18.39
CA ARG B 194 -6.70 56.56 -19.23
C ARG B 194 -6.85 55.37 -20.16
N ASP B 195 -5.80 54.57 -20.32
CA ASP B 195 -5.96 53.33 -21.06
C ASP B 195 -6.81 52.33 -20.29
N THR B 196 -6.63 52.26 -18.98
CA THR B 196 -7.33 51.30 -18.14
C THR B 196 -8.72 51.76 -17.70
N GLY B 197 -9.11 52.97 -18.05
CA GLY B 197 -10.43 53.46 -17.73
C GLY B 197 -10.51 54.41 -16.57
N ILE B 198 -9.39 54.87 -16.04
CA ILE B 198 -9.36 55.81 -14.92
C ILE B 198 -9.32 57.22 -15.48
N PHE B 199 -10.23 58.06 -15.02
CA PHE B 199 -10.34 59.44 -15.48
C PHE B 199 -10.18 60.37 -14.30
N LEU B 200 -9.12 61.17 -14.31
CA LEU B 200 -8.92 62.13 -13.24
C LEU B 200 -9.49 63.48 -13.65
N ASP B 201 -9.94 64.24 -12.65
CA ASP B 201 -10.33 65.62 -12.85
C ASP B 201 -9.75 66.45 -11.71
N LEU B 202 -9.39 67.69 -12.03
CA LEU B 202 -8.74 68.55 -11.06
C LEU B 202 -9.76 69.49 -10.44
N MET B 203 -9.73 69.56 -9.12
CA MET B 203 -10.44 70.58 -8.37
C MET B 203 -9.40 71.63 -8.07
N HIS B 204 -9.26 72.60 -8.96
CA HIS B 204 -8.26 73.63 -8.78
C HIS B 204 -8.68 74.55 -7.66
N LEU B 205 -7.72 74.95 -6.84
CA LEU B 205 -7.99 75.86 -5.74
C LEU B 205 -7.65 77.29 -6.22
N LYS B 206 -7.47 78.23 -5.29
CA LYS B 206 -7.42 79.66 -5.57
C LYS B 206 -6.28 80.08 -6.49
N LYS B 207 -5.02 79.89 -6.05
CA LYS B 207 -3.79 80.30 -6.76
C LYS B 207 -3.81 81.76 -7.14
N PRO B 208 -3.47 82.67 -6.20
CA PRO B 208 -3.48 84.11 -6.53
C PRO B 208 -2.53 84.45 -7.66
N GLY B 209 -3.11 84.87 -8.79
CA GLY B 209 -2.40 84.95 -10.05
C GLY B 209 -3.11 84.09 -11.08
N GLY B 210 -4.37 83.78 -10.82
CA GLY B 210 -5.16 82.92 -11.70
C GLY B 210 -4.77 81.47 -11.58
N PHE B 211 -5.58 80.62 -12.22
CA PHE B 211 -5.20 79.22 -12.43
C PHE B 211 -5.08 79.02 -13.94
N ASP B 212 -3.85 78.92 -14.45
CA ASP B 212 -3.67 78.71 -15.87
C ASP B 212 -3.83 77.23 -16.17
N ILE B 213 -4.97 76.85 -16.75
CA ILE B 213 -5.30 75.44 -16.92
C ILE B 213 -4.50 74.78 -18.04
N SER B 214 -3.79 75.57 -18.85
CA SER B 214 -3.15 75.08 -20.06
C SER B 214 -1.66 74.81 -19.91
N LEU B 215 -1.06 75.09 -18.75
CA LEU B 215 0.37 74.82 -18.60
C LEU B 215 0.63 73.33 -18.49
N PHE B 216 -0.12 72.65 -17.62
CA PHE B 216 0.10 71.24 -17.38
C PHE B 216 -1.16 70.41 -17.35
N TYR B 217 -2.34 70.99 -17.14
CA TYR B 217 -3.53 70.22 -16.83
C TYR B 217 -4.58 70.27 -17.91
N ARG B 218 -4.20 70.38 -19.17
CA ARG B 218 -5.17 70.21 -20.24
C ARG B 218 -4.93 68.91 -21.00
N ASP B 219 -3.73 68.37 -20.94
CA ASP B 219 -3.36 67.15 -21.62
C ASP B 219 -3.31 65.95 -20.69
N ILE B 220 -3.08 66.19 -19.40
CA ILE B 220 -3.06 65.11 -18.42
C ILE B 220 -4.49 64.62 -18.15
N ILE B 221 -5.47 65.54 -18.08
CA ILE B 221 -6.84 65.21 -17.72
C ILE B 221 -7.61 64.81 -18.97
N SER B 222 -8.82 64.31 -18.76
CA SER B 222 -9.76 64.00 -19.85
C SER B 222 -10.17 65.22 -20.64
N VAL B 231 -7.10 80.68 -20.02
CA VAL B 231 -8.29 81.16 -19.34
C VAL B 231 -8.03 81.13 -17.83
N HIS B 232 -7.67 82.29 -17.27
CA HIS B 232 -7.41 82.39 -15.84
C HIS B 232 -8.70 82.23 -15.04
N PHE B 233 -8.59 81.65 -13.85
CA PHE B 233 -9.76 81.27 -13.07
C PHE B 233 -9.69 81.85 -11.67
N GLU B 234 -10.83 81.73 -11.00
CA GLU B 234 -10.94 81.86 -9.55
C GLU B 234 -11.41 80.48 -9.10
N GLU B 235 -11.87 80.38 -7.85
CA GLU B 235 -11.88 79.18 -7.01
C GLU B 235 -12.29 77.88 -7.70
N SER B 236 -13.55 77.73 -8.11
CA SER B 236 -14.03 76.69 -9.03
C SER B 236 -15.50 76.86 -9.34
N SER B 237 -16.07 75.86 -9.99
CA SER B 237 -17.51 75.72 -10.14
C SER B 237 -17.97 74.34 -9.73
N LYS B 238 -17.16 73.61 -8.96
CA LYS B 238 -17.49 72.25 -8.57
C LYS B 238 -17.34 72.02 -7.07
N LEU B 239 -16.40 72.73 -6.44
CA LEU B 239 -16.22 72.57 -4.99
C LEU B 239 -17.43 73.08 -4.22
N GLU B 240 -18.07 74.13 -4.72
CA GLU B 240 -19.12 74.78 -3.95
C GLU B 240 -20.41 73.98 -3.99
N ASP B 241 -20.74 73.38 -5.14
CA ASP B 241 -21.89 72.49 -5.16
C ASP B 241 -21.52 71.06 -4.77
N LEU B 242 -20.22 70.80 -4.57
CA LEU B 242 -19.78 69.56 -3.94
C LEU B 242 -19.84 69.63 -2.42
N LEU B 243 -19.87 70.84 -1.87
CA LEU B 243 -20.12 71.04 -0.43
C LEU B 243 -21.59 70.95 -0.05
N ARG B 244 -22.50 70.77 -1.01
CA ARG B 244 -23.93 70.68 -0.73
C ARG B 244 -24.27 69.21 -0.52
N LYS B 245 -24.49 68.83 0.73
CA LYS B 245 -24.78 67.45 1.06
C LYS B 245 -26.23 67.14 0.74
N VAL B 246 -26.45 66.14 -0.12
CA VAL B 246 -27.76 65.87 -0.67
C VAL B 246 -28.54 64.86 0.17
N ARG B 247 -27.85 63.84 0.69
CA ARG B 247 -28.34 62.75 1.54
C ARG B 247 -29.70 62.18 1.11
N ALA B 248 -29.71 61.61 -0.09
CA ALA B 248 -30.89 60.93 -0.63
C ALA B 248 -30.44 59.65 -1.33
N LYS B 249 -31.02 58.53 -0.94
CA LYS B 249 -30.62 57.22 -1.44
C LYS B 249 -30.93 57.08 -2.92
N GLU B 250 -30.01 56.44 -3.63
CA GLU B 250 -30.12 56.27 -5.08
C GLU B 250 -29.99 54.80 -5.40
N THR B 251 -30.98 54.23 -6.07
CA THR B 251 -30.97 52.82 -6.44
C THR B 251 -30.66 52.72 -7.92
N ARG B 252 -30.03 51.62 -8.31
CA ARG B 252 -29.71 51.42 -9.72
C ARG B 252 -30.92 50.87 -10.46
N LYS B 253 -30.82 50.89 -11.78
CA LYS B 253 -31.93 50.55 -12.66
C LYS B 253 -32.08 49.04 -12.73
N ARG B 254 -32.85 48.48 -11.81
CA ARG B 254 -33.32 47.11 -11.93
C ARG B 254 -34.66 47.18 -12.64
N ALA B 255 -35.25 46.04 -12.97
CA ALA B 255 -36.41 46.02 -13.85
C ALA B 255 -37.71 45.71 -13.18
N LEU B 256 -37.70 45.08 -12.01
CA LEU B 256 -38.84 44.83 -11.13
C LEU B 256 -39.84 43.79 -11.65
N SER B 257 -39.80 43.48 -12.94
CA SER B 257 -40.61 42.45 -13.60
C SER B 257 -40.13 42.30 -15.03
N ARG B 258 -40.11 41.09 -15.55
CA ARG B 258 -39.84 40.87 -16.96
C ARG B 258 -40.96 40.01 -17.52
N LEU B 259 -41.97 40.64 -18.05
CA LEU B 259 -43.21 39.99 -18.43
C LEU B 259 -43.27 39.81 -19.94
N LYS B 260 -44.25 39.03 -20.37
CA LYS B 260 -44.54 38.87 -21.77
C LYS B 260 -45.91 39.49 -22.07
N LEU B 261 -45.93 40.42 -23.02
CA LEU B 261 -47.16 41.09 -23.43
C LEU B 261 -47.74 40.30 -24.59
N LYS B 262 -48.85 39.61 -24.32
CA LYS B 262 -49.48 38.72 -25.30
C LYS B 262 -50.63 39.45 -25.97
N LEU B 263 -50.87 39.15 -27.25
CA LEU B 263 -51.91 39.84 -27.97
C LEU B 263 -53.18 39.00 -28.07
N ASN B 264 -53.07 37.75 -28.51
CA ASN B 264 -54.12 36.78 -28.20
C ASN B 264 -53.59 35.59 -27.42
N LYS B 265 -52.78 34.73 -28.02
CA LYS B 265 -52.07 33.65 -27.34
C LYS B 265 -50.74 33.48 -28.07
N ASP B 266 -50.66 34.09 -29.25
CA ASP B 266 -49.64 33.84 -30.24
C ASP B 266 -48.62 34.95 -30.37
N ILE B 267 -49.06 36.20 -30.34
CA ILE B 267 -48.19 37.35 -30.60
C ILE B 267 -47.72 37.86 -29.24
N VAL B 268 -46.65 37.27 -28.72
CA VAL B 268 -46.09 37.68 -27.43
C VAL B 268 -44.84 38.51 -27.68
N ILE B 269 -44.71 39.61 -26.94
CA ILE B 269 -43.49 40.40 -26.93
C ILE B 269 -43.06 40.58 -25.49
N SER B 270 -41.77 40.82 -25.29
CA SER B 270 -41.22 40.88 -23.95
C SER B 270 -41.02 42.32 -23.52
N VAL B 271 -41.40 42.61 -22.29
CA VAL B 271 -41.37 43.94 -21.71
C VAL B 271 -40.62 43.87 -20.39
N GLY B 272 -40.33 45.03 -19.84
CA GLY B 272 -39.85 45.13 -18.47
C GLY B 272 -40.64 46.22 -17.77
N ILE B 273 -41.05 45.96 -16.54
CA ILE B 273 -41.94 46.90 -15.86
C ILE B 273 -41.19 47.69 -14.82
N TYR B 274 -40.62 48.80 -15.21
CA TYR B 274 -39.79 49.61 -14.34
C TYR B 274 -40.68 50.52 -13.51
N ASN B 275 -40.07 51.17 -12.53
CA ASN B 275 -40.79 52.08 -11.66
C ASN B 275 -40.00 53.37 -11.53
N LEU B 276 -40.67 54.50 -11.64
CA LEU B 276 -39.98 55.76 -11.63
C LEU B 276 -40.33 56.61 -10.41
N VAL B 277 -41.34 56.24 -9.64
CA VAL B 277 -41.64 56.85 -8.35
C VAL B 277 -41.94 55.74 -7.34
N GLN B 278 -41.31 55.80 -6.16
CA GLN B 278 -41.33 54.60 -5.34
C GLN B 278 -41.44 54.79 -3.82
N LYS B 279 -41.59 56.02 -3.30
CA LYS B 279 -41.84 56.28 -1.87
C LYS B 279 -40.70 55.75 -1.00
N ALA B 280 -39.61 56.49 -1.01
CA ALA B 280 -38.45 56.20 -0.18
C ALA B 280 -38.78 56.11 1.29
N LEU B 281 -38.37 55.01 1.90
CA LEU B 281 -38.62 54.70 3.30
C LEU B 281 -37.34 54.88 4.10
N LYS B 282 -37.47 54.89 5.34
CA LYS B 282 -36.27 54.86 6.15
C LYS B 282 -35.80 53.42 6.31
N PRO B 283 -34.49 53.20 6.45
CA PRO B 283 -34.00 51.84 6.63
C PRO B 283 -34.46 51.28 7.95
N PRO B 284 -34.67 49.97 8.03
CA PRO B 284 -35.26 49.38 9.23
C PRO B 284 -34.22 49.20 10.32
N PRO B 285 -34.64 49.18 11.59
CA PRO B 285 -33.67 49.05 12.67
C PRO B 285 -33.16 47.63 12.81
N ILE B 286 -32.05 47.51 13.54
CA ILE B 286 -31.40 46.23 13.77
C ILE B 286 -31.30 46.05 15.28
N LYS B 287 -31.81 44.93 15.79
CA LYS B 287 -31.80 44.68 17.22
C LYS B 287 -30.40 44.29 17.68
N LEU B 288 -29.89 45.01 18.68
CA LEU B 288 -28.53 44.82 19.15
C LEU B 288 -28.53 44.25 20.57
N TYR B 289 -27.38 43.74 21.00
CA TYR B 289 -27.22 43.34 22.39
C TYR B 289 -26.57 44.48 23.15
N ARG B 290 -27.24 44.96 24.21
CA ARG B 290 -26.96 46.29 24.77
C ARG B 290 -25.55 46.41 25.33
N GLU B 291 -24.98 45.32 25.84
CA GLU B 291 -23.66 45.38 26.45
C GLU B 291 -22.55 45.34 25.41
N THR B 292 -22.85 44.82 24.22
CA THR B 292 -21.83 44.61 23.19
C THR B 292 -22.12 45.40 21.92
N ASN B 293 -23.38 45.73 21.66
CA ASN B 293 -23.87 46.35 20.42
C ASN B 293 -23.54 45.48 19.21
N GLU B 294 -24.07 44.26 19.25
CA GLU B 294 -23.97 43.26 18.20
C GLU B 294 -25.34 42.68 17.91
N PRO B 295 -25.61 42.26 16.69
CA PRO B 295 -26.93 41.71 16.37
C PRO B 295 -27.15 40.35 17.04
N VAL B 296 -28.42 39.98 17.19
CA VAL B 296 -28.82 39.02 18.20
C VAL B 296 -29.57 37.82 17.66
N LYS B 297 -29.77 37.71 16.35
CA LYS B 297 -30.19 36.45 15.69
C LYS B 297 -31.54 35.94 16.20
N THR B 298 -32.59 36.68 15.85
CA THR B 298 -33.96 36.36 16.24
C THR B 298 -34.41 35.01 15.71
N LYS B 299 -34.99 34.15 16.56
CA LYS B 299 -35.58 32.92 16.04
C LYS B 299 -36.96 32.71 16.61
N THR B 300 -37.93 32.62 15.72
CA THR B 300 -39.32 32.42 16.08
C THR B 300 -39.74 31.00 15.76
N ARG B 301 -40.47 30.39 16.69
CA ARG B 301 -40.94 29.03 16.56
C ARG B 301 -42.38 28.96 17.01
N THR B 302 -43.09 27.96 16.53
CA THR B 302 -44.42 27.66 17.02
C THR B 302 -44.37 26.37 17.82
N PHE B 303 -45.04 26.35 18.96
CA PHE B 303 -45.11 25.16 19.79
C PHE B 303 -46.44 25.17 20.51
N ASN B 304 -46.99 23.98 20.76
CA ASN B 304 -48.30 23.90 21.40
C ASN B 304 -48.17 23.95 22.91
N THR B 305 -49.09 24.65 23.55
CA THR B 305 -49.05 24.81 25.00
C THR B 305 -49.54 23.58 25.76
N SER B 306 -49.94 22.52 25.07
CA SER B 306 -50.32 21.28 25.73
C SER B 306 -49.10 20.54 26.28
N THR B 307 -48.17 20.15 25.39
CA THR B 307 -46.99 19.40 25.79
C THR B 307 -45.69 20.17 25.62
N GLY B 308 -45.71 21.33 24.96
CA GLY B 308 -44.50 22.10 24.76
C GLY B 308 -43.58 21.48 23.73
N GLY B 309 -44.14 20.95 22.65
CA GLY B 309 -43.38 20.28 21.62
C GLY B 309 -43.26 21.15 20.38
N LEU B 310 -42.09 21.08 19.75
CA LEU B 310 -41.81 21.91 18.58
C LEU B 310 -42.70 21.50 17.42
N LEU B 311 -43.35 22.47 16.81
CA LEU B 311 -44.45 22.23 15.89
C LEU B 311 -44.02 22.63 14.48
N LEU B 312 -44.17 21.71 13.54
CA LEU B 312 -43.71 21.89 12.18
C LEU B 312 -44.71 22.73 11.39
N PRO B 313 -44.36 23.15 10.16
CA PRO B 313 -45.38 23.78 9.30
C PRO B 313 -46.39 22.81 8.72
N SER B 314 -46.21 21.51 8.86
CA SER B 314 -47.14 20.57 8.24
C SER B 314 -48.37 20.28 9.11
N ASP B 315 -48.28 20.47 10.41
CA ASP B 315 -49.38 20.17 11.31
C ASP B 315 -50.05 21.42 11.87
N THR B 316 -50.24 22.42 11.03
CA THR B 316 -51.17 23.51 11.27
C THR B 316 -52.10 23.64 10.07
N LYS B 317 -53.21 24.33 10.29
CA LYS B 317 -54.09 24.70 9.20
C LYS B 317 -54.46 26.16 9.38
N ARG B 318 -55.27 26.69 8.48
CA ARG B 318 -55.76 28.05 8.59
C ARG B 318 -57.26 28.05 8.71
N SER B 319 -57.79 28.87 9.63
CA SER B 319 -59.21 28.92 9.90
C SER B 319 -59.74 30.33 9.76
N GLN B 320 -61.05 30.42 9.63
CA GLN B 320 -61.81 31.66 9.85
C GLN B 320 -63.09 31.28 10.57
N ILE B 321 -63.40 31.98 11.66
CA ILE B 321 -64.63 31.75 12.41
C ILE B 321 -65.63 32.83 12.03
N TYR B 322 -66.81 32.41 11.56
CA TYR B 322 -67.92 33.31 11.23
C TYR B 322 -69.09 32.99 12.17
N GLY B 323 -69.08 33.59 13.35
CA GLY B 323 -70.17 33.38 14.30
C GLY B 323 -70.16 32.01 14.93
N SER B 324 -70.48 30.98 14.15
CA SER B 324 -70.37 29.61 14.62
C SER B 324 -69.73 28.66 13.61
N ARG B 325 -69.78 28.95 12.32
CA ARG B 325 -69.11 28.11 11.35
C ARG B 325 -67.62 28.37 11.39
N GLN B 326 -66.83 27.33 11.16
CA GLN B 326 -65.39 27.43 11.10
C GLN B 326 -64.92 26.83 9.79
N ILE B 327 -64.50 27.68 8.86
CA ILE B 327 -63.98 27.25 7.57
C ILE B 327 -62.49 27.00 7.72
N ILE B 328 -62.04 25.82 7.31
CA ILE B 328 -60.67 25.39 7.57
C ILE B 328 -60.03 24.98 6.26
N LEU B 329 -59.19 25.84 5.72
CA LEU B 329 -58.37 25.54 4.56
C LEU B 329 -56.95 25.24 5.03
N GLU B 330 -56.09 24.88 4.09
CA GLU B 330 -54.69 24.62 4.40
C GLU B 330 -53.82 25.79 3.93
N LYS B 331 -52.54 25.73 4.29
CA LYS B 331 -51.60 26.74 3.85
C LYS B 331 -51.34 26.67 2.35
N GLU B 332 -51.54 25.51 1.73
CA GLU B 332 -51.53 25.45 0.27
C GLU B 332 -52.83 25.97 -0.32
N GLU B 333 -53.96 25.66 0.31
CA GLU B 333 -55.25 25.98 -0.28
C GLU B 333 -55.62 27.43 -0.10
N THR B 334 -54.94 28.15 0.78
CA THR B 334 -55.22 29.57 0.92
C THR B 334 -54.51 30.39 -0.15
N GLU B 335 -53.52 29.82 -0.83
CA GLU B 335 -52.84 30.45 -1.94
C GLU B 335 -53.38 30.00 -3.28
N GLU B 336 -54.34 29.09 -3.29
CA GLU B 336 -55.04 28.69 -4.49
C GLU B 336 -56.22 29.59 -4.77
N LEU B 337 -56.74 30.27 -3.75
CA LEU B 337 -57.88 31.15 -3.90
C LEU B 337 -57.55 32.37 -4.74
N LYS B 338 -56.28 32.76 -4.80
CA LYS B 338 -55.86 33.98 -5.44
C LYS B 338 -55.46 33.80 -6.90
N ARG B 339 -55.07 32.60 -7.32
CA ARG B 339 -54.55 32.42 -8.66
C ARG B 339 -55.68 32.44 -9.70
N PHE B 340 -55.57 33.38 -10.64
CA PHE B 340 -56.52 33.53 -11.74
C PHE B 340 -55.87 33.32 -13.10
N ASP B 341 -54.82 34.09 -13.41
CA ASP B 341 -54.14 34.04 -14.69
C ASP B 341 -52.68 33.68 -14.51
N ASP B 342 -52.01 33.59 -15.58
CA ASP B 342 -50.57 33.48 -15.67
C ASP B 342 -49.96 34.88 -15.64
N PRO B 343 -48.77 35.02 -15.08
CA PRO B 343 -48.12 36.33 -15.03
C PRO B 343 -47.79 36.88 -16.41
N GLY B 344 -48.11 38.13 -16.62
CA GLY B 344 -47.91 38.80 -17.88
C GLY B 344 -49.05 39.75 -18.13
N LEU B 345 -49.00 40.40 -19.30
CA LEU B 345 -50.00 41.39 -19.69
C LEU B 345 -50.82 40.84 -20.85
N MET B 346 -52.12 40.67 -20.62
CA MET B 346 -53.06 40.26 -21.65
C MET B 346 -53.78 41.49 -22.17
N LEU B 347 -53.47 41.88 -23.39
CA LEU B 347 -54.13 43.01 -24.04
C LEU B 347 -55.60 42.69 -24.29
N MET B 348 -56.47 43.68 -24.06
CA MET B 348 -57.90 43.50 -24.27
C MET B 348 -58.51 44.68 -25.00
N GLY B 349 -57.83 45.17 -26.01
CA GLY B 349 -58.38 46.24 -26.83
C GLY B 349 -57.76 47.58 -26.51
N PHE B 350 -58.40 48.62 -27.01
CA PHE B 350 -57.85 49.96 -27.02
C PHE B 350 -58.94 50.96 -26.62
N LYS B 351 -58.52 52.12 -26.14
CA LYS B 351 -59.49 53.03 -25.57
C LYS B 351 -58.99 54.47 -25.60
N PRO B 352 -59.83 55.43 -26.01
CA PRO B 352 -59.44 56.84 -25.94
C PRO B 352 -59.15 57.31 -24.53
N LEU B 353 -58.21 58.26 -24.40
CA LEU B 353 -57.77 58.74 -23.09
C LEU B 353 -58.84 59.54 -22.36
N VAL B 354 -59.91 59.93 -23.03
CA VAL B 354 -60.93 60.80 -22.45
C VAL B 354 -61.78 60.05 -21.43
N LEU B 355 -61.72 58.72 -21.45
CA LEU B 355 -62.39 57.90 -20.47
C LEU B 355 -61.48 57.51 -19.31
N LEU B 356 -60.21 57.90 -19.35
CA LEU B 356 -59.28 57.64 -18.26
C LEU B 356 -59.29 58.86 -17.37
N LYS B 357 -60.15 58.81 -16.36
CA LYS B 357 -60.39 59.97 -15.51
C LYS B 357 -59.18 60.24 -14.63
N LYS B 358 -58.85 61.52 -14.48
CA LYS B 358 -57.69 61.94 -13.72
C LYS B 358 -57.81 61.64 -12.23
N HIS B 359 -59.02 61.63 -11.71
CA HIS B 359 -59.28 61.33 -10.31
C HIS B 359 -59.44 59.83 -10.06
N HIS B 360 -59.16 59.00 -11.06
CA HIS B 360 -59.18 57.54 -10.90
C HIS B 360 -57.75 57.07 -10.68
N TYR B 361 -57.32 57.17 -9.44
CA TYR B 361 -55.97 56.82 -9.04
C TYR B 361 -56.06 55.93 -7.81
N LEU B 362 -55.34 54.82 -7.82
CA LEU B 362 -55.16 54.06 -6.59
C LEU B 362 -53.75 53.56 -6.37
N ARG B 363 -52.94 53.47 -7.42
CA ARG B 363 -51.62 52.89 -7.31
CA ARG B 363 -51.62 52.89 -7.31
C ARG B 363 -50.62 53.72 -8.11
N PRO B 364 -49.41 53.92 -7.59
CA PRO B 364 -48.39 54.65 -8.35
C PRO B 364 -48.03 53.91 -9.62
N SER B 365 -47.96 54.67 -10.71
CA SER B 365 -47.84 54.09 -12.03
C SER B 365 -46.46 53.48 -12.23
N LEU B 366 -46.40 52.56 -13.16
CA LEU B 366 -45.16 51.92 -13.58
C LEU B 366 -44.88 52.33 -15.01
N PHE B 367 -43.84 51.75 -15.58
CA PHE B 367 -43.37 52.17 -16.90
C PHE B 367 -42.90 50.94 -17.65
N VAL B 368 -43.50 50.67 -18.81
CA VAL B 368 -43.15 49.47 -19.55
C VAL B 368 -42.16 49.86 -20.63
N TYR B 369 -41.41 48.89 -21.11
CA TYR B 369 -40.30 49.12 -22.02
C TYR B 369 -39.93 47.81 -22.66
N PRO B 370 -39.68 47.77 -23.97
CA PRO B 370 -39.45 46.49 -24.64
C PRO B 370 -38.08 45.92 -24.34
N GLU B 371 -38.04 44.63 -24.09
CA GLU B 371 -36.80 43.91 -23.78
C GLU B 371 -36.53 42.94 -24.92
N GLU B 372 -35.63 43.31 -25.82
CA GLU B 372 -35.36 42.53 -27.01
C GLU B 372 -34.23 41.55 -26.75
N SER B 373 -34.43 40.68 -25.77
CA SER B 373 -33.58 39.50 -25.62
C SER B 373 -34.35 38.25 -25.24
N LEU B 374 -35.53 38.35 -24.64
CA LEU B 374 -36.36 37.17 -24.45
C LEU B 374 -37.18 36.83 -25.67
N VAL B 375 -37.43 37.79 -26.55
CA VAL B 375 -38.05 37.53 -27.84
C VAL B 375 -37.52 38.58 -28.80
N ILE B 376 -37.35 38.20 -30.07
CA ILE B 376 -36.65 38.99 -31.07
C ILE B 376 -37.69 39.75 -31.89
N GLY B 377 -37.42 41.02 -32.16
CA GLY B 377 -38.37 41.88 -32.83
C GLY B 377 -39.38 42.52 -31.91
N SER B 378 -39.25 42.24 -30.60
CA SER B 378 -40.07 42.83 -29.55
C SER B 378 -40.03 44.34 -29.61
N SER B 379 -38.85 44.91 -29.84
CA SER B 379 -38.70 46.35 -29.92
C SER B 379 -39.38 46.90 -31.16
N THR B 380 -39.39 46.14 -32.26
CA THR B 380 -40.03 46.63 -33.48
C THR B 380 -41.54 46.66 -33.34
N LEU B 381 -42.11 45.59 -32.78
CA LEU B 381 -43.56 45.58 -32.57
C LEU B 381 -43.97 46.60 -31.51
N PHE B 382 -43.13 46.79 -30.50
CA PHE B 382 -43.39 47.83 -29.50
C PHE B 382 -43.34 49.21 -30.12
N SER B 383 -42.37 49.46 -31.01
CA SER B 383 -42.22 50.80 -31.57
C SER B 383 -43.31 51.11 -32.56
N ALA B 384 -43.77 50.10 -33.31
CA ALA B 384 -44.90 50.28 -34.20
C ALA B 384 -46.17 50.57 -33.41
N LEU B 385 -46.41 49.78 -32.36
CA LEU B 385 -47.57 50.00 -31.50
C LEU B 385 -47.48 51.34 -30.76
N LEU B 386 -46.27 51.78 -30.41
CA LEU B 386 -46.09 53.04 -29.71
C LEU B 386 -46.35 54.23 -30.61
N ILE B 387 -45.68 54.29 -31.76
CA ILE B 387 -45.86 55.44 -32.65
C ILE B 387 -47.15 55.36 -33.45
N LYS B 388 -47.93 54.28 -33.30
CA LYS B 388 -49.27 54.25 -33.83
C LYS B 388 -50.36 54.52 -32.80
N CYS B 389 -50.12 54.26 -31.50
CA CYS B 389 -50.98 54.83 -30.47
C CYS B 389 -50.62 56.26 -30.15
N LEU B 390 -49.49 56.74 -30.66
CA LEU B 390 -49.15 58.15 -30.47
C LEU B 390 -49.88 59.06 -31.43
N GLU B 391 -50.50 58.52 -32.49
CA GLU B 391 -51.23 59.36 -33.42
C GLU B 391 -52.53 59.85 -32.80
N LYS B 392 -53.41 58.94 -32.47
CA LYS B 392 -54.64 59.29 -31.78
C LYS B 392 -54.40 59.23 -30.28
N GLU B 393 -55.43 59.53 -29.51
CA GLU B 393 -55.30 59.46 -28.05
C GLU B 393 -55.78 58.11 -27.52
N VAL B 394 -55.30 57.03 -28.10
CA VAL B 394 -55.79 55.71 -27.72
C VAL B 394 -54.80 55.10 -26.74
N ALA B 395 -55.27 54.20 -25.90
CA ALA B 395 -54.47 53.56 -24.86
C ALA B 395 -54.79 52.08 -24.80
N ALA B 396 -53.77 51.25 -24.67
CA ALA B 396 -53.99 49.82 -24.57
C ALA B 396 -54.49 49.46 -23.18
N LEU B 397 -55.45 48.55 -23.14
CA LEU B 397 -56.05 48.09 -21.90
C LEU B 397 -55.56 46.67 -21.65
N CYS B 398 -55.20 46.37 -20.41
CA CYS B 398 -54.60 45.08 -20.13
C CYS B 398 -55.14 44.49 -18.85
N ARG B 399 -54.92 43.19 -18.68
CA ARG B 399 -54.99 42.54 -17.38
C ARG B 399 -53.57 42.29 -16.89
N TYR B 400 -53.22 42.90 -15.77
CA TYR B 400 -51.86 42.87 -15.25
C TYR B 400 -51.78 41.86 -14.14
N THR B 401 -50.97 40.81 -14.35
CA THR B 401 -50.64 39.84 -13.32
C THR B 401 -49.14 39.95 -13.13
N PRO B 402 -48.68 40.66 -12.11
CA PRO B 402 -47.23 40.81 -11.92
C PRO B 402 -46.53 39.53 -11.49
N ARG B 403 -47.04 38.88 -10.46
CA ARG B 403 -46.44 37.69 -9.89
C ARG B 403 -47.34 36.50 -10.18
N ARG B 404 -47.06 35.37 -9.55
CA ARG B 404 -47.72 34.13 -9.98
C ARG B 404 -49.14 34.01 -9.45
N ASN B 405 -49.31 33.85 -8.14
CA ASN B 405 -50.63 33.63 -7.56
C ASN B 405 -51.25 34.95 -7.11
N ILE B 406 -51.38 35.85 -8.07
CA ILE B 406 -51.82 37.23 -7.83
C ILE B 406 -53.05 37.47 -8.68
N PRO B 407 -54.15 37.99 -8.11
CA PRO B 407 -55.34 38.24 -8.90
C PRO B 407 -55.12 39.40 -9.85
N PRO B 408 -55.84 39.45 -10.96
CA PRO B 408 -55.52 40.46 -11.97
C PRO B 408 -56.09 41.83 -11.64
N TYR B 409 -55.42 42.84 -12.20
CA TYR B 409 -55.89 44.21 -12.22
C TYR B 409 -56.03 44.67 -13.65
N PHE B 410 -57.06 45.47 -13.92
CA PHE B 410 -57.18 46.14 -15.20
C PHE B 410 -56.30 47.37 -15.20
N VAL B 411 -55.47 47.50 -16.22
CA VAL B 411 -54.44 48.52 -16.21
C VAL B 411 -54.42 49.16 -17.59
N ALA B 412 -54.11 50.45 -17.64
CA ALA B 412 -54.24 51.23 -18.86
C ALA B 412 -52.87 51.68 -19.32
N LEU B 413 -52.43 51.16 -20.45
CA LEU B 413 -51.10 51.43 -20.99
C LEU B 413 -51.16 52.71 -21.83
N VAL B 414 -50.98 53.85 -21.19
CA VAL B 414 -51.02 55.15 -21.86
C VAL B 414 -49.67 55.38 -22.53
N PRO B 415 -49.62 55.62 -23.84
CA PRO B 415 -48.34 55.85 -24.50
C PRO B 415 -47.80 57.22 -24.18
N GLN B 416 -46.49 57.36 -24.29
CA GLN B 416 -45.89 58.66 -24.08
C GLN B 416 -44.70 58.82 -25.00
N GLU B 417 -44.51 60.04 -25.49
CA GLU B 417 -43.37 60.35 -26.33
C GLU B 417 -42.17 60.61 -25.41
N GLU B 418 -41.04 60.98 -25.99
CA GLU B 418 -39.89 61.39 -25.21
C GLU B 418 -39.63 62.86 -25.40
N GLU B 419 -39.17 63.51 -24.33
CA GLU B 419 -38.76 64.91 -24.36
C GLU B 419 -37.29 64.98 -24.04
N LEU B 420 -36.53 65.72 -24.84
CA LEU B 420 -35.10 65.85 -24.65
C LEU B 420 -34.67 67.24 -25.08
N ASP B 421 -33.37 67.53 -24.90
CA ASP B 421 -32.75 68.80 -25.23
C ASP B 421 -31.50 68.55 -26.09
N ASP B 422 -30.78 69.63 -26.41
CA ASP B 422 -29.61 69.48 -27.27
C ASP B 422 -28.37 69.01 -26.51
N GLN B 423 -28.36 69.11 -25.18
CA GLN B 423 -27.29 68.52 -24.36
C GLN B 423 -27.61 67.09 -23.93
N LYS B 424 -28.49 66.43 -24.70
CA LYS B 424 -29.01 65.05 -24.49
C LYS B 424 -29.34 64.75 -23.02
N ILE B 425 -30.06 65.65 -22.39
CA ILE B 425 -30.75 65.35 -21.15
C ILE B 425 -32.19 65.03 -21.55
N GLN B 426 -32.61 63.79 -21.32
CA GLN B 426 -34.00 63.43 -21.56
C GLN B 426 -34.71 63.32 -20.22
N VAL B 427 -35.93 63.83 -20.17
CA VAL B 427 -36.70 63.84 -18.94
C VAL B 427 -37.80 62.79 -18.96
N THR B 428 -38.44 62.56 -20.09
CA THR B 428 -39.41 61.49 -20.24
C THR B 428 -38.83 60.44 -21.15
N PRO B 429 -38.65 59.21 -20.68
CA PRO B 429 -38.25 58.14 -21.59
C PRO B 429 -39.42 57.67 -22.41
N PRO B 430 -39.19 57.09 -23.58
CA PRO B 430 -40.31 56.62 -24.40
C PRO B 430 -40.82 55.27 -23.93
N GLY B 431 -42.11 55.07 -24.06
CA GLY B 431 -42.74 53.82 -23.69
C GLY B 431 -44.18 54.05 -23.31
N PHE B 432 -44.74 53.13 -22.54
CA PHE B 432 -46.07 53.29 -21.98
C PHE B 432 -45.97 53.55 -20.50
N GLN B 433 -46.93 54.28 -19.97
CA GLN B 433 -47.10 54.42 -18.53
C GLN B 433 -48.24 53.53 -18.11
N LEU B 434 -47.97 52.62 -17.20
CA LEU B 434 -48.91 51.58 -16.79
C LEU B 434 -49.76 52.14 -15.65
N VAL B 435 -50.99 52.54 -15.97
CA VAL B 435 -51.88 53.26 -15.04
C VAL B 435 -52.90 52.29 -14.48
N PHE B 436 -52.86 52.08 -13.16
CA PHE B 436 -53.77 51.16 -12.51
C PHE B 436 -55.15 51.77 -12.37
N LEU B 437 -56.18 51.02 -12.76
CA LEU B 437 -57.55 51.47 -12.72
C LEU B 437 -58.30 50.78 -11.59
N PRO B 438 -59.16 51.48 -10.87
CA PRO B 438 -59.79 50.88 -9.70
C PRO B 438 -60.98 50.00 -10.09
N PHE B 439 -61.31 49.10 -9.18
CA PHE B 439 -62.50 48.28 -9.33
C PHE B 439 -63.70 49.02 -8.75
N ALA B 440 -64.85 48.36 -8.77
CA ALA B 440 -66.08 48.99 -8.30
C ALA B 440 -66.08 49.20 -6.80
N ASP B 441 -65.39 48.33 -6.07
CA ASP B 441 -65.34 48.40 -4.63
C ASP B 441 -64.12 49.16 -4.12
N ASP B 442 -63.27 49.64 -5.02
CA ASP B 442 -62.22 50.58 -4.65
C ASP B 442 -62.70 52.02 -4.62
N LYS B 443 -63.83 52.31 -5.26
CA LYS B 443 -64.46 53.61 -5.18
C LYS B 443 -65.37 53.68 -3.97
N ARG B 444 -65.67 54.89 -3.53
CA ARG B 444 -66.54 55.14 -2.40
C ARG B 444 -67.46 56.29 -2.72
N LYS B 445 -68.64 56.30 -2.09
CA LYS B 445 -69.65 57.31 -2.36
C LYS B 445 -69.65 58.36 -1.28
N MET B 446 -70.01 59.55 -1.64
CA MET B 446 -70.11 60.75 -0.82
C MET B 446 -71.55 60.98 -0.37
N PRO B 447 -71.74 61.67 0.74
CA PRO B 447 -73.09 62.14 1.08
C PRO B 447 -73.61 63.21 0.14
N PHE B 448 -74.88 63.59 0.30
CA PHE B 448 -75.44 64.66 -0.50
C PHE B 448 -74.96 66.01 0.00
N THR B 449 -74.47 66.84 -0.91
CA THR B 449 -73.95 68.17 -0.61
C THR B 449 -74.62 69.17 -1.54
N GLU B 450 -75.12 70.25 -0.95
CA GLU B 450 -75.76 71.30 -1.73
C GLU B 450 -74.74 71.99 -2.61
N LYS B 451 -75.18 72.38 -3.81
CA LYS B 451 -74.36 73.18 -4.70
C LYS B 451 -74.62 74.65 -4.40
N ILE B 452 -73.66 75.30 -3.76
CA ILE B 452 -73.76 76.71 -3.40
C ILE B 452 -72.68 77.43 -4.19
N MET B 453 -73.03 77.94 -5.36
CA MET B 453 -72.07 78.57 -6.26
C MET B 453 -71.69 79.95 -5.75
N ALA B 454 -70.82 80.62 -6.50
CA ALA B 454 -70.29 81.90 -6.07
C ALA B 454 -70.69 82.99 -7.05
N THR B 455 -70.78 84.20 -6.54
CA THR B 455 -70.98 85.35 -7.41
C THR B 455 -69.69 85.64 -8.17
N PRO B 456 -69.79 86.16 -9.40
CA PRO B 456 -68.58 86.43 -10.18
C PRO B 456 -67.69 87.51 -9.58
N GLU B 457 -68.23 88.35 -8.69
CA GLU B 457 -67.38 89.20 -7.87
C GLU B 457 -66.47 88.38 -6.96
N GLN B 458 -67.01 87.33 -6.36
CA GLN B 458 -66.20 86.47 -5.50
C GLN B 458 -65.22 85.64 -6.31
N VAL B 459 -65.65 85.16 -7.48
CA VAL B 459 -64.74 84.38 -8.32
C VAL B 459 -63.62 85.26 -8.85
N GLY B 460 -63.93 86.50 -9.24
CA GLY B 460 -62.90 87.40 -9.73
C GLY B 460 -61.99 87.94 -8.65
N LYS B 461 -62.47 87.97 -7.40
CA LYS B 461 -61.58 88.42 -6.34
C LYS B 461 -60.87 87.27 -5.67
N MET B 462 -61.23 86.04 -6.00
CA MET B 462 -60.43 84.90 -5.61
C MET B 462 -59.42 84.55 -6.70
N LYS B 463 -59.71 84.89 -7.96
CA LYS B 463 -58.71 84.75 -9.02
C LYS B 463 -57.50 85.64 -8.78
N ALA B 464 -57.71 86.81 -8.18
CA ALA B 464 -56.59 87.66 -7.81
C ALA B 464 -55.79 87.04 -6.67
N ILE B 465 -56.47 86.36 -5.74
CA ILE B 465 -55.78 85.72 -4.62
C ILE B 465 -54.92 84.56 -5.13
N VAL B 466 -55.46 83.76 -6.06
CA VAL B 466 -54.68 82.64 -6.56
C VAL B 466 -53.63 83.10 -7.55
N GLU B 467 -53.79 84.29 -8.15
CA GLU B 467 -52.75 84.80 -9.03
C GLU B 467 -51.64 85.47 -8.24
N LYS B 468 -51.93 85.91 -7.01
CA LYS B 468 -50.93 86.53 -6.18
C LYS B 468 -49.91 85.52 -5.65
N LEU B 469 -50.33 84.28 -5.43
CA LEU B 469 -49.53 83.28 -4.73
C LEU B 469 -48.87 82.27 -5.66
N ARG B 470 -48.97 82.50 -6.97
CA ARG B 470 -48.48 81.55 -7.97
C ARG B 470 -46.98 81.40 -7.91
N PHE B 471 -46.52 80.15 -8.01
CA PHE B 471 -45.10 79.83 -8.14
C PHE B 471 -44.95 78.79 -9.24
N THR B 472 -43.74 78.25 -9.40
CA THR B 472 -43.48 77.17 -10.35
C THR B 472 -43.13 75.90 -9.60
N TYR B 473 -43.90 74.84 -9.85
CA TYR B 473 -43.66 73.52 -9.25
C TYR B 473 -42.74 72.78 -10.21
N ARG B 474 -41.53 72.41 -9.76
CA ARG B 474 -40.67 71.83 -10.77
C ARG B 474 -40.93 70.33 -10.95
N SER B 475 -40.34 69.47 -10.12
CA SER B 475 -40.89 68.17 -9.74
C SER B 475 -40.32 67.78 -8.39
N ASP B 476 -39.12 68.28 -8.12
CA ASP B 476 -38.29 67.82 -7.01
C ASP B 476 -37.77 69.02 -6.23
N SER B 477 -38.65 69.98 -5.99
CA SER B 477 -38.33 71.08 -5.12
C SER B 477 -38.52 70.77 -3.65
N PHE B 478 -39.41 69.84 -3.32
CA PHE B 478 -39.74 69.51 -1.94
C PHE B 478 -38.97 68.28 -1.49
N GLU B 479 -38.99 68.03 -0.18
CA GLU B 479 -38.12 67.04 0.42
C GLU B 479 -38.74 66.49 1.70
N ASN B 480 -38.62 65.18 1.89
CA ASN B 480 -39.28 64.46 2.99
C ASN B 480 -38.66 64.84 4.33
N PRO B 481 -39.37 65.57 5.19
CA PRO B 481 -38.73 66.10 6.41
C PRO B 481 -38.44 65.04 7.45
N VAL B 482 -39.30 64.03 7.56
CA VAL B 482 -39.10 62.97 8.55
C VAL B 482 -37.86 62.17 8.21
N LEU B 483 -37.70 61.87 6.93
CA LEU B 483 -36.55 61.13 6.45
C LEU B 483 -35.27 61.95 6.57
N GLN B 484 -35.36 63.25 6.24
CA GLN B 484 -34.20 64.13 6.36
C GLN B 484 -33.74 64.26 7.79
N GLN B 485 -34.69 64.39 8.71
CA GLN B 485 -34.34 64.50 10.12
C GLN B 485 -33.78 63.19 10.64
N HIS B 486 -34.24 62.06 10.09
CA HIS B 486 -33.64 60.78 10.46
C HIS B 486 -32.19 60.70 10.02
N PHE B 487 -31.90 61.18 8.81
CA PHE B 487 -30.52 61.20 8.32
C PHE B 487 -29.64 62.11 9.18
N ARG B 488 -30.16 63.28 9.53
CA ARG B 488 -29.41 64.22 10.37
C ARG B 488 -29.14 63.65 11.76
N ASN B 489 -30.15 63.02 12.38
CA ASN B 489 -29.97 62.45 13.71
C ASN B 489 -28.99 61.29 13.69
N LEU B 490 -29.03 60.48 12.63
CA LEU B 490 -28.12 59.36 12.54
C LEU B 490 -26.69 59.83 12.33
N GLU B 491 -26.52 60.88 11.50
CA GLU B 491 -25.21 61.51 11.31
C GLU B 491 -24.66 62.02 12.63
N ALA B 492 -25.48 62.74 13.39
CA ALA B 492 -24.99 63.38 14.59
C ALA B 492 -24.82 62.39 15.73
N LEU B 493 -25.46 61.24 15.65
CA LEU B 493 -25.28 60.25 16.70
C LEU B 493 -24.15 59.28 16.39
N ALA B 494 -23.83 59.07 15.12
CA ALA B 494 -22.69 58.24 14.77
C ALA B 494 -21.38 59.00 14.80
N LEU B 495 -21.40 60.29 14.43
CA LEU B 495 -20.21 61.11 14.51
C LEU B 495 -20.08 61.83 15.84
N ASP B 496 -21.05 61.65 16.74
CA ASP B 496 -21.15 62.19 18.11
C ASP B 496 -20.72 63.66 18.20
N LEU B 497 -21.39 64.50 17.41
CA LEU B 497 -20.81 65.83 17.18
C LEU B 497 -20.98 66.78 18.36
N MET B 498 -22.14 67.39 18.49
CA MET B 498 -22.41 68.20 19.67
C MET B 498 -23.90 68.18 20.02
N GLU B 499 -24.74 68.00 19.00
CA GLU B 499 -26.21 68.07 19.02
C GLU B 499 -26.68 67.74 17.61
N PRO B 500 -27.89 67.22 17.43
CA PRO B 500 -28.38 66.97 16.07
C PRO B 500 -28.65 68.26 15.32
N GLU B 501 -28.10 68.36 14.12
CA GLU B 501 -28.53 69.42 13.24
C GLU B 501 -29.97 69.19 12.85
N GLN B 502 -30.71 70.28 12.76
CA GLN B 502 -32.08 70.22 12.27
C GLN B 502 -32.08 70.60 10.80
N ALA B 503 -32.67 69.74 9.98
CA ALA B 503 -32.94 70.10 8.59
C ALA B 503 -33.94 71.24 8.59
N VAL B 504 -33.63 72.30 7.85
CA VAL B 504 -34.59 73.39 7.70
C VAL B 504 -35.78 72.84 6.93
N ASP B 505 -36.95 72.99 7.50
CA ASP B 505 -38.15 72.45 6.89
C ASP B 505 -38.47 73.19 5.60
N LEU B 506 -39.10 72.48 4.69
CA LEU B 506 -39.39 73.03 3.37
C LEU B 506 -40.82 72.77 2.96
N THR B 507 -41.44 71.71 3.45
CA THR B 507 -42.85 71.48 3.17
C THR B 507 -43.77 72.42 3.95
N LEU B 508 -43.24 73.12 4.96
CA LEU B 508 -44.02 74.06 5.75
C LEU B 508 -44.32 75.32 4.94
N PRO B 509 -45.50 75.91 5.12
CA PRO B 509 -45.78 77.19 4.47
C PRO B 509 -45.22 78.38 5.24
N LYS B 510 -44.87 79.41 4.49
CA LYS B 510 -44.25 80.62 5.04
C LYS B 510 -45.35 81.62 5.35
N VAL B 511 -45.75 81.71 6.62
CA VAL B 511 -46.96 82.43 7.00
C VAL B 511 -46.82 83.93 6.74
N GLU B 512 -45.67 84.50 7.12
CA GLU B 512 -45.47 85.94 6.96
C GLU B 512 -45.26 86.30 5.50
N ALA B 513 -44.59 85.44 4.75
CA ALA B 513 -44.33 85.75 3.34
C ALA B 513 -45.61 85.65 2.53
N MET B 514 -46.48 84.68 2.86
CA MET B 514 -47.76 84.57 2.18
C MET B 514 -48.66 85.74 2.55
N ASN B 515 -48.60 86.19 3.80
CA ASN B 515 -49.35 87.37 4.22
C ASN B 515 -48.92 88.61 3.46
N LYS B 516 -47.62 88.88 3.41
CA LYS B 516 -47.16 90.10 2.77
C LYS B 516 -47.28 90.03 1.26
N ARG B 517 -47.29 88.81 0.70
CA ARG B 517 -47.64 88.67 -0.71
C ARG B 517 -49.09 89.05 -0.95
N LEU B 518 -50.01 88.46 -0.19
CA LEU B 518 -51.43 88.84 -0.24
C LEU B 518 -51.64 90.13 0.54
N GLY B 519 -51.20 91.24 -0.04
CA GLY B 519 -51.22 92.49 0.67
C GLY B 519 -52.60 93.10 0.83
N SER B 520 -53.13 93.03 2.07
CA SER B 520 -54.36 93.69 2.50
C SER B 520 -55.58 93.27 1.67
N LEU B 521 -55.59 92.02 1.22
CA LEU B 521 -56.62 91.54 0.32
C LEU B 521 -57.58 90.57 0.99
N VAL B 522 -57.08 89.78 1.93
CA VAL B 522 -57.87 88.65 2.42
C VAL B 522 -58.98 89.13 3.35
N ASP B 523 -58.78 90.27 4.03
CA ASP B 523 -59.82 90.78 4.91
C ASP B 523 -61.00 91.31 4.14
N GLU B 524 -60.76 92.03 3.04
CA GLU B 524 -61.87 92.47 2.21
C GLU B 524 -62.48 91.30 1.43
N PHE B 525 -61.70 90.28 1.11
CA PHE B 525 -62.29 89.13 0.43
C PHE B 525 -63.23 88.36 1.36
N LYS B 526 -62.77 88.09 2.59
CA LYS B 526 -63.63 87.41 3.54
C LYS B 526 -64.76 88.30 4.04
N GLU B 527 -64.64 89.63 3.90
CA GLU B 527 -65.78 90.50 4.15
C GLU B 527 -66.80 90.40 3.01
N LEU B 528 -66.33 90.27 1.78
CA LEU B 528 -67.22 90.21 0.62
C LEU B 528 -67.85 88.84 0.42
N VAL B 529 -67.22 87.78 0.90
CA VAL B 529 -67.77 86.43 0.74
C VAL B 529 -68.28 85.85 2.05
N TYR B 530 -67.84 86.37 3.19
CA TYR B 530 -68.15 85.92 4.53
C TYR B 530 -68.91 87.01 5.26
N PRO B 531 -69.93 86.68 6.05
CA PRO B 531 -70.71 87.71 6.73
C PRO B 531 -69.91 88.36 7.84
N PRO B 532 -70.17 89.63 8.14
CA PRO B 532 -69.41 90.30 9.21
C PRO B 532 -69.78 89.81 10.60
N ASP B 533 -69.30 88.60 10.95
CA ASP B 533 -69.42 88.05 12.29
C ASP B 533 -68.27 87.04 12.47
N TYR B 534 -68.24 86.40 13.64
CA TYR B 534 -67.28 85.36 14.02
C TYR B 534 -65.84 85.87 13.98
N ASN C 6 -75.18 51.62 13.14
CA ASN C 6 -75.67 51.90 11.80
C ASN C 6 -75.97 50.59 11.06
N LYS C 7 -77.10 50.53 10.38
CA LYS C 7 -77.61 49.26 9.87
C LYS C 7 -78.59 49.52 8.74
N ALA C 8 -79.22 48.45 8.25
CA ALA C 8 -80.23 48.49 7.21
C ALA C 8 -80.99 47.17 7.24
N ALA C 9 -81.89 47.00 6.28
CA ALA C 9 -82.74 45.82 6.22
C ALA C 9 -83.20 45.58 4.79
N VAL C 10 -82.95 44.37 4.29
CA VAL C 10 -83.32 43.99 2.94
C VAL C 10 -84.36 42.88 3.02
N VAL C 11 -85.37 42.95 2.15
CA VAL C 11 -86.33 41.88 1.93
C VAL C 11 -86.27 41.50 0.47
N LEU C 12 -86.12 40.20 0.18
CA LEU C 12 -85.76 39.74 -1.15
C LEU C 12 -86.88 38.92 -1.77
N CYS C 13 -87.54 39.47 -2.78
CA CYS C 13 -88.55 38.75 -3.54
C CYS C 13 -87.91 37.98 -4.68
N MET C 14 -88.17 36.68 -4.75
CA MET C 14 -87.58 35.79 -5.73
C MET C 14 -88.67 35.12 -6.55
N ASP C 15 -88.46 35.04 -7.86
CA ASP C 15 -89.46 34.45 -8.76
C ASP C 15 -89.29 32.94 -8.82
N VAL C 16 -90.34 32.23 -8.42
CA VAL C 16 -90.36 30.77 -8.48
C VAL C 16 -91.59 30.41 -9.33
N GLY C 17 -91.86 31.22 -10.35
CA GLY C 17 -93.01 31.01 -11.20
C GLY C 17 -92.90 29.78 -12.09
N PHE C 18 -93.96 29.56 -12.89
CA PHE C 18 -93.99 28.41 -13.79
C PHE C 18 -93.03 28.61 -14.96
N THR C 19 -93.16 29.74 -15.66
CA THR C 19 -92.22 30.03 -16.75
C THR C 19 -90.90 30.56 -16.26
N MET C 20 -90.69 30.63 -14.95
CA MET C 20 -89.43 31.13 -14.43
C MET C 20 -88.30 30.13 -14.59
N SER C 21 -88.61 28.83 -14.65
CA SER C 21 -87.57 27.81 -14.63
C SER C 21 -87.70 26.79 -15.75
N ASN C 22 -88.52 27.06 -16.76
CA ASN C 22 -88.73 26.06 -17.80
C ASN C 22 -87.89 26.29 -19.05
N SER C 23 -87.70 27.55 -19.43
CA SER C 23 -86.98 27.83 -20.67
C SER C 23 -85.48 27.72 -20.46
N ILE C 24 -84.86 26.80 -21.18
CA ILE C 24 -83.41 26.80 -21.38
C ILE C 24 -83.17 26.67 -22.89
N PRO C 25 -83.46 27.70 -23.69
CA PRO C 25 -83.25 27.56 -25.15
C PRO C 25 -81.79 27.56 -25.59
N GLY C 26 -81.04 28.60 -25.21
CA GLY C 26 -79.63 28.68 -25.56
C GLY C 26 -78.80 29.41 -24.52
N ILE C 27 -79.43 29.71 -23.39
CA ILE C 27 -78.86 30.54 -22.33
C ILE C 27 -78.94 29.72 -21.05
N GLU C 28 -78.69 30.35 -19.91
CA GLU C 28 -78.94 29.70 -18.63
C GLU C 28 -80.37 30.02 -18.16
N SER C 29 -80.89 29.15 -17.28
CA SER C 29 -82.27 29.27 -16.82
C SER C 29 -82.44 30.51 -15.93
N PRO C 30 -83.50 31.30 -16.15
CA PRO C 30 -83.64 32.57 -15.43
C PRO C 30 -83.86 32.45 -13.92
N PHE C 31 -84.49 31.37 -13.46
CA PHE C 31 -84.61 31.14 -12.03
C PHE C 31 -83.24 30.86 -11.41
N GLU C 32 -82.39 30.10 -12.11
CA GLU C 32 -81.06 29.86 -11.60
C GLU C 32 -80.17 31.10 -11.70
N GLN C 33 -80.44 31.96 -12.68
CA GLN C 33 -79.73 33.24 -12.74
C GLN C 33 -80.12 34.12 -11.56
N ALA C 34 -81.38 34.07 -11.16
CA ALA C 34 -81.83 34.72 -9.94
C ALA C 34 -81.13 34.15 -8.72
N LYS C 35 -80.90 32.83 -8.71
CA LYS C 35 -80.14 32.20 -7.63
C LYS C 35 -78.69 32.69 -7.60
N LYS C 36 -78.09 32.90 -8.77
CA LYS C 36 -76.71 33.38 -8.85
C LYS C 36 -76.59 34.80 -8.34
N VAL C 37 -77.51 35.69 -8.75
CA VAL C 37 -77.45 37.07 -8.29
C VAL C 37 -77.78 37.15 -6.80
N ILE C 38 -78.70 36.32 -6.32
CA ILE C 38 -79.05 36.42 -4.90
C ILE C 38 -77.98 35.77 -4.04
N THR C 39 -77.21 34.81 -4.57
CA THR C 39 -76.13 34.27 -3.77
C THR C 39 -74.95 35.24 -3.75
N MET C 40 -74.76 36.01 -4.84
CA MET C 40 -73.76 37.06 -4.83
C MET C 40 -74.15 38.18 -3.88
N PHE C 41 -75.44 38.42 -3.72
CA PHE C 41 -75.87 39.43 -2.76
C PHE C 41 -75.70 38.97 -1.32
N VAL C 42 -76.06 37.72 -1.02
CA VAL C 42 -76.12 37.34 0.39
C VAL C 42 -74.77 36.84 0.90
N GLN C 43 -73.90 36.32 0.02
CA GLN C 43 -72.62 35.85 0.52
C GLN C 43 -71.69 37.00 0.86
N ARG C 44 -71.86 38.15 0.18
CA ARG C 44 -71.10 39.33 0.58
C ARG C 44 -71.54 39.82 1.95
N GLN C 45 -72.85 39.79 2.22
CA GLN C 45 -73.35 40.31 3.49
C GLN C 45 -73.07 39.36 4.64
N VAL C 46 -72.92 38.06 4.36
CA VAL C 46 -72.57 37.16 5.47
C VAL C 46 -71.06 37.17 5.71
N PHE C 47 -70.27 37.30 4.64
CA PHE C 47 -68.83 37.20 4.81
C PHE C 47 -68.16 38.53 5.13
N ALA C 48 -68.89 39.64 5.04
CA ALA C 48 -68.38 40.93 5.46
C ALA C 48 -68.74 41.27 6.90
N GLU C 49 -69.34 40.34 7.64
CA GLU C 49 -69.74 40.50 9.05
C GLU C 49 -70.66 41.70 9.28
N ASN C 50 -71.58 41.93 8.35
CA ASN C 50 -72.43 43.12 8.42
C ASN C 50 -73.56 42.95 9.43
N LYS C 51 -74.06 44.09 9.92
CA LYS C 51 -75.25 44.14 10.77
C LYS C 51 -76.43 44.55 9.88
N ASP C 52 -76.95 43.58 9.13
CA ASP C 52 -78.07 43.85 8.26
C ASP C 52 -79.12 42.77 8.39
N GLU C 53 -80.36 43.14 8.09
CA GLU C 53 -81.50 42.24 8.15
C GLU C 53 -81.85 41.76 6.76
N ILE C 54 -81.92 40.44 6.59
CA ILE C 54 -82.24 39.85 5.31
C ILE C 54 -83.40 38.89 5.50
N ALA C 55 -84.49 39.15 4.79
CA ALA C 55 -85.66 38.27 4.80
C ALA C 55 -85.89 37.77 3.39
N LEU C 56 -86.08 36.46 3.26
CA LEU C 56 -86.33 35.83 1.98
C LEU C 56 -87.84 35.62 1.83
N VAL C 57 -88.39 36.05 0.71
CA VAL C 57 -89.79 35.84 0.39
C VAL C 57 -89.88 35.36 -1.05
N LEU C 58 -90.63 34.29 -1.27
CA LEU C 58 -90.81 33.74 -2.60
C LEU C 58 -92.23 33.99 -3.07
N PHE C 59 -92.42 33.89 -4.37
CA PHE C 59 -93.76 33.95 -4.98
C PHE C 59 -93.77 33.02 -6.17
N GLY C 60 -94.89 32.32 -6.36
CA GLY C 60 -94.92 31.16 -7.22
C GLY C 60 -94.85 29.86 -6.46
N THR C 61 -95.08 29.90 -5.14
CA THR C 61 -94.87 28.74 -4.29
C THR C 61 -96.17 28.00 -4.02
N ASP C 62 -96.06 26.69 -3.90
CA ASP C 62 -97.23 25.83 -3.72
C ASP C 62 -97.73 25.81 -2.29
N GLY C 63 -96.94 26.29 -1.33
CA GLY C 63 -97.46 26.67 -0.03
C GLY C 63 -97.69 28.17 0.03
N THR C 64 -98.20 28.62 1.17
CA THR C 64 -98.35 30.05 1.44
C THR C 64 -98.44 30.28 2.95
N ASP C 65 -97.70 31.28 3.45
CA ASP C 65 -97.85 31.75 4.84
C ASP C 65 -97.37 33.20 4.90
N ASN C 66 -98.32 34.12 4.86
CA ASN C 66 -98.07 35.55 4.98
C ASN C 66 -99.07 36.11 5.99
N PRO C 67 -98.85 37.35 6.49
CA PRO C 67 -99.80 37.94 7.46
C PRO C 67 -101.25 38.06 7.00
N LEU C 68 -101.55 38.53 5.78
CA LEU C 68 -102.95 38.68 5.38
C LEU C 68 -103.14 38.04 4.01
N SER C 69 -103.40 36.74 4.01
CA SER C 69 -103.76 35.97 2.82
C SER C 69 -105.28 35.81 2.85
N GLY C 70 -105.99 36.89 2.53
CA GLY C 70 -107.43 36.85 2.50
C GLY C 70 -107.97 36.81 1.09
N GLY C 71 -108.40 35.63 0.65
CA GLY C 71 -108.89 35.45 -0.70
C GLY C 71 -107.78 35.09 -1.66
N ASP C 72 -108.12 35.19 -2.95
CA ASP C 72 -107.16 34.83 -4.01
C ASP C 72 -106.02 35.85 -4.12
N GLN C 73 -106.24 37.08 -3.65
CA GLN C 73 -105.14 38.02 -3.48
C GLN C 73 -104.27 37.58 -2.30
N TYR C 74 -102.98 37.91 -2.41
CA TYR C 74 -101.92 37.46 -1.50
C TYR C 74 -101.94 35.94 -1.36
N GLN C 75 -101.80 35.25 -2.48
CA GLN C 75 -101.74 33.80 -2.48
C GLN C 75 -100.38 33.35 -2.98
N ASN C 76 -100.05 32.09 -2.68
CA ASN C 76 -98.88 31.38 -3.21
C ASN C 76 -97.56 32.06 -2.82
N ILE C 77 -97.50 32.54 -1.59
CA ILE C 77 -96.38 33.36 -1.14
C ILE C 77 -95.97 32.91 0.25
N THR C 78 -94.73 32.41 0.39
CA THR C 78 -94.19 31.96 1.67
C THR C 78 -92.98 32.84 2.03
N VAL C 79 -93.13 33.66 3.05
CA VAL C 79 -91.98 34.36 3.59
C VAL C 79 -91.08 33.35 4.28
N HIS C 80 -89.87 33.18 3.74
CA HIS C 80 -88.99 32.08 4.11
C HIS C 80 -88.24 32.34 5.41
N ARG C 81 -87.90 33.59 5.71
CA ARG C 81 -87.33 33.99 6.99
C ARG C 81 -87.61 35.48 7.14
N HIS C 82 -87.26 36.02 8.31
CA HIS C 82 -87.65 37.38 8.64
C HIS C 82 -86.42 38.28 8.76
N LEU C 83 -86.66 39.50 9.23
CA LEU C 83 -85.58 40.48 9.44
C LEU C 83 -84.70 40.01 10.59
N MET C 84 -83.52 39.51 10.24
CA MET C 84 -82.67 38.72 11.12
C MET C 84 -81.30 38.67 10.46
N LEU C 85 -80.27 38.45 11.28
CA LEU C 85 -78.93 38.34 10.75
C LEU C 85 -78.79 37.04 9.96
N PRO C 86 -78.27 37.08 8.73
CA PRO C 86 -78.21 35.87 7.90
C PRO C 86 -77.05 34.98 8.31
N ASP C 87 -77.37 33.74 8.67
CA ASP C 87 -76.37 32.75 8.99
C ASP C 87 -76.04 31.97 7.72
N PHE C 88 -75.30 30.86 7.86
CA PHE C 88 -75.00 30.01 6.72
C PHE C 88 -76.16 29.12 6.33
N ASP C 89 -77.20 29.09 7.16
CA ASP C 89 -78.41 28.33 6.85
C ASP C 89 -79.09 28.87 5.60
N LEU C 90 -79.29 30.19 5.53
CA LEU C 90 -79.88 30.80 4.34
C LEU C 90 -78.97 30.62 3.14
N LEU C 91 -77.67 30.67 3.37
CA LEU C 91 -76.68 30.53 2.30
C LEU C 91 -76.75 29.14 1.67
N GLU C 92 -76.95 28.11 2.48
CA GLU C 92 -77.09 26.77 1.91
C GLU C 92 -78.51 26.50 1.43
N ASP C 93 -79.51 27.20 1.97
CA ASP C 93 -80.89 26.96 1.55
C ASP C 93 -81.18 27.56 0.19
N ILE C 94 -80.49 28.65 -0.16
CA ILE C 94 -80.65 29.26 -1.49
C ILE C 94 -80.30 28.29 -2.62
N GLU C 95 -79.37 27.36 -2.40
CA GLU C 95 -79.06 26.36 -3.40
C GLU C 95 -79.63 24.98 -3.12
N SER C 96 -80.02 24.69 -1.89
CA SER C 96 -80.54 23.37 -1.53
C SER C 96 -82.04 23.39 -1.28
N LYS C 97 -82.50 24.16 -0.31
CA LYS C 97 -83.91 24.21 0.05
C LYS C 97 -84.69 25.25 -0.75
N ILE C 98 -84.19 25.63 -1.93
CA ILE C 98 -84.96 26.34 -2.93
C ILE C 98 -85.19 25.37 -4.08
N GLN C 99 -86.45 25.04 -4.33
CA GLN C 99 -86.87 24.23 -5.45
C GLN C 99 -87.72 25.08 -6.36
N PRO C 100 -87.67 24.84 -7.67
CA PRO C 100 -88.52 25.60 -8.59
C PRO C 100 -89.99 25.24 -8.44
N GLY C 101 -90.83 26.06 -9.05
CA GLY C 101 -92.27 25.88 -8.98
C GLY C 101 -92.88 25.72 -10.35
N SER C 102 -93.93 24.91 -10.41
CA SER C 102 -94.78 24.78 -11.59
C SER C 102 -96.08 25.54 -11.35
N GLN C 103 -95.97 26.85 -11.16
CA GLN C 103 -97.08 27.64 -10.61
C GLN C 103 -96.84 29.11 -10.95
N GLN C 104 -97.75 29.69 -11.73
CA GLN C 104 -97.65 31.10 -12.10
C GLN C 104 -98.46 31.94 -11.13
N ALA C 105 -97.80 32.75 -10.30
CA ALA C 105 -98.43 33.57 -9.28
C ALA C 105 -98.27 35.05 -9.63
N ASP C 106 -99.01 35.89 -8.89
CA ASP C 106 -99.05 37.32 -9.15
C ASP C 106 -97.75 38.00 -8.74
N PHE C 107 -97.44 39.11 -9.41
CA PHE C 107 -96.14 39.78 -9.26
C PHE C 107 -96.23 41.16 -8.65
N LEU C 108 -97.25 41.96 -8.98
CA LEU C 108 -97.45 43.24 -8.31
C LEU C 108 -97.83 43.02 -6.85
N ASP C 109 -98.48 41.90 -6.54
CA ASP C 109 -98.86 41.62 -5.16
C ASP C 109 -97.67 41.18 -4.31
N ALA C 110 -96.56 40.81 -4.94
CA ALA C 110 -95.34 40.49 -4.18
C ALA C 110 -94.79 41.74 -3.50
N LEU C 111 -94.90 42.89 -4.17
CA LEU C 111 -94.49 44.15 -3.57
C LEU C 111 -95.37 44.49 -2.38
N ILE C 112 -96.69 44.30 -2.52
CA ILE C 112 -97.59 44.76 -1.48
C ILE C 112 -97.71 43.74 -0.35
N VAL C 113 -97.22 42.51 -0.55
CA VAL C 113 -97.08 41.64 0.62
C VAL C 113 -95.73 41.91 1.31
N SER C 114 -94.71 42.32 0.55
CA SER C 114 -93.48 42.73 1.19
C SER C 114 -93.59 44.08 1.86
N MET C 115 -94.66 44.84 1.59
CA MET C 115 -94.88 46.12 2.25
C MET C 115 -95.48 46.01 3.65
N ASP C 116 -95.48 44.82 4.27
CA ASP C 116 -96.05 44.66 5.62
C ASP C 116 -94.97 44.40 6.67
N VAL C 117 -93.87 43.78 6.26
CA VAL C 117 -92.87 43.26 7.19
C VAL C 117 -92.12 44.39 7.89
N ILE C 118 -92.02 45.55 7.23
CA ILE C 118 -91.31 46.70 7.80
C ILE C 118 -92.09 47.27 8.98
N GLN C 119 -93.42 47.31 8.86
CA GLN C 119 -94.24 47.83 9.94
C GLN C 119 -94.67 46.76 10.92
N HIS C 120 -94.37 45.49 10.65
CA HIS C 120 -94.67 44.48 11.66
C HIS C 120 -93.42 44.05 12.44
N GLU C 121 -92.40 43.55 11.74
CA GLU C 121 -91.21 43.04 12.42
C GLU C 121 -90.39 44.16 13.03
N THR C 122 -90.15 45.23 12.26
CA THR C 122 -89.51 46.44 12.77
C THR C 122 -90.61 47.31 13.38
N ILE C 123 -91.07 46.92 14.55
CA ILE C 123 -92.06 47.69 15.28
C ILE C 123 -91.45 48.55 16.39
N GLY C 124 -90.27 48.18 16.89
CA GLY C 124 -89.63 48.92 17.96
C GLY C 124 -88.15 49.19 17.76
N LYS C 125 -87.55 48.55 16.77
CA LYS C 125 -86.15 48.80 16.47
C LYS C 125 -86.02 50.03 15.58
N LYS C 126 -84.85 50.70 15.67
CA LYS C 126 -84.64 51.98 15.00
C LYS C 126 -83.67 51.78 13.83
N PHE C 127 -84.18 51.86 12.60
CA PHE C 127 -83.39 51.54 11.44
C PHE C 127 -82.94 52.82 10.74
N GLU C 128 -82.25 52.63 9.61
CA GLU C 128 -81.82 53.73 8.77
C GLU C 128 -82.12 53.53 7.29
N LYS C 129 -82.17 52.31 6.80
CA LYS C 129 -82.42 52.07 5.39
C LYS C 129 -83.33 50.87 5.26
N ARG C 130 -84.27 50.95 4.33
CA ARG C 130 -85.31 49.94 4.16
C ARG C 130 -85.46 49.68 2.68
N HIS C 131 -85.11 48.46 2.26
CA HIS C 131 -84.96 48.13 0.86
C HIS C 131 -85.69 46.84 0.53
N ILE C 132 -86.36 46.81 -0.62
CA ILE C 132 -86.98 45.61 -1.16
C ILE C 132 -86.32 45.28 -2.50
N GLU C 133 -85.77 44.08 -2.60
CA GLU C 133 -85.22 43.58 -3.85
C GLU C 133 -86.19 42.59 -4.46
N ILE C 134 -86.55 42.79 -5.72
CA ILE C 134 -87.51 41.93 -6.41
C ILE C 134 -86.84 41.34 -7.64
N PHE C 135 -86.82 40.02 -7.72
CA PHE C 135 -86.43 39.31 -8.95
C PHE C 135 -87.72 38.79 -9.56
N THR C 136 -88.08 39.29 -10.73
CA THR C 136 -89.38 38.96 -11.32
C THR C 136 -89.21 38.29 -12.68
N ASP C 137 -90.34 38.11 -13.36
CA ASP C 137 -90.35 37.68 -14.76
C ASP C 137 -91.34 38.46 -15.61
N LEU C 138 -92.36 39.10 -15.00
CA LEU C 138 -93.47 39.79 -15.69
C LEU C 138 -94.19 38.86 -16.66
N SER C 139 -94.87 37.86 -16.11
CA SER C 139 -95.51 36.83 -16.93
C SER C 139 -96.86 36.37 -16.39
N SER C 140 -97.47 37.08 -15.46
CA SER C 140 -98.73 36.64 -14.87
C SER C 140 -99.72 37.79 -14.83
N ARG C 141 -100.99 37.45 -14.95
CA ARG C 141 -102.08 38.42 -14.93
C ARG C 141 -102.21 38.96 -13.52
N PHE C 142 -101.78 40.20 -13.31
CA PHE C 142 -101.68 40.77 -11.98
C PHE C 142 -103.05 41.23 -11.48
N SER C 143 -103.03 42.02 -10.41
CA SER C 143 -104.22 42.67 -9.88
C SER C 143 -103.97 44.17 -9.90
N LYS C 144 -104.51 44.86 -10.90
CA LYS C 144 -104.39 46.31 -10.98
C LYS C 144 -105.49 46.98 -10.14
N SER C 145 -105.38 46.79 -8.83
CA SER C 145 -106.28 47.40 -7.87
C SER C 145 -105.56 48.24 -6.84
N GLN C 146 -104.29 47.95 -6.59
CA GLN C 146 -103.50 48.65 -5.59
C GLN C 146 -102.63 49.73 -6.21
N LEU C 147 -103.12 50.41 -7.25
CA LEU C 147 -102.27 51.21 -8.13
C LEU C 147 -101.72 52.44 -7.41
N ASP C 148 -102.60 53.31 -6.93
CA ASP C 148 -102.13 54.44 -6.16
C ASP C 148 -101.84 54.09 -4.72
N ILE C 149 -102.27 52.91 -4.26
CA ILE C 149 -101.97 52.44 -2.91
C ILE C 149 -100.49 52.13 -2.77
N ILE C 150 -99.92 51.36 -3.72
CA ILE C 150 -98.50 51.03 -3.67
C ILE C 150 -97.64 52.27 -3.83
N ILE C 151 -98.17 53.31 -4.49
CA ILE C 151 -97.36 54.48 -4.78
C ILE C 151 -97.41 55.49 -3.63
N HIS C 152 -98.57 55.70 -3.01
CA HIS C 152 -98.55 56.65 -1.90
C HIS C 152 -98.03 55.99 -0.63
N SER C 153 -98.08 54.65 -0.54
CA SER C 153 -97.76 53.98 0.72
C SER C 153 -96.27 54.04 1.03
N LEU C 154 -95.42 53.64 0.09
CA LEU C 154 -93.99 53.58 0.39
C LEU C 154 -93.39 54.99 0.45
N LYS C 155 -94.02 55.95 -0.24
CA LYS C 155 -93.58 57.33 -0.13
C LYS C 155 -94.03 57.92 1.20
N LYS C 156 -95.13 57.41 1.76
CA LYS C 156 -95.52 57.76 3.12
C LYS C 156 -94.59 57.18 4.17
N CYS C 157 -94.14 55.93 4.01
CA CYS C 157 -93.25 55.32 4.99
C CYS C 157 -91.85 54.99 4.47
N ASP C 158 -91.30 55.81 3.54
CA ASP C 158 -89.88 55.89 3.11
C ASP C 158 -89.21 54.53 2.86
N ILE C 159 -89.70 53.84 1.83
CA ILE C 159 -89.21 52.51 1.46
C ILE C 159 -88.54 52.58 0.08
N SER C 160 -87.34 52.04 -0.02
CA SER C 160 -86.58 51.98 -1.27
C SER C 160 -86.79 50.64 -1.97
N LEU C 161 -86.76 50.67 -3.31
CA LEU C 161 -87.17 49.53 -4.11
C LEU C 161 -86.23 49.36 -5.29
N GLN C 162 -86.01 48.10 -5.68
CA GLN C 162 -85.17 47.78 -6.84
C GLN C 162 -85.73 46.58 -7.57
N PHE C 163 -85.81 46.68 -8.89
CA PHE C 163 -86.42 45.66 -9.72
C PHE C 163 -85.36 44.98 -10.58
N PHE C 164 -85.66 43.78 -11.04
CA PHE C 164 -84.71 42.95 -11.78
C PHE C 164 -85.44 42.15 -12.83
N LEU C 165 -85.17 42.41 -14.06
CA LEU C 165 -85.68 41.56 -15.12
C LEU C 165 -84.59 40.57 -15.53
N PRO C 166 -84.89 39.58 -16.35
CA PRO C 166 -83.80 38.84 -17.00
C PRO C 166 -83.14 39.64 -18.11
N PHE C 167 -83.82 40.66 -18.63
CA PHE C 167 -83.32 41.41 -19.78
C PHE C 167 -83.63 42.89 -19.60
N SER C 168 -82.59 43.71 -19.66
CA SER C 168 -82.74 45.15 -19.52
C SER C 168 -83.13 45.78 -20.85
N LEU C 169 -83.32 47.09 -20.81
CA LEU C 169 -83.82 47.82 -21.97
C LEU C 169 -82.70 47.99 -22.99
N GLY C 170 -82.62 47.06 -23.95
CA GLY C 170 -81.55 47.08 -24.92
C GLY C 170 -80.25 46.54 -24.35
N GLY C 181 -71.30 35.51 -31.34
CA GLY C 181 -71.23 35.67 -29.91
C GLY C 181 -72.38 35.00 -29.19
N PRO C 182 -72.18 33.74 -28.79
CA PRO C 182 -73.21 33.05 -28.00
C PRO C 182 -73.29 33.62 -26.60
N PHE C 183 -74.46 33.46 -25.97
CA PHE C 183 -74.72 33.99 -24.65
C PHE C 183 -73.93 33.19 -23.64
N ARG C 184 -72.73 33.68 -23.28
CA ARG C 184 -71.91 32.96 -22.32
C ARG C 184 -72.49 33.09 -20.92
N LEU C 185 -72.47 34.29 -20.38
CA LEU C 185 -73.51 34.72 -19.47
C LEU C 185 -73.77 36.21 -19.65
N GLY C 186 -73.08 36.87 -20.59
CA GLY C 186 -73.13 38.30 -20.74
C GLY C 186 -71.80 38.96 -20.42
N GLY C 187 -71.05 39.25 -21.46
CA GLY C 187 -69.72 39.81 -21.33
C GLY C 187 -69.64 41.18 -21.94
N HIS C 188 -70.67 42.00 -21.66
CA HIS C 188 -70.96 43.35 -22.18
C HIS C 188 -71.40 43.31 -23.64
N GLY C 189 -71.75 42.15 -24.17
CA GLY C 189 -72.19 42.03 -25.54
C GLY C 189 -73.69 42.15 -25.69
N PRO C 190 -74.35 41.08 -26.15
CA PRO C 190 -75.82 41.11 -26.30
C PRO C 190 -76.52 40.91 -24.96
N SER C 191 -77.04 42.01 -24.41
CA SER C 191 -77.81 41.93 -23.18
C SER C 191 -79.22 41.41 -23.40
N PHE C 192 -79.69 41.38 -24.65
CA PHE C 192 -80.99 40.80 -25.01
C PHE C 192 -80.87 40.12 -26.37
N PRO C 193 -81.55 38.98 -26.56
CA PRO C 193 -81.48 38.28 -27.84
C PRO C 193 -82.49 38.75 -28.88
N LEU C 194 -82.60 37.98 -29.96
CA LEU C 194 -83.51 38.29 -31.05
C LEU C 194 -84.97 38.21 -30.62
N LYS C 195 -85.30 37.29 -29.72
CA LYS C 195 -86.65 37.24 -29.15
C LYS C 195 -86.51 36.79 -27.70
N GLY C 196 -86.42 37.77 -26.80
CA GLY C 196 -86.26 37.48 -25.39
C GLY C 196 -87.31 38.17 -24.54
N ILE C 197 -88.45 38.49 -25.15
CA ILE C 197 -89.53 39.21 -24.49
C ILE C 197 -90.86 38.65 -24.98
N THR C 198 -91.77 38.37 -24.04
CA THR C 198 -93.13 38.01 -24.41
C THR C 198 -94.00 39.26 -24.41
N GLU C 199 -95.26 39.10 -24.81
CA GLU C 199 -96.15 40.26 -24.85
C GLU C 199 -96.58 40.65 -23.45
N GLN C 200 -96.79 39.67 -22.56
CA GLN C 200 -97.04 39.97 -21.16
C GLN C 200 -95.77 40.53 -20.49
N GLN C 201 -94.59 40.12 -20.96
CA GLN C 201 -93.35 40.77 -20.53
C GLN C 201 -93.29 42.22 -20.98
N LYS C 202 -93.79 42.49 -22.18
CA LYS C 202 -93.84 43.87 -22.68
C LYS C 202 -94.83 44.71 -21.89
N GLU C 203 -95.96 44.11 -21.53
CA GLU C 203 -96.99 44.83 -20.79
C GLU C 203 -96.55 45.11 -19.36
N GLY C 204 -95.94 44.11 -18.70
CA GLY C 204 -95.40 44.33 -17.37
C GLY C 204 -94.20 45.26 -17.37
N LEU C 205 -93.38 45.21 -18.42
CA LEU C 205 -92.27 46.13 -18.55
C LEU C 205 -92.76 47.55 -18.70
N GLU C 206 -93.81 47.74 -19.51
CA GLU C 206 -94.39 49.06 -19.67
C GLU C 206 -94.99 49.56 -18.36
N ILE C 207 -95.64 48.68 -17.60
CA ILE C 207 -96.27 49.14 -16.36
C ILE C 207 -95.22 49.45 -15.30
N VAL C 208 -94.07 48.75 -15.32
CA VAL C 208 -93.08 49.04 -14.29
C VAL C 208 -92.26 50.28 -14.66
N LYS C 209 -92.06 50.51 -15.97
CA LYS C 209 -91.44 51.76 -16.42
C LYS C 209 -92.30 52.96 -16.04
N MET C 210 -93.60 52.93 -16.40
CA MET C 210 -94.45 54.08 -16.09
C MET C 210 -94.71 54.22 -14.60
N VAL C 211 -94.79 53.11 -13.85
CA VAL C 211 -95.03 53.25 -12.42
C VAL C 211 -93.76 53.75 -11.72
N MET C 212 -92.58 53.50 -12.29
CA MET C 212 -91.39 53.98 -11.65
C MET C 212 -91.10 55.44 -11.99
N ILE C 213 -91.37 55.84 -13.24
CA ILE C 213 -91.19 57.26 -13.56
C ILE C 213 -92.29 58.10 -12.90
N SER C 214 -93.50 57.55 -12.76
CA SER C 214 -94.57 58.28 -12.05
C SER C 214 -94.37 58.21 -10.54
N LEU C 215 -93.57 57.26 -10.07
CA LEU C 215 -93.23 57.20 -8.67
C LEU C 215 -92.24 58.30 -8.34
N GLU C 216 -91.16 58.40 -9.13
CA GLU C 216 -90.12 59.34 -8.74
C GLU C 216 -90.03 60.56 -9.64
N GLY C 217 -89.84 60.36 -10.95
CA GLY C 217 -89.41 61.43 -11.82
C GLY C 217 -87.95 61.33 -12.21
N GLU C 218 -87.71 60.76 -13.40
CA GLU C 218 -86.47 60.77 -14.19
C GLU C 218 -85.33 59.92 -13.62
N ASP C 219 -85.47 59.38 -12.42
CA ASP C 219 -84.34 58.69 -11.80
C ASP C 219 -84.67 57.29 -11.28
N GLY C 220 -85.93 56.90 -11.26
CA GLY C 220 -86.29 55.51 -11.03
C GLY C 220 -86.03 54.60 -12.21
N LEU C 221 -85.75 55.16 -13.39
CA LEU C 221 -85.42 54.34 -14.55
C LEU C 221 -84.05 53.69 -14.43
N ASP C 222 -83.20 54.20 -13.55
CA ASP C 222 -81.87 53.65 -13.37
C ASP C 222 -81.81 52.59 -12.29
N GLU C 223 -82.91 51.91 -12.02
CA GLU C 223 -82.95 50.85 -11.02
C GLU C 223 -83.72 49.65 -11.52
N ILE C 224 -83.50 49.27 -12.77
CA ILE C 224 -84.10 48.08 -13.36
C ILE C 224 -83.00 47.39 -14.15
N TYR C 225 -82.36 46.40 -13.53
CA TYR C 225 -81.14 45.80 -14.05
C TYR C 225 -81.39 44.36 -14.44
N SER C 226 -80.85 43.95 -15.58
CA SER C 226 -80.92 42.54 -15.94
C SER C 226 -80.00 41.73 -15.06
N PHE C 227 -80.18 40.40 -15.11
CA PHE C 227 -79.43 39.51 -14.24
C PHE C 227 -77.95 39.47 -14.65
N SER C 228 -77.70 39.51 -15.96
CA SER C 228 -76.33 39.49 -16.47
C SER C 228 -75.57 40.74 -16.06
N GLU C 229 -76.16 41.91 -16.29
CA GLU C 229 -75.47 43.16 -16.02
C GLU C 229 -75.38 43.44 -14.53
N SER C 230 -76.27 42.87 -13.72
CA SER C 230 -76.14 43.01 -12.28
C SER C 230 -75.19 41.98 -11.68
N LEU C 231 -74.93 40.89 -12.39
CA LEU C 231 -73.94 39.94 -11.93
C LEU C 231 -72.52 40.46 -12.07
N ARG C 232 -72.31 41.49 -12.88
CA ARG C 232 -71.00 42.14 -13.01
C ARG C 232 -71.02 43.59 -12.52
N LYS C 233 -71.88 43.93 -11.57
CA LYS C 233 -71.95 45.28 -11.07
C LYS C 233 -72.39 45.26 -9.61
N LEU C 234 -72.13 46.36 -8.91
CA LEU C 234 -72.48 46.46 -7.50
C LEU C 234 -73.81 47.18 -7.28
N CYS C 235 -74.77 47.00 -8.19
CA CYS C 235 -76.06 47.67 -8.05
C CYS C 235 -76.91 47.07 -6.96
N VAL C 236 -76.62 45.83 -6.56
CA VAL C 236 -77.38 45.20 -5.49
C VAL C 236 -77.00 45.76 -4.12
N PHE C 237 -75.92 46.52 -4.03
CA PHE C 237 -75.49 47.20 -2.81
C PHE C 237 -75.51 48.71 -2.95
N LYS C 238 -76.08 49.22 -4.04
CA LYS C 238 -75.99 50.63 -4.38
C LYS C 238 -76.74 51.51 -3.39
N LYS C 239 -77.91 51.05 -2.96
CA LYS C 239 -78.70 51.78 -1.97
C LYS C 239 -78.55 51.17 -0.58
N ILE C 240 -77.49 50.39 -0.40
CA ILE C 240 -77.26 49.67 0.84
C ILE C 240 -75.91 50.00 1.48
N GLU C 241 -74.90 50.40 0.69
CA GLU C 241 -73.60 50.82 1.23
C GLU C 241 -73.74 52.10 2.07
N ARG C 242 -72.89 52.19 3.09
CA ARG C 242 -72.94 53.24 4.10
C ARG C 242 -72.08 54.43 3.68
N HIS C 243 -72.09 55.47 4.52
CA HIS C 243 -71.36 56.70 4.23
C HIS C 243 -70.02 56.67 4.93
N SER C 244 -68.97 56.99 4.19
CA SER C 244 -67.65 57.07 4.78
C SER C 244 -67.54 58.32 5.64
N ILE C 245 -66.78 58.20 6.73
CA ILE C 245 -66.68 59.24 7.74
C ILE C 245 -65.90 60.45 7.23
N HIS C 246 -65.95 61.54 7.97
CA HIS C 246 -65.41 62.81 7.54
C HIS C 246 -64.04 63.07 8.14
N TRP C 247 -63.20 63.77 7.39
CA TRP C 247 -61.97 64.30 7.94
C TRP C 247 -62.12 65.79 8.09
N PRO C 248 -62.30 66.31 9.30
CA PRO C 248 -62.44 67.76 9.49
C PRO C 248 -61.12 68.46 9.76
N CYS C 249 -60.93 69.58 9.08
CA CYS C 249 -59.77 70.45 9.23
C CYS C 249 -60.15 71.82 8.70
N ARG C 250 -59.16 72.67 8.45
CA ARG C 250 -59.36 74.02 7.94
C ARG C 250 -58.37 74.28 6.82
N LEU C 251 -58.88 74.51 5.60
CA LEU C 251 -58.01 74.87 4.48
C LEU C 251 -57.49 76.29 4.65
N THR C 252 -56.21 76.45 4.96
CA THR C 252 -55.63 77.75 5.24
C THR C 252 -54.68 78.16 4.12
N ILE C 253 -55.04 79.23 3.41
CA ILE C 253 -54.26 79.69 2.27
C ILE C 253 -53.19 80.66 2.75
N GLY C 254 -53.43 81.29 3.88
CA GLY C 254 -52.41 82.12 4.49
C GLY C 254 -52.36 81.91 5.98
N SER C 255 -51.71 82.82 6.70
CA SER C 255 -51.70 82.76 8.16
C SER C 255 -53.06 83.07 8.76
N ASN C 256 -53.92 83.78 8.05
CA ASN C 256 -55.17 84.29 8.60
C ASN C 256 -56.40 83.60 8.04
N LEU C 257 -56.45 83.37 6.74
CA LEU C 257 -57.63 82.83 6.07
C LEU C 257 -57.83 81.38 6.48
N SER C 258 -59.06 81.02 6.81
CA SER C 258 -59.38 79.68 7.28
C SER C 258 -60.73 79.29 6.69
N ILE C 259 -60.73 78.22 5.89
CA ILE C 259 -61.95 77.67 5.31
C ILE C 259 -62.15 76.29 5.92
N ARG C 260 -63.21 76.14 6.71
CA ARG C 260 -63.43 74.86 7.39
C ARG C 260 -63.84 73.80 6.38
N ILE C 261 -63.09 72.69 6.33
CA ILE C 261 -63.22 71.70 5.27
C ILE C 261 -63.53 70.32 5.85
N ALA C 262 -64.21 69.52 5.04
CA ALA C 262 -64.38 68.10 5.29
C ALA C 262 -63.88 67.34 4.07
N ALA C 263 -63.11 66.28 4.30
CA ALA C 263 -62.56 65.47 3.23
C ALA C 263 -63.01 64.02 3.39
N TYR C 264 -63.36 63.40 2.26
CA TYR C 264 -63.78 62.01 2.23
C TYR C 264 -62.92 61.25 1.24
N LYS C 265 -62.55 60.02 1.60
CA LYS C 265 -61.72 59.20 0.72
C LYS C 265 -62.53 58.75 -0.48
N SER C 266 -62.16 59.24 -1.66
CA SER C 266 -62.85 58.84 -2.88
C SER C 266 -62.48 57.42 -3.28
N ILE C 267 -61.20 57.19 -3.56
CA ILE C 267 -60.72 55.90 -4.03
C ILE C 267 -59.70 55.38 -3.04
N LEU C 268 -59.93 54.17 -2.57
CA LEU C 268 -58.99 53.48 -1.69
C LEU C 268 -59.12 52.00 -2.02
N GLN C 269 -57.99 51.34 -2.25
CA GLN C 269 -58.00 49.94 -2.63
C GLN C 269 -58.47 49.07 -1.48
N GLU C 270 -59.68 48.53 -1.58
CA GLU C 270 -60.27 47.76 -0.51
C GLU C 270 -59.72 46.34 -0.51
N ARG C 271 -59.26 45.90 0.65
CA ARG C 271 -58.61 44.62 0.82
C ARG C 271 -59.34 43.81 1.89
N VAL C 272 -58.96 42.53 2.00
CA VAL C 272 -59.62 41.62 2.93
C VAL C 272 -59.34 42.03 4.37
N LYS C 273 -60.41 42.15 5.16
CA LYS C 273 -60.26 42.60 6.52
C LYS C 273 -60.14 41.46 7.52
N LYS C 274 -60.74 40.32 7.21
CA LYS C 274 -60.61 39.15 8.07
C LYS C 274 -59.36 38.38 7.72
N THR C 275 -58.57 38.06 8.73
CA THR C 275 -57.30 37.39 8.52
C THR C 275 -57.54 35.88 8.33
N TRP C 276 -56.46 35.13 8.22
CA TRP C 276 -56.50 33.67 8.21
C TRP C 276 -55.83 33.23 9.49
N THR C 277 -56.63 32.87 10.49
CA THR C 277 -56.09 32.46 11.78
C THR C 277 -55.44 31.09 11.68
N VAL C 278 -54.29 30.95 12.33
CA VAL C 278 -53.54 29.70 12.30
C VAL C 278 -54.02 28.84 13.45
N VAL C 279 -54.78 27.80 13.12
CA VAL C 279 -55.17 26.77 14.08
C VAL C 279 -54.26 25.58 13.87
N ASP C 280 -54.23 24.67 14.83
CA ASP C 280 -53.42 23.48 14.66
C ASP C 280 -54.21 22.39 13.97
N ALA C 281 -53.50 21.52 13.26
CA ALA C 281 -54.12 20.33 12.73
C ALA C 281 -54.47 19.39 13.88
N LYS C 282 -55.43 18.51 13.62
CA LYS C 282 -55.92 17.42 14.48
C LYS C 282 -56.47 17.87 15.84
N THR C 283 -56.60 19.15 16.09
CA THR C 283 -57.39 19.67 17.19
C THR C 283 -58.35 20.76 16.72
N LEU C 284 -57.91 21.59 15.77
CA LEU C 284 -58.68 22.67 15.15
C LEU C 284 -59.06 23.72 16.19
N LYS C 285 -58.06 24.24 16.88
CA LYS C 285 -58.24 25.31 17.85
C LYS C 285 -57.07 26.28 17.72
N LYS C 286 -57.36 27.58 17.72
CA LYS C 286 -56.31 28.59 17.65
C LYS C 286 -55.59 28.78 18.97
N GLU C 287 -56.03 28.12 20.04
CA GLU C 287 -55.66 28.46 21.40
C GLU C 287 -54.56 27.56 21.97
N ASP C 288 -54.51 26.29 21.58
CA ASP C 288 -53.52 25.37 22.12
C ASP C 288 -52.10 25.69 21.68
N ILE C 289 -51.93 26.41 20.57
CA ILE C 289 -50.61 26.66 19.99
C ILE C 289 -50.22 28.10 20.25
N GLN C 290 -48.97 28.32 20.60
CA GLN C 290 -48.50 29.64 20.96
C GLN C 290 -47.04 29.80 20.52
N LYS C 291 -46.79 30.85 19.76
CA LYS C 291 -45.47 31.09 19.22
C LYS C 291 -44.68 32.02 20.11
N GLU C 292 -43.37 31.77 20.22
CA GLU C 292 -42.46 32.66 20.91
C GLU C 292 -41.37 33.07 19.92
N THR C 293 -40.84 34.27 20.12
CA THR C 293 -39.77 34.81 19.27
C THR C 293 -38.63 35.17 20.19
N VAL C 294 -37.75 34.21 20.42
CA VAL C 294 -36.64 34.41 21.33
C VAL C 294 -35.50 35.06 20.56
N TYR C 295 -34.55 35.61 21.31
CA TYR C 295 -33.39 36.28 20.76
C TYR C 295 -32.15 35.59 21.30
N CYS C 296 -31.38 34.98 20.41
CA CYS C 296 -30.21 34.24 20.81
C CYS C 296 -29.02 35.18 20.91
N LEU C 297 -27.83 34.61 20.94
CA LEU C 297 -26.61 35.32 20.60
C LEU C 297 -25.88 34.48 19.56
N ASN C 298 -24.85 35.06 18.95
CA ASN C 298 -24.08 34.33 17.94
C ASN C 298 -22.83 33.71 18.52
N ASP C 299 -22.91 33.21 19.74
CA ASP C 299 -21.83 32.43 20.30
C ASP C 299 -22.00 30.96 19.89
N ASP C 300 -21.18 30.10 20.50
CA ASP C 300 -21.14 28.69 20.10
C ASP C 300 -22.44 27.96 20.45
N ASP C 301 -22.85 28.05 21.70
CA ASP C 301 -24.16 27.58 22.15
C ASP C 301 -25.01 28.81 22.38
N GLU C 302 -26.05 28.96 21.60
CA GLU C 302 -26.72 30.24 21.44
C GLU C 302 -27.55 30.57 22.67
N THR C 303 -27.08 31.52 23.46
CA THR C 303 -27.68 31.84 24.75
C THR C 303 -28.86 32.77 24.55
N GLU C 304 -29.95 32.48 25.24
CA GLU C 304 -31.14 33.30 25.16
C GLU C 304 -30.97 34.59 25.95
N VAL C 305 -31.33 35.70 25.33
CA VAL C 305 -31.30 37.00 25.98
C VAL C 305 -32.72 37.54 26.08
N LEU C 306 -32.94 38.41 27.06
CA LEU C 306 -34.28 38.92 27.30
C LEU C 306 -34.56 40.13 26.43
N LYS C 307 -35.81 40.57 26.43
CA LYS C 307 -36.24 41.67 25.58
C LYS C 307 -35.89 43.04 26.15
N GLU C 308 -35.20 43.09 27.29
CA GLU C 308 -34.72 44.34 27.85
C GLU C 308 -33.21 44.49 27.77
N ASP C 309 -32.52 43.49 27.21
CA ASP C 309 -31.12 43.62 26.87
C ASP C 309 -30.93 43.92 25.39
N ILE C 310 -31.98 44.42 24.74
CA ILE C 310 -31.97 44.67 23.31
C ILE C 310 -32.31 46.13 23.06
N ILE C 311 -31.45 46.80 22.31
CA ILE C 311 -31.64 48.16 21.87
C ILE C 311 -31.66 48.15 20.35
N GLN C 312 -32.49 49.00 19.74
CA GLN C 312 -32.52 49.01 18.29
C GLN C 312 -31.36 49.84 17.78
N GLY C 313 -30.91 49.53 16.57
CA GLY C 313 -29.76 50.20 16.01
C GLY C 313 -29.89 50.29 14.50
N PHE C 314 -29.18 51.24 13.94
CA PHE C 314 -29.33 51.54 12.52
C PHE C 314 -28.00 51.37 11.82
N ARG C 315 -28.06 51.00 10.56
CA ARG C 315 -26.86 50.80 9.77
C ARG C 315 -26.37 52.14 9.25
N TYR C 316 -25.11 52.45 9.52
CA TYR C 316 -24.47 53.68 9.06
C TYR C 316 -23.17 53.31 8.39
N GLY C 317 -23.23 52.97 7.11
CA GLY C 317 -22.03 52.65 6.37
C GLY C 317 -21.60 51.21 6.53
N SER C 318 -20.63 50.97 7.39
CA SER C 318 -20.16 49.62 7.65
C SER C 318 -20.27 49.27 9.13
N ASP C 319 -21.14 49.95 9.86
CA ASP C 319 -21.27 49.68 11.29
C ASP C 319 -22.72 49.94 11.70
N ILE C 320 -23.12 49.31 12.80
CA ILE C 320 -24.44 49.49 13.37
C ILE C 320 -24.27 50.36 14.59
N VAL C 321 -24.95 51.50 14.61
CA VAL C 321 -24.83 52.47 15.70
C VAL C 321 -26.06 52.33 16.59
N PRO C 322 -25.89 52.29 17.91
CA PRO C 322 -27.06 52.22 18.79
C PRO C 322 -27.87 53.52 18.77
N PHE C 323 -29.18 53.36 18.77
CA PHE C 323 -30.13 54.46 18.62
C PHE C 323 -31.33 53.97 19.43
N SER C 324 -31.45 54.38 20.69
CA SER C 324 -32.50 53.84 21.53
C SER C 324 -33.87 54.36 21.11
N LYS C 325 -34.92 53.78 21.70
CA LYS C 325 -36.26 54.18 21.31
C LYS C 325 -36.71 55.45 22.02
N VAL C 326 -36.22 55.69 23.24
CA VAL C 326 -36.56 56.93 23.92
C VAL C 326 -35.83 58.10 23.28
N ASP C 327 -34.59 57.87 22.83
CA ASP C 327 -33.93 58.87 22.00
C ASP C 327 -34.59 58.99 20.64
N GLU C 328 -35.14 57.89 20.12
CA GLU C 328 -35.85 57.92 18.84
C GLU C 328 -37.07 58.82 18.90
N GLU C 329 -37.82 58.74 20.00
CA GLU C 329 -38.97 59.61 20.10
C GLU C 329 -38.55 61.03 20.47
N GLN C 330 -37.43 61.18 21.18
CA GLN C 330 -36.95 62.50 21.57
C GLN C 330 -36.46 63.29 20.36
N MET C 331 -35.39 62.85 19.72
CA MET C 331 -34.98 63.44 18.46
C MET C 331 -35.70 62.71 17.33
N LYS C 332 -36.69 63.36 16.77
CA LYS C 332 -37.34 62.93 15.55
C LYS C 332 -38.06 64.15 14.99
N TYR C 333 -38.70 63.97 13.85
CA TYR C 333 -39.49 65.04 13.31
C TYR C 333 -40.76 65.19 14.12
N LYS C 334 -41.24 66.42 14.23
CA LYS C 334 -42.49 66.70 14.91
C LYS C 334 -43.45 67.34 13.91
N SER C 335 -44.61 66.71 13.73
CA SER C 335 -45.54 67.17 12.72
C SER C 335 -46.30 68.43 13.12
N GLU C 336 -46.33 68.73 14.43
CA GLU C 336 -47.19 69.73 15.07
C GLU C 336 -48.62 69.72 14.52
N GLY C 337 -49.25 68.54 14.59
CA GLY C 337 -50.67 68.41 14.38
C GLY C 337 -51.08 68.37 12.91
N LYS C 338 -52.39 68.20 12.71
CA LYS C 338 -52.94 68.13 11.37
C LYS C 338 -52.94 69.51 10.71
N CYS C 339 -52.91 69.50 9.39
CA CYS C 339 -52.89 70.72 8.59
C CYS C 339 -53.31 70.38 7.17
N PHE C 340 -53.95 71.33 6.53
CA PHE C 340 -54.25 71.27 5.11
C PHE C 340 -53.93 72.60 4.47
N SER C 341 -52.72 73.12 4.74
CA SER C 341 -52.31 74.43 4.28
C SER C 341 -52.13 74.48 2.77
N VAL C 342 -51.81 75.67 2.25
CA VAL C 342 -51.52 75.85 0.83
C VAL C 342 -50.13 76.45 0.68
N LEU C 343 -49.32 75.84 -0.18
CA LEU C 343 -48.01 76.37 -0.51
C LEU C 343 -48.01 77.23 -1.76
N GLY C 344 -49.02 77.15 -2.61
CA GLY C 344 -49.03 77.87 -3.85
C GLY C 344 -50.02 77.28 -4.81
N PHE C 345 -50.05 77.86 -6.02
CA PHE C 345 -50.98 77.44 -7.07
C PHE C 345 -50.17 77.51 -8.36
N CYS C 346 -49.63 76.39 -8.82
CA CYS C 346 -48.65 76.53 -9.87
C CYS C 346 -49.29 76.74 -11.24
N LYS C 347 -49.84 75.66 -11.81
CA LYS C 347 -50.82 75.60 -12.91
C LYS C 347 -51.08 74.15 -13.21
N SER C 348 -52.01 73.88 -14.12
CA SER C 348 -52.08 72.53 -14.68
C SER C 348 -50.90 72.33 -15.64
N SER C 349 -50.67 71.05 -15.96
CA SER C 349 -49.65 70.54 -16.89
C SER C 349 -48.22 70.73 -16.41
N GLN C 350 -48.02 71.28 -15.22
CA GLN C 350 -46.75 71.11 -14.52
C GLN C 350 -46.77 69.87 -13.66
N VAL C 351 -47.88 69.62 -12.98
CA VAL C 351 -48.11 68.36 -12.29
C VAL C 351 -48.59 67.35 -13.32
N GLN C 352 -47.68 66.49 -13.75
CA GLN C 352 -48.06 65.44 -14.68
C GLN C 352 -48.76 64.34 -13.91
N ARG C 353 -49.52 63.52 -14.63
CA ARG C 353 -50.33 62.51 -13.96
C ARG C 353 -49.47 61.36 -13.45
N ARG C 354 -48.31 61.14 -14.07
CA ARG C 354 -47.45 60.03 -13.72
C ARG C 354 -46.64 60.27 -12.46
N PHE C 355 -46.81 61.38 -11.78
CA PHE C 355 -46.14 61.60 -10.52
C PHE C 355 -47.05 61.42 -9.33
N PHE C 356 -48.24 60.88 -9.50
CA PHE C 356 -49.12 60.72 -8.35
C PHE C 356 -48.63 59.56 -7.49
N MET C 357 -48.71 59.72 -6.18
CA MET C 357 -47.84 58.99 -5.27
C MET C 357 -48.55 58.14 -4.22
N GLY C 358 -49.61 58.62 -3.60
CA GLY C 358 -50.11 57.91 -2.43
C GLY C 358 -50.91 56.66 -2.70
N ASN C 359 -51.69 56.23 -1.72
CA ASN C 359 -52.56 55.07 -1.87
C ASN C 359 -54.03 55.44 -1.97
N GLN C 360 -54.37 56.73 -1.85
CA GLN C 360 -55.75 57.13 -1.63
C GLN C 360 -56.04 58.36 -2.48
N VAL C 361 -57.32 58.69 -2.59
CA VAL C 361 -57.78 59.92 -3.20
C VAL C 361 -58.74 60.60 -2.25
N LEU C 362 -58.46 61.85 -1.91
CA LEU C 362 -59.33 62.63 -1.03
C LEU C 362 -60.22 63.54 -1.84
N LYS C 363 -61.44 63.74 -1.38
CA LYS C 363 -62.38 64.69 -1.97
C LYS C 363 -62.84 65.65 -0.89
N VAL C 364 -62.48 66.92 -1.05
CA VAL C 364 -62.55 67.90 0.04
C VAL C 364 -63.78 68.78 -0.16
N PHE C 365 -64.81 68.56 0.66
CA PHE C 365 -65.99 69.41 0.71
C PHE C 365 -65.85 70.40 1.86
N ALA C 366 -66.91 71.15 2.14
CA ALA C 366 -66.79 72.25 3.09
C ALA C 366 -67.22 71.89 4.52
N ALA C 367 -68.52 71.79 4.78
CA ALA C 367 -68.85 71.57 6.17
C ALA C 367 -70.07 70.70 6.39
N ARG C 368 -70.84 70.50 5.31
CA ARG C 368 -72.21 70.00 5.22
C ARG C 368 -73.24 70.99 5.78
N ASP C 369 -72.79 72.09 6.39
CA ASP C 369 -73.69 73.03 7.05
C ASP C 369 -73.38 74.50 6.82
N ASP C 370 -72.25 74.87 6.23
CA ASP C 370 -71.80 76.25 6.18
C ASP C 370 -72.00 76.84 4.80
N GLU C 371 -72.96 77.76 4.70
CA GLU C 371 -73.21 78.48 3.45
C GLU C 371 -72.02 79.34 3.07
N ALA C 372 -71.37 79.96 4.06
CA ALA C 372 -70.24 80.84 3.80
C ALA C 372 -69.00 80.05 3.38
N ALA C 373 -68.73 78.94 4.07
CA ALA C 373 -67.59 78.12 3.67
C ALA C 373 -67.83 77.45 2.33
N ALA C 374 -69.10 77.16 2.01
CA ALA C 374 -69.43 76.59 0.72
C ALA C 374 -69.23 77.61 -0.41
N VAL C 375 -69.66 78.87 -0.19
CA VAL C 375 -69.49 79.85 -1.26
C VAL C 375 -68.02 80.25 -1.38
N ALA C 376 -67.26 80.21 -0.29
CA ALA C 376 -65.82 80.46 -0.36
C ALA C 376 -65.10 79.36 -1.11
N LEU C 377 -65.41 78.10 -0.79
CA LEU C 377 -64.78 76.97 -1.45
C LEU C 377 -65.16 76.92 -2.92
N SER C 378 -66.40 77.31 -3.24
CA SER C 378 -66.83 77.36 -4.63
C SER C 378 -66.09 78.43 -5.40
N SER C 379 -65.82 79.57 -4.76
CA SER C 379 -65.05 80.62 -5.43
C SER C 379 -63.62 80.17 -5.69
N LEU C 380 -63.04 79.40 -4.76
CA LEU C 380 -61.69 78.87 -4.96
C LEU C 380 -61.65 77.87 -6.12
N ILE C 381 -62.60 76.92 -6.11
CA ILE C 381 -62.69 75.90 -7.15
C ILE C 381 -62.91 76.54 -8.52
N HIS C 382 -63.77 77.55 -8.59
CA HIS C 382 -64.06 78.18 -9.86
C HIS C 382 -62.90 79.06 -10.33
N ALA C 383 -62.15 79.66 -9.41
CA ALA C 383 -60.96 80.42 -9.79
C ALA C 383 -59.90 79.51 -10.40
N LEU C 384 -59.67 78.35 -9.77
CA LEU C 384 -58.69 77.40 -10.28
C LEU C 384 -59.14 76.79 -11.60
N ASP C 385 -60.46 76.61 -11.77
CA ASP C 385 -60.96 76.08 -13.03
C ASP C 385 -60.83 77.11 -14.14
N ASP C 386 -61.03 78.39 -13.81
CA ASP C 386 -60.97 79.42 -14.83
C ASP C 386 -59.54 79.68 -15.29
N LEU C 387 -58.60 79.70 -14.35
CA LEU C 387 -57.21 80.01 -14.69
C LEU C 387 -56.44 78.82 -15.26
N ASP C 388 -57.08 77.65 -15.39
CA ASP C 388 -56.43 76.37 -15.72
C ASP C 388 -55.26 76.07 -14.77
N MET C 389 -55.44 76.36 -13.50
CA MET C 389 -54.42 76.14 -12.49
C MET C 389 -54.91 75.18 -11.42
N VAL C 390 -53.95 74.50 -10.78
CA VAL C 390 -54.22 73.59 -9.68
C VAL C 390 -53.51 74.15 -8.46
N ALA C 391 -53.69 73.53 -7.30
CA ALA C 391 -53.06 73.98 -6.07
C ALA C 391 -52.03 72.96 -5.60
N ILE C 392 -51.22 73.37 -4.62
CA ILE C 392 -50.23 72.52 -3.98
C ILE C 392 -50.38 72.69 -2.48
N VAL C 393 -50.68 71.59 -1.79
CA VAL C 393 -51.03 71.65 -0.38
C VAL C 393 -50.04 70.86 0.45
N ARG C 394 -50.14 71.01 1.76
CA ARG C 394 -49.34 70.25 2.72
C ARG C 394 -50.31 69.54 3.64
N TYR C 395 -50.67 68.31 3.28
CA TYR C 395 -51.65 67.55 4.01
C TYR C 395 -50.97 66.71 5.07
N ALA C 396 -51.42 66.84 6.31
CA ALA C 396 -51.06 65.92 7.37
C ALA C 396 -52.36 65.44 8.01
N TYR C 397 -52.43 64.15 8.33
CA TYR C 397 -53.67 63.59 8.83
C TYR C 397 -53.88 63.95 10.30
N ASP C 398 -52.86 63.78 11.12
CA ASP C 398 -52.91 64.11 12.54
C ASP C 398 -51.49 64.27 13.04
N LYS C 399 -51.30 64.25 14.35
CA LYS C 399 -50.00 64.50 14.94
C LYS C 399 -49.03 63.34 14.78
N ARG C 400 -49.52 62.15 14.42
CA ARG C 400 -48.65 61.00 14.25
C ARG C 400 -48.35 60.70 12.80
N ALA C 401 -49.20 61.12 11.89
CA ALA C 401 -48.93 60.93 10.47
C ALA C 401 -47.75 61.78 10.03
N ASN C 402 -47.06 61.31 9.00
CA ASN C 402 -46.04 62.13 8.38
C ASN C 402 -46.71 63.21 7.54
N PRO C 403 -46.09 64.38 7.43
CA PRO C 403 -46.59 65.38 6.50
C PRO C 403 -46.26 64.97 5.07
N GLN C 404 -47.02 65.52 4.14
CA GLN C 404 -46.78 65.23 2.75
C GLN C 404 -47.34 66.36 1.90
N VAL C 405 -46.87 66.44 0.66
CA VAL C 405 -47.35 67.41 -0.30
C VAL C 405 -48.16 66.70 -1.36
N GLY C 406 -49.01 67.45 -2.05
CA GLY C 406 -49.84 66.89 -3.08
C GLY C 406 -50.47 67.98 -3.90
N VAL C 407 -51.42 67.60 -4.75
CA VAL C 407 -52.04 68.51 -5.70
C VAL C 407 -53.55 68.44 -5.56
N ALA C 408 -54.18 69.60 -5.37
CA ALA C 408 -55.62 69.73 -5.22
C ALA C 408 -56.18 70.40 -6.46
N PHE C 409 -56.73 69.62 -7.39
CA PHE C 409 -57.14 70.17 -8.67
C PHE C 409 -58.65 70.29 -8.73
N PRO C 410 -59.19 71.21 -9.52
CA PRO C 410 -60.65 71.40 -9.56
C PRO C 410 -61.39 70.26 -10.24
N HIS C 411 -62.57 69.98 -9.70
CA HIS C 411 -63.49 68.93 -10.14
C HIS C 411 -64.91 69.45 -10.18
N ILE C 412 -65.16 70.51 -10.95
CA ILE C 412 -66.51 71.06 -11.08
C ILE C 412 -67.45 70.04 -11.70
N LYS C 413 -68.68 70.00 -11.18
CA LYS C 413 -69.75 69.18 -11.74
C LYS C 413 -71.04 69.97 -11.70
N HIS C 414 -72.12 69.30 -12.10
CA HIS C 414 -73.45 69.87 -11.98
C HIS C 414 -74.22 69.29 -10.80
N ASN C 415 -73.66 68.31 -10.11
CA ASN C 415 -74.31 67.70 -8.96
C ASN C 415 -73.60 67.97 -7.65
N TYR C 416 -72.31 68.27 -7.68
CA TYR C 416 -71.51 68.51 -6.49
C TYR C 416 -70.26 69.24 -6.94
N GLU C 417 -69.48 69.71 -5.97
CA GLU C 417 -68.21 70.35 -6.28
C GLU C 417 -67.26 70.16 -5.11
N CYS C 418 -66.00 69.86 -5.43
CA CYS C 418 -65.03 69.54 -4.40
C CYS C 418 -63.63 69.70 -4.95
N LEU C 419 -62.67 69.73 -4.05
CA LEU C 419 -61.25 69.64 -4.36
C LEU C 419 -60.81 68.20 -4.23
N VAL C 420 -60.14 67.69 -5.26
CA VAL C 420 -59.62 66.32 -5.27
C VAL C 420 -58.13 66.37 -5.01
N TYR C 421 -57.68 65.72 -3.94
CA TYR C 421 -56.30 65.78 -3.49
C TYR C 421 -55.61 64.43 -3.67
N VAL C 422 -54.54 64.42 -4.46
CA VAL C 422 -53.68 63.24 -4.62
C VAL C 422 -52.28 63.63 -4.21
N GLN C 423 -51.61 62.75 -3.46
CA GLN C 423 -50.24 63.00 -3.00
C GLN C 423 -49.26 63.08 -4.17
N LEU C 424 -48.18 63.81 -3.95
CA LEU C 424 -47.13 64.11 -4.91
C LEU C 424 -45.79 63.63 -4.37
N PRO C 425 -44.78 63.39 -5.21
CA PRO C 425 -43.54 62.83 -4.69
C PRO C 425 -42.66 63.87 -4.04
N PHE C 426 -41.73 63.36 -3.23
CA PHE C 426 -40.62 64.14 -2.74
C PHE C 426 -39.45 63.97 -3.70
N MET C 427 -38.28 64.48 -3.35
CA MET C 427 -37.10 64.28 -4.17
C MET C 427 -36.56 62.87 -4.01
N GLU C 428 -36.67 62.32 -2.80
CA GLU C 428 -36.16 60.98 -2.53
C GLU C 428 -36.94 59.92 -3.27
N ASP C 429 -38.18 60.21 -3.64
CA ASP C 429 -39.09 59.26 -4.24
C ASP C 429 -38.97 59.22 -5.76
N LEU C 430 -37.95 59.83 -6.34
CA LEU C 430 -37.83 59.89 -7.78
C LEU C 430 -36.64 59.08 -8.26
N ARG C 431 -36.82 58.41 -9.39
CA ARG C 431 -35.81 57.61 -10.04
C ARG C 431 -35.49 58.20 -11.40
N GLN C 432 -34.21 58.27 -11.76
CA GLN C 432 -33.89 58.88 -13.04
C GLN C 432 -34.08 57.90 -14.18
N TYR C 433 -33.22 56.86 -14.24
CA TYR C 433 -33.36 55.71 -15.13
C TYR C 433 -33.44 56.15 -16.60
N MET C 434 -32.30 56.53 -17.15
CA MET C 434 -32.26 56.84 -18.58
C MET C 434 -32.61 55.60 -19.40
N PHE C 435 -33.26 55.83 -20.54
CA PHE C 435 -33.65 54.74 -21.42
C PHE C 435 -33.18 55.06 -22.84
N SER C 436 -32.93 54.00 -23.62
CA SER C 436 -32.52 54.18 -25.00
C SER C 436 -33.67 54.72 -25.82
N SER C 437 -33.33 55.52 -26.82
CA SER C 437 -34.36 56.12 -27.65
C SER C 437 -34.89 55.10 -28.64
N LEU C 438 -36.17 55.24 -28.97
CA LEU C 438 -36.84 54.33 -29.89
C LEU C 438 -37.22 54.97 -31.21
N LYS C 439 -37.52 56.27 -31.23
CA LYS C 439 -37.79 56.96 -32.50
C LYS C 439 -36.51 57.34 -33.24
N ASN C 440 -35.40 57.48 -32.51
CA ASN C 440 -34.10 57.77 -33.11
C ASN C 440 -33.25 56.53 -33.25
N SER C 441 -33.86 55.35 -33.19
CA SER C 441 -33.13 54.12 -33.41
C SER C 441 -32.98 53.86 -34.91
N LYS C 442 -32.19 52.84 -35.24
CA LYS C 442 -31.86 52.53 -36.63
C LYS C 442 -32.46 51.22 -37.10
N LYS C 443 -32.14 50.12 -36.44
CA LYS C 443 -32.62 48.81 -36.84
C LYS C 443 -33.96 48.46 -36.23
N TYR C 444 -34.53 49.36 -35.44
CA TYR C 444 -35.85 49.13 -34.84
C TYR C 444 -36.92 50.00 -35.46
N ALA C 445 -36.60 50.77 -36.48
CA ALA C 445 -37.59 51.55 -37.21
C ALA C 445 -38.51 50.62 -37.99
N PRO C 446 -39.82 50.69 -37.77
CA PRO C 446 -40.72 49.79 -38.49
C PRO C 446 -40.94 50.24 -39.92
N THR C 447 -41.27 49.29 -40.78
CA THR C 447 -41.62 49.58 -42.15
C THR C 447 -43.01 50.22 -42.22
N GLU C 448 -43.30 50.82 -43.36
CA GLU C 448 -44.58 51.51 -43.52
C GLU C 448 -45.74 50.53 -43.63
N ALA C 449 -45.48 49.34 -44.20
CA ALA C 449 -46.50 48.30 -44.23
C ALA C 449 -46.80 47.78 -42.84
N GLN C 450 -45.77 47.62 -42.00
CA GLN C 450 -45.97 47.16 -40.64
C GLN C 450 -46.69 48.21 -39.80
N LEU C 451 -46.39 49.50 -40.06
CA LEU C 451 -47.12 50.59 -39.43
C LEU C 451 -48.59 50.58 -39.84
N ASN C 452 -48.86 50.30 -41.12
CA ASN C 452 -50.23 50.18 -41.59
C ASN C 452 -50.96 49.02 -40.92
N ALA C 453 -50.24 47.92 -40.68
CA ALA C 453 -50.85 46.74 -40.07
C ALA C 453 -51.21 47.00 -38.61
N VAL C 454 -50.34 47.67 -37.86
CA VAL C 454 -50.71 47.94 -36.48
C VAL C 454 -51.75 49.05 -36.38
N ASP C 455 -51.80 49.95 -37.38
CA ASP C 455 -52.89 50.90 -37.45
C ASP C 455 -54.22 50.21 -37.67
N ALA C 456 -54.23 49.17 -38.51
CA ALA C 456 -55.42 48.35 -38.71
C ALA C 456 -55.84 47.65 -37.42
N LEU C 457 -54.87 47.12 -36.67
CA LEU C 457 -55.20 46.41 -35.43
C LEU C 457 -55.77 47.36 -34.37
N ILE C 458 -55.20 48.56 -34.27
CA ILE C 458 -55.69 49.54 -33.30
C ILE C 458 -57.10 49.97 -33.65
N ASP C 459 -57.35 50.24 -34.94
CA ASP C 459 -58.67 50.69 -35.34
C ASP C 459 -59.69 49.56 -35.26
N SER C 460 -59.26 48.30 -35.34
CA SER C 460 -60.20 47.20 -35.23
C SER C 460 -60.47 46.81 -33.77
N MET C 461 -59.60 47.18 -32.84
CA MET C 461 -59.80 46.84 -31.43
C MET C 461 -60.16 48.03 -30.57
N SER C 462 -61.02 48.94 -31.06
CA SER C 462 -61.50 50.00 -30.20
C SER C 462 -62.50 49.45 -29.18
N LEU C 463 -62.70 50.21 -28.10
CA LEU C 463 -63.67 49.83 -27.09
C LEU C 463 -64.57 50.99 -26.70
N ALA C 464 -64.61 52.05 -27.48
CA ALA C 464 -65.45 53.21 -27.17
C ALA C 464 -66.13 53.64 -28.45
N LYS C 465 -67.44 53.40 -28.52
CA LYS C 465 -68.21 53.65 -29.73
C LYS C 465 -69.18 54.78 -29.47
N LYS C 466 -69.09 55.84 -30.27
CA LYS C 466 -70.04 56.94 -30.19
C LYS C 466 -71.38 56.48 -30.72
N ASP C 467 -72.42 56.56 -29.88
CA ASP C 467 -73.77 56.25 -30.31
C ASP C 467 -74.31 57.33 -31.26
N GLU C 468 -75.55 57.14 -31.69
CA GLU C 468 -76.21 58.19 -32.45
C GLU C 468 -76.63 59.29 -31.47
N LYS C 469 -75.67 60.17 -31.20
CA LYS C 469 -75.88 61.42 -30.49
C LYS C 469 -74.72 62.32 -30.92
N THR C 470 -74.68 63.54 -30.37
CA THR C 470 -73.72 64.55 -30.79
C THR C 470 -72.26 64.16 -30.49
N ASP C 471 -71.87 64.16 -29.21
CA ASP C 471 -70.47 63.98 -28.83
C ASP C 471 -70.34 62.99 -27.67
N THR C 472 -71.33 62.12 -27.46
CA THR C 472 -71.29 61.20 -26.33
C THR C 472 -70.51 59.95 -26.70
N LEU C 473 -69.64 59.50 -25.79
CA LEU C 473 -68.68 58.44 -26.09
C LEU C 473 -68.76 57.30 -25.09
N GLU C 474 -69.97 56.80 -24.84
CA GLU C 474 -70.14 55.65 -23.95
C GLU C 474 -69.44 54.42 -24.52
N ASP C 475 -68.69 53.72 -23.68
CA ASP C 475 -67.68 52.78 -24.12
C ASP C 475 -68.06 51.35 -23.75
N LEU C 476 -67.76 50.43 -24.66
CA LEU C 476 -67.92 49.01 -24.39
C LEU C 476 -66.81 48.56 -23.47
N PHE C 477 -67.11 47.52 -22.66
CA PHE C 477 -66.21 46.91 -21.69
C PHE C 477 -65.65 47.94 -20.71
N PRO C 478 -66.47 48.48 -19.78
CA PRO C 478 -65.94 49.44 -18.82
C PRO C 478 -65.34 48.77 -17.59
N THR C 479 -64.07 49.02 -17.33
CA THR C 479 -63.32 48.25 -16.33
C THR C 479 -63.15 48.99 -15.02
N THR C 480 -63.97 49.99 -14.76
CA THR C 480 -64.00 50.68 -13.48
C THR C 480 -65.33 50.52 -12.79
N LYS C 481 -66.21 49.68 -13.34
CA LYS C 481 -67.49 49.35 -12.75
C LYS C 481 -67.59 47.89 -12.33
N ILE C 482 -66.69 47.05 -12.79
CA ILE C 482 -66.70 45.63 -12.48
C ILE C 482 -66.21 45.44 -11.04
N PRO C 483 -66.83 44.56 -10.26
CA PRO C 483 -66.30 44.30 -8.92
C PRO C 483 -65.01 43.50 -8.98
N ASN C 484 -64.34 43.46 -7.85
CA ASN C 484 -63.07 42.74 -7.76
C ASN C 484 -63.34 41.25 -7.82
N PRO C 485 -62.73 40.52 -8.76
CA PRO C 485 -62.94 39.07 -8.80
C PRO C 485 -62.30 38.33 -7.65
N ARG C 486 -61.39 38.99 -6.92
CA ARG C 486 -60.72 38.37 -5.79
C ARG C 486 -61.71 38.02 -4.70
N PHE C 487 -62.63 38.93 -4.38
CA PHE C 487 -63.64 38.62 -3.38
C PHE C 487 -64.70 37.67 -3.91
N GLN C 488 -65.01 37.74 -5.21
CA GLN C 488 -66.02 36.83 -5.75
C GLN C 488 -65.47 35.45 -6.04
N ARG C 489 -64.18 35.23 -5.83
CA ARG C 489 -63.64 33.89 -5.68
C ARG C 489 -63.47 33.49 -4.22
N LEU C 490 -63.06 34.42 -3.37
CA LEU C 490 -62.84 34.10 -1.96
C LEU C 490 -64.15 33.74 -1.27
N PHE C 491 -65.22 34.47 -1.57
CA PHE C 491 -66.51 34.19 -0.94
C PHE C 491 -67.07 32.88 -1.43
N GLN C 492 -66.87 32.54 -2.71
CA GLN C 492 -67.45 31.31 -3.20
C GLN C 492 -66.68 30.10 -2.71
N CYS C 493 -65.37 30.23 -2.51
CA CYS C 493 -64.64 29.08 -1.97
C CYS C 493 -64.86 28.92 -0.48
N LEU C 494 -65.04 30.03 0.24
CA LEU C 494 -65.44 29.94 1.63
C LEU C 494 -66.82 29.31 1.77
N LEU C 495 -67.74 29.63 0.85
CA LEU C 495 -69.03 28.96 0.79
C LEU C 495 -68.86 27.47 0.51
N HIS C 496 -67.97 27.14 -0.43
CA HIS C 496 -67.77 25.78 -0.89
C HIS C 496 -67.16 24.88 0.16
N ARG C 497 -66.41 25.44 1.11
CA ARG C 497 -65.91 24.62 2.21
C ARG C 497 -66.67 24.82 3.52
N ALA C 498 -67.59 25.77 3.60
CA ALA C 498 -68.49 25.76 4.74
C ALA C 498 -69.70 24.87 4.50
N LEU C 499 -70.01 24.55 3.25
CA LEU C 499 -71.14 23.70 2.94
C LEU C 499 -70.76 22.24 2.69
N HIS C 500 -69.71 21.98 1.92
CA HIS C 500 -69.29 20.62 1.59
C HIS C 500 -67.86 20.40 2.06
N PRO C 501 -67.66 20.25 3.38
CA PRO C 501 -66.29 20.35 3.90
C PRO C 501 -65.42 19.12 3.71
N ARG C 502 -65.48 18.48 2.56
CA ARG C 502 -64.52 17.44 2.29
C ARG C 502 -63.89 17.55 0.91
N GLU C 503 -64.67 17.96 -0.09
CA GLU C 503 -64.20 18.01 -1.45
C GLU C 503 -63.20 19.16 -1.62
N PRO C 504 -62.25 19.04 -2.57
CA PRO C 504 -61.27 20.10 -2.76
C PRO C 504 -61.86 21.38 -3.34
N LEU C 505 -60.99 22.34 -3.65
CA LEU C 505 -61.43 23.64 -4.13
C LEU C 505 -62.04 23.52 -5.53
N PRO C 506 -63.14 24.23 -5.78
CA PRO C 506 -63.80 24.14 -7.07
C PRO C 506 -63.05 24.95 -8.12
N PRO C 507 -63.39 24.79 -9.38
CA PRO C 507 -62.86 25.73 -10.38
C PRO C 507 -63.53 27.09 -10.30
N ILE C 508 -63.09 28.02 -11.13
CA ILE C 508 -63.63 29.36 -11.14
C ILE C 508 -65.00 29.35 -11.78
N GLN C 509 -65.86 30.26 -11.34
CA GLN C 509 -67.15 30.45 -11.97
C GLN C 509 -66.98 31.00 -13.37
N GLN C 510 -67.97 30.75 -14.22
CA GLN C 510 -67.83 31.14 -15.62
C GLN C 510 -68.07 32.62 -15.80
N HIS C 511 -68.96 33.21 -15.00
CA HIS C 511 -69.24 34.63 -15.18
C HIS C 511 -68.11 35.51 -14.70
N ILE C 512 -67.21 34.99 -13.87
CA ILE C 512 -65.97 35.71 -13.55
C ILE C 512 -65.14 35.94 -14.80
N TRP C 513 -64.94 34.88 -15.60
CA TRP C 513 -64.20 35.05 -16.84
C TRP C 513 -64.99 35.84 -17.86
N ASN C 514 -66.32 35.75 -17.80
CA ASN C 514 -67.14 36.48 -18.73
C ASN C 514 -67.12 37.98 -18.45
N MET C 515 -66.98 38.36 -17.18
CA MET C 515 -66.86 39.78 -16.87
C MET C 515 -65.42 40.26 -16.96
N LEU C 516 -64.45 39.37 -16.96
CA LEU C 516 -63.06 39.75 -17.14
C LEU C 516 -62.59 39.71 -18.58
N ASN C 517 -63.39 39.22 -19.50
CA ASN C 517 -62.95 39.20 -20.89
C ASN C 517 -63.60 40.31 -21.70
N PRO C 518 -63.01 40.71 -22.82
CA PRO C 518 -63.68 41.67 -23.68
C PRO C 518 -64.83 41.01 -24.43
N PRO C 519 -65.79 41.78 -24.90
CA PRO C 519 -66.95 41.19 -25.60
C PRO C 519 -66.58 40.61 -26.97
N ALA C 520 -67.52 39.85 -27.52
CA ALA C 520 -67.25 39.14 -28.77
C ALA C 520 -67.25 40.07 -29.97
N GLU C 521 -67.94 41.20 -29.90
CA GLU C 521 -67.94 42.14 -31.02
C GLU C 521 -66.61 42.88 -31.19
N VAL C 522 -65.72 42.83 -30.21
CA VAL C 522 -64.35 43.28 -30.40
C VAL C 522 -63.38 42.09 -30.42
N THR C 523 -63.79 40.92 -29.93
CA THR C 523 -62.93 39.74 -30.01
C THR C 523 -62.89 39.19 -31.43
N THR C 524 -64.05 38.98 -32.03
CA THR C 524 -64.16 38.25 -33.29
C THR C 524 -63.93 39.13 -34.50
N LYS C 525 -64.08 40.45 -34.34
CA LYS C 525 -63.80 41.36 -35.45
C LYS C 525 -62.31 41.37 -35.78
N SER C 526 -61.47 41.45 -34.76
CA SER C 526 -60.05 41.71 -34.92
C SER C 526 -59.24 40.46 -35.20
N GLN C 527 -59.85 39.38 -35.69
CA GLN C 527 -59.08 38.18 -36.00
C GLN C 527 -58.23 38.35 -37.25
N ILE C 528 -58.64 39.24 -38.15
CA ILE C 528 -57.90 39.51 -39.38
C ILE C 528 -56.59 40.29 -39.12
N PRO C 529 -56.55 41.40 -38.37
CA PRO C 529 -55.25 42.06 -38.18
C PRO C 529 -54.32 41.32 -37.24
N LEU C 530 -54.86 40.54 -36.29
CA LEU C 530 -54.02 39.67 -35.46
C LEU C 530 -53.29 38.65 -36.30
N SER C 531 -54.01 37.98 -37.20
CA SER C 531 -53.42 37.07 -38.16
C SER C 531 -52.54 37.77 -39.19
N LYS C 532 -52.68 39.08 -39.36
CA LYS C 532 -51.79 39.79 -40.26
C LYS C 532 -50.46 40.10 -39.60
N ILE C 533 -50.48 40.66 -38.39
CA ILE C 533 -49.23 41.03 -37.73
C ILE C 533 -48.49 39.81 -37.22
N LYS C 534 -49.22 38.69 -37.04
CA LYS C 534 -48.58 37.43 -36.69
C LYS C 534 -47.61 36.97 -37.77
N THR C 535 -47.90 37.28 -39.03
CA THR C 535 -47.01 36.96 -40.13
C THR C 535 -46.09 38.12 -40.49
N LEU C 536 -46.50 39.36 -40.22
CA LEU C 536 -45.64 40.48 -40.58
C LEU C 536 -44.47 40.67 -39.62
N PHE C 537 -44.70 40.55 -38.31
CA PHE C 537 -43.62 40.77 -37.35
C PHE C 537 -43.02 39.43 -36.96
N PRO C 538 -41.73 39.19 -37.20
CA PRO C 538 -41.10 37.93 -36.77
C PRO C 538 -40.75 38.00 -35.28
N LEU C 539 -41.18 36.99 -34.53
CA LEU C 539 -40.98 36.93 -33.08
C LEU C 539 -40.43 35.57 -32.69
N ILE C 540 -39.21 35.55 -32.14
CA ILE C 540 -38.54 34.31 -31.77
C ILE C 540 -38.22 34.35 -30.28
N GLU C 541 -38.91 33.52 -29.51
CA GLU C 541 -38.64 33.37 -28.08
C GLU C 541 -37.73 32.16 -27.85
N ALA C 542 -36.81 32.29 -26.90
CA ALA C 542 -35.78 31.29 -26.68
C ALA C 542 -35.63 30.97 -25.19
N LYS C 543 -36.74 30.72 -24.50
CA LYS C 543 -36.72 30.38 -23.08
C LYS C 543 -37.49 29.09 -22.83
N LYS C 544 -37.78 28.80 -21.56
CA LYS C 544 -38.37 27.51 -21.17
C LYS C 544 -38.93 27.63 -19.75
N LYS C 545 -39.43 26.49 -19.25
CA LYS C 545 -39.62 26.11 -17.84
C LYS C 545 -40.38 27.16 -17.00
N ASP C 546 -41.38 27.79 -17.62
CA ASP C 546 -42.12 28.86 -16.98
C ASP C 546 -43.46 28.34 -16.49
N GLN C 547 -43.68 28.41 -15.16
CA GLN C 547 -44.92 28.05 -14.48
C GLN C 547 -45.29 26.58 -14.72
N VAL C 548 -44.45 25.69 -14.20
CA VAL C 548 -44.78 24.27 -14.14
C VAL C 548 -44.61 23.84 -12.68
N THR C 549 -45.70 23.40 -12.07
CA THR C 549 -45.72 23.14 -10.64
C THR C 549 -45.39 21.69 -10.34
N ALA C 550 -45.34 21.39 -9.05
CA ALA C 550 -45.11 20.02 -8.63
C ALA C 550 -46.33 19.14 -8.85
N GLN C 551 -47.53 19.72 -8.86
CA GLN C 551 -48.71 18.92 -9.18
C GLN C 551 -48.88 18.67 -10.67
N GLU C 552 -48.02 19.24 -11.50
CA GLU C 552 -47.93 18.85 -12.90
C GLU C 552 -46.69 18.05 -13.21
N ILE C 553 -45.62 18.22 -12.41
CA ILE C 553 -44.43 17.40 -12.60
C ILE C 553 -44.63 16.01 -12.04
N PHE C 554 -45.20 15.91 -10.84
CA PHE C 554 -45.35 14.65 -10.13
C PHE C 554 -46.81 14.21 -10.06
N GLN C 555 -47.52 14.39 -11.17
CA GLN C 555 -48.84 13.79 -11.38
C GLN C 555 -48.86 13.35 -12.84
N ASP C 556 -48.68 12.05 -13.06
CA ASP C 556 -48.55 11.48 -14.40
C ASP C 556 -49.77 10.71 -14.84
N ASN C 557 -50.53 10.14 -13.90
CA ASN C 557 -51.65 9.25 -14.18
C ASN C 557 -52.77 9.93 -14.95
N HIS C 558 -53.46 10.89 -14.31
CA HIS C 558 -54.52 11.71 -14.90
C HIS C 558 -55.67 10.95 -15.56
N SER C 577 -49.78 -21.96 -18.56
CA SER C 577 -48.66 -22.89 -18.68
C SER C 577 -47.60 -22.38 -19.66
N VAL C 578 -46.36 -22.28 -19.17
CA VAL C 578 -45.24 -21.72 -19.92
C VAL C 578 -44.83 -22.61 -21.09
N SER C 579 -45.23 -23.90 -21.06
CA SER C 579 -44.96 -24.82 -22.16
C SER C 579 -45.60 -24.37 -23.48
N SER C 580 -46.65 -23.55 -23.42
CA SER C 580 -47.19 -22.89 -24.60
C SER C 580 -46.64 -21.49 -24.81
N LEU C 581 -45.49 -21.16 -24.23
CA LEU C 581 -44.88 -19.85 -24.45
C LEU C 581 -43.45 -19.96 -24.91
N ALA C 595 -46.55 -26.19 -41.94
CA ALA C 595 -47.36 -27.29 -42.43
C ALA C 595 -48.66 -27.43 -41.63
N GLU C 596 -48.60 -28.21 -40.56
CA GLU C 596 -49.83 -28.53 -39.84
C GLU C 596 -50.28 -27.38 -38.95
N ASN C 597 -49.36 -26.54 -38.49
CA ASN C 597 -49.74 -25.34 -37.76
C ASN C 597 -50.46 -24.35 -38.67
N PHE C 598 -49.98 -24.23 -39.91
CA PHE C 598 -50.69 -23.43 -40.91
C PHE C 598 -52.03 -24.04 -41.25
N ARG C 599 -52.11 -25.37 -41.22
CA ARG C 599 -53.39 -26.04 -41.42
C ARG C 599 -54.36 -25.76 -40.27
N VAL C 600 -53.85 -25.63 -39.04
CA VAL C 600 -54.65 -25.14 -37.92
C VAL C 600 -55.16 -23.73 -38.20
N LEU C 601 -54.26 -22.85 -38.64
CA LEU C 601 -54.58 -21.44 -38.89
C LEU C 601 -55.65 -21.31 -39.98
N VAL C 602 -55.63 -22.18 -40.99
CA VAL C 602 -56.71 -22.19 -41.98
C VAL C 602 -58.01 -22.79 -41.40
N LYS C 603 -57.91 -23.88 -40.62
CA LYS C 603 -59.13 -24.60 -40.25
C LYS C 603 -59.95 -23.87 -39.18
N GLN C 604 -59.33 -23.12 -38.27
CA GLN C 604 -60.17 -22.51 -37.23
C GLN C 604 -60.77 -21.18 -37.70
N LYS C 605 -59.96 -20.12 -37.82
CA LYS C 605 -60.38 -18.75 -38.12
C LYS C 605 -59.19 -17.95 -38.61
N LYS C 606 -59.26 -17.37 -39.81
CA LYS C 606 -58.14 -16.57 -40.29
C LYS C 606 -58.63 -15.48 -41.24
N ALA C 607 -57.67 -14.71 -41.76
CA ALA C 607 -57.87 -13.55 -42.62
C ALA C 607 -58.04 -14.01 -44.07
N SER C 608 -57.81 -13.08 -45.01
CA SER C 608 -57.69 -13.39 -46.43
C SER C 608 -56.72 -14.57 -46.67
N PHE C 609 -57.02 -15.35 -47.70
CA PHE C 609 -56.40 -16.66 -47.90
C PHE C 609 -55.02 -16.46 -48.54
N GLU C 610 -54.39 -17.56 -48.95
CA GLU C 610 -53.24 -17.68 -49.83
C GLU C 610 -51.91 -17.20 -49.24
N GLU C 611 -51.91 -16.72 -47.99
CA GLU C 611 -50.67 -16.24 -47.38
C GLU C 611 -49.77 -17.39 -46.92
N ALA C 612 -50.23 -18.18 -45.96
CA ALA C 612 -49.47 -19.34 -45.53
C ALA C 612 -49.53 -20.45 -46.57
N SER C 613 -50.62 -20.50 -47.35
CA SER C 613 -50.67 -21.39 -48.50
C SER C 613 -49.60 -21.05 -49.53
N ASN C 614 -49.40 -19.74 -49.77
CA ASN C 614 -48.33 -19.26 -50.63
C ASN C 614 -46.96 -19.66 -50.10
N GLN C 615 -46.72 -19.44 -48.79
CA GLN C 615 -45.43 -19.77 -48.20
C GLN C 615 -45.16 -21.26 -48.23
N LEU C 616 -46.18 -22.08 -48.01
CA LEU C 616 -45.96 -23.52 -48.10
C LEU C 616 -45.88 -24.01 -49.54
N ILE C 617 -46.42 -23.25 -50.49
CA ILE C 617 -46.15 -23.56 -51.90
C ILE C 617 -44.71 -23.24 -52.25
N ASN C 618 -44.14 -22.19 -51.63
CA ASN C 618 -42.70 -21.98 -51.74
C ASN C 618 -41.91 -23.12 -51.09
N HIS C 619 -42.41 -23.62 -49.95
CA HIS C 619 -41.79 -24.77 -49.28
C HIS C 619 -41.84 -26.02 -50.16
N ILE C 620 -42.97 -26.24 -50.84
CA ILE C 620 -43.14 -27.37 -51.76
C ILE C 620 -42.25 -27.22 -52.99
N GLU C 621 -42.06 -25.99 -53.47
CA GLU C 621 -41.10 -25.75 -54.56
C GLU C 621 -39.67 -26.02 -54.10
N GLN C 622 -39.35 -25.72 -52.83
CA GLN C 622 -38.04 -26.09 -52.31
C GLN C 622 -37.92 -27.60 -52.12
N PHE C 623 -39.04 -28.26 -51.85
CA PHE C 623 -39.03 -29.71 -51.71
C PHE C 623 -38.78 -30.37 -53.07
N LEU C 624 -39.40 -29.85 -54.13
CA LEU C 624 -39.09 -30.34 -55.47
C LEU C 624 -37.74 -29.86 -55.96
N ASP C 625 -37.22 -28.79 -55.37
CA ASP C 625 -35.84 -28.38 -55.60
C ASP C 625 -34.89 -29.45 -55.11
N THR C 626 -35.13 -30.00 -53.93
CA THR C 626 -34.30 -31.10 -53.45
C THR C 626 -34.65 -32.40 -54.15
N ASN C 627 -33.62 -33.07 -54.68
CA ASN C 627 -33.77 -34.31 -55.43
C ASN C 627 -33.35 -35.52 -54.60
N GLU C 628 -33.66 -35.51 -53.30
CA GLU C 628 -33.40 -36.65 -52.45
C GLU C 628 -34.57 -37.64 -52.47
N THR C 629 -34.37 -38.74 -51.74
CA THR C 629 -35.40 -39.77 -51.70
C THR C 629 -36.62 -39.42 -50.83
N PRO C 630 -36.50 -39.02 -49.51
CA PRO C 630 -37.75 -38.88 -48.72
C PRO C 630 -38.46 -37.56 -48.91
N TYR C 631 -37.73 -36.60 -49.48
CA TYR C 631 -38.28 -35.27 -49.75
C TYR C 631 -39.40 -35.31 -50.78
N PHE C 632 -39.34 -36.24 -51.73
CA PHE C 632 -40.42 -36.40 -52.69
C PHE C 632 -41.72 -36.83 -52.01
N MET C 633 -41.63 -37.79 -51.09
CA MET C 633 -42.83 -38.26 -50.41
C MET C 633 -43.33 -37.23 -49.41
N LYS C 634 -42.40 -36.47 -48.79
CA LYS C 634 -42.77 -35.33 -47.96
C LYS C 634 -43.57 -34.30 -48.75
N SER C 635 -43.15 -34.01 -49.97
CA SER C 635 -43.85 -33.02 -50.77
C SER C 635 -45.17 -33.55 -51.30
N ILE C 636 -45.25 -34.83 -51.68
CA ILE C 636 -46.52 -35.35 -52.15
C ILE C 636 -47.53 -35.45 -51.01
N ASP C 637 -47.04 -35.62 -49.77
CA ASP C 637 -47.92 -35.54 -48.61
C ASP C 637 -48.40 -34.11 -48.40
N CYS C 638 -47.52 -33.12 -48.65
CA CYS C 638 -47.95 -31.72 -48.53
C CYS C 638 -48.97 -31.33 -49.59
N ILE C 639 -48.80 -31.80 -50.83
CA ILE C 639 -49.78 -31.48 -51.88
C ILE C 639 -51.06 -32.29 -51.70
N ARG C 640 -50.99 -33.47 -51.09
CA ARG C 640 -52.22 -34.19 -50.74
C ARG C 640 -52.98 -33.46 -49.64
N ALA C 641 -52.25 -32.90 -48.66
CA ALA C 641 -52.86 -32.10 -47.59
C ALA C 641 -53.48 -30.84 -48.15
N PHE C 642 -52.81 -30.20 -49.11
CA PHE C 642 -53.36 -29.02 -49.77
C PHE C 642 -54.59 -29.37 -50.60
N ARG C 643 -54.61 -30.58 -51.19
CA ARG C 643 -55.78 -31.05 -51.92
C ARG C 643 -56.97 -31.23 -50.98
N GLU C 644 -56.76 -31.84 -49.80
CA GLU C 644 -57.86 -32.05 -48.86
C GLU C 644 -58.40 -30.74 -48.31
N GLU C 645 -57.51 -29.81 -47.95
CA GLU C 645 -58.00 -28.53 -47.45
C GLU C 645 -58.51 -27.63 -48.56
N ALA C 646 -58.23 -27.99 -49.82
CA ALA C 646 -58.89 -27.29 -50.92
C ALA C 646 -60.27 -27.87 -51.21
N ILE C 647 -60.47 -29.17 -50.98
CA ILE C 647 -61.82 -29.73 -51.01
C ILE C 647 -62.67 -29.10 -49.91
N LYS C 648 -62.11 -28.93 -48.71
CA LYS C 648 -62.90 -28.34 -47.63
C LYS C 648 -62.54 -26.87 -47.35
N PHE C 649 -62.39 -26.06 -48.39
CA PHE C 649 -62.48 -24.62 -48.22
C PHE C 649 -63.24 -23.91 -49.35
N SER C 650 -63.78 -24.65 -50.32
CA SER C 650 -64.65 -24.15 -51.42
C SER C 650 -63.98 -23.03 -52.22
N GLU C 651 -62.83 -23.36 -52.79
CA GLU C 651 -61.87 -22.44 -53.41
C GLU C 651 -61.36 -22.99 -54.73
N GLU C 652 -62.28 -23.41 -55.61
CA GLU C 652 -61.91 -24.23 -56.75
C GLU C 652 -61.15 -23.44 -57.81
N GLN C 653 -61.31 -22.12 -57.81
CA GLN C 653 -60.48 -21.23 -58.64
C GLN C 653 -59.00 -21.42 -58.32
N ARG C 654 -58.65 -21.29 -57.03
CA ARG C 654 -57.28 -21.50 -56.56
C ARG C 654 -56.81 -22.93 -56.77
N PHE C 655 -57.75 -23.89 -56.79
CA PHE C 655 -57.38 -25.28 -56.97
C PHE C 655 -56.91 -25.55 -58.40
N ASN C 656 -57.71 -25.10 -59.38
CA ASN C 656 -57.28 -25.19 -60.78
C ASN C 656 -56.04 -24.34 -61.04
N ASN C 657 -55.92 -23.20 -60.35
CA ASN C 657 -54.75 -22.34 -60.47
C ASN C 657 -53.47 -23.04 -60.02
N PHE C 658 -53.50 -23.70 -58.84
CA PHE C 658 -52.29 -24.39 -58.39
C PHE C 658 -52.00 -25.66 -59.18
N LEU C 659 -53.03 -26.37 -59.65
CA LEU C 659 -52.75 -27.54 -60.49
C LEU C 659 -52.08 -27.13 -61.80
N LYS C 660 -52.56 -26.04 -62.41
CA LYS C 660 -51.90 -25.50 -63.59
C LYS C 660 -50.50 -24.97 -63.25
N ALA C 661 -50.33 -24.43 -62.04
CA ALA C 661 -49.04 -23.91 -61.62
C ALA C 661 -47.99 -25.01 -61.53
N LEU C 662 -48.32 -26.11 -60.85
CA LEU C 662 -47.38 -27.22 -60.75
C LEU C 662 -47.19 -27.92 -62.09
N GLN C 663 -48.26 -28.02 -62.89
CA GLN C 663 -48.16 -28.71 -64.18
C GLN C 663 -47.25 -27.97 -65.13
N GLU C 664 -47.46 -26.65 -65.27
CA GLU C 664 -46.63 -25.87 -66.18
C GLU C 664 -45.22 -25.66 -65.62
N LYS C 665 -45.06 -25.64 -64.29
CA LYS C 665 -43.72 -25.52 -63.72
C LYS C 665 -42.90 -26.79 -63.97
N VAL C 666 -43.47 -27.97 -63.71
CA VAL C 666 -42.74 -29.22 -63.85
C VAL C 666 -42.88 -29.80 -65.27
N GLU C 667 -43.54 -29.07 -66.17
CA GLU C 667 -43.42 -29.36 -67.60
C GLU C 667 -42.61 -28.33 -68.38
N ILE C 668 -42.26 -27.19 -67.77
CA ILE C 668 -41.14 -26.44 -68.32
C ILE C 668 -39.83 -26.90 -67.66
N LYS C 669 -39.90 -27.51 -66.47
CA LYS C 669 -38.81 -28.24 -65.87
C LYS C 669 -38.98 -29.71 -66.18
N GLN C 670 -38.06 -30.55 -65.68
CA GLN C 670 -38.15 -31.98 -65.95
C GLN C 670 -38.73 -32.78 -64.78
N LEU C 671 -37.99 -32.87 -63.67
CA LEU C 671 -38.29 -33.67 -62.46
C LEU C 671 -39.00 -34.99 -62.78
N ASN C 672 -38.30 -35.81 -63.58
CA ASN C 672 -38.92 -36.95 -64.27
C ASN C 672 -39.44 -37.99 -63.28
N HIS C 673 -38.75 -38.16 -62.15
CA HIS C 673 -39.16 -39.16 -61.17
C HIS C 673 -40.43 -38.74 -60.44
N PHE C 674 -40.51 -37.47 -60.03
CA PHE C 674 -41.72 -36.97 -59.41
C PHE C 674 -42.86 -36.87 -60.40
N TRP C 675 -42.57 -36.61 -61.67
CA TRP C 675 -43.65 -36.60 -62.67
C TRP C 675 -44.17 -38.00 -62.92
N GLU C 676 -43.28 -39.00 -62.81
CA GLU C 676 -43.72 -40.39 -62.84
C GLU C 676 -44.57 -40.74 -61.63
N ILE C 677 -44.23 -40.20 -60.44
CA ILE C 677 -45.10 -40.53 -59.30
C ILE C 677 -46.39 -39.71 -59.33
N VAL C 678 -46.40 -38.59 -60.06
CA VAL C 678 -47.65 -37.85 -60.29
C VAL C 678 -48.60 -38.65 -61.16
N VAL C 679 -48.10 -39.17 -62.29
CA VAL C 679 -48.97 -40.00 -63.13
C VAL C 679 -49.13 -41.42 -62.57
N GLN C 680 -48.40 -41.80 -61.53
CA GLN C 680 -48.52 -43.13 -60.96
C GLN C 680 -49.42 -43.16 -59.73
N ASP C 681 -49.49 -42.07 -58.97
CA ASP C 681 -50.44 -41.94 -57.88
C ASP C 681 -51.72 -41.23 -58.32
N GLY C 682 -51.59 -40.11 -59.02
CA GLY C 682 -52.73 -39.31 -59.41
C GLY C 682 -52.73 -37.94 -58.77
N ILE C 683 -52.23 -36.96 -59.53
CA ILE C 683 -52.26 -35.54 -59.16
C ILE C 683 -52.67 -34.82 -60.44
N THR C 684 -53.90 -34.29 -60.46
CA THR C 684 -54.52 -33.81 -61.67
C THR C 684 -55.51 -32.71 -61.32
N LEU C 685 -56.12 -32.13 -62.36
CA LEU C 685 -57.13 -31.10 -62.21
C LEU C 685 -58.39 -31.68 -61.55
N ILE C 686 -59.32 -30.78 -61.18
CA ILE C 686 -60.51 -31.21 -60.45
C ILE C 686 -61.43 -31.99 -61.37
N THR C 687 -62.11 -32.99 -60.80
CA THR C 687 -62.80 -34.01 -61.58
C THR C 687 -64.30 -33.80 -61.67
N LYS C 688 -64.86 -32.83 -60.94
CA LYS C 688 -66.30 -32.93 -60.72
C LYS C 688 -67.12 -32.45 -61.91
N GLU C 689 -67.22 -31.11 -62.12
CA GLU C 689 -67.72 -30.53 -63.36
C GLU C 689 -67.00 -29.23 -63.70
N GLU C 690 -65.75 -29.07 -63.23
CA GLU C 690 -65.08 -27.77 -63.09
C GLU C 690 -65.98 -26.79 -62.33
N ALA C 691 -66.45 -27.23 -61.16
CA ALA C 691 -67.49 -26.52 -60.44
C ALA C 691 -67.24 -26.70 -58.95
N SER C 692 -68.29 -26.52 -58.15
CA SER C 692 -68.20 -26.56 -56.69
C SER C 692 -68.86 -27.80 -56.09
N GLY C 693 -69.12 -28.83 -56.90
CA GLY C 693 -69.57 -30.10 -56.34
C GLY C 693 -70.17 -31.08 -57.32
N SER C 694 -69.84 -32.35 -57.18
CA SER C 694 -70.48 -33.46 -57.88
C SER C 694 -70.21 -34.74 -57.11
N SER C 695 -70.42 -35.89 -57.77
CA SER C 695 -70.22 -37.22 -57.21
C SER C 695 -69.43 -38.09 -58.17
N VAL C 696 -68.41 -37.52 -58.78
CA VAL C 696 -67.77 -38.10 -59.97
C VAL C 696 -66.42 -38.71 -59.58
N THR C 697 -66.09 -39.84 -60.20
CA THR C 697 -64.87 -40.60 -59.94
C THR C 697 -63.66 -39.95 -60.63
N ALA C 698 -62.57 -40.72 -60.75
CA ALA C 698 -61.31 -40.26 -61.33
C ALA C 698 -61.29 -40.32 -62.87
N GLU C 699 -62.47 -40.31 -63.49
CA GLU C 699 -62.60 -40.36 -64.94
C GLU C 699 -61.94 -39.16 -65.61
N GLU C 700 -61.96 -37.98 -64.98
CA GLU C 700 -61.34 -36.81 -65.60
C GLU C 700 -59.82 -36.93 -65.60
N ALA C 701 -59.26 -37.55 -64.56
CA ALA C 701 -57.85 -37.91 -64.57
C ALA C 701 -57.54 -38.90 -65.68
N LYS C 702 -58.42 -39.90 -65.84
CA LYS C 702 -58.19 -40.96 -66.83
C LYS C 702 -58.34 -40.44 -68.26
N LYS C 703 -59.19 -39.44 -68.46
CA LYS C 703 -59.42 -38.95 -69.82
C LYS C 703 -58.52 -37.76 -70.14
N PHE C 704 -57.95 -37.12 -69.11
CA PHE C 704 -57.03 -36.02 -69.35
C PHE C 704 -55.60 -36.53 -69.51
N LEU C 705 -55.08 -37.24 -68.51
CA LEU C 705 -53.69 -37.69 -68.56
C LEU C 705 -53.65 -39.18 -68.23
N ALA C 706 -53.63 -40.01 -69.26
CA ALA C 706 -53.60 -41.46 -69.09
C ALA C 706 -52.20 -42.01 -69.30
N ASP C 724 -3.29 -12.35 -81.04
CA ASP C 724 -2.18 -13.19 -81.49
C ASP C 724 -2.05 -14.46 -80.66
N VAL C 725 -3.18 -15.02 -80.24
CA VAL C 725 -3.15 -16.22 -79.40
C VAL C 725 -2.84 -17.47 -80.21
N ASP C 726 -3.07 -17.43 -81.52
CA ASP C 726 -2.76 -18.58 -82.37
C ASP C 726 -1.25 -18.83 -82.44
N ASP C 727 -0.45 -17.77 -82.34
CA ASP C 727 1.00 -17.88 -82.21
C ASP C 727 1.40 -18.65 -80.97
N LEU C 728 0.85 -18.26 -79.83
CA LEU C 728 1.31 -18.86 -78.58
C LEU C 728 0.77 -20.26 -78.41
N LEU C 729 -0.32 -20.60 -79.12
CA LEU C 729 -0.91 -21.93 -79.04
C LEU C 729 0.02 -23.02 -79.55
N ASP C 730 0.97 -22.67 -80.41
CA ASP C 730 2.02 -23.61 -80.76
C ASP C 730 3.42 -23.09 -80.46
N MET C 731 3.55 -21.89 -79.87
CA MET C 731 4.86 -21.42 -79.44
C MET C 731 5.07 -21.84 -77.98
N ILE C 732 5.45 -23.11 -77.79
CA ILE C 732 5.91 -23.66 -76.53
C ILE C 732 6.63 -24.98 -76.79
#